data_7DWX
#
_entry.id   7DWX
#
_cell.length_a   1.00
_cell.length_b   1.00
_cell.length_c   1.00
_cell.angle_alpha   90.00
_cell.angle_beta   90.00
_cell.angle_gamma   90.00
#
_symmetry.space_group_name_H-M   'P 1'
#
loop_
_entity.id
_entity.type
_entity.pdbx_description
1 polymer 'Sodium-dependent neutral amino acid transporter B(0)AT1'
2 polymer 'Angiotensin-converting enzyme 2'
3 polymer 'Spike glycoprotein'
4 branched 2-acetamido-2-deoxy-beta-D-glucopyranose-(1-4)-2-acetamido-2-deoxy-beta-D-glucopyranose
5 non-polymer 2-acetamido-2-deoxy-beta-D-glucopyranose
6 non-polymer LEUCINE
7 non-polymer 'ZINC ION'
8 water water
#
loop_
_entity_poly.entity_id
_entity_poly.type
_entity_poly.pdbx_seq_one_letter_code
_entity_poly.pdbx_strand_id
1 'polypeptide(L)'
;MADYKDDDDKSGPDEVDASGRVRLVLPNPGLDARIPSLAELETIEQEEASSRPKWDNKAQYMLTCLGFCVGLGNVWRFPY
LCQSHGGGAFMIPFLILLVLEGIPLLYLEFAIGQRLRRGSLGVWSSIHPALKGLGLASMLTSFMVGLYYNTIISWIMWYL
FNSFQEPLPWSDCPLNENQTGYVDECARSSPVDYFWYRETLNISTSISDSGSIQWWMLLCLACAWSVLYMCTIRGIETTG
KAVYITSTLPYVVLTIFLIRGLTLKGATNGIVFLFTPNVTELAQPDTWLDAGAQVFFSFSLAFGGLISFSSYNSVHNNCE
KDSVIVSIINGFTSVYVAIVVYSVIGFRATQRYDDCFSTNILTLINGFDLPEGNVTQENFVDMQQRCNASDPAAYAQLVF
QTCDINAFLSEAVEGTGLAFIVFTEAITKMPLSPLWSVLFFIMLFCLGLSSMFGNMEGVVVPLQDLRVIPPKWPKEVLTG
LICLGTFLIGFIFTLNSGQYWLSLLDSYAGSIPLLIIAFCEMFSVVYVYGVDRFNKDIEFMIGHKPNIFWQVTWRVVSPL
LMLIIFLFFFVVEVSQELTYSIWDPGYEEFPKSQKISYPNWVYVVVVIVAGVPSLTIPGYAIYKLIRNHCQKPGDHQGLV
STLSTASMNGDLKY
;
A,C
2 'polypeptide(L)'
;MASGRSSSSWLLLSLVAVTAAWSHPQFEKQSTIEEQAKTFLDKFNHEAEDLFYQSSLASWNYNTNITEENVQNMNNAGDK
WSAFLKEQSTLAQMYPLQEIQNLTVKLQLQALQQNGSSVLSEDKSKRLNTILNTMSTIYSTGKVCNPDNPQECLLLEPGL
NEIMANSLDYNERLWAWESWRSEVGKQLRPLYEEYVVLKNEMARANHYEDYGDYWRGDYEVNGVDGYDYSRGQLIEDVEH
TFEEIKPLYEHLHAYVRAKLMNAYPSYISPIGCLPAHLLGDMWGRFWTNLYSLTVPFGQKPNIDVTDAMVDQAWDAQRIF
KEAEKFFVSVGLPNMTQGFWENSMLTDPGNVQKAVCHPTAWDLGKGDFRILMCTKVTMDDFLTAHHEMGHIQYDMAYAAQ
PFLLRNGANEGFHEAVGEIMSLSAATPKHLKSIGLLSPDFQEDNETEINFLLKQALTIVGTLPFTYMLEKWRWMVFKGEI
PKDQWMKKWWEMKREIVGVVEPVPHDETYCDPASLFHVSNDYSFIRYYTRTLYQFQFQEALCQAAKHEGPLHKCDISNST
EAGQKLFNMLRLGKSEPWTLALENVVGAKNMNVRPLLNYFEPLFTWLKDQNKNSFVGWSTDWSPYADQSIKVRISLKSAL
GDKAYEWNDNEMYLFRSSVAYAMRQYFLKVKNQMILFGEEDVRVANLKPRISFNFFVTAPKNVSDIIPRTEVEKAIRMSR
SRINDAFRLNDNSLEFLGIQPTLGPPNQPPVSIWLIVFGVVMGVIVVGIVILIFTGIRDRKKKNKARSGENPYASIDISK
GENNPGFQNTDDVQTSF
;
B,D
3 'polypeptide(L)'
;MFVFLVLLPLVSSQCVNLTTRTQLPPAYTNSFTRGVYYPDKVFRSSVLHSTQDLFLPFFSNVTWFHAIHVSGTNGTKRFD
NPVLPFNDGVYFASTEKSNIIRGWIFGTTLDSKTQSLLIVNNATNVVIKVCEFQFCNDPFLGVYYHKNNKSWMESEFRVY
SSANNCTFEYVSQPFLMDLEGKQGNFKNLREFVFKNIDGYFKIYSKHTPINLVRDLPQGFSALEPLVDLPIGINITRFQT
LLALHRSYLTPGDSSSGWTAGAAAYYVGYLQPRTFLLKYNENGTITDAVDCALDPLSETKCTLKSFTVEKGIYQTSNFRV
QPTESIVRFPNITNLCPFGEVFNATRFASVYAWNRKRISNCVADYSVLYNSASFSTFKCYGVSPTKLNDLCFTNVYADSF
VIRGDEVRQIAPGQTGKIADYNYKLPDDFTGCVIAWNSNNLDSKVGGNYNYLYRLFRKSNLKPFERDISTEIYQAGSTPC
NGVEGFNCYFPLQSYGFQPTNGVGYQPYRVVVLSFELLHAPATVCGPKKSTNLVKNKCVNFNFNGLTGTGVLTESNKKFL
PFQQFGRDIADTTDAVRDPQTLEILDITPCSFGGVSVITPGTNTSNQVAVLYQDVNCTEVPVAIHADQLTPTWRVYSTGS
NVFQTRAGCLIGAEHVNNSYECDIPIGAGICASYQTQTNSPRRARSVASQSIIAYTMSLGAENSVAYSNNSIAIPTNFTI
SVTTEILPVSMTKTSVDCTMYICGDSTECSNLLLQYGSFCTQLNRALTGIAVEQDKNTQEVFAQVKQIYKTPPIKDFGGF
NFSQILPDPSKPSKRSFIEDLLFNKVTLADAGFIKQYGDCLGDIAARDLICAQKFNGLTVLPPLLTDEMIAQYTSALLAG
TITSGWTFGAGAALQIPFAMQMAYRFNGIGVTQNVLYENQKLIANQFNSAIGKIQDSLSSTASALGKLQDVVNQNAQALN
TLVKQLSSNFGAISSVLNDILSRLDPPEAEVQIDRLITGRLQSLQTYVTQQLIRAAEIRASANLAATKMSECVLGQSKRV
DFCGKGYHLMSFPQSAPHGVVFLHVTYVPAQEKNFTTAPAICHDGKAHFPREGVFVSNGTHWFVTQRNFYEPQIITTDNT
FVSGNCDVVIGIVNNTVYDPLQPELDSFKEELDKYFKNHTSPDVDLGDISGINASVVNIQKEIDRLNEVAKNLNESLIDL
QELGKYEQYIKWPWYIWLGFIAGLIAIVMVTIMLCCMTSCCSCLKGCCSCGSCCKFDEDDSEPVLKGVKLHYTLEDYKDD
DDK
;
E,F,G,H,I,J
#
# COMPACT_ATOMS: atom_id res chain seq x y z
N VAL A 25 -38.15 -46.92 169.00
CA VAL A 25 -37.27 -45.96 169.63
C VAL A 25 -36.50 -46.61 170.77
N LEU A 26 -35.18 -46.67 170.64
CA LEU A 26 -34.34 -47.18 171.72
C LEU A 26 -34.35 -46.19 172.87
N PRO A 27 -34.41 -46.66 174.13
CA PRO A 27 -34.42 -45.72 175.27
C PRO A 27 -33.13 -44.93 175.46
N ASN A 28 -32.03 -45.30 174.77
CA ASN A 28 -30.76 -44.58 174.72
C ASN A 28 -30.20 -44.32 176.12
N PRO A 29 -29.61 -45.34 176.76
CA PRO A 29 -29.22 -45.21 178.18
C PRO A 29 -28.11 -44.18 178.41
N GLY A 30 -28.43 -43.18 179.20
CA GLY A 30 -27.50 -42.11 179.50
C GLY A 30 -27.55 -40.97 178.51
N LEU A 31 -28.75 -40.65 178.01
CA LEU A 31 -28.88 -39.54 177.07
C LEU A 31 -28.74 -38.21 177.79
N ASP A 32 -29.33 -38.09 178.98
CA ASP A 32 -29.09 -36.92 179.80
C ASP A 32 -27.73 -37.00 180.46
N ALA A 33 -27.32 -35.89 181.07
CA ALA A 33 -25.96 -35.62 181.57
C ALA A 33 -24.89 -35.79 180.49
N ARG A 34 -25.26 -35.60 179.22
CA ARG A 34 -24.37 -35.48 178.09
C ARG A 34 -24.66 -34.25 177.25
N ILE A 35 -25.92 -33.85 177.19
CA ILE A 35 -26.39 -32.69 176.43
C ILE A 35 -26.85 -31.63 177.43
N PRO A 36 -27.00 -30.37 177.04
CA PRO A 36 -27.66 -29.39 177.92
C PRO A 36 -29.12 -29.77 178.15
N SER A 37 -29.63 -29.36 179.32
CA SER A 37 -30.85 -29.97 179.86
C SER A 37 -31.99 -28.97 179.99
N LEU A 38 -32.20 -28.14 178.96
CA LEU A 38 -33.43 -27.39 178.69
C LEU A 38 -33.76 -26.28 179.70
N ALA A 39 -32.98 -26.17 180.77
CA ALA A 39 -33.01 -25.03 181.66
C ALA A 39 -31.61 -24.49 181.91
N GLU A 40 -30.58 -25.27 181.59
CA GLU A 40 -29.20 -24.82 181.50
C GLU A 40 -28.94 -24.00 180.24
N LEU A 41 -29.87 -23.99 179.28
CA LEU A 41 -29.67 -23.31 178.01
C LEU A 41 -29.71 -21.79 178.15
N GLU A 42 -30.55 -21.26 179.03
CA GLU A 42 -30.52 -19.82 179.29
C GLU A 42 -29.27 -19.41 180.05
N THR A 43 -28.66 -20.32 180.79
CA THR A 43 -27.44 -20.04 181.54
C THR A 43 -26.18 -20.23 180.70
N ILE A 44 -26.13 -21.27 179.85
CA ILE A 44 -24.93 -21.53 179.07
C ILE A 44 -24.75 -20.51 177.95
N GLU A 45 -25.82 -19.84 177.52
CA GLU A 45 -25.70 -18.90 176.43
C GLU A 45 -25.13 -17.56 176.88
N GLN A 46 -25.24 -17.24 178.17
CA GLN A 46 -24.69 -16.01 178.72
C GLN A 46 -23.24 -16.16 179.15
N GLU A 47 -22.69 -17.38 179.10
CA GLU A 47 -21.29 -17.62 179.39
C GLU A 47 -20.48 -18.04 178.17
N GLU A 48 -21.11 -18.09 176.98
CA GLU A 48 -20.41 -18.37 175.74
C GLU A 48 -20.08 -17.10 174.96
N ALA A 49 -19.93 -15.97 175.65
CA ALA A 49 -19.61 -14.70 175.00
C ALA A 49 -18.14 -14.54 174.71
N SER A 50 -17.30 -15.49 175.13
CA SER A 50 -15.87 -15.40 174.87
C SER A 50 -15.27 -16.70 174.33
N SER A 51 -16.01 -17.80 174.34
CA SER A 51 -15.48 -19.08 173.88
C SER A 51 -15.87 -19.37 172.43
N ARG A 52 -17.16 -19.26 172.12
CA ARG A 52 -17.68 -19.53 170.80
C ARG A 52 -18.03 -18.23 170.08
N PRO A 53 -17.86 -18.17 168.76
CA PRO A 53 -18.14 -16.93 168.03
C PRO A 53 -19.63 -16.69 167.88
N LYS A 54 -19.95 -15.50 167.37
CA LYS A 54 -21.33 -15.07 167.19
C LYS A 54 -21.50 -14.45 165.81
N TRP A 55 -22.75 -14.22 165.44
CA TRP A 55 -23.08 -13.41 164.28
C TRP A 55 -23.26 -11.96 164.70
N ASP A 56 -22.98 -11.05 163.78
CA ASP A 56 -23.17 -9.63 164.08
C ASP A 56 -24.65 -9.27 164.13
N ASN A 57 -25.41 -9.66 163.11
CA ASN A 57 -26.84 -9.44 163.06
C ASN A 57 -27.50 -10.64 162.38
N LYS A 58 -28.81 -10.55 162.18
CA LYS A 58 -29.54 -11.65 161.56
C LYS A 58 -29.25 -11.75 160.07
N ALA A 59 -28.98 -10.62 159.43
CA ALA A 59 -28.75 -10.63 157.98
C ALA A 59 -27.40 -11.25 157.63
N GLN A 60 -26.45 -11.27 158.56
CA GLN A 60 -25.18 -11.93 158.29
C GLN A 60 -25.32 -13.44 158.33
N TYR A 61 -26.35 -13.95 159.00
CA TYR A 61 -26.56 -15.38 159.08
C TYR A 61 -27.36 -15.89 157.89
N MET A 62 -28.30 -15.08 157.39
CA MET A 62 -29.09 -15.49 156.25
C MET A 62 -28.31 -15.43 154.95
N LEU A 63 -27.43 -14.44 154.78
CA LEU A 63 -26.62 -14.34 153.59
C LEU A 63 -25.48 -15.36 153.56
N THR A 64 -25.05 -15.85 154.73
CA THR A 64 -24.05 -16.91 154.77
C THR A 64 -24.69 -18.25 154.43
N CYS A 65 -25.95 -18.45 154.79
CA CYS A 65 -26.61 -19.72 154.55
C CYS A 65 -27.04 -19.87 153.09
N LEU A 66 -27.72 -18.87 152.53
CA LEU A 66 -28.17 -18.99 151.15
C LEU A 66 -27.08 -18.62 150.15
N GLY A 67 -25.89 -18.24 150.61
CA GLY A 67 -24.76 -18.15 149.71
C GLY A 67 -23.98 -19.45 149.64
N PHE A 68 -24.09 -20.27 150.69
CA PHE A 68 -23.52 -21.61 150.71
C PHE A 68 -24.29 -22.57 149.80
N CYS A 69 -25.57 -22.31 149.55
CA CYS A 69 -26.38 -23.24 148.76
C CYS A 69 -26.55 -22.85 147.30
N VAL A 70 -26.23 -21.63 146.90
CA VAL A 70 -26.40 -21.25 145.50
C VAL A 70 -25.05 -21.24 144.80
N GLY A 71 -25.08 -21.53 143.50
CA GLY A 71 -23.92 -21.36 142.66
C GLY A 71 -23.18 -22.62 142.31
N LEU A 72 -22.82 -22.75 141.02
CA LEU A 72 -21.97 -23.82 140.48
C LEU A 72 -22.58 -25.20 140.75
N GLY A 73 -23.68 -25.45 140.04
CA GLY A 73 -24.55 -26.58 140.30
C GLY A 73 -25.96 -26.17 139.94
N ASN A 74 -26.14 -24.86 139.78
CA ASN A 74 -27.28 -24.31 139.07
C ASN A 74 -26.95 -24.01 137.61
N VAL A 75 -25.66 -23.93 137.28
CA VAL A 75 -25.20 -23.66 135.92
C VAL A 75 -24.55 -24.89 135.30
N TRP A 76 -23.98 -25.76 136.13
CA TRP A 76 -23.08 -26.80 135.64
C TRP A 76 -23.76 -28.16 135.64
N ARG A 77 -24.39 -28.52 136.76
CA ARG A 77 -24.98 -29.85 136.87
C ARG A 77 -26.46 -29.86 136.55
N PHE A 78 -27.14 -28.72 136.66
CA PHE A 78 -28.57 -28.72 136.39
C PHE A 78 -28.92 -28.78 134.90
N PRO A 79 -28.42 -27.92 134.00
CA PRO A 79 -28.84 -28.07 132.60
C PRO A 79 -28.18 -29.22 131.88
N TYR A 80 -27.03 -29.71 132.37
CA TYR A 80 -26.46 -30.95 131.87
C TYR A 80 -27.37 -32.13 132.18
N LEU A 81 -28.02 -32.12 133.34
CA LEU A 81 -28.93 -33.19 133.71
C LEU A 81 -30.32 -32.98 133.13
N CYS A 82 -30.66 -31.75 132.77
CA CYS A 82 -32.04 -31.48 132.37
C CYS A 82 -32.32 -31.88 130.93
N GLN A 83 -31.32 -31.82 130.05
CA GLN A 83 -31.52 -32.23 128.66
C GLN A 83 -31.69 -33.73 128.53
N SER A 84 -30.90 -34.50 129.28
CA SER A 84 -30.92 -35.95 129.14
C SER A 84 -32.21 -36.54 129.68
N HIS A 85 -32.72 -35.99 130.77
CA HIS A 85 -33.87 -36.56 131.47
C HIS A 85 -35.16 -35.92 130.98
N GLY A 86 -35.38 -36.03 129.68
CA GLY A 86 -36.63 -35.64 129.05
C GLY A 86 -36.66 -34.25 128.44
N GLY A 87 -35.51 -33.61 128.27
CA GLY A 87 -35.49 -32.25 127.76
C GLY A 87 -35.87 -31.23 128.81
N GLY A 88 -37.11 -31.29 129.28
CA GLY A 88 -37.58 -30.46 130.36
C GLY A 88 -38.45 -31.25 131.31
N ALA A 89 -38.32 -32.57 131.26
CA ALA A 89 -39.01 -33.47 132.17
C ALA A 89 -38.22 -33.71 133.46
N PHE A 90 -37.21 -32.89 133.72
CA PHE A 90 -36.42 -32.94 134.94
C PHE A 90 -36.94 -31.99 136.01
N MET A 91 -37.87 -31.10 135.67
CA MET A 91 -38.39 -30.15 136.64
C MET A 91 -39.53 -30.73 137.47
N ILE A 92 -40.13 -31.83 137.06
CA ILE A 92 -41.21 -32.39 137.88
C ILE A 92 -40.61 -33.15 139.07
N PRO A 93 -39.80 -34.21 138.72
CA PRO A 93 -39.22 -34.93 139.85
C PRO A 93 -38.50 -33.99 140.79
N PHE A 94 -37.63 -33.15 140.24
CA PHE A 94 -36.87 -32.20 141.02
C PHE A 94 -37.76 -31.51 142.06
N LEU A 95 -38.64 -30.64 141.61
CA LEU A 95 -39.52 -29.92 142.53
C LEU A 95 -40.21 -30.81 143.57
N ILE A 96 -40.83 -31.91 143.13
CA ILE A 96 -41.51 -32.75 144.12
C ILE A 96 -40.55 -33.29 145.20
N LEU A 97 -39.47 -33.93 144.77
CA LEU A 97 -38.49 -34.48 145.69
C LEU A 97 -37.95 -33.40 146.61
N LEU A 98 -37.83 -32.18 146.08
CA LEU A 98 -37.35 -31.07 146.87
C LEU A 98 -38.31 -30.88 148.01
N VAL A 99 -39.54 -30.51 147.69
CA VAL A 99 -40.54 -30.29 148.74
C VAL A 99 -40.77 -31.49 149.65
N LEU A 100 -40.29 -32.67 149.28
CA LEU A 100 -40.50 -33.85 150.13
C LEU A 100 -39.30 -34.42 150.89
N GLU A 101 -38.10 -33.93 150.62
CA GLU A 101 -36.90 -34.42 151.31
C GLU A 101 -36.15 -33.19 151.75
N GLY A 102 -35.92 -32.32 150.78
CA GLY A 102 -35.29 -31.03 151.00
C GLY A 102 -35.84 -30.24 152.17
N ILE A 103 -37.10 -29.81 152.10
CA ILE A 103 -37.67 -29.03 153.21
C ILE A 103 -37.42 -29.72 154.54
N PRO A 104 -38.05 -30.86 154.79
CA PRO A 104 -37.85 -31.60 156.05
C PRO A 104 -36.40 -31.72 156.54
N LEU A 105 -35.47 -32.08 155.66
CA LEU A 105 -34.07 -32.24 156.02
C LEU A 105 -33.37 -30.95 156.42
N LEU A 106 -33.58 -29.91 155.63
CA LEU A 106 -32.99 -28.62 155.92
C LEU A 106 -33.56 -28.06 157.21
N TYR A 107 -34.80 -28.39 157.53
CA TYR A 107 -35.39 -27.89 158.77
C TYR A 107 -34.91 -28.66 159.99
N LEU A 108 -34.53 -29.90 159.79
CA LEU A 108 -34.04 -30.75 160.87
C LEU A 108 -32.60 -30.41 161.25
N GLU A 109 -31.86 -29.81 160.33
CA GLU A 109 -30.48 -29.40 160.53
C GLU A 109 -30.36 -28.06 161.24
N PHE A 110 -31.30 -27.13 160.99
CA PHE A 110 -31.24 -25.83 161.63
C PHE A 110 -31.65 -25.91 163.09
N ALA A 111 -32.41 -26.94 163.47
CA ALA A 111 -32.95 -27.04 164.82
C ALA A 111 -32.15 -27.98 165.72
N ILE A 112 -31.46 -28.98 165.16
CA ILE A 112 -30.63 -29.85 165.98
C ILE A 112 -29.27 -29.23 166.27
N GLY A 113 -28.89 -28.18 165.54
CA GLY A 113 -27.64 -27.51 165.81
C GLY A 113 -27.82 -26.39 166.79
N GLN A 114 -29.01 -25.78 166.78
CA GLN A 114 -29.30 -24.66 167.65
C GLN A 114 -29.49 -25.11 169.09
N ARG A 115 -30.05 -26.30 169.30
CA ARG A 115 -30.28 -26.82 170.64
C ARG A 115 -29.04 -27.48 171.22
N LEU A 116 -28.36 -28.32 170.43
CA LEU A 116 -27.22 -29.09 170.93
C LEU A 116 -25.94 -28.28 171.08
N ARG A 117 -25.91 -27.04 170.57
CA ARG A 117 -24.84 -26.07 170.79
C ARG A 117 -23.49 -26.53 170.24
N ARG A 118 -23.45 -27.45 169.28
CA ARG A 118 -22.20 -28.02 168.81
C ARG A 118 -22.18 -28.06 167.29
N GLY A 119 -21.04 -28.46 166.74
CA GLY A 119 -20.83 -28.49 165.30
C GLY A 119 -21.46 -29.71 164.66
N SER A 120 -20.70 -30.33 163.75
CA SER A 120 -21.20 -31.56 163.14
C SER A 120 -20.75 -32.79 163.89
N LEU A 121 -19.49 -32.82 164.36
CA LEU A 121 -19.01 -33.98 165.10
C LEU A 121 -19.53 -33.99 166.53
N GLY A 122 -19.82 -32.81 167.09
CA GLY A 122 -20.31 -32.74 168.45
C GLY A 122 -21.78 -33.03 168.61
N VAL A 123 -22.56 -32.92 167.54
CA VAL A 123 -23.98 -33.24 167.64
C VAL A 123 -24.20 -34.74 167.60
N TRP A 124 -23.66 -35.42 166.59
CA TRP A 124 -23.95 -36.85 166.44
C TRP A 124 -23.19 -37.72 167.43
N SER A 125 -22.25 -37.17 168.19
CA SER A 125 -21.61 -37.91 169.26
C SER A 125 -22.31 -37.72 170.60
N SER A 126 -23.28 -36.82 170.67
CA SER A 126 -24.12 -36.65 171.86
C SER A 126 -25.46 -37.37 171.72
N ILE A 127 -25.60 -38.14 170.65
CA ILE A 127 -26.82 -38.90 170.39
C ILE A 127 -26.31 -40.30 170.16
N HIS A 128 -25.64 -40.83 171.17
CA HIS A 128 -25.04 -42.15 171.17
C HIS A 128 -23.63 -42.03 170.62
N PRO A 129 -22.66 -42.56 171.34
CA PRO A 129 -21.25 -42.51 170.91
C PRO A 129 -20.92 -43.54 169.83
N ALA A 130 -21.93 -44.07 169.16
CA ALA A 130 -21.70 -45.06 168.10
C ALA A 130 -21.86 -44.37 166.76
N LEU A 131 -22.64 -43.31 166.74
CA LEU A 131 -22.89 -42.50 165.54
C LEU A 131 -21.88 -41.37 165.45
N LYS A 132 -20.61 -41.70 165.65
CA LYS A 132 -19.53 -40.77 165.37
C LYS A 132 -19.05 -40.90 163.94
N GLY A 133 -19.54 -41.90 163.22
CA GLY A 133 -19.21 -42.02 161.81
C GLY A 133 -19.87 -40.97 160.97
N LEU A 134 -20.98 -40.39 161.43
CA LEU A 134 -21.64 -39.34 160.67
C LEU A 134 -20.84 -38.04 160.68
N GLY A 135 -20.13 -37.78 161.76
CA GLY A 135 -19.27 -36.60 161.80
C GLY A 135 -17.99 -36.79 161.02
N LEU A 136 -17.50 -38.02 160.92
CA LEU A 136 -16.31 -38.31 160.13
C LEU A 136 -16.62 -38.52 158.66
N ALA A 137 -17.87 -38.85 158.32
CA ALA A 137 -18.24 -38.93 156.91
C ALA A 137 -18.62 -37.57 156.35
N SER A 138 -19.15 -36.67 157.19
CA SER A 138 -19.42 -35.31 156.75
C SER A 138 -18.16 -34.49 156.59
N MET A 139 -17.06 -34.90 157.22
CA MET A 139 -15.77 -34.26 157.05
C MET A 139 -15.03 -34.79 155.82
N LEU A 140 -15.20 -36.07 155.52
CA LEU A 140 -14.52 -36.66 154.37
C LEU A 140 -15.24 -36.37 153.06
N THR A 141 -16.54 -36.08 153.10
CA THR A 141 -17.23 -35.68 151.88
C THR A 141 -17.21 -34.18 151.67
N SER A 142 -16.76 -33.40 152.65
CA SER A 142 -16.53 -31.98 152.46
C SER A 142 -15.12 -31.68 151.97
N PHE A 143 -14.19 -32.60 152.19
CA PHE A 143 -12.83 -32.49 151.68
C PHE A 143 -12.74 -32.93 150.23
N MET A 144 -13.46 -33.99 149.85
CA MET A 144 -13.36 -34.51 148.50
C MET A 144 -14.24 -33.76 147.51
N VAL A 145 -15.37 -33.21 147.95
CA VAL A 145 -16.16 -32.37 147.07
C VAL A 145 -15.45 -31.05 146.83
N GLY A 146 -14.96 -30.42 147.90
CA GLY A 146 -14.23 -29.17 147.77
C GLY A 146 -12.84 -29.31 147.19
N LEU A 147 -12.38 -30.53 146.91
CA LEU A 147 -11.12 -30.71 146.21
C LEU A 147 -11.27 -30.34 144.74
N TYR A 148 -12.26 -30.91 144.05
CA TYR A 148 -12.47 -30.60 142.64
C TYR A 148 -13.31 -29.35 142.42
N TYR A 149 -14.11 -28.95 143.40
CA TYR A 149 -14.94 -27.77 143.27
C TYR A 149 -14.12 -26.49 143.23
N ASN A 150 -12.93 -26.50 143.82
CA ASN A 150 -12.03 -25.35 143.78
C ASN A 150 -11.06 -25.44 142.61
N THR A 151 -11.20 -26.46 141.76
CA THR A 151 -10.50 -26.52 140.48
C THR A 151 -11.33 -25.88 139.38
N ILE A 152 -12.66 -26.00 139.47
CA ILE A 152 -13.56 -25.32 138.54
C ILE A 152 -13.47 -23.81 138.71
N ILE A 153 -13.21 -23.34 139.93
CA ILE A 153 -13.03 -21.91 140.15
C ILE A 153 -11.70 -21.44 139.57
N SER A 154 -10.68 -22.30 139.55
CA SER A 154 -9.42 -21.92 138.91
C SER A 154 -9.53 -21.90 137.40
N TRP A 155 -10.47 -22.64 136.82
CA TRP A 155 -10.75 -22.49 135.39
C TRP A 155 -11.57 -21.25 135.10
N ILE A 156 -12.39 -20.81 136.06
CA ILE A 156 -13.14 -19.57 135.90
C ILE A 156 -12.21 -18.37 136.02
N MET A 157 -11.20 -18.45 136.89
CA MET A 157 -10.23 -17.36 137.02
C MET A 157 -9.33 -17.27 135.80
N TRP A 158 -9.07 -18.38 135.12
CA TRP A 158 -8.28 -18.33 133.90
C TRP A 158 -9.03 -17.66 132.76
N TYR A 159 -10.36 -17.79 132.72
CA TYR A 159 -11.15 -17.11 131.72
C TYR A 159 -11.41 -15.65 132.04
N LEU A 160 -11.27 -15.26 133.31
CA LEU A 160 -11.37 -13.86 133.70
C LEU A 160 -10.07 -13.10 133.44
N PHE A 161 -8.93 -13.78 133.53
CA PHE A 161 -7.66 -13.14 133.22
C PHE A 161 -7.51 -12.94 131.72
N ASN A 162 -8.13 -13.78 130.91
CA ASN A 162 -8.01 -13.75 129.46
C ASN A 162 -9.00 -12.81 128.79
N SER A 163 -9.71 -12.00 129.57
CA SER A 163 -10.51 -10.91 129.05
C SER A 163 -9.63 -9.65 129.04
N PHE A 164 -10.27 -8.47 128.98
CA PHE A 164 -9.61 -7.16 128.90
C PHE A 164 -8.81 -7.03 127.61
N GLN A 165 -9.39 -7.55 126.53
CA GLN A 165 -8.86 -7.40 125.18
C GLN A 165 -9.97 -7.57 124.16
N GLU A 166 -10.05 -6.67 123.17
CA GLU A 166 -11.22 -6.62 122.30
C GLU A 166 -11.28 -7.78 121.28
N PRO A 167 -10.19 -8.17 120.59
CA PRO A 167 -10.25 -9.49 119.92
C PRO A 167 -10.02 -10.61 120.92
N LEU A 168 -11.10 -11.05 121.59
CA LEU A 168 -11.15 -12.11 122.60
C LEU A 168 -10.43 -13.36 122.13
N PRO A 169 -9.72 -14.07 123.01
CA PRO A 169 -8.81 -15.14 122.55
C PRO A 169 -9.51 -16.36 121.98
N TRP A 170 -10.80 -16.52 122.28
CA TRP A 170 -11.58 -17.63 121.76
C TRP A 170 -12.44 -17.23 120.57
N SER A 171 -12.04 -16.18 119.85
CA SER A 171 -12.85 -15.65 118.76
C SER A 171 -12.29 -15.94 117.38
N ASP A 172 -11.06 -16.44 117.29
CA ASP A 172 -10.44 -16.70 115.99
C ASP A 172 -9.40 -17.81 116.12
N CYS A 173 -9.17 -18.52 115.02
CA CYS A 173 -8.17 -19.58 115.00
C CYS A 173 -6.78 -19.01 114.78
N PRO A 174 -5.75 -19.66 115.31
CA PRO A 174 -4.38 -19.31 114.91
C PRO A 174 -4.04 -19.92 113.56
N LEU A 175 -2.90 -19.51 113.02
CA LEU A 175 -2.45 -19.97 111.71
C LEU A 175 -1.41 -21.06 111.86
N ASN A 176 -1.01 -21.63 110.72
CA ASN A 176 -0.02 -22.69 110.71
C ASN A 176 1.39 -22.13 110.88
N GLU A 177 2.36 -23.03 110.68
CA GLU A 177 3.76 -22.67 110.69
C GLU A 177 3.81 -21.80 109.45
N ASN A 178 3.46 -22.40 108.31
CA ASN A 178 3.38 -21.65 107.06
C ASN A 178 2.07 -20.90 107.21
N GLN A 179 2.15 -19.57 107.19
CA GLN A 179 0.98 -18.72 107.33
C GLN A 179 0.12 -18.70 106.07
N THR A 180 -0.65 -19.77 105.89
CA THR A 180 -1.54 -19.90 104.73
C THR A 180 -2.95 -20.30 105.11
N GLY A 181 -3.11 -21.16 106.11
CA GLY A 181 -4.42 -21.58 106.57
C GLY A 181 -4.45 -21.76 108.06
N TYR A 182 -5.62 -22.08 108.58
CA TYR A 182 -5.79 -22.29 110.01
C TYR A 182 -5.24 -23.65 110.41
N VAL A 183 -5.16 -23.87 111.73
CA VAL A 183 -4.71 -25.15 112.26
C VAL A 183 -5.78 -26.20 111.96
N ASP A 184 -5.33 -27.46 111.80
CA ASP A 184 -6.17 -28.51 111.23
C ASP A 184 -7.33 -28.89 112.14
N GLU A 185 -7.16 -28.81 113.46
CA GLU A 185 -8.25 -29.14 114.37
C GLU A 185 -9.01 -27.91 114.85
N CYS A 186 -8.59 -26.71 114.43
CA CYS A 186 -9.43 -25.52 114.56
C CYS A 186 -10.33 -25.32 113.35
N ALA A 187 -9.99 -25.92 112.21
CA ALA A 187 -10.81 -25.79 111.02
C ALA A 187 -11.98 -26.77 111.05
N ARG A 188 -11.77 -27.97 111.58
CA ARG A 188 -12.84 -28.96 111.65
C ARG A 188 -13.81 -28.64 112.79
N SER A 189 -13.29 -28.38 113.97
CA SER A 189 -14.10 -28.02 115.13
C SER A 189 -14.30 -26.50 115.16
N SER A 190 -14.79 -25.98 116.25
CA SER A 190 -15.02 -24.56 116.44
C SER A 190 -13.75 -23.90 116.98
N PRO A 191 -13.59 -22.59 116.79
CA PRO A 191 -12.49 -21.88 117.47
C PRO A 191 -12.68 -21.78 118.98
N VAL A 192 -13.89 -21.97 119.50
CA VAL A 192 -14.09 -22.03 120.94
C VAL A 192 -13.65 -23.37 121.49
N ASP A 193 -13.70 -24.43 120.69
CA ASP A 193 -13.15 -25.72 121.10
C ASP A 193 -11.62 -25.73 121.02
N TYR A 194 -11.03 -24.92 120.15
CA TYR A 194 -9.60 -24.67 120.20
C TYR A 194 -9.30 -23.43 121.03
N PHE A 195 -9.91 -23.36 122.19
CA PHE A 195 -9.37 -22.60 123.31
C PHE A 195 -9.56 -23.33 124.62
N TRP A 196 -10.52 -24.23 124.71
CA TRP A 196 -10.78 -25.00 125.90
C TRP A 196 -10.00 -26.30 125.91
N TYR A 197 -9.98 -27.03 124.81
CA TYR A 197 -9.38 -28.35 124.79
C TYR A 197 -7.88 -28.32 124.51
N ARG A 198 -7.40 -27.38 123.68
CA ARG A 198 -5.99 -27.37 123.31
C ARG A 198 -5.20 -26.21 123.89
N GLU A 199 -5.80 -25.05 124.10
CA GLU A 199 -5.05 -23.93 124.64
C GLU A 199 -5.21 -23.73 126.14
N THR A 200 -6.33 -24.17 126.73
CA THR A 200 -6.45 -24.15 128.18
C THR A 200 -6.04 -25.49 128.78
N LEU A 201 -6.74 -26.56 128.42
CA LEU A 201 -6.51 -27.84 129.07
C LEU A 201 -5.27 -28.54 128.52
N ASN A 202 -5.03 -28.42 127.21
CA ASN A 202 -4.04 -29.22 126.47
C ASN A 202 -4.28 -30.72 126.70
N ILE A 203 -5.50 -31.16 126.43
CA ILE A 203 -6.02 -32.45 126.85
C ILE A 203 -5.35 -33.55 126.02
N SER A 204 -5.33 -34.77 126.54
CA SER A 204 -4.76 -35.93 125.87
C SER A 204 -5.88 -36.84 125.38
N THR A 205 -5.50 -37.99 124.83
CA THR A 205 -6.44 -38.88 124.15
C THR A 205 -7.00 -39.97 125.05
N SER A 206 -6.54 -40.07 126.29
CA SER A 206 -7.02 -41.10 127.21
C SER A 206 -6.69 -40.69 128.64
N ILE A 207 -7.34 -41.37 129.59
CA ILE A 207 -7.00 -41.18 131.00
C ILE A 207 -5.77 -41.97 131.41
N SER A 208 -5.32 -42.92 130.59
CA SER A 208 -4.24 -43.80 130.99
C SER A 208 -2.88 -43.18 130.75
N ASP A 209 -2.79 -42.12 129.96
CA ASP A 209 -1.55 -41.39 129.77
C ASP A 209 -1.71 -39.95 130.22
N SER A 210 -0.82 -39.50 131.10
CA SER A 210 -0.83 -38.15 131.62
C SER A 210 0.49 -37.48 131.30
N GLY A 211 0.46 -36.17 131.11
CA GLY A 211 1.63 -35.45 130.68
C GLY A 211 2.42 -34.83 131.80
N SER A 212 2.41 -33.51 131.87
CA SER A 212 3.19 -32.77 132.85
C SER A 212 2.25 -31.84 133.61
N ILE A 213 2.82 -30.92 134.38
CA ILE A 213 2.05 -30.19 135.37
C ILE A 213 1.28 -29.02 134.76
N GLN A 214 1.64 -28.57 133.56
CA GLN A 214 0.93 -27.52 132.80
C GLN A 214 0.86 -26.21 133.59
N TRP A 215 2.04 -25.58 133.67
CA TRP A 215 2.35 -24.50 134.61
C TRP A 215 1.37 -23.33 134.60
N TRP A 216 0.68 -23.06 133.49
CA TRP A 216 -0.21 -21.91 133.49
C TRP A 216 -1.53 -22.19 134.20
N MET A 217 -1.90 -23.46 134.34
CA MET A 217 -3.02 -23.84 135.18
C MET A 217 -2.60 -24.10 136.62
N LEU A 218 -1.32 -23.94 136.93
CA LEU A 218 -0.84 -24.13 138.28
C LEU A 218 -1.00 -22.80 139.00
N LEU A 219 -0.60 -21.74 138.30
CA LEU A 219 -0.69 -20.39 138.83
C LEU A 219 -2.12 -20.08 139.24
N CYS A 220 -3.07 -20.43 138.39
CA CYS A 220 -4.47 -20.18 138.68
C CYS A 220 -4.94 -20.92 139.92
N LEU A 221 -4.45 -22.14 140.09
CA LEU A 221 -4.80 -22.96 141.24
C LEU A 221 -4.32 -22.24 142.49
N ALA A 222 -3.06 -21.81 142.44
CA ALA A 222 -2.49 -21.10 143.56
C ALA A 222 -3.39 -19.91 143.87
N CYS A 223 -3.70 -19.13 142.84
CA CYS A 223 -4.55 -17.95 143.01
C CYS A 223 -5.84 -18.28 143.74
N ALA A 224 -6.56 -19.29 143.27
CA ALA A 224 -7.81 -19.71 143.88
C ALA A 224 -7.65 -20.03 145.36
N TRP A 225 -6.69 -20.90 145.69
CA TRP A 225 -6.51 -21.24 147.10
C TRP A 225 -6.10 -20.06 147.97
N SER A 226 -5.31 -19.15 147.40
CA SER A 226 -4.87 -17.98 148.13
C SER A 226 -6.05 -17.07 148.41
N VAL A 227 -6.94 -16.92 147.45
CA VAL A 227 -8.09 -16.06 147.64
C VAL A 227 -9.07 -16.72 148.61
N LEU A 228 -9.00 -18.04 148.70
CA LEU A 228 -9.89 -18.74 149.62
C LEU A 228 -9.35 -18.67 151.04
N TYR A 229 -8.03 -18.47 151.17
CA TYR A 229 -7.42 -18.38 152.49
C TYR A 229 -7.42 -16.98 153.08
N MET A 230 -7.65 -15.97 152.24
CA MET A 230 -7.72 -14.57 152.65
C MET A 230 -9.06 -14.22 153.30
N CYS A 231 -10.14 -14.87 152.87
CA CYS A 231 -11.45 -14.55 153.40
C CYS A 231 -11.86 -15.42 154.58
N THR A 232 -11.30 -16.62 154.71
CA THR A 232 -11.62 -17.50 155.82
C THR A 232 -10.40 -17.72 156.71
N ILE A 233 -9.65 -16.65 157.00
CA ILE A 233 -8.44 -16.81 157.79
C ILE A 233 -8.77 -17.00 159.26
N ARG A 234 -9.95 -16.57 159.71
CA ARG A 234 -10.35 -16.69 161.11
C ARG A 234 -11.75 -17.25 161.28
N GLY A 235 -12.22 -18.05 160.32
CA GLY A 235 -13.55 -18.60 160.38
C GLY A 235 -14.61 -17.54 160.16
N ILE A 236 -15.47 -17.34 161.15
CA ILE A 236 -16.45 -16.25 161.15
C ILE A 236 -15.68 -14.96 161.46
N GLU A 237 -16.32 -13.81 161.26
CA GLU A 237 -15.90 -12.41 161.41
C GLU A 237 -14.90 -11.98 160.33
N THR A 238 -14.44 -12.88 159.47
CA THR A 238 -13.80 -12.48 158.22
C THR A 238 -14.69 -12.94 157.08
N THR A 239 -15.34 -14.08 157.25
CA THR A 239 -16.26 -14.58 156.23
C THR A 239 -17.52 -13.71 156.19
N GLY A 240 -17.70 -12.85 157.19
CA GLY A 240 -18.86 -11.99 157.27
C GLY A 240 -18.98 -10.91 156.20
N LYS A 241 -18.05 -9.98 156.17
CA LYS A 241 -18.08 -8.91 155.18
C LYS A 241 -17.94 -9.50 153.78
N ALA A 242 -17.22 -10.60 153.70
CA ALA A 242 -17.02 -11.29 152.44
C ALA A 242 -18.40 -11.71 151.95
N VAL A 243 -19.11 -12.46 152.77
CA VAL A 243 -20.45 -12.91 152.40
C VAL A 243 -21.28 -11.71 151.97
N TYR A 244 -21.15 -10.62 152.72
CA TYR A 244 -21.88 -9.40 152.39
C TYR A 244 -21.68 -9.09 150.92
N ILE A 245 -20.46 -8.66 150.58
CA ILE A 245 -20.15 -8.29 149.19
C ILE A 245 -20.33 -9.38 148.13
N THR A 246 -20.40 -10.65 148.53
CA THR A 246 -20.56 -11.71 147.54
C THR A 246 -21.95 -12.33 147.47
N SER A 247 -22.92 -11.78 148.19
CA SER A 247 -24.28 -12.32 148.10
C SER A 247 -25.15 -11.39 147.26
N THR A 248 -24.59 -10.21 147.01
CA THR A 248 -25.15 -9.13 146.18
C THR A 248 -24.66 -9.19 144.74
N LEU A 249 -23.34 -9.29 144.57
CA LEU A 249 -22.74 -9.38 143.24
C LEU A 249 -23.50 -10.41 142.43
N PRO A 250 -23.37 -11.69 142.78
CA PRO A 250 -24.08 -12.76 142.06
C PRO A 250 -25.55 -12.45 141.75
N TYR A 251 -26.33 -12.03 142.75
CA TYR A 251 -27.75 -11.74 142.51
C TYR A 251 -28.09 -10.60 141.55
N VAL A 252 -27.31 -9.52 141.56
CA VAL A 252 -27.58 -8.41 140.65
C VAL A 252 -26.98 -8.62 139.27
N VAL A 253 -25.99 -9.49 139.11
CA VAL A 253 -25.43 -9.70 137.76
C VAL A 253 -26.30 -10.62 136.89
N LEU A 254 -27.05 -11.50 137.53
CA LEU A 254 -27.97 -12.43 136.91
C LEU A 254 -29.16 -11.64 136.36
N THR A 255 -29.58 -10.63 137.12
CA THR A 255 -30.70 -9.82 136.66
C THR A 255 -30.31 -8.99 135.44
N ILE A 256 -29.08 -8.50 135.41
CA ILE A 256 -28.60 -7.71 134.28
C ILE A 256 -28.46 -8.62 133.07
N PHE A 257 -28.32 -9.91 133.33
CA PHE A 257 -28.19 -10.91 132.27
C PHE A 257 -29.52 -11.45 131.78
N LEU A 258 -30.59 -11.20 132.52
CA LEU A 258 -31.90 -11.69 132.06
C LEU A 258 -32.51 -10.87 130.91
N ILE A 259 -32.48 -9.54 131.03
CA ILE A 259 -33.00 -8.60 130.05
C ILE A 259 -32.12 -8.50 128.82
N ARG A 260 -30.92 -9.08 128.86
CA ARG A 260 -30.10 -9.24 127.67
C ARG A 260 -30.40 -10.54 126.94
N GLY A 261 -30.64 -11.62 127.69
CA GLY A 261 -30.88 -12.91 127.08
C GLY A 261 -32.21 -13.01 126.37
N LEU A 262 -33.26 -12.39 126.93
CA LEU A 262 -34.58 -12.44 126.30
C LEU A 262 -34.72 -11.49 125.11
N THR A 263 -33.77 -10.58 124.93
CA THR A 263 -33.76 -9.65 123.81
C THR A 263 -33.06 -10.26 122.60
N LEU A 264 -32.43 -11.43 122.78
CA LEU A 264 -31.71 -12.10 121.71
C LEU A 264 -32.66 -12.63 120.65
N LYS A 265 -32.09 -13.01 119.50
CA LYS A 265 -32.90 -13.38 118.34
C LYS A 265 -33.57 -14.72 118.55
N GLY A 266 -32.80 -15.75 118.88
CA GLY A 266 -33.33 -17.09 119.01
C GLY A 266 -33.86 -17.45 120.38
N ALA A 267 -34.02 -16.49 121.29
CA ALA A 267 -34.59 -16.78 122.59
C ALA A 267 -36.10 -16.95 122.45
N THR A 268 -36.73 -17.35 123.57
CA THR A 268 -38.10 -17.88 123.61
C THR A 268 -38.29 -19.05 122.66
N ASN A 269 -37.21 -19.80 122.44
CA ASN A 269 -37.21 -21.07 121.72
C ASN A 269 -36.44 -22.15 122.42
N GLY A 270 -35.50 -21.80 123.31
CA GLY A 270 -34.87 -22.75 124.20
C GLY A 270 -35.57 -22.75 125.53
N ILE A 271 -36.42 -21.74 125.75
CA ILE A 271 -37.29 -21.73 126.92
C ILE A 271 -38.44 -22.72 126.74
N VAL A 272 -39.02 -22.76 125.54
CA VAL A 272 -40.06 -23.73 125.23
C VAL A 272 -39.51 -25.16 125.25
N PHE A 273 -38.24 -25.33 124.89
CA PHE A 273 -37.61 -26.63 125.00
C PHE A 273 -37.42 -27.04 126.46
N LEU A 274 -37.26 -26.06 127.35
CA LEU A 274 -37.15 -26.35 128.78
C LEU A 274 -38.48 -26.72 129.41
N PHE A 275 -39.60 -26.37 128.78
CA PHE A 275 -40.90 -26.56 129.39
C PHE A 275 -41.86 -27.42 128.59
N THR A 276 -41.41 -28.09 127.53
CA THR A 276 -42.21 -29.13 126.91
C THR A 276 -41.80 -30.48 127.48
N PRO A 277 -42.63 -31.10 128.31
CA PRO A 277 -42.22 -32.33 128.99
C PRO A 277 -42.35 -33.55 128.08
N ASN A 278 -41.53 -34.55 128.36
CA ASN A 278 -41.58 -35.84 127.69
C ASN A 278 -41.99 -36.84 128.77
N VAL A 279 -43.30 -37.10 128.86
CA VAL A 279 -43.87 -37.85 129.98
C VAL A 279 -43.47 -39.33 130.01
N THR A 280 -42.95 -39.87 128.90
CA THR A 280 -42.37 -41.20 128.91
C THR A 280 -41.14 -41.27 129.79
N GLU A 281 -40.36 -40.19 129.86
CA GLU A 281 -39.14 -40.15 130.67
C GLU A 281 -39.41 -40.16 132.17
N LEU A 282 -40.62 -39.85 132.61
CA LEU A 282 -40.95 -39.85 134.04
C LEU A 282 -41.16 -41.24 134.61
N ALA A 283 -40.92 -42.30 133.84
CA ALA A 283 -41.09 -43.66 134.33
C ALA A 283 -39.80 -44.46 134.22
N GLN A 284 -38.67 -43.80 134.44
CA GLN A 284 -37.36 -44.46 134.44
C GLN A 284 -36.72 -44.31 135.82
N PRO A 285 -35.95 -45.30 136.25
CA PRO A 285 -35.27 -45.17 137.55
C PRO A 285 -34.16 -44.14 137.57
N ASP A 286 -33.45 -43.94 136.47
CA ASP A 286 -32.29 -43.06 136.50
C ASP A 286 -32.63 -41.57 136.48
N THR A 287 -33.87 -41.20 136.17
CA THR A 287 -34.27 -39.80 136.24
C THR A 287 -34.76 -39.39 137.62
N TRP A 288 -34.96 -40.34 138.52
CA TRP A 288 -35.28 -40.03 139.90
C TRP A 288 -34.08 -40.11 140.82
N LEU A 289 -33.01 -40.80 140.40
CA LEU A 289 -31.76 -40.76 141.14
C LEU A 289 -31.05 -39.42 140.93
N ASP A 290 -31.00 -38.95 139.68
CA ASP A 290 -30.35 -37.68 139.38
C ASP A 290 -31.15 -36.49 139.89
N ALA A 291 -32.46 -36.64 140.06
CA ALA A 291 -33.25 -35.59 140.70
C ALA A 291 -33.10 -35.63 142.21
N GLY A 292 -32.98 -36.83 142.78
CA GLY A 292 -32.83 -36.93 144.23
C GLY A 292 -31.45 -36.56 144.72
N ALA A 293 -30.42 -36.75 143.89
CA ALA A 293 -29.07 -36.36 144.27
C ALA A 293 -28.79 -34.90 143.97
N GLN A 294 -29.66 -34.21 143.25
CA GLN A 294 -29.50 -32.79 143.02
C GLN A 294 -30.08 -31.96 144.15
N VAL A 295 -31.11 -32.47 144.83
CA VAL A 295 -31.70 -31.76 145.97
C VAL A 295 -30.71 -31.74 147.14
N PHE A 296 -30.03 -32.86 147.38
CA PHE A 296 -29.03 -32.92 148.43
C PHE A 296 -27.70 -32.28 148.03
N PHE A 297 -27.57 -31.83 146.78
CA PHE A 297 -26.41 -31.06 146.35
C PHE A 297 -26.70 -29.57 146.20
N SER A 298 -27.89 -29.20 145.72
CA SER A 298 -28.26 -27.79 145.66
C SER A 298 -28.43 -27.22 147.06
N PHE A 299 -29.38 -27.78 147.83
CA PHE A 299 -29.31 -27.62 149.27
C PHE A 299 -28.06 -28.34 149.76
N SER A 300 -27.31 -27.68 150.63
CA SER A 300 -26.04 -28.23 151.09
C SER A 300 -26.30 -29.07 152.34
N LEU A 301 -27.06 -30.14 152.14
CA LEU A 301 -27.36 -31.11 153.18
C LEU A 301 -26.31 -32.21 153.15
N ALA A 302 -26.17 -32.89 154.29
CA ALA A 302 -25.18 -33.95 154.54
C ALA A 302 -23.75 -33.47 154.32
N PHE A 303 -23.48 -32.20 154.59
CA PHE A 303 -22.12 -31.66 154.59
C PHE A 303 -21.65 -31.21 155.97
N GLY A 304 -22.57 -30.86 156.85
CA GLY A 304 -22.22 -30.44 158.19
C GLY A 304 -21.88 -28.98 158.33
N GLY A 305 -22.12 -28.17 157.31
CA GLY A 305 -21.80 -26.76 157.38
C GLY A 305 -22.97 -25.93 157.84
N LEU A 306 -24.19 -26.40 157.59
CA LEU A 306 -25.37 -25.69 158.03
C LEU A 306 -25.72 -25.98 159.48
N ILE A 307 -25.18 -27.06 160.05
CA ILE A 307 -25.34 -27.29 161.48
C ILE A 307 -24.40 -26.39 162.27
N SER A 308 -23.18 -26.19 161.77
CA SER A 308 -22.22 -25.34 162.47
C SER A 308 -22.58 -23.87 162.37
N PHE A 309 -23.23 -23.46 161.29
CA PHE A 309 -23.64 -22.06 161.15
C PHE A 309 -24.84 -21.75 162.01
N SER A 310 -25.75 -22.70 162.21
CA SER A 310 -26.91 -22.50 163.06
C SER A 310 -26.60 -22.67 164.54
N SER A 311 -25.42 -23.18 164.87
CA SER A 311 -25.00 -23.39 166.25
C SER A 311 -24.46 -22.14 166.91
N TYR A 312 -24.47 -21.00 166.22
CA TYR A 312 -23.97 -19.74 166.77
C TYR A 312 -25.10 -18.79 167.15
N ASN A 313 -26.33 -19.11 166.78
CA ASN A 313 -27.46 -18.25 167.09
C ASN A 313 -27.85 -18.37 168.55
N SER A 314 -28.71 -17.46 169.00
CA SER A 314 -29.29 -17.57 170.32
C SER A 314 -30.29 -18.71 170.37
N VAL A 315 -30.66 -19.10 171.59
CA VAL A 315 -31.53 -20.25 171.76
C VAL A 315 -32.96 -19.90 171.34
N HIS A 316 -33.43 -18.71 171.68
CA HIS A 316 -34.77 -18.28 171.30
C HIS A 316 -34.70 -17.61 169.93
N ASN A 317 -34.50 -18.44 168.91
CA ASN A 317 -34.41 -17.97 167.54
C ASN A 317 -35.35 -18.83 166.69
N ASN A 318 -36.14 -18.18 165.86
CA ASN A 318 -37.15 -18.87 165.05
C ASN A 318 -36.44 -19.63 163.94
N CYS A 319 -36.17 -20.92 164.17
CA CYS A 319 -35.51 -21.77 163.21
C CYS A 319 -36.47 -22.44 162.24
N GLU A 320 -37.75 -22.07 162.29
CA GLU A 320 -38.73 -22.51 161.30
C GLU A 320 -38.99 -21.44 160.25
N LYS A 321 -38.94 -20.17 160.63
CA LYS A 321 -38.97 -19.08 159.68
C LYS A 321 -37.74 -19.09 158.79
N ASP A 322 -36.60 -19.50 159.33
CA ASP A 322 -35.35 -19.49 158.55
C ASP A 322 -35.29 -20.65 157.56
N SER A 323 -35.97 -21.75 157.84
CA SER A 323 -35.86 -22.93 156.99
C SER A 323 -36.81 -22.90 155.81
N VAL A 324 -37.92 -22.17 155.88
CA VAL A 324 -38.83 -22.04 154.75
C VAL A 324 -38.61 -20.77 153.96
N ILE A 325 -37.76 -19.86 154.45
CA ILE A 325 -37.37 -18.71 153.65
C ILE A 325 -36.17 -19.04 152.77
N VAL A 326 -35.20 -19.76 153.35
CA VAL A 326 -34.01 -20.16 152.60
C VAL A 326 -34.37 -21.17 151.51
N SER A 327 -35.37 -22.01 151.78
CA SER A 327 -35.75 -23.03 150.82
C SER A 327 -36.57 -22.51 149.64
N ILE A 328 -37.28 -21.40 149.78
CA ILE A 328 -38.02 -20.84 148.65
C ILE A 328 -37.21 -19.80 147.88
N ILE A 329 -35.97 -19.54 148.30
CA ILE A 329 -35.06 -18.74 147.49
C ILE A 329 -34.15 -19.73 146.75
N ASN A 330 -33.88 -20.87 147.37
CA ASN A 330 -33.09 -21.90 146.70
C ASN A 330 -33.87 -22.59 145.60
N GLY A 331 -35.19 -22.71 145.74
CA GLY A 331 -36.00 -23.28 144.68
C GLY A 331 -36.31 -22.30 143.57
N PHE A 332 -36.49 -21.02 143.93
CA PHE A 332 -36.77 -19.99 142.94
C PHE A 332 -35.55 -19.69 142.07
N THR A 333 -34.34 -19.77 142.65
CA THR A 333 -33.13 -19.46 141.90
C THR A 333 -32.82 -20.52 140.87
N SER A 334 -32.99 -21.80 141.22
CA SER A 334 -32.67 -22.90 140.30
C SER A 334 -33.56 -22.95 139.08
N VAL A 335 -34.72 -22.29 139.11
CA VAL A 335 -35.50 -22.03 137.90
C VAL A 335 -35.11 -20.70 137.26
N TYR A 336 -34.74 -19.71 138.06
CA TYR A 336 -34.35 -18.40 137.53
C TYR A 336 -33.03 -18.43 136.79
N VAL A 337 -32.10 -19.30 137.19
CA VAL A 337 -30.87 -19.51 136.42
C VAL A 337 -31.14 -20.35 135.17
N ALA A 338 -32.04 -21.32 135.24
CA ALA A 338 -32.29 -22.22 134.12
C ALA A 338 -33.01 -21.58 132.95
N ILE A 339 -33.70 -20.46 133.15
CA ILE A 339 -34.28 -19.73 132.03
C ILE A 339 -33.38 -18.63 131.52
N VAL A 340 -32.24 -18.40 132.17
CA VAL A 340 -31.18 -17.58 131.61
C VAL A 340 -30.22 -18.45 130.79
N VAL A 341 -29.95 -19.66 131.28
CA VAL A 341 -29.08 -20.60 130.60
C VAL A 341 -29.72 -21.08 129.30
N TYR A 342 -31.01 -21.40 129.33
CA TYR A 342 -31.66 -21.92 128.13
C TYR A 342 -32.14 -20.82 127.19
N SER A 343 -31.98 -19.55 127.54
CA SER A 343 -32.25 -18.50 126.59
C SER A 343 -31.06 -18.19 125.70
N VAL A 344 -29.87 -18.70 126.03
CA VAL A 344 -28.72 -18.59 125.15
C VAL A 344 -28.39 -19.91 124.47
N ILE A 345 -28.95 -21.04 124.92
CA ILE A 345 -28.86 -22.27 124.15
C ILE A 345 -29.77 -22.18 122.94
N GLY A 346 -30.94 -21.57 123.11
CA GLY A 346 -31.82 -21.30 121.98
C GLY A 346 -31.28 -20.25 121.03
N PHE A 347 -30.33 -19.43 121.47
CA PHE A 347 -29.70 -18.47 120.59
C PHE A 347 -28.56 -19.07 119.79
N ARG A 348 -27.86 -20.07 120.34
CA ARG A 348 -26.90 -20.81 119.53
C ARG A 348 -27.59 -21.76 118.56
N ALA A 349 -28.77 -22.26 118.91
CA ALA A 349 -29.49 -23.16 118.03
C ALA A 349 -30.26 -22.43 116.94
N THR A 350 -30.29 -21.11 116.96
CA THR A 350 -30.82 -20.33 115.86
C THR A 350 -29.71 -19.73 115.01
N GLN A 351 -28.55 -19.43 115.61
CA GLN A 351 -27.39 -19.03 114.83
C GLN A 351 -26.88 -20.19 113.99
N ARG A 352 -26.91 -21.41 114.54
CA ARG A 352 -26.45 -22.57 113.77
C ARG A 352 -27.47 -23.00 112.74
N TYR A 353 -28.76 -22.89 113.04
CA TYR A 353 -29.78 -23.28 112.09
C TYR A 353 -29.88 -22.29 110.94
N ASP A 354 -29.63 -21.01 111.18
CA ASP A 354 -29.65 -20.04 110.10
C ASP A 354 -28.35 -20.04 109.32
N ASP A 355 -27.31 -20.69 109.82
CA ASP A 355 -26.08 -20.83 109.05
C ASP A 355 -26.05 -22.13 108.26
N CYS A 356 -26.61 -23.19 108.81
CA CYS A 356 -26.76 -24.43 108.05
C CYS A 356 -27.79 -24.27 106.93
N PHE A 357 -28.82 -23.48 107.16
CA PHE A 357 -29.83 -23.30 106.13
C PHE A 357 -29.36 -22.31 105.08
N SER A 358 -28.46 -21.39 105.45
CA SER A 358 -27.84 -20.52 104.45
C SER A 358 -26.84 -21.27 103.60
N THR A 359 -26.31 -22.39 104.09
CA THR A 359 -25.46 -23.24 103.26
C THR A 359 -26.26 -23.86 102.12
N ASN A 360 -27.48 -24.31 102.42
CA ASN A 360 -28.33 -24.92 101.40
C ASN A 360 -28.86 -23.90 100.40
N ILE A 361 -28.93 -22.63 100.81
CA ILE A 361 -29.32 -21.57 99.87
C ILE A 361 -28.18 -21.27 98.91
N LEU A 362 -26.96 -21.16 99.44
CA LEU A 362 -25.82 -20.77 98.61
C LEU A 362 -25.31 -21.91 97.74
N THR A 363 -25.53 -23.17 98.15
CA THR A 363 -25.05 -24.28 97.33
C THR A 363 -26.00 -24.58 96.18
N LEU A 364 -27.20 -23.99 96.21
CA LEU A 364 -28.15 -24.20 95.12
C LEU A 364 -28.01 -23.12 94.06
N ILE A 365 -27.75 -21.88 94.48
CA ILE A 365 -27.60 -20.77 93.54
C ILE A 365 -26.22 -20.70 92.91
N ASN A 366 -25.28 -21.52 93.36
CA ASN A 366 -23.97 -21.59 92.74
C ASN A 366 -23.83 -22.74 91.76
N GLY A 367 -24.69 -23.76 91.87
CA GLY A 367 -24.65 -24.89 90.96
C GLY A 367 -25.52 -24.70 89.73
N PHE A 368 -26.47 -23.77 89.81
CA PHE A 368 -27.36 -23.48 88.71
C PHE A 368 -27.39 -22.01 88.32
N ASP A 369 -26.56 -21.19 88.97
CA ASP A 369 -26.42 -19.77 88.66
C ASP A 369 -27.68 -18.90 88.70
N LEU A 370 -28.32 -18.84 89.87
CA LEU A 370 -29.49 -17.99 90.02
C LEU A 370 -29.12 -16.71 90.76
N PRO A 371 -29.89 -15.63 90.60
CA PRO A 371 -29.68 -14.46 91.45
C PRO A 371 -30.05 -14.73 92.90
N GLU A 372 -29.53 -13.88 93.78
CA GLU A 372 -29.59 -14.15 95.21
C GLU A 372 -30.95 -13.80 95.81
N GLY A 373 -31.69 -12.89 95.19
CA GLY A 373 -32.95 -12.44 95.77
C GLY A 373 -34.17 -13.22 95.36
N ASN A 374 -33.98 -14.50 95.01
CA ASN A 374 -35.07 -15.37 94.60
C ASN A 374 -35.17 -16.64 95.43
N VAL A 375 -34.07 -17.10 96.02
CA VAL A 375 -34.05 -18.31 96.81
C VAL A 375 -33.92 -17.92 98.28
N THR A 376 -34.94 -18.24 99.07
CA THR A 376 -34.95 -17.93 100.49
C THR A 376 -35.65 -19.02 101.29
N GLN A 377 -35.86 -18.79 102.59
CA GLN A 377 -36.40 -19.81 103.49
C GLN A 377 -37.86 -20.13 103.23
N GLU A 378 -38.59 -19.27 102.50
CA GLU A 378 -40.00 -19.51 102.26
C GLU A 378 -40.25 -20.47 101.12
N ASN A 379 -39.33 -20.56 100.15
CA ASN A 379 -39.54 -21.41 98.98
C ASN A 379 -38.29 -22.23 98.65
N PHE A 380 -37.59 -22.73 99.66
CA PHE A 380 -36.45 -23.60 99.40
C PHE A 380 -36.90 -24.98 98.94
N VAL A 381 -37.98 -25.50 99.53
CA VAL A 381 -38.53 -26.79 99.12
C VAL A 381 -39.28 -26.71 97.79
N ASP A 382 -39.63 -25.50 97.35
CA ASP A 382 -40.34 -25.34 96.07
C ASP A 382 -39.36 -25.47 94.92
N MET A 383 -38.19 -24.84 95.04
CA MET A 383 -37.31 -24.66 93.89
C MET A 383 -36.27 -25.77 93.75
N GLN A 384 -36.02 -26.55 94.80
CA GLN A 384 -35.10 -27.68 94.64
C GLN A 384 -35.69 -28.80 93.79
N GLN A 385 -37.02 -28.93 93.75
CA GLN A 385 -37.67 -29.83 92.81
C GLN A 385 -37.64 -29.30 91.39
N ARG A 386 -37.53 -27.97 91.22
CA ARG A 386 -37.41 -27.38 89.89
C ARG A 386 -36.04 -27.62 89.29
N CYS A 387 -35.03 -27.88 90.12
CA CYS A 387 -33.67 -28.09 89.63
C CYS A 387 -33.41 -29.50 89.16
N ASN A 388 -34.06 -30.51 89.75
CA ASN A 388 -33.92 -31.87 89.24
C ASN A 388 -34.84 -32.14 88.06
N ALA A 389 -35.87 -31.32 87.85
CA ALA A 389 -36.68 -31.44 86.65
C ALA A 389 -36.03 -30.74 85.47
N SER A 390 -35.13 -29.79 85.73
CA SER A 390 -34.43 -29.11 84.64
C SER A 390 -33.15 -29.84 84.24
N ASP A 391 -32.22 -30.03 85.18
CA ASP A 391 -30.97 -30.74 84.91
C ASP A 391 -30.87 -31.90 85.89
N PRO A 392 -31.31 -33.10 85.50
CA PRO A 392 -31.18 -34.26 86.39
C PRO A 392 -29.76 -34.75 86.56
N ALA A 393 -28.84 -34.40 85.66
CA ALA A 393 -27.46 -34.84 85.79
C ALA A 393 -26.64 -33.87 86.64
N ALA A 394 -26.88 -32.57 86.47
CA ALA A 394 -26.13 -31.57 87.23
C ALA A 394 -26.61 -31.45 88.67
N TYR A 395 -27.77 -31.99 88.99
CA TYR A 395 -28.28 -31.96 90.36
C TYR A 395 -27.75 -33.11 91.21
N ALA A 396 -27.17 -34.13 90.60
CA ALA A 396 -26.76 -35.33 91.33
C ALA A 396 -25.51 -35.11 92.17
N GLN A 397 -24.56 -34.29 91.70
CA GLN A 397 -23.32 -34.09 92.45
C GLN A 397 -23.45 -33.05 93.56
N LEU A 398 -24.56 -32.32 93.61
CA LEU A 398 -24.78 -31.36 94.69
C LEU A 398 -25.15 -32.08 95.98
N VAL A 399 -24.81 -31.45 97.10
CA VAL A 399 -25.11 -31.98 98.42
C VAL A 399 -26.07 -31.01 99.10
N PHE A 400 -26.94 -31.54 99.95
CA PHE A 400 -27.88 -30.73 100.72
C PHE A 400 -27.86 -31.16 102.17
N GLN A 401 -27.49 -30.24 103.04
CA GLN A 401 -27.43 -30.53 104.46
C GLN A 401 -28.82 -30.71 105.05
N THR A 402 -28.95 -31.71 105.90
CA THR A 402 -30.21 -32.00 106.58
C THR A 402 -30.10 -31.48 108.01
N CYS A 403 -30.76 -30.37 108.30
CA CYS A 403 -30.70 -29.78 109.63
C CYS A 403 -32.04 -29.14 109.96
N ASP A 404 -32.48 -29.33 111.20
CA ASP A 404 -33.73 -28.75 111.69
C ASP A 404 -33.61 -28.67 113.21
N ILE A 405 -34.36 -27.75 113.82
CA ILE A 405 -34.30 -27.54 115.27
C ILE A 405 -34.88 -28.76 115.98
N ASN A 406 -34.48 -28.92 117.26
CA ASN A 406 -34.55 -30.07 118.19
C ASN A 406 -33.43 -31.05 117.89
N ALA A 407 -32.60 -30.78 116.87
CA ALA A 407 -31.31 -31.40 116.72
C ALA A 407 -30.17 -30.47 117.07
N PHE A 408 -30.41 -29.16 117.03
CA PHE A 408 -29.48 -28.18 117.57
C PHE A 408 -29.82 -27.75 118.98
N LEU A 409 -31.04 -28.04 119.43
CA LEU A 409 -31.46 -27.80 120.81
C LEU A 409 -31.23 -29.03 121.69
N SER A 410 -30.56 -30.05 121.16
CA SER A 410 -30.21 -31.22 121.95
C SER A 410 -28.82 -31.70 121.55
N GLU A 411 -27.79 -31.23 122.26
CA GLU A 411 -26.42 -31.54 121.90
C GLU A 411 -25.61 -31.84 123.15
N ALA A 412 -24.30 -32.03 122.96
CA ALA A 412 -23.39 -32.33 124.05
C ALA A 412 -23.15 -31.10 124.91
N VAL A 413 -23.87 -31.01 126.02
CA VAL A 413 -23.83 -29.89 126.95
C VAL A 413 -23.26 -30.51 128.22
N GLU A 414 -22.25 -31.38 128.04
CA GLU A 414 -21.60 -32.13 129.11
C GLU A 414 -20.91 -31.24 130.14
N GLY A 415 -20.36 -31.87 131.18
CA GLY A 415 -19.76 -31.12 132.28
C GLY A 415 -18.56 -30.32 131.82
N THR A 416 -18.48 -29.07 132.29
CA THR A 416 -17.57 -28.00 131.86
C THR A 416 -17.70 -27.75 130.37
N GLY A 417 -18.93 -27.77 129.86
CA GLY A 417 -19.16 -27.53 128.46
C GLY A 417 -20.26 -26.53 128.19
N LEU A 418 -20.65 -25.77 129.22
CA LEU A 418 -21.72 -24.79 129.06
C LEU A 418 -21.18 -23.39 129.33
N ALA A 419 -20.45 -23.23 130.41
CA ALA A 419 -19.86 -21.93 130.71
C ALA A 419 -18.67 -21.62 129.82
N PHE A 420 -18.09 -22.63 129.18
CA PHE A 420 -16.86 -22.44 128.42
C PHE A 420 -17.03 -22.61 126.92
N ILE A 421 -18.04 -23.33 126.46
CA ILE A 421 -18.21 -23.58 125.03
C ILE A 421 -19.51 -22.95 124.55
N VAL A 422 -20.52 -22.91 125.41
CA VAL A 422 -21.82 -22.39 125.01
C VAL A 422 -21.93 -20.89 125.27
N PHE A 423 -21.56 -20.45 126.48
CA PHE A 423 -21.67 -19.03 126.79
C PHE A 423 -20.59 -18.20 126.11
N THR A 424 -19.35 -18.71 126.06
CA THR A 424 -18.27 -17.92 125.48
C THR A 424 -18.35 -17.83 123.97
N GLU A 425 -19.15 -18.68 123.33
CA GLU A 425 -19.40 -18.53 121.90
C GLU A 425 -20.47 -17.49 121.63
N ALA A 426 -21.45 -17.38 122.52
CA ALA A 426 -22.52 -16.40 122.34
C ALA A 426 -22.12 -15.00 122.76
N ILE A 427 -21.14 -14.86 123.66
CA ILE A 427 -20.69 -13.54 124.11
C ILE A 427 -19.97 -12.80 122.98
N THR A 428 -19.25 -13.52 122.13
CA THR A 428 -18.50 -12.90 121.02
C THR A 428 -19.40 -12.41 119.89
N LYS A 429 -20.72 -12.57 119.98
CA LYS A 429 -21.64 -12.04 119.00
C LYS A 429 -22.51 -10.91 119.55
N MET A 430 -22.32 -10.53 120.80
CA MET A 430 -22.91 -9.31 121.31
C MET A 430 -21.98 -8.12 121.03
N PRO A 431 -22.53 -6.93 120.90
CA PRO A 431 -21.68 -5.73 120.91
C PRO A 431 -21.15 -5.48 122.31
N LEU A 432 -19.99 -4.81 122.36
CA LEU A 432 -19.21 -4.59 123.59
C LEU A 432 -18.90 -5.90 124.30
N SER A 433 -18.44 -6.87 123.50
CA SER A 433 -18.15 -8.23 123.94
C SER A 433 -17.07 -8.42 125.01
N PRO A 434 -16.07 -7.53 125.22
CA PRO A 434 -15.25 -7.68 126.43
C PRO A 434 -15.97 -7.33 127.72
N LEU A 435 -17.06 -6.57 127.65
CA LEU A 435 -17.78 -6.22 128.87
C LEU A 435 -18.64 -7.37 129.36
N TRP A 436 -19.28 -8.11 128.46
CA TRP A 436 -20.13 -9.22 128.85
C TRP A 436 -19.34 -10.46 129.26
N SER A 437 -18.03 -10.43 129.11
CA SER A 437 -17.22 -11.57 129.49
C SER A 437 -16.77 -11.37 130.93
N VAL A 438 -16.32 -10.16 131.23
CA VAL A 438 -15.87 -9.83 132.56
C VAL A 438 -17.03 -9.99 133.55
N LEU A 439 -18.12 -9.29 133.31
CA LEU A 439 -19.28 -9.39 134.20
C LEU A 439 -19.63 -10.84 134.45
N PHE A 440 -19.94 -11.57 133.39
CA PHE A 440 -20.32 -12.97 133.51
C PHE A 440 -19.34 -13.78 134.34
N PHE A 441 -18.05 -13.70 134.02
CA PHE A 441 -17.08 -14.49 134.76
C PHE A 441 -16.89 -14.08 136.22
N ILE A 442 -16.96 -12.79 136.52
CA ILE A 442 -16.82 -12.37 137.91
C ILE A 442 -18.02 -12.90 138.66
N MET A 443 -19.17 -12.92 138.00
CA MET A 443 -20.37 -13.43 138.60
C MET A 443 -20.16 -14.90 138.94
N LEU A 444 -19.67 -15.67 137.99
CA LEU A 444 -19.43 -17.08 138.25
C LEU A 444 -18.46 -17.26 139.41
N PHE A 445 -17.41 -16.46 139.43
CA PHE A 445 -16.41 -16.51 140.48
C PHE A 445 -17.06 -16.31 141.85
N CYS A 446 -17.90 -15.30 141.95
CA CYS A 446 -18.58 -15.02 143.21
C CYS A 446 -19.47 -16.18 143.60
N LEU A 447 -20.24 -16.69 142.66
CA LEU A 447 -21.13 -17.81 142.94
C LEU A 447 -20.34 -19.00 143.48
N GLY A 448 -19.15 -19.21 142.94
CA GLY A 448 -18.33 -20.34 143.35
C GLY A 448 -17.44 -20.15 144.55
N LEU A 449 -17.25 -18.91 144.98
CA LEU A 449 -16.39 -18.64 146.12
C LEU A 449 -17.17 -18.67 147.42
N SER A 450 -18.38 -18.14 147.40
CA SER A 450 -19.25 -18.09 148.56
C SER A 450 -19.75 -19.47 148.97
N SER A 451 -19.70 -20.46 148.07
CA SER A 451 -20.04 -21.82 148.44
C SER A 451 -18.85 -22.59 148.99
N MET A 452 -17.65 -22.07 148.84
CA MET A 452 -16.47 -22.63 149.49
C MET A 452 -16.22 -22.01 150.86
N PHE A 453 -17.00 -21.00 151.24
CA PHE A 453 -16.93 -20.47 152.61
C PHE A 453 -17.47 -21.48 153.60
N GLY A 454 -18.69 -21.95 153.38
CA GLY A 454 -19.26 -22.95 154.27
C GLY A 454 -18.69 -24.33 154.09
N ASN A 455 -18.10 -24.61 152.94
CA ASN A 455 -17.46 -25.89 152.72
C ASN A 455 -16.12 -25.99 153.43
N MET A 456 -15.51 -24.85 153.76
CA MET A 456 -14.33 -24.85 154.61
C MET A 456 -14.71 -25.04 156.07
N GLU A 457 -15.93 -24.67 156.44
CA GLU A 457 -16.39 -24.89 157.81
C GLU A 457 -16.69 -26.36 158.07
N GLY A 458 -16.98 -27.12 157.02
CA GLY A 458 -17.20 -28.55 157.18
C GLY A 458 -15.94 -29.34 157.39
N VAL A 459 -14.78 -28.75 157.14
CA VAL A 459 -13.51 -29.43 157.35
C VAL A 459 -12.75 -28.87 158.55
N VAL A 460 -12.83 -27.55 158.79
CA VAL A 460 -12.05 -26.93 159.86
C VAL A 460 -12.62 -27.30 161.23
N VAL A 461 -13.93 -27.24 161.38
CA VAL A 461 -14.60 -27.41 162.68
C VAL A 461 -14.53 -28.85 163.21
N PRO A 462 -14.87 -29.93 162.46
CA PRO A 462 -14.72 -31.27 163.08
C PRO A 462 -13.28 -31.73 163.21
N LEU A 463 -12.34 -31.12 162.49
CA LEU A 463 -10.93 -31.38 162.72
C LEU A 463 -10.38 -30.60 163.90
N GLN A 464 -11.15 -29.64 164.42
CA GLN A 464 -10.80 -28.90 165.61
C GLN A 464 -11.41 -29.48 166.87
N ASP A 465 -12.45 -30.31 166.72
CA ASP A 465 -13.03 -31.05 167.83
C ASP A 465 -12.41 -32.43 168.00
N LEU A 466 -11.52 -32.84 167.10
CA LEU A 466 -10.85 -34.13 167.19
C LEU A 466 -9.61 -34.10 168.06
N ARG A 467 -9.16 -32.91 168.46
CA ARG A 467 -7.96 -32.70 169.29
C ARG A 467 -6.71 -33.31 168.66
N VAL A 468 -6.47 -32.92 167.40
CA VAL A 468 -5.25 -33.33 166.71
C VAL A 468 -4.25 -32.18 166.59
N ILE A 469 -4.68 -30.94 166.77
CA ILE A 469 -3.78 -29.79 166.78
C ILE A 469 -3.65 -29.34 168.23
N PRO A 470 -2.46 -28.98 168.70
CA PRO A 470 -2.31 -28.45 170.07
C PRO A 470 -3.09 -27.17 170.25
N PRO A 471 -3.93 -27.08 171.29
CA PRO A 471 -4.88 -25.97 171.39
C PRO A 471 -4.31 -24.70 171.99
N LYS A 472 -3.11 -24.31 171.57
CA LYS A 472 -2.57 -22.98 171.83
C LYS A 472 -2.15 -22.27 170.56
N TRP A 473 -2.07 -22.96 169.44
CA TRP A 473 -1.83 -22.34 168.15
C TRP A 473 -3.08 -21.55 167.75
N PRO A 474 -2.93 -20.47 166.98
CA PRO A 474 -4.11 -19.69 166.57
C PRO A 474 -4.94 -20.45 165.54
N LYS A 475 -6.15 -19.92 165.30
CA LYS A 475 -7.05 -20.51 164.32
C LYS A 475 -6.52 -20.33 162.90
N GLU A 476 -5.74 -19.28 162.65
CA GLU A 476 -5.21 -18.99 161.33
C GLU A 476 -4.05 -19.88 160.93
N VAL A 477 -3.57 -20.75 161.82
CA VAL A 477 -2.54 -21.73 161.47
C VAL A 477 -3.15 -23.02 160.92
N LEU A 478 -4.21 -23.52 161.55
CA LEU A 478 -4.83 -24.74 161.05
C LEU A 478 -5.44 -24.51 159.67
N THR A 479 -6.18 -23.42 159.51
CA THR A 479 -6.79 -23.12 158.23
C THR A 479 -5.75 -23.16 157.13
N GLY A 480 -4.71 -22.36 157.28
CA GLY A 480 -3.64 -22.32 156.30
C GLY A 480 -3.10 -23.70 156.04
N LEU A 481 -2.92 -24.49 157.11
CA LEU A 481 -2.42 -25.83 156.97
C LEU A 481 -3.28 -26.62 156.00
N ILE A 482 -4.56 -26.74 156.29
CA ILE A 482 -5.49 -27.45 155.41
C ILE A 482 -5.31 -27.01 153.95
N CYS A 483 -5.37 -25.70 153.72
CA CYS A 483 -5.25 -25.11 152.39
C CYS A 483 -4.06 -25.66 151.63
N LEU A 484 -2.88 -25.59 152.24
CA LEU A 484 -1.68 -26.09 151.63
C LEU A 484 -1.85 -27.53 151.17
N GLY A 485 -2.36 -28.37 152.06
CA GLY A 485 -2.56 -29.77 151.74
C GLY A 485 -3.44 -29.96 150.52
N THR A 486 -4.59 -29.30 150.51
CA THR A 486 -5.50 -29.42 149.38
C THR A 486 -4.92 -28.89 148.07
N PHE A 487 -4.12 -27.83 148.15
CA PHE A 487 -3.50 -27.27 146.97
C PHE A 487 -2.46 -28.24 146.43
N LEU A 488 -1.75 -28.91 147.33
CA LEU A 488 -0.74 -29.87 146.92
C LEU A 488 -1.41 -31.12 146.37
N ILE A 489 -2.67 -31.32 146.71
CA ILE A 489 -3.40 -32.47 146.21
C ILE A 489 -4.12 -32.12 144.91
N GLY A 490 -4.22 -30.83 144.61
CA GLY A 490 -4.88 -30.36 143.40
C GLY A 490 -4.02 -30.45 142.15
N PHE A 491 -2.83 -31.02 142.29
CA PHE A 491 -1.89 -31.19 141.19
C PHE A 491 -2.37 -32.24 140.20
N ILE A 492 -3.25 -33.15 140.61
CA ILE A 492 -3.73 -34.22 139.74
C ILE A 492 -4.73 -33.70 138.72
N PHE A 493 -5.26 -32.50 138.91
CA PHE A 493 -6.21 -31.90 137.98
C PHE A 493 -5.56 -30.88 137.05
N THR A 494 -4.23 -30.75 137.10
CA THR A 494 -3.51 -29.87 136.20
C THR A 494 -2.70 -30.64 135.17
N LEU A 495 -2.86 -31.96 135.09
CA LEU A 495 -2.15 -32.74 134.08
C LEU A 495 -2.83 -32.59 132.72
N ASN A 496 -2.35 -33.32 131.72
CA ASN A 496 -3.04 -33.33 130.43
C ASN A 496 -4.35 -34.09 130.53
N SER A 497 -4.37 -35.18 131.29
CA SER A 497 -5.59 -35.94 131.53
C SER A 497 -6.35 -35.45 132.74
N GLY A 498 -6.18 -34.17 133.11
CA GLY A 498 -6.80 -33.63 134.30
C GLY A 498 -8.27 -33.29 134.18
N GLN A 499 -8.83 -33.32 132.97
CA GLN A 499 -10.27 -33.14 132.83
C GLN A 499 -11.01 -34.45 132.94
N TYR A 500 -10.37 -35.57 132.58
CA TYR A 500 -10.98 -36.88 132.78
C TYR A 500 -11.00 -37.29 134.23
N TRP A 501 -10.09 -36.76 135.04
CA TRP A 501 -10.08 -37.04 136.48
C TRP A 501 -11.15 -36.25 137.21
N LEU A 502 -11.49 -35.05 136.72
CA LEU A 502 -12.48 -34.23 137.39
C LEU A 502 -13.90 -34.70 137.09
N SER A 503 -14.16 -35.26 135.92
CA SER A 503 -15.52 -35.73 135.66
C SER A 503 -15.89 -36.89 136.58
N LEU A 504 -15.26 -38.02 136.32
CA LEU A 504 -15.45 -39.25 137.08
C LEU A 504 -15.58 -38.94 138.56
N LEU A 505 -14.48 -38.47 139.14
CA LEU A 505 -14.42 -38.10 140.55
C LEU A 505 -15.66 -37.31 140.91
N ASP A 506 -15.85 -36.20 140.21
CA ASP A 506 -17.01 -35.33 140.40
C ASP A 506 -18.26 -36.16 140.59
N SER A 507 -18.79 -36.65 139.48
CA SER A 507 -19.99 -37.47 139.49
C SER A 507 -20.08 -38.43 140.68
N TYR A 508 -19.09 -39.31 140.82
CA TYR A 508 -19.16 -40.28 141.91
C TYR A 508 -19.21 -39.71 143.32
N ALA A 509 -18.24 -38.88 143.68
CA ALA A 509 -18.17 -38.31 145.01
C ALA A 509 -19.25 -37.27 145.22
N GLY A 510 -20.06 -37.02 144.19
CA GLY A 510 -21.10 -36.03 144.29
C GLY A 510 -22.48 -36.67 144.29
N SER A 511 -22.52 -37.95 143.95
CA SER A 511 -23.80 -38.65 143.93
C SER A 511 -23.97 -39.59 145.09
N ILE A 512 -23.05 -40.54 145.22
CA ILE A 512 -23.14 -41.51 146.29
C ILE A 512 -23.11 -40.88 147.68
N PRO A 513 -21.97 -40.37 148.10
CA PRO A 513 -21.82 -39.72 149.41
C PRO A 513 -22.98 -38.84 149.94
N LEU A 514 -23.78 -38.19 149.09
CA LEU A 514 -24.85 -37.33 149.62
C LEU A 514 -26.02 -38.06 150.31
N LEU A 515 -26.61 -38.97 149.54
CA LEU A 515 -27.73 -39.84 149.86
C LEU A 515 -27.54 -40.60 151.19
N ILE A 516 -26.45 -41.36 151.29
CA ILE A 516 -26.27 -42.12 152.55
C ILE A 516 -26.35 -41.29 153.85
N ILE A 517 -25.53 -40.26 153.93
CA ILE A 517 -25.49 -39.42 155.12
C ILE A 517 -26.81 -38.70 155.37
N ALA A 518 -27.49 -38.32 154.29
CA ALA A 518 -28.75 -37.61 154.40
C ALA A 518 -29.74 -38.54 155.06
N PHE A 519 -29.71 -39.81 154.68
CA PHE A 519 -30.62 -40.76 155.30
C PHE A 519 -30.25 -41.05 156.76
N CYS A 520 -28.96 -41.06 157.08
CA CYS A 520 -28.57 -41.34 158.48
C CYS A 520 -28.93 -40.24 159.50
N GLU A 521 -29.07 -39.01 159.02
CA GLU A 521 -29.43 -37.83 159.80
C GLU A 521 -30.92 -37.79 160.10
N MET A 522 -31.74 -38.28 159.17
CA MET A 522 -33.18 -38.31 159.39
C MET A 522 -33.58 -39.47 160.30
N PHE A 523 -32.83 -40.56 160.26
CA PHE A 523 -33.17 -41.73 161.06
C PHE A 523 -32.77 -41.54 162.52
N SER A 524 -31.56 -41.03 162.76
CA SER A 524 -31.01 -40.97 164.11
C SER A 524 -31.64 -39.89 164.98
N VAL A 525 -32.34 -38.93 164.39
CA VAL A 525 -33.02 -37.92 165.19
C VAL A 525 -34.40 -38.40 165.64
N VAL A 526 -35.16 -39.03 164.75
CA VAL A 526 -36.53 -39.40 165.08
C VAL A 526 -36.67 -40.83 165.59
N TYR A 527 -35.58 -41.59 165.64
CA TYR A 527 -35.67 -42.96 166.14
C TYR A 527 -34.58 -43.36 167.13
N VAL A 528 -33.53 -42.57 167.30
CA VAL A 528 -32.52 -42.81 168.33
C VAL A 528 -32.56 -41.72 169.39
N TYR A 529 -32.57 -40.45 168.97
CA TYR A 529 -32.84 -39.36 169.89
C TYR A 529 -34.30 -39.40 170.35
N GLY A 530 -35.22 -39.32 169.40
CA GLY A 530 -36.64 -39.37 169.70
C GLY A 530 -37.36 -38.16 169.16
N VAL A 531 -38.38 -38.39 168.33
CA VAL A 531 -39.13 -37.27 167.77
C VAL A 531 -40.06 -36.64 168.80
N ASP A 532 -40.55 -37.41 169.77
CA ASP A 532 -41.39 -36.86 170.81
C ASP A 532 -40.61 -36.06 171.84
N ARG A 533 -39.34 -36.41 172.07
CA ARG A 533 -38.46 -35.54 172.85
C ARG A 533 -38.07 -34.30 172.07
N PHE A 534 -37.90 -34.45 170.75
CA PHE A 534 -37.52 -33.35 169.88
C PHE A 534 -38.60 -32.28 169.77
N ASN A 535 -39.87 -32.65 169.93
CA ASN A 535 -40.94 -31.66 169.91
C ASN A 535 -40.99 -30.81 171.17
N LYS A 536 -40.46 -31.31 172.29
CA LYS A 536 -40.34 -30.48 173.47
C LYS A 536 -39.24 -29.44 173.31
N ASP A 537 -38.24 -29.72 172.47
CA ASP A 537 -37.15 -28.78 172.24
C ASP A 537 -37.59 -27.66 171.29
N ILE A 538 -38.47 -27.96 170.35
CA ILE A 538 -38.95 -26.94 169.44
C ILE A 538 -39.95 -26.02 170.15
N GLU A 539 -40.76 -26.58 171.04
CA GLU A 539 -41.73 -25.78 171.77
C GLU A 539 -41.06 -24.85 172.77
N PHE A 540 -39.88 -25.21 173.27
CA PHE A 540 -39.16 -24.31 174.17
C PHE A 540 -38.51 -23.16 173.41
N MET A 541 -38.02 -23.43 172.20
CA MET A 541 -37.24 -22.43 171.48
C MET A 541 -38.12 -21.45 170.72
N ILE A 542 -38.96 -21.93 169.82
CA ILE A 542 -39.71 -21.05 168.94
C ILE A 542 -41.11 -20.73 169.47
N GLY A 543 -41.64 -21.47 170.43
CA GLY A 543 -42.88 -21.13 171.08
C GLY A 543 -44.03 -22.09 170.86
N HIS A 544 -43.91 -23.02 169.91
CA HIS A 544 -44.99 -23.97 169.64
C HIS A 544 -44.40 -25.25 169.07
N LYS A 545 -45.26 -26.24 168.91
CA LYS A 545 -44.85 -27.51 168.33
C LYS A 545 -44.86 -27.40 166.81
N PRO A 546 -44.15 -28.29 166.11
CA PRO A 546 -44.26 -28.34 164.64
C PRO A 546 -45.65 -28.77 164.20
N ASN A 547 -46.02 -28.37 162.99
CA ASN A 547 -47.37 -28.60 162.47
C ASN A 547 -47.54 -30.06 162.07
N ILE A 548 -48.71 -30.38 161.51
CA ILE A 548 -48.96 -31.74 161.07
C ILE A 548 -48.22 -32.05 159.77
N PHE A 549 -47.78 -31.03 159.03
CA PHE A 549 -47.00 -31.28 157.82
C PHE A 549 -45.58 -31.75 158.17
N TRP A 550 -45.01 -31.22 159.26
CA TRP A 550 -43.68 -31.64 159.67
C TRP A 550 -43.70 -33.00 160.33
N GLN A 551 -44.85 -33.45 160.82
CA GLN A 551 -44.90 -34.72 161.53
C GLN A 551 -44.95 -35.91 160.58
N VAL A 552 -45.66 -35.78 159.45
CA VAL A 552 -45.79 -36.90 158.52
C VAL A 552 -44.51 -37.09 157.72
N THR A 553 -43.85 -35.99 157.34
CA THR A 553 -42.64 -36.09 156.54
C THR A 553 -41.45 -36.59 157.35
N TRP A 554 -41.40 -36.28 158.65
CA TRP A 554 -40.27 -36.70 159.46
C TRP A 554 -40.32 -38.19 159.74
N ARG A 555 -41.49 -38.70 160.13
CA ARG A 555 -41.59 -40.08 160.57
C ARG A 555 -41.83 -41.06 159.43
N VAL A 556 -42.70 -40.73 158.49
CA VAL A 556 -43.21 -41.69 157.52
C VAL A 556 -42.67 -41.41 156.12
N VAL A 557 -42.87 -40.20 155.60
CA VAL A 557 -42.74 -39.97 154.17
C VAL A 557 -41.28 -39.90 153.75
N SER A 558 -40.55 -38.88 154.21
CA SER A 558 -39.18 -38.66 153.73
C SER A 558 -38.14 -39.70 154.11
N PRO A 559 -38.30 -40.46 155.18
CA PRO A 559 -37.33 -41.50 155.46
C PRO A 559 -37.46 -42.55 154.36
N LEU A 560 -38.68 -42.71 153.88
CA LEU A 560 -39.02 -43.68 152.83
C LEU A 560 -38.55 -43.30 151.43
N LEU A 561 -38.77 -42.05 151.02
CA LEU A 561 -38.34 -41.62 149.70
C LEU A 561 -36.84 -41.76 149.59
N MET A 562 -36.13 -41.46 150.68
CA MET A 562 -34.69 -41.57 150.69
C MET A 562 -34.36 -43.05 150.63
N LEU A 563 -34.95 -43.83 151.51
CA LEU A 563 -34.70 -45.27 151.51
C LEU A 563 -34.95 -45.88 150.13
N ILE A 564 -35.67 -45.15 149.28
CA ILE A 564 -35.98 -45.62 147.93
C ILE A 564 -34.87 -45.18 146.96
N ILE A 565 -34.68 -43.88 146.82
CA ILE A 565 -33.66 -43.35 145.94
C ILE A 565 -32.34 -44.09 146.13
N PHE A 566 -32.21 -44.77 147.26
CA PHE A 566 -31.03 -45.55 147.59
C PHE A 566 -31.03 -46.90 146.87
N LEU A 567 -32.21 -47.45 146.60
CA LEU A 567 -32.28 -48.67 145.79
C LEU A 567 -32.15 -48.37 144.31
N PHE A 568 -32.48 -47.15 143.87
CA PHE A 568 -32.34 -46.80 142.47
C PHE A 568 -30.90 -46.59 142.06
N PHE A 569 -30.00 -46.41 143.03
CA PHE A 569 -28.58 -46.27 142.70
C PHE A 569 -27.98 -47.59 142.24
N PHE A 570 -28.36 -48.70 142.87
CA PHE A 570 -27.83 -49.99 142.50
C PHE A 570 -28.54 -50.60 141.30
N VAL A 571 -29.74 -50.12 140.97
CA VAL A 571 -30.42 -50.54 139.76
C VAL A 571 -29.73 -49.96 138.52
N VAL A 572 -29.18 -48.75 138.62
CA VAL A 572 -28.52 -48.12 137.47
C VAL A 572 -27.00 -48.19 137.53
N GLU A 573 -26.40 -48.57 138.65
CA GLU A 573 -24.97 -48.85 138.65
C GLU A 573 -24.70 -50.13 137.88
N VAL A 574 -25.42 -51.20 138.20
CA VAL A 574 -25.50 -52.36 137.33
C VAL A 574 -26.38 -52.00 136.14
N SER A 575 -26.23 -52.76 135.04
CA SER A 575 -26.96 -52.58 133.78
C SER A 575 -26.66 -51.22 133.13
N GLN A 576 -25.41 -50.80 133.23
CA GLN A 576 -24.87 -49.69 132.45
C GLN A 576 -23.39 -49.94 132.26
N GLU A 577 -22.82 -49.28 131.26
CA GLU A 577 -21.40 -49.42 130.94
C GLU A 577 -20.70 -48.10 131.23
N LEU A 578 -19.59 -48.17 131.96
CA LEU A 578 -18.84 -46.97 132.31
C LEU A 578 -18.12 -46.44 131.08
N THR A 579 -18.65 -45.36 130.51
CA THR A 579 -18.07 -44.72 129.34
C THR A 579 -17.79 -43.26 129.66
N TYR A 580 -16.83 -42.70 128.94
CA TYR A 580 -16.46 -41.29 129.06
C TYR A 580 -16.01 -40.79 127.70
N SER A 581 -16.11 -39.47 127.52
CA SER A 581 -15.86 -38.86 126.23
C SER A 581 -14.37 -38.59 126.01
N ILE A 582 -13.96 -38.69 124.75
CA ILE A 582 -12.56 -38.62 124.35
C ILE A 582 -12.44 -37.59 123.23
N TRP A 583 -11.44 -36.72 123.32
CA TRP A 583 -11.30 -35.70 122.27
C TRP A 583 -10.70 -36.30 121.00
N ASP A 584 -9.44 -36.75 121.06
CA ASP A 584 -8.74 -37.52 120.02
C ASP A 584 -8.76 -36.90 118.63
N PRO A 585 -7.94 -35.87 118.35
CA PRO A 585 -7.92 -35.24 117.02
C PRO A 585 -7.18 -36.04 115.94
N GLY A 586 -7.40 -37.34 115.90
CA GLY A 586 -6.95 -38.21 114.82
C GLY A 586 -8.05 -39.20 114.50
N TYR A 587 -9.11 -39.13 115.29
CA TYR A 587 -10.26 -40.00 115.13
C TYR A 587 -11.13 -39.51 113.99
N GLU A 588 -11.44 -40.42 113.07
CA GLU A 588 -12.35 -40.11 111.97
C GLU A 588 -13.74 -39.82 112.50
N GLU A 589 -14.50 -39.02 111.74
CA GLU A 589 -15.71 -38.34 112.20
C GLU A 589 -15.43 -37.58 113.49
N PHE A 590 -14.55 -36.57 113.37
CA PHE A 590 -13.90 -35.99 114.55
C PHE A 590 -14.84 -35.23 115.48
N PRO A 591 -15.55 -34.15 115.05
CA PRO A 591 -16.14 -33.25 116.06
C PRO A 591 -17.31 -33.83 116.84
N LYS A 592 -17.89 -34.96 116.43
CA LYS A 592 -18.91 -35.59 117.23
C LYS A 592 -18.28 -36.39 118.37
N SER A 593 -19.12 -36.85 119.28
CA SER A 593 -18.66 -37.45 120.53
C SER A 593 -18.20 -38.88 120.32
N GLN A 594 -17.10 -39.24 120.98
CA GLN A 594 -16.60 -40.61 121.00
C GLN A 594 -16.52 -41.07 122.45
N LYS A 595 -17.14 -42.20 122.74
CA LYS A 595 -17.18 -42.75 124.09
C LYS A 595 -16.44 -44.07 124.13
N ILE A 596 -15.41 -44.16 124.96
CA ILE A 596 -14.69 -45.40 125.19
C ILE A 596 -14.88 -45.80 126.65
N SER A 597 -14.48 -47.02 126.97
CA SER A 597 -14.65 -47.57 128.30
C SER A 597 -13.45 -47.24 129.19
N TYR A 598 -13.71 -47.18 130.49
CA TYR A 598 -12.68 -46.89 131.47
C TYR A 598 -11.70 -48.05 131.58
N PRO A 599 -10.49 -47.80 132.08
CA PRO A 599 -9.59 -48.91 132.44
C PRO A 599 -10.11 -49.67 133.65
N ASN A 600 -9.40 -50.74 133.98
CA ASN A 600 -9.83 -51.62 135.06
C ASN A 600 -9.37 -51.14 136.43
N TRP A 601 -8.40 -50.23 136.49
CA TRP A 601 -7.99 -49.70 137.79
C TRP A 601 -8.83 -48.51 138.23
N VAL A 602 -9.89 -48.18 137.50
CA VAL A 602 -10.73 -47.05 137.92
C VAL A 602 -11.67 -47.46 139.04
N TYR A 603 -11.86 -48.77 139.24
CA TYR A 603 -12.70 -49.22 140.34
C TYR A 603 -12.04 -49.01 141.69
N VAL A 604 -10.72 -48.90 141.69
CA VAL A 604 -9.99 -48.65 142.92
C VAL A 604 -10.27 -47.21 143.31
N VAL A 605 -10.25 -46.32 142.33
CA VAL A 605 -10.53 -44.91 142.57
C VAL A 605 -11.97 -44.73 142.97
N VAL A 606 -12.88 -45.27 142.17
CA VAL A 606 -14.30 -45.15 142.49
C VAL A 606 -14.50 -45.68 143.90
N VAL A 607 -14.00 -46.90 144.13
CA VAL A 607 -14.09 -47.53 145.45
C VAL A 607 -13.69 -46.52 146.50
N ILE A 608 -12.45 -46.05 146.51
CA ILE A 608 -12.04 -45.09 147.51
C ILE A 608 -13.03 -43.92 147.65
N VAL A 609 -13.18 -43.14 146.58
CA VAL A 609 -14.05 -41.96 146.59
C VAL A 609 -15.51 -42.12 147.00
N ALA A 610 -16.07 -43.34 146.92
CA ALA A 610 -17.47 -43.50 147.29
C ALA A 610 -17.67 -44.59 148.32
N GLY A 611 -16.55 -45.05 148.87
CA GLY A 611 -16.53 -46.11 149.85
C GLY A 611 -16.08 -45.47 151.14
N VAL A 612 -14.78 -45.23 151.28
CA VAL A 612 -14.39 -44.58 152.52
C VAL A 612 -15.59 -43.95 153.18
N PRO A 613 -16.20 -42.90 152.64
CA PRO A 613 -17.39 -42.31 153.27
C PRO A 613 -18.38 -43.29 153.95
N SER A 614 -19.08 -44.11 153.18
CA SER A 614 -20.08 -45.06 153.69
C SER A 614 -19.52 -46.09 154.67
N LEU A 615 -18.41 -46.71 154.28
CA LEU A 615 -17.81 -47.72 155.13
C LEU A 615 -17.37 -47.09 156.45
N THR A 616 -17.45 -45.77 156.52
CA THR A 616 -17.04 -45.05 157.73
C THR A 616 -18.08 -45.19 158.83
N ILE A 617 -19.35 -44.98 158.50
CA ILE A 617 -20.40 -45.08 159.50
C ILE A 617 -20.40 -46.47 160.12
N PRO A 618 -20.76 -47.50 159.27
CA PRO A 618 -20.72 -48.83 159.90
C PRO A 618 -19.35 -49.10 160.49
N GLY A 619 -18.30 -48.60 159.86
CA GLY A 619 -16.96 -48.82 160.38
C GLY A 619 -16.87 -48.47 161.85
N TYR A 620 -17.06 -47.20 162.16
CA TYR A 620 -16.98 -46.74 163.54
C TYR A 620 -17.99 -47.41 164.45
N ALA A 621 -19.20 -47.66 163.94
CA ALA A 621 -20.19 -48.30 164.79
C ALA A 621 -19.60 -49.62 165.27
N ILE A 622 -19.14 -50.43 164.32
CA ILE A 622 -18.54 -51.72 164.64
C ILE A 622 -17.41 -51.52 165.63
N TYR A 623 -16.50 -50.62 165.34
CA TYR A 623 -15.39 -50.36 166.25
C TYR A 623 -15.86 -50.19 167.69
N LYS A 624 -16.80 -49.27 167.92
CA LYS A 624 -17.31 -49.02 169.27
C LYS A 624 -18.02 -50.22 169.91
N LEU A 625 -18.88 -50.88 169.13
CA LEU A 625 -19.59 -52.03 169.66
C LEU A 625 -18.61 -53.13 170.04
N ILE A 626 -17.46 -53.16 169.36
CA ILE A 626 -16.43 -54.15 169.62
C ILE A 626 -15.78 -53.77 170.92
N ARG A 627 -15.37 -52.51 171.03
CA ARG A 627 -14.76 -52.01 172.27
C ARG A 627 -15.69 -52.38 173.41
N ASN A 628 -16.96 -52.56 173.08
CA ASN A 628 -17.95 -52.98 174.07
C ASN A 628 -17.75 -54.47 174.33
N HIS A 629 -18.31 -55.30 173.45
CA HIS A 629 -18.19 -56.75 173.55
C HIS A 629 -18.29 -57.27 174.97
N ILE B 33 -66.01 -12.86 35.11
CA ILE B 33 -66.30 -14.18 34.60
C ILE B 33 -64.98 -14.77 34.11
N GLU B 34 -64.92 -16.09 34.01
CA GLU B 34 -63.67 -16.79 33.79
C GLU B 34 -63.18 -16.63 32.36
N GLU B 35 -64.09 -16.49 31.40
CA GLU B 35 -63.66 -16.43 30.00
C GLU B 35 -63.04 -15.08 29.67
N GLN B 36 -63.25 -14.11 30.57
CA GLN B 36 -62.66 -12.80 30.42
C GLN B 36 -61.18 -12.86 30.83
N ALA B 37 -60.84 -13.79 31.73
CA ALA B 37 -59.47 -13.93 32.16
C ALA B 37 -58.62 -14.63 31.13
N LYS B 38 -59.22 -15.56 30.36
CA LYS B 38 -58.48 -16.23 29.30
C LYS B 38 -58.11 -15.24 28.20
N THR B 39 -59.06 -14.37 27.83
CA THR B 39 -58.76 -13.35 26.85
C THR B 39 -57.83 -12.28 27.40
N PHE B 40 -57.73 -12.15 28.72
CA PHE B 40 -56.75 -11.23 29.26
C PHE B 40 -55.34 -11.78 29.09
N LEU B 41 -55.16 -13.08 29.34
CA LEU B 41 -53.82 -13.63 29.35
C LEU B 41 -53.22 -13.79 27.96
N ASP B 42 -54.07 -13.93 26.95
CA ASP B 42 -53.59 -14.09 25.57
C ASP B 42 -52.99 -12.79 25.06
N LYS B 43 -53.54 -11.68 25.55
CA LYS B 43 -53.08 -10.36 25.19
C LYS B 43 -51.74 -10.19 25.91
N PHE B 44 -51.66 -10.73 27.13
CA PHE B 44 -50.44 -10.69 27.92
C PHE B 44 -49.36 -11.59 27.32
N ASN B 45 -49.74 -12.78 26.87
CA ASN B 45 -48.75 -13.74 26.39
C ASN B 45 -48.10 -13.36 25.07
N HIS B 46 -48.64 -12.35 24.41
CA HIS B 46 -48.11 -11.89 23.13
C HIS B 46 -47.27 -10.64 23.32
N GLU B 47 -47.65 -9.78 24.26
CA GLU B 47 -46.90 -8.56 24.49
C GLU B 47 -45.69 -8.83 25.37
N ALA B 48 -45.77 -9.83 26.24
CA ALA B 48 -44.67 -10.15 27.12
C ALA B 48 -43.52 -10.83 26.41
N GLU B 49 -43.80 -11.74 25.47
CA GLU B 49 -42.75 -12.55 24.86
C GLU B 49 -41.82 -11.70 24.02
N ASP B 50 -42.33 -10.62 23.44
CA ASP B 50 -41.49 -9.73 22.67
C ASP B 50 -40.74 -8.76 23.59
N LEU B 51 -41.40 -8.24 24.61
CA LEU B 51 -40.73 -7.29 25.49
C LEU B 51 -39.72 -7.97 26.40
N PHE B 52 -39.94 -9.23 26.76
CA PHE B 52 -38.92 -9.99 27.47
C PHE B 52 -37.75 -10.36 26.57
N TYR B 53 -37.98 -10.44 25.26
CA TYR B 53 -36.91 -10.83 24.35
C TYR B 53 -35.85 -9.76 24.25
N GLN B 54 -36.27 -8.58 23.82
CA GLN B 54 -35.40 -7.43 23.67
C GLN B 54 -34.73 -7.08 24.99
N SER B 55 -35.47 -7.18 26.10
CA SER B 55 -34.89 -6.85 27.38
C SER B 55 -33.84 -7.88 27.79
N SER B 56 -33.91 -9.07 27.23
CA SER B 56 -32.88 -10.06 27.48
C SER B 56 -31.83 -10.10 26.38
N LEU B 57 -32.16 -9.63 25.18
CA LEU B 57 -31.15 -9.53 24.14
C LEU B 57 -30.17 -8.41 24.42
N ALA B 58 -30.65 -7.30 24.97
CA ALA B 58 -29.76 -6.22 25.34
C ALA B 58 -28.90 -6.59 26.53
N SER B 59 -29.35 -7.50 27.39
CA SER B 59 -28.51 -7.99 28.46
C SER B 59 -27.46 -8.97 27.96
N TRP B 60 -27.64 -9.53 26.76
CA TRP B 60 -26.60 -10.37 26.19
C TRP B 60 -25.47 -9.52 25.63
N ASN B 61 -25.82 -8.42 24.97
CA ASN B 61 -24.79 -7.59 24.33
C ASN B 61 -23.95 -6.86 25.36
N TYR B 62 -24.50 -6.60 26.54
CA TYR B 62 -23.67 -6.07 27.62
C TYR B 62 -22.78 -7.15 28.19
N ASN B 63 -23.28 -8.38 28.30
CA ASN B 63 -22.51 -9.42 28.97
C ASN B 63 -21.38 -9.94 28.12
N THR B 64 -21.45 -9.81 26.81
CA THR B 64 -20.39 -10.40 26.00
C THR B 64 -19.48 -9.36 25.38
N ASN B 65 -19.76 -8.07 25.57
CA ASN B 65 -18.97 -6.97 25.02
C ASN B 65 -19.30 -5.76 25.90
N ILE B 66 -18.42 -5.46 26.86
CA ILE B 66 -18.74 -4.42 27.82
C ILE B 66 -18.24 -3.07 27.32
N THR B 67 -19.17 -2.13 27.17
CA THR B 67 -18.90 -0.70 27.06
C THR B 67 -19.68 -0.05 28.19
N GLU B 68 -19.83 1.26 28.15
CA GLU B 68 -20.90 1.87 28.93
C GLU B 68 -22.05 2.27 28.02
N GLU B 69 -21.81 2.34 26.71
CA GLU B 69 -22.93 2.52 25.79
C GLU B 69 -23.71 1.24 25.58
N ASN B 70 -23.32 0.15 26.24
CA ASN B 70 -24.17 -1.01 26.38
C ASN B 70 -24.85 -1.10 27.73
N VAL B 71 -24.28 -0.50 28.78
CA VAL B 71 -24.95 -0.53 30.08
C VAL B 71 -26.15 0.39 30.08
N GLN B 72 -26.01 1.55 29.45
CA GLN B 72 -27.15 2.42 29.25
C GLN B 72 -28.10 1.86 28.20
N ASN B 73 -27.62 0.96 27.35
CA ASN B 73 -28.49 0.31 26.40
C ASN B 73 -29.34 -0.77 27.06
N MET B 74 -28.91 -1.31 28.20
CA MET B 74 -29.67 -2.35 28.86
C MET B 74 -30.42 -1.86 30.08
N ASN B 75 -30.14 -0.65 30.56
CA ASN B 75 -30.90 -0.14 31.69
C ASN B 75 -32.23 0.46 31.28
N ASN B 76 -32.31 1.09 30.11
CA ASN B 76 -33.59 1.58 29.65
C ASN B 76 -34.42 0.46 29.06
N ALA B 77 -33.77 -0.49 28.38
CA ALA B 77 -34.49 -1.66 27.88
C ALA B 77 -34.83 -2.63 28.99
N GLY B 78 -34.14 -2.56 30.11
CA GLY B 78 -34.52 -3.38 31.25
C GLY B 78 -35.68 -2.79 32.03
N ASP B 79 -35.77 -1.47 32.07
CA ASP B 79 -36.85 -0.82 32.80
C ASP B 79 -38.15 -0.80 32.02
N LYS B 80 -38.11 -0.88 30.69
CA LYS B 80 -39.36 -1.03 29.94
C LYS B 80 -40.01 -2.38 30.18
N TRP B 81 -39.22 -3.40 30.54
CA TRP B 81 -39.81 -4.67 30.92
C TRP B 81 -40.40 -4.61 32.32
N SER B 82 -39.75 -3.88 33.23
CA SER B 82 -40.23 -3.85 34.60
C SER B 82 -41.41 -2.91 34.76
N ALA B 83 -41.44 -1.82 34.00
CA ALA B 83 -42.59 -0.92 34.08
C ALA B 83 -43.82 -1.53 33.41
N PHE B 84 -43.61 -2.39 32.42
CA PHE B 84 -44.73 -3.06 31.77
C PHE B 84 -45.38 -4.08 32.68
N LEU B 85 -44.58 -4.73 33.54
CA LEU B 85 -45.12 -5.82 34.33
C LEU B 85 -45.93 -5.30 35.51
N LYS B 86 -45.59 -4.15 36.06
CA LYS B 86 -46.42 -3.58 37.12
C LYS B 86 -47.70 -2.98 36.58
N GLU B 87 -47.75 -2.67 35.28
CA GLU B 87 -48.98 -2.18 34.70
C GLU B 87 -49.96 -3.33 34.48
N GLN B 88 -49.47 -4.48 34.06
CA GLN B 88 -50.34 -5.63 33.93
C GLN B 88 -50.65 -6.27 35.27
N SER B 89 -49.80 -6.06 36.28
CA SER B 89 -50.10 -6.57 37.60
C SER B 89 -51.27 -5.83 38.23
N THR B 90 -51.36 -4.52 38.04
CA THR B 90 -52.47 -3.78 38.62
C THR B 90 -53.73 -3.94 37.79
N LEU B 91 -53.63 -4.47 36.57
CA LEU B 91 -54.81 -4.86 35.83
C LEU B 91 -55.32 -6.22 36.23
N ALA B 92 -54.49 -7.06 36.84
CA ALA B 92 -54.89 -8.41 37.17
C ALA B 92 -55.78 -8.50 38.40
N GLN B 93 -55.84 -7.45 39.23
CA GLN B 93 -56.73 -7.55 40.38
C GLN B 93 -58.16 -7.19 40.03
N MET B 94 -58.42 -6.96 38.75
CA MET B 94 -59.75 -6.71 38.27
C MET B 94 -60.50 -8.04 38.28
N TYR B 95 -59.77 -9.14 38.06
CA TYR B 95 -60.39 -10.45 38.08
C TYR B 95 -60.22 -11.08 39.45
N PRO B 96 -61.30 -11.56 40.06
CA PRO B 96 -61.17 -12.34 41.29
C PRO B 96 -60.50 -13.68 41.01
N LEU B 97 -60.03 -14.30 42.08
CA LEU B 97 -59.17 -15.47 41.94
C LEU B 97 -59.89 -16.77 42.29
N GLN B 98 -60.95 -16.69 43.09
CA GLN B 98 -61.65 -17.89 43.53
C GLN B 98 -62.87 -18.17 42.67
N GLU B 99 -63.10 -17.40 41.62
CA GLU B 99 -64.20 -17.64 40.70
C GLU B 99 -63.68 -18.31 39.44
N ILE B 100 -62.57 -19.03 39.56
CA ILE B 100 -61.89 -19.65 38.44
C ILE B 100 -61.89 -21.15 38.67
N GLN B 101 -62.00 -21.92 37.59
CA GLN B 101 -62.10 -23.38 37.75
C GLN B 101 -60.92 -24.12 37.13
N ASN B 102 -60.48 -23.71 35.94
CA ASN B 102 -59.34 -24.34 35.28
C ASN B 102 -58.07 -24.10 36.07
N LEU B 103 -57.30 -25.15 36.34
CA LEU B 103 -56.14 -25.06 37.20
C LEU B 103 -55.00 -24.30 36.53
N THR B 104 -54.91 -24.39 35.20
CA THR B 104 -53.82 -23.73 34.50
C THR B 104 -53.98 -22.23 34.48
N VAL B 105 -55.18 -21.74 34.15
CA VAL B 105 -55.43 -20.31 34.14
C VAL B 105 -55.50 -19.73 35.55
N LYS B 106 -55.70 -20.55 36.57
CA LYS B 106 -55.58 -20.06 37.93
C LYS B 106 -54.11 -19.90 38.32
N LEU B 107 -53.25 -20.81 37.86
CA LEU B 107 -51.84 -20.74 38.21
C LEU B 107 -51.16 -19.55 37.55
N GLN B 108 -51.55 -19.21 36.33
CA GLN B 108 -51.00 -18.03 35.68
C GLN B 108 -51.49 -16.75 36.34
N LEU B 109 -52.70 -16.76 36.88
CA LEU B 109 -53.25 -15.54 37.45
C LEU B 109 -52.63 -15.25 38.80
N GLN B 110 -52.31 -16.28 39.58
CA GLN B 110 -51.78 -16.04 40.92
C GLN B 110 -50.33 -15.58 40.86
N ALA B 111 -49.58 -16.01 39.85
CA ALA B 111 -48.19 -15.59 39.71
C ALA B 111 -48.07 -14.16 39.19
N LEU B 112 -49.12 -13.62 38.59
CA LEU B 112 -49.12 -12.25 38.10
C LEU B 112 -49.79 -11.28 39.05
N GLN B 113 -50.70 -11.76 39.89
CA GLN B 113 -51.46 -10.89 40.77
C GLN B 113 -50.64 -10.52 42.00
N GLN B 114 -49.51 -11.20 42.19
CA GLN B 114 -48.67 -11.09 43.38
C GLN B 114 -48.14 -9.68 43.60
N ASN B 115 -48.57 -9.07 44.71
CA ASN B 115 -48.18 -7.69 45.01
C ASN B 115 -46.73 -7.52 45.43
N GLY B 116 -46.22 -8.45 46.23
CA GLY B 116 -44.84 -8.35 46.69
C GLY B 116 -44.68 -7.01 47.38
N SER B 117 -43.71 -6.23 46.95
CA SER B 117 -43.50 -4.91 47.53
C SER B 117 -44.65 -4.04 47.08
N SER B 118 -44.56 -2.73 47.32
CA SER B 118 -45.61 -1.81 46.93
C SER B 118 -46.83 -1.90 47.84
N VAL B 119 -46.76 -2.76 48.86
CA VAL B 119 -47.85 -2.90 49.81
C VAL B 119 -47.53 -2.00 50.99
N LEU B 120 -46.28 -1.56 51.02
CA LEU B 120 -45.77 -0.67 52.05
C LEU B 120 -46.10 0.77 51.72
N SER B 121 -45.93 1.64 52.72
CA SER B 121 -45.97 3.07 52.48
C SER B 121 -44.78 3.49 51.62
N GLU B 122 -44.98 4.55 50.83
CA GLU B 122 -44.03 4.89 49.78
C GLU B 122 -42.72 5.46 50.34
N ASP B 123 -42.69 5.91 51.58
CA ASP B 123 -41.46 6.28 52.27
C ASP B 123 -40.82 5.10 52.99
N LYS B 124 -41.58 4.05 53.29
CA LYS B 124 -40.99 2.82 53.80
C LYS B 124 -40.44 1.95 52.68
N SER B 125 -40.98 2.10 51.47
CA SER B 125 -40.49 1.34 50.33
C SER B 125 -39.14 1.83 49.86
N LYS B 126 -38.85 3.12 49.99
CA LYS B 126 -37.54 3.64 49.64
C LYS B 126 -36.53 3.48 50.77
N ARG B 127 -36.99 3.30 52.00
CA ARG B 127 -36.09 2.97 53.10
C ARG B 127 -35.60 1.53 52.99
N LEU B 128 -36.44 0.62 52.48
CA LEU B 128 -36.04 -0.77 52.34
C LEU B 128 -35.02 -0.95 51.23
N ASN B 129 -35.17 -0.21 50.12
CA ASN B 129 -34.20 -0.30 49.04
C ASN B 129 -32.88 0.37 49.38
N THR B 130 -32.89 1.33 50.31
CA THR B 130 -31.64 1.93 50.77
C THR B 130 -30.85 0.97 51.65
N ILE B 131 -31.56 0.18 52.47
CA ILE B 131 -30.90 -0.81 53.31
C ILE B 131 -30.30 -1.93 52.47
N LEU B 132 -31.04 -2.40 51.46
CA LEU B 132 -30.57 -3.49 50.62
C LEU B 132 -29.40 -3.07 49.74
N ASN B 133 -29.32 -1.79 49.39
CA ASN B 133 -28.16 -1.31 48.65
C ASN B 133 -26.96 -1.08 49.56
N THR B 134 -27.20 -0.69 50.82
CA THR B 134 -26.10 -0.44 51.73
C THR B 134 -25.47 -1.75 52.21
N MET B 135 -26.30 -2.76 52.48
CA MET B 135 -25.78 -4.05 52.90
C MET B 135 -25.05 -4.77 51.77
N SER B 136 -25.46 -4.54 50.53
CA SER B 136 -24.79 -5.17 49.41
C SER B 136 -23.44 -4.54 49.09
N THR B 137 -23.27 -3.24 49.32
CA THR B 137 -21.99 -2.60 49.03
C THR B 137 -21.01 -2.69 50.19
N ILE B 138 -21.47 -3.00 51.41
CA ILE B 138 -20.55 -3.29 52.49
C ILE B 138 -19.88 -4.63 52.27
N TYR B 139 -20.64 -5.61 51.76
CA TYR B 139 -20.11 -6.96 51.56
C TYR B 139 -19.10 -7.00 50.43
N SER B 140 -19.30 -6.19 49.41
CA SER B 140 -18.39 -6.19 48.26
C SER B 140 -17.22 -5.22 48.34
N THR B 141 -17.31 -4.27 49.26
CA THR B 141 -16.24 -3.31 49.48
C THR B 141 -15.82 -3.26 50.95
N GLY B 142 -15.20 -4.32 51.43
CA GLY B 142 -14.72 -4.41 52.81
C GLY B 142 -13.22 -4.53 52.78
N LYS B 143 -12.54 -3.72 53.58
CA LYS B 143 -11.10 -3.78 53.67
C LYS B 143 -10.67 -4.30 55.04
N VAL B 144 -9.72 -5.22 55.04
CA VAL B 144 -9.20 -5.79 56.27
C VAL B 144 -7.73 -5.37 56.37
N CYS B 145 -7.39 -4.85 57.54
CA CYS B 145 -6.03 -4.38 57.83
C CYS B 145 -5.22 -5.33 58.69
N ASN B 146 -4.02 -5.61 58.18
CA ASN B 146 -2.99 -6.50 58.70
C ASN B 146 -2.32 -5.66 59.79
N PRO B 147 -2.46 -6.11 61.04
CA PRO B 147 -2.06 -5.36 62.24
C PRO B 147 -0.56 -5.08 62.34
N ASP B 148 0.20 -5.42 61.29
CA ASP B 148 1.64 -5.19 61.29
C ASP B 148 2.00 -4.19 60.20
N ASN B 149 1.02 -3.86 59.38
CA ASN B 149 1.17 -2.94 58.28
C ASN B 149 -0.23 -2.44 57.94
N PRO B 150 -0.67 -1.31 58.49
CA PRO B 150 -2.01 -0.79 58.20
C PRO B 150 -2.18 -0.20 56.81
N GLN B 151 -1.13 -0.26 55.99
CA GLN B 151 -1.17 0.28 54.65
C GLN B 151 -1.51 -0.73 53.55
N GLU B 152 -1.95 -1.92 53.96
CA GLU B 152 -2.29 -2.99 53.04
C GLU B 152 -3.58 -3.62 53.52
N CYS B 153 -4.66 -3.27 52.82
CA CYS B 153 -6.00 -3.78 53.13
C CYS B 153 -6.42 -4.82 52.11
N LEU B 154 -6.86 -5.96 52.64
CA LEU B 154 -7.30 -7.08 51.82
C LEU B 154 -8.83 -7.14 51.71
N LEU B 155 -9.31 -7.27 50.49
CA LEU B 155 -10.74 -7.26 50.28
C LEU B 155 -11.45 -8.51 49.81
N LEU B 156 -12.02 -9.23 50.78
CA LEU B 156 -12.83 -10.47 50.67
C LEU B 156 -12.62 -11.53 49.57
N GLU B 157 -12.89 -11.17 48.33
CA GLU B 157 -12.75 -12.14 47.24
C GLU B 157 -11.29 -12.29 46.80
N PRO B 158 -10.53 -11.22 46.44
CA PRO B 158 -9.09 -11.46 46.28
C PRO B 158 -8.34 -11.27 47.58
N GLY B 159 -7.82 -12.34 48.14
CA GLY B 159 -6.91 -12.22 49.26
C GLY B 159 -7.41 -12.79 50.57
N LEU B 160 -8.67 -12.56 50.91
CA LEU B 160 -9.18 -13.13 52.15
C LEU B 160 -9.78 -14.51 51.93
N ASN B 161 -10.32 -14.77 50.73
CA ASN B 161 -10.75 -16.11 50.38
C ASN B 161 -9.58 -17.02 50.07
N GLU B 162 -8.42 -16.47 49.70
CA GLU B 162 -7.27 -17.30 49.41
C GLU B 162 -6.56 -17.76 50.68
N ILE B 163 -6.60 -16.94 51.73
CA ILE B 163 -6.03 -17.34 53.01
C ILE B 163 -6.86 -18.48 53.61
N MET B 164 -8.18 -18.35 53.58
CA MET B 164 -9.04 -19.35 54.19
C MET B 164 -9.07 -20.66 53.41
N ALA B 165 -8.63 -20.66 52.16
CA ALA B 165 -8.65 -21.87 51.34
C ALA B 165 -7.30 -22.53 51.18
N ASN B 166 -6.21 -21.88 51.56
CA ASN B 166 -4.89 -22.41 51.25
C ASN B 166 -3.94 -22.48 52.44
N SER B 167 -4.17 -21.67 53.47
CA SER B 167 -3.22 -21.57 54.56
C SER B 167 -3.31 -22.77 55.50
N LEU B 168 -2.18 -23.10 56.11
CA LEU B 168 -2.11 -24.09 57.17
C LEU B 168 -1.62 -23.48 58.47
N ASP B 169 -1.45 -22.17 58.52
CA ASP B 169 -1.05 -21.47 59.73
C ASP B 169 -2.29 -21.27 60.59
N TYR B 170 -2.22 -21.69 61.86
CA TYR B 170 -3.35 -21.51 62.76
C TYR B 170 -3.58 -20.04 63.06
N ASN B 171 -2.51 -19.26 63.23
CA ASN B 171 -2.64 -17.87 63.66
C ASN B 171 -3.09 -16.95 62.53
N GLU B 172 -2.81 -17.31 61.28
CA GLU B 172 -3.26 -16.49 60.16
C GLU B 172 -4.70 -16.80 59.75
N ARG B 173 -5.13 -18.04 59.90
CA ARG B 173 -6.54 -18.36 59.67
C ARG B 173 -7.42 -17.79 60.77
N LEU B 174 -6.90 -17.72 61.99
CA LEU B 174 -7.66 -17.19 63.10
C LEU B 174 -7.81 -15.67 62.98
N TRP B 175 -6.84 -15.03 62.33
CA TRP B 175 -6.89 -13.59 62.14
C TRP B 175 -7.89 -13.19 61.07
N ALA B 176 -7.84 -13.87 59.93
CA ALA B 176 -8.73 -13.58 58.82
C ALA B 176 -10.18 -13.84 59.19
N TRP B 177 -10.44 -14.87 59.97
CA TRP B 177 -11.80 -15.18 60.37
C TRP B 177 -12.36 -14.02 61.20
N GLU B 178 -11.72 -13.80 62.35
CA GLU B 178 -12.08 -12.76 63.30
C GLU B 178 -12.23 -11.37 62.72
N SER B 179 -11.15 -10.81 62.18
CA SER B 179 -11.21 -9.47 61.61
C SER B 179 -12.46 -9.25 60.75
N TRP B 180 -12.46 -9.88 59.59
CA TRP B 180 -13.56 -9.79 58.63
C TRP B 180 -14.86 -9.84 59.39
N ARG B 181 -15.06 -10.97 60.10
CA ARG B 181 -16.25 -11.18 60.90
C ARG B 181 -16.60 -9.92 61.64
N SER B 182 -15.91 -9.63 62.73
CA SER B 182 -16.13 -8.41 63.51
C SER B 182 -16.55 -7.19 62.70
N GLU B 183 -15.69 -6.72 61.80
CA GLU B 183 -16.07 -5.52 61.03
C GLU B 183 -17.41 -5.58 60.28
N VAL B 184 -17.45 -6.48 59.29
CA VAL B 184 -18.66 -6.56 58.49
C VAL B 184 -19.83 -6.81 59.42
N GLY B 185 -19.57 -7.63 60.42
CA GLY B 185 -20.52 -8.02 61.42
C GLY B 185 -21.18 -6.78 61.94
N LYS B 186 -20.46 -5.97 62.68
CA LYS B 186 -20.99 -4.72 63.22
C LYS B 186 -21.84 -3.97 62.21
N GLN B 187 -21.25 -3.63 61.06
CA GLN B 187 -22.05 -2.87 60.09
C GLN B 187 -23.42 -3.52 59.79
N LEU B 188 -23.37 -4.71 59.20
CA LEU B 188 -24.59 -5.42 58.84
C LEU B 188 -25.56 -5.62 60.01
N ARG B 189 -25.14 -5.29 61.22
CA ARG B 189 -26.00 -5.48 62.38
C ARG B 189 -27.22 -4.56 62.43
N PRO B 190 -27.00 -3.26 62.60
CA PRO B 190 -28.11 -2.30 62.65
C PRO B 190 -28.99 -2.37 61.41
N LEU B 191 -28.35 -2.52 60.25
CA LEU B 191 -29.04 -2.61 58.98
C LEU B 191 -29.89 -3.86 58.89
N TYR B 192 -29.32 -5.00 59.29
CA TYR B 192 -30.06 -6.25 59.25
C TYR B 192 -31.22 -6.24 60.23
N GLU B 193 -31.06 -5.51 61.32
CA GLU B 193 -32.10 -5.42 62.34
C GLU B 193 -33.28 -4.62 61.78
N GLU B 194 -32.98 -3.57 61.01
CA GLU B 194 -34.03 -2.75 60.44
C GLU B 194 -34.70 -3.44 59.24
N TYR B 195 -33.98 -4.40 58.67
CA TYR B 195 -34.41 -5.19 57.52
C TYR B 195 -35.45 -6.23 57.90
N VAL B 196 -35.38 -6.77 59.13
CA VAL B 196 -36.34 -7.78 59.56
C VAL B 196 -37.71 -7.16 59.79
N VAL B 197 -37.75 -5.94 60.31
CA VAL B 197 -39.02 -5.27 60.62
C VAL B 197 -39.74 -4.89 59.33
N LEU B 198 -39.01 -4.39 58.34
CA LEU B 198 -39.64 -3.95 57.10
C LEU B 198 -40.07 -5.14 56.23
N LYS B 199 -39.37 -6.26 56.32
CA LYS B 199 -39.75 -7.42 55.53
C LYS B 199 -40.92 -8.16 56.14
N ASN B 200 -41.09 -8.07 57.46
CA ASN B 200 -42.25 -8.70 58.09
C ASN B 200 -43.50 -7.88 57.85
N GLU B 201 -43.37 -6.57 57.67
CA GLU B 201 -44.51 -5.73 57.32
C GLU B 201 -44.99 -6.01 55.90
N MET B 202 -44.07 -6.24 54.98
CA MET B 202 -44.44 -6.54 53.60
C MET B 202 -45.06 -7.93 53.49
N ALA B 203 -44.64 -8.87 54.33
CA ALA B 203 -45.20 -10.22 54.27
C ALA B 203 -46.57 -10.31 54.92
N ARG B 204 -46.80 -9.53 55.98
CA ARG B 204 -48.10 -9.56 56.66
C ARG B 204 -49.17 -8.77 55.91
N ALA B 205 -48.78 -7.84 55.05
CA ALA B 205 -49.74 -7.18 54.17
C ALA B 205 -50.11 -8.04 52.97
N ASN B 206 -49.36 -9.11 52.69
CA ASN B 206 -49.69 -10.08 51.67
C ASN B 206 -50.30 -11.35 52.26
N HIS B 207 -50.80 -11.28 53.48
CA HIS B 207 -51.50 -12.34 54.20
C HIS B 207 -50.63 -13.58 54.41
N TYR B 208 -49.39 -13.36 54.81
CA TYR B 208 -48.54 -14.37 55.43
C TYR B 208 -48.31 -13.97 56.88
N GLU B 209 -47.84 -14.91 57.71
CA GLU B 209 -47.60 -14.55 59.10
C GLU B 209 -46.25 -13.87 59.28
N ASP B 210 -45.24 -14.25 58.50
CA ASP B 210 -43.94 -13.59 58.57
C ASP B 210 -43.26 -13.72 57.22
N TYR B 211 -42.02 -13.23 57.13
CA TYR B 211 -41.25 -13.31 55.90
C TYR B 211 -40.71 -14.71 55.65
N GLY B 212 -40.57 -15.53 56.68
CA GLY B 212 -40.17 -16.91 56.47
C GLY B 212 -41.26 -17.75 55.84
N ASP B 213 -42.52 -17.45 56.17
CA ASP B 213 -43.65 -18.10 55.52
C ASP B 213 -43.81 -17.64 54.08
N TYR B 214 -43.33 -16.43 53.77
CA TYR B 214 -43.35 -15.93 52.41
C TYR B 214 -42.37 -16.68 51.52
N TRP B 215 -41.22 -17.08 52.09
CA TRP B 215 -40.23 -17.82 51.32
C TRP B 215 -40.66 -19.25 51.07
N ARG B 216 -41.43 -19.83 51.98
CA ARG B 216 -41.91 -21.19 51.83
C ARG B 216 -43.13 -21.30 50.94
N GLY B 217 -43.57 -20.20 50.33
CA GLY B 217 -44.71 -20.25 49.42
C GLY B 217 -44.40 -20.85 48.06
N ASP B 218 -43.12 -21.12 47.79
CA ASP B 218 -42.75 -21.77 46.54
C ASP B 218 -43.22 -23.22 46.54
N TYR B 219 -43.12 -23.89 47.69
CA TYR B 219 -43.44 -25.30 47.77
C TYR B 219 -44.92 -25.55 48.05
N GLU B 220 -45.75 -24.52 48.08
CA GLU B 220 -47.16 -24.66 48.38
C GLU B 220 -47.92 -25.18 47.17
N VAL B 221 -48.89 -26.06 47.42
CA VAL B 221 -49.73 -26.64 46.38
C VAL B 221 -51.16 -26.67 46.89
N ASN B 222 -52.10 -26.13 46.11
CA ASN B 222 -53.47 -25.92 46.59
C ASN B 222 -54.48 -26.63 45.70
N GLY B 223 -55.01 -27.76 46.17
CA GLY B 223 -56.23 -28.34 45.63
C GLY B 223 -56.15 -29.03 44.28
N VAL B 224 -55.33 -30.07 44.17
CA VAL B 224 -55.20 -30.83 42.94
C VAL B 224 -55.39 -32.32 43.18
N ASP B 225 -56.25 -32.65 44.14
CA ASP B 225 -56.76 -34.00 44.41
C ASP B 225 -55.68 -34.99 44.84
N GLY B 226 -55.07 -34.76 45.99
CA GLY B 226 -54.14 -35.73 46.54
C GLY B 226 -52.68 -35.34 46.45
N TYR B 227 -52.37 -34.21 45.84
CA TYR B 227 -50.98 -33.81 45.69
C TYR B 227 -50.67 -32.54 46.48
N ASP B 228 -51.48 -32.18 47.49
CA ASP B 228 -51.35 -30.93 48.18
C ASP B 228 -50.12 -30.90 49.08
N TYR B 229 -49.71 -29.69 49.43
CA TYR B 229 -48.53 -29.46 50.23
C TYR B 229 -48.69 -28.12 50.93
N SER B 230 -48.54 -28.12 52.25
CA SER B 230 -48.69 -26.92 53.05
C SER B 230 -47.34 -26.22 53.20
N ARG B 231 -47.39 -24.93 53.49
CA ARG B 231 -46.18 -24.16 53.74
C ARG B 231 -45.56 -24.45 55.11
N GLY B 232 -46.30 -25.11 56.00
CA GLY B 232 -45.73 -25.51 57.26
C GLY B 232 -45.28 -26.95 57.22
N GLN B 233 -45.71 -27.67 56.18
CA GLN B 233 -45.30 -29.06 55.98
C GLN B 233 -43.86 -29.17 55.52
N LEU B 234 -43.31 -28.11 54.93
CA LEU B 234 -41.90 -28.11 54.53
C LEU B 234 -40.99 -28.18 55.74
N ILE B 235 -41.41 -27.60 56.87
CA ILE B 235 -40.58 -27.60 58.05
C ILE B 235 -40.45 -28.99 58.65
N GLU B 236 -41.51 -29.81 58.61
CA GLU B 236 -41.38 -31.14 59.18
C GLU B 236 -40.62 -32.09 58.25
N ASP B 237 -40.78 -31.92 56.94
CA ASP B 237 -40.09 -32.80 56.00
C ASP B 237 -38.60 -32.53 55.94
N VAL B 238 -38.16 -31.31 56.26
CA VAL B 238 -36.72 -31.06 56.35
C VAL B 238 -36.14 -31.68 57.61
N GLU B 239 -36.84 -31.56 58.73
CA GLU B 239 -36.35 -32.12 59.97
C GLU B 239 -36.51 -33.62 60.07
N HIS B 240 -37.45 -34.20 59.33
CA HIS B 240 -37.57 -35.66 59.31
C HIS B 240 -36.50 -36.30 58.43
N THR B 241 -36.15 -35.66 57.32
CA THR B 241 -35.08 -36.18 56.48
C THR B 241 -33.70 -35.95 57.07
N PHE B 242 -33.54 -34.93 57.92
CA PHE B 242 -32.23 -34.63 58.46
C PHE B 242 -31.77 -35.61 59.53
N GLU B 243 -32.70 -36.20 60.29
CA GLU B 243 -32.28 -37.13 61.33
C GLU B 243 -31.92 -38.51 60.81
N GLU B 244 -31.98 -38.72 59.50
CA GLU B 244 -31.42 -39.93 58.90
C GLU B 244 -30.05 -39.70 58.28
N ILE B 245 -29.65 -38.43 58.09
CA ILE B 245 -28.29 -38.11 57.66
C ILE B 245 -27.33 -38.00 58.83
N LYS B 246 -27.84 -37.76 60.04
CA LYS B 246 -26.99 -37.62 61.21
C LYS B 246 -26.15 -38.84 61.58
N PRO B 247 -26.56 -40.10 61.33
CA PRO B 247 -25.56 -41.17 61.44
C PRO B 247 -24.41 -41.07 60.45
N LEU B 248 -24.68 -40.65 59.20
CA LEU B 248 -23.61 -40.57 58.22
C LEU B 248 -22.73 -39.36 58.46
N TYR B 249 -23.31 -38.24 58.90
CA TYR B 249 -22.53 -37.04 59.12
C TYR B 249 -21.67 -37.15 60.37
N GLU B 250 -22.09 -37.93 61.37
CA GLU B 250 -21.30 -38.10 62.57
C GLU B 250 -20.02 -38.88 62.31
N HIS B 251 -20.07 -39.86 61.42
CA HIS B 251 -18.88 -40.63 61.09
C HIS B 251 -17.94 -39.85 60.18
N LEU B 252 -18.49 -38.94 59.37
CA LEU B 252 -17.64 -38.06 58.59
C LEU B 252 -17.02 -36.98 59.45
N HIS B 253 -17.76 -36.48 60.45
CA HIS B 253 -17.23 -35.50 61.39
C HIS B 253 -16.12 -36.10 62.26
N ALA B 254 -16.24 -37.37 62.61
CA ALA B 254 -15.23 -38.00 63.45
C ALA B 254 -13.97 -38.35 62.68
N TYR B 255 -14.09 -38.65 61.39
CA TYR B 255 -12.91 -38.97 60.59
C TYR B 255 -12.11 -37.72 60.25
N VAL B 256 -12.80 -36.62 59.96
CA VAL B 256 -12.12 -35.36 59.64
C VAL B 256 -11.45 -34.79 60.89
N ARG B 257 -12.07 -34.98 62.06
CA ARG B 257 -11.49 -34.52 63.31
C ARG B 257 -10.21 -35.26 63.65
N ALA B 258 -10.17 -36.58 63.39
CA ALA B 258 -8.97 -37.35 63.64
C ALA B 258 -7.85 -37.03 62.65
N LYS B 259 -8.18 -36.58 61.45
CA LYS B 259 -7.17 -36.20 60.48
C LYS B 259 -6.71 -34.76 60.65
N LEU B 260 -7.53 -33.91 61.27
CA LEU B 260 -7.14 -32.54 61.54
C LEU B 260 -6.24 -32.41 62.76
N MET B 261 -6.21 -33.42 63.63
CA MET B 261 -5.31 -33.38 64.78
C MET B 261 -3.86 -33.60 64.38
N ASN B 262 -3.61 -34.24 63.24
CA ASN B 262 -2.25 -34.36 62.75
C ASN B 262 -1.79 -33.08 62.06
N ALA B 263 -2.71 -32.33 61.48
CA ALA B 263 -2.36 -31.09 60.82
C ALA B 263 -2.26 -29.92 61.80
N TYR B 264 -3.07 -29.93 62.86
CA TYR B 264 -2.99 -28.92 63.91
C TYR B 264 -2.95 -29.62 65.26
N PRO B 265 -1.78 -30.07 65.70
CA PRO B 265 -1.67 -30.60 67.06
C PRO B 265 -1.75 -29.48 68.09
N SER B 266 -2.13 -29.86 69.31
CA SER B 266 -2.31 -28.97 70.46
C SER B 266 -3.35 -27.89 70.22
N TYR B 267 -4.34 -28.15 69.37
CA TYR B 267 -5.39 -27.19 69.08
C TYR B 267 -6.77 -27.79 69.00
N ILE B 268 -6.89 -29.11 68.88
CA ILE B 268 -8.16 -29.78 68.62
C ILE B 268 -8.34 -30.88 69.66
N SER B 269 -9.52 -30.91 70.29
CA SER B 269 -9.92 -31.92 71.26
C SER B 269 -10.43 -33.16 70.55
N PRO B 270 -10.07 -34.36 71.02
CA PRO B 270 -10.52 -35.59 70.37
C PRO B 270 -11.96 -35.99 70.68
N ILE B 271 -12.69 -35.24 71.49
CA ILE B 271 -14.08 -35.56 71.79
C ILE B 271 -14.95 -34.30 71.64
N GLY B 272 -14.39 -33.25 71.06
CA GLY B 272 -15.11 -31.99 71.00
C GLY B 272 -15.53 -31.56 69.62
N CYS B 273 -15.95 -30.30 69.49
CA CYS B 273 -16.33 -29.74 68.20
C CYS B 273 -15.10 -29.32 67.42
N LEU B 274 -15.31 -28.99 66.15
CA LEU B 274 -14.23 -28.47 65.34
C LEU B 274 -14.20 -26.95 65.43
N PRO B 275 -13.02 -26.34 65.50
CA PRO B 275 -12.96 -24.88 65.49
C PRO B 275 -13.39 -24.31 64.14
N ALA B 276 -14.05 -23.16 64.20
CA ALA B 276 -14.76 -22.63 63.04
C ALA B 276 -13.83 -22.07 61.97
N HIS B 277 -12.56 -21.85 62.29
CA HIS B 277 -11.64 -21.22 61.35
C HIS B 277 -10.70 -22.22 60.69
N LEU B 278 -10.96 -23.51 60.80
CA LEU B 278 -10.10 -24.54 60.24
C LEU B 278 -10.85 -25.46 59.29
N LEU B 279 -11.87 -24.96 58.59
CA LEU B 279 -12.78 -25.81 57.84
C LEU B 279 -12.63 -25.70 56.33
N GLY B 280 -11.78 -24.82 55.83
CA GLY B 280 -11.53 -24.76 54.41
C GLY B 280 -12.01 -23.52 53.70
N ASP B 281 -12.93 -22.76 54.29
CA ASP B 281 -13.34 -21.48 53.73
C ASP B 281 -13.78 -20.59 54.88
N MET B 282 -14.35 -19.43 54.54
CA MET B 282 -14.67 -18.41 55.53
C MET B 282 -15.83 -18.80 56.45
N TRP B 283 -16.78 -19.59 55.98
CA TRP B 283 -17.96 -19.91 56.77
C TRP B 283 -18.13 -21.39 57.07
N GLY B 284 -17.30 -22.27 56.53
CA GLY B 284 -17.51 -23.69 56.72
C GLY B 284 -18.68 -24.24 55.93
N ARG B 285 -19.02 -23.58 54.82
CA ARG B 285 -20.15 -24.04 54.02
C ARG B 285 -19.82 -25.33 53.28
N PHE B 286 -18.67 -25.36 52.61
CA PHE B 286 -18.16 -26.57 51.98
C PHE B 286 -16.86 -26.97 52.66
N TRP B 287 -16.70 -28.28 52.87
CA TRP B 287 -15.46 -28.83 53.41
C TRP B 287 -14.52 -29.30 52.32
N THR B 288 -14.67 -28.77 51.11
CA THR B 288 -13.99 -29.32 49.95
C THR B 288 -12.52 -28.95 49.88
N ASN B 289 -12.07 -27.98 50.67
CA ASN B 289 -10.66 -27.62 50.71
C ASN B 289 -9.89 -28.38 51.78
N LEU B 290 -10.53 -29.35 52.43
CA LEU B 290 -9.87 -30.21 53.40
C LEU B 290 -9.45 -31.53 52.80
N TYR B 291 -9.43 -31.65 51.47
CA TYR B 291 -9.18 -32.95 50.85
C TYR B 291 -7.71 -33.33 50.93
N SER B 292 -6.80 -32.36 50.85
CA SER B 292 -5.37 -32.66 50.89
C SER B 292 -4.92 -33.10 52.28
N LEU B 293 -5.66 -32.77 53.33
CA LEU B 293 -5.36 -33.25 54.67
C LEU B 293 -6.12 -34.51 55.04
N THR B 294 -7.21 -34.83 54.35
CA THR B 294 -8.05 -35.94 54.72
C THR B 294 -8.14 -37.04 53.68
N VAL B 295 -7.25 -37.06 52.69
CA VAL B 295 -7.27 -38.04 51.61
C VAL B 295 -6.98 -39.43 52.19
N PRO B 296 -7.79 -40.45 51.85
CA PRO B 296 -7.57 -41.78 52.42
C PRO B 296 -6.29 -42.45 51.97
N PHE B 297 -6.06 -42.50 50.66
CA PHE B 297 -4.87 -43.11 50.07
C PHE B 297 -4.22 -42.08 49.16
N GLY B 298 -3.23 -41.36 49.69
CA GLY B 298 -2.55 -40.33 48.95
C GLY B 298 -1.54 -40.81 47.94
N GLN B 299 -1.29 -42.11 47.87
CA GLN B 299 -0.35 -42.69 46.93
C GLN B 299 -1.06 -43.23 45.68
N LYS B 300 -2.35 -42.91 45.55
CA LYS B 300 -3.13 -43.28 44.37
C LYS B 300 -3.65 -41.98 43.75
N PRO B 301 -3.33 -41.69 42.50
CA PRO B 301 -3.84 -40.47 41.87
C PRO B 301 -5.32 -40.58 41.55
N ASN B 302 -6.08 -39.59 42.03
CA ASN B 302 -7.49 -39.47 41.67
C ASN B 302 -7.55 -39.16 40.19
N ILE B 303 -8.43 -39.87 39.46
CA ILE B 303 -8.36 -39.91 37.99
C ILE B 303 -8.68 -38.55 37.38
N ASP B 304 -7.82 -38.14 36.45
CA ASP B 304 -7.79 -36.79 35.90
C ASP B 304 -7.45 -36.95 34.43
N VAL B 305 -8.43 -36.69 33.57
CA VAL B 305 -8.24 -36.73 32.12
C VAL B 305 -8.19 -35.30 31.60
N THR B 306 -7.00 -34.71 31.62
CA THR B 306 -6.79 -33.37 31.09
C THR B 306 -5.64 -33.46 30.11
N ASP B 307 -4.68 -34.32 30.42
CA ASP B 307 -3.57 -34.61 29.53
C ASP B 307 -3.99 -35.42 28.30
N ALA B 308 -5.00 -36.28 28.41
CA ALA B 308 -5.47 -37.00 27.24
C ALA B 308 -6.31 -36.14 26.30
N MET B 309 -6.73 -34.95 26.75
CA MET B 309 -7.43 -34.00 25.91
C MET B 309 -6.48 -33.16 25.06
N VAL B 310 -5.29 -32.88 25.58
CA VAL B 310 -4.33 -32.02 24.89
C VAL B 310 -3.36 -32.89 24.10
N ASP B 311 -3.49 -34.21 24.24
CA ASP B 311 -2.74 -35.13 23.40
C ASP B 311 -3.50 -35.57 22.16
N GLN B 312 -4.80 -35.26 22.06
CA GLN B 312 -5.56 -35.58 20.87
C GLN B 312 -6.02 -34.35 20.11
N ALA B 313 -5.56 -33.15 20.51
CA ALA B 313 -5.84 -31.87 19.86
C ALA B 313 -7.34 -31.56 19.81
N TRP B 314 -7.97 -31.66 20.98
CA TRP B 314 -9.38 -31.33 21.09
C TRP B 314 -9.54 -29.83 21.16
N ASP B 315 -10.36 -29.28 20.26
CA ASP B 315 -10.58 -27.86 20.21
C ASP B 315 -11.60 -27.44 21.25
N ALA B 316 -12.04 -26.20 21.14
CA ALA B 316 -13.17 -25.70 21.92
C ALA B 316 -14.48 -26.39 21.55
N GLN B 317 -14.60 -26.84 20.31
CA GLN B 317 -15.87 -27.37 19.83
C GLN B 317 -16.07 -28.84 20.13
N ARG B 318 -15.00 -29.57 20.43
CA ARG B 318 -15.16 -31.00 20.68
C ARG B 318 -15.86 -31.25 22.01
N ILE B 319 -15.65 -30.37 22.98
CA ILE B 319 -16.22 -30.55 24.31
C ILE B 319 -17.74 -30.45 24.29
N PHE B 320 -18.30 -29.63 23.41
CA PHE B 320 -19.74 -29.55 23.30
C PHE B 320 -20.31 -30.58 22.35
N LYS B 321 -19.56 -30.97 21.32
CA LYS B 321 -20.05 -31.98 20.39
C LYS B 321 -20.07 -33.36 21.01
N GLU B 322 -19.14 -33.64 21.93
CA GLU B 322 -19.28 -34.88 22.69
C GLU B 322 -20.37 -34.74 23.74
N ALA B 323 -20.67 -33.52 24.16
CA ALA B 323 -21.77 -33.31 25.10
C ALA B 323 -23.11 -33.47 24.40
N GLU B 324 -23.20 -33.02 23.15
CA GLU B 324 -24.44 -33.20 22.40
C GLU B 324 -24.66 -34.66 22.03
N LYS B 325 -23.58 -35.42 21.85
CA LYS B 325 -23.73 -36.85 21.58
C LYS B 325 -24.14 -37.63 22.82
N PHE B 326 -23.88 -37.09 24.01
CA PHE B 326 -24.37 -37.74 25.22
C PHE B 326 -25.88 -37.62 25.31
N PHE B 327 -26.42 -36.45 24.98
CA PHE B 327 -27.86 -36.23 25.15
C PHE B 327 -28.65 -36.87 24.03
N VAL B 328 -28.09 -36.97 22.83
CA VAL B 328 -28.80 -37.68 21.77
C VAL B 328 -28.70 -39.18 21.99
N SER B 329 -27.77 -39.62 22.83
CA SER B 329 -27.67 -41.03 23.18
C SER B 329 -28.80 -41.50 24.06
N VAL B 330 -29.42 -40.59 24.83
CA VAL B 330 -30.45 -40.99 25.77
C VAL B 330 -31.84 -40.78 25.18
N GLY B 331 -31.95 -40.09 24.05
CA GLY B 331 -33.25 -39.85 23.46
C GLY B 331 -33.76 -38.45 23.67
N LEU B 332 -32.87 -37.47 23.55
CA LEU B 332 -33.20 -36.07 23.70
C LEU B 332 -32.82 -35.35 22.41
N PRO B 333 -33.47 -34.23 22.09
CA PRO B 333 -33.21 -33.58 20.81
C PRO B 333 -31.81 -32.99 20.69
N ASN B 334 -31.43 -32.70 19.46
CA ASN B 334 -30.18 -32.04 19.12
C ASN B 334 -30.20 -30.59 19.58
N MET B 335 -29.06 -29.92 19.44
CA MET B 335 -29.07 -28.48 19.61
C MET B 335 -29.74 -27.82 18.42
N THR B 336 -30.19 -26.59 18.62
CA THR B 336 -31.20 -25.98 17.77
C THR B 336 -30.66 -25.41 16.47
N GLN B 337 -29.33 -25.46 16.26
CA GLN B 337 -28.58 -25.05 15.07
C GLN B 337 -28.49 -23.53 14.95
N GLY B 338 -29.28 -22.80 15.73
CA GLY B 338 -28.92 -21.43 16.06
C GLY B 338 -28.00 -21.37 17.25
N PHE B 339 -27.85 -22.49 17.94
CA PHE B 339 -26.98 -22.63 19.10
C PHE B 339 -25.51 -22.48 18.74
N TRP B 340 -25.13 -22.78 17.50
CA TRP B 340 -23.73 -22.85 17.13
C TRP B 340 -23.16 -21.54 16.62
N GLU B 341 -23.99 -20.64 16.10
CA GLU B 341 -23.43 -19.37 15.66
C GLU B 341 -23.53 -18.31 16.74
N ASN B 342 -24.66 -18.23 17.41
CA ASN B 342 -24.95 -17.11 18.29
C ASN B 342 -24.20 -17.22 19.61
N SER B 343 -23.88 -18.44 20.03
CA SER B 343 -23.22 -18.63 21.30
C SER B 343 -21.76 -18.21 21.25
N MET B 344 -21.17 -17.97 22.41
CA MET B 344 -19.78 -17.55 22.50
C MET B 344 -19.01 -18.49 23.40
N LEU B 345 -18.51 -19.58 22.86
CA LEU B 345 -18.00 -20.68 23.65
C LEU B 345 -16.64 -20.40 24.27
N THR B 346 -15.87 -19.44 23.75
CA THR B 346 -14.66 -19.00 24.42
C THR B 346 -14.75 -17.50 24.61
N ASP B 347 -13.85 -16.95 25.42
CA ASP B 347 -13.54 -15.54 25.33
C ASP B 347 -12.99 -15.24 23.95
N PRO B 348 -13.36 -14.11 23.35
CA PRO B 348 -13.09 -13.91 21.92
C PRO B 348 -11.62 -13.73 21.55
N GLY B 349 -11.36 -13.65 20.24
CA GLY B 349 -10.02 -13.41 19.73
C GLY B 349 -9.58 -11.99 19.95
N ASN B 350 -10.53 -11.10 20.13
CA ASN B 350 -10.28 -9.77 20.67
C ASN B 350 -9.98 -9.92 22.16
N VAL B 351 -9.16 -9.01 22.68
CA VAL B 351 -9.08 -8.87 24.13
C VAL B 351 -10.34 -8.11 24.54
N GLN B 352 -11.39 -8.86 24.78
CA GLN B 352 -12.74 -8.34 24.81
C GLN B 352 -13.28 -8.41 26.23
N LYS B 353 -13.66 -7.25 26.77
CA LYS B 353 -14.18 -7.20 28.12
C LYS B 353 -15.56 -7.83 28.13
N ALA B 354 -15.66 -9.06 28.67
CA ALA B 354 -16.94 -9.75 28.71
C ALA B 354 -17.04 -10.74 29.86
N VAL B 355 -17.80 -10.36 30.88
CA VAL B 355 -17.98 -11.22 32.05
C VAL B 355 -17.86 -12.69 31.68
N CYS B 356 -16.78 -13.33 32.13
CA CYS B 356 -16.55 -14.74 31.85
C CYS B 356 -17.09 -15.62 32.97
N HIS B 357 -18.36 -16.03 32.84
CA HIS B 357 -19.00 -16.87 33.84
C HIS B 357 -19.98 -17.85 33.18
N PRO B 358 -19.74 -19.13 33.38
CA PRO B 358 -20.61 -20.17 32.80
C PRO B 358 -22.07 -19.94 33.14
N THR B 359 -22.92 -19.99 32.13
CA THR B 359 -24.34 -19.76 32.32
C THR B 359 -25.13 -20.19 31.09
N ALA B 360 -26.43 -20.39 31.27
CA ALA B 360 -27.28 -20.78 30.17
C ALA B 360 -28.43 -19.80 30.01
N TRP B 361 -28.57 -19.25 28.81
CA TRP B 361 -29.50 -18.17 28.55
C TRP B 361 -30.70 -18.69 27.78
N ASP B 362 -31.88 -18.15 28.06
CA ASP B 362 -33.14 -18.54 27.45
C ASP B 362 -33.88 -17.27 27.04
N LEU B 363 -33.25 -16.46 26.19
CA LEU B 363 -33.74 -15.18 25.69
C LEU B 363 -35.20 -15.14 25.24
N GLY B 364 -35.73 -16.26 24.78
CA GLY B 364 -37.09 -16.33 24.30
C GLY B 364 -37.13 -16.63 22.81
N LYS B 365 -38.35 -16.81 22.32
CA LYS B 365 -38.60 -17.10 20.92
C LYS B 365 -37.79 -18.29 20.43
N GLY B 366 -37.60 -19.29 21.29
CA GLY B 366 -36.83 -20.45 20.87
C GLY B 366 -35.39 -20.15 20.53
N ASP B 367 -34.76 -19.22 21.25
CA ASP B 367 -33.37 -18.85 21.02
C ASP B 367 -32.56 -19.16 22.27
N PHE B 368 -31.76 -20.20 22.23
CA PHE B 368 -31.00 -20.67 23.39
C PHE B 368 -29.52 -20.47 23.14
N ARG B 369 -28.84 -19.81 24.05
CA ARG B 369 -27.42 -19.54 23.93
C ARG B 369 -26.72 -19.92 25.23
N ILE B 370 -25.48 -20.38 25.11
CA ILE B 370 -24.62 -20.69 26.25
C ILE B 370 -23.45 -19.72 26.23
N LEU B 371 -23.20 -19.10 27.37
CA LEU B 371 -22.08 -18.17 27.52
C LEU B 371 -21.11 -18.74 28.53
N MET B 372 -19.93 -19.13 28.07
CA MET B 372 -18.84 -19.53 28.95
C MET B 372 -17.52 -19.32 28.22
N CYS B 373 -16.43 -19.36 28.98
CA CYS B 373 -15.09 -19.20 28.45
C CYS B 373 -14.38 -20.51 28.77
N THR B 374 -14.59 -21.50 27.92
CA THR B 374 -14.04 -22.83 28.13
C THR B 374 -12.58 -23.11 27.73
N LYS B 375 -11.87 -23.69 28.70
CA LYS B 375 -10.49 -24.14 28.56
C LYS B 375 -10.49 -25.66 28.47
N VAL B 376 -9.44 -26.21 27.88
CA VAL B 376 -9.38 -27.64 27.64
C VAL B 376 -9.00 -28.34 28.94
N THR B 377 -10.01 -28.72 29.73
CA THR B 377 -9.81 -29.33 31.03
C THR B 377 -10.99 -30.27 31.25
N MET B 378 -10.80 -31.30 32.08
CA MET B 378 -11.92 -32.15 32.46
C MET B 378 -12.90 -31.43 33.38
N ASP B 379 -12.48 -30.33 34.01
CA ASP B 379 -13.39 -29.51 34.78
C ASP B 379 -14.43 -28.87 33.89
N ASP B 380 -14.00 -28.19 32.83
CA ASP B 380 -14.94 -27.58 31.90
C ASP B 380 -15.49 -28.57 30.88
N PHE B 381 -14.98 -29.81 30.88
CA PHE B 381 -15.67 -30.88 30.18
C PHE B 381 -16.92 -31.29 30.94
N LEU B 382 -16.88 -31.19 32.26
CA LEU B 382 -18.02 -31.58 33.09
C LEU B 382 -19.05 -30.48 33.19
N THR B 383 -18.62 -29.22 33.34
CA THR B 383 -19.60 -28.13 33.43
C THR B 383 -20.22 -27.83 32.08
N ALA B 384 -19.61 -28.31 31.00
CA ALA B 384 -20.28 -28.31 29.71
C ALA B 384 -21.47 -29.25 29.72
N HIS B 385 -21.33 -30.39 30.38
CA HIS B 385 -22.48 -31.27 30.54
C HIS B 385 -23.49 -30.68 31.52
N HIS B 386 -23.02 -29.90 32.48
CA HIS B 386 -23.96 -29.27 33.41
C HIS B 386 -24.73 -28.15 32.73
N GLU B 387 -24.04 -27.33 31.94
CA GLU B 387 -24.71 -26.18 31.37
C GLU B 387 -25.58 -26.57 30.18
N MET B 388 -25.26 -27.67 29.52
CA MET B 388 -26.16 -28.15 28.49
C MET B 388 -27.43 -28.73 29.09
N GLY B 389 -27.36 -29.21 30.34
CA GLY B 389 -28.55 -29.72 31.00
C GLY B 389 -29.59 -28.66 31.30
N HIS B 390 -29.14 -27.42 31.52
CA HIS B 390 -30.08 -26.32 31.67
C HIS B 390 -30.75 -26.01 30.34
N ILE B 391 -30.06 -26.26 29.23
CA ILE B 391 -30.63 -25.97 27.92
C ILE B 391 -31.68 -27.00 27.55
N GLN B 392 -31.38 -28.28 27.76
CA GLN B 392 -32.33 -29.34 27.44
C GLN B 392 -33.55 -29.32 28.35
N TYR B 393 -33.42 -28.79 29.56
CA TYR B 393 -34.60 -28.53 30.38
C TYR B 393 -35.40 -27.37 29.81
N ASP B 394 -34.70 -26.37 29.28
CA ASP B 394 -35.36 -25.19 28.74
C ASP B 394 -36.04 -25.48 27.41
N MET B 395 -35.47 -26.35 26.60
CA MET B 395 -36.06 -26.67 25.30
C MET B 395 -37.30 -27.53 25.45
N ALA B 396 -37.51 -28.14 26.61
CA ALA B 396 -38.61 -29.08 26.76
C ALA B 396 -39.92 -28.41 27.15
N TYR B 397 -39.89 -27.43 28.05
CA TYR B 397 -41.12 -26.78 28.46
C TYR B 397 -41.42 -25.52 27.67
N ALA B 398 -40.88 -25.39 26.46
CA ALA B 398 -41.08 -24.18 25.67
C ALA B 398 -42.41 -24.16 24.95
N ALA B 399 -43.30 -25.12 25.23
CA ALA B 399 -44.62 -25.15 24.63
C ALA B 399 -45.70 -24.73 25.62
N GLN B 400 -45.34 -24.49 26.87
CA GLN B 400 -46.26 -23.99 27.88
C GLN B 400 -46.50 -22.50 27.63
N PRO B 401 -47.47 -21.88 28.32
CA PRO B 401 -47.55 -20.42 28.28
C PRO B 401 -46.38 -19.74 28.96
N PHE B 402 -46.28 -18.43 28.83
CA PHE B 402 -45.08 -17.70 29.24
C PHE B 402 -44.84 -17.70 30.74
N LEU B 403 -45.89 -17.65 31.55
CA LEU B 403 -45.73 -17.54 33.00
C LEU B 403 -45.50 -18.87 33.67
N LEU B 404 -45.39 -19.96 32.92
CA LEU B 404 -45.15 -21.27 33.50
C LEU B 404 -43.86 -21.87 32.96
N ARG B 405 -42.98 -21.03 32.41
CA ARG B 405 -41.74 -21.55 31.86
C ARG B 405 -40.60 -21.47 32.85
N ASN B 406 -40.78 -22.01 34.05
CA ASN B 406 -39.70 -22.18 35.01
C ASN B 406 -39.65 -23.64 35.41
N GLY B 407 -38.73 -23.96 36.31
CA GLY B 407 -38.74 -25.27 36.93
C GLY B 407 -39.92 -25.40 37.87
N ALA B 408 -40.24 -26.65 38.22
CA ALA B 408 -41.48 -26.91 38.95
C ALA B 408 -41.42 -26.36 40.37
N ASN B 409 -40.25 -26.37 40.98
CA ASN B 409 -39.97 -25.50 42.12
C ASN B 409 -38.60 -24.88 41.88
N GLU B 410 -38.10 -24.19 42.90
CA GLU B 410 -36.80 -23.54 42.74
C GLU B 410 -35.65 -24.51 42.77
N GLY B 411 -35.87 -25.75 43.20
CA GLY B 411 -34.79 -26.68 43.33
C GLY B 411 -34.58 -27.62 42.18
N PHE B 412 -35.57 -27.78 41.31
CA PHE B 412 -35.46 -28.74 40.23
C PHE B 412 -34.47 -28.32 39.15
N HIS B 413 -34.25 -27.02 38.99
CA HIS B 413 -33.50 -26.56 37.83
C HIS B 413 -32.02 -26.89 37.95
N GLU B 414 -31.46 -26.76 39.14
CA GLU B 414 -30.05 -27.11 39.32
C GLU B 414 -29.88 -28.61 39.46
N ALA B 415 -30.92 -29.32 39.91
CA ALA B 415 -30.80 -30.75 40.13
C ALA B 415 -30.74 -31.53 38.83
N VAL B 416 -31.41 -31.04 37.79
CA VAL B 416 -31.36 -31.73 36.51
C VAL B 416 -30.02 -31.45 35.83
N GLY B 417 -29.38 -30.35 36.19
CA GLY B 417 -28.08 -30.06 35.61
C GLY B 417 -26.95 -30.87 36.18
N GLU B 418 -27.09 -31.36 37.42
CA GLU B 418 -26.00 -32.05 38.08
C GLU B 418 -26.05 -33.56 37.94
N ILE B 419 -27.20 -34.12 37.54
CA ILE B 419 -27.22 -35.55 37.19
C ILE B 419 -26.69 -35.80 35.79
N MET B 420 -26.52 -34.74 34.99
CA MET B 420 -25.78 -34.87 33.75
C MET B 420 -24.27 -34.88 34.01
N SER B 421 -23.84 -34.19 35.07
CA SER B 421 -22.42 -34.12 35.38
C SER B 421 -21.93 -35.35 36.14
N LEU B 422 -22.80 -35.98 36.93
CA LEU B 422 -22.43 -37.20 37.64
C LEU B 422 -22.25 -38.37 36.67
N SER B 423 -23.11 -38.44 35.65
CA SER B 423 -23.04 -39.55 34.70
C SER B 423 -21.87 -39.43 33.73
N ALA B 424 -21.32 -38.24 33.55
CA ALA B 424 -20.22 -38.01 32.63
C ALA B 424 -18.85 -38.10 33.28
N ALA B 425 -18.79 -38.08 34.62
CA ALA B 425 -17.53 -38.14 35.33
C ALA B 425 -17.13 -39.56 35.71
N THR B 426 -17.95 -40.55 35.37
CA THR B 426 -17.64 -41.92 35.70
C THR B 426 -16.57 -42.47 34.76
N PRO B 427 -15.70 -43.34 35.26
CA PRO B 427 -14.69 -43.96 34.38
C PRO B 427 -15.29 -44.93 33.37
N LYS B 428 -16.51 -45.42 33.60
CA LYS B 428 -17.18 -46.23 32.59
C LYS B 428 -17.52 -45.40 31.36
N HIS B 429 -17.94 -44.15 31.57
CA HIS B 429 -18.27 -43.27 30.45
C HIS B 429 -17.03 -42.73 29.78
N LEU B 430 -15.93 -42.54 30.52
CA LEU B 430 -14.74 -41.93 29.95
C LEU B 430 -13.98 -42.90 29.04
N LYS B 431 -14.02 -44.19 29.34
CA LYS B 431 -13.31 -45.15 28.51
C LYS B 431 -14.09 -45.53 27.26
N SER B 432 -15.39 -45.23 27.20
CA SER B 432 -16.17 -45.49 25.99
C SER B 432 -16.31 -44.25 25.12
N ILE B 433 -15.91 -43.09 25.64
CA ILE B 433 -15.96 -41.85 24.88
C ILE B 433 -14.57 -41.53 24.36
N GLY B 434 -13.64 -42.46 24.56
CA GLY B 434 -12.27 -42.31 24.11
C GLY B 434 -11.48 -41.30 24.93
N LEU B 435 -10.97 -41.73 26.08
CA LEU B 435 -10.21 -40.85 26.95
C LEU B 435 -9.50 -41.64 28.05
N LEU B 436 -9.69 -42.96 28.05
CA LEU B 436 -9.07 -43.82 29.05
C LEU B 436 -8.53 -45.08 28.39
N SER B 437 -7.32 -45.48 28.79
CA SER B 437 -6.70 -46.68 28.24
C SER B 437 -7.63 -47.88 28.37
N PRO B 438 -7.92 -48.55 27.18
CA PRO B 438 -8.83 -49.70 27.35
C PRO B 438 -8.28 -50.76 28.31
N ASP B 439 -7.11 -50.51 28.89
CA ASP B 439 -6.52 -51.45 29.84
C ASP B 439 -6.43 -50.84 31.23
N PHE B 440 -7.40 -50.01 31.56
CA PHE B 440 -7.46 -49.34 32.85
C PHE B 440 -8.12 -50.22 33.89
N GLN B 441 -7.56 -50.18 35.10
CA GLN B 441 -8.04 -50.98 36.22
C GLN B 441 -8.52 -50.03 37.32
N GLU B 442 -9.82 -50.06 37.61
CA GLU B 442 -10.36 -49.34 38.75
C GLU B 442 -10.26 -50.23 39.97
N ASP B 443 -9.49 -49.80 40.96
CA ASP B 443 -9.34 -50.55 42.20
C ASP B 443 -10.26 -49.97 43.25
N ASN B 444 -10.46 -50.74 44.33
CA ASN B 444 -11.36 -50.32 45.40
C ASN B 444 -10.76 -49.22 46.28
N GLU B 445 -9.48 -48.92 46.14
CA GLU B 445 -8.85 -47.83 46.86
C GLU B 445 -9.12 -46.47 46.23
N THR B 446 -9.36 -46.43 44.91
CA THR B 446 -9.65 -45.19 44.22
C THR B 446 -11.12 -44.81 44.30
N GLU B 447 -12.00 -45.78 44.52
CA GLU B 447 -13.41 -45.46 44.73
C GLU B 447 -13.65 -44.81 46.09
N ILE B 448 -12.80 -45.11 47.07
CA ILE B 448 -12.90 -44.44 48.37
C ILE B 448 -12.37 -43.02 48.26
N ASN B 449 -11.31 -42.82 47.46
CA ASN B 449 -10.79 -41.47 47.23
C ASN B 449 -11.80 -40.59 46.50
N PHE B 450 -12.58 -41.18 45.59
CA PHE B 450 -13.58 -40.43 44.85
C PHE B 450 -14.80 -40.13 45.70
N LEU B 451 -15.26 -41.10 46.48
CA LEU B 451 -16.46 -40.92 47.29
C LEU B 451 -16.24 -39.98 48.45
N LEU B 452 -15.03 -39.92 49.01
CA LEU B 452 -14.77 -39.00 50.09
C LEU B 452 -14.65 -37.56 49.61
N LYS B 453 -14.18 -37.36 48.38
CA LYS B 453 -14.18 -36.03 47.80
C LYS B 453 -15.59 -35.54 47.48
N GLN B 454 -16.52 -36.46 47.23
CA GLN B 454 -17.91 -36.09 47.03
C GLN B 454 -18.60 -35.74 48.34
N ALA B 455 -18.28 -36.49 49.40
CA ALA B 455 -18.94 -36.29 50.68
C ALA B 455 -18.49 -35.03 51.39
N LEU B 456 -17.32 -34.50 51.06
CA LEU B 456 -16.88 -33.24 51.65
C LEU B 456 -17.65 -32.06 51.08
N THR B 457 -18.24 -32.21 49.90
CA THR B 457 -19.03 -31.17 49.27
C THR B 457 -20.53 -31.39 49.44
N ILE B 458 -20.98 -32.63 49.36
CA ILE B 458 -22.40 -32.95 49.40
C ILE B 458 -22.88 -33.07 50.84
N VAL B 459 -22.27 -33.98 51.61
CA VAL B 459 -22.71 -34.23 52.97
C VAL B 459 -22.26 -33.14 53.92
N GLY B 460 -21.09 -32.53 53.67
CA GLY B 460 -20.57 -31.50 54.55
C GLY B 460 -21.35 -30.20 54.53
N THR B 461 -22.14 -29.96 53.49
CA THR B 461 -22.92 -28.73 53.38
C THR B 461 -24.34 -28.88 53.87
N LEU B 462 -24.81 -30.09 54.17
CA LEU B 462 -26.19 -30.29 54.55
C LEU B 462 -26.53 -29.85 55.99
N PRO B 463 -25.69 -30.07 57.02
CA PRO B 463 -26.01 -29.46 58.31
C PRO B 463 -25.79 -27.96 58.35
N PHE B 464 -24.94 -27.40 57.49
CA PHE B 464 -24.79 -25.95 57.42
C PHE B 464 -26.04 -25.31 56.83
N THR B 465 -26.60 -25.92 55.79
CA THR B 465 -27.77 -25.37 55.13
C THR B 465 -29.02 -25.49 56.00
N TYR B 466 -29.14 -26.60 56.73
CA TYR B 466 -30.30 -26.82 57.57
C TYR B 466 -30.29 -25.89 58.78
N MET B 467 -29.11 -25.67 59.37
CA MET B 467 -29.00 -24.81 60.55
C MET B 467 -29.26 -23.35 60.20
N LEU B 468 -28.86 -22.91 59.01
CA LEU B 468 -28.95 -21.50 58.69
C LEU B 468 -30.38 -21.09 58.38
N GLU B 469 -31.13 -21.94 57.66
CA GLU B 469 -32.52 -21.61 57.38
C GLU B 469 -33.40 -21.79 58.61
N LYS B 470 -33.02 -22.69 59.51
CA LYS B 470 -33.73 -22.83 60.78
C LYS B 470 -33.53 -21.61 61.66
N TRP B 471 -32.35 -21.01 61.62
CA TRP B 471 -32.12 -19.80 62.39
C TRP B 471 -32.88 -18.62 61.80
N ARG B 472 -32.91 -18.50 60.48
CA ARG B 472 -33.57 -17.38 59.84
C ARG B 472 -35.09 -17.50 59.93
N TRP B 473 -35.63 -18.72 59.99
CA TRP B 473 -37.06 -18.88 60.13
C TRP B 473 -37.53 -18.49 61.53
N MET B 474 -36.74 -18.79 62.55
CA MET B 474 -37.09 -18.44 63.92
C MET B 474 -36.88 -16.97 64.21
N VAL B 475 -36.04 -16.28 63.45
CA VAL B 475 -35.85 -14.84 63.63
C VAL B 475 -37.04 -14.08 63.07
N PHE B 476 -37.58 -14.53 61.93
CA PHE B 476 -38.68 -13.82 61.30
C PHE B 476 -39.99 -13.98 62.07
N LYS B 477 -40.27 -15.18 62.60
CA LYS B 477 -41.50 -15.36 63.34
C LYS B 477 -41.41 -14.86 64.78
N GLY B 478 -40.21 -14.56 65.27
CA GLY B 478 -40.04 -13.98 66.57
C GLY B 478 -39.77 -14.93 67.70
N GLU B 479 -39.38 -16.17 67.41
CA GLU B 479 -38.99 -17.09 68.47
C GLU B 479 -37.65 -16.72 69.09
N ILE B 480 -36.84 -15.96 68.38
CA ILE B 480 -35.56 -15.46 68.87
C ILE B 480 -35.66 -13.95 68.95
N PRO B 481 -35.74 -13.35 70.14
CA PRO B 481 -35.67 -11.89 70.26
C PRO B 481 -34.27 -11.38 69.97
N LYS B 482 -34.18 -10.07 69.76
CA LYS B 482 -32.96 -9.50 69.20
C LYS B 482 -31.82 -9.43 70.21
N ASP B 483 -32.10 -9.65 71.50
CA ASP B 483 -31.05 -9.74 72.49
C ASP B 483 -30.46 -11.14 72.60
N GLN B 484 -30.92 -12.07 71.75
CA GLN B 484 -30.41 -13.44 71.78
C GLN B 484 -30.12 -13.97 70.38
N TRP B 485 -29.85 -13.09 69.41
CA TRP B 485 -29.56 -13.53 68.04
C TRP B 485 -28.24 -14.28 67.98
N MET B 486 -27.18 -13.69 68.53
CA MET B 486 -25.87 -14.32 68.50
C MET B 486 -25.67 -15.34 69.60
N LYS B 487 -26.55 -15.36 70.60
CA LYS B 487 -26.52 -16.42 71.58
C LYS B 487 -27.09 -17.71 71.02
N LYS B 488 -28.23 -17.63 70.34
CA LYS B 488 -28.86 -18.79 69.75
C LYS B 488 -28.17 -19.26 68.48
N TRP B 489 -27.39 -18.40 67.83
CA TRP B 489 -26.69 -18.81 66.62
C TRP B 489 -25.56 -19.76 66.93
N TRP B 490 -24.79 -19.49 67.98
CA TRP B 490 -23.66 -20.34 68.31
C TRP B 490 -24.02 -21.53 69.17
N GLU B 491 -25.21 -21.55 69.77
CA GLU B 491 -25.70 -22.78 70.38
C GLU B 491 -26.16 -23.77 69.32
N MET B 492 -26.70 -23.28 68.22
CA MET B 492 -27.11 -24.16 67.13
C MET B 492 -25.93 -24.63 66.28
N LYS B 493 -24.79 -23.94 66.31
CA LYS B 493 -23.60 -24.44 65.64
C LYS B 493 -23.03 -25.63 66.36
N ARG B 494 -22.99 -25.59 67.69
CA ARG B 494 -22.39 -26.67 68.46
C ARG B 494 -23.26 -27.91 68.46
N GLU B 495 -24.58 -27.73 68.45
CA GLU B 495 -25.50 -28.83 68.57
C GLU B 495 -25.79 -29.53 67.25
N ILE B 496 -26.06 -28.77 66.19
CA ILE B 496 -26.44 -29.33 64.91
C ILE B 496 -25.21 -29.61 64.04
N VAL B 497 -24.35 -28.61 63.87
CA VAL B 497 -23.22 -28.75 62.97
C VAL B 497 -22.02 -29.37 63.64
N GLY B 498 -21.77 -29.05 64.91
CA GLY B 498 -20.61 -29.56 65.60
C GLY B 498 -19.39 -28.68 65.38
N VAL B 499 -19.60 -27.37 65.45
CA VAL B 499 -18.57 -26.38 65.14
C VAL B 499 -18.58 -25.33 66.25
N VAL B 500 -17.41 -25.08 66.84
CA VAL B 500 -17.28 -24.17 67.96
C VAL B 500 -16.52 -22.92 67.51
N GLU B 501 -16.88 -21.77 68.06
CA GLU B 501 -16.22 -20.51 67.73
C GLU B 501 -14.91 -20.39 68.51
N PRO B 502 -13.91 -19.70 67.96
CA PRO B 502 -12.65 -19.55 68.68
C PRO B 502 -12.61 -18.35 69.60
N VAL B 503 -13.47 -17.36 69.41
CA VAL B 503 -13.50 -16.14 70.21
C VAL B 503 -14.97 -15.87 70.53
N PRO B 504 -15.34 -15.55 71.77
CA PRO B 504 -16.75 -15.32 72.10
C PRO B 504 -17.29 -14.06 71.44
N HIS B 505 -18.54 -14.13 71.00
CA HIS B 505 -19.17 -13.04 70.25
C HIS B 505 -20.46 -12.63 70.93
N ASP B 506 -20.53 -11.36 71.34
CA ASP B 506 -21.72 -10.81 71.99
C ASP B 506 -22.71 -10.28 70.96
N GLU B 507 -23.69 -9.49 71.41
CA GLU B 507 -24.77 -9.01 70.55
C GLU B 507 -24.40 -7.74 69.79
N THR B 508 -23.12 -7.46 69.61
CA THR B 508 -22.69 -6.42 68.68
C THR B 508 -22.27 -6.99 67.33
N TYR B 509 -22.03 -8.30 67.26
CA TYR B 509 -21.71 -8.98 66.01
C TYR B 509 -23.00 -9.38 65.31
N CYS B 510 -22.88 -9.61 63.99
CA CYS B 510 -23.92 -10.32 63.24
C CYS B 510 -23.19 -11.24 62.27
N ASP B 511 -22.90 -12.45 62.72
CA ASP B 511 -22.19 -13.46 61.95
C ASP B 511 -22.99 -14.13 60.83
N PRO B 512 -24.32 -14.30 60.89
CA PRO B 512 -25.03 -14.72 59.67
C PRO B 512 -24.94 -13.72 58.53
N ALA B 513 -24.97 -12.42 58.81
CA ALA B 513 -25.01 -11.42 57.74
C ALA B 513 -23.68 -11.27 57.01
N SER B 514 -22.61 -11.91 57.47
CA SER B 514 -21.34 -11.91 56.77
C SER B 514 -21.28 -12.94 55.64
N LEU B 515 -22.36 -13.67 55.41
CA LEU B 515 -22.51 -14.54 54.25
C LEU B 515 -23.23 -13.78 53.15
N PHE B 516 -22.99 -14.20 51.91
CA PHE B 516 -23.53 -13.50 50.75
C PHE B 516 -25.05 -13.59 50.68
N HIS B 517 -25.60 -14.79 50.94
CA HIS B 517 -27.02 -15.01 50.75
C HIS B 517 -27.87 -14.35 51.82
N VAL B 518 -27.29 -14.00 52.96
CA VAL B 518 -28.04 -13.34 54.01
C VAL B 518 -28.07 -11.83 53.82
N SER B 519 -26.95 -11.23 53.42
CA SER B 519 -26.90 -9.79 53.24
C SER B 519 -27.38 -9.34 51.87
N ASN B 520 -27.59 -10.26 50.93
CA ASN B 520 -28.09 -9.91 49.60
C ASN B 520 -29.49 -10.45 49.35
N ASP B 521 -30.22 -10.81 50.41
CA ASP B 521 -31.66 -11.13 50.39
C ASP B 521 -31.99 -12.32 49.48
N TYR B 522 -31.43 -13.48 49.80
CA TYR B 522 -31.68 -14.70 49.05
C TYR B 522 -32.15 -15.81 49.98
N SER B 523 -32.96 -16.70 49.43
CA SER B 523 -33.42 -17.88 50.14
C SER B 523 -32.36 -18.97 50.06
N PHE B 524 -32.27 -19.78 51.10
CA PHE B 524 -31.19 -20.74 51.23
C PHE B 524 -31.66 -22.18 51.30
N ILE B 525 -32.97 -22.43 51.40
CA ILE B 525 -33.47 -23.81 51.47
C ILE B 525 -33.44 -24.51 50.13
N ARG B 526 -33.20 -23.79 49.03
CA ARG B 526 -33.11 -24.42 47.73
C ARG B 526 -31.86 -25.28 47.59
N TYR B 527 -30.83 -25.04 48.39
CA TYR B 527 -29.64 -25.87 48.36
C TYR B 527 -29.78 -27.16 49.16
N TYR B 528 -30.74 -27.22 50.08
CA TYR B 528 -31.00 -28.47 50.80
C TYR B 528 -31.81 -29.42 49.94
N THR B 529 -32.90 -28.94 49.35
CA THR B 529 -33.78 -29.80 48.58
C THR B 529 -33.19 -30.24 47.26
N ARG B 530 -32.31 -29.42 46.66
CA ARG B 530 -31.65 -29.81 45.41
C ARG B 530 -30.75 -31.01 45.61
N THR B 531 -30.11 -31.11 46.77
CA THR B 531 -29.24 -32.24 47.06
C THR B 531 -30.04 -33.52 47.22
N LEU B 532 -31.28 -33.42 47.71
CA LEU B 532 -32.09 -34.61 47.90
C LEU B 532 -32.78 -35.03 46.61
N TYR B 533 -33.18 -34.07 45.77
CA TYR B 533 -33.77 -34.40 44.48
C TYR B 533 -32.76 -34.97 43.50
N GLN B 534 -31.48 -34.65 43.69
CA GLN B 534 -30.45 -35.04 42.73
C GLN B 534 -30.21 -36.54 42.74
N PHE B 535 -30.23 -37.14 43.92
CA PHE B 535 -30.04 -38.59 44.03
C PHE B 535 -31.33 -39.37 43.91
N GLN B 536 -32.48 -38.71 44.07
CA GLN B 536 -33.74 -39.36 43.75
C GLN B 536 -33.92 -39.50 42.25
N PHE B 537 -33.46 -38.49 41.49
CA PHE B 537 -33.50 -38.59 40.04
C PHE B 537 -32.51 -39.64 39.54
N GLN B 538 -31.31 -39.68 40.12
CA GLN B 538 -30.27 -40.56 39.62
C GLN B 538 -30.56 -42.01 39.94
N GLU B 539 -31.19 -42.28 41.09
CA GLU B 539 -31.52 -43.66 41.41
C GLU B 539 -32.71 -44.14 40.61
N ALA B 540 -33.62 -43.24 40.24
CA ALA B 540 -34.78 -43.65 39.46
C ALA B 540 -34.42 -43.87 38.00
N LEU B 541 -33.37 -43.20 37.50
CA LEU B 541 -32.99 -43.36 36.10
C LEU B 541 -32.11 -44.58 35.91
N CYS B 542 -31.40 -45.01 36.95
CA CYS B 542 -30.51 -46.16 36.83
C CYS B 542 -31.25 -47.48 36.98
N GLN B 543 -32.45 -47.48 37.56
CA GLN B 543 -33.28 -48.68 37.52
C GLN B 543 -33.92 -48.85 36.15
N ALA B 544 -34.11 -47.75 35.43
CA ALA B 544 -34.64 -47.82 34.07
C ALA B 544 -33.59 -48.17 33.04
N ALA B 545 -32.33 -47.85 33.31
CA ALA B 545 -31.22 -48.20 32.43
C ALA B 545 -30.62 -49.56 32.75
N LYS B 546 -31.21 -50.27 33.72
CA LYS B 546 -30.83 -51.64 34.12
C LYS B 546 -29.38 -51.71 34.59
N HIS B 547 -29.07 -50.93 35.63
CA HIS B 547 -27.76 -50.96 36.25
C HIS B 547 -27.66 -52.14 37.22
N GLU B 548 -26.44 -52.60 37.48
CA GLU B 548 -26.26 -53.82 38.26
C GLU B 548 -25.38 -53.59 39.49
N GLY B 549 -24.46 -52.63 39.44
CA GLY B 549 -23.51 -52.44 40.50
C GLY B 549 -23.94 -51.42 41.53
N PRO B 550 -22.97 -50.70 42.10
CA PRO B 550 -23.31 -49.61 43.02
C PRO B 550 -23.86 -48.42 42.24
N LEU B 551 -24.50 -47.51 42.98
CA LEU B 551 -25.15 -46.37 42.36
C LEU B 551 -24.14 -45.36 41.83
N HIS B 552 -22.95 -45.29 42.43
CA HIS B 552 -21.97 -44.28 42.03
C HIS B 552 -21.19 -44.65 40.78
N LYS B 553 -21.45 -45.82 40.20
CA LYS B 553 -20.79 -46.23 38.96
C LYS B 553 -21.71 -46.12 37.76
N CYS B 554 -22.85 -45.48 37.91
CA CYS B 554 -23.91 -45.59 36.91
C CYS B 554 -23.74 -44.57 35.80
N ASP B 555 -24.22 -44.95 34.61
CA ASP B 555 -24.19 -44.11 33.43
C ASP B 555 -25.45 -44.39 32.61
N ILE B 556 -26.11 -43.34 32.16
CA ILE B 556 -27.37 -43.48 31.44
C ILE B 556 -27.19 -43.34 29.93
N SER B 557 -25.97 -43.53 29.43
CA SER B 557 -25.75 -43.49 27.99
C SER B 557 -26.37 -44.70 27.31
N ASN B 558 -26.70 -44.54 26.02
CA ASN B 558 -27.24 -45.54 25.10
C ASN B 558 -28.63 -46.05 25.46
N SER B 559 -29.24 -45.52 26.52
CA SER B 559 -30.58 -45.92 26.90
C SER B 559 -31.60 -45.14 26.09
N THR B 560 -32.86 -45.56 26.14
CA THR B 560 -33.91 -44.74 25.57
C THR B 560 -35.05 -44.69 26.59
N GLU B 561 -35.16 -45.75 27.38
CA GLU B 561 -36.25 -45.85 28.34
C GLU B 561 -36.01 -44.92 29.52
N ALA B 562 -34.75 -44.66 29.87
CA ALA B 562 -34.47 -43.73 30.94
C ALA B 562 -34.75 -42.29 30.52
N GLY B 563 -34.39 -41.93 29.29
CA GLY B 563 -34.70 -40.62 28.77
C GLY B 563 -36.18 -40.33 28.63
N GLN B 564 -36.96 -41.34 28.26
CA GLN B 564 -38.40 -41.22 28.29
C GLN B 564 -38.94 -41.05 29.70
N LYS B 565 -38.27 -41.63 30.69
CA LYS B 565 -38.64 -41.36 32.08
C LYS B 565 -38.26 -39.94 32.47
N LEU B 566 -37.18 -39.41 31.89
CA LEU B 566 -36.77 -38.06 32.24
C LEU B 566 -37.57 -37.02 31.48
N PHE B 567 -37.92 -37.29 30.23
CA PHE B 567 -38.60 -36.30 29.40
C PHE B 567 -40.02 -36.07 29.85
N ASN B 568 -40.63 -37.02 30.55
CA ASN B 568 -42.00 -36.84 31.01
C ASN B 568 -42.12 -35.84 32.16
N MET B 569 -41.02 -35.48 32.80
CA MET B 569 -41.00 -34.43 33.79
C MET B 569 -40.53 -33.11 33.23
N LEU B 570 -39.58 -33.15 32.29
CA LEU B 570 -38.93 -31.96 31.76
C LEU B 570 -39.90 -31.05 31.03
N ARG B 571 -40.96 -31.60 30.45
CA ARG B 571 -41.87 -30.82 29.64
C ARG B 571 -43.01 -30.21 30.45
N LEU B 572 -43.07 -30.45 31.75
CA LEU B 572 -44.19 -29.95 32.54
C LEU B 572 -44.06 -28.47 32.85
N GLY B 573 -42.88 -27.99 33.21
CA GLY B 573 -42.76 -26.59 33.57
C GLY B 573 -43.32 -26.35 34.96
N LYS B 574 -44.25 -25.41 35.08
CA LYS B 574 -44.95 -25.12 36.32
C LYS B 574 -46.43 -25.42 36.21
N SER B 575 -46.82 -26.04 35.10
CA SER B 575 -48.23 -26.30 34.82
C SER B 575 -48.84 -27.32 35.76
N GLU B 576 -48.03 -28.18 36.37
CA GLU B 576 -48.49 -29.16 37.31
C GLU B 576 -47.85 -28.87 38.66
N PRO B 577 -48.46 -29.33 39.75
CA PRO B 577 -47.78 -29.28 41.06
C PRO B 577 -46.50 -30.11 41.04
N TRP B 578 -45.51 -29.67 41.81
CA TRP B 578 -44.21 -30.32 41.78
C TRP B 578 -44.27 -31.72 42.38
N THR B 579 -45.20 -31.97 43.28
CA THR B 579 -45.38 -33.33 43.80
C THR B 579 -45.90 -34.26 42.71
N LEU B 580 -46.68 -33.73 41.77
CA LEU B 580 -47.08 -34.51 40.61
C LEU B 580 -45.92 -34.71 39.65
N ALA B 581 -44.94 -33.82 39.65
CA ALA B 581 -43.80 -33.99 38.76
C ALA B 581 -42.85 -35.07 39.28
N LEU B 582 -42.77 -35.25 40.59
CA LEU B 582 -41.86 -36.23 41.16
C LEU B 582 -42.30 -37.67 40.89
N GLU B 583 -43.61 -37.93 40.85
CA GLU B 583 -44.06 -39.29 40.62
C GLU B 583 -43.85 -39.72 39.17
N ASN B 584 -43.69 -38.78 38.25
CA ASN B 584 -43.38 -39.13 36.88
C ASN B 584 -41.98 -39.67 36.71
N VAL B 585 -41.08 -39.41 37.65
CA VAL B 585 -39.72 -39.93 37.61
C VAL B 585 -39.48 -40.94 38.73
N VAL B 586 -39.62 -40.51 39.98
CA VAL B 586 -39.29 -41.35 41.12
C VAL B 586 -40.39 -42.35 41.45
N GLY B 587 -41.64 -41.92 41.49
CA GLY B 587 -42.70 -42.78 41.97
C GLY B 587 -43.17 -42.45 43.37
N ALA B 588 -42.80 -41.28 43.88
CA ALA B 588 -43.22 -40.85 45.20
C ALA B 588 -43.71 -39.41 45.11
N LYS B 589 -44.38 -38.96 46.17
CA LYS B 589 -44.93 -37.61 46.21
C LYS B 589 -44.16 -36.69 47.13
N ASN B 590 -43.03 -37.15 47.67
CA ASN B 590 -42.28 -36.36 48.64
C ASN B 590 -40.80 -36.60 48.45
N MET B 591 -39.99 -35.68 48.97
CA MET B 591 -38.54 -35.85 48.88
C MET B 591 -38.08 -36.90 49.89
N ASN B 592 -37.09 -37.68 49.50
CA ASN B 592 -36.67 -38.84 50.25
C ASN B 592 -35.16 -38.86 50.37
N VAL B 593 -34.66 -39.31 51.53
CA VAL B 593 -33.24 -39.26 51.79
C VAL B 593 -32.56 -40.62 51.57
N ARG B 594 -33.34 -41.69 51.45
CA ARG B 594 -32.79 -43.02 51.21
C ARG B 594 -32.01 -43.20 49.89
N PRO B 595 -32.35 -42.53 48.77
CA PRO B 595 -31.42 -42.59 47.63
C PRO B 595 -30.11 -41.86 47.86
N LEU B 596 -30.05 -40.85 48.73
CA LEU B 596 -28.79 -40.19 49.02
C LEU B 596 -27.87 -41.09 49.83
N LEU B 597 -28.44 -41.88 50.75
CA LEU B 597 -27.63 -42.74 51.58
C LEU B 597 -27.13 -43.96 50.83
N ASN B 598 -27.86 -44.42 49.80
CA ASN B 598 -27.42 -45.56 49.01
C ASN B 598 -26.21 -45.21 48.15
N TYR B 599 -26.04 -43.93 47.83
CA TYR B 599 -24.88 -43.50 47.07
C TYR B 599 -23.60 -43.60 47.90
N PHE B 600 -23.73 -43.39 49.21
CA PHE B 600 -22.57 -43.31 50.10
C PHE B 600 -22.42 -44.51 51.01
N GLU B 601 -23.07 -45.64 50.71
CA GLU B 601 -22.86 -46.83 51.54
C GLU B 601 -21.49 -47.50 51.39
N PRO B 602 -20.80 -47.48 50.22
CA PRO B 602 -19.39 -47.89 50.24
C PRO B 602 -18.49 -47.01 51.07
N LEU B 603 -18.83 -45.75 51.26
CA LEU B 603 -18.04 -44.91 52.16
C LEU B 603 -18.44 -45.11 53.61
N PHE B 604 -19.74 -45.30 53.86
CA PHE B 604 -20.23 -45.47 55.22
C PHE B 604 -19.78 -46.79 55.82
N THR B 605 -19.57 -47.81 55.00
CA THR B 605 -19.00 -49.05 55.50
C THR B 605 -17.53 -48.88 55.86
N TRP B 606 -16.78 -48.19 55.02
CA TRP B 606 -15.35 -47.96 55.27
C TRP B 606 -15.13 -46.98 56.41
N LEU B 607 -16.05 -46.04 56.62
CA LEU B 607 -15.90 -45.06 57.68
C LEU B 607 -16.13 -45.67 59.06
N LYS B 608 -17.01 -46.66 59.17
CA LYS B 608 -17.28 -47.29 60.45
C LYS B 608 -16.16 -48.21 60.88
N ASP B 609 -15.25 -48.57 59.98
CA ASP B 609 -14.10 -49.37 60.37
C ASP B 609 -12.90 -48.51 60.72
N GLN B 610 -12.85 -47.28 60.22
CA GLN B 610 -11.82 -46.33 60.60
C GLN B 610 -12.11 -45.63 61.92
N ASN B 611 -13.32 -45.78 62.46
CA ASN B 611 -13.67 -45.14 63.71
C ASN B 611 -13.96 -46.18 64.79
N LYS B 612 -13.17 -47.24 64.83
CA LYS B 612 -13.28 -48.24 65.88
C LYS B 612 -12.61 -47.82 67.17
N ASN B 613 -11.51 -47.06 67.12
CA ASN B 613 -10.88 -46.53 68.30
C ASN B 613 -11.20 -45.06 68.55
N SER B 614 -11.99 -44.43 67.68
CA SER B 614 -12.31 -43.03 67.86
C SER B 614 -13.60 -42.87 68.66
N PHE B 615 -13.96 -41.62 68.93
CA PHE B 615 -15.21 -41.26 69.55
C PHE B 615 -16.11 -40.59 68.52
N VAL B 616 -17.31 -41.13 68.35
CA VAL B 616 -18.25 -40.63 67.35
C VAL B 616 -19.26 -39.75 68.05
N GLY B 617 -19.32 -38.49 67.65
CA GLY B 617 -20.10 -37.47 68.33
C GLY B 617 -19.21 -36.40 68.90
N TRP B 618 -19.85 -35.42 69.55
CA TRP B 618 -19.10 -34.29 70.05
C TRP B 618 -19.75 -33.75 71.30
N SER B 619 -18.98 -32.96 72.04
CA SER B 619 -19.42 -32.31 73.25
C SER B 619 -19.61 -30.82 72.99
N THR B 620 -20.73 -30.27 73.49
CA THR B 620 -21.02 -28.86 73.31
C THR B 620 -20.50 -28.01 74.46
N ASP B 621 -19.61 -28.55 75.30
CA ASP B 621 -19.06 -27.82 76.42
C ASP B 621 -17.63 -27.36 76.20
N TRP B 622 -16.87 -28.05 75.36
CA TRP B 622 -15.48 -27.69 75.12
C TRP B 622 -15.39 -26.47 74.23
N SER B 623 -14.39 -25.64 74.50
CA SER B 623 -14.09 -24.46 73.70
C SER B 623 -12.58 -24.33 73.59
N PRO B 624 -12.07 -23.74 72.50
CA PRO B 624 -10.62 -23.56 72.37
C PRO B 624 -10.04 -22.46 73.23
N TYR B 625 -10.87 -21.70 73.95
CA TYR B 625 -10.39 -20.66 74.85
C TYR B 625 -10.66 -20.99 76.32
N ALA B 626 -11.42 -22.04 76.61
CA ALA B 626 -11.92 -22.27 77.95
C ALA B 626 -10.99 -23.21 78.73
N ASP B 627 -9.70 -22.87 78.73
CA ASP B 627 -8.77 -23.46 79.67
C ASP B 627 -7.80 -22.41 80.18
N GLN B 628 -7.90 -21.21 79.60
CA GLN B 628 -7.22 -20.03 80.11
C GLN B 628 -8.21 -19.00 80.64
N SER B 629 -9.45 -19.40 80.86
CA SER B 629 -10.48 -18.51 81.37
C SER B 629 -10.56 -18.60 82.89
N ILE B 630 -10.99 -17.50 83.49
CA ILE B 630 -11.18 -17.40 84.94
C ILE B 630 -12.64 -17.07 85.19
N LYS B 631 -13.27 -17.83 86.09
CA LYS B 631 -14.65 -17.60 86.45
C LYS B 631 -14.74 -16.59 87.59
N VAL B 632 -15.61 -15.60 87.41
CA VAL B 632 -15.84 -14.54 88.39
C VAL B 632 -17.27 -14.70 88.91
N ARG B 633 -17.45 -14.60 90.22
CA ARG B 633 -18.77 -14.64 90.82
C ARG B 633 -18.95 -13.42 91.71
N ILE B 634 -20.08 -12.73 91.54
CA ILE B 634 -20.33 -11.45 92.19
C ILE B 634 -21.62 -11.55 92.99
N SER B 635 -21.55 -11.26 94.28
CA SER B 635 -22.70 -11.29 95.19
C SER B 635 -22.94 -9.87 95.69
N LEU B 636 -23.79 -9.13 94.98
CA LEU B 636 -24.01 -7.72 95.30
C LEU B 636 -24.86 -7.56 96.56
N LYS B 637 -25.91 -8.37 96.69
CA LYS B 637 -26.86 -8.17 97.77
C LYS B 637 -26.35 -8.73 99.10
N SER B 638 -25.24 -9.49 99.05
CA SER B 638 -24.61 -9.93 100.29
C SER B 638 -23.73 -8.83 100.87
N ALA B 639 -23.06 -8.06 100.00
CA ALA B 639 -22.14 -7.04 100.47
C ALA B 639 -22.87 -5.79 100.92
N LEU B 640 -23.83 -5.34 100.11
CA LEU B 640 -24.56 -4.11 100.44
C LEU B 640 -25.99 -4.33 100.89
N GLY B 641 -26.69 -5.23 100.22
CA GLY B 641 -28.07 -5.50 100.56
C GLY B 641 -28.99 -4.45 100.00
N ASP B 642 -29.99 -4.05 100.78
CA ASP B 642 -30.95 -3.03 100.36
C ASP B 642 -30.27 -1.68 100.19
N LYS B 643 -29.50 -1.54 99.13
CA LYS B 643 -28.79 -0.30 98.85
C LYS B 643 -27.73 -0.53 97.78
N ALA B 644 -27.79 -1.72 97.17
CA ALA B 644 -26.84 -2.08 96.14
C ALA B 644 -27.31 -1.70 94.74
N TYR B 645 -26.38 -1.19 93.93
CA TYR B 645 -26.67 -0.81 92.57
C TYR B 645 -27.04 -2.05 91.75
N GLU B 646 -27.55 -1.81 90.56
CA GLU B 646 -27.92 -2.91 89.66
C GLU B 646 -26.86 -3.04 88.58
N TRP B 647 -26.62 -4.26 88.13
CA TRP B 647 -25.47 -4.59 87.28
C TRP B 647 -25.91 -4.56 85.82
N ASN B 648 -25.83 -3.37 85.23
CA ASN B 648 -26.07 -3.21 83.81
C ASN B 648 -24.75 -3.40 83.06
N ASP B 649 -24.74 -3.09 81.77
CA ASP B 649 -23.54 -3.28 80.96
C ASP B 649 -22.58 -2.10 81.06
N ASN B 650 -22.92 -1.05 81.80
CA ASN B 650 -21.91 -0.06 82.14
C ASN B 650 -21.01 -0.54 83.25
N GLU B 651 -21.50 -1.44 84.11
CA GLU B 651 -20.65 -2.06 85.13
C GLU B 651 -19.73 -3.10 84.52
N MET B 652 -20.14 -3.72 83.42
CA MET B 652 -19.24 -4.64 82.73
C MET B 652 -18.14 -3.89 82.00
N TYR B 653 -18.40 -2.64 81.61
CA TYR B 653 -17.35 -1.83 80.99
C TYR B 653 -16.32 -1.40 82.03
N LEU B 654 -16.77 -1.08 83.25
CA LEU B 654 -15.84 -0.71 84.30
C LEU B 654 -15.04 -1.91 84.80
N PHE B 655 -15.61 -3.11 84.73
CA PHE B 655 -14.87 -4.30 85.12
C PHE B 655 -13.78 -4.63 84.11
N ARG B 656 -14.06 -4.45 82.83
CA ARG B 656 -13.06 -4.75 81.82
C ARG B 656 -11.95 -3.72 81.77
N SER B 657 -12.20 -2.51 82.26
CA SER B 657 -11.14 -1.51 82.35
C SER B 657 -10.30 -1.70 83.61
N SER B 658 -10.87 -2.24 84.67
CA SER B 658 -10.11 -2.52 85.87
C SER B 658 -9.19 -3.72 85.70
N VAL B 659 -9.59 -4.70 84.90
CA VAL B 659 -8.71 -5.83 84.62
C VAL B 659 -7.60 -5.41 83.68
N ALA B 660 -7.92 -4.57 82.69
CA ALA B 660 -6.89 -4.04 81.79
C ALA B 660 -5.92 -3.13 82.51
N TYR B 661 -6.37 -2.45 83.57
CA TYR B 661 -5.46 -1.67 84.39
C TYR B 661 -4.54 -2.56 85.20
N ALA B 662 -5.05 -3.69 85.69
CA ALA B 662 -4.24 -4.59 86.51
C ALA B 662 -3.21 -5.33 85.68
N MET B 663 -3.51 -5.60 84.41
CA MET B 663 -2.52 -6.20 83.53
C MET B 663 -1.43 -5.21 83.14
N ARG B 664 -1.76 -3.92 83.09
CA ARG B 664 -0.76 -2.91 82.77
C ARG B 664 0.21 -2.74 83.93
N GLN B 665 -0.27 -2.82 85.17
CA GLN B 665 0.60 -2.63 86.32
C GLN B 665 1.48 -3.84 86.56
N TYR B 666 1.03 -5.04 86.17
CA TYR B 666 1.83 -6.23 86.40
C TYR B 666 3.00 -6.31 85.44
N PHE B 667 2.78 -5.98 84.18
CA PHE B 667 3.86 -6.05 83.20
C PHE B 667 4.86 -4.92 83.35
N LEU B 668 4.49 -3.84 84.02
CA LEU B 668 5.42 -2.73 84.21
C LEU B 668 6.32 -2.95 85.43
N LYS B 669 5.77 -3.47 86.51
CA LYS B 669 6.52 -3.58 87.75
C LYS B 669 7.22 -4.92 87.92
N VAL B 670 6.84 -5.94 87.16
CA VAL B 670 7.45 -7.26 87.26
C VAL B 670 8.24 -7.60 86.00
N LYS B 671 7.65 -7.40 84.83
CA LYS B 671 8.29 -7.78 83.58
C LYS B 671 9.00 -6.61 82.90
N ASN B 672 8.92 -5.41 83.47
CA ASN B 672 9.54 -4.17 82.99
C ASN B 672 9.15 -3.79 81.57
N GLN B 673 7.96 -4.16 81.10
CA GLN B 673 7.48 -3.81 79.78
C GLN B 673 6.26 -2.91 79.90
N MET B 674 6.02 -2.09 78.89
CA MET B 674 4.81 -1.29 78.84
C MET B 674 3.95 -1.82 77.70
N ILE B 675 2.79 -2.37 78.04
CA ILE B 675 1.86 -2.95 77.08
C ILE B 675 0.52 -2.26 77.28
N LEU B 676 -0.08 -1.80 76.20
CA LEU B 676 -1.29 -0.99 76.28
C LEU B 676 -2.52 -1.89 76.16
N PHE B 677 -2.86 -2.54 77.27
CA PHE B 677 -4.10 -3.31 77.34
C PHE B 677 -5.29 -2.37 77.40
N GLY B 678 -6.36 -2.74 76.69
CA GLY B 678 -7.60 -2.00 76.72
C GLY B 678 -8.75 -2.88 77.18
N GLU B 679 -9.94 -2.28 77.24
CA GLU B 679 -11.12 -3.02 77.62
C GLU B 679 -11.59 -3.97 76.52
N GLU B 680 -11.13 -3.77 75.29
CA GLU B 680 -11.45 -4.65 74.18
C GLU B 680 -10.54 -5.87 74.10
N ASP B 681 -9.56 -5.97 74.99
CA ASP B 681 -8.70 -7.14 75.09
C ASP B 681 -9.11 -8.08 76.20
N VAL B 682 -10.21 -7.80 76.89
CA VAL B 682 -10.77 -8.68 77.91
C VAL B 682 -12.06 -9.25 77.33
N ARG B 683 -12.07 -10.55 77.06
CA ARG B 683 -13.16 -11.20 76.36
C ARG B 683 -14.06 -11.95 77.34
N VAL B 684 -15.31 -11.51 77.44
CA VAL B 684 -16.26 -12.00 78.43
C VAL B 684 -17.21 -12.98 77.76
N ALA B 685 -17.39 -14.15 78.37
CA ALA B 685 -18.34 -15.15 77.90
C ALA B 685 -19.21 -15.64 79.05
N ASN B 686 -20.40 -16.13 78.68
CA ASN B 686 -21.33 -16.84 79.57
C ASN B 686 -21.81 -15.98 80.74
N LEU B 687 -22.49 -14.88 80.41
CA LEU B 687 -23.00 -13.98 81.43
C LEU B 687 -24.31 -14.53 82.00
N LYS B 688 -24.35 -14.76 83.31
CA LYS B 688 -25.56 -15.29 83.95
C LYS B 688 -26.26 -14.28 84.85
N PRO B 689 -27.49 -14.67 85.36
CA PRO B 689 -28.14 -13.67 86.22
C PRO B 689 -27.52 -13.58 87.62
N ARG B 690 -27.08 -14.70 88.17
CA ARG B 690 -26.43 -14.68 89.49
C ARG B 690 -25.27 -13.70 89.45
N ILE B 691 -24.85 -13.38 88.23
CA ILE B 691 -23.73 -12.50 87.97
C ILE B 691 -22.48 -13.36 88.01
N SER B 692 -22.23 -14.03 86.90
CA SER B 692 -21.08 -14.88 86.74
C SER B 692 -20.77 -14.93 85.25
N PHE B 693 -19.48 -14.94 84.94
CA PHE B 693 -18.98 -14.96 83.58
C PHE B 693 -17.57 -15.50 83.61
N ASN B 694 -17.05 -15.84 82.44
CA ASN B 694 -15.66 -16.18 82.28
C ASN B 694 -14.97 -15.06 81.51
N PHE B 695 -13.68 -14.89 81.75
CA PHE B 695 -12.93 -13.93 80.96
C PHE B 695 -11.52 -14.46 80.73
N PHE B 696 -10.93 -14.05 79.61
CA PHE B 696 -9.53 -14.28 79.32
C PHE B 696 -8.97 -13.03 78.67
N VAL B 697 -7.65 -12.86 78.76
CA VAL B 697 -6.98 -11.64 78.34
C VAL B 697 -6.16 -11.93 77.10
N THR B 698 -6.16 -11.00 76.15
CA THR B 698 -5.52 -11.15 74.86
C THR B 698 -4.55 -9.98 74.66
N ALA B 699 -3.43 -10.25 73.97
CA ALA B 699 -2.48 -9.21 73.58
C ALA B 699 -3.18 -8.15 72.70
N PRO B 700 -2.75 -6.85 72.78
CA PRO B 700 -3.60 -5.73 72.34
C PRO B 700 -4.15 -5.72 70.92
N LYS B 701 -3.38 -6.14 69.92
CA LYS B 701 -3.96 -6.34 68.60
C LYS B 701 -3.74 -7.73 68.02
N ASN B 702 -2.88 -8.54 68.62
CA ASN B 702 -2.74 -9.93 68.22
C ASN B 702 -3.85 -10.76 68.86
N VAL B 703 -4.88 -11.07 68.07
CA VAL B 703 -6.02 -11.83 68.57
C VAL B 703 -5.67 -13.29 68.84
N SER B 704 -4.57 -13.79 68.29
CA SER B 704 -4.16 -15.18 68.48
C SER B 704 -3.35 -15.38 69.74
N ASP B 705 -2.95 -14.31 70.42
CA ASP B 705 -2.05 -14.40 71.57
C ASP B 705 -2.89 -14.25 72.83
N ILE B 706 -3.12 -15.36 73.52
CA ILE B 706 -3.82 -15.37 74.79
C ILE B 706 -2.77 -15.38 75.90
N ILE B 707 -2.89 -14.43 76.82
CA ILE B 707 -2.05 -14.41 78.01
C ILE B 707 -2.38 -15.64 78.86
N PRO B 708 -1.41 -16.38 79.38
CA PRO B 708 -1.71 -17.60 80.12
C PRO B 708 -2.43 -17.31 81.43
N ARG B 709 -3.07 -18.36 81.95
CA ARG B 709 -3.89 -18.23 83.15
C ARG B 709 -3.05 -17.98 84.38
N THR B 710 -1.81 -18.47 84.41
CA THR B 710 -0.94 -18.27 85.55
C THR B 710 -0.43 -16.85 85.65
N GLU B 711 -0.35 -16.11 84.55
CA GLU B 711 0.09 -14.73 84.58
C GLU B 711 -1.04 -13.76 84.87
N VAL B 712 -2.29 -14.16 84.62
CA VAL B 712 -3.42 -13.31 84.95
C VAL B 712 -3.77 -13.46 86.43
N GLU B 713 -3.54 -14.65 87.00
CA GLU B 713 -3.74 -14.84 88.43
C GLU B 713 -2.73 -14.04 89.24
N LYS B 714 -1.49 -13.93 88.76
CA LYS B 714 -0.51 -13.12 89.45
C LYS B 714 -0.79 -11.63 89.30
N ALA B 715 -1.42 -11.23 88.20
CA ALA B 715 -1.77 -9.84 88.00
C ALA B 715 -2.97 -9.43 88.84
N ILE B 716 -3.92 -10.35 89.04
CA ILE B 716 -5.10 -10.03 89.83
C ILE B 716 -4.77 -10.03 91.31
N ARG B 717 -3.86 -10.90 91.76
CA ARG B 717 -3.40 -10.90 93.14
C ARG B 717 -2.66 -9.61 93.49
N MET B 718 -2.01 -8.99 92.51
CA MET B 718 -1.26 -7.76 92.78
C MET B 718 -2.20 -6.58 92.98
N SER B 719 -3.36 -6.60 92.34
CA SER B 719 -4.27 -5.45 92.34
C SER B 719 -5.69 -5.84 92.77
N ARG B 720 -5.82 -6.84 93.63
CA ARG B 720 -7.15 -7.26 94.06
C ARG B 720 -7.79 -6.23 94.98
N SER B 721 -6.99 -5.58 95.82
CA SER B 721 -7.50 -4.55 96.72
C SER B 721 -7.97 -3.31 95.97
N ARG B 722 -7.46 -3.09 94.76
CA ARG B 722 -7.87 -1.95 93.96
C ARG B 722 -9.15 -2.23 93.17
N ILE B 723 -9.34 -3.48 92.74
CA ILE B 723 -10.56 -3.85 92.01
C ILE B 723 -11.74 -3.92 92.97
N ASN B 724 -11.50 -4.34 94.22
CA ASN B 724 -12.56 -4.42 95.22
C ASN B 724 -13.10 -3.04 95.56
N ASP B 725 -12.23 -2.04 95.65
CA ASP B 725 -12.65 -0.71 96.03
C ASP B 725 -13.44 -0.01 94.94
N ALA B 726 -13.24 -0.38 93.67
CA ALA B 726 -13.99 0.23 92.59
C ALA B 726 -15.44 -0.22 92.55
N PHE B 727 -15.77 -1.35 93.19
CA PHE B 727 -17.10 -1.88 93.18
C PHE B 727 -17.71 -2.02 94.58
N ARG B 728 -16.95 -1.63 95.63
CA ARG B 728 -17.33 -1.77 97.04
C ARG B 728 -17.60 -3.22 97.43
N LEU B 729 -16.70 -4.12 97.05
CA LEU B 729 -16.80 -5.52 97.41
C LEU B 729 -15.62 -5.89 98.32
N ASN B 730 -15.68 -7.06 98.93
CA ASN B 730 -14.79 -7.35 100.05
C ASN B 730 -14.22 -8.77 100.06
N ASP B 731 -13.84 -9.30 98.89
CA ASP B 731 -13.16 -10.58 98.67
C ASP B 731 -14.01 -11.81 99.01
N ASN B 732 -15.21 -11.62 99.54
CA ASN B 732 -16.21 -12.66 99.65
C ASN B 732 -17.42 -12.37 98.78
N SER B 733 -17.50 -11.17 98.21
CA SER B 733 -18.53 -10.81 97.26
C SER B 733 -17.98 -10.64 95.85
N LEU B 734 -16.66 -10.72 95.68
CA LEU B 734 -16.01 -10.70 94.38
C LEU B 734 -15.03 -11.85 94.40
N GLU B 735 -15.46 -13.00 93.89
CA GLU B 735 -14.65 -14.21 93.91
C GLU B 735 -14.08 -14.48 92.53
N PHE B 736 -12.77 -14.66 92.47
CA PHE B 736 -12.10 -15.21 91.30
C PHE B 736 -11.83 -16.67 91.62
N LEU B 737 -12.56 -17.56 90.95
CA LEU B 737 -12.55 -18.98 91.30
C LEU B 737 -11.23 -19.60 90.88
N GLY B 738 -10.50 -20.12 91.87
CA GLY B 738 -9.15 -20.58 91.67
C GLY B 738 -8.09 -19.67 92.26
N ILE B 739 -8.46 -18.49 92.73
CA ILE B 739 -7.55 -17.56 93.38
C ILE B 739 -8.07 -17.35 94.81
N GLN B 740 -7.21 -17.58 95.79
CA GLN B 740 -7.65 -17.52 97.17
C GLN B 740 -6.87 -16.46 97.95
N PRO B 741 -7.51 -15.79 98.91
CA PRO B 741 -6.76 -14.92 99.83
C PRO B 741 -5.90 -15.74 100.77
N THR B 742 -4.67 -15.27 101.02
CA THR B 742 -3.69 -16.09 101.69
C THR B 742 -3.19 -15.56 103.04
N LEU B 743 -2.74 -14.31 103.07
CA LEU B 743 -1.93 -13.79 104.18
C LEU B 743 -2.73 -13.40 105.42
N GLY B 744 -2.12 -12.61 106.30
CA GLY B 744 -2.78 -12.05 107.47
C GLY B 744 -2.54 -12.70 108.84
N PRO B 745 -1.29 -12.78 109.31
CA PRO B 745 -1.05 -13.37 110.64
C PRO B 745 -1.47 -12.41 111.74
N PRO B 746 -2.22 -12.90 112.75
CA PRO B 746 -2.68 -12.01 113.81
C PRO B 746 -1.79 -11.97 115.04
N ASN B 747 -1.85 -10.87 115.78
CA ASN B 747 -1.04 -10.69 116.98
C ASN B 747 -0.83 -9.22 117.32
N GLN B 748 -0.24 -8.96 118.47
CA GLN B 748 0.04 -7.60 118.94
C GLN B 748 0.48 -7.65 120.39
N PRO B 749 -0.07 -8.54 121.20
CA PRO B 749 0.32 -8.59 122.61
C PRO B 749 1.80 -8.92 122.75
N PRO B 750 2.63 -7.99 123.24
CA PRO B 750 4.04 -8.35 123.36
C PRO B 750 4.35 -8.73 124.79
N VAL B 751 3.39 -9.36 125.46
CA VAL B 751 3.58 -9.78 126.84
C VAL B 751 2.47 -10.71 127.35
N SER B 752 1.35 -10.76 126.65
CA SER B 752 0.25 -11.61 127.07
C SER B 752 -0.51 -10.89 128.16
N ILE B 753 -1.59 -10.23 127.80
CA ILE B 753 -2.38 -9.47 128.76
C ILE B 753 -2.89 -10.26 129.95
N TRP B 754 -2.86 -11.59 129.89
CA TRP B 754 -3.34 -12.36 131.03
C TRP B 754 -2.32 -12.46 132.16
N LEU B 755 -1.04 -12.25 131.88
CA LEU B 755 -0.04 -12.24 132.94
C LEU B 755 0.00 -10.93 133.71
N ILE B 756 -0.40 -9.82 133.09
CA ILE B 756 -0.49 -8.56 133.80
C ILE B 756 -1.64 -8.57 134.79
N VAL B 757 -2.81 -9.04 134.33
CA VAL B 757 -3.99 -9.09 135.20
C VAL B 757 -3.80 -10.11 136.31
N PHE B 758 -3.05 -11.18 136.03
CA PHE B 758 -2.70 -12.10 137.10
C PHE B 758 -1.75 -11.47 138.10
N GLY B 759 -0.78 -10.70 137.62
CA GLY B 759 0.20 -10.09 138.49
C GLY B 759 -0.36 -9.00 139.38
N VAL B 760 -1.46 -8.38 138.99
CA VAL B 760 -2.11 -7.37 139.80
C VAL B 760 -3.01 -8.08 140.82
N VAL B 761 -3.74 -9.09 140.36
CA VAL B 761 -4.64 -9.82 141.25
C VAL B 761 -3.90 -10.67 142.28
N MET B 762 -2.83 -11.37 141.90
CA MET B 762 -2.02 -12.09 142.88
C MET B 762 -1.22 -11.15 143.76
N GLY B 763 -1.02 -9.91 143.31
CA GLY B 763 -0.35 -8.93 144.17
C GLY B 763 -1.25 -8.34 145.22
N VAL B 764 -2.52 -8.14 144.90
CA VAL B 764 -3.42 -7.54 145.88
C VAL B 764 -3.93 -8.60 146.86
N ILE B 765 -3.74 -9.88 146.53
CA ILE B 765 -4.10 -10.94 147.47
C ILE B 765 -2.98 -11.16 148.47
N VAL B 766 -1.74 -11.28 148.01
CA VAL B 766 -0.63 -11.61 148.89
C VAL B 766 -0.24 -10.47 149.83
N VAL B 767 -0.67 -9.23 149.55
CA VAL B 767 -0.50 -8.19 150.55
C VAL B 767 -1.74 -8.09 151.43
N GLY B 768 -2.87 -8.63 151.00
CA GLY B 768 -4.04 -8.66 151.85
C GLY B 768 -3.98 -9.70 152.94
N ILE B 769 -3.12 -10.69 152.80
CA ILE B 769 -2.93 -11.67 153.87
C ILE B 769 -1.92 -11.17 154.90
N VAL B 770 -0.98 -10.31 154.50
CA VAL B 770 -0.04 -9.81 155.49
C VAL B 770 -0.60 -8.58 156.21
N ILE B 771 -1.77 -8.10 155.79
CA ILE B 771 -2.50 -7.16 156.63
C ILE B 771 -3.38 -7.92 157.62
N LEU B 772 -4.03 -8.98 157.17
CA LEU B 772 -4.91 -9.76 158.04
C LEU B 772 -4.16 -10.69 158.98
N ILE B 773 -2.84 -10.87 158.80
CA ILE B 773 -2.08 -11.60 159.81
C ILE B 773 -1.54 -10.65 160.87
N PHE B 774 -1.07 -9.48 160.47
CA PHE B 774 -0.56 -8.53 161.45
C PHE B 774 -1.66 -7.84 162.22
N THR B 775 -2.89 -7.87 161.72
CA THR B 775 -3.99 -7.26 162.44
C THR B 775 -4.36 -8.23 163.58
N GLY B 776 -4.43 -9.51 163.26
CA GLY B 776 -4.75 -10.51 164.25
C GLY B 776 -3.78 -10.48 165.41
N ILE B 777 -2.49 -10.40 165.08
CA ILE B 777 -1.45 -10.35 166.10
C ILE B 777 -1.53 -9.02 166.85
N ARG B 778 -1.60 -7.92 166.10
CA ARG B 778 -1.70 -6.61 166.72
C ARG B 778 -3.12 -6.41 167.22
N ASP B 779 -3.79 -7.53 167.53
CA ASP B 779 -5.15 -7.50 168.03
C ASP B 779 -5.36 -8.51 169.15
N ARG B 780 -4.41 -9.43 169.29
CA ARG B 780 -4.51 -10.43 170.36
C ARG B 780 -3.15 -10.72 170.98
N VAL C 25 -4.95 53.95 170.78
CA VAL C 25 -5.97 53.00 171.23
C VAL C 25 -6.97 53.70 172.14
N LEU C 26 -8.22 53.75 171.71
CA LEU C 26 -9.29 54.30 172.56
C LEU C 26 -9.54 53.36 173.73
N PRO C 27 -9.75 53.87 174.95
CA PRO C 27 -9.99 52.97 176.09
C PRO C 27 -11.30 52.19 176.02
N ASN C 28 -12.22 52.52 175.10
CA ASN C 28 -13.46 51.81 174.79
C ASN C 28 -14.32 51.60 176.03
N PRO C 29 -15.03 52.63 176.48
CA PRO C 29 -15.72 52.56 177.79
C PRO C 29 -16.85 51.54 177.80
N GLY C 30 -16.73 50.56 178.69
CA GLY C 30 -17.72 49.51 178.80
C GLY C 30 -17.44 48.32 177.89
N LEU C 31 -16.17 47.99 177.68
CA LEU C 31 -15.83 46.85 176.85
C LEU C 31 -16.14 45.54 177.58
N ASP C 32 -15.83 45.48 178.86
CA ASP C 32 -16.24 44.34 179.65
C ASP C 32 -17.73 44.44 179.99
N ALA C 33 -18.27 43.35 180.53
CA ALA C 33 -19.70 43.10 180.73
C ALA C 33 -20.50 43.21 179.43
N ARG C 34 -19.86 42.98 178.29
CA ARG C 34 -20.48 42.81 176.99
C ARG C 34 -20.01 41.55 176.29
N ILE C 35 -18.76 41.16 176.52
CA ILE C 35 -18.15 39.97 175.93
C ILE C 35 -17.92 38.96 177.05
N PRO C 36 -17.70 37.67 176.75
CA PRO C 36 -17.25 36.74 177.80
C PRO C 36 -15.89 37.13 178.35
N SER C 37 -15.65 36.77 179.60
CA SER C 37 -14.58 37.40 180.38
C SER C 37 -13.49 36.42 180.80
N LEU C 38 -13.08 35.54 179.88
CA LEU C 38 -11.81 34.79 179.91
C LEU C 38 -11.72 33.73 181.01
N ALA C 39 -12.72 33.66 181.89
CA ALA C 39 -12.90 32.54 182.80
C ALA C 39 -14.32 32.01 182.75
N GLU C 40 -15.25 32.77 182.18
CA GLU C 40 -16.58 32.32 181.80
C GLU C 40 -16.56 31.45 180.55
N LEU C 41 -15.43 31.41 179.83
CA LEU C 41 -15.35 30.68 178.57
C LEU C 41 -15.35 29.16 178.77
N GLU C 42 -14.72 28.67 179.84
CA GLU C 42 -14.81 27.24 180.15
C GLU C 42 -16.20 26.85 180.63
N THR C 43 -16.97 27.79 181.17
CA THR C 43 -18.32 27.53 181.62
C THR C 43 -19.36 27.69 180.52
N ILE C 44 -19.23 28.69 179.66
CA ILE C 44 -20.22 28.92 178.61
C ILE C 44 -20.14 27.85 177.52
N GLU C 45 -19.00 27.17 177.38
CA GLU C 45 -18.87 26.18 176.31
C GLU C 45 -19.54 24.87 176.68
N GLN C 46 -19.72 24.60 177.96
CA GLN C 46 -20.39 23.38 178.42
C GLN C 46 -21.90 23.54 178.52
N GLU C 47 -22.41 24.76 178.30
CA GLU C 47 -23.85 25.00 178.26
C GLU C 47 -24.36 25.37 176.87
N GLU C 48 -23.48 25.37 175.86
CA GLU C 48 -23.89 25.60 174.48
C GLU C 48 -24.03 24.30 173.70
N ALA C 49 -24.33 23.20 174.37
CA ALA C 49 -24.51 21.91 173.73
C ALA C 49 -25.89 21.72 173.12
N SER C 50 -26.79 22.69 173.30
CA SER C 50 -28.12 22.59 172.74
C SER C 50 -28.59 23.85 172.02
N SER C 51 -27.87 24.97 172.16
CA SER C 51 -28.28 26.23 171.54
C SER C 51 -27.56 26.45 170.20
N ARG C 52 -26.24 26.34 170.20
CA ARG C 52 -25.43 26.57 169.02
C ARG C 52 -24.94 25.23 168.44
N PRO C 53 -24.81 25.12 167.12
CA PRO C 53 -24.38 23.86 166.52
C PRO C 53 -22.89 23.62 166.72
N LYS C 54 -22.47 22.41 166.33
CA LYS C 54 -21.10 21.97 166.49
C LYS C 54 -20.62 21.30 165.21
N TRP C 55 -19.32 21.07 165.14
CA TRP C 55 -18.75 20.22 164.10
C TRP C 55 -18.67 18.79 164.62
N ASP C 56 -18.74 17.83 163.69
CA ASP C 56 -18.62 16.43 164.08
C ASP C 56 -17.20 16.08 164.48
N ASN C 57 -16.23 16.44 163.63
CA ASN C 57 -14.82 16.22 163.92
C ASN C 57 -14.03 17.39 163.35
N LYS C 58 -12.70 17.31 163.46
CA LYS C 58 -11.85 18.38 162.98
C LYS C 58 -11.79 18.42 161.46
N ALA C 59 -11.92 17.27 160.81
CA ALA C 59 -11.82 17.21 159.36
C ALA C 59 -13.05 17.82 158.68
N GLN C 60 -14.18 17.88 159.38
CA GLN C 60 -15.36 18.51 158.80
C GLN C 60 -15.23 20.02 158.81
N TYR C 61 -14.37 20.56 159.67
CA TYR C 61 -14.18 22.00 159.75
C TYR C 61 -13.14 22.47 158.75
N MET C 62 -12.11 21.65 158.51
CA MET C 62 -11.08 22.01 157.55
C MET C 62 -11.55 21.91 156.12
N LEU C 63 -12.37 20.90 155.80
CA LEU C 63 -12.90 20.76 154.45
C LEU C 63 -13.99 21.76 154.14
N THR C 64 -14.67 22.29 155.15
CA THR C 64 -15.65 23.35 154.93
C THR C 64 -14.95 24.68 154.68
N CYS C 65 -13.80 24.89 155.32
CA CYS C 65 -13.10 26.16 155.17
C CYS C 65 -12.35 26.25 153.86
N LEU C 66 -11.57 25.24 153.50
CA LEU C 66 -10.83 25.31 152.24
C LEU C 66 -11.66 24.88 151.04
N GLY C 67 -12.93 24.52 151.24
CA GLY C 67 -13.83 24.40 150.11
C GLY C 67 -14.57 25.69 149.82
N PHE C 68 -14.69 26.55 150.83
CA PHE C 68 -15.24 27.89 150.67
C PHE C 68 -14.29 28.81 149.93
N CYS C 69 -12.98 28.55 149.97
CA CYS C 69 -12.01 29.45 149.35
C CYS C 69 -11.53 29.01 147.98
N VAL C 70 -11.76 27.77 147.56
CA VAL C 70 -11.27 27.33 146.26
C VAL C 70 -12.43 27.29 145.28
N GLY C 71 -12.11 27.53 144.01
CA GLY C 71 -13.05 27.32 142.93
C GLY C 71 -13.69 28.57 142.38
N LEU C 72 -13.76 28.65 141.04
CA LEU C 72 -14.45 29.69 140.28
C LEU C 72 -13.91 31.08 140.62
N GLY C 73 -12.68 31.31 140.17
CA GLY C 73 -11.89 32.45 140.57
C GLY C 73 -10.45 32.03 140.56
N ASN C 74 -10.23 30.72 140.49
CA ASN C 74 -8.97 30.14 140.07
C ASN C 74 -8.97 29.79 138.59
N VAL C 75 -10.14 29.69 137.98
CA VAL C 75 -10.29 29.37 136.57
C VAL C 75 -10.79 30.57 135.77
N TRP C 76 -11.52 31.47 136.42
CA TRP C 76 -12.28 32.49 135.70
C TRP C 76 -11.62 33.85 135.80
N ARG C 77 -11.25 34.25 137.02
CA ARG C 77 -10.69 35.59 137.20
C ARG C 77 -9.18 35.59 137.21
N PHE C 78 -8.55 34.46 137.52
CA PHE C 78 -7.08 34.46 137.59
C PHE C 78 -6.41 34.46 136.21
N PRO C 79 -6.71 33.57 135.25
CA PRO C 79 -5.99 33.66 133.97
C PRO C 79 -6.47 34.78 133.08
N TYR C 80 -7.68 35.28 133.28
CA TYR C 80 -8.13 36.50 132.62
C TYR C 80 -7.31 37.70 133.08
N LEU C 81 -6.93 37.74 134.36
CA LEU C 81 -6.12 38.82 134.87
C LEU C 81 -4.64 38.61 134.63
N CYS C 82 -4.22 37.36 134.41
CA CYS C 82 -2.79 37.07 134.33
C CYS C 82 -2.20 37.42 132.97
N GLN C 83 -2.99 37.33 131.89
CA GLN C 83 -2.47 37.68 130.58
C GLN C 83 -2.27 39.18 130.44
N SER C 84 -3.20 39.96 130.95
CA SER C 84 -3.15 41.42 130.76
C SER C 84 -2.01 42.03 131.56
N HIS C 85 -1.76 41.51 132.76
CA HIS C 85 -0.79 42.12 133.66
C HIS C 85 0.59 41.47 133.50
N GLY C 86 1.08 41.53 132.28
CA GLY C 86 2.44 41.12 131.96
C GLY C 86 2.59 39.72 131.43
N GLY C 87 1.51 39.05 131.04
CA GLY C 87 1.60 37.68 130.58
C GLY C 87 1.73 36.70 131.73
N GLY C 88 2.84 36.79 132.46
CA GLY C 88 3.05 36.00 133.66
C GLY C 88 3.69 36.83 134.74
N ALA C 89 3.58 38.15 134.61
CA ALA C 89 4.04 39.08 135.62
C ALA C 89 2.99 39.38 136.68
N PHE C 90 1.94 38.55 136.75
CA PHE C 90 0.90 38.66 137.76
C PHE C 90 1.17 37.76 138.96
N MET C 91 2.15 36.85 138.86
CA MET C 91 2.43 35.93 139.97
C MET C 91 3.36 36.55 141.00
N ILE C 92 4.05 37.64 140.69
CA ILE C 92 4.91 38.24 141.70
C ILE C 92 4.07 39.04 142.71
N PRO C 93 3.35 40.08 142.14
CA PRO C 93 2.54 40.85 143.09
C PRO C 93 1.63 39.94 143.88
N PHE C 94 0.90 39.07 143.17
CA PHE C 94 -0.02 38.14 143.82
C PHE C 94 0.61 37.51 145.04
N LEU C 95 1.56 36.61 144.84
CA LEU C 95 2.21 35.95 145.96
C LEU C 95 2.65 36.88 147.09
N ILE C 96 3.37 37.95 146.76
CA ILE C 96 3.81 38.84 147.86
C ILE C 96 2.64 39.42 148.67
N LEU C 97 1.68 40.03 147.98
CA LEU C 97 0.53 40.62 148.63
C LEU C 97 -0.20 39.57 149.45
N LEU C 98 -0.22 38.34 148.95
CA LEU C 98 -0.87 37.26 149.66
C LEU C 98 -0.18 37.11 150.99
N VAL C 99 1.09 36.73 150.97
CA VAL C 99 1.82 36.55 152.22
C VAL C 99 1.85 37.80 153.11
N LEU C 100 1.46 38.96 152.60
CA LEU C 100 1.50 40.17 153.43
C LEU C 100 0.15 40.76 153.88
N GLU C 101 -0.96 40.25 153.36
CA GLU C 101 -2.28 40.77 153.74
C GLU C 101 -3.12 39.55 154.06
N GLY C 102 -3.13 38.65 153.10
CA GLY C 102 -3.79 37.35 153.22
C GLY C 102 -3.53 36.62 154.52
N ILE C 103 -2.28 36.19 154.75
CA ILE C 103 -1.98 35.48 155.98
C ILE C 103 -2.53 36.21 157.20
N PRO C 104 -1.95 37.36 157.54
CA PRO C 104 -2.43 38.14 158.69
C PRO C 104 -3.94 38.27 158.84
N LEU C 105 -4.65 38.59 157.75
CA LEU C 105 -6.10 38.77 157.80
C LEU C 105 -6.87 37.49 158.07
N LEU C 106 -6.50 36.41 157.39
CA LEU C 106 -7.15 35.13 157.59
C LEU C 106 -6.89 34.62 159.00
N TYR C 107 -5.75 34.97 159.57
CA TYR C 107 -5.45 34.52 160.93
C TYR C 107 -6.18 35.33 161.99
N LEU C 108 -6.52 36.58 161.65
CA LEU C 108 -7.22 37.46 162.57
C LEU C 108 -8.72 37.14 162.63
N GLU C 109 -9.23 36.48 161.59
CA GLU C 109 -10.63 36.07 161.49
C GLU C 109 -10.90 34.76 162.21
N PHE C 110 -9.94 33.83 162.20
CA PHE C 110 -10.15 32.56 162.87
C PHE C 110 -10.07 32.70 164.39
N ALA C 111 -9.41 33.74 164.88
CA ALA C 111 -9.18 33.91 166.31
C ALA C 111 -10.16 34.87 166.98
N ILE C 112 -10.70 35.85 166.24
CA ILE C 112 -11.69 36.74 166.83
C ILE C 112 -13.08 36.13 166.83
N GLY C 113 -13.29 35.05 166.07
CA GLY C 113 -14.58 34.40 166.08
C GLY C 113 -14.63 33.30 167.11
N GLN C 114 -13.47 32.70 167.39
CA GLN C 114 -13.39 31.61 168.36
C GLN C 114 -13.52 32.12 169.78
N ARG C 115 -13.02 33.32 170.06
CA ARG C 115 -13.09 33.89 171.40
C ARG C 115 -14.43 34.57 171.65
N LEU C 116 -14.91 35.37 170.70
CA LEU C 116 -16.12 36.16 170.90
C LEU C 116 -17.40 35.35 170.79
N ARG C 117 -17.33 34.09 170.35
CA ARG C 117 -18.43 33.12 170.34
C ARG C 117 -19.62 33.55 169.50
N ARG C 118 -19.44 34.45 168.53
CA ARG C 118 -20.55 34.99 167.76
C ARG C 118 -20.22 34.96 166.27
N GLY C 119 -21.22 35.35 165.46
CA GLY C 119 -21.10 35.31 164.02
C GLY C 119 -20.34 36.51 163.48
N SER C 120 -20.87 37.09 162.41
CA SER C 120 -20.24 38.29 161.87
C SER C 120 -20.85 39.56 162.46
N LEU C 121 -22.17 39.60 162.63
CA LEU C 121 -22.80 40.78 163.20
C LEU C 121 -22.61 40.85 164.70
N GLY C 122 -22.47 39.69 165.36
CA GLY C 122 -22.29 39.69 166.81
C GLY C 122 -20.90 39.98 167.28
N VAL C 123 -19.89 39.84 166.41
CA VAL C 123 -18.53 40.16 166.81
C VAL C 123 -18.30 41.67 166.77
N TRP C 124 -18.59 42.31 165.64
CA TRP C 124 -18.28 43.72 165.50
C TRP C 124 -19.24 44.63 166.26
N SER C 125 -20.33 44.10 166.80
CA SER C 125 -21.18 44.88 167.68
C SER C 125 -20.80 44.76 169.14
N SER C 126 -19.87 43.85 169.48
CA SER C 126 -19.32 43.74 170.82
C SER C 126 -17.98 44.45 170.96
N ILE C 127 -17.60 45.19 169.92
CA ILE C 127 -16.36 45.93 169.91
C ILE C 127 -16.79 47.33 169.51
N HIS C 128 -17.66 47.89 170.34
CA HIS C 128 -18.24 49.21 170.13
C HIS C 128 -19.50 49.06 169.29
N PRO C 129 -20.60 49.63 169.76
CA PRO C 129 -21.87 49.55 169.02
C PRO C 129 -21.95 50.52 167.86
N ALA C 130 -20.81 51.04 167.41
CA ALA C 130 -20.80 51.98 166.30
C ALA C 130 -20.35 51.25 165.04
N LEU C 131 -19.60 50.18 165.25
CA LEU C 131 -19.08 49.34 164.17
C LEU C 131 -20.05 48.19 163.90
N LYS C 132 -21.33 48.53 163.79
CA LYS C 132 -22.32 47.58 163.32
C LYS C 132 -22.48 47.65 161.81
N GLY C 133 -21.83 48.63 161.18
CA GLY C 133 -21.84 48.70 159.73
C GLY C 133 -21.01 47.61 159.09
N LEU C 134 -20.03 47.06 159.82
CA LEU C 134 -19.22 45.98 159.26
C LEU C 134 -20.01 44.69 159.15
N GLY C 135 -20.95 44.45 160.06
CA GLY C 135 -21.80 43.28 159.93
C GLY C 135 -22.87 43.42 158.88
N LEU C 136 -23.32 44.65 158.64
CA LEU C 136 -24.30 44.91 157.59
C LEU C 136 -23.67 45.05 156.22
N ALA C 137 -22.37 45.38 156.15
CA ALA C 137 -21.70 45.41 154.87
C ALA C 137 -21.21 44.03 154.45
N SER C 138 -20.89 43.17 155.42
CA SER C 138 -20.52 41.80 155.11
C SER C 138 -21.73 40.96 154.71
N MET C 139 -22.93 41.39 155.06
CA MET C 139 -24.16 40.74 154.62
C MET C 139 -24.60 41.21 153.25
N LEU C 140 -24.36 42.49 152.94
CA LEU C 140 -24.77 43.03 151.65
C LEU C 140 -23.78 42.69 150.54
N THR C 141 -22.53 42.41 150.88
CA THR C 141 -21.58 41.97 149.87
C THR C 141 -21.55 40.46 149.71
N SER C 142 -22.21 39.72 150.59
CA SER C 142 -22.40 38.29 150.42
C SER C 142 -23.67 37.96 149.64
N PHE C 143 -24.62 38.89 149.60
CA PHE C 143 -25.83 38.75 148.81
C PHE C 143 -25.59 39.13 147.36
N MET C 144 -24.80 40.18 147.11
CA MET C 144 -24.59 40.66 145.75
C MET C 144 -23.53 39.86 145.01
N VAL C 145 -22.52 39.34 145.72
CA VAL C 145 -21.55 38.47 145.07
C VAL C 145 -22.19 37.12 144.73
N GLY C 146 -22.91 36.54 145.68
CA GLY C 146 -23.61 35.29 145.44
C GLY C 146 -24.84 35.39 144.56
N LEU C 147 -25.21 36.60 144.13
CA LEU C 147 -26.27 36.76 143.16
C LEU C 147 -25.82 36.32 141.77
N TYR C 148 -24.69 36.87 141.30
CA TYR C 148 -24.17 36.51 139.99
C TYR C 148 -23.31 35.26 140.01
N TYR C 149 -22.75 34.90 141.17
CA TYR C 149 -21.91 33.71 141.27
C TYR C 149 -22.72 32.43 141.11
N ASN C 150 -24.01 32.46 141.40
CA ASN C 150 -24.88 31.31 141.21
C ASN C 150 -25.56 31.35 139.85
N THR C 151 -25.24 32.33 139.02
CA THR C 151 -25.62 32.34 137.61
C THR C 151 -24.57 31.66 136.75
N ILE C 152 -23.30 31.79 137.13
CA ILE C 152 -22.22 31.08 136.45
C ILE C 152 -22.35 29.57 136.65
N ILE C 153 -22.87 29.15 137.81
CA ILE C 153 -23.12 27.73 138.04
C ILE C 153 -24.27 27.23 137.18
N SER C 154 -25.26 28.09 136.91
CA SER C 154 -26.35 27.68 136.03
C SER C 154 -25.90 27.59 134.57
N TRP C 155 -24.86 28.32 134.18
CA TRP C 155 -24.26 28.12 132.87
C TRP C 155 -23.41 26.87 132.82
N ILE C 156 -22.82 26.48 133.95
CA ILE C 156 -22.06 25.23 134.02
C ILE C 156 -23.00 24.03 133.97
N MET C 157 -24.19 24.14 134.59
CA MET C 157 -25.15 23.06 134.53
C MET C 157 -25.77 22.91 133.15
N TRP C 158 -25.85 24.00 132.38
CA TRP C 158 -26.36 23.90 131.02
C TRP C 158 -25.37 23.18 130.10
N TYR C 159 -24.07 23.31 130.37
CA TYR C 159 -23.08 22.60 129.58
C TYR C 159 -22.90 21.16 130.02
N LEU C 160 -23.33 20.82 131.23
CA LEU C 160 -23.32 19.43 131.70
C LEU C 160 -24.52 18.66 131.18
N PHE C 161 -25.66 19.33 130.98
CA PHE C 161 -26.83 18.68 130.41
C PHE C 161 -26.65 18.41 128.93
N ASN C 162 -25.85 19.22 128.26
CA ASN C 162 -25.65 19.14 126.81
C ASN C 162 -24.55 18.17 126.43
N SER C 163 -24.02 17.40 127.38
CA SER C 163 -23.13 16.28 127.08
C SER C 163 -23.98 15.03 126.93
N PHE C 164 -23.36 13.86 127.05
CA PHE C 164 -23.99 12.54 126.88
C PHE C 164 -24.48 12.36 125.45
N GLN C 165 -23.68 12.84 124.50
CA GLN C 165 -23.90 12.63 123.08
C GLN C 165 -22.58 12.77 122.34
N GLU C 166 -22.28 11.84 121.42
CA GLU C 166 -20.94 11.76 120.84
C GLU C 166 -20.66 12.86 119.82
N PRO C 167 -21.57 13.23 118.87
CA PRO C 167 -21.36 14.51 118.19
C PRO C 167 -21.80 15.68 119.07
N LEU C 168 -20.89 16.15 119.94
CA LEU C 168 -21.06 17.25 120.90
C LEU C 168 -21.65 18.48 120.23
N PRO C 169 -22.54 19.22 120.90
CA PRO C 169 -23.31 20.26 120.20
C PRO C 169 -22.50 21.46 119.76
N TRP C 170 -21.31 21.64 120.34
CA TRP C 170 -20.43 22.73 119.96
C TRP C 170 -19.33 22.29 119.01
N SER C 171 -19.55 21.21 118.26
CA SER C 171 -18.52 20.65 117.40
C SER C 171 -18.77 20.89 115.92
N ASP C 172 -19.94 21.37 115.53
CA ASP C 172 -20.26 21.58 114.13
C ASP C 172 -21.29 22.68 113.97
N CYS C 173 -21.27 23.35 112.82
CA CYS C 173 -22.23 24.41 112.55
C CYS C 173 -23.54 23.82 112.03
N PRO C 174 -24.66 24.48 112.29
CA PRO C 174 -25.91 24.11 111.62
C PRO C 174 -25.93 24.67 110.20
N LEU C 175 -26.93 24.24 109.44
CA LEU C 175 -27.07 24.64 108.05
C LEU C 175 -28.12 25.74 107.92
N ASN C 176 -28.25 26.26 106.70
CA ASN C 176 -29.20 27.32 106.42
C ASN C 176 -30.62 26.75 106.29
N GLU C 177 -31.51 27.64 105.85
CA GLU C 177 -32.89 27.27 105.56
C GLU C 177 -32.66 26.36 104.36
N ASN C 178 -32.06 26.91 103.32
CA ASN C 178 -31.71 26.12 102.15
C ASN C 178 -30.47 25.38 102.62
N GLN C 179 -30.54 24.05 102.63
CA GLN C 179 -29.43 23.21 103.06
C GLN C 179 -28.31 23.15 102.03
N THR C 180 -27.52 24.22 101.98
CA THR C 180 -26.41 24.29 101.05
C THR C 180 -25.10 24.72 101.72
N GLY C 181 -25.17 25.62 102.70
CA GLY C 181 -23.99 26.06 103.41
C GLY C 181 -24.31 26.29 104.87
N TYR C 182 -23.27 26.65 105.63
CA TYR C 182 -23.43 26.90 107.04
C TYR C 182 -24.05 28.28 107.27
N VAL C 183 -24.42 28.55 108.52
CA VAL C 183 -24.97 29.85 108.89
C VAL C 183 -23.86 30.89 108.78
N ASP C 184 -24.25 32.14 108.49
CA ASP C 184 -23.30 33.17 108.08
C ASP C 184 -22.37 33.59 109.22
N GLU C 185 -22.83 33.57 110.46
CA GLU C 185 -21.97 33.92 111.57
C GLU C 185 -21.35 32.72 112.26
N CYS C 186 -21.66 31.51 111.81
CA CYS C 186 -20.88 30.34 112.17
C CYS C 186 -19.73 30.09 111.19
N ALA C 187 -19.81 30.64 109.98
CA ALA C 187 -18.74 30.47 109.02
C ALA C 187 -17.61 31.45 109.27
N ARG C 188 -17.92 32.67 109.70
CA ARG C 188 -16.89 33.66 109.97
C ARG C 188 -16.21 33.40 111.30
N SER C 189 -16.98 33.18 112.35
CA SER C 189 -16.44 32.87 113.67
C SER C 189 -16.26 31.36 113.80
N SER C 190 -16.03 30.88 115.00
CA SER C 190 -15.86 29.47 115.28
C SER C 190 -17.21 28.82 115.55
N PRO C 191 -17.34 27.50 115.37
CA PRO C 191 -18.57 26.82 115.84
C PRO C 191 -18.72 26.77 117.34
N VAL C 192 -17.65 27.00 118.10
CA VAL C 192 -17.78 27.10 119.56
C VAL C 192 -18.32 28.47 119.95
N ASP C 193 -18.09 29.50 119.12
CA ASP C 193 -18.72 30.79 119.36
C ASP C 193 -20.18 30.79 118.94
N TYR C 194 -20.57 29.96 117.99
CA TYR C 194 -21.99 29.70 117.72
C TYR C 194 -22.46 28.49 118.51
N PHE C 195 -22.12 28.47 119.79
CA PHE C 195 -22.90 27.75 120.78
C PHE C 195 -23.01 28.52 122.07
N TRP C 196 -22.09 29.45 122.34
CA TRP C 196 -22.10 30.26 123.54
C TRP C 196 -22.86 31.56 123.33
N TYR C 197 -22.62 32.24 122.21
CA TYR C 197 -23.21 33.55 122.00
C TYR C 197 -24.61 33.50 121.40
N ARG C 198 -24.89 32.53 120.53
CA ARG C 198 -26.18 32.49 119.84
C ARG C 198 -27.10 31.37 120.27
N GLU C 199 -26.56 30.22 120.67
CA GLU C 199 -27.41 29.11 121.07
C GLU C 199 -27.59 28.97 122.58
N THR C 200 -26.63 29.44 123.38
CA THR C 200 -26.83 29.47 124.82
C THR C 200 -27.36 30.83 125.26
N LEU C 201 -26.59 31.89 125.03
CA LEU C 201 -26.97 33.20 125.55
C LEU C 201 -28.05 33.86 124.72
N ASN C 202 -27.99 33.70 123.39
CA ASN C 202 -28.78 34.46 122.42
C ASN C 202 -28.60 35.96 122.63
N ILE C 203 -27.33 36.40 122.63
CA ILE C 203 -26.93 37.72 123.10
C ILE C 203 -27.37 38.78 122.09
N SER C 204 -27.51 40.02 122.56
CA SER C 204 -27.91 41.14 121.73
C SER C 204 -26.71 42.05 121.46
N THR C 205 -26.95 43.17 120.81
CA THR C 205 -25.88 44.03 120.33
C THR C 205 -25.53 45.16 121.28
N SER C 206 -26.25 45.31 122.39
CA SER C 206 -25.98 46.38 123.34
C SER C 206 -26.62 46.02 124.67
N ILE C 207 -26.21 46.74 125.72
CA ILE C 207 -26.86 46.60 127.03
C ILE C 207 -28.15 47.41 127.12
N SER C 208 -28.38 48.32 126.18
CA SER C 208 -29.53 49.21 126.30
C SER C 208 -30.81 48.58 125.79
N ASP C 209 -30.73 47.48 125.03
CA ASP C 209 -31.90 46.75 124.60
C ASP C 209 -31.84 45.32 125.13
N SER C 210 -32.91 44.91 125.81
CA SER C 210 -33.02 43.58 126.37
C SER C 210 -34.24 42.89 125.78
N GLY C 211 -34.17 41.57 125.65
CA GLY C 211 -35.22 40.83 125.00
C GLY C 211 -36.24 40.25 125.94
N SER C 212 -36.26 38.93 126.07
CA SER C 212 -37.24 38.23 126.87
C SER C 212 -36.50 37.34 127.86
N ILE C 213 -37.23 36.44 128.52
CA ILE C 213 -36.70 35.76 129.69
C ILE C 213 -35.82 34.56 129.32
N GLN C 214 -35.90 34.06 128.07
CA GLN C 214 -35.04 32.99 127.54
C GLN C 214 -35.16 31.71 128.38
N TRP C 215 -36.33 31.08 128.21
CA TRP C 215 -36.84 30.04 129.09
C TRP C 215 -35.89 28.86 129.35
N TRP C 216 -34.98 28.56 128.44
CA TRP C 216 -34.11 27.41 128.68
C TRP C 216 -32.98 27.74 129.65
N MET C 217 -32.66 29.01 129.83
CA MET C 217 -31.74 29.42 130.88
C MET C 217 -32.48 29.74 132.17
N LEU C 218 -33.79 29.58 132.20
CA LEU C 218 -34.57 29.82 133.40
C LEU C 218 -34.57 28.51 134.19
N LEU C 219 -34.81 27.43 133.46
CA LEU C 219 -34.85 26.11 134.05
C LEU C 219 -33.55 25.83 134.77
N CYS C 220 -32.42 26.14 134.15
CA CYS C 220 -31.12 25.90 134.75
C CYS C 220 -30.95 26.69 136.04
N LEU C 221 -31.45 27.92 136.05
CA LEU C 221 -31.36 28.78 137.22
C LEU C 221 -32.12 28.11 138.36
N ALA C 222 -33.33 27.67 138.05
CA ALA C 222 -34.14 27.01 139.03
C ALA C 222 -33.34 25.83 139.58
N CYS C 223 -32.81 25.01 138.68
CA CYS C 223 -32.02 23.85 139.07
C CYS C 223 -30.93 24.21 140.07
N ALA C 224 -30.12 25.20 139.73
CA ALA C 224 -29.03 25.65 140.59
C ALA C 224 -29.53 26.03 141.98
N TRP C 225 -30.52 26.91 142.05
CA TRP C 225 -31.01 27.31 143.37
C TRP C 225 -31.62 26.15 144.17
N SER C 226 -32.25 25.22 143.47
CA SER C 226 -32.86 24.08 144.13
C SER C 226 -31.78 23.18 144.71
N VAL C 227 -30.70 23.00 143.98
CA VAL C 227 -29.62 22.15 144.46
C VAL C 227 -28.88 22.85 145.58
N LEU C 228 -28.96 24.18 145.62
CA LEU C 228 -28.30 24.92 146.68
C LEU C 228 -29.15 24.90 147.94
N TYR C 229 -30.45 24.70 147.78
CA TYR C 229 -31.35 24.66 148.93
C TYR C 229 -31.48 23.27 149.57
N MET C 230 -31.08 22.23 148.84
CA MET C 230 -31.11 20.86 149.30
C MET C 230 -29.96 20.54 150.25
N CYS C 231 -28.80 21.17 150.05
CA CYS C 231 -27.64 20.88 150.87
C CYS C 231 -27.51 21.80 152.07
N THR C 232 -28.08 23.01 152.02
CA THR C 232 -28.01 23.93 153.15
C THR C 232 -29.39 24.17 153.74
N ILE C 233 -30.18 23.12 153.89
CA ILE C 233 -31.55 23.29 154.38
C ILE C 233 -31.56 23.55 155.89
N ARG C 234 -30.50 23.14 156.61
CA ARG C 234 -30.43 23.31 158.05
C ARG C 234 -29.10 23.90 158.51
N GLY C 235 -28.42 24.64 157.64
CA GLY C 235 -27.14 25.21 157.98
C GLY C 235 -26.06 24.14 158.04
N ILE C 236 -25.43 23.99 159.21
CA ILE C 236 -24.50 22.91 159.47
C ILE C 236 -25.32 21.63 159.64
N GLU C 237 -24.65 20.47 159.64
CA GLU C 237 -25.10 19.08 159.74
C GLU C 237 -25.83 18.60 158.49
N THR C 238 -26.10 19.47 157.52
CA THR C 238 -26.44 19.01 156.17
C THR C 238 -25.31 19.43 155.24
N THR C 239 -24.71 20.58 155.50
CA THR C 239 -23.59 21.04 154.71
C THR C 239 -22.35 20.19 154.98
N GLY C 240 -22.41 19.37 156.02
CA GLY C 240 -21.30 18.51 156.39
C GLY C 240 -20.94 17.39 155.42
N LYS C 241 -21.86 16.46 155.22
CA LYS C 241 -21.60 15.35 154.31
C LYS C 241 -21.42 15.87 152.88
N ALA C 242 -22.10 16.98 152.60
CA ALA C 242 -22.01 17.61 151.30
C ALA C 242 -20.56 18.02 151.12
N VAL C 243 -20.04 18.81 152.05
CA VAL C 243 -18.65 19.24 151.97
C VAL C 243 -17.75 18.04 151.79
N TYR C 244 -18.05 16.97 152.53
CA TYR C 244 -17.28 15.75 152.42
C TYR C 244 -17.14 15.37 150.95
N ILE C 245 -18.25 14.93 150.36
CA ILE C 245 -18.25 14.50 148.96
C ILE C 245 -17.83 15.55 147.92
N THR C 246 -17.85 16.83 148.27
CA THR C 246 -17.47 17.86 147.30
C THR C 246 -16.09 18.48 147.53
N SER C 247 -15.30 17.96 148.46
CA SER C 247 -13.96 18.51 148.66
C SER C 247 -12.93 17.54 148.08
N THR C 248 -13.43 16.35 147.75
CA THR C 248 -12.71 15.25 147.12
C THR C 248 -12.86 15.25 145.60
N LEU C 249 -14.11 15.33 145.13
CA LEU C 249 -14.38 15.37 143.70
C LEU C 249 -13.46 16.37 143.04
N PRO C 250 -13.65 17.65 143.30
CA PRO C 250 -12.81 18.71 142.72
C PRO C 250 -11.30 18.39 142.75
N TYR C 251 -10.76 18.01 143.92
CA TYR C 251 -9.33 17.73 144.03
C TYR C 251 -8.79 16.55 143.21
N VAL C 252 -9.56 15.47 143.08
CA VAL C 252 -9.10 14.33 142.30
C VAL C 252 -9.37 14.47 140.80
N VAL C 253 -10.29 15.34 140.40
CA VAL C 253 -10.54 15.49 138.95
C VAL C 253 -9.49 16.37 138.25
N LEU C 254 -8.91 17.28 139.02
CA LEU C 254 -7.86 18.20 138.58
C LEU C 254 -6.58 17.39 138.35
N THR C 255 -6.35 16.41 139.22
CA THR C 255 -5.16 15.59 139.06
C THR C 255 -5.27 14.71 137.81
N ILE C 256 -6.46 14.22 137.52
CA ILE C 256 -6.68 13.38 136.35
C ILE C 256 -6.54 14.24 135.10
N PHE C 257 -6.73 15.54 135.27
CA PHE C 257 -6.63 16.50 134.17
C PHE C 257 -5.22 17.04 133.97
N LEU C 258 -4.33 16.81 134.94
CA LEU C 258 -2.95 17.29 134.77
C LEU C 258 -2.10 16.43 133.82
N ILE C 259 -2.16 15.11 133.99
CA ILE C 259 -1.44 14.12 133.18
C ILE C 259 -2.03 13.97 131.79
N ARG C 260 -3.20 14.56 131.54
CA ARG C 260 -3.75 14.66 130.19
C ARG C 260 -3.27 15.93 129.50
N GLY C 261 -3.20 17.04 130.24
CA GLY C 261 -2.82 18.31 129.64
C GLY C 261 -1.36 18.38 129.25
N LEU C 262 -0.47 17.80 130.04
CA LEU C 262 0.95 17.82 129.74
C LEU C 262 1.34 16.83 128.65
N THR C 263 0.46 15.91 128.29
CA THR C 263 0.70 14.94 127.23
C THR C 263 0.28 15.50 125.87
N LEU C 264 -0.36 16.67 125.86
CA LEU C 264 -0.82 17.29 124.63
C LEU C 264 0.36 17.79 123.78
N LYS C 265 0.04 18.12 122.53
CA LYS C 265 1.09 18.45 121.57
C LYS C 265 1.71 19.81 121.86
N GLY C 266 0.89 20.83 121.98
CA GLY C 266 1.38 22.18 122.17
C GLY C 266 1.59 22.60 123.61
N ALA C 267 1.54 21.68 124.55
CA ALA C 267 1.81 22.02 125.94
C ALA C 267 3.31 22.19 126.14
N THR C 268 3.68 22.63 127.36
CA THR C 268 5.01 23.17 127.69
C THR C 268 5.41 24.31 126.75
N ASN C 269 4.40 25.04 126.28
CA ASN C 269 4.59 26.28 125.52
C ASN C 269 3.66 27.39 126.00
N GLY C 270 2.56 27.06 126.66
CA GLY C 270 1.75 28.04 127.34
C GLY C 270 2.14 28.10 128.80
N ILE C 271 2.91 27.11 129.25
CA ILE C 271 3.49 27.14 130.58
C ILE C 271 4.65 28.13 130.62
N VAL C 272 5.49 28.13 129.58
CA VAL C 272 6.58 29.09 129.47
C VAL C 272 6.05 30.51 129.31
N PHE C 273 4.89 30.66 128.67
CA PHE C 273 4.26 31.98 128.59
C PHE C 273 3.75 32.43 129.95
N LEU C 274 3.39 31.49 130.82
CA LEU C 274 2.96 31.84 132.17
C LEU C 274 4.11 32.23 133.07
N PHE C 275 5.35 31.86 132.71
CA PHE C 275 6.49 32.08 133.60
C PHE C 275 7.61 32.92 133.00
N THR C 276 7.40 33.54 131.85
CA THR C 276 8.33 34.56 131.38
C THR C 276 7.81 35.92 131.80
N PRO C 277 8.43 36.59 132.77
CA PRO C 277 7.89 37.85 133.28
C PRO C 277 8.22 39.02 132.38
N ASN C 278 7.35 40.03 132.43
CA ASN C 278 7.57 41.30 131.73
C ASN C 278 7.73 42.33 132.84
N VAL C 279 8.99 42.60 133.22
CA VAL C 279 9.30 43.40 134.40
C VAL C 279 8.90 44.86 134.29
N THR C 280 8.65 45.36 133.07
CA THR C 280 8.10 46.70 132.89
C THR C 280 6.69 46.80 133.47
N GLU C 281 5.91 45.72 133.41
CA GLU C 281 4.54 45.70 133.92
C GLU C 281 4.46 45.77 135.45
N LEU C 282 5.55 45.48 136.17
CA LEU C 282 5.55 45.54 137.63
C LEU C 282 5.63 46.96 138.18
N ALA C 283 5.57 47.98 137.33
CA ALA C 283 5.64 49.36 137.80
C ALA C 283 4.41 50.15 137.37
N GLN C 284 3.25 49.49 137.34
CA GLN C 284 1.99 50.14 137.04
C GLN C 284 1.06 50.06 138.24
N PRO C 285 0.20 51.05 138.45
CA PRO C 285 -0.74 50.97 139.58
C PRO C 285 -1.84 49.94 139.39
N ASP C 286 -2.29 49.69 138.15
CA ASP C 286 -3.43 48.81 137.96
C ASP C 286 -3.10 47.33 138.07
N THR C 287 -1.82 46.95 138.07
CA THR C 287 -1.46 45.55 138.28
C THR C 287 -1.27 45.20 139.74
N TRP C 288 -1.28 46.18 140.63
CA TRP C 288 -1.29 45.92 142.07
C TRP C 288 -2.66 46.03 142.69
N LEU C 289 -3.60 46.70 142.01
CA LEU C 289 -4.99 46.67 142.45
C LEU C 289 -5.64 45.33 142.14
N ASP C 290 -5.41 44.82 140.93
CA ASP C 290 -5.98 43.54 140.54
C ASP C 290 -5.32 42.37 141.27
N ALA C 291 -4.08 42.53 141.72
CA ALA C 291 -3.46 41.51 142.56
C ALA C 291 -3.95 41.61 144.00
N GLY C 292 -4.18 42.82 144.49
CA GLY C 292 -4.65 42.99 145.85
C GLY C 292 -6.11 42.62 146.03
N ALA C 293 -6.92 42.78 145.00
CA ALA C 293 -8.33 42.40 145.07
C ALA C 293 -8.55 40.92 144.77
N GLN C 294 -7.53 40.22 144.30
CA GLN C 294 -7.64 38.78 144.08
C GLN C 294 -7.34 38.00 145.35
N VAL C 295 -6.48 38.55 146.22
CA VAL C 295 -6.18 37.89 147.48
C VAL C 295 -7.39 37.90 148.40
N PHE C 296 -8.11 39.02 148.45
CA PHE C 296 -9.32 39.11 149.25
C PHE C 296 -10.52 38.47 148.58
N PHE C 297 -10.38 37.96 147.36
CA PHE C 297 -11.41 37.16 146.71
C PHE C 297 -11.10 35.68 146.68
N SER C 298 -9.84 35.30 146.50
CA SER C 298 -9.47 33.88 146.58
C SER C 298 -9.62 33.38 148.01
N PHE C 299 -8.86 33.95 148.94
CA PHE C 299 -9.25 33.87 150.34
C PHE C 299 -10.57 34.60 150.50
N SER C 300 -11.50 33.97 151.21
CA SER C 300 -12.84 34.52 151.36
C SER C 300 -12.86 35.41 152.59
N LEU C 301 -12.08 36.48 152.53
CA LEU C 301 -12.02 37.49 153.57
C LEU C 301 -13.03 38.59 153.26
N ALA C 302 -13.41 39.30 154.32
CA ALA C 302 -14.43 40.36 154.29
C ALA C 302 -15.78 39.88 153.78
N PHE C 303 -16.11 38.62 154.03
CA PHE C 303 -17.43 38.08 153.75
C PHE C 303 -18.19 37.68 155.00
N GLY C 304 -17.50 37.36 156.09
CA GLY C 304 -18.15 36.99 157.32
C GLY C 304 -18.52 35.54 157.45
N GLY C 305 -18.06 34.69 156.54
CA GLY C 305 -18.40 33.29 156.59
C GLY C 305 -17.36 32.48 157.33
N LEU C 306 -16.12 32.94 157.33
CA LEU C 306 -15.06 32.25 158.06
C LEU C 306 -15.03 32.60 159.54
N ILE C 307 -15.69 33.70 159.94
CA ILE C 307 -15.86 33.99 161.35
C ILE C 307 -16.95 33.11 161.95
N SER C 308 -18.03 32.89 161.20
CA SER C 308 -19.13 32.07 161.70
C SER C 308 -18.76 30.59 161.73
N PHE C 309 -17.88 30.14 160.83
CA PHE C 309 -17.46 28.75 160.85
C PHE C 309 -16.48 28.46 161.97
N SER C 310 -15.65 29.43 162.32
CA SER C 310 -14.69 29.27 163.42
C SER C 310 -15.33 29.49 164.78
N SER C 311 -16.55 30.01 164.83
CA SER C 311 -17.26 30.27 166.07
C SER C 311 -17.95 29.05 166.64
N TYR C 312 -17.79 27.89 166.02
CA TYR C 312 -18.40 26.65 166.49
C TYR C 312 -17.40 25.72 167.14
N ASN C 313 -16.11 26.02 167.05
CA ASN C 313 -15.08 25.18 167.64
C ASN C 313 -15.03 25.36 169.15
N SER C 314 -14.30 24.47 169.80
CA SER C 314 -14.02 24.63 171.22
C SER C 314 -13.06 25.78 171.45
N VAL C 315 -12.97 26.22 172.70
CA VAL C 315 -12.15 27.39 173.02
C VAL C 315 -10.67 27.03 172.94
N HIS C 316 -10.29 25.85 173.43
CA HIS C 316 -8.90 25.41 173.38
C HIS C 316 -8.66 24.68 172.05
N ASN C 317 -8.62 25.47 170.98
CA ASN C 317 -8.41 24.95 169.64
C ASN C 317 -7.31 25.77 168.98
N ASN C 318 -6.34 25.10 168.38
CA ASN C 318 -5.18 25.77 167.78
C ASN C 318 -5.61 26.48 166.52
N CYS C 319 -5.92 27.77 166.64
CA CYS C 319 -6.36 28.59 165.52
C CYS C 319 -5.20 29.22 164.77
N GLU C 320 -3.96 28.86 165.11
CA GLU C 320 -2.78 29.26 164.35
C GLU C 320 -2.30 28.16 163.43
N LYS C 321 -2.44 26.90 163.85
CA LYS C 321 -2.20 25.77 162.96
C LYS C 321 -3.20 25.75 161.82
N ASP C 322 -4.44 26.17 162.07
CA ASP C 322 -5.48 26.13 161.04
C ASP C 322 -5.31 27.24 160.02
N SER C 323 -4.70 28.36 160.40
CA SER C 323 -4.62 29.50 159.50
C SER C 323 -3.42 29.44 158.56
N VAL C 324 -2.37 28.71 158.91
CA VAL C 324 -1.23 28.55 158.02
C VAL C 324 -1.27 27.24 157.25
N ILE C 325 -2.21 26.35 157.56
CA ILE C 325 -2.41 25.16 156.74
C ILE C 325 -3.39 25.46 155.62
N VAL C 326 -4.47 26.19 155.92
CA VAL C 326 -5.45 26.56 154.92
C VAL C 326 -4.85 27.53 153.90
N SER C 327 -3.93 28.38 154.35
CA SER C 327 -3.34 29.37 153.46
C SER C 327 -2.29 28.80 152.51
N ILE C 328 -1.63 27.70 152.85
CA ILE C 328 -0.66 27.10 151.94
C ILE C 328 -1.28 26.03 151.05
N ILE C 329 -2.58 25.78 151.18
CA ILE C 329 -3.29 24.95 150.22
C ILE C 329 -4.01 25.90 149.27
N ASN C 330 -4.41 27.07 149.77
CA ASN C 330 -5.02 28.07 148.90
C ASN C 330 -4.00 28.71 147.96
N GLY C 331 -2.75 28.84 148.40
CA GLY C 331 -1.73 29.37 147.53
C GLY C 331 -1.18 28.35 146.56
N PHE C 332 -1.09 27.09 146.99
CA PHE C 332 -0.60 26.03 146.13
C PHE C 332 -1.60 25.69 145.03
N THR C 333 -2.90 25.79 145.31
CA THR C 333 -3.92 25.43 144.33
C THR C 333 -3.99 26.46 143.20
N SER C 334 -3.89 27.76 143.54
CA SER C 334 -4.00 28.81 142.54
C SER C 334 -2.86 28.82 141.54
N VAL C 335 -1.73 28.17 141.86
CA VAL C 335 -0.70 27.86 140.87
C VAL C 335 -0.94 26.51 140.20
N TYR C 336 -1.49 25.54 140.93
CA TYR C 336 -1.76 24.21 140.39
C TYR C 336 -2.88 24.21 139.36
N VAL C 337 -3.87 25.09 139.51
CA VAL C 337 -4.90 25.27 138.48
C VAL C 337 -4.35 26.06 137.29
N ALA C 338 -3.47 27.03 137.52
CA ALA C 338 -2.99 27.89 136.45
C ALA C 338 -2.02 27.21 135.51
N ILE C 339 -1.39 26.09 135.89
CA ILE C 339 -0.58 25.33 134.95
C ILE C 339 -1.37 24.22 134.30
N VAL C 340 -2.62 24.00 134.69
CA VAL C 340 -3.53 23.15 133.93
C VAL C 340 -4.28 23.98 132.90
N VAL C 341 -4.64 25.21 133.26
CA VAL C 341 -5.33 26.12 132.36
C VAL C 341 -4.42 26.55 131.22
N TYR C 342 -3.16 26.88 131.53
CA TYR C 342 -2.26 27.35 130.49
C TYR C 342 -1.59 26.23 129.72
N SER C 343 -1.83 24.98 130.08
CA SER C 343 -1.35 23.88 129.25
C SER C 343 -2.32 23.53 128.13
N VAL C 344 -3.55 24.05 128.18
CA VAL C 344 -4.48 23.90 127.06
C VAL C 344 -4.64 25.20 126.27
N ILE C 345 -4.19 26.34 126.80
CA ILE C 345 -4.10 27.54 125.97
C ILE C 345 -2.94 27.41 124.99
N GLY C 346 -1.83 26.81 125.45
CA GLY C 346 -0.74 26.50 124.56
C GLY C 346 -1.05 25.41 123.56
N PHE C 347 -2.09 24.60 123.81
CA PHE C 347 -2.50 23.60 122.85
C PHE C 347 -3.43 24.18 121.78
N ARG C 348 -4.23 25.19 122.13
CA ARG C 348 -4.99 25.89 121.10
C ARG C 348 -4.09 26.80 120.27
N ALA C 349 -3.01 27.32 120.85
CA ALA C 349 -2.11 28.19 120.11
C ALA C 349 -1.12 27.43 119.26
N THR C 350 -1.11 26.11 119.34
CA THR C 350 -0.35 25.29 118.41
C THR C 350 -1.24 24.64 117.36
N GLN C 351 -2.50 24.37 117.70
CA GLN C 351 -3.47 23.93 116.70
C GLN C 351 -3.77 25.06 115.72
N ARG C 352 -3.86 26.30 116.21
CA ARG C 352 -4.13 27.42 115.33
C ARG C 352 -2.90 27.82 114.52
N TYR C 353 -1.71 27.72 115.12
CA TYR C 353 -0.50 28.08 114.39
C TYR C 353 -0.15 27.06 113.32
N ASP C 354 -0.45 25.78 113.57
CA ASP C 354 -0.19 24.77 112.55
C ASP C 354 -1.29 24.73 111.50
N ASP C 355 -2.41 25.40 111.73
CA ASP C 355 -3.45 25.50 110.71
C ASP C 355 -3.29 26.77 109.88
N CYS C 356 -2.86 27.86 110.50
CA CYS C 356 -2.53 29.07 109.74
C CYS C 356 -1.30 28.86 108.89
N PHE C 357 -0.33 28.09 109.38
CA PHE C 357 0.88 27.87 108.59
C PHE C 357 0.65 26.83 107.51
N SER C 358 -0.32 25.92 107.70
CA SER C 358 -0.70 25.02 106.63
C SER C 358 -1.47 25.73 105.54
N THR C 359 -2.10 26.86 105.86
CA THR C 359 -2.74 27.68 104.84
C THR C 359 -1.70 28.26 103.88
N ASN C 360 -0.58 28.73 104.42
CA ASN C 360 0.47 29.31 103.59
C ASN C 360 1.21 28.25 102.78
N ILE C 361 1.19 27.00 103.24
CA ILE C 361 1.77 25.90 102.47
C ILE C 361 0.87 25.55 101.29
N LEU C 362 -0.44 25.46 101.53
CA LEU C 362 -1.36 25.04 100.48
C LEU C 362 -1.66 26.14 99.48
N THR C 363 -1.53 27.41 99.87
CA THR C 363 -1.82 28.49 98.92
C THR C 363 -0.63 28.75 98.00
N LEU C 364 0.53 28.16 98.32
CA LEU C 364 1.71 28.34 97.46
C LEU C 364 1.80 27.21 96.45
N ILE C 365 1.45 25.98 96.85
CA ILE C 365 1.51 24.84 95.94
C ILE C 365 0.31 24.75 95.02
N ASN C 366 -0.71 25.59 95.21
CA ASN C 366 -1.85 25.62 94.31
C ASN C 366 -1.75 26.73 93.28
N GLY C 367 -0.95 27.76 93.54
CA GLY C 367 -0.78 28.85 92.61
C GLY C 367 0.35 28.62 91.62
N PHE C 368 1.25 27.69 91.94
CA PHE C 368 2.36 27.36 91.07
C PHE C 368 2.48 25.88 90.76
N ASP C 369 1.52 25.09 91.24
CA ASP C 369 1.44 23.66 90.96
C ASP C 369 2.66 22.79 91.32
N LEU C 370 3.03 22.78 92.59
CA LEU C 370 4.13 21.94 93.04
C LEU C 370 3.59 20.69 93.73
N PRO C 371 4.36 19.61 93.79
CA PRO C 371 3.97 18.46 94.61
C PRO C 371 4.01 18.80 96.10
N GLU C 372 3.30 17.97 96.88
CA GLU C 372 3.04 18.30 98.28
C GLU C 372 4.24 17.98 99.17
N GLY C 373 5.10 17.05 98.77
CA GLY C 373 6.19 16.63 99.62
C GLY C 373 7.47 17.41 99.48
N ASN C 374 7.37 18.66 99.04
CA ASN C 374 8.53 19.53 98.85
C ASN C 374 8.45 20.82 99.64
N VAL C 375 7.24 21.29 99.94
CA VAL C 375 7.05 22.55 100.66
C VAL C 375 6.60 22.22 102.08
N THR C 376 7.43 22.57 103.06
CA THR C 376 7.10 22.31 104.46
C THR C 376 7.61 23.44 105.35
N GLN C 377 7.53 23.25 106.68
CA GLN C 377 7.86 24.31 107.63
C GLN C 377 9.34 24.63 107.69
N GLU C 378 10.20 23.75 107.18
CA GLU C 378 11.64 23.98 107.26
C GLU C 378 12.15 24.90 106.15
N ASN C 379 11.46 24.95 105.01
CA ASN C 379 11.92 25.75 103.88
C ASN C 379 10.80 26.55 103.25
N PHE C 380 9.88 27.09 104.06
CA PHE C 380 8.84 27.94 103.52
C PHE C 380 9.39 29.30 103.11
N VAL C 381 10.32 29.85 103.91
CA VAL C 381 10.94 31.12 103.57
C VAL C 381 11.96 31.00 102.46
N ASP C 382 12.41 29.77 102.15
CA ASP C 382 13.38 29.57 101.08
C ASP C 382 12.68 29.64 99.72
N MET C 383 11.50 29.02 99.62
CA MET C 383 10.92 28.79 98.30
C MET C 383 9.94 29.89 97.89
N GLN C 384 9.46 30.71 98.82
CA GLN C 384 8.60 31.82 98.42
C GLN C 384 9.37 32.92 97.68
N GLN C 385 10.67 33.04 97.93
CA GLN C 385 11.53 33.92 97.13
C GLN C 385 11.81 33.33 95.75
N ARG C 386 11.74 32.00 95.63
CA ARG C 386 11.92 31.36 94.32
C ARG C 386 10.71 31.57 93.42
N CYS C 387 9.55 31.86 94.00
CA CYS C 387 8.33 32.03 93.21
C CYS C 387 8.18 33.43 92.63
N ASN C 388 8.70 34.46 93.31
CA ASN C 388 8.67 35.80 92.73
C ASN C 388 9.84 36.03 91.77
N ALA C 389 10.88 35.20 91.84
CA ALA C 389 11.94 35.27 90.85
C ALA C 389 11.57 34.54 89.58
N SER C 390 10.64 33.58 89.66
CA SER C 390 10.19 32.86 88.47
C SER C 390 9.04 33.58 87.77
N ASP C 391 7.92 33.79 88.47
CA ASP C 391 6.76 34.48 87.90
C ASP C 391 6.46 35.69 88.79
N PRO C 392 6.98 36.87 88.45
CA PRO C 392 6.65 38.06 89.25
C PRO C 392 5.24 38.55 89.08
N ALA C 393 4.54 38.16 88.01
CA ALA C 393 3.17 38.60 87.82
C ALA C 393 2.18 37.67 88.51
N ALA C 394 2.43 36.36 88.44
CA ALA C 394 1.53 35.38 89.05
C ALA C 394 1.67 35.32 90.57
N TYR C 395 2.74 35.88 91.12
CA TYR C 395 2.93 35.90 92.56
C TYR C 395 2.23 37.08 93.23
N ALA C 396 1.80 38.08 92.45
CA ALA C 396 1.24 39.30 93.04
C ALA C 396 -0.16 39.11 93.58
N GLN C 397 -0.98 38.26 92.95
CA GLN C 397 -2.35 38.09 93.40
C GLN C 397 -2.49 37.10 94.55
N LEU C 398 -1.42 36.38 94.88
CA LEU C 398 -1.45 35.46 96.01
C LEU C 398 -1.38 36.22 97.33
N VAL C 399 -1.96 35.64 98.37
CA VAL C 399 -1.96 36.22 99.70
C VAL C 399 -1.18 35.29 100.62
N PHE C 400 -0.52 35.85 101.62
CA PHE C 400 0.22 35.08 102.60
C PHE C 400 -0.13 35.57 104.00
N GLN C 401 -0.69 34.68 104.81
CA GLN C 401 -1.07 35.02 106.17
C GLN C 401 0.17 35.22 107.03
N THR C 402 0.11 36.26 107.86
CA THR C 402 1.18 36.59 108.79
C THR C 402 0.75 36.13 110.18
N CYS C 403 1.34 35.03 110.64
CA CYS C 403 0.98 34.48 111.95
C CYS C 403 2.20 33.86 112.60
N ASP C 404 2.36 34.10 113.90
CA ASP C 404 3.46 33.55 114.67
C ASP C 404 3.00 33.53 116.13
N ILE C 405 3.60 32.64 116.92
CA ILE C 405 3.22 32.48 118.33
C ILE C 405 3.62 33.74 119.11
N ASN C 406 2.95 33.94 120.26
CA ASN C 406 2.81 35.14 121.14
C ASN C 406 1.78 36.10 120.55
N ALA C 407 1.22 35.77 119.40
CA ALA C 407 -0.02 36.39 118.93
C ALA C 407 -1.21 35.46 119.05
N PHE C 408 -0.97 34.15 119.12
CA PHE C 408 -2.00 33.19 119.47
C PHE C 408 -1.98 32.82 120.94
N LEU C 409 -0.90 33.13 121.65
CA LEU C 409 -0.80 32.94 123.08
C LEU C 409 -1.21 34.20 123.85
N SER C 410 -1.74 35.20 123.15
CA SER C 410 -2.25 36.40 123.78
C SER C 410 -3.51 36.86 123.08
N GLU C 411 -4.68 36.42 123.54
CA GLU C 411 -5.94 36.71 122.88
C GLU C 411 -7.00 37.05 123.90
N ALA C 412 -8.23 37.23 123.42
CA ALA C 412 -9.37 37.56 124.26
C ALA C 412 -9.79 36.36 125.09
N VAL C 413 -9.35 36.33 126.34
CA VAL C 413 -9.61 35.24 127.27
C VAL C 413 -10.43 35.91 128.37
N GLU C 414 -11.37 36.76 127.93
CA GLU C 414 -12.24 37.55 128.80
C GLU C 414 -13.16 36.70 129.69
N GLY C 415 -13.92 37.36 130.56
CA GLY C 415 -14.76 36.66 131.51
C GLY C 415 -15.82 35.83 130.83
N THR C 416 -16.01 34.60 131.32
CA THR C 416 -16.81 33.51 130.74
C THR C 416 -16.35 33.21 129.32
N GLY C 417 -15.04 33.21 129.10
CA GLY C 417 -14.50 32.91 127.80
C GLY C 417 -13.36 31.91 127.82
N LEU C 418 -13.21 31.19 128.93
CA LEU C 418 -12.14 30.21 129.06
C LEU C 418 -12.74 28.82 129.25
N ALA C 419 -13.69 28.70 130.16
CA ALA C 419 -14.34 27.41 130.36
C ALA C 419 -15.29 27.06 129.25
N PHE C 420 -15.73 28.04 128.45
CA PHE C 420 -16.75 27.82 127.45
C PHE C 420 -16.25 27.92 126.02
N ILE C 421 -15.16 28.64 125.77
CA ILE C 421 -14.68 28.83 124.41
C ILE C 421 -13.30 28.19 124.25
N VAL C 422 -12.51 28.19 125.31
CA VAL C 422 -11.15 27.66 125.22
C VAL C 422 -11.11 26.18 125.57
N PHE C 423 -11.74 25.78 126.68
CA PHE C 423 -11.71 24.37 127.07
C PHE C 423 -12.62 23.52 126.19
N THR C 424 -13.82 24.01 125.85
CA THR C 424 -14.74 23.20 125.07
C THR C 424 -14.33 23.06 123.61
N GLU C 425 -13.40 23.88 123.14
CA GLU C 425 -12.84 23.68 121.81
C GLU C 425 -11.74 22.63 121.83
N ALA C 426 -10.98 22.56 122.93
CA ALA C 426 -9.90 21.58 123.02
C ALA C 426 -10.39 20.19 123.40
N ILE C 427 -11.54 20.08 124.07
CA ILE C 427 -12.09 18.78 124.45
C ILE C 427 -12.54 17.99 123.22
N THR C 428 -13.06 18.67 122.19
CA THR C 428 -13.53 18.01 120.98
C THR C 428 -12.41 17.47 120.10
N LYS C 429 -11.15 17.65 120.47
CA LYS C 429 -10.03 17.08 119.73
C LYS C 429 -9.31 15.98 120.51
N MET C 430 -9.77 15.65 121.70
CA MET C 430 -9.32 14.45 122.38
C MET C 430 -10.17 13.25 121.95
N PRO C 431 -9.61 12.05 121.98
CA PRO C 431 -10.45 10.86 121.85
C PRO C 431 -11.28 10.66 123.11
N LEU C 432 -12.42 9.99 122.93
CA LEU C 432 -13.46 9.81 123.95
C LEU C 432 -13.91 11.14 124.52
N SER C 433 -14.18 12.08 123.61
CA SER C 433 -14.55 13.45 123.93
C SER C 433 -15.85 13.68 124.72
N PRO C 434 -16.87 12.80 124.73
CA PRO C 434 -17.94 12.99 125.72
C PRO C 434 -17.52 12.69 127.14
N LEU C 435 -16.46 11.93 127.36
CA LEU C 435 -16.03 11.65 128.72
C LEU C 435 -15.29 12.81 129.35
N TRP C 436 -14.46 13.52 128.57
CA TRP C 436 -13.72 14.64 129.11
C TRP C 436 -14.57 15.89 129.28
N SER C 437 -15.82 15.85 128.84
CA SER C 437 -16.69 17.01 128.99
C SER C 437 -17.45 16.86 130.30
N VAL C 438 -17.96 15.66 130.54
CA VAL C 438 -18.69 15.37 131.75
C VAL C 438 -17.79 15.58 132.95
N LEU C 439 -16.68 14.87 133.01
CA LEU C 439 -15.74 15.02 134.11
C LEU C 439 -15.45 16.48 134.39
N PHE C 440 -14.91 17.16 133.40
CA PHE C 440 -14.56 18.57 133.54
C PHE C 440 -15.70 19.41 134.11
N PHE C 441 -16.87 19.31 133.50
CA PHE C 441 -17.98 20.12 133.98
C PHE C 441 -18.50 19.76 135.36
N ILE C 442 -18.50 18.49 135.73
CA ILE C 442 -18.96 18.12 137.07
C ILE C 442 -17.96 18.70 138.04
N MET C 443 -16.69 18.69 137.66
CA MET C 443 -15.64 19.23 138.50
C MET C 443 -15.91 20.71 138.72
N LEU C 444 -16.18 21.44 137.65
CA LEU C 444 -16.46 22.86 137.80
C LEU C 444 -17.66 23.08 138.71
N PHE C 445 -18.70 22.26 138.53
CA PHE C 445 -19.91 22.36 139.32
C PHE C 445 -19.59 22.22 140.80
N CYS C 446 -18.79 21.22 141.14
CA CYS C 446 -18.42 20.99 142.53
C CYS C 446 -17.63 22.18 143.06
N LEU C 447 -16.66 22.65 142.29
CA LEU C 447 -15.86 23.78 142.73
C LEU C 447 -16.74 24.98 143.02
N GLY C 448 -17.78 25.17 142.23
CA GLY C 448 -18.65 26.31 142.40
C GLY C 448 -19.80 26.16 143.37
N LEU C 449 -20.09 24.94 143.80
CA LEU C 449 -21.18 24.71 144.73
C LEU C 449 -20.71 24.80 146.17
N SER C 450 -19.53 24.26 146.43
CA SER C 450 -18.93 24.27 147.76
C SER C 450 -18.55 25.67 148.22
N SER C 451 -18.39 26.61 147.30
CA SER C 451 -18.12 28.00 147.67
C SER C 451 -19.41 28.78 147.92
N MET C 452 -20.55 28.23 147.53
CA MET C 452 -21.84 28.82 147.87
C MET C 452 -22.39 28.26 149.17
N PHE C 453 -21.71 27.27 149.76
CA PHE C 453 -22.10 26.79 151.09
C PHE C 453 -21.80 27.84 152.14
N GLY C 454 -20.55 28.31 152.19
CA GLY C 454 -20.18 29.34 153.14
C GLY C 454 -20.70 30.71 152.78
N ASN C 455 -21.02 30.95 151.51
CA ASN C 455 -21.58 32.22 151.11
C ASN C 455 -23.04 32.34 151.50
N MET C 456 -23.72 31.21 151.72
CA MET C 456 -25.05 31.24 152.29
C MET C 456 -25.02 31.47 153.79
N GLU C 457 -23.90 31.13 154.44
CA GLU C 457 -23.76 31.41 155.87
C GLU C 457 -23.52 32.89 156.13
N GLY C 458 -22.99 33.61 155.15
CA GLY C 458 -22.82 35.04 155.30
C GLY C 458 -24.10 35.84 155.19
N VAL C 459 -25.18 35.24 154.70
CA VAL C 459 -26.46 35.91 154.60
C VAL C 459 -27.47 35.38 155.61
N VAL C 460 -27.45 34.09 155.92
CA VAL C 460 -28.44 33.51 156.82
C VAL C 460 -28.19 33.93 158.26
N VAL C 461 -26.94 33.88 158.71
CA VAL C 461 -26.60 34.11 160.11
C VAL C 461 -26.78 35.57 160.55
N PRO C 462 -26.27 36.62 159.87
CA PRO C 462 -26.54 37.97 160.38
C PRO C 462 -27.97 38.44 160.17
N LEU C 463 -28.73 37.79 159.28
CA LEU C 463 -30.15 38.06 159.17
C LEU C 463 -30.96 37.32 160.24
N GLN C 464 -30.32 36.40 160.94
CA GLN C 464 -30.95 35.69 162.05
C GLN C 464 -30.62 36.34 163.40
N ASP C 465 -29.58 37.15 163.45
CA ASP C 465 -29.25 37.94 164.63
C ASP C 465 -29.89 39.33 164.61
N LEU C 466 -30.56 39.69 163.52
CA LEU C 466 -31.22 40.98 163.41
C LEU C 466 -32.63 40.99 163.97
N ARG C 467 -33.16 39.81 164.31
CA ARG C 467 -34.51 39.61 164.86
C ARG C 467 -35.58 40.20 163.94
N VAL C 468 -35.55 39.76 162.68
CA VAL C 468 -36.58 40.13 161.72
C VAL C 468 -37.53 38.98 161.42
N ILE C 469 -37.16 37.75 161.74
CA ILE C 469 -38.04 36.60 161.59
C ILE C 469 -38.50 36.21 163.00
N PRO C 470 -39.76 35.85 163.20
CA PRO C 470 -40.21 35.39 164.52
C PRO C 470 -39.51 34.11 164.93
N PRO C 471 -38.92 34.07 166.13
CA PRO C 471 -38.02 32.96 166.48
C PRO C 471 -38.72 31.71 166.99
N LYS C 472 -39.79 31.31 166.31
CA LYS C 472 -40.38 29.99 166.51
C LYS C 472 -40.51 29.22 165.21
N TRP C 473 -40.33 29.87 164.07
CA TRP C 473 -40.27 29.19 162.79
C TRP C 473 -38.97 28.40 162.70
N PRO C 474 -38.95 27.29 161.96
CA PRO C 474 -37.71 26.50 161.85
C PRO C 474 -36.67 27.22 161.01
N LYS C 475 -35.45 26.69 161.07
CA LYS C 475 -34.35 27.24 160.28
C LYS C 475 -34.55 27.01 158.79
N GLU C 476 -35.25 25.94 158.42
CA GLU C 476 -35.48 25.59 157.03
C GLU C 476 -36.53 26.47 156.34
N VAL C 477 -37.18 27.38 157.07
CA VAL C 477 -38.10 28.33 156.45
C VAL C 477 -37.38 29.60 156.02
N LEU C 478 -36.49 30.14 156.84
CA LEU C 478 -35.76 31.33 156.45
C LEU C 478 -34.86 31.06 155.25
N THR C 479 -34.10 29.97 155.30
CA THR C 479 -33.22 29.60 154.19
C THR C 479 -34.00 29.61 152.88
N GLY C 480 -35.05 28.81 152.84
CA GLY C 480 -35.87 28.72 151.65
C GLY C 480 -36.33 30.10 151.23
N LEU C 481 -36.74 30.91 152.20
CA LEU C 481 -37.19 32.25 151.89
C LEU C 481 -36.14 33.00 151.11
N ILE C 482 -34.95 33.14 151.67
CA ILE C 482 -33.84 33.83 150.98
C ILE C 482 -33.69 33.32 149.54
N CYS C 483 -33.59 32.01 149.39
CA CYS C 483 -33.41 31.37 148.09
C CYS C 483 -34.40 31.89 147.07
N LEU C 484 -35.69 31.83 147.40
CA LEU C 484 -36.73 32.29 146.51
C LEU C 484 -36.44 33.72 146.05
N GLY C 485 -36.15 34.60 147.00
CA GLY C 485 -35.87 35.99 146.67
C GLY C 485 -34.74 36.13 145.67
N THR C 486 -33.62 35.48 145.95
CA THR C 486 -32.47 35.56 145.05
C THR C 486 -32.75 34.97 143.66
N PHE C 487 -33.56 33.93 143.61
CA PHE C 487 -33.90 33.30 142.33
C PHE C 487 -34.78 34.25 141.54
N LEU C 488 -35.67 34.95 142.23
CA LEU C 488 -36.57 35.89 141.57
C LEU C 488 -35.80 37.12 141.14
N ILE C 489 -34.63 37.34 141.75
CA ILE C 489 -33.79 38.48 141.37
C ILE C 489 -32.81 38.08 140.27
N GLY C 490 -32.65 36.78 140.06
CA GLY C 490 -31.74 36.27 139.05
C GLY C 490 -32.29 36.30 137.64
N PHE C 491 -33.49 36.87 137.48
CA PHE C 491 -34.15 37.00 136.20
C PHE C 491 -33.47 38.01 135.29
N ILE C 492 -32.70 38.93 135.87
CA ILE C 492 -32.03 39.96 135.08
C ILE C 492 -30.84 39.41 134.32
N PHE C 493 -30.35 38.22 134.68
CA PHE C 493 -29.23 37.60 134.01
C PHE C 493 -29.66 36.55 133.00
N THR C 494 -30.96 36.42 132.76
CA THR C 494 -31.47 35.49 131.74
C THR C 494 -32.02 36.22 130.53
N LEU C 495 -31.86 37.53 130.44
CA LEU C 495 -32.31 38.27 129.27
C LEU C 495 -31.34 38.07 128.10
N ASN C 496 -31.59 38.75 127.00
CA ASN C 496 -30.63 38.72 125.89
C ASN C 496 -29.36 39.48 126.25
N SER C 497 -29.51 40.61 126.95
CA SER C 497 -28.37 41.39 127.43
C SER C 497 -27.90 40.93 128.80
N GLY C 498 -28.15 39.68 129.17
CA GLY C 498 -27.82 39.19 130.48
C GLY C 498 -26.37 38.85 130.71
N GLN C 499 -25.55 38.82 129.66
CA GLN C 499 -24.12 38.65 129.85
C GLN C 499 -23.40 39.98 130.07
N TYR C 500 -23.94 41.07 129.54
CA TYR C 500 -23.38 42.39 129.81
C TYR C 500 -23.70 42.86 131.22
N TRP C 501 -24.78 42.35 131.83
CA TRP C 501 -25.09 42.69 133.21
C TRP C 501 -24.22 41.93 134.19
N LEU C 502 -23.79 40.72 133.83
CA LEU C 502 -22.97 39.93 134.74
C LEU C 502 -21.53 40.40 134.75
N SER C 503 -21.00 40.91 133.65
CA SER C 503 -19.62 41.37 133.68
C SER C 503 -19.45 42.58 134.61
N LEU C 504 -20.01 43.70 134.18
CA LEU C 504 -19.99 44.94 134.91
C LEU C 504 -20.19 44.69 136.40
N LEU C 505 -21.40 44.25 136.73
CA LEU C 505 -21.77 43.94 138.10
C LEU C 505 -20.64 43.16 138.76
N ASP C 506 -20.31 42.02 138.17
CA ASP C 506 -19.23 41.16 138.65
C ASP C 506 -18.04 42.00 139.08
N SER C 507 -17.28 42.46 138.10
CA SER C 507 -16.11 43.28 138.34
C SER C 507 -16.28 44.29 139.47
N TYR C 508 -17.27 45.17 139.36
CA TYR C 508 -17.44 46.18 140.40
C TYR C 508 -17.72 45.67 141.81
N ALA C 509 -18.74 44.85 141.97
CA ALA C 509 -19.10 44.33 143.28
C ALA C 509 -18.11 43.30 143.77
N GLY C 510 -17.10 43.02 142.96
CA GLY C 510 -16.10 42.03 143.31
C GLY C 510 -14.76 42.68 143.60
N SER C 511 -14.63 43.95 143.23
CA SER C 511 -13.38 44.65 143.46
C SER C 511 -13.47 45.64 144.60
N ILE C 512 -14.40 46.59 144.49
CA ILE C 512 -14.54 47.61 145.51
C ILE C 512 -14.88 47.03 146.88
N PRO C 513 -16.09 46.52 147.06
CA PRO C 513 -16.53 45.92 148.33
C PRO C 513 -15.52 45.07 149.14
N LEU C 514 -14.56 44.39 148.51
CA LEU C 514 -13.63 43.56 149.31
C LEU C 514 -12.64 44.32 150.20
N LEU C 515 -11.90 45.21 149.56
CA LEU C 515 -10.87 46.09 150.09
C LEU C 515 -11.35 46.90 151.29
N ILE C 516 -12.43 47.66 151.13
CA ILE C 516 -12.88 48.47 152.28
C ILE C 516 -13.11 47.69 153.60
N ILE C 517 -13.92 46.65 153.53
CA ILE C 517 -14.23 45.87 154.73
C ILE C 517 -13.01 45.15 155.28
N ALA C 518 -12.10 44.74 154.40
CA ALA C 518 -10.91 44.04 154.81
C ALA C 518 -10.09 45.00 155.64
N PHE C 519 -10.02 46.26 155.21
CA PHE C 519 -9.27 47.23 156.00
C PHE C 519 -9.94 47.57 157.31
N CYS C 520 -11.28 47.59 157.34
CA CYS C 520 -11.97 47.92 158.60
C CYS C 520 -11.85 46.87 159.72
N GLU C 521 -11.61 45.62 159.34
CA GLU C 521 -11.45 44.47 160.21
C GLU C 521 -10.06 44.45 160.85
N MET C 522 -9.04 44.91 160.11
CA MET C 522 -7.70 44.95 160.64
C MET C 522 -7.51 46.15 161.57
N PHE C 523 -8.22 47.24 161.32
CA PHE C 523 -8.06 48.44 162.14
C PHE C 523 -8.78 48.30 163.47
N SER C 524 -10.01 47.80 163.46
CA SER C 524 -10.85 47.79 164.65
C SER C 524 -10.44 46.74 165.67
N VAL C 525 -9.63 45.77 165.30
CA VAL C 525 -9.15 44.79 166.27
C VAL C 525 -7.91 45.29 166.99
N VAL C 526 -6.96 45.89 166.27
CA VAL C 526 -5.69 46.28 166.89
C VAL C 526 -5.67 47.73 167.36
N TYR C 527 -6.74 48.50 167.14
CA TYR C 527 -6.76 49.88 167.59
C TYR C 527 -8.04 50.31 168.30
N VAL C 528 -9.11 49.51 168.26
CA VAL C 528 -10.32 49.79 169.02
C VAL C 528 -10.52 48.74 170.11
N TYR C 529 -10.42 47.47 169.76
CA TYR C 529 -10.36 46.41 170.75
C TYR C 529 -9.06 46.47 171.51
N GLY C 530 -7.94 46.37 170.81
CA GLY C 530 -6.63 46.43 171.42
C GLY C 530 -5.80 45.21 171.09
N VAL C 531 -4.62 45.40 170.51
CA VAL C 531 -3.78 44.27 170.16
C VAL C 531 -3.09 43.68 171.40
N ASP C 532 -2.85 44.49 172.43
CA ASP C 532 -2.25 43.98 173.66
C ASP C 532 -3.25 43.22 174.51
N ARG C 533 -4.53 43.57 174.45
CA ARG C 533 -5.57 42.73 175.03
C ARG C 533 -5.78 41.46 174.22
N PHE C 534 -5.66 41.56 172.90
CA PHE C 534 -5.83 40.42 172.02
C PHE C 534 -4.76 39.35 172.20
N ASN C 535 -3.56 39.73 172.62
CA ASN C 535 -2.52 38.75 172.86
C ASN C 535 -2.76 37.96 174.14
N LYS C 536 -3.52 38.49 175.09
CA LYS C 536 -3.90 37.71 176.26
C LYS C 536 -4.94 36.66 175.89
N ASP C 537 -5.73 36.91 174.85
CA ASP C 537 -6.73 35.94 174.41
C ASP C 537 -6.11 34.80 173.63
N ILE C 538 -5.03 35.07 172.89
CA ILE C 538 -4.37 34.00 172.16
C ILE C 538 -3.57 33.12 173.11
N GLU C 539 -2.97 33.72 174.14
CA GLU C 539 -2.19 32.95 175.10
C GLU C 539 -3.06 32.04 175.96
N PHE C 540 -4.33 32.42 176.16
CA PHE C 540 -5.23 31.57 176.92
C PHE C 540 -5.69 30.39 176.07
N MET C 541 -5.91 30.61 174.77
CA MET C 541 -6.52 29.58 173.94
C MET C 541 -5.49 28.57 173.44
N ILE C 542 -4.46 29.02 172.72
CA ILE C 542 -3.53 28.11 172.08
C ILE C 542 -2.30 27.81 172.91
N GLY C 543 -1.99 28.59 173.93
CA GLY C 543 -0.93 28.29 174.86
C GLY C 543 0.24 29.24 174.86
N HIS C 544 0.34 30.13 173.88
CA HIS C 544 1.46 31.07 173.82
C HIS C 544 1.02 32.33 173.08
N LYS C 545 1.90 33.32 173.08
CA LYS C 545 1.63 34.56 172.37
C LYS C 545 1.99 34.40 170.90
N PRO C 546 1.45 35.25 170.02
CA PRO C 546 1.88 35.25 168.62
C PRO C 546 3.34 35.66 168.49
N ASN C 547 3.97 35.21 167.40
CA ASN C 547 5.40 35.44 167.18
C ASN C 547 5.67 36.89 166.79
N ILE C 548 6.93 37.17 166.49
CA ILE C 548 7.28 38.53 166.05
C ILE C 548 6.84 38.78 164.61
N PHE C 549 6.59 37.73 163.83
CA PHE C 549 6.09 37.94 162.47
C PHE C 549 4.63 38.40 162.48
N TRP C 550 3.83 37.91 163.43
CA TRP C 550 2.45 38.34 163.52
C TRP C 550 2.32 39.74 164.12
N GLN C 551 3.34 40.20 164.82
CA GLN C 551 3.23 41.50 165.48
C GLN C 551 3.50 42.65 164.52
N VAL C 552 4.44 42.49 163.58
CA VAL C 552 4.78 43.56 162.66
C VAL C 552 3.71 43.72 161.59
N THR C 553 3.15 42.60 161.12
CA THR C 553 2.16 42.68 160.06
C THR C 553 0.81 43.18 160.57
N TRP C 554 0.48 42.93 161.83
CA TRP C 554 -0.81 43.38 162.36
C TRP C 554 -0.82 44.88 162.59
N ARG C 555 0.24 45.41 163.20
CA ARG C 555 0.25 46.81 163.61
C ARG C 555 0.73 47.74 162.51
N VAL C 556 1.80 47.38 161.80
CA VAL C 556 2.51 48.30 160.92
C VAL C 556 2.30 47.97 159.45
N VAL C 557 2.60 46.74 159.05
CA VAL C 557 2.79 46.46 157.62
C VAL C 557 1.46 46.35 156.89
N SER C 558 0.65 45.36 157.22
CA SER C 558 -0.57 45.11 156.45
C SER C 558 -1.69 46.15 156.56
N PRO C 559 -1.75 46.96 157.60
CA PRO C 559 -2.77 48.01 157.62
C PRO C 559 -2.38 49.02 156.53
N LEU C 560 -1.08 49.16 156.32
CA LEU C 560 -0.51 50.09 155.34
C LEU C 560 -0.66 49.65 153.89
N LEU C 561 -0.36 48.40 153.59
CA LEU C 561 -0.49 47.90 152.23
C LEU C 561 -1.93 48.03 151.78
N MET C 562 -2.85 47.78 152.70
CA MET C 562 -4.27 47.88 152.38
C MET C 562 -4.58 49.35 152.18
N LEU C 563 -4.19 50.18 153.15
CA LEU C 563 -4.43 51.60 153.02
C LEU C 563 -3.87 52.16 151.72
N ILE C 564 -2.98 51.41 151.08
CA ILE C 564 -2.38 51.82 149.82
C ILE C 564 -3.24 51.35 148.65
N ILE C 565 -3.40 50.03 148.52
CA ILE C 565 -4.21 49.47 147.44
C ILE C 565 -5.53 50.21 147.31
N PHE C 566 -5.89 50.92 148.36
CA PHE C 566 -7.12 51.72 148.39
C PHE C 566 -6.95 53.04 147.63
N LEU C 567 -5.74 53.59 147.62
CA LEU C 567 -5.49 54.77 146.79
C LEU C 567 -5.28 54.42 145.33
N PHE C 568 -4.87 53.18 145.03
CA PHE C 568 -4.68 52.78 143.64
C PHE C 568 -6.01 52.54 142.93
N PHE C 569 -7.10 52.40 143.68
CA PHE C 569 -8.41 52.24 143.04
C PHE C 569 -8.89 53.54 142.42
N PHE C 570 -8.66 54.67 143.07
CA PHE C 570 -9.08 55.95 142.54
C PHE C 570 -8.12 56.50 141.51
N VAL C 571 -6.88 56.03 141.48
CA VAL C 571 -5.95 56.40 140.43
C VAL C 571 -6.33 55.77 139.09
N VAL C 572 -6.91 54.56 139.11
CA VAL C 572 -7.29 53.88 137.88
C VAL C 572 -8.78 53.94 137.58
N GLU C 573 -9.62 54.37 138.54
CA GLU C 573 -11.02 54.65 138.20
C GLU C 573 -11.11 55.89 137.33
N VAL C 574 -10.47 56.97 137.77
CA VAL C 574 -10.19 58.10 136.89
C VAL C 574 -9.06 57.70 135.94
N SER C 575 -8.97 58.41 134.80
CA SER C 575 -7.98 58.18 133.74
C SER C 575 -8.13 56.81 133.11
N GLN C 576 -9.37 56.38 132.94
CA GLN C 576 -9.72 55.24 132.11
C GLN C 576 -11.13 55.47 131.57
N GLU C 577 -11.46 54.78 130.49
CA GLU C 577 -12.76 54.90 129.87
C GLU C 577 -13.52 53.59 130.04
N LEU C 578 -14.76 53.67 130.50
CA LEU C 578 -15.58 52.49 130.72
C LEU C 578 -16.01 51.90 129.39
N THR C 579 -15.36 50.81 128.99
CA THR C 579 -15.69 50.13 127.74
C THR C 579 -16.02 48.67 128.05
N TYR C 580 -16.81 48.09 127.15
CA TYR C 580 -17.20 46.69 127.25
C TYR C 580 -17.34 46.12 125.84
N SER C 581 -17.21 44.80 125.74
CA SER C 581 -17.17 44.15 124.44
C SER C 581 -18.57 43.86 123.92
N ILE C 582 -18.69 43.90 122.59
CA ILE C 582 -19.95 43.81 121.89
C ILE C 582 -19.82 42.74 120.82
N TRP C 583 -20.83 41.86 120.71
CA TRP C 583 -20.74 40.80 119.70
C TRP C 583 -21.04 41.35 118.29
N ASP C 584 -22.28 41.81 118.06
CA ASP C 584 -22.72 42.53 116.87
C ASP C 584 -22.39 41.85 115.54
N PRO C 585 -23.13 40.81 115.11
CA PRO C 585 -22.85 40.13 113.84
C PRO C 585 -23.33 40.88 112.59
N GLY C 586 -23.10 42.19 112.55
CA GLY C 586 -23.30 43.00 111.37
C GLY C 586 -22.16 43.98 111.27
N TYR C 587 -21.29 43.95 112.28
CA TYR C 587 -20.14 44.82 112.35
C TYR C 587 -19.03 44.29 111.45
N GLU C 588 -18.51 45.16 110.58
CA GLU C 588 -17.39 44.82 109.73
C GLU C 588 -16.15 44.56 110.58
N GLU C 589 -15.25 43.74 110.03
CA GLU C 589 -14.17 43.07 110.77
C GLU C 589 -14.75 42.36 112.00
N PHE C 590 -15.57 41.35 111.72
CA PHE C 590 -16.47 40.81 112.74
C PHE C 590 -15.77 40.08 113.89
N PRO C 591 -14.98 39.01 113.68
CA PRO C 591 -14.64 38.14 114.83
C PRO C 591 -13.67 38.75 115.83
N LYS C 592 -13.03 39.87 115.51
CA LYS C 592 -12.19 40.54 116.50
C LYS C 592 -13.06 41.38 117.43
N SER C 593 -12.44 41.87 118.50
CA SER C 593 -13.17 42.51 119.58
C SER C 593 -13.56 43.94 119.23
N GLN C 594 -14.78 44.32 119.59
CA GLN C 594 -15.27 45.69 119.46
C GLN C 594 -15.67 46.20 120.82
N LYS C 595 -15.12 47.35 121.21
CA LYS C 595 -15.38 47.95 122.52
C LYS C 595 -16.11 49.27 122.32
N ILE C 596 -17.30 49.38 122.91
CA ILE C 596 -18.04 50.64 122.93
C ILE C 596 -18.19 51.08 124.38
N SER C 597 -18.64 52.31 124.54
CA SER C 597 -18.77 52.92 125.86
C SER C 597 -20.13 52.62 126.46
N TYR C 598 -20.17 52.61 127.79
CA TYR C 598 -21.40 52.35 128.54
C TYR C 598 -22.37 53.51 128.38
N PRO C 599 -23.67 53.27 128.60
CA PRO C 599 -24.61 54.39 128.70
C PRO C 599 -24.38 55.20 129.98
N ASN C 600 -25.15 56.29 130.09
CA ASN C 600 -24.95 57.20 131.21
C ASN C 600 -25.72 56.78 132.46
N TRP C 601 -26.68 55.86 132.34
CA TRP C 601 -27.37 55.38 133.53
C TRP C 601 -26.66 54.22 134.19
N VAL C 602 -25.46 53.86 133.73
CA VAL C 602 -24.75 52.76 134.37
C VAL C 602 -24.08 53.21 135.66
N TYR C 603 -23.92 54.54 135.85
CA TYR C 603 -23.34 55.03 137.08
C TYR C 603 -24.30 54.87 138.26
N VAL C 604 -25.59 54.76 137.97
CA VAL C 604 -26.57 54.55 139.01
C VAL C 604 -26.38 53.13 139.52
N VAL C 605 -26.19 52.20 138.58
CA VAL C 605 -25.99 50.80 138.93
C VAL C 605 -24.67 50.63 139.65
N VAL C 606 -23.60 51.15 139.06
CA VAL C 606 -22.29 51.05 139.70
C VAL C 606 -22.41 51.63 141.09
N VAL C 607 -22.95 52.85 141.16
CA VAL C 607 -23.15 53.53 142.43
C VAL C 607 -23.77 52.56 143.42
N ILE C 608 -24.99 52.11 143.16
CA ILE C 608 -25.61 51.17 144.08
C ILE C 608 -24.69 50.01 144.47
N VAL C 609 -24.30 49.20 143.50
CA VAL C 609 -23.46 48.02 143.75
C VAL C 609 -22.13 48.21 144.47
N ALA C 610 -21.56 49.42 144.47
CA ALA C 610 -20.28 49.60 145.15
C ALA C 610 -20.32 50.73 146.15
N GLY C 611 -21.52 51.20 146.41
CA GLY C 611 -21.77 52.30 147.33
C GLY C 611 -22.49 51.71 148.50
N VAL C 612 -23.78 51.47 148.36
CA VAL C 612 -24.45 50.86 149.50
C VAL C 612 -23.43 50.27 150.44
N PRO C 613 -22.72 49.20 150.09
CA PRO C 613 -21.70 48.64 151.00
C PRO C 613 -20.89 49.65 151.84
N SER C 614 -20.03 50.45 151.21
CA SER C 614 -19.16 51.41 151.90
C SER C 614 -19.92 52.48 152.69
N LEU C 615 -20.91 53.08 152.04
CA LEU C 615 -21.68 54.12 152.69
C LEU C 615 -22.41 53.54 153.89
N THR C 616 -22.36 52.22 154.04
CA THR C 616 -23.02 51.56 155.14
C THR C 616 -22.26 51.73 156.45
N ILE C 617 -20.95 51.52 156.42
CA ILE C 617 -20.14 51.67 157.62
C ILE C 617 -20.29 53.08 158.18
N PRO C 618 -19.74 54.09 157.39
CA PRO C 618 -19.91 55.43 157.94
C PRO C 618 -21.37 55.72 158.20
N GLY C 619 -22.26 55.19 157.37
CA GLY C 619 -23.68 55.42 157.57
C GLY C 619 -24.10 55.13 158.99
N TYR C 620 -23.99 53.88 159.39
CA TYR C 620 -24.38 53.47 160.73
C TYR C 620 -23.59 54.18 161.81
N ALA C 621 -22.30 54.41 161.59
CA ALA C 621 -21.52 55.09 162.60
C ALA C 621 -22.20 56.43 162.89
N ILE C 622 -22.43 57.19 161.84
CA ILE C 622 -23.08 58.49 161.96
C ILE C 622 -24.41 58.33 162.68
N TYR C 623 -25.23 57.40 162.23
CA TYR C 623 -26.51 57.18 162.87
C TYR C 623 -26.38 57.08 164.39
N LYS C 624 -25.52 56.16 164.86
CA LYS C 624 -25.33 55.97 166.30
C LYS C 624 -24.77 57.19 167.03
N LEU C 625 -23.77 57.83 166.44
CA LEU C 625 -23.18 59.00 167.07
C LEU C 625 -24.22 60.11 167.19
N ILE C 626 -25.17 60.11 166.25
CA ILE C 626 -26.23 61.11 166.24
C ILE C 626 -27.16 60.77 167.39
N ARG C 627 -27.60 59.51 167.44
CA ARG C 627 -28.46 59.06 168.53
C ARG C 627 -27.82 59.48 169.84
N ASN C 628 -26.51 59.65 169.80
CA ASN C 628 -25.76 60.11 170.96
C ASN C 628 -26.00 61.62 171.12
N HIS C 629 -25.26 62.41 170.35
CA HIS C 629 -25.39 63.87 170.36
C HIS C 629 -25.61 64.44 171.75
N ILE D 33 51.97 14.84 47.93
CA ILE D 33 52.37 16.15 47.45
C ILE D 33 51.20 16.70 46.65
N GLU D 34 51.18 18.03 46.49
CA GLU D 34 50.00 18.70 45.97
C GLU D 34 49.85 18.49 44.46
N GLU D 35 50.95 18.32 43.74
CA GLU D 35 50.85 18.20 42.29
C GLU D 35 50.30 16.84 41.89
N GLN D 36 50.30 15.90 42.83
CA GLN D 36 49.76 14.58 42.61
C GLN D 36 48.22 14.66 42.67
N ALA D 37 47.69 15.61 43.44
CA ALA D 37 46.25 15.77 43.55
C ALA D 37 45.67 16.43 42.32
N LYS D 38 46.42 17.33 41.68
CA LYS D 38 45.95 17.95 40.45
C LYS D 38 45.83 16.92 39.34
N THR D 39 46.83 16.04 39.22
CA THR D 39 46.76 14.97 38.24
C THR D 39 45.72 13.93 38.60
N PHE D 40 45.32 13.84 39.87
CA PHE D 40 44.24 12.94 40.22
C PHE D 40 42.91 13.48 39.72
N LEU D 41 42.68 14.78 39.87
CA LEU D 41 41.38 15.34 39.56
C LEU D 41 41.11 15.43 38.07
N ASP D 42 42.17 15.55 37.26
CA ASP D 42 42.01 15.65 35.82
C ASP D 42 41.53 14.32 35.23
N LYS D 43 41.95 13.24 35.87
CA LYS D 43 41.58 11.90 35.47
C LYS D 43 40.11 11.75 35.88
N PHE D 44 39.75 12.34 37.02
CA PHE D 44 38.39 12.33 37.53
C PHE D 44 37.48 13.19 36.67
N ASN D 45 37.95 14.37 36.26
CA ASN D 45 37.10 15.31 35.54
C ASN D 45 36.75 14.87 34.13
N HIS D 46 37.43 13.84 33.64
CA HIS D 46 37.20 13.32 32.30
C HIS D 46 36.33 12.08 32.34
N GLU D 47 36.49 11.26 33.38
CA GLU D 47 35.70 10.05 33.48
C GLU D 47 34.32 10.36 34.05
N ALA D 48 34.22 11.38 34.88
CA ALA D 48 32.94 11.73 35.48
C ALA D 48 31.98 12.37 34.50
N GLU D 49 32.47 13.25 33.62
CA GLU D 49 31.60 14.03 32.76
C GLU D 49 30.86 13.15 31.77
N ASP D 50 31.50 12.05 31.36
CA ASP D 50 30.82 11.12 30.46
C ASP D 50 29.90 10.19 31.21
N LEU D 51 30.31 9.70 32.38
CA LEU D 51 29.46 8.79 33.12
C LEU D 51 28.27 9.51 33.76
N PHE D 52 28.41 10.78 34.10
CA PHE D 52 27.27 11.56 34.53
C PHE D 52 26.32 11.88 33.39
N TYR D 53 26.84 11.92 32.16
CA TYR D 53 26.01 12.27 31.02
C TYR D 53 24.99 11.19 30.73
N GLN D 54 25.49 9.99 30.44
CA GLN D 54 24.66 8.84 30.16
C GLN D 54 23.72 8.53 31.31
N SER D 55 24.20 8.68 32.54
CA SER D 55 23.33 8.40 33.67
C SER D 55 22.24 9.43 33.80
N SER D 56 22.43 10.62 33.22
CA SER D 56 21.37 11.61 33.20
C SER D 56 20.60 11.60 31.89
N LEU D 57 21.18 11.08 30.82
CA LEU D 57 20.43 10.94 29.58
C LEU D 57 19.41 9.83 29.68
N ALA D 58 19.75 8.74 30.36
CA ALA D 58 18.79 7.67 30.57
C ALA D 58 17.69 8.08 31.52
N SER D 59 17.94 9.03 32.42
CA SER D 59 16.89 9.55 33.25
C SER D 59 15.98 10.51 32.49
N TRP D 60 16.43 11.03 31.35
CA TRP D 60 15.55 11.84 30.52
C TRP D 60 14.57 10.96 29.76
N ASN D 61 15.04 9.84 29.24
CA ASN D 61 14.18 8.98 28.43
C ASN D 61 13.13 8.28 29.26
N TYR D 62 13.40 8.06 30.54
CA TYR D 62 12.35 7.57 31.43
C TYR D 62 11.36 8.67 31.75
N ASN D 63 11.83 9.91 31.92
CA ASN D 63 10.94 10.97 32.36
C ASN D 63 10.02 11.46 31.25
N THR D 64 10.39 11.27 29.99
CA THR D 64 9.53 11.83 28.95
C THR D 64 8.78 10.75 28.18
N ASN D 65 9.01 9.48 28.49
CA ASN D 65 8.36 8.36 27.81
C ASN D 65 8.47 7.19 28.79
N ILE D 66 7.41 6.93 29.54
CA ILE D 66 7.49 5.91 30.58
C ILE D 66 7.11 4.54 30.04
N THR D 67 8.04 3.61 30.14
CA THR D 67 7.80 2.17 30.03
C THR D 67 8.30 1.57 31.32
N GLU D 68 8.45 0.26 31.37
CA GLU D 68 9.31 -0.31 32.40
C GLU D 68 10.64 -0.74 31.79
N GLU D 69 10.71 -0.87 30.46
CA GLU D 69 12.00 -1.08 29.81
C GLU D 69 12.82 0.20 29.73
N ASN D 70 12.28 1.30 30.25
CA ASN D 70 13.09 2.48 30.53
C ASN D 70 13.45 2.63 32.00
N VAL D 71 12.66 2.07 32.93
CA VAL D 71 13.02 2.15 34.33
C VAL D 71 14.19 1.22 34.62
N GLN D 72 14.19 0.05 34.03
CA GLN D 72 15.34 -0.83 34.12
C GLN D 72 16.50 -0.30 33.29
N ASN D 73 16.22 0.56 32.32
CA ASN D 73 17.29 1.19 31.56
C ASN D 73 17.98 2.28 32.35
N MET D 74 17.31 2.87 33.35
CA MET D 74 17.91 3.94 34.13
C MET D 74 18.36 3.49 35.50
N ASN D 75 17.98 2.30 35.94
CA ASN D 75 18.46 1.84 37.24
C ASN D 75 19.85 1.24 37.16
N ASN D 76 20.18 0.56 36.07
CA ASN D 76 21.53 0.05 35.91
C ASN D 76 22.48 1.16 35.49
N ALA D 77 22.00 2.08 34.64
CA ALA D 77 22.82 3.23 34.27
C ALA D 77 22.91 4.25 35.39
N GLY D 78 21.98 4.21 36.33
CA GLY D 78 22.10 5.08 37.49
C GLY D 78 23.05 4.53 38.54
N ASP D 79 23.12 3.21 38.64
CA ASP D 79 24.01 2.60 39.62
C ASP D 79 25.45 2.55 39.16
N LYS D 80 25.71 2.58 37.86
CA LYS D 80 27.09 2.71 37.39
C LYS D 80 27.68 4.06 37.73
N TRP D 81 26.83 5.09 37.86
CA TRP D 81 27.34 6.38 38.30
C TRP D 81 27.59 6.38 39.81
N SER D 82 26.75 5.68 40.57
CA SER D 82 26.92 5.70 42.02
C SER D 82 28.03 4.78 42.47
N ALA D 83 28.23 3.66 41.78
CA ALA D 83 29.32 2.77 42.15
C ALA D 83 30.67 3.35 41.76
N PHE D 84 30.70 4.18 40.71
CA PHE D 84 31.94 4.82 40.30
C PHE D 84 32.36 5.89 41.28
N LEU D 85 31.40 6.56 41.92
CA LEU D 85 31.76 7.68 42.78
C LEU D 85 32.29 7.22 44.12
N LYS D 86 31.81 6.07 44.63
CA LYS D 86 32.39 5.57 45.87
C LYS D 86 33.75 4.94 45.65
N GLU D 87 34.08 4.58 44.41
CA GLU D 87 35.43 4.08 44.14
C GLU D 87 36.44 5.21 44.10
N GLN D 88 36.04 6.35 43.53
CA GLN D 88 36.94 7.50 43.55
C GLN D 88 36.93 8.19 44.90
N SER D 89 35.88 8.02 45.70
CA SER D 89 35.88 8.57 47.04
C SER D 89 36.88 7.88 47.94
N THR D 90 36.99 6.56 47.82
CA THR D 90 37.95 5.85 48.66
C THR D 90 39.37 5.97 48.13
N LEU D 91 39.54 6.46 46.91
CA LEU D 91 40.86 6.82 46.43
C LEU D 91 41.28 8.21 46.89
N ALA D 92 40.32 9.06 47.26
CA ALA D 92 40.65 10.42 47.62
C ALA D 92 41.25 10.56 49.01
N GLN D 93 41.11 9.55 49.88
CA GLN D 93 41.73 9.70 51.18
C GLN D 93 43.20 9.34 51.19
N MET D 94 43.73 9.06 50.00
CA MET D 94 45.15 8.78 49.84
C MET D 94 45.87 10.13 49.98
N TYR D 95 45.22 11.20 49.55
CA TYR D 95 45.82 12.53 49.65
C TYR D 95 45.35 13.20 50.93
N PRO D 96 46.27 13.71 51.74
CA PRO D 96 45.87 14.55 52.88
C PRO D 96 45.29 15.85 52.41
N LEU D 97 44.60 16.53 53.33
CA LEU D 97 43.79 17.68 52.94
C LEU D 97 44.42 18.99 53.41
N GLN D 98 45.27 18.96 54.43
CA GLN D 98 45.86 20.17 54.96
C GLN D 98 47.25 20.44 54.39
N GLU D 99 47.70 19.62 53.44
CA GLU D 99 48.98 19.83 52.78
C GLU D 99 48.75 20.44 51.40
N ILE D 100 47.65 21.16 51.26
CA ILE D 100 47.24 21.73 49.98
C ILE D 100 47.20 23.24 50.15
N GLN D 101 47.55 23.98 49.09
CA GLN D 101 47.62 25.43 49.20
C GLN D 101 46.60 26.14 48.33
N ASN D 102 46.44 25.69 47.08
CA ASN D 102 45.49 26.29 46.16
C ASN D 102 44.06 26.07 46.66
N LEU D 103 43.27 27.14 46.69
CA LEU D 103 41.94 27.07 47.28
C LEU D 103 40.97 26.28 46.40
N THR D 104 41.19 26.32 45.09
CA THR D 104 40.27 25.63 44.18
C THR D 104 40.43 24.12 44.27
N VAL D 105 41.67 23.63 44.22
CA VAL D 105 41.90 22.19 44.34
C VAL D 105 41.66 21.67 45.74
N LYS D 106 41.64 22.54 46.74
CA LYS D 106 41.20 22.10 48.06
C LYS D 106 39.69 21.95 48.12
N LEU D 107 38.95 22.83 47.45
CA LEU D 107 37.50 22.78 47.46
C LEU D 107 36.97 21.57 46.72
N GLN D 108 37.64 21.17 45.63
CA GLN D 108 37.23 19.96 44.93
C GLN D 108 37.56 18.72 45.73
N LEU D 109 38.62 18.75 46.51
CA LEU D 109 39.02 17.56 47.25
C LEU D 109 38.11 17.31 48.44
N GLN D 110 37.64 18.37 49.09
CA GLN D 110 36.82 18.18 50.28
C GLN D 110 35.42 17.71 49.92
N ALA D 111 34.91 18.11 48.76
CA ALA D 111 33.60 17.67 48.32
C ALA D 111 33.58 16.22 47.84
N LEU D 112 34.74 15.66 47.51
CA LEU D 112 34.84 14.27 47.09
C LEU D 112 35.27 13.34 48.20
N GLN D 113 35.98 13.87 49.20
CA GLN D 113 36.51 13.02 50.27
C GLN D 113 35.43 12.70 51.29
N GLN D 114 34.29 13.39 51.20
CA GLN D 114 33.22 13.32 52.17
C GLN D 114 32.65 11.92 52.32
N ASN D 115 32.82 11.35 53.52
CA ASN D 115 32.35 9.99 53.79
C ASN D 115 30.85 9.82 53.87
N GLY D 116 30.17 10.78 54.50
CA GLY D 116 28.73 10.69 54.65
C GLY D 116 28.42 9.38 55.34
N SER D 117 27.56 8.57 54.73
CA SER D 117 27.22 7.28 55.29
C SER D 117 28.44 6.39 55.15
N SER D 118 28.29 5.10 55.42
CA SER D 118 29.40 4.17 55.30
C SER D 118 30.39 4.30 56.47
N VAL D 119 30.09 5.20 57.40
CA VAL D 119 30.94 5.38 58.56
C VAL D 119 30.36 4.53 59.68
N LEU D 120 29.14 4.08 59.45
CA LEU D 120 28.40 3.23 60.38
C LEU D 120 28.79 1.78 60.18
N SER D 121 28.40 0.94 61.15
CA SER D 121 28.49 -0.49 60.98
C SER D 121 27.52 -0.94 59.90
N GLU D 122 27.89 -2.03 59.21
CA GLU D 122 27.19 -2.42 58.00
C GLU D 122 25.78 -2.98 58.26
N ASP D 123 25.49 -3.38 59.49
CA ASP D 123 24.13 -3.72 59.89
C ASP D 123 23.34 -2.52 60.41
N LYS D 124 24.02 -1.45 60.82
CA LYS D 124 23.33 -0.21 61.15
C LYS D 124 23.06 0.61 59.91
N SER D 125 23.85 0.41 58.85
CA SER D 125 23.64 1.13 57.60
C SER D 125 22.41 0.62 56.86
N LYS D 126 22.10 -0.66 56.96
CA LYS D 126 20.90 -1.20 56.35
C LYS D 126 19.67 -1.00 57.23
N ARG D 127 19.85 -0.78 58.52
CA ARG D 127 18.72 -0.40 59.37
C ARG D 127 18.28 1.02 59.10
N LEU D 128 19.21 1.91 58.76
CA LEU D 128 18.86 3.30 58.48
C LEU D 128 18.11 3.43 57.16
N ASN D 129 18.49 2.65 56.15
CA ASN D 129 17.80 2.70 54.87
C ASN D 129 16.44 2.02 54.93
N THR D 130 16.23 1.11 55.88
CA THR D 130 14.91 0.52 56.08
C THR D 130 13.94 1.51 56.71
N ILE D 131 14.45 2.34 57.63
CA ILE D 131 13.62 3.36 58.27
C ILE D 131 13.24 4.44 57.27
N LEU D 132 14.19 4.87 56.44
CA LEU D 132 13.92 5.92 55.47
C LEU D 132 12.97 5.46 54.38
N ASN D 133 12.96 4.16 54.06
CA ASN D 133 12.00 3.66 53.10
C ASN D 133 10.63 3.45 53.73
N THR D 134 10.58 3.12 55.02
CA THR D 134 9.29 2.91 55.67
C THR D 134 8.59 4.22 55.95
N MET D 135 9.34 5.25 56.36
CA MET D 135 8.75 6.56 56.61
C MET D 135 8.29 7.22 55.32
N SER D 136 8.96 6.95 54.20
CA SER D 136 8.56 7.53 52.93
C SER D 136 7.32 6.89 52.35
N THR D 137 7.09 5.59 52.59
CA THR D 137 5.91 4.93 52.05
C THR D 137 4.70 5.07 52.94
N ILE D 138 4.88 5.42 54.22
CA ILE D 138 3.73 5.75 55.07
C ILE D 138 3.14 7.09 54.65
N TYR D 139 4.00 8.04 54.29
CA TYR D 139 3.53 9.38 53.92
C TYR D 139 2.79 9.37 52.59
N SER D 140 3.22 8.53 51.67
CA SER D 140 2.59 8.48 50.34
C SER D 140 1.42 7.50 50.20
N THR D 141 1.31 6.59 51.15
CA THR D 141 0.21 5.63 51.16
C THR D 141 -0.53 5.64 52.50
N GLY D 142 -1.24 6.73 52.80
CA GLY D 142 -2.01 6.86 54.02
C GLY D 142 -3.47 6.98 53.65
N LYS D 143 -4.31 6.19 54.31
CA LYS D 143 -5.73 6.24 54.09
C LYS D 143 -6.45 6.82 55.30
N VAL D 144 -7.37 7.73 55.05
CA VAL D 144 -8.16 8.35 56.10
C VAL D 144 -9.62 7.93 55.90
N CYS D 145 -10.22 7.45 56.98
CA CYS D 145 -11.60 6.99 56.97
C CYS D 145 -12.58 7.96 57.60
N ASN D 146 -13.63 8.21 56.81
CA ASN D 146 -14.76 9.13 57.07
C ASN D 146 -15.66 8.33 58.01
N PRO D 147 -15.79 8.82 59.23
CA PRO D 147 -16.46 8.11 60.35
C PRO D 147 -17.95 7.84 60.11
N ASP D 148 -18.44 8.13 58.92
CA ASP D 148 -19.85 7.89 58.60
C ASP D 148 -19.97 6.85 57.50
N ASN D 149 -18.83 6.50 56.93
CA ASN D 149 -18.72 5.52 55.86
C ASN D 149 -17.29 5.02 55.86
N PRO D 150 -17.00 3.91 56.55
CA PRO D 150 -15.63 3.40 56.57
C PRO D 150 -15.15 2.76 55.29
N GLN D 151 -15.98 2.78 54.26
CA GLN D 151 -15.65 2.19 52.97
C GLN D 151 -15.07 3.15 51.94
N GLU D 152 -14.72 4.35 52.39
CA GLU D 152 -14.19 5.40 51.54
C GLU D 152 -13.03 6.05 52.26
N CYS D 153 -11.82 5.68 51.84
CA CYS D 153 -10.59 6.20 52.42
C CYS D 153 -9.95 7.21 51.48
N LEU D 154 -9.63 8.37 52.04
CA LEU D 154 -9.01 9.46 51.30
C LEU D 154 -7.51 9.52 51.53
N LEU D 155 -6.76 9.60 50.46
CA LEU D 155 -5.31 9.59 50.56
C LEU D 155 -4.51 10.83 50.22
N LEU D 156 -4.17 11.59 51.27
CA LEU D 156 -3.35 12.83 51.28
C LEU D 156 -3.31 13.84 50.13
N GLU D 157 -2.77 13.44 48.99
CA GLU D 157 -2.66 14.37 47.87
C GLU D 157 -3.98 14.49 47.10
N PRO D 158 -4.64 13.40 46.63
CA PRO D 158 -6.01 13.62 46.13
C PRO D 158 -7.03 13.48 47.25
N GLY D 159 -7.66 14.58 47.64
CA GLY D 159 -8.80 14.50 48.53
C GLY D 159 -8.61 15.12 49.89
N LEU D 160 -7.44 14.91 50.50
CA LEU D 160 -7.22 15.52 51.81
C LEU D 160 -6.58 16.89 51.67
N ASN D 161 -5.79 17.11 50.62
CA ASN D 161 -5.29 18.44 50.32
C ASN D 161 -6.35 19.34 49.71
N GLU D 162 -7.40 18.76 49.12
CA GLU D 162 -8.46 19.58 48.55
C GLU D 162 -9.42 20.08 49.61
N ILE D 163 -9.63 19.30 50.67
CA ILE D 163 -10.47 19.75 51.78
C ILE D 163 -9.79 20.92 52.51
N MET D 164 -8.50 20.79 52.78
CA MET D 164 -7.79 21.83 53.52
C MET D 164 -7.58 23.10 52.72
N ALA D 165 -7.73 23.05 51.40
CA ALA D 165 -7.52 24.22 50.57
C ALA D 165 -8.81 24.88 50.08
N ASN D 166 -9.96 24.23 50.23
CA ASN D 166 -11.17 24.75 49.61
C ASN D 166 -12.36 24.85 50.55
N SER D 167 -12.36 24.09 51.65
CA SER D 167 -13.54 24.03 52.49
C SER D 167 -13.65 25.25 53.38
N LEU D 168 -14.90 25.60 53.71
CA LEU D 168 -15.19 26.64 54.68
C LEU D 168 -15.97 26.09 55.88
N ASP D 169 -16.15 24.77 55.93
CA ASP D 169 -16.81 24.12 57.05
C ASP D 169 -15.80 23.95 58.17
N TYR D 170 -16.14 24.42 59.37
CA TYR D 170 -15.25 24.28 60.51
C TYR D 170 -15.10 22.82 60.92
N ASN D 171 -16.18 22.05 60.88
CA ASN D 171 -16.14 20.68 61.37
C ASN D 171 -15.48 19.72 60.41
N GLU D 172 -15.46 20.03 59.12
CA GLU D 172 -14.77 19.17 58.16
C GLU D 172 -13.29 19.46 58.07
N ARG D 173 -12.88 20.72 58.26
CA ARG D 173 -11.46 21.03 58.34
C ARG D 173 -10.85 20.50 59.62
N LEU D 174 -11.63 20.47 60.70
CA LEU D 174 -11.13 19.99 61.97
C LEU D 174 -10.98 18.48 61.96
N TRP D 175 -11.77 17.81 61.12
CA TRP D 175 -11.70 16.36 61.00
C TRP D 175 -10.48 15.92 60.20
N ALA D 176 -10.28 16.56 59.06
CA ALA D 176 -9.15 16.22 58.18
C ALA D 176 -7.82 16.51 58.85
N TRP D 177 -7.74 17.58 59.63
CA TRP D 177 -6.50 17.90 60.33
C TRP D 177 -6.15 16.77 61.30
N GLU D 178 -7.03 16.61 62.29
CA GLU D 178 -6.90 15.61 63.33
C GLU D 178 -6.62 14.19 62.85
N SER D 179 -7.56 13.60 62.10
CA SER D 179 -7.38 12.24 61.62
C SER D 179 -5.97 12.00 61.07
N TRP D 180 -5.71 12.58 59.91
CA TRP D 180 -4.42 12.46 59.23
C TRP D 180 -3.32 12.54 60.26
N ARG D 181 -3.29 13.70 60.95
CA ARG D 181 -2.30 13.95 61.98
C ARG D 181 -2.13 12.71 62.83
N SER D 182 -3.04 12.46 63.75
CA SER D 182 -3.01 11.29 64.61
C SER D 182 -2.42 10.03 63.96
N GLU D 183 -3.06 9.53 62.91
CA GLU D 183 -2.53 8.29 62.29
C GLU D 183 -1.06 8.32 61.86
N VAL D 184 -0.79 9.19 60.88
CA VAL D 184 0.57 9.25 60.36
C VAL D 184 1.50 9.54 61.51
N GLY D 185 1.02 10.40 62.40
CA GLY D 185 1.72 10.83 63.57
C GLY D 185 2.25 9.61 64.26
N LYS D 186 1.38 8.83 64.86
CA LYS D 186 1.78 7.61 65.56
C LYS D 186 2.83 6.81 64.79
N GLN D 187 2.49 6.43 63.55
CA GLN D 187 3.49 5.64 62.80
C GLN D 187 4.91 6.29 62.81
N LEU D 188 4.99 7.45 62.17
CA LEU D 188 6.26 8.14 62.07
C LEU D 188 6.94 8.40 63.41
N ARG D 189 6.26 8.11 64.51
CA ARG D 189 6.84 8.35 65.83
C ARG D 189 8.02 7.44 66.19
N PRO D 190 7.76 6.14 66.34
CA PRO D 190 8.83 5.19 66.69
C PRO D 190 9.97 5.22 65.68
N LEU D 191 9.60 5.33 64.41
CA LEU D 191 10.55 5.36 63.30
C LEU D 191 11.41 6.61 63.37
N TYR D 192 10.78 7.76 63.58
CA TYR D 192 11.50 9.02 63.65
C TYR D 192 12.42 9.05 64.87
N GLU D 193 12.01 8.37 65.93
CA GLU D 193 12.80 8.31 67.15
C GLU D 193 14.06 7.49 66.91
N GLU D 194 13.94 6.42 66.13
CA GLU D 194 15.10 5.58 65.83
C GLU D 194 16.02 6.23 64.79
N TYR D 195 15.45 7.17 64.04
CA TYR D 195 16.13 7.91 62.99
C TYR D 195 17.06 8.96 63.55
N VAL D 196 16.73 9.54 64.71
CA VAL D 196 17.56 10.59 65.30
C VAL D 196 18.85 9.98 65.85
N VAL D 197 18.76 8.78 66.42
CA VAL D 197 19.92 8.13 67.02
C VAL D 197 20.92 7.70 65.95
N LEU D 198 20.43 7.16 64.84
CA LEU D 198 21.32 6.68 63.79
C LEU D 198 21.93 7.83 62.99
N LYS D 199 21.22 8.96 62.88
CA LYS D 199 21.78 10.08 62.15
C LYS D 199 22.79 10.85 62.98
N ASN D 200 22.66 10.82 64.31
CA ASN D 200 23.65 11.47 65.16
C ASN D 200 24.94 10.65 65.23
N GLU D 201 24.84 9.33 65.08
CA GLU D 201 26.03 8.48 65.03
C GLU D 201 26.81 8.71 63.75
N MET D 202 26.12 8.90 62.63
CA MET D 202 26.78 9.16 61.36
C MET D 202 27.42 10.54 61.33
N ALA D 203 26.83 11.51 62.03
CA ALA D 203 27.39 12.85 62.04
C ALA D 203 28.58 12.97 62.97
N ARG D 204 28.58 12.23 64.09
CA ARG D 204 29.68 12.30 65.03
C ARG D 204 30.88 11.50 64.57
N ALA D 205 30.70 10.53 63.69
CA ALA D 205 31.83 9.84 63.07
C ALA D 205 32.46 10.65 61.95
N ASN D 206 31.79 11.71 61.48
CA ASN D 206 32.35 12.64 60.51
C ASN D 206 32.81 13.93 61.17
N HIS D 207 33.03 13.90 62.49
CA HIS D 207 33.56 15.00 63.29
C HIS D 207 32.68 16.24 63.26
N TYR D 208 31.37 16.03 63.38
CA TYR D 208 30.41 17.06 63.75
C TYR D 208 29.86 16.72 65.13
N GLU D 209 29.22 17.68 65.79
CA GLU D 209 28.67 17.38 67.11
C GLU D 209 27.31 16.70 67.01
N ASP D 210 26.51 17.06 66.01
CA ASP D 210 25.22 16.39 65.82
C ASP D 210 24.86 16.46 64.34
N TYR D 211 23.67 15.96 64.00
CA TYR D 211 23.20 16.00 62.62
C TYR D 211 22.73 17.38 62.20
N GLY D 212 22.36 18.24 63.14
CA GLY D 212 22.03 19.60 62.81
C GLY D 212 23.24 20.41 62.39
N ASP D 213 24.39 20.15 63.00
CA ASP D 213 25.64 20.78 62.60
C ASP D 213 26.12 20.25 61.25
N TYR D 214 25.71 19.03 60.90
CA TYR D 214 26.03 18.48 59.59
C TYR D 214 25.27 19.19 58.49
N TRP D 215 24.04 19.61 58.76
CA TRP D 215 23.25 20.31 57.76
C TRP D 215 23.73 21.73 57.56
N ARG D 216 24.27 22.35 58.60
CA ARG D 216 24.78 23.71 58.50
C ARG D 216 26.18 23.78 57.89
N GLY D 217 26.73 22.66 57.44
CA GLY D 217 28.04 22.68 56.81
C GLY D 217 28.05 23.23 55.41
N ASP D 218 26.87 23.48 54.83
CA ASP D 218 26.79 24.08 53.51
C ASP D 218 27.25 25.54 53.57
N TYR D 219 26.90 26.25 54.63
CA TYR D 219 27.20 27.67 54.73
C TYR D 219 28.58 27.94 55.32
N GLU D 220 29.38 26.90 55.57
CA GLU D 220 30.68 27.07 56.18
C GLU D 220 31.70 27.53 55.14
N VAL D 221 32.59 28.43 55.57
CA VAL D 221 33.65 28.98 54.72
C VAL D 221 34.93 29.04 55.54
N ASN D 222 36.02 28.47 55.02
CA ASN D 222 37.24 28.29 55.79
C ASN D 222 38.44 28.96 55.13
N GLY D 223 38.84 30.11 55.66
CA GLY D 223 40.16 30.67 55.39
C GLY D 223 40.38 31.31 54.03
N VAL D 224 39.62 32.34 53.70
CA VAL D 224 39.77 33.05 52.42
C VAL D 224 39.90 34.55 52.66
N ASP D 225 40.53 34.92 53.77
CA ASP D 225 40.96 36.28 54.10
C ASP D 225 39.82 37.29 54.23
N GLY D 226 38.97 37.11 55.23
CA GLY D 226 37.95 38.09 55.52
C GLY D 226 36.55 37.70 55.12
N TYR D 227 36.38 36.53 54.49
CA TYR D 227 35.05 36.11 54.06
C TYR D 227 34.57 34.88 54.81
N ASP D 228 35.13 34.57 55.98
CA ASP D 228 34.85 33.34 56.68
C ASP D 228 33.45 33.34 57.28
N TYR D 229 32.96 32.15 57.57
CA TYR D 229 31.62 31.94 58.10
C TYR D 229 31.63 30.63 58.88
N SER D 230 31.18 30.68 60.12
CA SER D 230 31.14 29.51 60.98
C SER D 230 29.79 28.81 60.85
N ARG D 231 29.77 27.53 61.20
CA ARG D 231 28.53 26.78 61.20
C ARG D 231 27.63 27.11 62.37
N GLY D 232 28.14 27.81 63.38
CA GLY D 232 27.31 28.26 64.48
C GLY D 232 26.88 29.70 64.28
N GLN D 233 27.54 30.37 63.35
CA GLN D 233 27.19 31.75 62.99
C GLN D 233 25.89 31.84 62.22
N LEU D 234 25.48 30.75 61.55
CA LEU D 234 24.20 30.73 60.86
C LEU D 234 23.04 30.84 61.83
N ILE D 235 23.20 30.32 63.05
CA ILE D 235 22.12 30.34 64.02
C ILE D 235 21.87 31.76 64.51
N GLU D 236 22.91 32.58 64.68
CA GLU D 236 22.67 33.94 65.15
C GLU D 236 22.14 34.84 64.04
N ASP D 237 22.58 34.63 62.80
CA ASP D 237 22.13 35.46 61.70
C ASP D 237 20.68 35.19 61.32
N VAL D 238 20.17 33.98 61.59
CA VAL D 238 18.76 33.73 61.35
C VAL D 238 17.91 34.39 62.43
N GLU D 239 18.34 34.32 63.69
CA GLU D 239 17.58 34.92 64.76
C GLU D 239 17.73 36.43 64.84
N HIS D 240 18.82 36.98 64.30
CA HIS D 240 18.95 38.43 64.25
C HIS D 240 18.10 39.03 63.13
N THR D 241 18.00 38.35 61.99
CA THR D 241 17.15 38.83 60.91
C THR D 241 15.68 38.63 61.19
N PHE D 242 15.33 37.64 62.03
CA PHE D 242 13.92 37.34 62.28
C PHE D 242 13.25 38.37 63.17
N GLU D 243 13.98 38.99 64.09
CA GLU D 243 13.34 39.96 64.98
C GLU D 243 13.11 41.32 64.34
N GLU D 244 13.46 41.49 63.07
CA GLU D 244 13.06 42.66 62.31
C GLU D 244 11.87 42.40 61.41
N ILE D 245 11.50 41.13 61.19
CA ILE D 245 10.28 40.78 60.48
C ILE D 245 9.08 40.71 61.41
N LYS D 246 9.31 40.52 62.70
CA LYS D 246 8.21 40.41 63.67
C LYS D 246 7.31 41.65 63.79
N PRO D 247 7.78 42.90 63.58
CA PRO D 247 6.79 43.98 63.43
C PRO D 247 5.89 43.83 62.20
N LEU D 248 6.43 43.37 61.07
CA LEU D 248 5.60 43.24 59.87
C LEU D 248 4.67 42.04 59.96
N TYR D 249 5.15 40.94 60.56
CA TYR D 249 4.33 39.74 60.65
C TYR D 249 3.21 39.89 61.67
N GLU D 250 3.41 40.71 62.70
CA GLU D 250 2.36 40.93 63.70
C GLU D 250 1.18 41.69 63.13
N HIS D 251 1.43 42.64 62.22
CA HIS D 251 0.35 43.39 61.63
C HIS D 251 -0.37 42.58 60.55
N LEU D 252 0.34 41.64 59.91
CA LEU D 252 -0.31 40.72 59.00
C LEU D 252 -1.12 39.67 59.75
N HIS D 253 -0.62 39.22 60.90
CA HIS D 253 -1.36 38.27 61.73
C HIS D 253 -2.62 38.90 62.31
N ALA D 254 -2.58 40.19 62.63
CA ALA D 254 -3.75 40.85 63.20
C ALA D 254 -4.80 41.15 62.15
N TYR D 255 -4.40 41.41 60.91
CA TYR D 255 -5.36 41.69 59.85
C TYR D 255 -6.07 40.43 59.40
N VAL D 256 -5.34 39.31 59.31
CA VAL D 256 -5.94 38.04 58.90
C VAL D 256 -6.87 37.52 59.98
N ARG D 257 -6.53 37.76 61.25
CA ARG D 257 -7.38 37.33 62.36
C ARG D 257 -8.71 38.10 62.38
N ALA D 258 -8.67 39.39 62.06
CA ALA D 258 -9.90 40.18 62.00
C ALA D 258 -10.77 39.80 60.81
N LYS D 259 -10.17 39.31 59.73
CA LYS D 259 -10.94 38.88 58.57
C LYS D 259 -11.44 37.45 58.70
N LEU D 260 -10.79 36.63 59.52
CA LEU D 260 -11.23 35.27 59.74
C LEU D 260 -12.39 35.18 60.73
N MET D 261 -12.60 36.22 61.54
CA MET D 261 -13.73 36.23 62.45
C MET D 261 -15.06 36.44 61.73
N ASN D 262 -15.04 37.03 60.54
CA ASN D 262 -16.26 37.12 59.75
C ASN D 262 -16.57 35.81 59.04
N ALA D 263 -15.53 35.04 58.70
CA ALA D 263 -15.73 33.77 58.03
C ALA D 263 -16.05 32.65 59.01
N TYR D 264 -15.51 32.69 60.22
CA TYR D 264 -15.82 31.73 61.27
C TYR D 264 -16.15 32.48 62.55
N PRO D 265 -17.40 32.94 62.69
CA PRO D 265 -17.79 33.53 63.97
C PRO D 265 -17.97 32.45 65.03
N SER D 266 -17.86 32.88 66.29
CA SER D 266 -17.94 32.04 67.50
C SER D 266 -16.88 30.94 67.53
N TYR D 267 -15.73 31.18 66.91
CA TYR D 267 -14.65 30.21 66.90
C TYR D 267 -13.27 30.82 67.11
N ILE D 268 -13.13 32.13 66.96
CA ILE D 268 -11.84 32.79 66.98
C ILE D 268 -11.88 33.94 67.98
N SER D 269 -10.87 34.00 68.86
CA SER D 269 -10.69 35.04 69.85
C SER D 269 -10.03 36.26 69.23
N PRO D 270 -10.48 37.47 69.56
CA PRO D 270 -9.89 38.68 68.97
C PRO D 270 -8.56 39.10 69.59
N ILE D 271 -8.03 38.38 70.57
CA ILE D 271 -6.74 38.71 71.17
C ILE D 271 -5.87 37.46 71.26
N GLY D 272 -6.27 36.39 70.60
CA GLY D 272 -5.58 35.12 70.76
C GLY D 272 -4.85 34.64 69.53
N CYS D 273 -4.42 33.39 69.54
CA CYS D 273 -3.77 32.78 68.40
C CYS D 273 -4.79 32.31 67.37
N LEU D 274 -4.31 31.95 66.20
CA LEU D 274 -5.19 31.39 65.18
C LEU D 274 -5.24 29.87 65.32
N PRO D 275 -6.41 29.26 65.15
CA PRO D 275 -6.48 27.80 65.19
C PRO D 275 -5.76 27.18 63.99
N ALA D 276 -5.13 26.03 64.24
CA ALA D 276 -4.18 25.46 63.29
C ALA D 276 -4.85 24.86 62.07
N HIS D 277 -6.15 24.65 62.09
CA HIS D 277 -6.85 23.97 61.00
C HIS D 277 -7.61 24.94 60.11
N LEU D 278 -7.38 26.24 60.24
CA LEU D 278 -8.09 27.24 59.46
C LEU D 278 -7.14 28.13 58.65
N LEU D 279 -6.00 27.60 58.22
CA LEU D 279 -4.94 28.43 57.66
C LEU D 279 -4.75 28.27 56.17
N GLY D 280 -5.47 27.36 55.52
CA GLY D 280 -5.40 27.24 54.07
C GLY D 280 -4.76 25.98 53.54
N ASP D 281 -4.00 25.25 54.35
CA ASP D 281 -3.49 23.95 53.95
C ASP D 281 -3.32 23.10 55.20
N MET D 282 -2.69 21.94 55.06
CA MET D 282 -2.60 20.96 56.12
C MET D 282 -1.69 21.39 57.25
N TRP D 283 -0.64 22.17 56.99
CA TRP D 283 0.33 22.52 58.01
C TRP D 283 0.44 24.01 58.28
N GLY D 284 -0.25 24.86 57.53
CA GLY D 284 -0.09 26.29 57.71
C GLY D 284 1.23 26.81 57.18
N ARG D 285 1.82 26.12 56.21
CA ARG D 285 3.10 26.55 55.65
C ARG D 285 2.94 27.80 54.81
N PHE D 286 1.97 27.81 53.90
CA PHE D 286 1.62 28.98 53.13
C PHE D 286 0.20 29.42 53.48
N TRP D 287 0.01 30.72 53.60
CA TRP D 287 -1.31 31.29 53.83
C TRP D 287 -1.99 31.71 52.53
N THR D 288 -1.58 31.13 51.41
CA THR D 288 -1.98 31.63 50.11
C THR D 288 -3.40 31.25 49.72
N ASN D 289 -4.02 30.32 50.43
CA ASN D 289 -5.40 29.95 50.18
C ASN D 289 -6.38 30.75 51.01
N LEU D 290 -5.90 31.75 51.75
CA LEU D 290 -6.76 32.64 52.51
C LEU D 290 -7.04 33.94 51.79
N TYR D 291 -6.74 34.00 50.48
CA TYR D 291 -6.85 35.27 49.78
C TYR D 291 -8.30 35.66 49.51
N SER D 292 -9.17 34.68 49.26
CA SER D 292 -10.56 34.97 48.97
C SER D 292 -11.32 35.47 50.20
N LEU D 293 -10.84 35.18 51.41
CA LEU D 293 -11.43 35.70 52.63
C LEU D 293 -10.77 36.99 53.11
N THR D 294 -9.55 37.28 52.67
CA THR D 294 -8.80 38.41 53.17
C THR D 294 -8.47 39.46 52.13
N VAL D 295 -9.12 39.44 50.97
CA VAL D 295 -8.86 40.39 49.89
C VAL D 295 -9.27 41.80 50.33
N PRO D 296 -8.40 42.80 50.14
CA PRO D 296 -8.73 44.15 50.60
C PRO D 296 -9.88 44.80 49.84
N PHE D 297 -9.80 44.80 48.51
CA PHE D 297 -10.83 45.38 47.66
C PHE D 297 -11.28 44.32 46.67
N GLY D 298 -12.35 43.61 46.99
CA GLY D 298 -12.85 42.54 46.15
C GLY D 298 -13.61 42.98 44.92
N GLN D 299 -13.83 44.28 44.75
CA GLN D 299 -14.53 44.83 43.59
C GLN D 299 -13.56 45.30 42.52
N LYS D 300 -12.28 45.00 42.69
CA LYS D 300 -11.25 45.32 41.71
C LYS D 300 -10.62 44.00 41.27
N PRO D 301 -10.65 43.67 39.99
CA PRO D 301 -10.02 42.41 39.55
C PRO D 301 -8.51 42.53 39.56
N ASN D 302 -7.87 41.56 40.23
CA ASN D 302 -6.42 41.42 40.21
C ASN D 302 -6.02 41.05 38.78
N ILE D 303 -5.02 41.74 38.24
CA ILE D 303 -4.74 41.73 36.80
C ILE D 303 -4.30 40.34 36.33
N ASP D 304 -4.93 39.89 35.24
CA ASP D 304 -4.85 38.53 34.75
C ASP D 304 -4.85 38.61 33.24
N VAL D 305 -3.70 38.34 32.62
CA VAL D 305 -3.56 38.32 31.17
C VAL D 305 -3.50 36.87 30.71
N THR D 306 -4.67 36.27 30.49
CA THR D 306 -4.77 34.93 29.98
C THR D 306 -5.67 34.97 28.76
N ASP D 307 -6.66 35.84 28.82
CA ASP D 307 -7.54 36.08 27.68
C ASP D 307 -6.87 36.85 26.56
N ALA D 308 -5.89 37.71 26.85
CA ALA D 308 -5.17 38.39 25.79
C ALA D 308 -4.15 37.49 25.11
N MET D 309 -3.84 36.33 25.68
CA MET D 309 -2.97 35.35 25.05
C MET D 309 -3.71 34.47 24.05
N VAL D 310 -4.99 34.21 24.29
CA VAL D 310 -5.78 33.32 23.44
C VAL D 310 -6.55 34.16 22.42
N ASP D 311 -6.44 35.48 22.53
CA ASP D 311 -6.98 36.37 21.51
C ASP D 311 -5.96 36.76 20.45
N GLN D 312 -4.68 36.45 20.66
CA GLN D 312 -3.66 36.73 19.66
C GLN D 312 -3.04 35.47 19.07
N ALA D 313 -3.59 34.29 19.40
CA ALA D 313 -3.18 32.98 18.88
C ALA D 313 -1.72 32.68 19.18
N TRP D 314 -1.35 32.83 20.45
CA TRP D 314 -0.01 32.51 20.89
C TRP D 314 0.12 31.00 21.06
N ASP D 315 1.11 30.43 20.39
CA ASP D 315 1.34 29.00 20.44
C ASP D 315 2.11 28.63 21.70
N ALA D 316 2.55 27.38 21.74
CA ALA D 316 3.47 26.93 22.77
C ALA D 316 4.83 27.61 22.67
N GLN D 317 5.24 28.01 21.48
CA GLN D 317 6.58 28.52 21.27
C GLN D 317 6.71 30.01 21.56
N ARG D 318 5.61 30.75 21.57
CA ARG D 318 5.71 32.19 21.80
C ARG D 318 6.10 32.50 23.24
N ILE D 319 5.68 31.64 24.18
CA ILE D 319 5.94 31.88 25.59
C ILE D 319 7.41 31.78 25.92
N PHE D 320 8.15 30.94 25.22
CA PHE D 320 9.59 30.85 25.43
C PHE D 320 10.36 31.86 24.59
N LYS D 321 9.86 32.20 23.41
CA LYS D 321 10.55 33.17 22.57
C LYS D 321 10.43 34.58 23.13
N GLU D 322 9.33 34.89 23.80
CA GLU D 322 9.30 36.15 24.53
C GLU D 322 10.13 36.07 25.80
N ALA D 323 10.31 34.86 26.33
CA ALA D 323 11.18 34.70 27.49
C ALA D 323 12.64 34.83 27.10
N GLU D 324 13.01 34.34 25.93
CA GLU D 324 14.38 34.49 25.46
C GLU D 324 14.68 35.93 25.09
N LYS D 325 13.68 36.69 24.65
CA LYS D 325 13.90 38.10 24.36
C LYS D 325 14.02 38.93 25.63
N PHE D 326 13.50 38.44 26.76
CA PHE D 326 13.71 39.13 28.02
C PHE D 326 15.16 39.02 28.46
N PHE D 327 15.75 37.84 28.30
CA PHE D 327 17.11 37.64 28.79
C PHE D 327 18.14 38.24 27.86
N VAL D 328 17.86 38.29 26.55
CA VAL D 328 18.80 38.96 25.66
C VAL D 328 18.66 40.47 25.78
N SER D 329 17.57 40.93 26.37
CA SER D 329 17.39 42.35 26.64
C SER D 329 18.30 42.86 27.74
N VAL D 330 18.72 41.99 28.65
CA VAL D 330 19.53 42.43 29.78
C VAL D 330 21.02 42.21 29.54
N GLY D 331 21.37 41.47 28.49
CA GLY D 331 22.77 41.22 28.21
C GLY D 331 23.21 39.82 28.59
N LEU D 332 22.37 38.84 28.30
CA LEU D 332 22.65 37.44 28.59
C LEU D 332 22.56 36.69 27.27
N PRO D 333 23.26 35.55 27.15
CA PRO D 333 23.29 34.85 25.86
C PRO D 333 21.95 34.25 25.46
N ASN D 334 21.84 33.92 24.18
CA ASN D 334 20.70 33.23 23.60
C ASN D 334 20.62 31.80 24.11
N MET D 335 19.53 31.12 23.74
CA MET D 335 19.49 29.69 23.97
C MET D 335 20.42 28.98 22.97
N THR D 336 20.80 27.77 23.33
CA THR D 336 21.97 27.13 22.74
C THR D 336 21.73 26.49 21.39
N GLN D 337 20.48 26.55 20.88
CA GLN D 337 20.01 26.08 19.56
C GLN D 337 19.96 24.55 19.48
N GLY D 338 20.54 23.86 20.46
CA GLY D 338 20.12 22.51 20.74
C GLY D 338 18.95 22.48 21.70
N PHE D 339 18.66 23.63 22.31
CA PHE D 339 17.55 23.81 23.23
C PHE D 339 16.20 23.65 22.55
N TRP D 340 16.11 23.89 21.25
CA TRP D 340 14.82 23.94 20.58
C TRP D 340 14.38 22.62 19.99
N GLU D 341 15.30 21.69 19.72
CA GLU D 341 14.85 20.40 19.21
C GLU D 341 14.69 19.38 20.33
N ASN D 342 15.65 19.35 21.24
CA ASN D 342 15.73 18.26 22.20
C ASN D 342 14.70 18.41 23.32
N SER D 343 14.31 19.65 23.60
CA SER D 343 13.36 19.89 24.69
C SER D 343 11.96 19.46 24.32
N MET D 344 11.12 19.25 25.34
CA MET D 344 9.75 18.83 25.12
C MET D 344 8.80 19.81 25.80
N LEU D 345 8.45 20.87 25.11
CA LEU D 345 7.77 21.99 25.73
C LEU D 345 6.30 21.73 26.05
N THR D 346 5.67 20.76 25.40
CA THR D 346 4.34 20.33 25.80
C THR D 346 4.38 18.84 26.06
N ASP D 347 3.32 18.33 26.67
CA ASP D 347 3.03 16.91 26.57
C ASP D 347 2.79 16.56 25.11
N PRO D 348 3.28 15.40 24.66
CA PRO D 348 3.35 15.14 23.21
C PRO D 348 2.00 14.94 22.53
N GLY D 349 2.03 14.81 21.20
CA GLY D 349 0.85 14.55 20.41
C GLY D 349 0.35 13.13 20.58
N ASN D 350 1.24 12.25 21.01
CA ASN D 350 0.87 10.95 21.53
C ASN D 350 0.24 11.15 22.90
N VAL D 351 -0.67 10.26 23.27
CA VAL D 351 -1.08 10.18 24.66
C VAL D 351 0.05 9.43 25.36
N GLN D 352 1.03 10.21 25.81
CA GLN D 352 2.34 9.70 26.16
C GLN D 352 2.54 9.81 27.67
N LYS D 353 2.79 8.68 28.31
CA LYS D 353 2.99 8.69 29.76
C LYS D 353 4.33 9.33 30.05
N ALA D 354 4.32 10.56 30.54
CA ALA D 354 5.56 11.27 30.83
C ALA D 354 5.40 12.30 31.95
N VAL D 355 5.91 11.96 33.13
CA VAL D 355 5.83 12.87 34.27
C VAL D 355 5.81 14.33 33.83
N CYS D 356 4.66 14.98 34.01
CA CYS D 356 4.50 16.38 33.63
C CYS D 356 4.79 17.30 34.80
N HIS D 357 6.05 17.71 34.93
CA HIS D 357 6.45 18.60 36.01
C HIS D 357 7.56 19.54 35.57
N PRO D 358 7.30 20.84 35.66
CA PRO D 358 8.27 21.86 35.25
C PRO D 358 9.62 21.64 35.91
N THR D 359 10.67 21.66 35.12
CA THR D 359 12.01 21.45 35.63
C THR D 359 13.05 21.83 34.59
N ALA D 360 14.27 22.03 35.04
CA ALA D 360 15.37 22.39 34.15
C ALA D 360 16.51 21.40 34.29
N TRP D 361 16.92 20.82 33.18
CA TRP D 361 17.88 19.74 33.18
C TRP D 361 19.23 20.24 32.67
N ASP D 362 20.30 19.70 33.23
CA ASP D 362 21.68 20.07 32.89
C ASP D 362 22.48 18.80 32.71
N LEU D 363 22.05 17.95 31.78
CA LEU D 363 22.64 16.65 31.46
C LEU D 363 24.16 16.60 31.34
N GLY D 364 24.78 17.71 30.97
CA GLY D 364 26.22 17.76 30.80
C GLY D 364 26.58 18.01 29.35
N LYS D 365 27.89 18.17 29.14
CA LYS D 365 28.45 18.41 27.82
C LYS D 365 27.76 19.57 27.11
N GLY D 366 27.40 20.60 27.87
CA GLY D 366 26.75 21.74 27.24
C GLY D 366 25.42 21.43 26.60
N ASP D 367 24.64 20.52 27.19
CA ASP D 367 23.34 20.14 26.67
C ASP D 367 22.28 20.49 27.71
N PHE D 368 21.50 21.53 27.43
CA PHE D 368 20.51 22.03 28.37
C PHE D 368 19.11 21.83 27.81
N ARG D 369 18.25 21.18 28.58
CA ARG D 369 16.88 20.91 28.16
C ARG D 369 15.91 21.34 29.25
N ILE D 370 14.74 21.79 28.83
CA ILE D 370 13.65 22.14 29.74
C ILE D 370 12.51 21.17 29.50
N LEU D 371 12.00 20.58 30.58
CA LEU D 371 10.87 19.66 30.51
C LEU D 371 9.70 20.27 31.26
N MET D 372 8.66 20.63 30.52
CA MET D 372 7.41 21.07 31.11
C MET D 372 6.28 20.81 30.12
N CYS D 373 5.05 20.88 30.61
CA CYS D 373 3.86 20.70 29.80
C CYS D 373 3.11 22.02 29.92
N THR D 374 3.49 22.97 29.08
CA THR D 374 2.92 24.31 29.12
C THR D 374 1.59 24.57 28.41
N LYS D 375 0.68 25.18 29.16
CA LYS D 375 -0.63 25.62 28.70
C LYS D 375 -0.60 27.14 28.56
N VAL D 376 -1.50 27.65 27.73
CA VAL D 376 -1.49 29.08 27.41
C VAL D 376 -2.14 29.82 28.57
N THR D 377 -1.35 30.24 29.54
CA THR D 377 -1.82 30.90 30.75
C THR D 377 -0.71 31.84 31.20
N MET D 378 -1.08 32.90 31.92
CA MET D 378 -0.07 33.78 32.50
C MET D 378 0.67 33.10 33.66
N ASP D 379 0.12 32.02 34.21
CA ASP D 379 0.82 31.23 35.21
C ASP D 379 2.05 30.56 34.59
N ASP D 380 1.86 29.84 33.48
CA ASP D 380 2.98 29.20 32.81
C ASP D 380 3.75 30.16 31.91
N PHE D 381 3.25 31.38 31.74
CA PHE D 381 4.09 32.43 31.17
C PHE D 381 5.14 32.88 32.18
N LEU D 382 4.80 32.84 33.46
CA LEU D 382 5.72 33.26 34.51
C LEU D 382 6.71 32.16 34.88
N THR D 383 6.26 30.91 34.98
CA THR D 383 7.18 29.84 35.33
C THR D 383 8.09 29.48 34.16
N ALA D 384 7.73 29.91 32.94
CA ALA D 384 8.67 29.87 31.84
C ALA D 384 9.83 30.81 32.09
N HIS D 385 9.57 31.98 32.64
CA HIS D 385 10.65 32.87 33.03
C HIS D 385 11.41 32.33 34.23
N HIS D 386 10.74 31.58 35.10
CA HIS D 386 11.42 30.99 36.24
C HIS D 386 12.33 29.85 35.79
N GLU D 387 11.83 29.00 34.91
CA GLU D 387 12.62 27.83 34.53
C GLU D 387 13.73 28.17 33.55
N MET D 388 13.57 29.25 32.79
CA MET D 388 14.68 29.70 31.98
C MET D 388 15.79 30.30 32.83
N GLY D 389 15.44 30.82 34.01
CA GLY D 389 16.45 31.37 34.89
C GLY D 389 17.38 30.32 35.46
N HIS D 390 16.89 29.09 35.63
CA HIS D 390 17.77 28.00 36.02
C HIS D 390 18.73 27.64 34.88
N ILE D 391 18.31 27.85 33.64
CA ILE D 391 19.14 27.50 32.51
C ILE D 391 20.26 28.52 32.34
N GLN D 392 19.92 29.82 32.44
CA GLN D 392 20.94 30.86 32.30
C GLN D 392 21.92 30.88 33.45
N TYR D 393 21.52 30.40 34.62
CA TYR D 393 22.48 30.18 35.68
C TYR D 393 23.38 28.99 35.35
N ASP D 394 22.81 27.97 34.73
CA ASP D 394 23.58 26.78 34.39
C ASP D 394 24.54 27.02 33.24
N MET D 395 24.16 27.86 32.29
CA MET D 395 25.04 28.12 31.16
C MET D 395 26.21 29.00 31.53
N ALA D 396 26.17 29.66 32.69
CA ALA D 396 27.20 30.60 33.03
C ALA D 396 28.38 29.96 33.73
N TYR D 397 28.15 29.02 34.64
CA TYR D 397 29.26 28.38 35.35
C TYR D 397 29.72 27.09 34.69
N ALA D 398 29.46 26.92 33.40
CA ALA D 398 29.83 25.68 32.72
C ALA D 398 31.30 25.64 32.32
N ALA D 399 32.10 26.61 32.74
CA ALA D 399 33.52 26.61 32.46
C ALA D 399 34.34 26.25 33.69
N GLN D 400 33.72 26.05 34.83
CA GLN D 400 34.39 25.59 36.04
C GLN D 400 34.67 24.09 35.91
N PRO D 401 35.46 23.51 36.82
CA PRO D 401 35.54 22.05 36.86
C PRO D 401 34.24 21.40 37.28
N PHE D 402 34.16 20.07 37.18
CA PHE D 402 32.90 19.35 37.34
C PHE D 402 32.33 19.42 38.74
N LEU D 403 33.17 19.40 39.78
CA LEU D 403 32.70 19.34 41.15
C LEU D 403 32.33 20.71 41.71
N LEU D 404 32.40 21.76 40.91
CA LEU D 404 32.03 23.09 41.36
C LEU D 404 30.91 23.67 40.53
N ARG D 405 30.18 22.80 39.83
CA ARG D 405 29.08 23.28 39.00
C ARG D 405 27.74 23.25 39.71
N ASN D 406 27.66 23.84 40.90
CA ASN D 406 26.39 24.02 41.58
C ASN D 406 26.25 25.50 41.91
N GLY D 407 25.16 25.85 42.56
CA GLY D 407 25.04 27.18 43.13
C GLY D 407 25.98 27.36 44.30
N ALA D 408 26.21 28.62 44.66
CA ALA D 408 27.27 28.92 45.64
C ALA D 408 26.90 28.43 47.02
N ASN D 409 25.62 28.45 47.36
CA ASN D 409 25.08 27.63 48.43
C ASN D 409 23.80 27.00 47.93
N GLU D 410 23.07 26.35 48.83
CA GLU D 410 21.84 25.67 48.41
C GLU D 410 20.71 26.65 48.15
N GLY D 411 20.84 27.90 48.57
CA GLY D 411 19.76 28.84 48.42
C GLY D 411 19.82 29.73 47.21
N PHE D 412 20.99 29.85 46.57
CA PHE D 412 21.12 30.78 45.46
C PHE D 412 20.39 30.31 44.22
N HIS D 413 20.20 29.01 44.05
CA HIS D 413 19.74 28.50 42.77
C HIS D 413 18.27 28.81 42.54
N GLU D 414 17.45 28.73 43.58
CA GLU D 414 16.05 29.08 43.44
C GLU D 414 15.85 30.59 43.47
N ALA D 415 16.77 31.32 44.11
CA ALA D 415 16.60 32.76 44.25
C ALA D 415 16.85 33.48 42.94
N VAL D 416 17.73 32.96 42.10
CA VAL D 416 17.96 33.60 40.81
C VAL D 416 16.82 33.29 39.86
N GLY D 417 16.10 32.20 40.10
CA GLY D 417 14.97 31.87 39.26
C GLY D 417 13.74 32.71 39.54
N GLU D 418 13.61 33.25 40.75
CA GLU D 418 12.39 33.96 41.12
C GLU D 418 12.49 35.47 40.94
N ILE D 419 13.70 36.02 40.78
CA ILE D 419 13.80 37.42 40.40
C ILE D 419 13.60 37.61 38.92
N MET D 420 13.60 36.52 38.14
CA MET D 420 13.15 36.61 36.75
C MET D 420 11.63 36.61 36.66
N SER D 421 10.97 35.97 37.62
CA SER D 421 9.52 35.90 37.62
C SER D 421 8.88 37.16 38.20
N LEU D 422 9.55 37.82 39.15
CA LEU D 422 9.04 39.07 39.70
C LEU D 422 9.09 40.19 38.68
N SER D 423 10.14 40.24 37.86
CA SER D 423 10.30 41.31 36.89
C SER D 423 9.37 41.15 35.69
N ALA D 424 8.87 39.94 35.43
CA ALA D 424 8.01 39.68 34.30
C ALA D 424 6.53 39.78 34.63
N ALA D 425 6.16 39.81 35.91
CA ALA D 425 4.78 39.89 36.33
C ALA D 425 4.31 41.33 36.55
N THR D 426 5.19 42.30 36.35
CA THR D 426 4.83 43.69 36.56
C THR D 426 3.99 44.19 35.39
N PRO D 427 3.03 45.09 35.64
CA PRO D 427 2.26 45.66 34.53
C PRO D 427 3.05 46.60 33.65
N LYS D 428 4.20 47.11 34.13
CA LYS D 428 5.09 47.87 33.27
C LYS D 428 5.69 47.00 32.18
N HIS D 429 6.05 45.76 32.52
CA HIS D 429 6.61 44.84 31.54
C HIS D 429 5.55 44.26 30.62
N LEU D 430 4.31 44.11 31.11
CA LEU D 430 3.28 43.46 30.30
C LEU D 430 2.75 44.39 29.22
N LYS D 431 2.73 45.69 29.47
CA LYS D 431 2.22 46.61 28.46
C LYS D 431 3.27 46.96 27.41
N SER D 432 4.54 46.67 27.65
CA SER D 432 5.57 46.87 26.64
C SER D 432 5.89 45.60 25.87
N ILE D 433 5.39 44.46 26.34
CA ILE D 433 5.60 43.20 25.66
C ILE D 433 4.36 42.85 24.85
N GLY D 434 3.41 43.78 24.79
CA GLY D 434 2.18 43.59 24.05
C GLY D 434 1.23 42.62 24.72
N LEU D 435 0.48 43.10 25.71
CA LEU D 435 -0.47 42.25 26.42
C LEU D 435 -1.41 43.08 27.30
N LEU D 436 -1.21 44.39 27.29
CA LEU D 436 -2.03 45.29 28.09
C LEU D 436 -2.41 46.53 27.28
N SER D 437 -3.68 46.93 27.38
CA SER D 437 -4.16 48.11 26.66
C SER D 437 -3.27 49.32 26.95
N PRO D 438 -2.73 49.95 25.84
CA PRO D 438 -1.88 51.11 26.16
C PRO D 438 -2.60 52.19 26.93
N ASP D 439 -3.88 51.97 27.25
CA ASP D 439 -4.67 52.93 27.99
C ASP D 439 -5.07 52.39 29.36
N PHE D 440 -4.20 51.57 29.91
CA PHE D 440 -4.43 50.94 31.21
C PHE D 440 -4.02 51.87 32.35
N GLN D 441 -4.83 51.88 33.40
CA GLN D 441 -4.61 52.71 34.57
C GLN D 441 -4.40 51.82 35.78
N GLU D 442 -3.20 51.87 36.35
CA GLU D 442 -2.92 51.19 37.61
C GLU D 442 -3.28 52.14 38.74
N ASP D 443 -4.27 51.74 39.56
CA ASP D 443 -4.68 52.53 40.70
C ASP D 443 -4.02 51.99 41.96
N ASN D 444 -4.06 52.80 43.01
CA ASN D 444 -3.43 52.42 44.27
C ASN D 444 -4.21 51.36 45.04
N GLU D 445 -5.44 51.06 44.62
CA GLU D 445 -6.22 49.99 45.23
C GLU D 445 -5.81 48.61 44.72
N THR D 446 -5.28 48.52 43.51
CA THR D 446 -4.86 47.25 42.94
C THR D 446 -3.45 46.87 43.36
N GLU D 447 -2.62 47.86 43.74
CA GLU D 447 -1.31 47.56 44.27
C GLU D 447 -1.38 46.96 45.67
N ILE D 448 -2.42 47.30 46.43
CA ILE D 448 -2.62 46.68 47.73
C ILE D 448 -3.12 45.26 47.57
N ASN D 449 -3.97 45.01 46.56
CA ASN D 449 -4.43 43.66 46.26
C ASN D 449 -3.29 42.76 45.81
N PHE D 450 -2.33 43.31 45.08
CA PHE D 450 -1.19 42.54 44.63
C PHE D 450 -0.19 42.28 45.73
N LEU D 451 0.09 43.29 46.56
CA LEU D 451 1.08 43.14 47.62
C LEU D 451 0.59 42.24 48.75
N LEU D 452 -0.70 42.20 49.01
CA LEU D 452 -1.21 41.31 50.06
C LEU D 452 -1.22 39.86 49.61
N LYS D 453 -1.40 39.61 48.31
CA LYS D 453 -1.28 38.26 47.80
C LYS D 453 0.16 37.77 47.82
N GLN D 454 1.13 38.68 47.75
CA GLN D 454 2.53 38.30 47.88
C GLN D 454 2.90 38.02 49.33
N ALA D 455 2.37 38.81 50.26
CA ALA D 455 2.72 38.65 51.66
C ALA D 455 2.11 37.43 52.31
N LEU D 456 1.04 36.87 51.74
CA LEU D 456 0.48 35.63 52.25
C LEU D 456 1.34 34.43 51.92
N THR D 457 2.19 34.54 50.90
CA THR D 457 3.10 33.48 50.51
C THR D 457 4.52 33.71 51.00
N ILE D 458 4.99 34.95 50.97
CA ILE D 458 6.37 35.28 51.32
C ILE D 458 6.51 35.45 52.83
N VAL D 459 5.74 36.38 53.40
CA VAL D 459 5.87 36.70 54.80
C VAL D 459 5.20 35.63 55.67
N GLY D 460 4.13 35.03 55.19
CA GLY D 460 3.41 34.02 55.97
C GLY D 460 4.17 32.73 56.18
N THR D 461 5.18 32.45 55.36
CA THR D 461 5.95 31.23 55.47
C THR D 461 7.24 31.39 56.26
N LEU D 462 7.63 32.62 56.60
CA LEU D 462 8.89 32.85 57.28
C LEU D 462 8.90 32.46 58.77
N PRO D 463 7.85 32.72 59.58
CA PRO D 463 7.88 32.15 60.93
C PRO D 463 7.64 30.65 60.99
N PHE D 464 6.99 30.06 59.99
CA PHE D 464 6.86 28.61 59.93
C PHE D 464 8.20 27.95 59.66
N THR D 465 8.99 28.53 58.75
CA THR D 465 10.28 27.95 58.39
C THR D 465 11.30 28.11 59.51
N TYR D 466 11.25 29.25 60.20
CA TYR D 466 12.20 29.51 61.28
C TYR D 466 11.93 28.63 62.49
N MET D 467 10.64 28.42 62.81
CA MET D 467 10.27 27.61 63.96
C MET D 467 10.59 26.14 63.74
N LEU D 468 10.45 25.65 62.51
CA LEU D 468 10.61 24.22 62.26
C LEU D 468 12.08 23.82 62.30
N GLU D 469 12.97 24.63 61.74
CA GLU D 469 14.39 24.30 61.80
C GLU D 469 14.96 24.53 63.18
N LYS D 470 14.40 25.47 63.93
CA LYS D 470 14.82 25.66 65.31
C LYS D 470 14.42 24.48 66.19
N TRP D 471 13.27 23.86 65.91
CA TRP D 471 12.87 22.68 66.66
C TRP D 471 13.74 21.48 66.29
N ARG D 472 14.06 21.33 65.01
CA ARG D 472 14.85 20.18 64.58
C ARG D 472 16.31 20.30 65.01
N TRP D 473 16.82 21.52 65.13
CA TRP D 473 18.19 21.70 65.59
C TRP D 473 18.33 21.36 67.07
N MET D 474 17.34 21.70 67.87
CA MET D 474 17.37 21.41 69.30
C MET D 474 17.10 19.94 69.60
N VAL D 475 16.44 19.23 68.69
CA VAL D 475 16.21 17.80 68.89
C VAL D 475 17.49 17.01 68.64
N PHE D 476 18.27 17.42 67.62
CA PHE D 476 19.49 16.69 67.29
C PHE D 476 20.58 16.90 68.32
N LYS D 477 20.74 18.10 68.85
CA LYS D 477 21.78 18.33 69.85
C LYS D 477 21.36 17.89 71.25
N GLY D 478 20.09 17.60 71.46
CA GLY D 478 19.63 17.06 72.72
C GLY D 478 19.12 18.07 73.72
N GLU D 479 18.81 19.29 73.30
CA GLU D 479 18.21 20.24 74.22
C GLU D 479 16.75 19.90 74.53
N ILE D 480 16.12 19.10 73.69
CA ILE D 480 14.76 18.62 73.90
C ILE D 480 14.83 17.11 74.06
N PRO D 481 14.63 16.57 75.26
CA PRO D 481 14.54 15.11 75.42
C PRO D 481 13.24 14.58 74.84
N LYS D 482 13.20 13.26 74.67
CA LYS D 482 12.12 12.66 73.88
C LYS D 482 10.79 12.63 74.61
N ASP D 483 10.78 12.89 75.91
CA ASP D 483 9.52 13.02 76.64
C ASP D 483 8.94 14.42 76.56
N GLN D 484 9.56 15.32 75.80
CA GLN D 484 9.07 16.69 75.65
C GLN D 484 9.11 17.16 74.20
N TRP D 485 9.06 16.24 73.24
CA TRP D 485 9.08 16.63 71.84
C TRP D 485 7.82 17.37 71.44
N MET D 486 6.65 16.81 71.76
CA MET D 486 5.39 17.42 71.41
C MET D 486 4.96 18.48 72.41
N LYS D 487 5.60 18.55 73.57
CA LYS D 487 5.33 19.65 74.48
C LYS D 487 6.03 20.91 74.01
N LYS D 488 7.30 20.80 73.61
CA LYS D 488 8.04 21.95 73.14
C LYS D 488 7.65 22.37 71.73
N TRP D 489 7.05 21.47 70.95
CA TRP D 489 6.64 21.83 69.59
C TRP D 489 5.46 22.81 69.61
N TRP D 490 4.48 22.57 70.46
CA TRP D 490 3.30 23.41 70.50
C TRP D 490 3.47 24.65 71.37
N GLU D 491 4.49 24.69 72.22
CA GLU D 491 4.84 25.94 72.87
C GLU D 491 5.53 26.90 71.92
N MET D 492 6.30 26.37 70.98
CA MET D 492 6.95 27.20 69.98
C MET D 492 6.00 27.64 68.87
N LYS D 493 4.87 26.94 68.68
CA LYS D 493 3.87 27.40 67.73
C LYS D 493 3.14 28.63 68.26
N ARG D 494 2.81 28.64 69.54
CA ARG D 494 2.06 29.74 70.12
C ARG D 494 2.92 30.99 70.26
N GLU D 495 4.20 30.81 70.55
CA GLU D 495 5.08 31.92 70.85
C GLU D 495 5.66 32.57 69.59
N ILE D 496 6.16 31.77 68.66
CA ILE D 496 6.81 32.29 67.45
C ILE D 496 5.82 32.52 66.34
N VAL D 497 5.01 31.52 66.01
CA VAL D 497 4.11 31.60 64.87
C VAL D 497 2.78 32.26 65.24
N GLY D 498 2.26 31.99 66.43
CA GLY D 498 0.97 32.52 66.81
C GLY D 498 -0.16 31.62 66.38
N VAL D 499 0.02 30.32 66.53
CA VAL D 499 -0.92 29.31 66.05
C VAL D 499 -1.17 28.31 67.17
N VAL D 500 -2.43 28.07 67.50
CA VAL D 500 -2.82 27.20 68.59
C VAL D 500 -3.47 25.93 68.03
N GLU D 501 -3.23 24.80 68.70
CA GLU D 501 -3.81 23.54 68.27
C GLU D 501 -5.26 23.44 68.74
N PRO D 502 -6.12 22.73 68.00
CA PRO D 502 -7.52 22.59 68.42
C PRO D 502 -7.77 21.43 69.37
N VAL D 503 -6.88 20.44 69.41
CA VAL D 503 -7.03 19.25 70.24
C VAL D 503 -5.67 19.00 70.89
N PRO D 504 -5.61 18.73 72.19
CA PRO D 504 -4.30 18.52 72.84
C PRO D 504 -3.63 17.24 72.37
N HIS D 505 -2.31 17.29 72.22
CA HIS D 505 -1.54 16.19 71.67
C HIS D 505 -0.43 15.80 72.64
N ASP D 506 -0.46 14.55 73.11
CA ASP D 506 0.55 14.02 74.02
C ASP D 506 1.74 13.47 73.26
N GLU D 507 2.59 12.70 73.94
CA GLU D 507 3.83 12.18 73.38
C GLU D 507 3.65 10.89 72.60
N THR D 508 2.43 10.59 72.14
CA THR D 508 2.21 9.53 71.19
C THR D 508 2.11 10.04 69.76
N TYR D 509 1.90 11.34 69.58
CA TYR D 509 1.88 11.97 68.28
C TYR D 509 3.29 12.35 67.85
N CYS D 510 3.47 12.53 66.54
CA CYS D 510 4.65 13.20 66.02
C CYS D 510 4.16 14.09 64.87
N ASP D 511 3.79 15.31 65.20
CA ASP D 511 3.27 16.29 64.26
C ASP D 511 4.29 16.93 63.31
N PRO D 512 5.58 17.10 63.66
CA PRO D 512 6.55 17.47 62.61
C PRO D 512 6.71 16.43 61.52
N ALA D 513 6.67 15.15 61.85
CA ALA D 513 6.94 14.10 60.86
C ALA D 513 5.81 13.92 59.85
N SER D 514 4.67 14.57 60.04
CA SER D 514 3.59 14.54 59.07
C SER D 514 3.78 15.52 57.93
N LEU D 515 4.89 16.25 57.90
CA LEU D 515 5.30 17.07 56.78
C LEU D 515 6.24 16.27 55.89
N PHE D 516 6.29 16.65 54.61
CA PHE D 516 7.08 15.90 53.64
C PHE D 516 8.57 16.00 53.91
N HIS D 517 9.05 17.20 54.23
CA HIS D 517 10.48 17.42 54.35
C HIS D 517 11.07 16.81 55.62
N VAL D 518 10.25 16.50 56.61
CA VAL D 518 10.74 15.90 57.83
C VAL D 518 10.80 14.37 57.70
N SER D 519 9.80 13.76 57.09
CA SER D 519 9.78 12.31 56.95
C SER D 519 10.56 11.80 55.75
N ASN D 520 10.98 12.68 54.85
CA ASN D 520 11.76 12.28 53.68
C ASN D 520 13.19 12.82 53.73
N ASP D 521 13.66 13.24 54.91
CA ASP D 521 15.06 13.55 55.19
C ASP D 521 15.60 14.71 54.33
N TYR D 522 14.99 15.88 54.48
CA TYR D 522 15.40 17.07 53.75
C TYR D 522 15.65 18.21 54.72
N SER D 523 16.58 19.09 54.33
CA SER D 523 16.86 20.29 55.09
C SER D 523 15.86 21.37 54.73
N PHE D 524 15.54 22.23 55.69
CA PHE D 524 14.47 23.19 55.54
C PHE D 524 14.92 24.64 55.65
N ILE D 525 16.17 24.90 56.03
CA ILE D 525 16.64 26.27 56.16
C ILE D 525 16.91 26.93 54.82
N ARG D 526 16.93 26.16 53.73
CA ARG D 526 17.13 26.74 52.41
C ARG D 526 15.95 27.59 51.96
N TYR D 527 14.76 27.38 52.52
CA TYR D 527 13.61 28.20 52.20
C TYR D 527 13.58 29.52 52.96
N TYR D 528 14.32 29.62 54.07
CA TYR D 528 14.41 30.89 54.77
C TYR D 528 15.39 31.82 54.08
N THR D 529 16.59 31.31 53.77
CA THR D 529 17.62 32.15 53.19
C THR D 529 17.35 32.53 51.74
N ARG D 530 16.62 31.69 51.00
CA ARG D 530 16.26 32.03 49.62
C ARG D 530 15.33 33.23 49.56
N THR D 531 14.46 33.37 50.55
CA THR D 531 13.55 34.51 50.59
C THR D 531 14.31 35.80 50.88
N LEU D 532 15.39 35.72 51.64
CA LEU D 532 16.15 36.92 51.96
C LEU D 532 17.12 37.29 50.83
N TYR D 533 17.69 36.31 50.15
CA TYR D 533 18.56 36.59 49.00
C TYR D 533 17.79 37.12 47.81
N GLN D 534 16.49 36.80 47.71
CA GLN D 534 15.71 37.15 46.53
C GLN D 534 15.47 38.64 46.44
N PHE D 535 15.24 39.29 47.56
CA PHE D 535 15.02 40.73 47.56
C PHE D 535 16.32 41.52 47.71
N GLN D 536 17.40 40.87 48.16
CA GLN D 536 18.71 41.51 48.10
C GLN D 536 19.21 41.59 46.67
N PHE D 537 18.94 40.55 45.87
CA PHE D 537 19.29 40.60 44.46
C PHE D 537 18.45 41.62 43.71
N GLN D 538 17.16 41.68 44.02
CA GLN D 538 16.25 42.54 43.25
C GLN D 538 16.47 44.00 43.58
N GLU D 539 16.81 44.32 44.82
CA GLU D 539 17.08 45.71 45.16
C GLU D 539 18.42 46.16 44.62
N ALA D 540 19.39 45.26 44.50
CA ALA D 540 20.70 45.64 43.99
C ALA D 540 20.68 45.80 42.47
N LEU D 541 19.76 45.12 41.79
CA LEU D 541 19.70 45.21 40.34
C LEU D 541 18.89 46.42 39.89
N CYS D 542 17.97 46.89 40.74
CA CYS D 542 17.13 48.03 40.37
C CYS D 542 17.83 49.36 40.63
N GLN D 543 18.86 49.38 41.47
CA GLN D 543 19.69 50.58 41.56
C GLN D 543 20.62 50.70 40.37
N ALA D 544 20.97 49.58 39.74
CA ALA D 544 21.79 49.60 38.55
C ALA D 544 20.99 49.90 37.29
N ALA D 545 19.70 49.59 37.29
CA ALA D 545 18.82 49.89 36.17
C ALA D 545 18.17 51.27 36.29
N LYS D 546 18.52 52.02 37.35
CA LYS D 546 18.07 53.40 37.60
C LYS D 546 16.56 53.48 37.73
N HIS D 547 16.01 52.75 38.69
CA HIS D 547 14.60 52.80 39.01
C HIS D 547 14.30 54.01 39.89
N GLU D 548 13.06 54.47 39.84
CA GLU D 548 12.70 55.71 40.52
C GLU D 548 11.57 55.54 41.53
N GLY D 549 10.69 54.57 41.31
CA GLY D 549 9.51 54.41 42.14
C GLY D 549 9.70 53.43 43.28
N PRO D 550 8.63 52.74 43.65
CA PRO D 550 8.75 51.68 44.65
C PRO D 550 9.44 50.46 44.08
N LEU D 551 9.90 49.59 44.97
CA LEU D 551 10.67 48.43 44.55
C LEU D 551 9.80 47.39 43.85
N HIS D 552 8.51 47.33 44.17
CA HIS D 552 7.65 46.31 43.61
C HIS D 552 7.16 46.63 42.20
N LYS D 553 7.54 47.78 41.64
CA LYS D 553 7.18 48.13 40.27
C LYS D 553 8.35 47.98 39.32
N CYS D 554 9.43 47.35 39.74
CA CYS D 554 10.68 47.44 39.00
C CYS D 554 10.76 46.37 37.91
N ASP D 555 11.49 46.71 36.85
CA ASP D 555 11.73 45.81 35.73
C ASP D 555 13.13 46.08 35.20
N ILE D 556 13.88 45.00 34.96
CA ILE D 556 15.27 45.12 34.53
C ILE D 556 15.42 44.92 33.02
N SER D 557 14.36 45.10 32.25
CA SER D 557 14.46 45.00 30.80
C SER D 557 15.22 46.18 30.23
N ASN D 558 15.83 45.97 29.05
CA ASN D 558 16.56 46.94 28.24
C ASN D 558 17.84 47.46 28.88
N SER D 559 18.19 46.97 30.07
CA SER D 559 19.41 47.41 30.72
C SER D 559 20.59 46.60 30.20
N THR D 560 21.81 47.02 30.51
CA THR D 560 22.96 46.18 30.23
C THR D 560 23.84 46.18 31.47
N GLU D 561 23.78 47.28 32.22
CA GLU D 561 24.62 47.41 33.40
C GLU D 561 24.12 46.53 34.53
N ALA D 562 22.82 46.28 34.60
CA ALA D 562 22.29 45.38 35.61
C ALA D 562 22.65 43.94 35.32
N GLY D 563 22.58 43.52 34.07
CA GLY D 563 23.00 42.20 33.68
C GLY D 563 24.46 41.91 33.88
N GLN D 564 25.31 42.91 33.65
CA GLN D 564 26.72 42.80 34.00
C GLN D 564 26.92 42.69 35.51
N LYS D 565 26.05 43.30 36.30
CA LYS D 565 26.10 43.07 37.74
C LYS D 565 25.63 41.68 38.10
N LEU D 566 24.71 41.12 37.31
CA LEU D 566 24.22 39.78 37.61
C LEU D 566 25.17 38.71 37.09
N PHE D 567 25.79 38.95 35.94
CA PHE D 567 26.62 37.93 35.33
C PHE D 567 27.93 37.71 36.10
N ASN D 568 28.37 38.69 36.88
CA ASN D 568 29.60 38.53 37.63
C ASN D 568 29.45 37.59 38.81
N MET D 569 28.22 37.25 39.21
CA MET D 569 27.97 36.24 40.22
C MET D 569 27.65 34.89 39.61
N LEU D 570 26.92 34.90 38.49
CA LEU D 570 26.41 33.68 37.87
C LEU D 570 27.51 32.75 37.40
N ARG D 571 28.68 33.28 37.06
CA ARG D 571 29.75 32.46 36.51
C ARG D 571 30.67 31.90 37.58
N LEU D 572 30.44 32.19 38.85
CA LEU D 572 31.35 31.73 39.88
C LEU D 572 31.16 30.26 40.21
N GLY D 573 29.92 29.79 40.32
CA GLY D 573 29.72 28.39 40.70
C GLY D 573 29.95 28.21 42.19
N LYS D 574 30.83 27.28 42.54
CA LYS D 574 31.22 27.04 43.92
C LYS D 574 32.69 27.35 44.13
N SER D 575 33.33 27.93 43.12
CA SER D 575 34.76 28.18 43.14
C SER D 575 35.15 29.24 44.16
N GLU D 576 34.23 30.11 44.53
CA GLU D 576 34.47 31.14 45.52
C GLU D 576 33.54 30.90 46.70
N PRO D 577 33.89 31.40 47.88
CA PRO D 577 32.95 31.40 49.00
C PRO D 577 31.72 32.22 48.67
N TRP D 578 30.58 31.81 49.22
CA TRP D 578 29.31 32.45 48.88
C TRP D 578 29.23 33.88 49.40
N THR D 579 29.95 34.17 50.49
CA THR D 579 30.02 35.54 50.98
C THR D 579 30.76 36.43 50.00
N LEU D 580 31.73 35.88 49.28
CA LEU D 580 32.39 36.61 48.22
C LEU D 580 31.48 36.76 47.00
N ALA D 581 30.50 35.86 46.83
CA ALA D 581 29.59 36.00 45.70
C ALA D 581 28.57 37.09 45.94
N LEU D 582 28.19 37.32 47.20
CA LEU D 582 27.17 38.32 47.51
C LEU D 582 27.68 39.75 47.29
N GLU D 583 28.96 40.01 47.53
CA GLU D 583 29.47 41.36 47.35
C GLU D 583 29.58 41.74 45.89
N ASN D 584 29.63 40.76 44.99
CA ASN D 584 29.64 41.06 43.57
C ASN D 584 28.30 41.59 43.07
N VAL D 585 27.23 41.36 43.80
CA VAL D 585 25.91 41.88 43.44
C VAL D 585 25.43 42.93 44.44
N VAL D 586 25.28 42.54 45.70
CA VAL D 586 24.70 43.43 46.70
C VAL D 586 25.71 44.44 47.23
N GLY D 587 26.92 44.01 47.57
CA GLY D 587 27.85 44.90 48.24
C GLY D 587 27.99 44.63 49.71
N ALA D 588 27.51 43.48 50.18
CA ALA D 588 27.63 43.10 51.58
C ALA D 588 28.12 41.67 51.66
N LYS D 589 28.53 41.26 52.86
CA LYS D 589 29.06 39.92 53.06
C LYS D 589 28.09 39.03 53.82
N ASN D 590 26.88 39.50 54.08
CA ASN D 590 25.92 38.74 54.90
C ASN D 590 24.52 38.96 54.36
N MET D 591 23.61 38.06 54.72
CA MET D 591 22.23 38.24 54.31
C MET D 591 21.56 39.31 55.15
N ASN D 592 20.68 40.07 54.51
CA ASN D 592 20.10 41.27 55.11
C ASN D 592 18.61 41.28 54.88
N VAL D 593 17.87 41.77 55.87
CA VAL D 593 16.41 41.73 55.82
C VAL D 593 15.81 43.07 55.41
N ARG D 594 16.60 44.14 55.41
CA ARG D 594 16.12 45.46 55.01
C ARG D 594 15.66 45.58 53.55
N PRO D 595 16.23 44.88 52.55
CA PRO D 595 15.59 44.87 51.24
C PRO D 595 14.25 44.15 51.19
N LEU D 596 14.00 43.18 52.07
CA LEU D 596 12.70 42.53 52.09
C LEU D 596 11.63 43.46 52.64
N LEU D 597 11.98 44.27 53.64
CA LEU D 597 11.00 45.17 54.23
C LEU D 597 10.70 46.35 53.33
N ASN D 598 11.64 46.78 52.48
CA ASN D 598 11.39 47.89 51.56
C ASN D 598 10.41 47.50 50.47
N TYR D 599 10.30 46.21 50.17
CA TYR D 599 9.34 45.74 49.19
C TYR D 599 7.92 45.87 49.71
N PHE D 600 7.74 45.71 51.02
CA PHE D 600 6.42 45.66 51.63
C PHE D 600 6.08 46.90 52.45
N GLU D 601 6.77 48.00 52.25
CA GLU D 601 6.39 49.23 52.96
C GLU D 601 5.10 49.89 52.48
N PRO D 602 4.68 49.82 51.20
CA PRO D 602 3.31 50.24 50.88
C PRO D 602 2.23 49.38 51.53
N LEU D 603 2.52 48.12 51.84
CA LEU D 603 1.55 47.31 52.56
C LEU D 603 1.62 47.57 54.06
N PHE D 604 2.83 47.78 54.58
CA PHE D 604 3.00 48.01 56.01
C PHE D 604 2.43 49.35 56.45
N THR D 605 2.41 50.34 55.56
CA THR D 605 1.75 51.59 55.87
C THR D 605 0.23 51.43 55.90
N TRP D 606 -0.31 50.70 54.93
CA TRP D 606 -1.75 50.48 54.88
C TRP D 606 -2.23 49.55 55.98
N LEU D 607 -1.38 48.62 56.42
CA LEU D 607 -1.77 47.67 57.46
C LEU D 607 -1.86 48.34 58.83
N LYS D 608 -1.01 49.33 59.09
CA LYS D 608 -1.04 50.01 60.37
C LYS D 608 -2.22 50.95 60.51
N ASP D 609 -2.91 51.26 59.41
CA ASP D 609 -4.11 52.08 59.50
C ASP D 609 -5.36 51.21 59.62
N GLN D 610 -5.30 49.97 59.17
CA GLN D 610 -6.40 49.03 59.34
C GLN D 610 -6.41 48.39 60.71
N ASN D 611 -5.35 48.57 61.50
CA ASN D 611 -5.29 47.97 62.83
C ASN D 611 -5.25 49.05 63.90
N LYS D 612 -6.03 50.12 63.72
CA LYS D 612 -6.15 51.16 64.73
C LYS D 612 -7.09 50.79 65.87
N ASN D 613 -8.14 50.02 65.59
CA ASN D 613 -9.04 49.53 66.62
C ASN D 613 -8.79 48.08 66.99
N SER D 614 -7.83 47.42 66.35
CA SER D 614 -7.55 46.02 66.64
C SER D 614 -6.49 45.90 67.72
N PHE D 615 -6.20 44.66 68.10
CA PHE D 615 -5.11 44.34 69.00
C PHE D 615 -4.02 43.63 68.23
N VAL D 616 -2.81 44.16 68.31
CA VAL D 616 -1.66 43.64 67.57
C VAL D 616 -0.84 42.78 68.51
N GLY D 617 -0.71 41.51 68.18
CA GLY D 617 -0.09 40.53 69.06
C GLY D 617 -1.09 39.47 69.47
N TRP D 618 -0.62 38.52 70.27
CA TRP D 618 -1.46 37.40 70.63
C TRP D 618 -1.11 36.91 72.02
N SER D 619 -2.04 36.15 72.60
CA SER D 619 -1.88 35.54 73.90
C SER D 619 -1.64 34.05 73.76
N THR D 620 -0.67 33.53 74.50
CA THR D 620 -0.34 32.11 74.46
C THR D 620 -1.12 31.31 75.49
N ASP D 621 -2.16 31.88 76.08
CA ASP D 621 -2.95 31.19 77.09
C ASP D 621 -4.30 30.72 76.57
N TRP D 622 -4.86 31.37 75.55
CA TRP D 622 -6.16 31.00 75.02
C TRP D 622 -6.05 29.73 74.18
N SER D 623 -7.09 28.91 74.25
CA SER D 623 -7.21 27.70 73.45
C SER D 623 -8.66 27.56 73.02
N PRO D 624 -8.91 26.94 71.86
CA PRO D 624 -10.29 26.74 71.41
C PRO D 624 -11.05 25.66 72.17
N TYR D 625 -10.42 24.94 73.09
CA TYR D 625 -11.09 23.95 73.90
C TYR D 625 -11.15 24.32 75.37
N ALA D 626 -10.48 25.38 75.78
CA ALA D 626 -10.29 25.68 77.20
C ALA D 626 -11.36 26.64 77.70
N ASP D 627 -12.62 26.29 77.43
CA ASP D 627 -13.74 26.92 78.13
C ASP D 627 -14.79 25.87 78.43
N GLN D 628 -14.58 24.66 77.94
CA GLN D 628 -15.35 23.49 78.33
C GLN D 628 -14.52 22.50 79.11
N SER D 629 -13.35 22.90 79.59
CA SER D 629 -12.47 22.04 80.34
C SER D 629 -12.72 22.19 81.84
N ILE D 630 -12.44 21.11 82.57
CA ILE D 630 -12.59 21.07 84.02
C ILE D 630 -11.23 20.76 84.62
N LYS D 631 -10.81 21.56 85.59
CA LYS D 631 -9.54 21.34 86.26
C LYS D 631 -9.71 20.37 87.42
N VAL D 632 -8.83 19.39 87.49
CA VAL D 632 -8.82 18.37 88.53
C VAL D 632 -7.56 18.55 89.35
N ARG D 633 -7.67 18.51 90.67
CA ARG D 633 -6.52 18.58 91.55
C ARG D 633 -6.54 17.39 92.51
N ILE D 634 -5.42 16.70 92.62
CA ILE D 634 -5.32 15.45 93.37
C ILE D 634 -4.24 15.59 94.42
N SER D 635 -4.59 15.35 95.68
CA SER D 635 -3.67 15.42 96.82
C SER D 635 -3.56 14.02 97.42
N LEU D 636 -2.58 13.25 96.94
CA LEU D 636 -2.45 11.86 97.36
C LEU D 636 -1.89 11.75 98.77
N LYS D 637 -0.90 12.57 99.11
CA LYS D 637 -0.21 12.42 100.38
C LYS D 637 -1.01 13.03 101.53
N SER D 638 -2.06 13.77 101.22
CA SER D 638 -2.96 14.26 102.26
C SER D 638 -3.96 13.18 102.67
N ALA D 639 -4.41 12.37 101.71
CA ALA D 639 -5.43 11.37 102.00
C ALA D 639 -4.82 10.14 102.65
N LEU D 640 -3.71 9.66 102.11
CA LEU D 640 -3.07 8.45 102.62
C LEU D 640 -1.77 8.70 103.37
N GLY D 641 -0.93 9.57 102.84
CA GLY D 641 0.33 9.87 103.48
C GLY D 641 1.34 8.78 103.17
N ASP D 642 2.14 8.43 104.17
CA ASP D 642 3.17 7.40 104.01
C ASP D 642 2.55 6.04 103.76
N LYS D 643 2.02 5.86 102.55
CA LYS D 643 1.39 4.60 102.17
C LYS D 643 0.60 4.80 100.88
N ALA D 644 0.79 5.94 100.25
CA ALA D 644 0.10 6.27 99.02
C ALA D 644 0.88 5.84 97.78
N TYR D 645 0.15 5.30 96.81
CA TYR D 645 0.73 4.86 95.56
C TYR D 645 1.28 6.07 94.81
N GLU D 646 2.04 5.79 93.76
CA GLU D 646 2.60 6.85 92.93
C GLU D 646 1.82 6.93 91.63
N TRP D 647 1.68 8.14 91.10
CA TRP D 647 0.76 8.43 90.00
C TRP D 647 1.51 8.33 88.67
N ASN D 648 1.56 7.13 88.13
CA ASN D 648 2.11 6.91 86.80
C ASN D 648 0.99 7.07 85.77
N ASP D 649 1.27 6.71 84.52
CA ASP D 649 0.28 6.86 83.46
C ASP D 649 -0.68 5.69 83.38
N ASN D 650 -0.52 4.66 84.22
CA ASN D 650 -1.58 3.68 84.37
C ASN D 650 -2.71 4.21 85.24
N GLU D 651 -2.42 5.13 86.15
CA GLU D 651 -3.46 5.79 86.91
C GLU D 651 -4.22 6.80 86.08
N MET D 652 -3.58 7.38 85.07
CA MET D 652 -4.30 8.27 84.17
C MET D 652 -5.22 7.49 83.24
N TYR D 653 -4.88 6.24 82.97
CA TYR D 653 -5.76 5.39 82.17
C TYR D 653 -7.00 5.00 82.96
N LEU D 654 -6.84 4.73 84.25
CA LEU D 654 -7.99 4.39 85.09
C LEU D 654 -8.87 5.60 85.35
N PHE D 655 -8.29 6.81 85.37
CA PHE D 655 -9.10 8.01 85.54
C PHE D 655 -9.93 8.29 84.30
N ARG D 656 -9.37 8.06 83.11
CA ARG D 656 -10.11 8.32 81.89
C ARG D 656 -11.19 7.29 81.64
N SER D 657 -11.06 6.09 82.21
CA SER D 657 -12.12 5.09 82.11
C SER D 657 -13.22 5.32 83.13
N SER D 658 -12.89 5.92 84.28
CA SER D 658 -13.90 6.24 85.27
C SER D 658 -14.76 7.42 84.85
N VAL D 659 -14.19 8.38 84.12
CA VAL D 659 -14.98 9.49 83.62
C VAL D 659 -15.85 9.03 82.46
N ALA D 660 -15.32 8.14 81.61
CA ALA D 660 -16.12 7.59 80.52
C ALA D 660 -17.24 6.69 81.04
N TYR D 661 -17.04 6.06 82.20
CA TYR D 661 -18.12 5.30 82.82
C TYR D 661 -19.19 6.23 83.36
N ALA D 662 -18.79 7.38 83.92
CA ALA D 662 -19.76 8.30 84.50
C ALA D 662 -20.58 9.01 83.43
N MET D 663 -19.99 9.22 82.24
CA MET D 663 -20.77 9.79 81.15
C MET D 663 -21.74 8.78 80.57
N ARG D 664 -21.41 7.49 80.63
CA ARG D 664 -22.32 6.46 80.16
C ARG D 664 -23.54 6.33 81.06
N GLN D 665 -23.34 6.46 82.37
CA GLN D 665 -24.44 6.32 83.30
C GLN D 665 -25.35 7.54 83.30
N TYR D 666 -24.83 8.71 82.97
CA TYR D 666 -25.65 9.91 82.97
C TYR D 666 -26.57 9.95 81.77
N PHE D 667 -26.07 9.56 80.60
CA PHE D 667 -26.91 9.60 79.41
C PHE D 667 -27.92 8.47 79.37
N LEU D 668 -27.72 7.42 80.16
CA LEU D 668 -28.66 6.31 80.18
C LEU D 668 -29.81 6.57 81.14
N LYS D 669 -29.52 7.13 82.32
CA LYS D 669 -30.53 7.29 83.34
C LYS D 669 -31.24 8.64 83.29
N VAL D 670 -30.70 9.63 82.61
CA VAL D 670 -31.30 10.95 82.51
C VAL D 670 -31.80 11.23 81.11
N LYS D 671 -30.97 11.00 80.09
CA LYS D 671 -31.31 11.31 78.72
C LYS D 671 -31.85 10.12 77.94
N ASN D 672 -31.90 8.94 78.56
CA ASN D 672 -32.40 7.68 78.00
C ASN D 672 -31.71 7.25 76.72
N GLN D 673 -30.45 7.61 76.53
CA GLN D 673 -29.68 7.21 75.35
C GLN D 673 -28.53 6.32 75.78
N MET D 674 -28.07 5.46 74.88
CA MET D 674 -26.88 4.66 75.14
C MET D 674 -25.79 5.15 74.19
N ILE D 675 -24.73 5.73 74.77
CA ILE D 675 -23.60 6.27 74.02
C ILE D 675 -22.35 5.60 74.54
N LEU D 676 -21.52 5.08 73.64
CA LEU D 676 -20.36 4.29 74.02
C LEU D 676 -19.13 5.19 74.14
N PHE D 677 -19.05 5.89 75.27
CA PHE D 677 -17.86 6.65 75.58
C PHE D 677 -16.71 5.74 75.94
N GLY D 678 -15.51 6.08 75.49
CA GLY D 678 -14.31 5.35 75.81
C GLY D 678 -13.29 6.25 76.49
N GLU D 679 -12.15 5.65 76.84
CA GLU D 679 -11.07 6.42 77.44
C GLU D 679 -10.37 7.33 76.44
N GLU D 680 -10.55 7.08 75.14
CA GLU D 680 -9.98 7.92 74.10
C GLU D 680 -10.84 9.12 73.78
N ASP D 681 -12.00 9.26 74.42
CA ASP D 681 -12.84 10.42 74.27
C ASP D 681 -12.69 11.41 75.41
N VAL D 682 -11.78 11.16 76.34
CA VAL D 682 -11.46 12.08 77.42
C VAL D 682 -10.07 12.65 77.13
N ARG D 683 -10.00 13.93 76.81
CA ARG D 683 -8.76 14.56 76.35
C ARG D 683 -8.11 15.34 77.47
N VAL D 684 -6.91 14.90 77.88
CA VAL D 684 -6.21 15.44 79.03
C VAL D 684 -5.12 16.40 78.56
N ALA D 685 -5.07 17.60 79.14
CA ALA D 685 -4.04 18.58 78.86
C ALA D 685 -3.45 19.12 80.15
N ASN D 686 -2.21 19.61 80.04
CA ASN D 686 -1.49 20.35 81.08
C ASN D 686 -1.29 19.55 82.37
N LEU D 687 -0.57 18.43 82.23
CA LEU D 687 -0.30 17.57 83.38
C LEU D 687 0.84 18.15 84.20
N LYS D 688 0.60 18.43 85.49
CA LYS D 688 1.64 18.99 86.35
C LYS D 688 2.11 18.01 87.43
N PRO D 689 3.20 18.43 88.18
CA PRO D 689 3.64 17.46 89.21
C PRO D 689 2.72 17.43 90.43
N ARG D 690 2.17 18.57 90.84
CA ARG D 690 1.26 18.60 91.97
C ARG D 690 0.13 17.61 91.71
N ILE D 691 -0.02 17.25 90.44
CA ILE D 691 -1.06 16.35 89.96
C ILE D 691 -2.28 17.20 89.70
N SER D 692 -2.26 17.83 88.53
CA SER D 692 -3.35 18.67 88.08
C SER D 692 -3.32 18.65 86.57
N PHE D 693 -4.51 18.65 85.98
CA PHE D 693 -4.70 18.61 84.53
C PHE D 693 -6.08 19.16 84.24
N ASN D 694 -6.31 19.43 82.96
CA ASN D 694 -7.63 19.77 82.47
C ASN D 694 -8.14 18.61 81.62
N PHE D 695 -9.45 18.45 81.57
CA PHE D 695 -10.01 17.46 80.67
C PHE D 695 -11.33 17.97 80.11
N PHE D 696 -11.65 17.52 78.91
CA PHE D 696 -12.96 17.73 78.31
C PHE D 696 -13.36 16.45 77.60
N VAL D 697 -14.66 16.28 77.39
CA VAL D 697 -15.24 15.04 76.87
C VAL D 697 -15.76 15.29 75.48
N THR D 698 -15.55 14.32 74.58
CA THR D 698 -15.88 14.41 73.17
C THR D 698 -16.79 13.23 72.82
N ALA D 699 -17.73 13.46 71.89
CA ALA D 699 -18.56 12.40 71.33
C ALA D 699 -17.70 11.32 70.68
N PRO D 700 -18.14 10.02 70.71
CA PRO D 700 -17.21 8.89 70.51
C PRO D 700 -16.35 8.83 69.25
N LYS D 701 -16.88 9.21 68.10
CA LYS D 701 -16.01 9.36 66.93
C LYS D 701 -16.11 10.72 66.26
N ASN D 702 -17.07 11.56 66.62
CA ASN D 702 -17.11 12.93 66.14
C ASN D 702 -16.17 13.78 66.98
N VAL D 703 -14.99 14.06 66.44
CA VAL D 703 -13.97 14.85 67.14
C VAL D 703 -14.38 16.32 67.28
N SER D 704 -15.32 16.80 66.47
CA SER D 704 -15.76 18.18 66.51
C SER D 704 -16.84 18.44 67.55
N ASP D 705 -17.38 17.39 68.17
CA ASP D 705 -18.51 17.51 69.08
C ASP D 705 -17.97 17.41 70.50
N ILE D 706 -17.91 18.56 71.18
CA ILE D 706 -17.51 18.62 72.57
C ILE D 706 -18.77 18.67 73.42
N ILE D 707 -18.87 17.75 74.37
CA ILE D 707 -19.95 17.78 75.36
C ILE D 707 -19.81 19.04 76.20
N PRO D 708 -20.88 19.79 76.46
CA PRO D 708 -20.75 21.04 77.21
C PRO D 708 -20.33 20.82 78.66
N ARG D 709 -19.81 21.88 79.26
CA ARG D 709 -19.29 21.80 80.62
C ARG D 709 -20.39 21.60 81.64
N THR D 710 -21.59 22.09 81.37
CA THR D 710 -22.70 21.92 82.30
C THR D 710 -23.23 20.50 82.35
N GLU D 711 -23.07 19.72 81.27
CA GLU D 711 -23.50 18.34 81.26
C GLU D 711 -22.47 17.39 81.83
N VAL D 712 -21.20 17.79 81.84
CA VAL D 712 -20.17 16.95 82.46
C VAL D 712 -20.16 17.16 83.97
N GLU D 713 -20.50 18.36 84.42
CA GLU D 713 -20.63 18.62 85.85
C GLU D 713 -21.80 17.85 86.46
N LYS D 714 -22.90 17.70 85.71
CA LYS D 714 -24.02 16.91 86.20
C LYS D 714 -23.71 15.43 86.17
N ALA D 715 -22.86 14.99 85.25
CA ALA D 715 -22.48 13.59 85.19
C ALA D 715 -21.49 13.22 86.29
N ILE D 716 -20.61 14.15 86.67
CA ILE D 716 -19.64 13.87 87.71
C ILE D 716 -20.30 13.92 89.08
N ARG D 717 -21.27 14.82 89.28
CA ARG D 717 -22.04 14.86 90.53
C ARG D 717 -22.85 13.59 90.75
N MET D 718 -23.26 12.91 89.68
CA MET D 718 -24.05 11.70 89.82
C MET D 718 -23.19 10.52 90.27
N SER D 719 -21.91 10.53 89.90
CA SER D 719 -21.03 9.39 90.15
C SER D 719 -19.75 9.80 90.86
N ARG D 720 -19.80 10.83 91.71
CA ARG D 720 -18.59 11.28 92.39
C ARG D 720 -18.18 10.29 93.48
N SER D 721 -19.16 9.66 94.14
CA SER D 721 -18.86 8.67 95.16
C SER D 721 -18.25 7.41 94.59
N ARG D 722 -18.47 7.13 93.31
CA ARG D 722 -17.89 5.96 92.67
C ARG D 722 -16.48 6.23 92.18
N ILE D 723 -16.19 7.45 91.75
CA ILE D 723 -14.84 7.80 91.30
C ILE D 723 -13.90 7.91 92.49
N ASN D 724 -14.41 8.38 93.64
CA ASN D 724 -13.59 8.51 94.84
C ASN D 724 -13.15 7.14 95.36
N ASP D 725 -14.03 6.15 95.28
CA ASP D 725 -13.70 4.83 95.80
C ASP D 725 -12.70 4.09 94.94
N ALA D 726 -12.61 4.41 93.65
CA ALA D 726 -11.64 3.76 92.79
C ALA D 726 -10.21 4.22 93.05
N PHE D 727 -10.04 5.37 93.70
CA PHE D 727 -8.73 5.91 93.98
C PHE D 727 -8.46 6.11 95.47
N ARG D 728 -9.42 5.76 96.33
CA ARG D 728 -9.37 5.94 97.78
C ARG D 728 -9.19 7.41 98.18
N LEU D 729 -9.98 8.29 97.57
CA LEU D 729 -9.95 9.71 97.89
C LEU D 729 -11.30 10.11 98.50
N ASN D 730 -11.38 11.31 99.06
CA ASN D 730 -12.49 11.64 99.94
C ASN D 730 -13.05 13.05 99.76
N ASP D 731 -13.14 13.53 98.51
CA ASP D 731 -13.75 14.81 98.10
C ASP D 731 -13.00 16.05 98.57
N ASN D 732 -11.95 15.88 99.38
CA ASN D 732 -10.99 16.93 99.67
C ASN D 732 -9.62 16.61 99.08
N SER D 733 -9.42 15.40 98.60
CA SER D 733 -8.21 14.99 97.92
C SER D 733 -8.43 14.77 96.44
N LEU D 734 -9.67 14.84 95.97
CA LEU D 734 -10.02 14.76 94.56
C LEU D 734 -10.98 15.92 94.30
N GLU D 735 -10.44 17.04 93.86
CA GLU D 735 -11.22 18.24 93.66
C GLU D 735 -11.48 18.47 92.18
N PHE D 736 -12.74 18.64 91.82
CA PHE D 736 -13.13 19.13 90.52
C PHE D 736 -13.45 20.60 90.69
N LEU D 737 -12.58 21.47 90.18
CA LEU D 737 -12.66 22.90 90.46
C LEU D 737 -13.86 23.51 89.74
N GLY D 738 -14.79 24.05 90.51
CA GLY D 738 -16.06 24.49 89.99
C GLY D 738 -17.23 23.61 90.37
N ILE D 739 -16.97 22.44 90.95
CA ILE D 739 -18.02 21.54 91.44
C ILE D 739 -17.83 21.40 92.94
N GLN D 740 -18.89 21.67 93.70
CA GLN D 740 -18.77 21.65 95.15
C GLN D 740 -19.70 20.62 95.77
N PRO D 741 -19.29 19.99 96.87
CA PRO D 741 -20.23 19.15 97.62
C PRO D 741 -21.29 20.01 98.32
N THR D 742 -22.53 19.53 98.31
CA THR D 742 -23.65 20.38 98.72
C THR D 742 -24.43 19.90 99.94
N LEU D 743 -24.88 18.65 99.92
CA LEU D 743 -25.93 18.17 100.83
C LEU D 743 -25.41 17.84 102.24
N GLY D 744 -26.22 17.07 102.99
CA GLY D 744 -25.84 16.58 104.29
C GLY D 744 -26.36 17.26 105.54
N PRO D 745 -27.69 17.36 105.73
CA PRO D 745 -28.22 17.99 106.94
C PRO D 745 -28.06 17.08 108.16
N PRO D 746 -27.56 17.61 109.28
CA PRO D 746 -27.34 16.77 110.46
C PRO D 746 -28.50 16.77 111.45
N ASN D 747 -28.61 15.71 112.23
CA ASN D 747 -29.67 15.57 113.21
C ASN D 747 -29.94 14.10 113.56
N GLN D 748 -30.79 13.89 114.57
CA GLN D 748 -31.17 12.55 115.01
C GLN D 748 -31.92 12.65 116.32
N PRO D 749 -31.56 13.58 117.19
CA PRO D 749 -32.25 13.69 118.49
C PRO D 749 -33.73 14.00 118.28
N PRO D 750 -34.65 13.09 118.60
CA PRO D 750 -36.05 13.45 118.38
C PRO D 750 -36.67 13.90 119.69
N VAL D 751 -35.88 14.55 120.54
CA VAL D 751 -36.37 15.01 121.83
C VAL D 751 -35.42 15.97 122.54
N SER D 752 -34.16 16.00 122.10
CA SER D 752 -33.18 16.87 122.73
C SER D 752 -32.68 16.20 123.99
N ILE D 753 -31.54 15.52 123.90
CA ILE D 753 -31.00 14.82 125.04
C ILE D 753 -30.76 15.66 126.29
N TRP D 754 -30.78 16.98 126.16
CA TRP D 754 -30.56 17.80 127.36
C TRP D 754 -31.81 17.93 128.23
N LEU D 755 -32.99 17.70 127.67
CA LEU D 755 -34.20 17.73 128.49
C LEU D 755 -34.41 16.45 129.27
N ILE D 756 -33.89 15.32 128.80
CA ILE D 756 -33.98 14.09 129.56
C ILE D 756 -33.07 14.15 130.78
N VAL D 757 -31.83 14.60 130.59
CA VAL D 757 -30.87 14.69 131.68
C VAL D 757 -31.29 15.76 132.68
N PHE D 758 -31.97 16.80 132.21
CA PHE D 758 -32.53 17.77 133.14
C PHE D 758 -33.69 17.17 133.92
N GLY D 759 -34.53 16.38 133.26
CA GLY D 759 -35.68 15.79 133.92
C GLY D 759 -35.34 14.74 134.95
N VAL D 760 -34.18 14.12 134.83
CA VAL D 760 -33.73 13.14 135.82
C VAL D 760 -33.08 13.89 136.97
N VAL D 761 -32.27 14.90 136.66
CA VAL D 761 -31.59 15.66 137.70
C VAL D 761 -32.54 16.54 138.50
N MET D 762 -33.48 17.22 137.86
CA MET D 762 -34.49 17.97 138.62
C MET D 762 -35.47 17.06 139.32
N GLY D 763 -35.58 15.80 138.90
CA GLY D 763 -36.43 14.86 139.61
C GLY D 763 -35.78 14.31 140.87
N VAL D 764 -34.47 14.10 140.86
CA VAL D 764 -33.81 13.55 142.03
C VAL D 764 -33.53 14.66 143.05
N ILE D 765 -33.65 15.92 142.63
CA ILE D 765 -33.50 17.01 143.59
C ILE D 765 -34.81 17.26 144.31
N VAL D 766 -35.92 17.36 143.58
CA VAL D 766 -37.20 17.73 144.16
C VAL D 766 -37.78 16.62 145.05
N VAL D 767 -37.31 15.38 144.92
CA VAL D 767 -37.70 14.36 145.89
C VAL D 767 -36.70 14.31 147.03
N GLY D 768 -35.48 14.84 146.85
CA GLY D 768 -34.54 14.91 147.94
C GLY D 768 -34.83 15.99 148.95
N ILE D 769 -35.64 16.97 148.57
CA ILE D 769 -36.07 17.98 149.53
C ILE D 769 -37.29 17.52 150.33
N VAL D 770 -38.12 16.64 149.76
CA VAL D 770 -39.25 16.17 150.54
C VAL D 770 -38.87 14.98 151.40
N ILE D 771 -37.64 14.48 151.28
CA ILE D 771 -37.12 13.59 152.31
C ILE D 771 -36.49 14.38 153.44
N LEU D 772 -35.74 15.43 153.10
CA LEU D 772 -35.08 16.25 154.11
C LEU D 772 -36.02 17.22 154.82
N ILE D 773 -37.26 17.38 154.35
CA ILE D 773 -38.22 18.14 155.14
C ILE D 773 -38.98 17.23 156.08
N PHE D 774 -39.36 16.04 155.64
CA PHE D 774 -40.09 15.13 156.51
C PHE D 774 -39.19 14.47 157.53
N THR D 775 -37.88 14.49 157.32
CA THR D 775 -36.96 13.92 158.29
C THR D 775 -36.86 14.92 159.44
N GLY D 776 -36.71 16.20 159.11
CA GLY D 776 -36.62 17.24 160.10
C GLY D 776 -37.82 17.25 161.01
N ILE D 777 -39.00 17.16 160.41
CA ILE D 777 -40.25 17.13 161.17
C ILE D 777 -40.34 15.84 161.96
N ARG D 778 -40.11 14.71 161.30
CA ARG D 778 -40.15 13.42 161.97
C ARG D 778 -38.88 13.25 162.78
N ASP D 779 -38.30 14.38 163.19
CA ASP D 779 -37.08 14.38 163.98
C ASP D 779 -37.13 15.43 165.07
N ARG D 780 -38.08 16.35 164.98
CA ARG D 780 -38.22 17.39 165.99
C ARG D 780 -39.68 17.71 166.29
N ALA E 27 -22.42 -80.68 -33.94
CA ALA E 27 -22.82 -80.82 -35.33
C ALA E 27 -24.23 -80.30 -35.55
N TYR E 28 -24.56 -80.00 -36.81
CA TYR E 28 -25.90 -79.61 -37.21
C TYR E 28 -26.24 -80.40 -38.46
N THR E 29 -27.52 -80.63 -38.66
CA THR E 29 -27.97 -81.42 -39.80
C THR E 29 -29.24 -80.78 -40.35
N ASN E 30 -29.67 -81.31 -41.50
CA ASN E 30 -30.79 -80.77 -42.26
C ASN E 30 -31.90 -81.80 -42.27
N SER E 31 -33.04 -81.43 -41.68
CA SER E 31 -34.27 -82.19 -41.87
C SER E 31 -34.67 -82.07 -43.33
N PHE E 32 -35.50 -82.96 -43.84
CA PHE E 32 -35.95 -82.67 -45.19
C PHE E 32 -37.44 -82.39 -45.18
N THR E 33 -38.25 -83.38 -44.81
CA THR E 33 -39.68 -83.20 -44.63
C THR E 33 -40.03 -84.06 -43.42
N ARG E 34 -39.95 -83.46 -42.25
CA ARG E 34 -40.01 -84.19 -40.99
C ARG E 34 -40.76 -83.36 -39.96
N GLY E 35 -41.49 -84.03 -39.09
CA GLY E 35 -42.18 -83.33 -38.02
C GLY E 35 -43.55 -82.85 -38.41
N VAL E 36 -44.30 -83.69 -39.13
CA VAL E 36 -45.68 -83.41 -39.48
C VAL E 36 -46.57 -84.29 -38.60
N TYR E 37 -47.51 -83.67 -37.91
CA TYR E 37 -48.43 -84.38 -37.04
C TYR E 37 -49.86 -84.04 -37.42
N TYR E 38 -50.77 -84.95 -37.10
CA TYR E 38 -52.19 -84.71 -37.31
C TYR E 38 -52.65 -83.64 -36.34
N PRO E 39 -53.04 -82.49 -36.86
CA PRO E 39 -53.47 -81.34 -36.06
C PRO E 39 -54.61 -81.62 -35.10
N ASP E 40 -55.29 -82.76 -35.25
CA ASP E 40 -56.41 -83.09 -34.38
C ASP E 40 -57.17 -84.31 -34.86
N LYS E 41 -58.23 -84.66 -34.14
CA LYS E 41 -59.05 -85.80 -34.51
C LYS E 41 -59.75 -85.51 -35.84
N VAL E 42 -60.96 -86.02 -35.99
CA VAL E 42 -61.71 -85.78 -37.22
C VAL E 42 -61.07 -86.51 -38.39
N PHE E 43 -61.73 -87.56 -38.86
CA PHE E 43 -61.21 -88.33 -39.99
C PHE E 43 -61.04 -87.40 -41.18
N ARG E 44 -60.68 -87.96 -42.34
CA ARG E 44 -60.49 -87.17 -43.53
C ARG E 44 -59.84 -87.99 -44.64
N SER E 45 -60.21 -87.70 -45.88
CA SER E 45 -59.64 -88.40 -47.02
C SER E 45 -59.01 -87.42 -48.00
N SER E 46 -58.82 -87.87 -49.23
CA SER E 46 -58.21 -87.05 -50.27
C SER E 46 -58.72 -85.61 -50.24
N VAL E 47 -58.01 -84.74 -49.53
CA VAL E 47 -58.40 -83.34 -49.42
C VAL E 47 -57.25 -82.43 -49.04
N LEU E 48 -56.56 -81.88 -50.03
CA LEU E 48 -55.46 -80.96 -49.77
C LEU E 48 -55.95 -79.89 -48.82
N HIS E 49 -56.01 -80.26 -47.54
CA HIS E 49 -56.52 -79.38 -46.49
C HIS E 49 -55.42 -78.45 -46.00
N SER E 50 -55.78 -77.20 -45.74
CA SER E 50 -54.82 -76.17 -45.37
C SER E 50 -54.96 -75.83 -43.89
N THR E 51 -53.83 -75.79 -43.18
CA THR E 51 -53.83 -75.50 -41.75
C THR E 51 -52.81 -74.44 -41.38
N GLN E 52 -53.10 -73.75 -40.28
CA GLN E 52 -52.18 -72.86 -39.61
C GLN E 52 -51.90 -73.43 -38.23
N ASP E 53 -50.64 -73.66 -37.89
CA ASP E 53 -50.31 -74.28 -36.61
C ASP E 53 -48.82 -74.09 -36.33
N LEU E 54 -48.33 -74.81 -35.34
CA LEU E 54 -46.91 -74.80 -34.99
C LEU E 54 -46.25 -76.04 -35.59
N PHE E 55 -45.38 -75.83 -36.57
CA PHE E 55 -44.74 -76.92 -37.27
C PHE E 55 -43.24 -76.70 -37.27
N LEU E 56 -42.52 -77.75 -37.65
CA LEU E 56 -41.09 -77.68 -37.90
C LEU E 56 -40.88 -77.37 -39.37
N PRO E 57 -40.38 -76.18 -39.72
CA PRO E 57 -40.26 -75.80 -41.13
C PRO E 57 -39.44 -76.79 -41.93
N PHE E 58 -39.74 -76.93 -43.22
CA PHE E 58 -39.01 -77.88 -44.04
C PHE E 58 -37.58 -77.40 -44.24
N PHE E 59 -36.67 -78.37 -44.36
CA PHE E 59 -35.26 -78.07 -44.56
C PHE E 59 -34.75 -77.13 -43.48
N SER E 60 -34.72 -77.60 -42.24
CA SER E 60 -34.37 -76.79 -41.10
C SER E 60 -33.00 -77.18 -40.57
N ASN E 61 -32.55 -76.42 -39.57
CA ASN E 61 -31.23 -76.53 -38.99
C ASN E 61 -31.37 -77.20 -37.63
N VAL E 62 -31.23 -78.53 -37.59
CA VAL E 62 -31.50 -79.29 -36.37
C VAL E 62 -30.16 -79.64 -35.73
N THR E 63 -30.03 -79.35 -34.43
CA THR E 63 -28.83 -79.69 -33.70
C THR E 63 -28.59 -81.19 -33.74
N TRP E 64 -27.34 -81.57 -33.55
CA TRP E 64 -26.97 -82.97 -33.49
C TRP E 64 -26.28 -83.20 -32.17
N PHE E 65 -26.62 -84.30 -31.50
CA PHE E 65 -26.00 -84.69 -30.24
C PHE E 65 -25.54 -86.13 -30.34
N HIS E 66 -24.39 -86.40 -29.74
CA HIS E 66 -23.84 -87.74 -29.67
C HIS E 66 -23.75 -88.15 -28.21
N ALA E 67 -23.56 -89.46 -28.00
CA ALA E 67 -23.34 -90.02 -26.69
C ALA E 67 -22.70 -91.38 -26.86
N ASN E 81 -26.83 -85.45 -21.22
CA ASN E 81 -26.55 -84.39 -22.17
C ASN E 81 -27.30 -83.12 -21.71
N PRO E 82 -27.01 -81.95 -22.30
CA PRO E 82 -27.24 -80.69 -21.60
C PRO E 82 -28.68 -80.22 -21.51
N VAL E 83 -28.87 -79.17 -20.72
CA VAL E 83 -30.15 -78.48 -20.55
C VAL E 83 -30.41 -77.64 -21.79
N LEU E 84 -31.53 -77.88 -22.45
CA LEU E 84 -31.91 -77.17 -23.66
C LEU E 84 -33.04 -76.19 -23.35
N PRO E 85 -33.42 -75.33 -24.30
CA PRO E 85 -34.66 -74.57 -24.11
C PRO E 85 -35.88 -75.29 -24.66
N PHE E 86 -37.07 -74.73 -24.43
CA PHE E 86 -38.30 -75.24 -25.02
C PHE E 86 -38.96 -74.25 -25.97
N ASN E 87 -39.36 -73.10 -25.43
CA ASN E 87 -39.75 -71.81 -26.00
C ASN E 87 -40.96 -71.88 -26.93
N ASP E 88 -41.15 -73.00 -27.64
CA ASP E 88 -42.39 -73.30 -28.35
C ASP E 88 -42.27 -74.71 -28.91
N GLY E 89 -42.75 -75.72 -28.19
CA GLY E 89 -42.70 -77.05 -28.73
C GLY E 89 -41.34 -77.57 -29.13
N VAL E 90 -41.24 -78.85 -29.48
CA VAL E 90 -39.96 -79.48 -29.78
C VAL E 90 -40.22 -80.69 -30.67
N TYR E 91 -39.43 -80.81 -31.73
CA TYR E 91 -39.26 -82.07 -32.44
C TYR E 91 -38.07 -82.80 -31.85
N PHE E 92 -38.13 -84.12 -31.87
CA PHE E 92 -37.09 -84.89 -31.21
C PHE E 92 -37.04 -86.29 -31.82
N ALA E 93 -36.02 -86.59 -32.60
CA ALA E 93 -35.85 -87.94 -33.12
C ALA E 93 -34.68 -88.62 -32.42
N SER E 94 -34.53 -89.91 -32.67
CA SER E 94 -33.51 -90.72 -32.00
C SER E 94 -33.37 -92.03 -32.73
N THR E 95 -32.18 -92.62 -32.68
CA THR E 95 -31.88 -93.82 -33.44
C THR E 95 -31.03 -94.79 -32.63
N GLU E 96 -31.47 -96.05 -32.57
CA GLU E 96 -30.70 -97.15 -31.98
C GLU E 96 -31.44 -98.48 -32.08
N LYS E 97 -30.76 -99.57 -31.69
CA LYS E 97 -31.42 -100.86 -31.46
C LYS E 97 -31.56 -101.18 -29.97
N SER E 98 -30.51 -100.95 -29.18
CA SER E 98 -30.64 -100.88 -27.74
C SER E 98 -31.47 -99.67 -27.35
N ASN E 99 -31.64 -99.41 -26.06
CA ASN E 99 -32.46 -98.29 -25.63
C ASN E 99 -31.65 -97.40 -24.69
N ILE E 100 -30.95 -96.43 -25.26
CA ILE E 100 -30.12 -95.51 -24.51
C ILE E 100 -30.95 -94.30 -24.12
N ILE E 101 -31.87 -93.90 -24.98
CA ILE E 101 -32.76 -92.79 -24.71
C ILE E 101 -33.90 -93.31 -23.85
N ARG E 102 -33.97 -92.83 -22.62
CA ARG E 102 -34.88 -93.34 -21.61
C ARG E 102 -35.71 -92.19 -21.05
N GLY E 103 -36.25 -91.38 -21.95
CA GLY E 103 -37.17 -90.34 -21.54
C GLY E 103 -36.50 -89.01 -21.33
N TRP E 104 -37.33 -88.03 -21.03
CA TRP E 104 -36.94 -86.64 -20.95
C TRP E 104 -37.36 -86.13 -19.59
N ILE E 105 -36.94 -84.91 -19.27
CA ILE E 105 -37.42 -84.24 -18.07
C ILE E 105 -37.66 -82.79 -18.45
N PHE E 106 -38.72 -82.20 -17.93
CA PHE E 106 -39.17 -80.90 -18.41
C PHE E 106 -39.25 -79.91 -17.27
N GLY E 107 -39.58 -78.67 -17.59
CA GLY E 107 -39.92 -77.71 -16.55
C GLY E 107 -39.31 -76.34 -16.75
N THR E 108 -39.28 -75.55 -15.69
CA THR E 108 -38.65 -74.23 -15.76
C THR E 108 -37.30 -74.23 -15.04
N THR E 109 -37.24 -74.82 -13.85
CA THR E 109 -36.01 -74.82 -13.07
C THR E 109 -35.39 -76.19 -12.87
N LEU E 110 -36.12 -77.26 -13.14
CA LEU E 110 -35.61 -78.63 -13.01
C LEU E 110 -35.11 -78.92 -11.60
N ASP E 111 -35.83 -78.39 -10.62
CA ASP E 111 -35.47 -78.58 -9.22
C ASP E 111 -36.72 -78.36 -8.36
N SER E 112 -36.49 -78.22 -7.07
CA SER E 112 -37.55 -77.82 -6.16
C SER E 112 -37.82 -76.33 -6.29
N LYS E 113 -38.75 -75.85 -5.46
CA LYS E 113 -39.22 -74.45 -5.45
C LYS E 113 -40.14 -74.17 -6.63
N THR E 114 -40.22 -75.07 -7.61
CA THR E 114 -41.22 -75.00 -8.66
C THR E 114 -41.41 -76.39 -9.25
N GLN E 115 -42.59 -76.62 -9.82
CA GLN E 115 -43.01 -77.94 -10.26
C GLN E 115 -42.47 -78.27 -11.65
N SER E 116 -42.34 -79.57 -11.93
CA SER E 116 -41.82 -80.05 -13.19
C SER E 116 -42.39 -81.42 -13.50
N LEU E 117 -42.28 -81.83 -14.76
CA LEU E 117 -42.70 -83.14 -15.23
C LEU E 117 -41.50 -84.07 -15.28
N LEU E 118 -41.74 -85.37 -15.26
CA LEU E 118 -40.68 -86.36 -15.39
C LEU E 118 -41.24 -87.59 -16.10
N ILE E 119 -40.64 -87.94 -17.22
CA ILE E 119 -41.08 -89.07 -18.04
C ILE E 119 -39.95 -90.05 -18.19
N VAL E 120 -40.15 -91.25 -17.66
CA VAL E 120 -39.05 -92.19 -17.51
C VAL E 120 -39.47 -93.54 -18.08
N ASN E 121 -38.50 -94.38 -18.39
CA ASN E 121 -38.75 -95.75 -18.81
C ASN E 121 -37.59 -96.63 -18.37
N ASN E 122 -37.76 -97.42 -17.31
CA ASN E 122 -36.78 -98.46 -17.01
C ASN E 122 -37.08 -99.63 -17.93
N ALA E 123 -36.43 -100.77 -17.72
CA ALA E 123 -36.65 -101.91 -18.61
C ALA E 123 -38.06 -102.48 -18.46
N THR E 124 -38.89 -101.86 -17.62
CA THR E 124 -40.24 -102.34 -17.38
C THR E 124 -41.25 -101.67 -18.29
N ASN E 125 -41.45 -100.36 -18.13
CA ASN E 125 -42.39 -99.57 -18.90
C ASN E 125 -42.38 -98.12 -18.40
N VAL E 126 -43.11 -97.28 -19.13
CA VAL E 126 -43.14 -95.84 -18.96
C VAL E 126 -43.61 -95.46 -17.56
N VAL E 127 -43.06 -94.37 -17.01
CA VAL E 127 -43.48 -93.83 -15.72
C VAL E 127 -43.62 -92.32 -15.82
N ILE E 128 -44.81 -91.81 -16.15
CA ILE E 128 -45.00 -90.38 -16.09
C ILE E 128 -45.15 -89.99 -14.63
N LYS E 129 -44.76 -88.77 -14.29
CA LYS E 129 -44.79 -88.33 -12.91
C LYS E 129 -44.70 -86.82 -12.86
N VAL E 130 -45.45 -86.22 -11.94
CA VAL E 130 -45.36 -84.78 -11.75
C VAL E 130 -45.30 -84.46 -10.26
N CYS E 131 -44.11 -84.19 -9.76
CA CYS E 131 -43.89 -83.70 -8.41
C CYS E 131 -43.04 -82.44 -8.45
N GLU E 132 -42.60 -82.01 -7.28
CA GLU E 132 -41.44 -81.14 -7.16
C GLU E 132 -40.24 -82.01 -6.84
N PHE E 133 -39.19 -81.88 -7.64
CA PHE E 133 -38.08 -82.80 -7.56
C PHE E 133 -36.82 -82.08 -7.07
N GLN E 134 -35.76 -82.85 -6.92
CA GLN E 134 -34.41 -82.34 -6.85
C GLN E 134 -33.60 -83.14 -7.84
N PHE E 135 -33.30 -82.53 -8.97
CA PHE E 135 -32.69 -83.23 -10.09
C PHE E 135 -31.17 -83.10 -10.02
N CYS E 136 -30.49 -84.22 -10.22
CA CYS E 136 -29.07 -84.17 -10.47
C CYS E 136 -28.79 -83.24 -11.64
N ASN E 137 -27.76 -82.41 -11.51
CA ASN E 137 -27.39 -81.57 -12.64
C ASN E 137 -26.92 -82.40 -13.83
N ASP E 138 -26.45 -83.63 -13.59
CA ASP E 138 -26.19 -84.59 -14.65
C ASP E 138 -26.93 -85.88 -14.30
N PRO E 139 -28.23 -85.94 -14.55
CA PRO E 139 -29.03 -87.08 -14.12
C PRO E 139 -29.10 -88.16 -15.19
N PHE E 140 -29.08 -89.40 -14.76
CA PHE E 140 -29.07 -90.53 -15.70
C PHE E 140 -29.48 -91.78 -14.96
N LEU E 141 -29.39 -92.91 -15.64
CA LEU E 141 -29.63 -94.21 -15.05
C LEU E 141 -28.62 -95.20 -15.58
N GLY E 142 -28.21 -96.15 -14.72
CA GLY E 142 -27.15 -97.07 -15.04
C GLY E 142 -27.60 -98.27 -15.85
N VAL E 143 -26.80 -99.32 -15.78
CA VAL E 143 -27.10 -100.60 -16.41
C VAL E 143 -26.09 -101.62 -15.88
N MET E 153 -26.71 -107.18 -11.94
CA MET E 153 -26.65 -105.81 -11.43
C MET E 153 -27.80 -104.99 -12.00
N GLU E 154 -27.53 -104.26 -13.08
CA GLU E 154 -28.53 -103.48 -13.81
C GLU E 154 -29.28 -102.55 -12.87
N SER E 155 -28.54 -101.85 -12.02
CA SER E 155 -29.07 -100.92 -11.03
C SER E 155 -28.73 -99.49 -11.43
N GLU E 156 -29.66 -98.59 -11.17
CA GLU E 156 -29.77 -97.37 -11.97
C GLU E 156 -30.39 -96.21 -11.20
N PHE E 157 -30.89 -95.23 -11.94
CA PHE E 157 -31.71 -94.14 -11.42
C PHE E 157 -30.97 -93.27 -10.43
N ARG E 158 -29.91 -92.62 -10.88
CA ARG E 158 -29.32 -91.52 -10.14
C ARG E 158 -29.95 -90.21 -10.62
N VAL E 159 -31.21 -90.28 -11.05
CA VAL E 159 -31.83 -89.15 -11.74
C VAL E 159 -32.10 -88.01 -10.76
N TYR E 160 -32.98 -88.24 -9.79
CA TYR E 160 -33.29 -87.19 -8.82
C TYR E 160 -32.92 -87.62 -7.40
N SER E 161 -33.28 -86.79 -6.43
CA SER E 161 -33.14 -87.17 -5.02
C SER E 161 -34.31 -86.66 -4.19
N SER E 162 -35.43 -86.35 -4.83
CA SER E 162 -36.58 -85.78 -4.15
C SER E 162 -37.82 -86.02 -5.01
N ALA E 163 -38.94 -86.27 -4.34
CA ALA E 163 -40.21 -86.55 -5.00
C ALA E 163 -41.39 -85.93 -4.25
N ASN E 164 -41.28 -84.66 -3.87
CA ASN E 164 -42.22 -84.04 -2.96
C ASN E 164 -43.48 -83.55 -3.68
N ASN E 165 -44.58 -83.51 -2.93
CA ASN E 165 -45.79 -82.80 -3.37
C ASN E 165 -46.40 -83.29 -4.68
N CYS E 166 -46.25 -84.57 -4.99
CA CYS E 166 -46.68 -85.10 -6.28
C CYS E 166 -48.14 -84.82 -6.58
N THR E 167 -48.40 -84.24 -7.75
CA THR E 167 -49.71 -83.78 -8.16
C THR E 167 -50.25 -84.60 -9.33
N PHE E 168 -49.49 -85.60 -9.75
CA PHE E 168 -49.90 -86.47 -10.84
C PHE E 168 -48.94 -87.65 -10.86
N GLU E 169 -49.46 -88.86 -10.93
CA GLU E 169 -48.62 -90.04 -11.07
C GLU E 169 -49.14 -90.86 -12.24
N TYR E 170 -48.34 -91.84 -12.63
CA TYR E 170 -48.73 -92.86 -13.58
C TYR E 170 -47.65 -93.91 -13.60
N VAL E 171 -48.01 -95.19 -13.64
CA VAL E 171 -47.04 -96.25 -13.88
C VAL E 171 -47.72 -97.27 -14.76
N SER E 172 -47.06 -98.39 -15.02
CA SER E 172 -47.69 -99.50 -15.73
C SER E 172 -46.96 -100.80 -15.44
N LYS E 187 -31.71 -99.68 -37.73
CA LYS E 187 -32.22 -99.96 -36.40
C LYS E 187 -33.63 -99.43 -36.20
N ASN E 188 -33.75 -98.38 -35.39
CA ASN E 188 -35.03 -97.79 -35.09
C ASN E 188 -34.93 -96.28 -35.18
N LEU E 189 -36.02 -95.65 -35.59
CA LEU E 189 -36.16 -94.21 -35.56
C LEU E 189 -37.44 -93.88 -34.81
N ARG E 190 -37.33 -93.05 -33.78
CA ARG E 190 -38.43 -92.77 -32.87
C ARG E 190 -38.57 -91.26 -32.75
N GLU E 191 -39.56 -90.71 -33.45
CA GLU E 191 -39.80 -89.28 -33.43
C GLU E 191 -40.86 -88.89 -32.42
N PHE E 192 -40.75 -87.67 -31.89
CA PHE E 192 -41.68 -87.15 -30.92
C PHE E 192 -41.85 -85.67 -31.13
N VAL E 193 -43.08 -85.18 -30.94
CA VAL E 193 -43.36 -83.75 -30.95
C VAL E 193 -44.00 -83.42 -29.62
N PHE E 194 -43.40 -82.50 -28.89
CA PHE E 194 -43.89 -82.10 -27.58
C PHE E 194 -44.40 -80.67 -27.66
N LYS E 195 -45.60 -80.43 -27.18
CA LYS E 195 -46.10 -79.07 -27.11
C LYS E 195 -46.93 -78.89 -25.84
N ASN E 196 -47.21 -77.64 -25.50
CA ASN E 196 -47.77 -77.30 -24.19
C ASN E 196 -48.67 -76.07 -24.33
N ILE E 197 -49.97 -76.29 -24.42
CA ILE E 197 -50.94 -75.23 -24.65
C ILE E 197 -52.09 -75.34 -23.67
N ASP E 198 -52.45 -74.20 -23.07
CA ASP E 198 -53.59 -74.10 -22.16
C ASP E 198 -53.58 -75.19 -21.10
N GLY E 199 -52.46 -75.35 -20.40
CA GLY E 199 -52.37 -76.32 -19.33
C GLY E 199 -52.42 -77.76 -19.76
N TYR E 200 -52.41 -78.02 -21.06
CA TYR E 200 -52.35 -79.37 -21.58
C TYR E 200 -50.99 -79.58 -22.21
N PHE E 201 -50.40 -80.73 -21.93
CA PHE E 201 -49.09 -81.07 -22.47
C PHE E 201 -49.29 -82.21 -23.46
N LYS E 202 -49.28 -81.87 -24.74
CA LYS E 202 -49.57 -82.82 -25.80
C LYS E 202 -48.30 -83.45 -26.31
N ILE E 203 -48.39 -84.72 -26.69
CA ILE E 203 -47.27 -85.52 -27.14
C ILE E 203 -47.71 -86.31 -28.35
N TYR E 204 -47.08 -86.06 -29.49
CA TYR E 204 -47.28 -86.86 -30.68
C TYR E 204 -46.03 -87.70 -30.88
N SER E 205 -46.17 -88.81 -31.59
CA SER E 205 -45.05 -89.72 -31.71
C SER E 205 -45.23 -90.59 -32.92
N LYS E 206 -44.12 -91.22 -33.33
CA LYS E 206 -44.13 -92.18 -34.43
C LYS E 206 -42.86 -93.01 -34.33
N HIS E 207 -42.98 -94.29 -34.68
CA HIS E 207 -41.87 -95.23 -34.64
C HIS E 207 -41.72 -95.83 -36.04
N THR E 208 -40.73 -95.35 -36.76
CA THR E 208 -40.42 -95.91 -38.06
C THR E 208 -39.17 -96.76 -37.96
N PRO E 209 -39.07 -97.83 -38.74
CA PRO E 209 -37.82 -98.59 -38.77
C PRO E 209 -36.85 -98.06 -39.82
N ILE E 210 -35.65 -97.66 -39.42
CA ILE E 210 -34.62 -97.29 -40.39
C ILE E 210 -33.97 -98.54 -40.91
N ASN E 211 -33.23 -98.42 -42.01
CA ASN E 211 -32.34 -99.51 -42.43
C ASN E 211 -30.90 -99.06 -42.29
N LEU E 212 -30.69 -98.02 -41.49
CA LEU E 212 -29.40 -97.59 -41.00
C LEU E 212 -29.35 -97.83 -39.50
N VAL E 213 -28.29 -97.37 -38.84
CA VAL E 213 -28.25 -97.50 -37.39
C VAL E 213 -28.53 -96.16 -36.71
N ARG E 214 -27.74 -95.12 -36.99
CA ARG E 214 -27.86 -93.86 -36.26
C ARG E 214 -27.63 -92.58 -37.06
N ASP E 215 -28.21 -92.45 -38.26
CA ASP E 215 -28.17 -91.19 -39.01
C ASP E 215 -29.59 -90.79 -39.41
N LEU E 216 -29.84 -89.49 -39.49
CA LEU E 216 -31.17 -88.97 -39.81
C LEU E 216 -31.51 -89.23 -41.28
N PRO E 217 -32.52 -90.02 -41.57
CA PRO E 217 -32.84 -90.34 -42.97
C PRO E 217 -33.68 -89.28 -43.66
N GLN E 218 -34.18 -89.62 -44.84
CA GLN E 218 -35.05 -88.74 -45.60
C GLN E 218 -36.37 -89.45 -45.86
N GLY E 219 -37.45 -88.68 -45.95
CA GLY E 219 -38.74 -89.25 -46.24
C GLY E 219 -39.89 -88.52 -45.57
N PHE E 220 -41.11 -89.03 -45.73
CA PHE E 220 -42.29 -88.43 -45.13
C PHE E 220 -43.00 -89.44 -44.24
N SER E 221 -43.33 -89.02 -43.02
CA SER E 221 -44.04 -89.87 -42.08
C SER E 221 -44.73 -89.02 -41.02
N ALA E 222 -46.06 -89.00 -41.03
CA ALA E 222 -46.82 -88.14 -40.14
C ALA E 222 -46.95 -88.75 -38.75
N LEU E 223 -46.94 -87.89 -37.73
CA LEU E 223 -46.90 -88.31 -36.34
C LEU E 223 -48.28 -88.24 -35.72
N GLU E 224 -48.72 -89.36 -35.03
CA GLU E 224 -50.05 -89.55 -34.48
C GLU E 224 -50.10 -89.24 -32.98
N PRO E 225 -51.15 -88.55 -32.52
CA PRO E 225 -51.18 -88.12 -31.12
C PRO E 225 -51.21 -89.29 -30.15
N LEU E 226 -50.51 -89.12 -29.03
CA LEU E 226 -50.32 -90.21 -28.08
C LEU E 226 -51.04 -89.93 -26.75
N VAL E 227 -50.74 -88.78 -26.16
CA VAL E 227 -51.08 -88.49 -24.78
C VAL E 227 -51.69 -87.10 -24.74
N ASP E 228 -52.23 -86.77 -23.57
CA ASP E 228 -52.81 -85.47 -23.23
C ASP E 228 -52.78 -85.37 -21.70
N LEU E 229 -52.10 -84.36 -21.14
CA LEU E 229 -52.03 -84.28 -19.70
C LEU E 229 -52.51 -82.91 -19.22
N PRO E 230 -53.62 -82.82 -18.50
CA PRO E 230 -54.08 -81.53 -17.96
C PRO E 230 -53.33 -81.14 -16.69
N ILE E 231 -52.11 -80.66 -16.87
CA ILE E 231 -51.23 -80.39 -15.74
C ILE E 231 -51.40 -78.94 -15.27
N GLY E 232 -51.02 -77.99 -16.10
CA GLY E 232 -51.04 -76.60 -15.71
C GLY E 232 -49.62 -76.05 -15.56
N ILE E 233 -48.67 -76.98 -15.51
CA ILE E 233 -47.23 -76.74 -15.38
C ILE E 233 -46.73 -75.70 -16.37
N ASN E 234 -45.81 -74.85 -15.93
CA ASN E 234 -45.04 -73.96 -16.80
C ASN E 234 -43.79 -74.69 -17.26
N ILE E 235 -43.36 -74.45 -18.50
CA ILE E 235 -42.17 -75.10 -19.03
C ILE E 235 -41.31 -74.08 -19.75
N THR E 236 -40.00 -74.14 -19.49
CA THR E 236 -39.04 -73.29 -20.19
C THR E 236 -37.78 -74.07 -20.54
N ARG E 237 -37.62 -75.27 -20.01
CA ARG E 237 -36.38 -76.01 -20.24
C ARG E 237 -36.69 -77.50 -20.24
N PHE E 238 -35.76 -78.29 -20.79
CA PHE E 238 -35.91 -79.74 -20.80
C PHE E 238 -34.55 -80.38 -20.98
N GLN E 239 -34.50 -81.70 -20.79
CA GLN E 239 -33.26 -82.45 -20.82
C GLN E 239 -33.51 -83.81 -21.48
N THR E 240 -32.55 -84.71 -21.31
CA THR E 240 -32.67 -86.09 -21.77
C THR E 240 -32.08 -87.02 -20.72
N LEU E 241 -32.36 -88.31 -20.88
CA LEU E 241 -31.92 -89.33 -19.93
C LEU E 241 -31.32 -90.50 -20.70
N LEU E 242 -30.17 -90.99 -20.23
CA LEU E 242 -29.45 -92.03 -20.96
C LEU E 242 -29.01 -93.13 -20.00
N ALA E 243 -28.89 -94.34 -20.56
CA ALA E 243 -28.46 -95.52 -19.81
C ALA E 243 -26.95 -95.71 -20.00
N LEU E 244 -26.20 -95.57 -18.91
CA LEU E 244 -24.75 -95.55 -18.94
C LEU E 244 -24.14 -96.86 -19.42
N HIS E 245 -22.82 -96.87 -19.52
CA HIS E 245 -22.00 -98.05 -19.76
C HIS E 245 -21.36 -98.51 -18.46
N ARG E 246 -21.70 -99.72 -18.02
CA ARG E 246 -21.07 -100.23 -16.81
C ARG E 246 -20.63 -101.68 -16.94
N SER E 247 -21.24 -102.43 -17.86
CA SER E 247 -20.89 -103.83 -18.03
C SER E 247 -20.48 -104.14 -19.47
N ALA E 264 -27.16 -90.74 -30.31
CA ALA E 264 -27.47 -89.88 -31.45
C ALA E 264 -28.90 -89.39 -31.37
N TYR E 265 -29.06 -88.07 -31.27
CA TYR E 265 -30.40 -87.49 -31.23
C TYR E 265 -30.35 -86.02 -31.62
N TYR E 266 -31.50 -85.52 -32.07
CA TYR E 266 -31.65 -84.22 -32.68
C TYR E 266 -32.69 -83.42 -31.93
N VAL E 267 -32.66 -82.10 -32.09
CA VAL E 267 -33.65 -81.23 -31.46
C VAL E 267 -34.03 -80.10 -32.40
N GLY E 268 -35.24 -80.14 -32.94
CA GLY E 268 -35.79 -79.03 -33.69
C GLY E 268 -36.72 -78.19 -32.83
N TYR E 269 -37.13 -77.06 -33.36
CA TYR E 269 -38.08 -76.21 -32.69
C TYR E 269 -39.22 -75.89 -33.65
N LEU E 270 -40.36 -75.49 -33.09
CA LEU E 270 -41.58 -75.32 -33.85
C LEU E 270 -41.95 -73.85 -33.90
N GLN E 271 -42.44 -73.41 -35.06
CA GLN E 271 -42.86 -72.04 -35.28
C GLN E 271 -44.23 -72.04 -35.91
N PRO E 272 -44.94 -70.93 -35.84
CA PRO E 272 -46.25 -70.85 -36.50
C PRO E 272 -46.12 -70.75 -38.01
N ARG E 273 -46.44 -71.84 -38.69
CA ARG E 273 -46.44 -71.92 -40.14
C ARG E 273 -47.83 -72.26 -40.66
N THR E 274 -47.94 -72.28 -41.99
CA THR E 274 -49.14 -72.66 -42.72
C THR E 274 -48.77 -73.75 -43.70
N PHE E 275 -49.43 -74.90 -43.60
CA PHE E 275 -49.10 -76.04 -44.43
C PHE E 275 -50.31 -76.48 -45.24
N LEU E 276 -50.04 -77.28 -46.27
CA LEU E 276 -51.06 -77.89 -47.12
C LEU E 276 -50.85 -79.39 -47.07
N LEU E 277 -51.76 -80.09 -46.40
CA LEU E 277 -51.64 -81.52 -46.19
C LEU E 277 -52.49 -82.28 -47.19
N LYS E 278 -51.91 -83.33 -47.78
CA LYS E 278 -52.62 -84.18 -48.71
C LYS E 278 -53.10 -85.41 -47.97
N TYR E 279 -54.41 -85.66 -48.00
CA TYR E 279 -54.99 -86.77 -47.28
C TYR E 279 -55.29 -87.92 -48.23
N ASN E 280 -54.93 -89.11 -47.81
CA ASN E 280 -55.23 -90.34 -48.53
C ASN E 280 -56.74 -90.63 -48.47
N GLU E 281 -57.14 -91.70 -49.14
CA GLU E 281 -58.52 -92.15 -49.05
C GLU E 281 -58.83 -92.93 -47.77
N ASN E 282 -57.82 -93.51 -47.13
CA ASN E 282 -58.00 -94.04 -45.79
C ASN E 282 -57.94 -92.96 -44.72
N GLY E 283 -57.48 -91.76 -45.07
CA GLY E 283 -57.46 -90.67 -44.13
C GLY E 283 -56.11 -90.38 -43.53
N THR E 284 -55.04 -90.89 -44.11
CA THR E 284 -53.71 -90.61 -43.61
C THR E 284 -53.03 -89.52 -44.44
N ILE E 285 -52.16 -88.76 -43.81
CA ILE E 285 -51.41 -87.70 -44.46
C ILE E 285 -50.24 -88.34 -45.18
N THR E 286 -50.21 -88.23 -46.50
CA THR E 286 -49.17 -88.86 -47.30
C THR E 286 -48.13 -87.86 -47.80
N ASP E 287 -48.53 -86.61 -48.00
CA ASP E 287 -47.60 -85.57 -48.47
C ASP E 287 -48.00 -84.23 -47.87
N ALA E 288 -47.11 -83.26 -47.98
CA ALA E 288 -47.39 -81.93 -47.46
C ALA E 288 -46.62 -80.90 -48.27
N VAL E 289 -47.02 -79.64 -48.10
CA VAL E 289 -46.35 -78.50 -48.72
C VAL E 289 -46.19 -77.43 -47.65
N ASP E 290 -44.96 -76.96 -47.46
CA ASP E 290 -44.67 -75.82 -46.61
C ASP E 290 -44.78 -74.58 -47.49
N CYS E 291 -45.67 -73.67 -47.12
CA CYS E 291 -46.11 -72.63 -48.04
C CYS E 291 -45.31 -71.35 -47.88
N ALA E 292 -44.14 -71.47 -47.26
CA ALA E 292 -43.32 -70.29 -47.04
C ALA E 292 -41.88 -70.61 -47.36
N LEU E 293 -41.65 -71.78 -47.97
CA LEU E 293 -40.31 -72.13 -48.40
C LEU E 293 -39.86 -71.26 -49.57
N ASP E 294 -40.53 -71.36 -50.71
CA ASP E 294 -40.06 -70.72 -51.93
C ASP E 294 -41.27 -70.24 -52.74
N PRO E 295 -41.07 -69.52 -53.85
CA PRO E 295 -42.23 -69.06 -54.63
C PRO E 295 -43.09 -70.17 -55.19
N LEU E 296 -42.51 -71.30 -55.62
CA LEU E 296 -43.32 -72.40 -56.10
C LEU E 296 -44.29 -72.92 -55.03
N SER E 297 -43.84 -73.00 -53.79
CA SER E 297 -44.69 -73.52 -52.72
C SER E 297 -45.81 -72.54 -52.37
N GLU E 298 -45.49 -71.25 -52.36
CA GLU E 298 -46.52 -70.25 -52.17
C GLU E 298 -47.55 -70.25 -53.30
N THR E 299 -47.13 -70.55 -54.52
CA THR E 299 -48.10 -70.70 -55.60
C THR E 299 -48.97 -71.93 -55.40
N LYS E 300 -48.36 -73.07 -55.05
CA LYS E 300 -49.14 -74.27 -54.80
C LYS E 300 -50.15 -74.04 -53.69
N CYS E 301 -49.80 -73.26 -52.69
CA CYS E 301 -50.71 -72.96 -51.60
C CYS E 301 -51.82 -72.03 -52.05
N THR E 302 -51.50 -71.03 -52.87
CA THR E 302 -52.50 -70.12 -53.40
C THR E 302 -53.52 -70.83 -54.27
N LEU E 303 -53.09 -71.80 -55.08
CA LEU E 303 -54.00 -72.55 -55.92
C LEU E 303 -54.67 -73.72 -55.24
N LYS E 304 -54.15 -74.16 -54.08
CA LYS E 304 -54.61 -75.36 -53.38
C LYS E 304 -54.46 -76.60 -54.26
N SER E 305 -53.24 -76.84 -54.71
CA SER E 305 -52.97 -77.99 -55.55
C SER E 305 -51.51 -78.37 -55.43
N PHE E 306 -51.19 -79.53 -55.97
CA PHE E 306 -49.82 -80.02 -56.01
C PHE E 306 -49.21 -79.96 -57.40
N THR E 307 -50.00 -79.66 -58.41
CA THR E 307 -49.51 -79.45 -59.77
C THR E 307 -50.04 -78.12 -60.28
N VAL E 308 -49.15 -77.20 -60.57
CA VAL E 308 -49.48 -75.93 -61.21
C VAL E 308 -49.14 -76.03 -62.68
N GLU E 309 -50.08 -75.64 -63.53
CA GLU E 309 -49.87 -75.56 -64.96
C GLU E 309 -49.29 -74.20 -65.33
N LYS E 310 -48.69 -74.13 -66.51
CA LYS E 310 -47.99 -72.92 -66.89
C LYS E 310 -48.93 -71.73 -66.88
N GLY E 311 -48.39 -70.59 -66.49
CA GLY E 311 -49.18 -69.39 -66.37
C GLY E 311 -48.40 -68.35 -65.62
N ILE E 312 -49.13 -67.40 -65.06
CA ILE E 312 -48.55 -66.44 -64.15
C ILE E 312 -49.60 -66.16 -63.08
N TYR E 313 -49.18 -66.22 -61.83
CA TYR E 313 -50.09 -66.25 -60.71
C TYR E 313 -49.73 -65.16 -59.72
N GLN E 314 -50.72 -64.43 -59.25
CA GLN E 314 -50.53 -63.47 -58.18
C GLN E 314 -50.53 -64.21 -56.86
N THR E 315 -49.50 -64.02 -56.07
CA THR E 315 -49.24 -64.93 -54.98
C THR E 315 -49.30 -64.21 -53.64
N SER E 316 -48.88 -62.95 -53.61
CA SER E 316 -48.92 -62.19 -52.37
C SER E 316 -48.68 -60.70 -52.62
N ASN E 317 -48.10 -60.02 -51.64
CA ASN E 317 -47.82 -58.60 -51.77
C ASN E 317 -46.54 -58.18 -51.07
N PHE E 318 -45.93 -57.12 -51.57
CA PHE E 318 -44.70 -56.61 -51.01
C PHE E 318 -44.98 -55.24 -50.42
N ARG E 319 -44.75 -55.09 -49.11
CA ARG E 319 -44.98 -53.82 -48.44
C ARG E 319 -43.79 -53.41 -47.60
N VAL E 320 -43.09 -52.36 -48.03
CA VAL E 320 -41.94 -51.88 -47.29
C VAL E 320 -42.33 -51.70 -45.84
N GLN E 321 -41.36 -51.79 -44.94
CA GLN E 321 -41.63 -51.66 -43.51
C GLN E 321 -40.93 -50.46 -42.89
N PRO E 322 -41.68 -49.65 -42.14
CA PRO E 322 -41.10 -48.47 -41.49
C PRO E 322 -40.83 -48.71 -40.01
N THR E 323 -39.92 -47.95 -39.42
CA THR E 323 -39.60 -48.12 -38.00
C THR E 323 -39.56 -46.78 -37.26
N GLU E 324 -39.51 -46.86 -35.93
CA GLU E 324 -39.46 -45.67 -35.08
C GLU E 324 -40.69 -44.79 -35.22
N SER E 325 -41.06 -44.14 -34.12
CA SER E 325 -42.23 -43.25 -34.10
C SER E 325 -41.81 -41.81 -33.80
N ILE E 326 -41.26 -41.15 -34.81
CA ILE E 326 -40.82 -39.76 -34.66
C ILE E 326 -42.01 -38.83 -34.40
N VAL E 327 -41.91 -38.04 -33.33
CA VAL E 327 -42.97 -37.12 -32.97
C VAL E 327 -42.63 -35.67 -33.35
N ARG E 328 -43.66 -34.83 -33.39
CA ARG E 328 -43.49 -33.42 -33.73
C ARG E 328 -44.58 -32.59 -33.07
N PHE E 329 -44.27 -31.33 -32.75
CA PHE E 329 -45.23 -30.46 -32.11
C PHE E 329 -44.84 -28.99 -32.24
N PRO E 330 -45.35 -28.15 -31.35
CA PRO E 330 -45.03 -26.72 -31.40
C PRO E 330 -43.90 -26.36 -30.44
N ASN E 331 -42.96 -25.51 -30.89
CA ASN E 331 -41.85 -25.12 -30.04
C ASN E 331 -42.28 -24.86 -28.60
N ILE E 332 -41.60 -25.50 -27.66
CA ILE E 332 -41.91 -25.34 -26.25
C ILE E 332 -42.05 -23.87 -25.87
N THR E 333 -43.28 -23.36 -25.96
CA THR E 333 -43.55 -21.98 -25.62
C THR E 333 -43.39 -21.72 -24.13
N ASN E 334 -44.06 -20.69 -23.63
CA ASN E 334 -43.99 -20.34 -22.21
C ASN E 334 -44.39 -21.50 -21.31
N LEU E 335 -44.54 -21.21 -20.02
CA LEU E 335 -44.91 -22.23 -19.04
C LEU E 335 -45.75 -21.63 -17.91
N CYS E 336 -46.90 -21.07 -18.26
CA CYS E 336 -47.78 -20.47 -17.27
C CYS E 336 -47.12 -19.28 -16.59
N PRO E 337 -47.90 -18.38 -16.01
CA PRO E 337 -47.34 -17.20 -15.33
C PRO E 337 -47.21 -17.41 -13.83
N PHE E 338 -45.98 -17.49 -13.33
CA PHE E 338 -45.77 -17.68 -11.90
C PHE E 338 -44.79 -16.67 -11.30
N GLY E 339 -44.23 -15.84 -12.19
CA GLY E 339 -43.29 -14.81 -11.82
C GLY E 339 -43.64 -14.14 -10.52
N GLU E 340 -44.52 -13.16 -10.58
CA GLU E 340 -44.92 -12.46 -9.36
C GLU E 340 -45.32 -13.48 -8.30
N VAL E 341 -46.49 -14.10 -8.52
CA VAL E 341 -47.06 -15.10 -7.64
C VAL E 341 -46.08 -15.89 -6.79
N PHE E 342 -44.83 -15.96 -7.21
CA PHE E 342 -43.85 -16.69 -6.42
C PHE E 342 -42.63 -15.87 -6.01
N ASN E 343 -41.90 -15.38 -7.01
CA ASN E 343 -40.71 -14.58 -6.75
C ASN E 343 -41.00 -13.11 -6.47
N ALA E 344 -42.00 -12.84 -5.64
CA ALA E 344 -42.34 -11.47 -5.31
C ALA E 344 -41.32 -10.87 -4.35
N THR E 345 -41.17 -9.55 -4.40
CA THR E 345 -40.26 -8.86 -3.51
C THR E 345 -40.88 -8.59 -2.14
N ARG E 346 -42.20 -8.51 -2.07
CA ARG E 346 -42.90 -8.25 -0.81
C ARG E 346 -44.19 -9.05 -0.80
N PHE E 347 -44.31 -9.96 0.14
CA PHE E 347 -45.50 -10.80 0.26
C PHE E 347 -46.66 -10.01 0.86
N ALA E 348 -47.71 -10.73 1.26
CA ALA E 348 -48.88 -10.10 1.86
C ALA E 348 -49.12 -10.60 3.27
N SER E 349 -49.73 -9.76 4.10
CA SER E 349 -50.02 -10.11 5.48
C SER E 349 -50.77 -11.44 5.57
N VAL E 350 -50.98 -11.92 6.79
CA VAL E 350 -51.68 -13.18 7.01
C VAL E 350 -53.17 -12.95 7.23
N TYR E 351 -53.52 -11.74 7.68
CA TYR E 351 -54.90 -11.40 7.93
C TYR E 351 -55.58 -10.78 6.73
N ALA E 352 -54.82 -10.30 5.76
CA ALA E 352 -55.37 -9.91 4.46
C ALA E 352 -54.51 -10.57 3.39
N TRP E 353 -54.76 -11.84 3.15
CA TRP E 353 -53.94 -12.60 2.21
C TRP E 353 -54.22 -12.09 0.82
N ASN E 354 -53.35 -12.45 -0.12
CA ASN E 354 -53.69 -12.01 -1.45
C ASN E 354 -54.53 -13.07 -2.16
N ARG E 355 -54.94 -12.78 -3.38
CA ARG E 355 -55.73 -13.75 -4.12
C ARG E 355 -55.55 -13.49 -5.61
N LYS E 356 -54.69 -14.29 -6.25
CA LYS E 356 -54.44 -14.18 -7.68
C LYS E 356 -55.25 -15.29 -8.35
N ARG E 357 -55.94 -14.95 -9.44
CA ARG E 357 -56.76 -15.95 -10.11
C ARG E 357 -56.06 -16.35 -11.39
N ILE E 358 -55.16 -17.31 -11.29
CA ILE E 358 -54.53 -17.85 -12.49
C ILE E 358 -55.62 -18.34 -13.42
N SER E 359 -55.39 -18.20 -14.72
CA SER E 359 -56.43 -18.44 -15.71
C SER E 359 -55.82 -19.20 -16.88
N ASN E 360 -56.53 -19.23 -18.00
CA ASN E 360 -56.13 -19.99 -19.19
C ASN E 360 -54.66 -19.77 -19.54
N CYS E 361 -53.90 -20.85 -19.51
CA CYS E 361 -52.44 -20.82 -19.57
C CYS E 361 -51.96 -22.25 -19.74
N VAL E 362 -50.64 -22.41 -19.67
CA VAL E 362 -49.97 -23.71 -19.71
C VAL E 362 -49.22 -23.79 -18.38
N ALA E 363 -49.76 -24.53 -17.42
CA ALA E 363 -49.17 -24.62 -16.10
C ALA E 363 -48.28 -25.85 -16.01
N ASP E 364 -47.07 -25.65 -15.50
CA ASP E 364 -46.08 -26.71 -15.39
C ASP E 364 -45.73 -26.89 -13.91
N TYR E 365 -46.53 -27.69 -13.21
CA TYR E 365 -46.28 -27.92 -11.80
C TYR E 365 -45.04 -28.76 -11.55
N SER E 366 -44.32 -29.17 -12.60
CA SER E 366 -43.10 -29.92 -12.35
C SER E 366 -41.98 -29.01 -11.90
N VAL E 367 -41.84 -27.83 -12.50
CA VAL E 367 -40.83 -26.87 -12.05
C VAL E 367 -41.06 -26.50 -10.60
N LEU E 368 -42.30 -26.56 -10.15
CA LEU E 368 -42.57 -26.40 -8.74
C LEU E 368 -42.16 -27.65 -7.97
N TYR E 369 -42.70 -28.79 -8.37
CA TYR E 369 -42.61 -29.99 -7.55
C TYR E 369 -41.17 -30.40 -7.31
N ASN E 370 -40.29 -30.20 -8.28
CA ASN E 370 -38.93 -30.70 -8.15
C ASN E 370 -37.94 -29.61 -7.77
N SER E 371 -38.41 -28.42 -7.41
CA SER E 371 -37.47 -27.33 -7.21
C SER E 371 -36.65 -27.49 -5.94
N ALA E 372 -37.06 -28.38 -5.03
CA ALA E 372 -36.28 -28.74 -3.86
C ALA E 372 -36.00 -27.55 -2.96
N SER E 373 -36.49 -26.37 -3.30
CA SER E 373 -36.33 -25.19 -2.48
C SER E 373 -37.48 -25.03 -1.49
N PHE E 374 -38.52 -25.84 -1.61
CA PHE E 374 -39.69 -25.73 -0.79
C PHE E 374 -39.56 -26.64 0.41
N SER E 375 -39.81 -26.10 1.58
CA SER E 375 -39.76 -26.91 2.79
C SER E 375 -41.03 -27.71 2.99
N THR E 376 -42.13 -27.35 2.35
CA THR E 376 -43.37 -28.09 2.53
C THR E 376 -44.13 -28.07 1.22
N PHE E 377 -44.45 -29.24 0.69
CA PHE E 377 -45.25 -29.32 -0.54
C PHE E 377 -46.25 -30.45 -0.37
N LYS E 378 -47.42 -30.14 0.15
CA LYS E 378 -48.44 -31.16 0.37
C LYS E 378 -49.53 -30.99 -0.65
N CYS E 379 -50.00 -32.08 -1.22
CA CYS E 379 -51.13 -32.03 -2.13
C CYS E 379 -52.25 -32.90 -1.57
N TYR E 380 -53.47 -32.39 -1.62
CA TYR E 380 -54.57 -33.05 -0.92
C TYR E 380 -55.58 -33.69 -1.84
N GLY E 381 -56.19 -32.93 -2.73
CA GLY E 381 -57.17 -33.54 -3.61
C GLY E 381 -56.50 -34.50 -4.55
N VAL E 382 -55.23 -34.27 -4.85
CA VAL E 382 -54.56 -34.93 -5.97
C VAL E 382 -53.07 -34.99 -5.71
N SER E 383 -52.50 -36.18 -5.81
CA SER E 383 -51.06 -36.36 -5.60
C SER E 383 -50.28 -35.53 -6.61
N PRO E 384 -49.05 -35.10 -6.25
CA PRO E 384 -48.40 -34.04 -7.03
C PRO E 384 -48.01 -34.43 -8.44
N THR E 385 -47.56 -35.67 -8.67
CA THR E 385 -46.99 -35.99 -9.98
C THR E 385 -48.04 -36.01 -11.09
N LYS E 386 -49.31 -36.14 -10.75
CA LYS E 386 -50.37 -36.17 -11.74
C LYS E 386 -50.99 -34.80 -12.00
N LEU E 387 -50.32 -33.73 -11.58
CA LEU E 387 -50.85 -32.40 -11.85
C LEU E 387 -50.63 -31.99 -13.30
N ASN E 388 -49.47 -32.37 -13.84
CA ASN E 388 -49.13 -32.03 -15.23
C ASN E 388 -49.80 -32.97 -16.22
N ASP E 389 -50.98 -33.46 -15.87
CA ASP E 389 -51.72 -34.37 -16.74
C ASP E 389 -53.23 -34.19 -16.56
N LEU E 390 -53.62 -33.10 -15.90
CA LEU E 390 -55.03 -32.82 -15.68
C LEU E 390 -55.38 -31.38 -16.07
N CYS E 391 -56.66 -31.11 -16.24
CA CYS E 391 -57.13 -29.79 -16.62
C CYS E 391 -58.33 -29.36 -15.78
N PHE E 392 -58.34 -28.10 -15.35
CA PHE E 392 -59.43 -27.58 -14.54
C PHE E 392 -60.02 -26.33 -15.17
N THR E 393 -60.83 -25.60 -14.40
CA THR E 393 -61.47 -24.39 -14.90
C THR E 393 -60.73 -23.14 -14.40
N ASN E 394 -60.34 -23.15 -13.13
CA ASN E 394 -59.63 -22.03 -12.55
C ASN E 394 -58.65 -22.55 -11.53
N VAL E 395 -57.53 -21.87 -11.39
CA VAL E 395 -56.60 -22.09 -10.30
C VAL E 395 -56.52 -20.79 -9.55
N TYR E 396 -56.65 -20.84 -8.26
CA TYR E 396 -56.43 -19.65 -7.46
C TYR E 396 -55.15 -19.82 -6.69
N ALA E 397 -54.44 -18.73 -6.46
CA ALA E 397 -53.22 -18.79 -5.66
C ALA E 397 -53.31 -17.75 -4.57
N ASP E 398 -53.26 -18.19 -3.33
CA ASP E 398 -53.29 -17.27 -2.19
C ASP E 398 -51.91 -17.19 -1.57
N SER E 399 -51.53 -16.01 -1.11
CA SER E 399 -50.17 -15.77 -0.66
C SER E 399 -50.18 -15.06 0.67
N PHE E 400 -49.29 -15.46 1.57
CA PHE E 400 -49.13 -14.73 2.83
C PHE E 400 -47.87 -15.19 3.55
N VAL E 401 -47.68 -14.67 4.76
CA VAL E 401 -46.48 -14.91 5.56
C VAL E 401 -46.89 -15.22 7.00
N ILE E 402 -46.38 -16.31 7.55
CA ILE E 402 -46.72 -16.71 8.91
C ILE E 402 -45.45 -17.10 9.65
N ARG E 403 -45.62 -17.60 10.87
CA ARG E 403 -44.51 -18.05 11.67
C ARG E 403 -44.08 -19.40 11.10
N GLY E 404 -43.03 -20.00 11.65
CA GLY E 404 -42.54 -21.25 11.15
C GLY E 404 -43.39 -22.42 11.59
N ASP E 405 -43.90 -22.40 12.81
CA ASP E 405 -44.63 -23.54 13.31
C ASP E 405 -46.13 -23.37 13.20
N GLU E 406 -46.55 -22.44 12.35
CA GLU E 406 -47.95 -22.22 12.09
C GLU E 406 -48.28 -22.79 10.71
N VAL E 407 -47.33 -23.47 10.08
CA VAL E 407 -47.60 -24.01 8.75
C VAL E 407 -48.43 -25.28 8.87
N ARG E 408 -48.60 -25.80 10.08
CA ARG E 408 -49.42 -26.99 10.21
C ARG E 408 -50.88 -26.67 10.42
N GLN E 409 -51.24 -25.40 10.47
CA GLN E 409 -52.65 -25.05 10.49
C GLN E 409 -53.19 -24.70 9.13
N ILE E 410 -52.34 -24.70 8.10
CA ILE E 410 -52.80 -24.50 6.73
C ILE E 410 -53.04 -25.90 6.17
N ALA E 411 -54.19 -26.44 6.45
CA ALA E 411 -54.55 -27.79 6.08
C ALA E 411 -56.03 -27.96 6.34
N PRO E 412 -56.72 -28.86 5.66
CA PRO E 412 -58.16 -28.98 5.88
C PRO E 412 -58.45 -29.58 7.25
N GLY E 413 -59.31 -28.92 8.02
CA GLY E 413 -59.65 -29.41 9.33
C GLY E 413 -58.59 -29.19 10.39
N GLN E 414 -58.26 -27.95 10.71
CA GLN E 414 -57.38 -27.61 11.81
C GLN E 414 -58.00 -26.51 12.64
N THR E 415 -57.36 -26.21 13.76
CA THR E 415 -57.77 -25.13 14.64
C THR E 415 -56.55 -24.39 15.14
N GLY E 416 -56.77 -23.20 15.68
CA GLY E 416 -55.69 -22.32 16.06
C GLY E 416 -55.94 -20.91 15.55
N LYS E 417 -55.20 -19.97 16.14
CA LYS E 417 -55.32 -18.55 15.85
C LYS E 417 -55.27 -18.21 14.37
N ILE E 418 -54.59 -19.04 13.59
CA ILE E 418 -54.49 -18.77 12.16
C ILE E 418 -55.68 -19.35 11.42
N ALA E 419 -55.95 -20.63 11.62
CA ALA E 419 -57.03 -21.25 10.87
C ALA E 419 -58.38 -20.85 11.39
N ASP E 420 -58.48 -20.43 12.65
CA ASP E 420 -59.77 -20.01 13.16
C ASP E 420 -60.22 -18.72 12.51
N TYR E 421 -59.49 -17.64 12.77
CA TYR E 421 -59.79 -16.39 12.09
C TYR E 421 -58.53 -15.74 11.56
N ASN E 422 -57.92 -16.31 10.53
CA ASN E 422 -57.14 -15.54 9.58
C ASN E 422 -57.35 -16.08 8.18
N TYR E 423 -57.34 -17.40 8.04
CA TYR E 423 -57.38 -18.05 6.74
C TYR E 423 -57.85 -19.49 6.93
N LYS E 424 -59.05 -19.80 6.48
CA LYS E 424 -59.64 -21.11 6.69
C LYS E 424 -59.81 -21.81 5.35
N LEU E 425 -59.36 -23.06 5.28
CA LEU E 425 -59.40 -23.99 4.17
C LEU E 425 -60.59 -24.92 4.27
N PRO E 426 -61.39 -25.09 3.22
CA PRO E 426 -62.58 -25.93 3.35
C PRO E 426 -62.21 -27.36 3.66
N ASP E 427 -63.20 -28.15 3.99
CA ASP E 427 -62.93 -29.49 4.48
C ASP E 427 -62.78 -30.51 3.37
N ASP E 428 -63.08 -30.15 2.13
CA ASP E 428 -62.83 -30.99 0.97
C ASP E 428 -61.89 -30.32 0.00
N PHE E 429 -60.81 -29.74 0.52
CA PHE E 429 -59.86 -29.00 -0.28
C PHE E 429 -59.39 -29.86 -1.44
N THR E 430 -58.93 -29.21 -2.50
CA THR E 430 -58.46 -29.92 -3.66
C THR E 430 -57.03 -29.61 -4.08
N GLY E 431 -56.50 -28.47 -3.73
CA GLY E 431 -55.25 -28.01 -4.30
C GLY E 431 -54.04 -28.55 -3.59
N CYS E 432 -53.00 -27.71 -3.52
CA CYS E 432 -51.78 -28.04 -2.81
C CYS E 432 -51.30 -26.83 -2.03
N VAL E 433 -50.51 -27.10 -1.00
CA VAL E 433 -50.01 -26.08 -0.10
C VAL E 433 -48.50 -26.12 -0.18
N ILE E 434 -47.87 -24.98 -0.43
CA ILE E 434 -46.42 -24.88 -0.59
C ILE E 434 -45.90 -23.85 0.39
N ALA E 435 -44.75 -24.11 0.98
CA ALA E 435 -44.22 -23.21 2.00
C ALA E 435 -42.72 -23.30 2.05
N TRP E 436 -42.07 -22.15 2.22
CA TRP E 436 -40.62 -22.16 2.33
C TRP E 436 -40.15 -21.07 3.27
N ASN E 437 -39.01 -21.31 3.90
CA ASN E 437 -38.48 -20.37 4.88
C ASN E 437 -37.96 -19.13 4.18
N SER E 438 -38.15 -17.99 4.82
CA SER E 438 -37.73 -16.73 4.25
C SER E 438 -37.13 -15.84 5.31
N ASN E 439 -36.24 -16.38 6.14
CA ASN E 439 -35.72 -15.58 7.24
C ASN E 439 -34.93 -14.38 6.77
N ASN E 440 -34.18 -14.50 5.68
CA ASN E 440 -33.28 -13.43 5.29
C ASN E 440 -33.99 -12.28 4.63
N LEU E 441 -35.19 -12.50 4.08
CA LEU E 441 -35.92 -11.46 3.38
C LEU E 441 -36.84 -10.67 4.28
N ASP E 442 -37.49 -11.31 5.24
CA ASP E 442 -38.59 -10.69 5.96
C ASP E 442 -38.24 -10.29 7.37
N SER E 443 -37.15 -10.79 7.93
CA SER E 443 -36.79 -10.49 9.29
C SER E 443 -35.65 -9.49 9.30
N LYS E 444 -35.80 -8.44 10.11
CA LYS E 444 -34.80 -7.40 10.12
C LYS E 444 -34.45 -7.04 11.55
N VAL E 445 -33.17 -6.71 11.75
CA VAL E 445 -32.66 -6.42 13.09
C VAL E 445 -33.49 -5.30 13.71
N GLY E 446 -33.80 -5.44 14.98
CA GLY E 446 -34.69 -4.53 15.65
C GLY E 446 -36.14 -4.93 15.57
N GLY E 447 -36.47 -5.90 14.73
CA GLY E 447 -37.82 -6.39 14.67
C GLY E 447 -38.61 -5.81 13.52
N ASN E 448 -39.14 -6.67 12.68
CA ASN E 448 -39.96 -6.26 11.55
C ASN E 448 -41.41 -6.28 12.01
N TYR E 449 -41.93 -5.11 12.37
CA TYR E 449 -43.28 -5.01 12.90
C TYR E 449 -44.31 -4.68 11.85
N ASN E 450 -44.09 -5.10 10.61
CA ASN E 450 -45.05 -4.83 9.55
C ASN E 450 -45.89 -6.03 9.18
N TYR E 451 -45.71 -7.15 9.86
CA TYR E 451 -46.43 -8.37 9.54
C TYR E 451 -47.37 -8.68 10.70
N LEU E 452 -48.65 -8.38 10.50
CA LEU E 452 -49.64 -8.50 11.56
C LEU E 452 -50.50 -9.73 11.36
N TYR E 453 -51.25 -10.07 12.39
CA TYR E 453 -52.24 -11.12 12.29
C TYR E 453 -53.37 -10.78 13.25
N ARG E 454 -54.54 -11.34 12.97
CA ARG E 454 -55.71 -11.09 13.80
C ARG E 454 -55.77 -12.14 14.88
N LEU E 455 -56.01 -11.70 16.11
CA LEU E 455 -56.03 -12.63 17.22
C LEU E 455 -57.33 -12.63 18.00
N PHE E 456 -58.32 -11.84 17.60
CA PHE E 456 -59.64 -11.86 18.22
C PHE E 456 -60.69 -11.73 17.15
N ARG E 457 -61.69 -12.61 17.18
CA ARG E 457 -62.83 -12.42 16.30
C ARG E 457 -64.07 -13.02 16.96
N LYS E 458 -65.23 -12.53 16.54
CA LYS E 458 -66.48 -13.04 17.09
C LYS E 458 -66.69 -14.50 16.76
N SER E 459 -66.42 -14.91 15.53
CA SER E 459 -66.73 -16.26 15.11
C SER E 459 -65.75 -16.69 14.04
N ASN E 460 -65.42 -17.98 14.04
CA ASN E 460 -64.47 -18.51 13.10
C ASN E 460 -64.91 -18.25 11.68
N LEU E 461 -63.93 -18.18 10.78
CA LEU E 461 -64.20 -17.81 9.40
C LEU E 461 -64.90 -18.94 8.66
N LYS E 462 -65.71 -18.57 7.68
CA LYS E 462 -66.11 -19.54 6.69
C LYS E 462 -64.91 -19.80 5.79
N PRO E 463 -64.85 -20.96 5.15
CA PRO E 463 -63.70 -21.26 4.29
C PRO E 463 -63.54 -20.22 3.19
N PHE E 464 -62.31 -19.74 3.03
CA PHE E 464 -61.95 -18.78 2.00
C PHE E 464 -62.61 -17.42 2.22
N GLU E 465 -63.01 -17.15 3.44
CA GLU E 465 -63.58 -15.86 3.79
C GLU E 465 -62.47 -14.95 4.31
N ARG E 466 -62.66 -13.64 4.17
CA ARG E 466 -61.61 -12.67 4.43
C ARG E 466 -62.19 -11.49 5.20
N ASP E 467 -61.41 -10.96 6.14
CA ASP E 467 -61.92 -9.97 7.09
C ASP E 467 -60.82 -8.97 7.43
N ILE E 468 -60.88 -7.78 6.83
CA ILE E 468 -59.86 -6.78 7.03
C ILE E 468 -60.34 -5.63 7.92
N SER E 469 -61.45 -5.82 8.64
CA SER E 469 -61.93 -4.75 9.48
C SER E 469 -61.01 -4.55 10.67
N THR E 470 -61.22 -3.46 11.40
CA THR E 470 -60.42 -3.16 12.57
C THR E 470 -61.26 -2.70 13.76
N GLU E 471 -62.57 -2.76 13.64
CA GLU E 471 -63.45 -2.35 14.73
C GLU E 471 -63.01 -3.00 16.03
N ILE E 472 -62.86 -2.20 17.08
CA ILE E 472 -62.43 -2.69 18.38
C ILE E 472 -63.17 -3.96 18.78
N TYR E 473 -62.61 -4.68 19.74
CA TYR E 473 -63.21 -5.93 20.22
C TYR E 473 -64.26 -5.64 21.27
N GLN E 474 -64.51 -6.62 22.13
CA GLN E 474 -65.50 -6.47 23.18
C GLN E 474 -65.36 -7.55 24.25
N ALA E 475 -64.88 -7.16 25.41
CA ALA E 475 -64.71 -8.10 26.53
C ALA E 475 -66.06 -8.28 27.22
N GLY E 476 -66.02 -8.50 28.54
CA GLY E 476 -67.24 -8.69 29.30
C GLY E 476 -68.28 -7.65 28.93
N SER E 477 -69.53 -7.92 29.28
CA SER E 477 -70.62 -7.00 28.98
C SER E 477 -70.24 -5.57 29.32
N THR E 478 -70.19 -4.71 28.30
CA THR E 478 -69.84 -3.31 28.51
C THR E 478 -69.77 -2.54 27.21
N PRO E 479 -70.00 -1.18 27.31
CA PRO E 479 -69.92 -0.46 26.03
C PRO E 479 -68.52 -0.48 25.45
N CYS E 480 -67.70 0.49 25.83
CA CYS E 480 -66.31 0.62 25.36
C CYS E 480 -66.22 1.34 24.02
N ASN E 481 -67.06 2.35 23.84
CA ASN E 481 -67.08 3.12 22.60
C ASN E 481 -65.68 3.47 22.12
N GLY E 482 -65.15 2.66 21.22
CA GLY E 482 -63.83 2.86 20.65
C GLY E 482 -62.80 3.37 21.63
N VAL E 483 -62.18 2.47 22.37
CA VAL E 483 -61.17 2.84 23.35
C VAL E 483 -60.73 1.64 24.18
N GLU E 484 -59.44 1.35 24.18
CA GLU E 484 -58.95 0.21 24.95
C GLU E 484 -59.36 0.37 26.41
N GLY E 485 -58.90 -0.55 27.25
CA GLY E 485 -59.21 -0.52 28.66
C GLY E 485 -59.64 -1.87 29.19
N PHE E 486 -60.06 -1.91 30.44
CA PHE E 486 -60.49 -3.15 31.07
C PHE E 486 -61.36 -4.00 30.16
N ASN E 487 -60.88 -5.20 29.82
CA ASN E 487 -61.63 -6.11 28.96
C ASN E 487 -62.07 -5.44 27.66
N CYS E 488 -61.11 -5.23 26.77
CA CYS E 488 -61.37 -4.61 25.48
C CYS E 488 -60.05 -4.14 24.91
N TYR E 489 -59.85 -4.35 23.61
CA TYR E 489 -58.59 -3.95 23.00
C TYR E 489 -58.53 -4.27 21.51
N PHE E 490 -57.62 -3.59 20.81
CA PHE E 490 -57.41 -3.77 19.38
C PHE E 490 -57.43 -5.25 19.04
N PRO E 491 -57.72 -5.56 17.79
CA PRO E 491 -57.76 -6.96 17.36
C PRO E 491 -56.55 -7.44 16.57
N LEU E 492 -55.53 -6.62 16.32
CA LEU E 492 -54.41 -7.03 15.49
C LEU E 492 -53.11 -6.97 16.28
N GLN E 493 -52.28 -7.99 16.13
CA GLN E 493 -51.00 -8.01 16.78
C GLN E 493 -49.98 -8.06 15.66
N SER E 494 -48.71 -7.97 16.00
CA SER E 494 -47.65 -8.00 14.98
C SER E 494 -46.55 -8.94 15.42
N TYR E 495 -46.19 -9.86 14.55
CA TYR E 495 -44.97 -10.64 14.70
C TYR E 495 -43.82 -9.65 14.74
N GLY E 496 -43.03 -9.67 15.79
CA GLY E 496 -41.82 -8.90 15.67
C GLY E 496 -40.71 -9.83 15.26
N PHE E 497 -40.46 -9.94 13.96
CA PHE E 497 -39.49 -10.91 13.49
C PHE E 497 -38.10 -10.36 13.67
N GLN E 498 -37.18 -11.22 14.11
CA GLN E 498 -35.79 -10.83 14.32
C GLN E 498 -34.94 -11.89 13.65
N PRO E 499 -33.75 -11.54 13.20
CA PRO E 499 -32.94 -12.55 12.53
C PRO E 499 -32.35 -13.58 13.48
N THR E 500 -32.20 -13.26 14.74
CA THR E 500 -31.71 -14.24 15.70
C THR E 500 -32.84 -14.96 16.42
N ASN E 501 -33.78 -15.50 15.65
CA ASN E 501 -34.92 -16.23 16.23
C ASN E 501 -34.88 -17.71 15.89
N GLY E 502 -34.96 -18.57 16.90
CA GLY E 502 -34.94 -19.99 16.64
C GLY E 502 -35.92 -20.36 15.56
N VAL E 503 -35.60 -21.42 14.83
CA VAL E 503 -36.52 -21.90 13.80
C VAL E 503 -37.86 -22.18 14.46
N GLY E 504 -38.92 -22.04 13.70
CA GLY E 504 -40.24 -22.06 14.29
C GLY E 504 -40.66 -20.72 14.84
N TYR E 505 -39.83 -19.73 14.63
CA TYR E 505 -40.17 -18.38 15.01
C TYR E 505 -39.76 -17.46 13.86
N GLN E 506 -39.12 -18.04 12.84
CA GLN E 506 -38.70 -17.26 11.69
C GLN E 506 -39.80 -17.26 10.65
N PRO E 507 -39.86 -16.25 9.81
CA PRO E 507 -40.98 -16.11 8.90
C PRO E 507 -40.94 -17.13 7.78
N TYR E 508 -42.09 -17.71 7.48
CA TYR E 508 -42.23 -18.64 6.37
C TYR E 508 -43.20 -18.01 5.40
N ARG E 509 -42.92 -18.13 4.11
CA ARG E 509 -43.86 -17.66 3.11
C ARG E 509 -44.65 -18.84 2.58
N VAL E 510 -45.94 -18.63 2.39
CA VAL E 510 -46.87 -19.70 2.06
C VAL E 510 -47.67 -19.31 0.83
N VAL E 511 -47.87 -20.27 -0.06
CA VAL E 511 -48.71 -20.13 -1.24
C VAL E 511 -49.64 -21.33 -1.28
N VAL E 512 -50.93 -21.08 -1.39
CA VAL E 512 -51.94 -22.12 -1.40
C VAL E 512 -52.58 -22.13 -2.77
N LEU E 513 -52.34 -23.17 -3.54
CA LEU E 513 -52.98 -23.30 -4.84
C LEU E 513 -54.25 -24.08 -4.69
N SER E 514 -55.33 -23.56 -5.24
CA SER E 514 -56.63 -24.21 -5.11
C SER E 514 -57.23 -24.37 -6.49
N PHE E 515 -57.29 -25.60 -6.96
CA PHE E 515 -57.85 -25.88 -8.27
C PHE E 515 -59.35 -26.04 -8.12
N GLU E 516 -60.11 -25.25 -8.89
CA GLU E 516 -61.56 -25.32 -8.84
C GLU E 516 -62.15 -25.54 -10.22
N LEU E 517 -62.61 -26.76 -10.47
CA LEU E 517 -63.20 -27.11 -11.75
C LEU E 517 -64.59 -26.49 -11.91
N LEU E 518 -65.14 -26.60 -13.11
CA LEU E 518 -66.46 -26.05 -13.40
C LEU E 518 -67.07 -26.68 -14.64
N HIS E 519 -66.61 -26.24 -15.81
CA HIS E 519 -67.10 -26.77 -17.08
C HIS E 519 -66.60 -25.94 -18.26
N ALA E 520 -66.23 -26.61 -19.33
CA ALA E 520 -65.74 -25.94 -20.53
C ALA E 520 -65.52 -26.92 -21.68
N PRO E 521 -64.99 -26.44 -22.79
CA PRO E 521 -64.74 -27.30 -23.96
C PRO E 521 -63.31 -27.81 -24.02
N ALA E 522 -62.40 -27.13 -23.33
CA ALA E 522 -60.99 -27.49 -23.31
C ALA E 522 -60.14 -26.39 -22.68
N THR E 523 -58.89 -26.73 -22.38
CA THR E 523 -57.97 -25.77 -21.78
C THR E 523 -56.57 -26.36 -21.62
N VAL E 524 -55.83 -25.84 -20.66
CA VAL E 524 -54.46 -26.31 -20.40
C VAL E 524 -54.36 -27.83 -20.23
N CYS E 525 -53.17 -28.36 -20.52
CA CYS E 525 -52.91 -29.79 -20.39
C CYS E 525 -51.41 -30.07 -20.48
N GLY E 526 -51.05 -31.33 -20.32
CA GLY E 526 -49.65 -31.76 -20.35
C GLY E 526 -48.87 -31.35 -21.57
N PRO E 527 -47.54 -31.44 -21.50
CA PRO E 527 -46.69 -31.07 -22.63
C PRO E 527 -46.29 -32.28 -23.47
N LYS E 528 -46.60 -32.26 -24.76
CA LYS E 528 -46.27 -33.38 -25.63
C LYS E 528 -44.78 -33.45 -25.96
N LYS E 529 -44.31 -34.66 -26.26
CA LYS E 529 -42.91 -34.88 -26.60
C LYS E 529 -42.73 -34.97 -28.11
N SER E 530 -41.49 -35.03 -28.55
CA SER E 530 -41.18 -35.12 -29.97
C SER E 530 -39.81 -35.72 -30.23
N THR E 531 -39.36 -35.65 -31.48
CA THR E 531 -38.06 -36.18 -31.87
C THR E 531 -37.51 -35.42 -33.07
N ASN E 532 -36.72 -36.10 -33.90
CA ASN E 532 -36.14 -35.48 -35.08
C ASN E 532 -36.55 -36.20 -36.36
N LEU E 533 -37.60 -35.71 -37.00
CA LEU E 533 -38.10 -36.31 -38.24
C LEU E 533 -36.96 -36.61 -39.19
N VAL E 534 -37.15 -37.63 -40.03
CA VAL E 534 -36.14 -38.03 -41.00
C VAL E 534 -36.62 -37.79 -42.43
N LYS E 535 -35.93 -38.40 -43.39
CA LYS E 535 -36.28 -38.25 -44.79
C LYS E 535 -35.70 -39.38 -45.64
N ASN E 536 -36.44 -39.80 -46.66
CA ASN E 536 -36.00 -40.88 -47.53
C ASN E 536 -36.04 -42.24 -46.84
N LYS E 537 -37.06 -42.46 -46.03
CA LYS E 537 -37.21 -43.72 -45.31
C LYS E 537 -38.65 -43.92 -44.87
N CYS E 538 -39.24 -45.05 -45.26
CA CYS E 538 -40.60 -45.38 -44.90
C CYS E 538 -40.55 -45.16 -43.40
N VAL E 539 -41.51 -44.40 -42.86
CA VAL E 539 -41.50 -44.10 -41.45
C VAL E 539 -42.94 -44.00 -40.98
N ASN E 540 -43.10 -44.07 -39.66
CA ASN E 540 -44.40 -43.95 -39.02
C ASN E 540 -44.38 -42.62 -38.29
N PHE E 541 -45.17 -41.66 -38.74
CA PHE E 541 -45.04 -40.28 -38.28
C PHE E 541 -46.32 -39.78 -37.62
N ASN E 542 -46.12 -38.76 -36.78
CA ASN E 542 -47.21 -38.03 -36.14
C ASN E 542 -46.80 -36.56 -36.11
N PHE E 543 -47.56 -35.72 -36.81
CA PHE E 543 -47.33 -34.28 -36.87
C PHE E 543 -48.49 -33.58 -36.15
N ASN E 544 -48.28 -33.29 -34.87
CA ASN E 544 -49.24 -32.68 -33.96
C ASN E 544 -50.67 -33.11 -34.23
N GLY E 545 -50.90 -34.41 -34.36
CA GLY E 545 -52.24 -34.91 -34.58
C GLY E 545 -52.37 -35.73 -35.83
N LEU E 546 -51.70 -35.33 -36.91
CA LEU E 546 -51.72 -36.07 -38.17
C LEU E 546 -50.93 -37.36 -37.99
N THR E 547 -51.60 -38.49 -38.00
CA THR E 547 -50.94 -39.79 -37.88
C THR E 547 -50.88 -40.43 -39.26
N GLY E 548 -49.68 -40.87 -39.66
CA GLY E 548 -49.57 -41.53 -40.94
C GLY E 548 -48.32 -42.37 -41.14
N THR E 549 -48.12 -42.87 -42.35
CA THR E 549 -46.96 -43.67 -42.71
C THR E 549 -46.49 -43.25 -44.09
N GLY E 550 -45.19 -43.27 -44.30
CA GLY E 550 -44.65 -43.00 -45.61
C GLY E 550 -43.26 -42.43 -45.56
N VAL E 551 -42.76 -42.13 -46.73
CA VAL E 551 -41.49 -41.44 -46.95
C VAL E 551 -41.74 -39.95 -46.91
N LEU E 552 -40.86 -39.23 -46.22
CA LEU E 552 -40.93 -37.78 -46.10
C LEU E 552 -39.85 -37.19 -46.98
N THR E 553 -40.16 -36.12 -47.71
CA THR E 553 -39.20 -35.53 -48.63
C THR E 553 -39.30 -34.01 -48.62
N GLU E 554 -38.18 -33.36 -48.89
CA GLU E 554 -38.15 -31.90 -48.95
C GLU E 554 -39.12 -31.47 -50.03
N SER E 555 -39.87 -30.40 -49.79
CA SER E 555 -40.84 -29.93 -50.76
C SER E 555 -40.34 -28.70 -51.49
N ASN E 556 -41.14 -28.26 -52.46
CA ASN E 556 -40.92 -26.98 -53.10
C ASN E 556 -42.23 -26.25 -53.35
N LYS E 557 -43.31 -26.64 -52.66
CA LYS E 557 -44.55 -25.90 -52.65
C LYS E 557 -44.52 -24.85 -51.54
N LYS E 558 -45.48 -23.93 -51.60
CA LYS E 558 -45.53 -22.82 -50.66
C LYS E 558 -46.95 -22.67 -50.14
N PHE E 559 -47.17 -23.10 -48.90
CA PHE E 559 -48.46 -22.95 -48.24
C PHE E 559 -48.76 -21.48 -47.99
N LEU E 560 -49.95 -21.17 -47.54
CA LEU E 560 -50.15 -19.84 -46.98
C LEU E 560 -49.82 -19.88 -45.50
N PRO E 561 -49.36 -18.79 -44.91
CA PRO E 561 -48.76 -18.91 -43.57
C PRO E 561 -49.79 -19.08 -42.48
N PHE E 562 -50.80 -19.87 -42.73
CA PHE E 562 -51.66 -20.38 -41.68
C PHE E 562 -52.10 -21.81 -41.97
N GLN E 563 -51.64 -22.41 -43.06
CA GLN E 563 -52.07 -23.74 -43.47
C GLN E 563 -51.04 -24.76 -43.00
N GLN E 564 -51.53 -25.86 -42.43
CA GLN E 564 -50.70 -26.88 -41.83
C GLN E 564 -50.32 -27.98 -42.81
N PHE E 565 -51.31 -28.62 -43.42
CA PHE E 565 -51.05 -29.72 -44.32
C PHE E 565 -51.85 -29.53 -45.60
N GLY E 566 -51.39 -30.21 -46.66
CA GLY E 566 -52.03 -30.15 -47.96
C GLY E 566 -52.67 -31.48 -48.31
N ARG E 567 -53.71 -31.39 -49.13
CA ARG E 567 -54.48 -32.56 -49.53
C ARG E 567 -54.51 -32.64 -51.04
N ASP E 568 -54.75 -33.85 -51.54
CA ASP E 568 -54.88 -34.11 -52.96
C ASP E 568 -56.35 -34.11 -53.36
N ILE E 569 -56.60 -34.21 -54.65
CA ILE E 569 -57.92 -34.54 -55.15
C ILE E 569 -58.13 -36.00 -54.81
N ALA E 570 -59.34 -36.33 -54.37
CA ALA E 570 -59.70 -37.60 -53.72
C ALA E 570 -59.29 -37.57 -52.25
N ASP E 571 -58.81 -36.43 -51.77
CA ASP E 571 -58.71 -36.13 -50.34
C ASP E 571 -57.78 -37.05 -49.56
N THR E 572 -56.50 -37.06 -49.89
CA THR E 572 -55.49 -37.75 -49.09
C THR E 572 -54.39 -36.77 -48.75
N THR E 573 -53.93 -36.80 -47.49
CA THR E 573 -52.85 -35.93 -47.05
C THR E 573 -51.59 -36.23 -47.83
N ASP E 574 -51.02 -35.20 -48.46
CA ASP E 574 -49.82 -35.41 -49.24
C ASP E 574 -48.70 -34.44 -48.93
N ALA E 575 -48.94 -33.43 -48.12
CA ALA E 575 -47.88 -32.55 -47.65
C ALA E 575 -48.18 -32.16 -46.22
N VAL E 576 -47.13 -31.85 -45.46
CA VAL E 576 -47.27 -31.32 -44.11
C VAL E 576 -46.28 -30.19 -43.93
N ARG E 577 -46.45 -29.48 -42.83
CA ARG E 577 -45.51 -28.45 -42.41
C ARG E 577 -44.98 -28.83 -41.04
N ASP E 578 -43.66 -28.79 -40.88
CA ASP E 578 -43.03 -29.11 -39.61
C ASP E 578 -43.36 -28.00 -38.62
N PRO E 579 -43.93 -28.36 -37.47
CA PRO E 579 -44.29 -27.37 -36.46
C PRO E 579 -43.13 -26.58 -35.84
N GLN E 580 -41.94 -27.17 -35.78
CA GLN E 580 -40.80 -26.48 -35.17
C GLN E 580 -40.04 -25.62 -36.18
N THR E 581 -39.67 -26.18 -37.32
CA THR E 581 -38.89 -25.44 -38.28
C THR E 581 -39.73 -24.77 -39.37
N LEU E 582 -41.00 -25.18 -39.51
CA LEU E 582 -41.97 -24.55 -40.44
C LEU E 582 -41.54 -24.70 -41.90
N GLU E 583 -41.24 -25.93 -42.30
CA GLU E 583 -40.92 -26.23 -43.69
C GLU E 583 -41.85 -27.32 -44.20
N ILE E 584 -42.16 -27.23 -45.48
CA ILE E 584 -43.13 -28.10 -46.12
C ILE E 584 -42.42 -29.37 -46.57
N LEU E 585 -43.04 -30.51 -46.31
CA LEU E 585 -42.49 -31.81 -46.64
C LEU E 585 -43.57 -32.65 -47.31
N ASP E 586 -43.23 -33.25 -48.45
CA ASP E 586 -44.16 -34.15 -49.11
C ASP E 586 -44.15 -35.52 -48.48
N ILE E 587 -45.29 -36.21 -48.57
CA ILE E 587 -45.41 -37.55 -47.99
C ILE E 587 -45.93 -38.53 -49.05
N THR E 588 -45.01 -39.07 -49.83
CA THR E 588 -45.36 -40.02 -50.88
C THR E 588 -45.60 -41.43 -50.33
N PRO E 589 -46.68 -42.12 -50.84
CA PRO E 589 -46.87 -43.47 -50.28
C PRO E 589 -45.60 -44.31 -50.38
N CYS E 590 -45.32 -45.10 -49.35
CA CYS E 590 -44.14 -45.95 -49.33
C CYS E 590 -44.25 -47.06 -50.37
N SER E 591 -43.10 -47.61 -50.76
CA SER E 591 -43.07 -48.68 -51.75
C SER E 591 -44.15 -49.73 -51.48
N PHE E 592 -44.54 -50.44 -52.54
CA PHE E 592 -45.57 -51.48 -52.44
C PHE E 592 -46.05 -51.89 -53.82
N GLY E 593 -46.61 -53.09 -53.92
CA GLY E 593 -47.10 -53.61 -55.17
C GLY E 593 -47.51 -55.06 -55.05
N GLY E 594 -47.48 -55.77 -56.17
CA GLY E 594 -47.84 -57.18 -56.17
C GLY E 594 -46.67 -58.07 -56.55
N VAL E 595 -46.71 -59.32 -56.11
CA VAL E 595 -45.64 -60.25 -56.41
C VAL E 595 -46.23 -61.38 -57.24
N SER E 596 -45.61 -61.66 -58.39
CA SER E 596 -46.08 -62.72 -59.27
C SER E 596 -44.98 -63.75 -59.43
N VAL E 597 -45.38 -64.99 -59.63
CA VAL E 597 -44.46 -66.12 -59.77
C VAL E 597 -44.64 -66.71 -61.16
N ILE E 598 -43.54 -66.82 -61.89
CA ILE E 598 -43.50 -67.34 -63.25
C ILE E 598 -42.91 -68.74 -63.18
N THR E 599 -43.68 -69.73 -63.59
CA THR E 599 -43.26 -71.11 -63.56
C THR E 599 -43.49 -71.82 -64.89
N PRO E 600 -42.53 -72.62 -65.36
CA PRO E 600 -42.78 -73.43 -66.56
C PRO E 600 -43.73 -74.58 -66.35
N GLY E 601 -44.20 -74.83 -65.14
CA GLY E 601 -45.08 -75.94 -64.82
C GLY E 601 -44.30 -76.99 -64.07
N THR E 602 -44.89 -77.52 -63.00
CA THR E 602 -44.20 -78.46 -62.14
C THR E 602 -43.91 -79.78 -62.80
N ASN E 603 -44.53 -80.02 -63.95
CA ASN E 603 -44.32 -81.21 -64.77
C ASN E 603 -43.18 -81.01 -65.76
N THR E 604 -42.44 -79.92 -65.61
CA THR E 604 -41.33 -79.60 -66.49
C THR E 604 -40.11 -79.30 -65.66
N SER E 605 -40.31 -78.62 -64.53
CA SER E 605 -39.23 -78.13 -63.69
C SER E 605 -39.85 -77.52 -62.45
N ASN E 606 -38.99 -77.28 -61.46
CA ASN E 606 -39.42 -76.61 -60.23
C ASN E 606 -38.71 -75.28 -60.05
N GLN E 607 -37.98 -74.82 -61.06
CA GLN E 607 -37.42 -73.48 -61.03
C GLN E 607 -38.53 -72.46 -61.19
N VAL E 608 -38.23 -71.22 -60.81
CA VAL E 608 -39.24 -70.19 -60.69
C VAL E 608 -38.57 -68.84 -60.89
N ALA E 609 -39.31 -67.89 -61.44
CA ALA E 609 -38.89 -66.50 -61.51
C ALA E 609 -39.94 -65.64 -60.84
N VAL E 610 -39.54 -64.45 -60.40
CA VAL E 610 -40.40 -63.63 -59.55
C VAL E 610 -40.45 -62.21 -60.09
N LEU E 611 -41.65 -61.68 -60.26
CA LEU E 611 -41.86 -60.30 -60.70
C LEU E 611 -42.38 -59.48 -59.54
N TYR E 612 -41.68 -58.38 -59.25
CA TYR E 612 -42.06 -57.46 -58.20
C TYR E 612 -42.70 -56.25 -58.85
N GLN E 613 -44.00 -56.37 -59.12
CA GLN E 613 -44.80 -55.33 -59.78
C GLN E 613 -44.33 -53.89 -59.56
N ASP E 614 -44.09 -53.20 -60.67
CA ASP E 614 -43.64 -51.80 -60.70
C ASP E 614 -42.84 -51.36 -59.48
N VAL E 615 -41.55 -51.66 -59.47
CA VAL E 615 -40.68 -51.29 -58.37
C VAL E 615 -39.21 -51.38 -58.77
N ASN E 616 -38.51 -50.25 -58.66
CA ASN E 616 -37.09 -50.18 -59.02
C ASN E 616 -36.29 -51.31 -58.39
N CYS E 617 -35.59 -52.08 -59.21
CA CYS E 617 -34.78 -53.19 -58.73
C CYS E 617 -33.60 -52.68 -57.89
N THR E 618 -33.91 -51.96 -56.83
CA THR E 618 -32.87 -51.42 -55.95
C THR E 618 -33.31 -51.47 -54.48
N GLU E 619 -34.56 -51.83 -54.26
CA GLU E 619 -35.10 -51.91 -52.91
C GLU E 619 -35.99 -53.15 -52.75
N VAL E 620 -35.72 -54.17 -53.55
CA VAL E 620 -36.48 -55.41 -53.49
C VAL E 620 -36.34 -56.08 -52.13
N PRO E 621 -35.12 -56.32 -51.61
CA PRO E 621 -35.10 -56.98 -50.32
C PRO E 621 -34.95 -56.00 -49.16
N SER E 640 -26.49 -63.47 -59.60
CA SER E 640 -27.85 -63.78 -60.00
C SER E 640 -28.35 -62.85 -61.10
N ASN E 641 -29.62 -62.97 -61.43
CA ASN E 641 -30.22 -62.23 -62.54
C ASN E 641 -31.27 -61.27 -62.01
N VAL E 642 -30.94 -59.99 -61.95
CA VAL E 642 -31.90 -58.95 -61.70
C VAL E 642 -32.03 -58.13 -62.97
N PHE E 643 -33.25 -57.98 -63.45
CA PHE E 643 -33.53 -57.37 -64.73
C PHE E 643 -34.68 -56.41 -64.54
N GLN E 644 -34.53 -55.19 -65.03
CA GLN E 644 -35.52 -54.16 -64.85
C GLN E 644 -36.42 -54.08 -66.07
N THR E 645 -37.71 -54.03 -65.83
CA THR E 645 -38.72 -54.00 -66.87
C THR E 645 -39.59 -52.77 -66.64
N ARG E 646 -40.28 -52.35 -67.70
CA ARG E 646 -41.33 -51.36 -67.56
C ARG E 646 -42.49 -51.88 -66.69
N ALA E 647 -42.51 -53.18 -66.39
CA ALA E 647 -43.57 -53.78 -65.59
C ALA E 647 -43.12 -54.14 -64.18
N GLY E 648 -41.88 -53.87 -63.83
CA GLY E 648 -41.36 -54.19 -62.52
C GLY E 648 -39.98 -54.81 -62.57
N CYS E 649 -39.57 -55.37 -61.44
CA CYS E 649 -38.27 -56.00 -61.34
C CYS E 649 -38.39 -57.52 -61.37
N LEU E 650 -37.68 -58.13 -62.31
CA LEU E 650 -37.72 -59.56 -62.55
C LEU E 650 -36.47 -60.22 -61.99
N ILE E 651 -36.64 -61.27 -61.19
CA ILE E 651 -35.53 -61.97 -60.57
C ILE E 651 -35.63 -63.45 -60.91
N GLY E 652 -34.53 -64.01 -61.39
CA GLY E 652 -34.46 -65.43 -61.68
C GLY E 652 -34.59 -65.80 -63.13
N ALA E 653 -34.59 -64.83 -64.03
CA ALA E 653 -34.59 -65.07 -65.47
C ALA E 653 -33.49 -64.23 -66.08
N GLU E 654 -32.84 -64.75 -67.11
CA GLU E 654 -31.81 -64.01 -67.81
C GLU E 654 -32.38 -63.37 -69.07
N HIS E 655 -31.87 -62.19 -69.38
CA HIS E 655 -32.31 -61.43 -70.54
C HIS E 655 -31.46 -61.79 -71.74
N VAL E 656 -32.11 -62.22 -72.82
CA VAL E 656 -31.42 -62.56 -74.05
C VAL E 656 -31.75 -61.50 -75.10
N ASN E 657 -31.07 -61.59 -76.24
CA ASN E 657 -31.22 -60.62 -77.31
C ASN E 657 -32.02 -61.14 -78.49
N ASN E 658 -32.28 -62.44 -78.55
CA ASN E 658 -33.14 -63.03 -79.56
C ASN E 658 -34.57 -62.54 -79.39
N SER E 659 -35.46 -62.95 -80.28
CA SER E 659 -36.88 -62.64 -80.13
C SER E 659 -37.68 -63.81 -80.65
N TYR E 660 -38.54 -64.35 -79.80
CA TYR E 660 -39.34 -65.52 -80.12
C TYR E 660 -40.81 -65.12 -80.10
N GLU E 661 -41.66 -66.10 -80.35
CA GLU E 661 -43.09 -65.93 -80.14
C GLU E 661 -43.38 -65.95 -78.65
N CYS E 662 -44.38 -65.18 -78.24
CA CYS E 662 -44.61 -65.00 -76.82
C CYS E 662 -45.08 -66.30 -76.19
N ASP E 663 -44.58 -66.57 -74.98
CA ASP E 663 -44.89 -67.80 -74.28
C ASP E 663 -45.67 -67.53 -73.00
N ILE E 664 -45.05 -66.80 -72.08
CA ILE E 664 -45.65 -66.37 -70.83
C ILE E 664 -45.58 -64.86 -70.83
N PRO E 665 -46.69 -64.16 -70.81
CA PRO E 665 -46.66 -62.71 -70.98
C PRO E 665 -46.30 -61.99 -69.69
N ILE E 666 -45.21 -61.23 -69.71
CA ILE E 666 -44.84 -60.40 -68.57
C ILE E 666 -45.48 -59.03 -68.66
N GLY E 667 -45.27 -58.34 -69.76
CA GLY E 667 -45.92 -57.06 -69.97
C GLY E 667 -45.01 -56.09 -70.69
N ALA E 668 -45.62 -55.05 -71.23
CA ALA E 668 -44.91 -53.99 -71.97
C ALA E 668 -44.01 -54.56 -73.05
N GLY E 669 -44.47 -55.61 -73.72
CA GLY E 669 -43.73 -56.23 -74.79
C GLY E 669 -42.78 -57.33 -74.38
N ILE E 670 -42.68 -57.65 -73.10
CA ILE E 670 -41.72 -58.64 -72.60
C ILE E 670 -42.46 -59.92 -72.31
N CYS E 671 -41.89 -61.04 -72.79
CA CYS E 671 -42.35 -62.38 -72.41
C CYS E 671 -41.23 -63.22 -71.84
N ALA E 672 -41.58 -64.37 -71.27
CA ALA E 672 -40.63 -65.27 -70.65
C ALA E 672 -40.86 -66.67 -71.17
N SER E 673 -39.81 -67.49 -71.13
CA SER E 673 -39.94 -68.88 -71.53
C SER E 673 -38.91 -69.71 -70.79
N TYR E 674 -39.13 -71.02 -70.78
CA TYR E 674 -38.19 -71.97 -70.18
C TYR E 674 -37.37 -72.62 -71.28
N GLN E 675 -36.34 -71.93 -71.74
CA GLN E 675 -35.69 -72.45 -72.93
C GLN E 675 -34.18 -72.60 -72.82
N THR E 676 -33.52 -71.55 -72.37
CA THR E 676 -32.08 -71.41 -72.54
C THR E 676 -31.37 -71.25 -71.22
N GLN E 690 -32.19 -75.79 -68.39
CA GLN E 690 -31.87 -74.46 -68.90
C GLN E 690 -32.11 -73.40 -67.83
N SER E 691 -33.23 -72.68 -67.96
CA SER E 691 -33.59 -71.63 -67.01
C SER E 691 -34.73 -70.79 -67.54
N ILE E 692 -34.78 -69.52 -67.12
CA ILE E 692 -35.81 -68.61 -67.57
C ILE E 692 -35.15 -67.35 -68.14
N ILE E 693 -35.65 -66.89 -69.28
CA ILE E 693 -35.09 -65.71 -69.92
C ILE E 693 -36.13 -64.64 -70.24
N ALA E 694 -35.66 -63.44 -70.52
CA ALA E 694 -36.52 -62.31 -70.84
C ALA E 694 -36.18 -61.80 -72.24
N TYR E 695 -37.04 -60.95 -72.79
CA TYR E 695 -36.81 -60.41 -74.11
C TYR E 695 -38.05 -59.68 -74.61
N THR E 696 -38.04 -59.28 -75.87
CA THR E 696 -39.17 -58.59 -76.48
C THR E 696 -39.79 -59.48 -77.54
N MET E 697 -41.07 -59.77 -77.40
CA MET E 697 -41.74 -60.62 -78.35
C MET E 697 -41.65 -60.24 -79.77
N SER E 698 -41.99 -61.16 -80.62
CA SER E 698 -41.85 -61.07 -82.02
C SER E 698 -43.17 -60.92 -82.60
N LEU E 699 -43.32 -59.93 -83.47
CA LEU E 699 -44.60 -59.68 -84.11
C LEU E 699 -44.86 -60.75 -85.15
N GLY E 700 -43.80 -61.19 -85.82
CA GLY E 700 -43.93 -62.21 -86.85
C GLY E 700 -42.75 -62.18 -87.80
N ALA E 701 -42.74 -63.11 -88.75
CA ALA E 701 -41.66 -63.19 -89.74
C ALA E 701 -41.40 -61.83 -90.40
N GLU E 702 -41.03 -61.84 -91.67
CA GLU E 702 -40.78 -60.62 -92.41
C GLU E 702 -40.92 -61.06 -93.84
N ASN E 703 -41.96 -60.57 -94.52
CA ASN E 703 -42.18 -60.93 -95.92
C ASN E 703 -42.00 -59.69 -96.77
N SER E 704 -41.27 -59.80 -97.87
CA SER E 704 -41.05 -58.60 -98.71
C SER E 704 -41.61 -58.77 -100.11
N VAL E 705 -42.76 -58.18 -100.36
CA VAL E 705 -43.42 -58.25 -101.66
C VAL E 705 -42.64 -57.48 -102.72
N ALA E 706 -42.30 -58.16 -103.82
CA ALA E 706 -41.56 -57.54 -104.90
C ALA E 706 -42.51 -56.74 -105.79
N TYR E 707 -43.07 -55.67 -105.22
CA TYR E 707 -44.00 -54.83 -105.96
C TYR E 707 -43.34 -53.96 -107.02
N SER E 708 -43.98 -53.85 -108.17
CA SER E 708 -43.50 -53.04 -109.28
C SER E 708 -44.70 -52.54 -110.07
N ASN E 709 -44.49 -51.59 -110.98
CA ASN E 709 -45.59 -51.05 -111.76
C ASN E 709 -46.01 -51.86 -112.99
N ASN E 710 -45.62 -53.13 -113.03
CA ASN E 710 -45.97 -53.98 -114.16
C ASN E 710 -45.64 -55.45 -113.93
N SER E 711 -45.69 -55.86 -112.67
CA SER E 711 -45.41 -57.22 -112.25
C SER E 711 -46.62 -57.82 -111.53
N ILE E 712 -46.85 -59.10 -111.76
CA ILE E 712 -47.95 -59.83 -111.15
C ILE E 712 -47.47 -61.22 -110.79
N ALA E 713 -48.05 -61.77 -109.73
CA ALA E 713 -47.81 -63.14 -109.33
C ALA E 713 -49.13 -63.89 -109.40
N ILE E 714 -49.11 -65.08 -109.98
CA ILE E 714 -50.30 -65.88 -110.19
C ILE E 714 -50.02 -67.29 -109.69
N PRO E 715 -50.95 -67.92 -108.97
CA PRO E 715 -50.70 -69.25 -108.43
C PRO E 715 -50.84 -70.34 -109.48
N THR E 716 -50.04 -71.39 -109.34
CA THR E 716 -50.11 -72.50 -110.26
C THR E 716 -50.66 -73.77 -109.62
N ASN E 717 -50.92 -73.78 -108.32
CA ASN E 717 -51.43 -74.96 -107.67
C ASN E 717 -52.34 -74.52 -106.52
N PHE E 718 -52.83 -75.47 -105.74
CA PHE E 718 -53.64 -75.15 -104.59
C PHE E 718 -53.50 -76.25 -103.56
N THR E 719 -53.92 -75.95 -102.33
CA THR E 719 -54.11 -76.95 -101.31
C THR E 719 -55.52 -76.84 -100.74
N ILE E 720 -56.09 -78.00 -100.45
CA ILE E 720 -57.35 -78.09 -99.72
C ILE E 720 -57.01 -78.18 -98.25
N SER E 721 -57.45 -77.22 -97.46
CA SER E 721 -57.17 -77.25 -96.04
C SER E 721 -58.47 -77.32 -95.26
N VAL E 722 -58.43 -77.92 -94.07
CA VAL E 722 -59.58 -77.99 -93.20
C VAL E 722 -59.15 -77.70 -91.76
N THR E 723 -59.85 -76.78 -91.12
CA THR E 723 -59.54 -76.35 -89.77
C THR E 723 -60.76 -76.50 -88.88
N THR E 724 -60.55 -76.38 -87.58
CA THR E 724 -61.64 -76.48 -86.62
C THR E 724 -61.93 -75.15 -85.94
N GLU E 725 -63.16 -75.02 -85.46
CA GLU E 725 -63.56 -73.88 -84.64
C GLU E 725 -64.52 -74.37 -83.57
N ILE E 726 -64.24 -74.07 -82.31
CA ILE E 726 -64.97 -74.59 -81.16
C ILE E 726 -65.75 -73.46 -80.52
N LEU E 727 -67.03 -73.70 -80.23
CA LEU E 727 -67.84 -72.65 -79.63
C LEU E 727 -68.75 -73.20 -78.53
N PRO E 728 -68.77 -72.57 -77.36
CA PRO E 728 -69.76 -72.92 -76.33
C PRO E 728 -71.16 -72.44 -76.68
N VAL E 729 -72.16 -73.31 -76.44
CA VAL E 729 -73.53 -72.88 -76.68
C VAL E 729 -74.31 -72.85 -75.37
N SER E 730 -74.05 -73.75 -74.44
CA SER E 730 -74.83 -73.78 -73.21
C SER E 730 -73.93 -73.88 -71.99
N MET E 731 -74.54 -73.74 -70.82
CA MET E 731 -73.94 -74.02 -69.53
C MET E 731 -74.97 -74.77 -68.71
N THR E 732 -74.61 -75.14 -67.49
CA THR E 732 -75.45 -76.00 -66.68
C THR E 732 -76.55 -75.23 -65.98
N LYS E 733 -77.74 -75.82 -65.98
CA LYS E 733 -78.89 -75.24 -65.30
C LYS E 733 -78.89 -75.66 -63.84
N THR E 734 -78.75 -74.68 -62.96
CA THR E 734 -78.74 -74.94 -61.53
C THR E 734 -79.92 -74.24 -60.89
N SER E 735 -80.39 -74.81 -59.81
CA SER E 735 -81.43 -74.18 -59.01
C SER E 735 -80.96 -74.17 -57.56
N VAL E 736 -81.36 -73.14 -56.84
CA VAL E 736 -81.12 -73.07 -55.41
C VAL E 736 -82.47 -72.92 -54.73
N ASP E 737 -82.52 -73.36 -53.48
CA ASP E 737 -83.66 -73.14 -52.60
C ASP E 737 -83.17 -72.22 -51.49
N CYS E 738 -83.39 -70.92 -51.66
CA CYS E 738 -82.99 -69.90 -50.69
C CYS E 738 -83.17 -70.34 -49.25
N THR E 739 -84.36 -70.79 -48.88
CA THR E 739 -84.63 -71.09 -47.48
C THR E 739 -83.79 -72.25 -46.98
N MET E 740 -83.59 -73.27 -47.80
CA MET E 740 -82.83 -74.42 -47.36
C MET E 740 -81.33 -74.13 -47.32
N TYR E 741 -80.90 -73.09 -48.03
CA TYR E 741 -79.48 -72.73 -48.01
C TYR E 741 -79.20 -71.82 -46.83
N ILE E 742 -80.06 -70.84 -46.59
CA ILE E 742 -79.79 -69.86 -45.55
C ILE E 742 -80.10 -70.44 -44.18
N CYS E 743 -81.16 -71.21 -44.05
CA CYS E 743 -81.59 -71.68 -42.74
C CYS E 743 -81.38 -73.17 -42.55
N GLY E 744 -81.61 -73.97 -43.57
CA GLY E 744 -81.38 -75.39 -43.44
C GLY E 744 -82.38 -76.07 -42.53
N ASP E 745 -83.66 -75.89 -42.81
CA ASP E 745 -84.72 -76.54 -42.05
C ASP E 745 -84.74 -76.31 -40.54
N SER E 746 -84.85 -75.04 -40.16
CA SER E 746 -84.94 -74.66 -38.76
C SER E 746 -85.89 -73.48 -38.65
N THR E 747 -86.96 -73.65 -37.86
CA THR E 747 -88.05 -72.67 -37.88
C THR E 747 -87.65 -71.34 -37.28
N GLU E 748 -86.63 -71.31 -36.43
CA GLU E 748 -86.20 -70.04 -35.85
C GLU E 748 -85.61 -69.13 -36.92
N CYS E 749 -84.66 -69.65 -37.71
CA CYS E 749 -84.09 -68.85 -38.79
C CYS E 749 -85.13 -68.52 -39.84
N SER E 750 -86.05 -69.44 -40.10
CA SER E 750 -87.02 -69.23 -41.17
C SER E 750 -88.00 -68.12 -40.86
N ASN E 751 -88.27 -67.86 -39.59
CA ASN E 751 -89.17 -66.79 -39.24
C ASN E 751 -88.50 -65.44 -39.28
N LEU E 752 -87.25 -65.37 -38.87
CA LEU E 752 -86.45 -64.16 -39.04
C LEU E 752 -86.30 -63.76 -40.49
N LEU E 753 -86.21 -64.74 -41.40
CA LEU E 753 -86.02 -64.52 -42.81
C LEU E 753 -87.21 -63.81 -43.45
N LEU E 754 -88.42 -64.08 -42.98
CA LEU E 754 -89.61 -63.42 -43.47
C LEU E 754 -89.53 -61.91 -43.38
N GLN E 755 -88.69 -61.38 -42.49
CA GLN E 755 -88.56 -59.93 -42.33
C GLN E 755 -87.78 -59.29 -43.46
N TYR E 756 -87.23 -60.07 -44.37
CA TYR E 756 -86.43 -59.51 -45.44
C TYR E 756 -87.22 -59.33 -46.73
N GLY E 757 -88.47 -59.68 -46.74
CA GLY E 757 -89.33 -59.35 -47.86
C GLY E 757 -89.36 -60.47 -48.88
N SER E 758 -88.97 -60.15 -50.11
CA SER E 758 -89.10 -61.07 -51.22
C SER E 758 -87.78 -61.25 -51.96
N PHE E 759 -86.65 -61.12 -51.28
CA PHE E 759 -85.37 -61.29 -51.95
C PHE E 759 -85.23 -62.69 -52.54
N CYS E 760 -85.81 -63.67 -51.88
CA CYS E 760 -85.60 -65.05 -52.29
C CYS E 760 -86.60 -65.53 -53.33
N THR E 761 -87.59 -64.72 -53.66
CA THR E 761 -88.39 -64.99 -54.85
C THR E 761 -87.74 -64.39 -56.08
N GLN E 762 -87.08 -63.24 -55.91
CA GLN E 762 -86.30 -62.67 -56.98
C GLN E 762 -85.13 -63.55 -57.39
N LEU E 763 -84.39 -64.07 -56.42
CA LEU E 763 -83.26 -64.92 -56.79
C LEU E 763 -83.69 -66.13 -57.60
N ASN E 764 -84.77 -66.78 -57.21
CA ASN E 764 -85.28 -67.91 -57.95
C ASN E 764 -85.80 -67.52 -59.32
N ARG E 765 -86.46 -66.38 -59.44
CA ARG E 765 -86.89 -65.92 -60.75
C ARG E 765 -85.70 -65.72 -61.68
N ALA E 766 -84.61 -65.15 -61.15
CA ALA E 766 -83.43 -64.95 -61.98
C ALA E 766 -82.83 -66.26 -62.44
N LEU E 767 -82.66 -67.21 -61.53
CA LEU E 767 -82.08 -68.49 -61.93
C LEU E 767 -82.97 -69.27 -62.87
N THR E 768 -84.28 -69.17 -62.75
CA THR E 768 -85.17 -69.83 -63.69
C THR E 768 -85.11 -69.20 -65.07
N GLY E 769 -85.06 -67.88 -65.12
CA GLY E 769 -84.89 -67.20 -66.38
C GLY E 769 -83.61 -67.55 -67.10
N ILE E 770 -82.53 -67.81 -66.37
CA ILE E 770 -81.31 -68.23 -67.07
C ILE E 770 -81.26 -69.73 -67.33
N ALA E 771 -82.06 -70.54 -66.64
CA ALA E 771 -82.09 -71.96 -67.00
C ALA E 771 -83.00 -72.25 -68.18
N VAL E 772 -83.96 -71.39 -68.49
CA VAL E 772 -84.78 -71.60 -69.68
C VAL E 772 -84.03 -71.19 -70.95
N GLU E 773 -83.25 -70.13 -70.88
CA GLU E 773 -82.52 -69.70 -72.06
C GLU E 773 -81.36 -70.61 -72.42
N GLN E 774 -80.94 -71.53 -71.54
CA GLN E 774 -79.93 -72.48 -71.95
C GLN E 774 -80.47 -73.49 -72.93
N ASP E 775 -81.73 -73.87 -72.81
CA ASP E 775 -82.37 -74.72 -73.80
C ASP E 775 -82.75 -73.94 -75.04
N LYS E 776 -83.13 -72.68 -74.88
CA LYS E 776 -83.30 -71.85 -76.06
C LYS E 776 -82.01 -71.69 -76.86
N ASN E 777 -80.86 -71.64 -76.20
CA ASN E 777 -79.58 -71.51 -76.90
C ASN E 777 -79.32 -72.70 -77.80
N THR E 778 -79.56 -73.91 -77.32
CA THR E 778 -79.30 -75.11 -78.10
C THR E 778 -80.29 -75.29 -79.22
N GLN E 779 -81.56 -74.94 -78.98
CA GLN E 779 -82.56 -75.11 -80.00
C GLN E 779 -82.26 -74.29 -81.24
N GLU E 780 -81.65 -73.12 -81.10
CA GLU E 780 -81.43 -72.27 -82.24
C GLU E 780 -80.13 -72.55 -82.97
N VAL E 781 -79.21 -73.31 -82.38
CA VAL E 781 -78.04 -73.74 -83.12
C VAL E 781 -78.32 -75.03 -83.87
N PHE E 782 -79.09 -75.94 -83.28
CA PHE E 782 -79.13 -77.27 -83.86
C PHE E 782 -80.40 -77.61 -84.62
N ALA E 783 -81.55 -77.06 -84.23
CA ALA E 783 -82.79 -77.37 -84.94
C ALA E 783 -82.91 -76.42 -86.13
N GLN E 784 -82.02 -76.59 -87.09
CA GLN E 784 -82.01 -75.80 -88.31
C GLN E 784 -82.44 -76.65 -89.50
N VAL E 785 -83.18 -77.72 -89.24
CA VAL E 785 -83.71 -78.59 -90.27
C VAL E 785 -85.15 -78.89 -89.91
N LYS E 786 -85.95 -79.14 -90.93
CA LYS E 786 -87.30 -79.67 -90.73
C LYS E 786 -87.33 -81.18 -90.80
N GLN E 787 -86.71 -81.76 -91.82
CA GLN E 787 -86.62 -83.20 -91.97
C GLN E 787 -85.35 -83.74 -91.33
N ILE E 788 -85.39 -85.00 -90.96
CA ILE E 788 -84.19 -85.72 -90.56
C ILE E 788 -83.72 -86.48 -91.80
N TYR E 789 -82.68 -85.99 -92.43
CA TYR E 789 -82.20 -86.60 -93.66
C TYR E 789 -81.25 -87.73 -93.34
N LYS E 790 -81.33 -88.79 -94.13
CA LYS E 790 -80.45 -89.92 -94.02
C LYS E 790 -79.60 -90.03 -95.27
N THR E 791 -78.41 -90.58 -95.12
CA THR E 791 -77.51 -90.71 -96.25
C THR E 791 -77.75 -92.05 -96.94
N PRO E 792 -77.35 -92.19 -98.21
CA PRO E 792 -77.65 -93.42 -98.94
C PRO E 792 -76.78 -94.55 -98.45
N PRO E 793 -77.24 -95.79 -98.61
CA PRO E 793 -76.42 -96.93 -98.17
C PRO E 793 -75.13 -97.10 -98.97
N ILE E 794 -75.17 -96.98 -100.29
CA ILE E 794 -73.97 -97.07 -101.12
C ILE E 794 -73.44 -95.66 -101.33
N LYS E 795 -72.23 -95.41 -100.81
CA LYS E 795 -71.69 -94.06 -100.62
C LYS E 795 -70.53 -93.84 -101.57
N ASP E 796 -70.82 -93.38 -102.78
CA ASP E 796 -69.76 -93.01 -103.71
C ASP E 796 -69.89 -91.53 -104.02
N PHE E 797 -69.04 -90.74 -103.38
CA PHE E 797 -69.10 -89.29 -103.46
C PHE E 797 -67.94 -88.72 -104.27
N GLY E 798 -67.52 -89.44 -105.31
CA GLY E 798 -66.50 -88.96 -106.21
C GLY E 798 -65.08 -89.10 -105.74
N GLY E 799 -64.83 -89.98 -104.78
CA GLY E 799 -63.51 -90.12 -104.19
C GLY E 799 -63.38 -89.51 -102.83
N PHE E 800 -64.31 -88.67 -102.43
CA PHE E 800 -64.31 -88.08 -101.10
C PHE E 800 -64.84 -89.09 -100.10
N ASN E 801 -64.27 -89.07 -98.91
CA ASN E 801 -64.50 -90.10 -97.90
C ASN E 801 -64.90 -89.40 -96.61
N PHE E 802 -66.14 -89.57 -96.20
CA PHE E 802 -66.68 -88.89 -95.01
C PHE E 802 -66.88 -89.85 -93.85
N SER E 803 -66.12 -90.94 -93.79
CA SER E 803 -66.47 -92.00 -92.85
C SER E 803 -66.14 -91.67 -91.41
N GLN E 804 -65.20 -90.76 -91.16
CA GLN E 804 -64.86 -90.37 -89.79
C GLN E 804 -65.78 -89.30 -89.22
N ILE E 805 -66.71 -88.77 -90.00
CA ILE E 805 -67.67 -87.78 -89.51
C ILE E 805 -69.10 -88.20 -89.73
N LEU E 806 -69.32 -89.29 -90.25
CA LEU E 806 -70.67 -89.81 -90.37
C LEU E 806 -70.99 -90.72 -89.20
N PRO E 807 -72.25 -90.86 -88.82
CA PRO E 807 -72.58 -91.63 -87.61
C PRO E 807 -72.14 -93.08 -87.71
N ASP E 808 -71.82 -93.64 -86.54
CA ASP E 808 -71.32 -95.00 -86.41
C ASP E 808 -72.26 -95.80 -85.53
N PRO E 809 -72.92 -96.83 -86.06
CA PRO E 809 -73.94 -97.53 -85.25
C PRO E 809 -73.36 -98.31 -84.08
N SER E 810 -72.18 -98.90 -84.23
CA SER E 810 -71.56 -99.67 -83.17
C SER E 810 -70.97 -98.82 -82.06
N LYS E 811 -71.14 -97.49 -82.11
CA LYS E 811 -70.57 -96.57 -81.13
C LYS E 811 -71.61 -96.17 -80.10
N PRO E 812 -71.20 -95.47 -79.02
CA PRO E 812 -72.19 -95.00 -78.04
C PRO E 812 -72.97 -93.79 -78.52
N SER E 813 -74.29 -93.86 -78.41
CA SER E 813 -75.25 -92.83 -78.81
C SER E 813 -75.29 -92.61 -80.31
N LYS E 814 -74.73 -93.52 -81.12
CA LYS E 814 -74.72 -93.40 -82.57
C LYS E 814 -73.96 -92.15 -83.01
N ARG E 815 -72.84 -91.88 -82.36
CA ARG E 815 -72.02 -90.74 -82.71
C ARG E 815 -71.04 -91.09 -83.80
N SER E 816 -70.50 -90.05 -84.43
CA SER E 816 -69.42 -90.22 -85.37
C SER E 816 -68.12 -90.52 -84.64
N PHE E 817 -67.11 -90.90 -85.39
CA PHE E 817 -65.82 -91.24 -84.79
C PHE E 817 -65.16 -90.01 -84.17
N ILE E 818 -65.36 -88.84 -84.75
CA ILE E 818 -64.73 -87.63 -84.22
C ILE E 818 -65.58 -87.01 -83.12
N GLU E 819 -66.89 -87.28 -83.11
CA GLU E 819 -67.70 -86.84 -81.99
C GLU E 819 -67.40 -87.59 -80.72
N ASP E 820 -66.77 -88.76 -80.81
CA ASP E 820 -66.34 -89.50 -79.63
C ASP E 820 -65.07 -88.94 -79.03
N LEU E 821 -64.06 -88.68 -79.85
CA LEU E 821 -62.85 -88.06 -79.33
C LEU E 821 -63.14 -86.78 -78.59
N LEU E 822 -64.22 -86.08 -78.96
CA LEU E 822 -64.57 -84.84 -78.30
C LEU E 822 -65.26 -85.09 -76.97
N PHE E 823 -66.10 -86.11 -76.85
CA PHE E 823 -66.75 -86.41 -75.60
C PHE E 823 -65.85 -87.12 -74.61
N ASN E 824 -64.67 -87.54 -75.04
CA ASN E 824 -63.69 -88.13 -74.14
C ASN E 824 -62.66 -87.13 -73.66
N LYS E 825 -62.50 -86.00 -74.33
CA LYS E 825 -61.47 -85.05 -73.95
C LYS E 825 -61.98 -84.07 -72.92
N VAL E 826 -63.25 -83.70 -72.99
CA VAL E 826 -63.84 -82.81 -72.00
C VAL E 826 -65.07 -83.44 -71.37
N LYS E 854 -77.28 -82.25 -56.01
CA LYS E 854 -77.78 -82.44 -54.65
C LYS E 854 -76.73 -82.06 -53.61
N PHE E 855 -77.20 -81.65 -52.44
CA PHE E 855 -76.31 -81.25 -51.35
C PHE E 855 -77.11 -80.54 -50.26
N ASN E 856 -77.30 -79.23 -50.44
CA ASN E 856 -78.06 -78.40 -49.51
C ASN E 856 -78.75 -77.30 -50.29
N GLY E 857 -79.99 -77.56 -50.70
CA GLY E 857 -80.72 -76.60 -51.47
C GLY E 857 -80.21 -76.34 -52.87
N LEU E 858 -79.23 -77.11 -53.34
CA LEU E 858 -78.64 -76.92 -54.65
C LEU E 858 -78.97 -78.11 -55.53
N THR E 859 -79.53 -77.86 -56.70
CA THR E 859 -79.82 -78.93 -57.64
C THR E 859 -79.40 -78.54 -59.05
N VAL E 860 -79.26 -79.57 -59.88
CA VAL E 860 -78.87 -79.41 -61.28
C VAL E 860 -79.98 -80.00 -62.14
N LEU E 861 -80.53 -79.21 -63.02
CA LEU E 861 -81.60 -79.65 -63.90
C LEU E 861 -81.04 -80.18 -65.20
N PRO E 862 -81.63 -81.22 -65.76
CA PRO E 862 -81.13 -81.80 -67.00
C PRO E 862 -81.55 -80.97 -68.19
N PRO E 863 -80.77 -80.99 -69.27
CA PRO E 863 -81.17 -80.27 -70.48
C PRO E 863 -82.29 -80.99 -71.22
N LEU E 864 -83.07 -80.22 -71.96
CA LEU E 864 -84.25 -80.76 -72.62
C LEU E 864 -83.89 -81.71 -73.74
N LEU E 865 -82.90 -81.35 -74.55
CA LEU E 865 -82.37 -82.23 -75.58
C LEU E 865 -81.26 -83.08 -74.99
N THR E 866 -81.36 -84.39 -75.15
CA THR E 866 -80.31 -85.29 -74.75
C THR E 866 -79.13 -85.17 -75.71
N ASP E 867 -78.04 -85.87 -75.43
CA ASP E 867 -76.93 -85.86 -76.38
C ASP E 867 -77.22 -86.69 -77.62
N GLU E 868 -78.06 -87.69 -77.47
CA GLU E 868 -78.48 -88.50 -78.61
C GLU E 868 -79.26 -87.67 -79.62
N MET E 869 -80.16 -86.83 -79.13
CA MET E 869 -80.94 -85.96 -80.00
C MET E 869 -80.06 -84.95 -80.73
N ILE E 870 -79.06 -84.39 -80.07
CA ILE E 870 -78.20 -83.43 -80.74
C ILE E 870 -77.30 -84.12 -81.76
N ALA E 871 -76.85 -85.34 -81.49
CA ALA E 871 -76.10 -86.05 -82.51
C ALA E 871 -76.97 -86.42 -83.71
N GLN E 872 -78.24 -86.73 -83.47
CA GLN E 872 -79.20 -86.87 -84.54
C GLN E 872 -79.35 -85.62 -85.39
N TYR E 873 -79.44 -84.44 -84.77
CA TYR E 873 -79.54 -83.20 -85.50
C TYR E 873 -78.31 -82.95 -86.37
N THR E 874 -77.11 -83.16 -85.83
CA THR E 874 -75.95 -82.92 -86.66
C THR E 874 -75.80 -83.94 -87.77
N SER E 875 -76.23 -85.18 -87.58
CA SER E 875 -76.17 -86.10 -88.70
C SER E 875 -77.22 -85.77 -89.77
N ALA E 876 -78.36 -85.21 -89.41
CA ALA E 876 -79.27 -84.72 -90.44
C ALA E 876 -78.72 -83.52 -91.20
N LEU E 877 -78.05 -82.59 -90.53
CA LEU E 877 -77.41 -81.48 -91.26
C LEU E 877 -76.34 -82.01 -92.21
N LEU E 878 -75.53 -82.94 -91.73
CA LEU E 878 -74.42 -83.44 -92.51
C LEU E 878 -74.86 -84.31 -93.67
N ALA E 879 -75.96 -85.03 -93.55
CA ALA E 879 -76.46 -85.78 -94.69
C ALA E 879 -77.19 -84.90 -95.69
N GLY E 880 -77.77 -83.79 -95.25
CA GLY E 880 -78.34 -82.80 -96.13
C GLY E 880 -77.30 -82.13 -96.97
N THR E 881 -76.16 -81.78 -96.39
CA THR E 881 -75.17 -81.07 -97.18
C THR E 881 -74.34 -81.98 -98.09
N ILE E 882 -74.05 -83.21 -97.70
CA ILE E 882 -73.30 -84.12 -98.55
C ILE E 882 -74.09 -84.47 -99.80
N THR E 883 -75.39 -84.26 -99.77
CA THR E 883 -76.26 -84.92 -100.71
C THR E 883 -77.09 -83.94 -101.54
N SER E 884 -77.32 -82.74 -101.01
CA SER E 884 -78.13 -81.74 -101.71
C SER E 884 -77.45 -80.40 -101.85
N GLY E 885 -76.22 -80.25 -101.39
CA GLY E 885 -75.61 -78.95 -101.33
C GLY E 885 -76.38 -78.01 -100.42
N TRP E 886 -76.53 -76.78 -100.88
CA TRP E 886 -77.18 -75.71 -100.14
C TRP E 886 -78.66 -75.58 -100.44
N THR E 887 -79.25 -76.55 -101.13
CA THR E 887 -80.64 -76.42 -101.53
C THR E 887 -81.60 -76.71 -100.39
N PHE E 888 -81.21 -77.51 -99.41
CA PHE E 888 -82.14 -77.90 -98.37
C PHE E 888 -82.31 -76.78 -97.34
N GLY E 889 -81.40 -75.82 -97.30
CA GLY E 889 -81.56 -74.70 -96.41
C GLY E 889 -82.38 -73.57 -97.00
N ALA E 890 -82.90 -73.78 -98.21
CA ALA E 890 -83.76 -72.80 -98.85
C ALA E 890 -85.11 -73.35 -99.24
N GLY E 891 -85.36 -74.63 -99.03
CA GLY E 891 -86.58 -75.26 -99.49
C GLY E 891 -86.46 -76.76 -99.40
N ALA E 892 -87.07 -77.43 -100.35
CA ALA E 892 -86.92 -78.88 -100.45
C ALA E 892 -85.51 -79.23 -100.92
N ALA E 893 -84.98 -80.31 -100.38
CA ALA E 893 -83.67 -80.81 -100.76
C ALA E 893 -83.69 -81.38 -102.17
N LEU E 894 -82.79 -80.91 -103.02
CA LEU E 894 -82.64 -81.43 -104.37
C LEU E 894 -81.27 -82.07 -104.51
N GLN E 895 -81.23 -83.35 -104.84
CA GLN E 895 -79.97 -84.04 -104.94
C GLN E 895 -79.18 -83.60 -106.16
N ILE E 896 -77.86 -83.72 -106.04
CA ILE E 896 -76.90 -83.38 -107.08
C ILE E 896 -75.69 -84.25 -106.82
N PRO E 897 -74.98 -84.76 -107.82
CA PRO E 897 -73.78 -85.54 -107.56
C PRO E 897 -72.71 -84.68 -106.88
N PHE E 898 -71.89 -85.31 -106.03
CA PHE E 898 -71.05 -84.54 -105.13
C PHE E 898 -69.97 -83.75 -105.87
N ALA E 899 -69.41 -84.28 -106.96
CA ALA E 899 -68.38 -83.55 -107.67
C ALA E 899 -68.96 -82.37 -108.44
N MET E 900 -70.21 -82.44 -108.86
CA MET E 900 -70.80 -81.28 -109.50
C MET E 900 -71.11 -80.19 -108.48
N GLN E 901 -71.44 -80.58 -107.26
CA GLN E 901 -71.56 -79.61 -106.19
C GLN E 901 -70.22 -78.95 -105.88
N MET E 902 -69.15 -79.73 -105.83
CA MET E 902 -67.80 -79.20 -105.66
C MET E 902 -67.44 -78.23 -106.77
N ALA E 903 -67.85 -78.52 -108.01
CA ALA E 903 -67.61 -77.59 -109.10
C ALA E 903 -68.38 -76.28 -108.97
N TYR E 904 -69.62 -76.33 -108.53
CA TYR E 904 -70.34 -75.10 -108.20
C TYR E 904 -69.64 -74.27 -107.14
N ARG E 905 -69.14 -74.92 -106.08
CA ARG E 905 -68.42 -74.20 -105.05
C ARG E 905 -67.13 -73.60 -105.57
N PHE E 906 -66.43 -74.27 -106.48
CA PHE E 906 -65.26 -73.67 -107.11
C PHE E 906 -65.64 -72.46 -107.94
N ASN E 907 -66.76 -72.51 -108.65
CA ASN E 907 -67.27 -71.33 -109.33
C ASN E 907 -67.51 -70.20 -108.35
N GLY E 908 -67.97 -70.50 -107.15
CA GLY E 908 -68.29 -69.46 -106.20
C GLY E 908 -67.09 -68.71 -105.67
N ILE E 909 -65.89 -69.27 -105.78
CA ILE E 909 -64.67 -68.57 -105.41
C ILE E 909 -63.91 -68.05 -106.62
N GLY E 910 -64.51 -68.11 -107.80
CA GLY E 910 -63.86 -67.58 -108.99
C GLY E 910 -62.85 -68.45 -109.69
N VAL E 911 -62.95 -69.76 -109.57
CA VAL E 911 -62.17 -70.69 -110.38
C VAL E 911 -63.14 -71.38 -111.33
N THR E 912 -62.64 -71.78 -112.49
CA THR E 912 -63.54 -72.44 -113.43
C THR E 912 -63.70 -73.91 -113.09
N GLN E 913 -64.68 -74.54 -113.73
CA GLN E 913 -65.10 -75.88 -113.35
C GLN E 913 -64.17 -76.96 -113.87
N ASN E 914 -63.60 -76.76 -115.05
CA ASN E 914 -62.62 -77.68 -115.56
C ASN E 914 -61.42 -77.84 -114.62
N VAL E 915 -61.12 -76.85 -113.79
CA VAL E 915 -60.03 -76.98 -112.83
C VAL E 915 -60.38 -77.99 -111.75
N LEU E 916 -61.65 -78.13 -111.39
CA LEU E 916 -62.03 -79.23 -110.50
C LEU E 916 -62.09 -80.56 -111.24
N TYR E 917 -62.67 -80.58 -112.43
CA TYR E 917 -62.89 -81.88 -113.04
C TYR E 917 -61.60 -82.51 -113.53
N GLU E 918 -60.58 -81.71 -113.81
CA GLU E 918 -59.31 -82.27 -114.24
C GLU E 918 -58.37 -82.58 -113.10
N ASN E 919 -58.73 -82.20 -111.88
CA ASN E 919 -57.91 -82.41 -110.70
C ASN E 919 -58.73 -83.12 -109.63
N GLN E 920 -59.76 -83.82 -110.04
CA GLN E 920 -60.66 -84.48 -109.09
C GLN E 920 -59.92 -85.41 -108.12
N LYS E 921 -59.11 -86.33 -108.62
CA LYS E 921 -58.49 -87.28 -107.71
C LYS E 921 -57.49 -86.61 -106.77
N LEU E 922 -56.79 -85.60 -107.24
CA LEU E 922 -55.86 -84.89 -106.36
C LEU E 922 -56.59 -84.10 -105.29
N ILE E 923 -57.69 -83.45 -105.65
CA ILE E 923 -58.46 -82.67 -104.69
C ILE E 923 -59.10 -83.59 -103.66
N ALA E 924 -59.55 -84.76 -104.09
CA ALA E 924 -60.13 -85.73 -103.17
C ALA E 924 -59.08 -86.34 -102.24
N ASN E 925 -57.89 -86.63 -102.76
CA ASN E 925 -56.82 -87.11 -101.89
C ASN E 925 -56.39 -86.08 -100.88
N GLN E 926 -56.24 -84.83 -101.28
CA GLN E 926 -55.93 -83.77 -100.32
C GLN E 926 -56.99 -83.64 -99.25
N PHE E 927 -58.27 -83.68 -99.63
CA PHE E 927 -59.32 -83.61 -98.63
C PHE E 927 -59.27 -84.77 -97.66
N ASN E 928 -59.09 -86.01 -98.17
CA ASN E 928 -59.06 -87.17 -97.28
C ASN E 928 -57.87 -87.13 -96.34
N SER E 929 -56.72 -86.75 -96.85
CA SER E 929 -55.53 -86.65 -96.03
C SER E 929 -55.61 -85.53 -95.01
N ALA E 930 -56.39 -84.49 -95.27
CA ALA E 930 -56.54 -83.41 -94.31
C ALA E 930 -57.61 -83.68 -93.27
N ILE E 931 -58.62 -84.48 -93.60
CA ILE E 931 -59.54 -84.96 -92.58
C ILE E 931 -58.85 -85.96 -91.68
N GLY E 932 -57.89 -86.72 -92.21
CA GLY E 932 -57.13 -87.64 -91.39
C GLY E 932 -56.24 -86.99 -90.35
N LYS E 933 -55.93 -85.70 -90.50
CA LYS E 933 -55.06 -85.04 -89.55
C LYS E 933 -55.80 -84.39 -88.40
N ILE E 934 -57.04 -83.94 -88.63
CA ILE E 934 -57.89 -83.51 -87.52
C ILE E 934 -57.96 -84.62 -86.48
N GLN E 935 -58.13 -85.85 -86.94
CA GLN E 935 -58.32 -86.98 -86.05
C GLN E 935 -57.07 -87.23 -85.21
N ASP E 936 -55.89 -87.07 -85.79
CA ASP E 936 -54.65 -87.20 -85.03
C ASP E 936 -54.49 -86.05 -84.04
N SER E 937 -54.58 -84.82 -84.51
CA SER E 937 -54.39 -83.67 -83.65
C SER E 937 -55.37 -83.65 -82.48
N LEU E 938 -56.57 -84.18 -82.63
CA LEU E 938 -57.45 -84.27 -81.48
C LEU E 938 -57.17 -85.51 -80.65
N SER E 939 -56.96 -86.66 -81.27
CA SER E 939 -56.69 -87.89 -80.56
C SER E 939 -55.41 -87.81 -79.73
N SER E 940 -54.51 -86.89 -80.04
CA SER E 940 -53.23 -86.82 -79.33
C SER E 940 -53.29 -85.87 -78.15
N ALA E 944 -56.99 -78.81 -76.50
CA ALA E 944 -57.49 -78.08 -77.67
C ALA E 944 -58.94 -77.61 -77.45
N LEU E 945 -59.67 -78.32 -76.61
CA LEU E 945 -61.02 -77.89 -76.23
C LEU E 945 -60.98 -77.06 -74.95
N GLY E 946 -60.07 -76.08 -74.90
CA GLY E 946 -59.97 -75.24 -73.73
C GLY E 946 -61.13 -74.30 -73.54
N LYS E 947 -61.75 -73.83 -74.63
CA LYS E 947 -62.89 -72.94 -74.49
C LYS E 947 -64.10 -73.65 -73.90
N LEU E 948 -64.24 -74.95 -74.13
CA LEU E 948 -65.31 -75.69 -73.50
C LEU E 948 -64.97 -76.08 -72.08
N GLN E 949 -63.71 -76.35 -71.81
CA GLN E 949 -63.27 -76.67 -70.47
C GLN E 949 -63.38 -75.49 -69.51
N ASP E 950 -63.16 -74.27 -70.02
CA ASP E 950 -63.18 -73.11 -69.14
C ASP E 950 -64.56 -72.81 -68.61
N VAL E 951 -65.61 -73.00 -69.41
CA VAL E 951 -66.94 -72.69 -68.89
C VAL E 951 -67.37 -73.73 -67.87
N VAL E 952 -66.94 -74.98 -68.03
CA VAL E 952 -67.20 -75.98 -66.99
C VAL E 952 -66.47 -75.61 -65.70
N ASN E 953 -65.18 -75.28 -65.81
CA ASN E 953 -64.39 -74.94 -64.64
C ASN E 953 -64.94 -73.73 -63.91
N GLN E 954 -65.33 -72.67 -64.61
CA GLN E 954 -65.86 -71.48 -63.96
C GLN E 954 -67.11 -71.78 -63.14
N ASN E 955 -68.04 -72.53 -63.72
CA ASN E 955 -69.26 -72.86 -63.00
C ASN E 955 -68.99 -73.71 -61.78
N ALA E 956 -68.11 -74.70 -61.87
CA ALA E 956 -67.77 -75.50 -60.70
C ALA E 956 -67.05 -74.69 -59.63
N GLN E 957 -66.12 -73.82 -60.02
CA GLN E 957 -65.44 -72.97 -59.07
C GLN E 957 -66.39 -72.02 -58.36
N ALA E 958 -67.47 -71.61 -59.02
CA ALA E 958 -68.43 -70.75 -58.34
C ALA E 958 -69.34 -71.55 -57.42
N LEU E 959 -69.79 -72.73 -57.85
CA LEU E 959 -70.63 -73.54 -56.98
C LEU E 959 -69.89 -74.00 -55.73
N ASN E 960 -68.57 -74.19 -55.82
CA ASN E 960 -67.83 -74.59 -54.63
C ASN E 960 -67.66 -73.43 -53.67
N THR E 961 -67.38 -72.24 -54.19
CA THR E 961 -67.33 -71.06 -53.35
C THR E 961 -68.66 -70.78 -52.66
N LEU E 962 -69.78 -71.12 -53.30
CA LEU E 962 -71.05 -70.93 -52.63
C LEU E 962 -71.22 -71.82 -51.41
N VAL E 963 -70.82 -73.09 -51.52
CA VAL E 963 -70.96 -74.01 -50.40
C VAL E 963 -69.93 -73.73 -49.32
N LYS E 964 -68.72 -73.36 -49.70
CA LYS E 964 -67.68 -73.07 -48.72
C LYS E 964 -67.99 -71.84 -47.88
N GLN E 965 -69.04 -71.10 -48.20
CA GLN E 965 -69.43 -69.95 -47.40
C GLN E 965 -70.38 -70.34 -46.28
N LEU E 966 -70.88 -71.56 -46.28
CA LEU E 966 -71.77 -72.05 -45.22
C LEU E 966 -70.99 -72.38 -43.96
N SER E 967 -69.70 -72.04 -43.95
CA SER E 967 -68.88 -72.31 -42.79
C SER E 967 -68.07 -71.09 -42.41
N SER E 968 -68.65 -69.92 -42.54
CA SER E 968 -68.06 -68.69 -42.04
C SER E 968 -69.01 -68.08 -41.01
N ASN E 969 -68.43 -67.37 -40.04
CA ASN E 969 -69.21 -66.79 -38.96
C ASN E 969 -69.87 -65.49 -39.35
N PHE E 970 -69.18 -64.67 -40.14
CA PHE E 970 -69.56 -63.30 -40.41
C PHE E 970 -69.71 -62.48 -39.14
N GLY E 971 -68.98 -62.85 -38.09
CA GLY E 971 -69.11 -62.14 -36.82
C GLY E 971 -70.17 -62.72 -35.93
N ALA E 972 -70.11 -64.02 -35.69
CA ALA E 972 -71.02 -64.69 -34.80
C ALA E 972 -70.21 -65.68 -33.97
N ILE E 973 -70.87 -66.36 -33.04
CA ILE E 973 -70.13 -67.27 -32.18
C ILE E 973 -69.80 -68.58 -32.86
N SER E 974 -70.62 -69.04 -33.79
CA SER E 974 -70.27 -70.21 -34.58
C SER E 974 -70.90 -70.09 -35.96
N SER E 975 -70.81 -71.16 -36.73
CA SER E 975 -71.40 -71.26 -38.06
C SER E 975 -72.58 -72.21 -38.08
N VAL E 976 -72.96 -72.76 -36.94
CA VAL E 976 -74.00 -73.78 -36.86
C VAL E 976 -75.18 -73.19 -36.12
N LEU E 977 -76.38 -73.39 -36.65
CA LEU E 977 -77.56 -72.90 -35.95
C LEU E 977 -77.92 -73.78 -34.76
N ASN E 978 -77.52 -75.04 -34.78
CA ASN E 978 -77.71 -75.90 -33.62
C ASN E 978 -76.71 -75.61 -32.51
N ASP E 979 -75.78 -74.69 -32.73
CA ASP E 979 -74.89 -74.24 -31.66
C ASP E 979 -75.28 -72.89 -31.11
N ILE E 980 -75.95 -72.05 -31.89
CA ILE E 980 -76.51 -70.83 -31.33
C ILE E 980 -77.84 -71.10 -30.67
N LEU E 981 -78.56 -72.13 -31.11
CA LEU E 981 -79.79 -72.54 -30.45
C LEU E 981 -79.55 -73.50 -29.30
N SER E 982 -78.32 -73.66 -28.84
CA SER E 982 -78.03 -74.54 -27.72
C SER E 982 -77.25 -73.86 -26.59
N ARG E 983 -76.55 -72.77 -26.85
CA ARG E 983 -75.89 -72.04 -25.77
C ARG E 983 -76.27 -70.57 -25.81
N LEU E 984 -77.52 -70.28 -26.09
CA LEU E 984 -78.03 -68.92 -26.03
C LEU E 984 -79.54 -68.99 -25.87
N ASP E 985 -80.07 -68.08 -25.06
CA ASP E 985 -81.51 -67.96 -24.92
C ASP E 985 -82.08 -67.21 -26.10
N PRO E 986 -83.36 -67.41 -26.41
CA PRO E 986 -83.95 -66.86 -27.65
C PRO E 986 -83.70 -65.37 -27.82
N PRO E 987 -83.73 -64.55 -26.77
CA PRO E 987 -83.44 -63.13 -26.99
C PRO E 987 -82.01 -62.85 -27.43
N GLU E 988 -81.07 -63.72 -27.10
CA GLU E 988 -79.68 -63.52 -27.49
C GLU E 988 -79.31 -64.24 -28.77
N ALA E 989 -80.08 -65.25 -29.16
CA ALA E 989 -79.79 -65.98 -30.37
C ALA E 989 -80.33 -65.27 -31.62
N GLU E 990 -81.31 -64.40 -31.46
CA GLU E 990 -81.76 -63.59 -32.60
C GLU E 990 -80.63 -62.74 -33.16
N VAL E 991 -79.86 -62.11 -32.29
CA VAL E 991 -78.81 -61.21 -32.73
C VAL E 991 -77.70 -61.97 -33.44
N GLN E 992 -77.49 -63.21 -33.05
CA GLN E 992 -76.45 -64.02 -33.65
C GLN E 992 -76.92 -64.71 -34.91
N ILE E 993 -78.21 -65.00 -35.01
CA ILE E 993 -78.76 -65.60 -36.22
C ILE E 993 -78.85 -64.57 -37.32
N ASP E 994 -79.18 -63.32 -36.99
CA ASP E 994 -79.23 -62.29 -38.01
C ASP E 994 -77.89 -62.03 -38.65
N ARG E 995 -76.79 -62.14 -37.91
CA ARG E 995 -75.47 -61.95 -38.49
C ARG E 995 -75.15 -63.01 -39.53
N LEU E 996 -75.64 -64.23 -39.33
CA LEU E 996 -75.48 -65.28 -40.32
C LEU E 996 -76.40 -65.09 -41.50
N ILE E 997 -77.65 -64.68 -41.25
CA ILE E 997 -78.60 -64.46 -42.32
C ILE E 997 -78.08 -63.41 -43.29
N THR E 998 -77.57 -62.29 -42.76
CA THR E 998 -77.09 -61.23 -43.63
C THR E 998 -75.94 -61.69 -44.51
N GLY E 999 -74.97 -62.41 -43.94
CA GLY E 999 -73.86 -62.91 -44.70
C GLY E 999 -74.26 -63.90 -45.76
N ARG E 1000 -75.08 -64.89 -45.42
CA ARG E 1000 -75.51 -65.87 -46.38
C ARG E 1000 -76.36 -65.27 -47.50
N LEU E 1001 -77.19 -64.28 -47.20
CA LEU E 1001 -77.93 -63.61 -48.25
C LEU E 1001 -76.99 -62.87 -49.19
N GLN E 1002 -76.01 -62.16 -48.64
CA GLN E 1002 -75.03 -61.51 -49.47
C GLN E 1002 -74.33 -62.49 -50.40
N SER E 1003 -73.94 -63.64 -49.89
CA SER E 1003 -73.19 -64.59 -50.70
C SER E 1003 -74.06 -65.21 -51.80
N LEU E 1004 -75.30 -65.55 -51.48
CA LEU E 1004 -76.21 -66.06 -52.49
C LEU E 1004 -76.50 -65.02 -53.58
N GLN E 1005 -76.63 -63.76 -53.21
CA GLN E 1005 -76.94 -62.77 -54.23
C GLN E 1005 -75.72 -62.44 -55.09
N THR E 1006 -74.52 -62.53 -54.53
CA THR E 1006 -73.32 -62.42 -55.36
C THR E 1006 -73.24 -63.56 -56.37
N TYR E 1007 -73.50 -64.78 -55.92
CA TYR E 1007 -73.59 -65.90 -56.86
C TYR E 1007 -74.59 -65.64 -57.98
N VAL E 1008 -75.74 -65.06 -57.65
CA VAL E 1008 -76.76 -64.91 -58.70
C VAL E 1008 -76.42 -63.77 -59.66
N THR E 1009 -75.71 -62.75 -59.20
CA THR E 1009 -75.28 -61.70 -60.14
C THR E 1009 -74.24 -62.21 -61.12
N GLN E 1010 -73.23 -62.92 -60.62
CA GLN E 1010 -72.18 -63.38 -61.51
C GLN E 1010 -72.64 -64.40 -62.53
N GLN E 1011 -73.69 -65.15 -62.23
CA GLN E 1011 -74.31 -66.05 -63.19
C GLN E 1011 -75.06 -65.31 -64.30
N LEU E 1012 -75.74 -64.21 -63.98
CA LEU E 1012 -76.34 -63.39 -65.02
C LEU E 1012 -75.28 -62.84 -65.97
N ILE E 1013 -74.15 -62.41 -65.40
CA ILE E 1013 -73.12 -61.83 -66.25
C ILE E 1013 -72.42 -62.90 -67.08
N ARG E 1014 -72.31 -64.13 -66.59
CA ARG E 1014 -71.72 -65.21 -67.36
C ARG E 1014 -72.67 -65.79 -68.40
N ALA E 1015 -73.96 -65.82 -68.10
CA ALA E 1015 -74.94 -66.25 -69.08
C ALA E 1015 -75.09 -65.27 -70.23
N ALA E 1016 -75.00 -63.97 -69.98
CA ALA E 1016 -75.04 -63.02 -71.09
C ALA E 1016 -73.88 -63.19 -72.06
N GLU E 1017 -72.79 -63.80 -71.62
CA GLU E 1017 -71.65 -64.03 -72.49
C GLU E 1017 -71.80 -65.36 -73.24
N ILE E 1018 -72.32 -66.39 -72.58
CA ILE E 1018 -72.63 -67.64 -73.29
C ILE E 1018 -73.69 -67.41 -74.35
N ARG E 1019 -74.58 -66.45 -74.13
CA ARG E 1019 -75.66 -66.19 -75.07
C ARG E 1019 -75.14 -65.64 -76.38
N ALA E 1020 -74.15 -64.74 -76.32
CA ALA E 1020 -73.56 -64.18 -77.52
C ALA E 1020 -72.75 -65.19 -78.31
N SER E 1021 -72.07 -66.10 -77.64
CA SER E 1021 -71.38 -67.19 -78.30
C SER E 1021 -72.34 -68.12 -79.02
N ALA E 1022 -73.45 -68.50 -78.39
CA ALA E 1022 -74.46 -69.29 -79.06
C ALA E 1022 -75.13 -68.56 -80.20
N ASN E 1023 -75.26 -67.23 -80.11
CA ASN E 1023 -75.80 -66.46 -81.22
C ASN E 1023 -74.86 -66.42 -82.41
N LEU E 1024 -73.54 -66.40 -82.15
CA LEU E 1024 -72.57 -66.52 -83.22
C LEU E 1024 -72.54 -67.92 -83.83
N ALA E 1025 -72.66 -68.96 -83.01
CA ALA E 1025 -72.73 -70.32 -83.51
C ALA E 1025 -73.96 -70.55 -84.38
N ALA E 1026 -75.08 -69.96 -84.03
CA ALA E 1026 -76.26 -70.08 -84.86
C ALA E 1026 -76.13 -69.39 -86.20
N THR E 1027 -75.39 -68.30 -86.28
CA THR E 1027 -75.11 -67.61 -87.53
C THR E 1027 -74.11 -68.36 -88.39
N LYS E 1028 -73.08 -68.95 -87.79
CA LYS E 1028 -72.17 -69.79 -88.53
C LYS E 1028 -72.83 -71.06 -89.05
N MET E 1029 -73.75 -71.65 -88.31
CA MET E 1029 -74.45 -72.81 -88.86
C MET E 1029 -75.28 -72.42 -90.09
N SER E 1030 -75.87 -71.23 -90.11
CA SER E 1030 -76.64 -70.78 -91.26
C SER E 1030 -75.75 -70.42 -92.44
N GLU E 1031 -74.66 -69.74 -92.19
CA GLU E 1031 -73.90 -69.11 -93.25
C GLU E 1031 -72.70 -69.94 -93.72
N CYS E 1032 -72.22 -70.88 -92.94
CA CYS E 1032 -71.13 -71.72 -93.37
C CYS E 1032 -71.54 -73.16 -93.64
N VAL E 1033 -72.58 -73.67 -93.01
CA VAL E 1033 -73.01 -75.03 -93.21
C VAL E 1033 -74.14 -75.13 -94.21
N LEU E 1034 -75.11 -74.23 -94.19
CA LEU E 1034 -76.17 -74.23 -95.19
C LEU E 1034 -75.92 -73.27 -96.33
N GLY E 1035 -74.72 -72.72 -96.44
CA GLY E 1035 -74.39 -71.88 -97.56
C GLY E 1035 -72.91 -71.88 -97.87
N GLN E 1036 -72.50 -71.05 -98.81
CA GLN E 1036 -71.11 -70.71 -99.05
C GLN E 1036 -70.93 -69.22 -98.73
N SER E 1037 -70.04 -68.91 -97.81
CA SER E 1037 -69.86 -67.52 -97.42
C SER E 1037 -68.78 -66.85 -98.23
N LYS E 1038 -69.00 -65.56 -98.51
CA LYS E 1038 -68.00 -64.70 -99.12
C LYS E 1038 -67.30 -63.79 -98.13
N ARG E 1039 -67.84 -63.63 -96.92
CA ARG E 1039 -67.19 -62.87 -95.89
C ARG E 1039 -65.79 -63.41 -95.62
N VAL E 1040 -64.82 -62.53 -95.49
CA VAL E 1040 -63.44 -62.95 -95.32
C VAL E 1040 -63.20 -63.37 -93.88
N ASP E 1041 -62.62 -64.56 -93.71
CA ASP E 1041 -62.23 -65.11 -92.40
C ASP E 1041 -63.42 -65.29 -91.47
N PHE E 1042 -64.56 -65.68 -92.02
CA PHE E 1042 -65.72 -65.99 -91.21
C PHE E 1042 -65.95 -67.47 -91.07
N CYS E 1043 -65.55 -68.24 -92.08
CA CYS E 1043 -65.70 -69.68 -92.11
C CYS E 1043 -64.35 -70.30 -92.45
N GLY E 1044 -63.33 -69.91 -91.70
CA GLY E 1044 -61.98 -70.41 -91.89
C GLY E 1044 -61.07 -69.35 -92.48
N LYS E 1045 -59.87 -69.79 -92.82
CA LYS E 1045 -58.87 -68.91 -93.42
C LYS E 1045 -58.46 -69.49 -94.76
N GLY E 1046 -58.71 -68.73 -95.81
CA GLY E 1046 -58.66 -69.16 -97.19
C GLY E 1046 -59.93 -68.74 -97.85
N TYR E 1047 -60.30 -69.41 -98.92
CA TYR E 1047 -61.56 -69.18 -99.61
C TYR E 1047 -62.52 -70.28 -99.22
N HIS E 1048 -63.64 -69.91 -98.59
CA HIS E 1048 -64.55 -70.91 -98.06
C HIS E 1048 -65.12 -71.79 -99.15
N LEU E 1049 -64.95 -73.10 -99.01
CA LEU E 1049 -65.69 -74.05 -99.82
C LEU E 1049 -66.90 -74.59 -99.09
N MET E 1050 -66.71 -75.24 -97.93
CA MET E 1050 -67.85 -75.84 -97.25
C MET E 1050 -67.50 -76.08 -95.79
N SER E 1051 -68.51 -76.37 -94.98
CA SER E 1051 -68.34 -76.54 -93.55
C SER E 1051 -69.16 -77.73 -93.08
N PHE E 1052 -68.67 -78.41 -92.04
CA PHE E 1052 -69.35 -79.57 -91.44
C PHE E 1052 -69.47 -79.39 -89.94
N PRO E 1053 -70.65 -79.59 -89.36
CA PRO E 1053 -70.80 -79.49 -87.91
C PRO E 1053 -70.60 -80.82 -87.19
N GLN E 1054 -70.09 -80.72 -85.96
CA GLN E 1054 -69.95 -81.83 -85.04
C GLN E 1054 -70.36 -81.36 -83.65
N SER E 1055 -71.07 -82.20 -82.92
CA SER E 1055 -71.51 -81.82 -81.58
C SER E 1055 -70.39 -82.07 -80.58
N ALA E 1056 -70.36 -81.25 -79.54
CA ALA E 1056 -69.40 -81.35 -78.46
C ALA E 1056 -70.18 -81.29 -77.16
N PRO E 1057 -69.54 -81.57 -76.01
CA PRO E 1057 -70.27 -81.55 -74.74
C PRO E 1057 -71.21 -80.39 -74.47
N HIS E 1058 -70.77 -79.14 -74.50
CA HIS E 1058 -71.69 -78.03 -74.36
C HIS E 1058 -71.52 -77.04 -75.49
N GLY E 1059 -71.22 -77.53 -76.68
CA GLY E 1059 -70.98 -76.66 -77.78
C GLY E 1059 -70.91 -77.39 -79.08
N VAL E 1060 -70.29 -76.74 -80.05
CA VAL E 1060 -70.26 -77.25 -81.41
C VAL E 1060 -68.88 -76.97 -81.99
N VAL E 1061 -68.41 -77.91 -82.79
CA VAL E 1061 -67.18 -77.80 -83.56
C VAL E 1061 -67.56 -77.68 -85.03
N PHE E 1062 -67.01 -76.69 -85.71
CA PHE E 1062 -67.13 -76.59 -87.15
C PHE E 1062 -65.83 -77.02 -87.79
N LEU E 1063 -65.92 -77.86 -88.81
CA LEU E 1063 -64.80 -78.24 -89.65
C LEU E 1063 -64.94 -77.46 -90.95
N HIS E 1064 -64.06 -76.50 -91.18
CA HIS E 1064 -64.10 -75.62 -92.33
C HIS E 1064 -63.16 -76.14 -93.41
N VAL E 1065 -63.67 -76.31 -94.61
CA VAL E 1065 -62.91 -76.72 -95.77
C VAL E 1065 -62.75 -75.51 -96.67
N THR E 1066 -61.51 -75.09 -96.89
CA THR E 1066 -61.19 -73.94 -97.71
C THR E 1066 -60.15 -74.28 -98.76
N TYR E 1067 -60.10 -73.43 -99.77
CA TYR E 1067 -59.16 -73.46 -100.87
C TYR E 1067 -58.05 -72.48 -100.59
N VAL E 1068 -56.80 -72.89 -100.76
CA VAL E 1068 -55.65 -72.02 -100.55
C VAL E 1068 -54.77 -72.07 -101.80
N PRO E 1069 -54.49 -70.96 -102.45
CA PRO E 1069 -53.60 -71.00 -103.62
C PRO E 1069 -52.15 -71.19 -103.25
N ALA E 1070 -51.39 -71.78 -104.17
CA ALA E 1070 -50.02 -72.18 -103.87
C ALA E 1070 -49.16 -72.08 -105.11
N GLN E 1071 -47.85 -72.01 -104.87
CA GLN E 1071 -46.81 -72.09 -105.89
C GLN E 1071 -46.91 -71.03 -106.97
N GLU E 1072 -46.73 -69.78 -106.60
CA GLU E 1072 -46.93 -68.65 -107.50
C GLU E 1072 -45.70 -68.39 -108.36
N LYS E 1073 -45.95 -67.85 -109.56
CA LYS E 1073 -44.91 -67.35 -110.44
C LYS E 1073 -45.17 -65.89 -110.71
N ASN E 1074 -44.13 -65.11 -111.02
CA ASN E 1074 -44.36 -63.80 -111.58
C ASN E 1074 -44.32 -63.82 -113.09
N PHE E 1075 -45.12 -62.94 -113.67
CA PHE E 1075 -45.18 -62.59 -115.08
C PHE E 1075 -45.17 -61.08 -115.14
N THR E 1076 -45.25 -60.51 -116.34
CA THR E 1076 -45.43 -59.07 -116.49
C THR E 1076 -46.82 -58.82 -117.05
N THR E 1077 -47.43 -57.71 -116.67
CA THR E 1077 -48.81 -57.41 -117.00
C THR E 1077 -48.93 -56.09 -117.75
N ALA E 1078 -50.10 -55.92 -118.36
CA ALA E 1078 -50.54 -54.67 -118.93
C ALA E 1078 -52.03 -54.54 -118.66
N PRO E 1079 -52.54 -53.34 -118.60
CA PRO E 1079 -53.97 -53.16 -118.39
C PRO E 1079 -54.83 -53.42 -119.60
N ALA E 1080 -54.30 -53.21 -120.79
CA ALA E 1080 -55.06 -53.30 -122.03
C ALA E 1080 -54.09 -53.63 -123.14
N ILE E 1081 -54.64 -54.00 -124.29
CA ILE E 1081 -53.85 -54.31 -125.47
C ILE E 1081 -54.29 -53.38 -126.58
N CYS E 1082 -53.34 -52.76 -127.29
CA CYS E 1082 -53.68 -51.91 -128.41
C CYS E 1082 -53.57 -52.71 -129.70
N HIS E 1083 -54.57 -52.58 -130.55
CA HIS E 1083 -54.61 -53.31 -131.81
C HIS E 1083 -55.57 -52.59 -132.74
N ASP E 1084 -55.09 -52.28 -133.94
CA ASP E 1084 -55.88 -51.56 -134.95
C ASP E 1084 -56.37 -50.22 -134.42
N GLY E 1085 -55.60 -49.61 -133.53
CA GLY E 1085 -56.01 -48.35 -132.98
C GLY E 1085 -57.05 -48.43 -131.90
N LYS E 1086 -57.40 -49.64 -131.45
CA LYS E 1086 -58.38 -49.81 -130.40
C LYS E 1086 -57.73 -50.38 -129.15
N ALA E 1087 -58.41 -50.20 -128.02
CA ALA E 1087 -57.94 -50.69 -126.74
C ALA E 1087 -58.83 -51.83 -126.26
N HIS E 1088 -58.21 -52.96 -125.92
CA HIS E 1088 -58.92 -54.17 -125.55
C HIS E 1088 -58.65 -54.50 -124.09
N PHE E 1089 -59.68 -54.88 -123.39
CA PHE E 1089 -59.64 -55.25 -121.99
C PHE E 1089 -60.15 -56.68 -121.83
N PRO E 1090 -59.62 -57.44 -120.88
CA PRO E 1090 -60.08 -58.82 -120.73
C PRO E 1090 -61.47 -58.88 -120.12
N ARG E 1091 -62.24 -59.85 -120.60
CA ARG E 1091 -63.60 -60.01 -120.11
C ARG E 1091 -63.64 -60.49 -118.67
N GLU E 1092 -62.84 -61.51 -118.33
CA GLU E 1092 -62.80 -61.97 -116.95
C GLU E 1092 -61.41 -62.41 -116.50
N GLY E 1093 -60.36 -61.82 -117.03
CA GLY E 1093 -59.06 -62.28 -116.61
C GLY E 1093 -58.00 -61.23 -116.42
N VAL E 1094 -56.76 -61.62 -116.67
CA VAL E 1094 -55.62 -60.72 -116.69
C VAL E 1094 -54.78 -61.06 -117.90
N PHE E 1095 -54.24 -60.03 -118.53
CA PHE E 1095 -53.24 -60.16 -119.58
C PHE E 1095 -51.89 -60.42 -118.94
N VAL E 1096 -51.20 -61.47 -119.36
CA VAL E 1096 -49.88 -61.78 -118.82
C VAL E 1096 -48.92 -62.09 -119.96
N SER E 1097 -47.63 -62.04 -119.66
CA SER E 1097 -46.57 -62.25 -120.63
C SER E 1097 -45.56 -63.21 -120.04
N ASN E 1098 -45.22 -64.27 -120.77
CA ASN E 1098 -44.19 -65.19 -120.28
C ASN E 1098 -42.79 -64.74 -120.63
N GLY E 1099 -42.63 -63.55 -121.17
CA GLY E 1099 -41.34 -63.04 -121.57
C GLY E 1099 -41.38 -62.54 -122.99
N THR E 1100 -42.08 -63.29 -123.85
CA THR E 1100 -42.19 -62.95 -125.26
C THR E 1100 -43.61 -63.01 -125.81
N HIS E 1101 -44.55 -63.69 -125.16
CA HIS E 1101 -45.89 -63.84 -125.69
C HIS E 1101 -46.93 -63.38 -124.67
N TRP E 1102 -48.10 -63.03 -125.17
CA TRP E 1102 -49.16 -62.45 -124.37
C TRP E 1102 -50.39 -63.35 -124.35
N PHE E 1103 -50.87 -63.65 -123.15
CA PHE E 1103 -52.00 -64.55 -122.95
C PHE E 1103 -53.01 -63.89 -122.01
N VAL E 1104 -54.14 -64.55 -121.82
CA VAL E 1104 -55.11 -64.22 -120.78
C VAL E 1104 -55.21 -65.40 -119.82
N THR E 1105 -55.14 -65.12 -118.53
CA THR E 1105 -55.52 -66.13 -117.54
C THR E 1105 -56.71 -65.67 -116.73
N GLN E 1106 -57.26 -66.62 -115.99
CA GLN E 1106 -58.08 -66.28 -114.86
C GLN E 1106 -57.20 -65.97 -113.66
N ARG E 1107 -57.71 -65.16 -112.75
CA ARG E 1107 -56.83 -64.47 -111.83
C ARG E 1107 -56.30 -65.34 -110.70
N ASN E 1108 -56.96 -66.45 -110.36
CA ASN E 1108 -56.54 -67.26 -109.23
C ASN E 1108 -55.84 -68.55 -109.62
N PHE E 1109 -55.82 -68.92 -110.89
CA PHE E 1109 -55.21 -70.17 -111.29
C PHE E 1109 -54.62 -69.97 -112.67
N TYR E 1110 -53.37 -70.37 -112.85
CA TYR E 1110 -52.66 -70.07 -114.09
C TYR E 1110 -53.09 -71.04 -115.18
N GLU E 1111 -53.65 -70.48 -116.25
CA GLU E 1111 -54.17 -71.26 -117.37
C GLU E 1111 -54.24 -70.35 -118.57
N PRO E 1112 -53.14 -70.19 -119.30
CA PRO E 1112 -53.06 -69.15 -120.33
C PRO E 1112 -53.78 -69.50 -121.62
N GLN E 1113 -54.34 -68.47 -122.25
CA GLN E 1113 -55.13 -68.62 -123.46
C GLN E 1113 -54.69 -67.59 -124.47
N ILE E 1114 -54.91 -67.85 -125.73
CA ILE E 1114 -54.64 -66.87 -126.78
C ILE E 1114 -55.65 -65.74 -126.70
N ILE E 1115 -55.17 -64.51 -126.81
CA ILE E 1115 -56.05 -63.34 -126.78
C ILE E 1115 -56.82 -63.27 -128.09
N THR E 1116 -58.13 -63.37 -128.00
CA THR E 1116 -59.01 -63.30 -129.16
C THR E 1116 -60.10 -62.27 -128.89
N THR E 1117 -60.97 -62.07 -129.86
CA THR E 1117 -62.11 -61.17 -129.69
C THR E 1117 -63.27 -61.84 -128.99
N ASP E 1118 -63.06 -63.03 -128.43
CA ASP E 1118 -64.08 -63.73 -127.66
C ASP E 1118 -63.84 -63.60 -126.16
N ASN E 1119 -62.61 -63.30 -125.76
CA ASN E 1119 -62.30 -63.16 -124.35
C ASN E 1119 -61.87 -61.74 -124.02
N THR E 1120 -61.99 -60.80 -124.94
CA THR E 1120 -61.72 -59.39 -124.69
C THR E 1120 -62.88 -58.56 -125.19
N PHE E 1121 -62.93 -57.31 -124.76
CA PHE E 1121 -63.87 -56.34 -125.31
C PHE E 1121 -63.15 -55.04 -125.58
N VAL E 1122 -63.77 -54.19 -126.40
CA VAL E 1122 -63.15 -52.97 -126.90
C VAL E 1122 -63.84 -51.76 -126.32
N SER E 1123 -63.07 -50.74 -125.99
CA SER E 1123 -63.64 -49.42 -125.69
C SER E 1123 -62.56 -48.37 -125.87
N GLY E 1124 -62.73 -47.52 -126.88
CA GLY E 1124 -61.88 -46.37 -127.05
C GLY E 1124 -60.68 -46.63 -127.92
N ASN E 1125 -59.83 -45.62 -128.01
CA ASN E 1125 -58.60 -45.70 -128.76
C ASN E 1125 -57.43 -45.77 -127.79
N CYS E 1126 -56.29 -46.21 -128.29
CA CYS E 1126 -55.24 -46.61 -127.37
C CYS E 1126 -54.25 -45.48 -127.11
N ASP E 1127 -54.72 -44.32 -126.68
CA ASP E 1127 -53.86 -43.25 -126.21
C ASP E 1127 -54.32 -42.57 -124.92
N VAL E 1128 -55.34 -43.09 -124.25
CA VAL E 1128 -55.75 -42.55 -122.96
C VAL E 1128 -55.39 -43.47 -121.79
N VAL E 1129 -55.38 -44.78 -121.98
CA VAL E 1129 -54.89 -45.72 -120.98
C VAL E 1129 -53.39 -45.57 -120.87
N ILE E 1130 -52.85 -45.69 -119.66
CA ILE E 1130 -51.40 -45.62 -119.47
C ILE E 1130 -50.90 -47.01 -119.10
N GLY E 1131 -50.01 -47.53 -119.91
CA GLY E 1131 -49.55 -48.89 -119.80
C GLY E 1131 -49.97 -49.83 -120.90
N ILE E 1132 -50.72 -49.35 -121.89
CA ILE E 1132 -51.11 -50.20 -123.02
C ILE E 1132 -49.86 -50.82 -123.66
N VAL E 1133 -49.99 -52.04 -124.13
CA VAL E 1133 -48.95 -52.65 -124.95
C VAL E 1133 -49.52 -52.98 -126.31
N ASN E 1134 -48.62 -53.09 -127.28
CA ASN E 1134 -48.96 -53.44 -128.64
C ASN E 1134 -48.90 -54.95 -128.82
N ASN E 1135 -49.98 -55.52 -129.34
CA ASN E 1135 -50.02 -56.96 -129.59
C ASN E 1135 -51.23 -57.22 -130.47
N THR E 1136 -51.26 -58.39 -131.07
CA THR E 1136 -52.31 -58.74 -132.02
C THR E 1136 -53.43 -59.47 -131.31
N VAL E 1137 -54.66 -59.09 -131.64
CA VAL E 1137 -55.86 -59.72 -131.13
C VAL E 1137 -56.46 -60.51 -132.27
N TYR E 1138 -56.63 -61.81 -132.07
CA TYR E 1138 -56.93 -62.74 -133.13
C TYR E 1138 -58.44 -62.87 -133.30
N ASP E 1139 -58.89 -62.72 -134.53
CA ASP E 1139 -60.28 -62.89 -134.89
C ASP E 1139 -60.53 -64.31 -135.37
N PRO E 1140 -61.47 -65.03 -134.77
CA PRO E 1140 -61.67 -66.43 -135.17
C PRO E 1140 -62.36 -66.61 -136.50
N LEU E 1141 -63.32 -65.75 -136.85
CA LEU E 1141 -64.03 -65.85 -138.12
C LEU E 1141 -63.13 -65.59 -139.31
N GLN E 1142 -62.35 -64.50 -139.26
CA GLN E 1142 -61.55 -64.00 -140.37
C GLN E 1142 -60.77 -65.10 -141.10
N PRO E 1143 -59.97 -65.93 -140.44
CA PRO E 1143 -59.35 -67.04 -141.17
C PRO E 1143 -60.34 -68.12 -141.57
N GLU E 1144 -61.09 -68.63 -140.59
CA GLU E 1144 -61.89 -69.84 -140.79
C GLU E 1144 -62.81 -69.70 -141.99
N LEU E 1145 -63.57 -68.61 -142.04
CA LEU E 1145 -64.40 -68.28 -143.19
C LEU E 1145 -63.59 -68.34 -144.48
N ASP E 1146 -62.38 -67.79 -144.45
CA ASP E 1146 -61.54 -67.70 -145.64
C ASP E 1146 -60.44 -68.76 -145.66
N ALA F 27 -80.18 2.99 -44.29
CA ALA F 27 -79.94 2.55 -45.66
C ALA F 27 -79.61 1.07 -45.70
N TYR F 28 -79.77 0.48 -46.88
CA TYR F 28 -79.40 -0.91 -47.13
C TYR F 28 -78.63 -0.93 -48.43
N THR F 29 -77.74 -1.92 -48.58
CA THR F 29 -76.91 -2.01 -49.76
C THR F 29 -76.80 -3.48 -50.14
N ASN F 30 -76.19 -3.72 -51.30
CA ASN F 30 -76.07 -5.03 -51.90
C ASN F 30 -74.61 -5.42 -51.95
N SER F 31 -74.26 -6.49 -51.24
CA SER F 31 -72.97 -7.13 -51.43
C SER F 31 -72.95 -7.72 -52.82
N PHE F 32 -71.78 -8.00 -53.38
CA PHE F 32 -71.85 -8.72 -54.64
C PHE F 32 -71.29 -10.11 -54.49
N THR F 33 -69.99 -10.21 -54.18
CA THR F 33 -69.35 -11.48 -53.87
C THR F 33 -68.36 -11.15 -52.75
N ARG F 34 -68.84 -11.26 -51.52
CA ARG F 34 -68.11 -10.75 -50.38
C ARG F 34 -68.34 -11.68 -49.19
N GLY F 35 -67.32 -11.83 -48.36
CA GLY F 35 -67.47 -12.64 -47.16
C GLY F 35 -67.16 -14.09 -47.38
N VAL F 36 -66.10 -14.36 -48.15
CA VAL F 36 -65.59 -15.71 -48.35
C VAL F 36 -64.32 -15.87 -47.52
N TYR F 37 -64.28 -16.91 -46.69
CA TYR F 37 -63.14 -17.17 -45.85
C TYR F 37 -62.68 -18.60 -46.07
N TYR F 38 -61.39 -18.83 -45.80
CA TYR F 38 -60.84 -20.17 -45.87
C TYR F 38 -61.42 -21.01 -44.74
N PRO F 39 -62.20 -22.02 -45.09
CA PRO F 39 -62.88 -22.88 -44.12
C PRO F 39 -61.96 -23.57 -43.12
N ASP F 40 -60.66 -23.54 -43.36
CA ASP F 40 -59.72 -24.18 -42.45
C ASP F 40 -58.32 -24.24 -43.02
N LYS F 41 -57.40 -24.85 -42.27
CA LYS F 41 -56.02 -24.99 -42.71
C LYS F 41 -55.97 -25.90 -43.92
N VAL F 42 -54.89 -26.65 -44.06
CA VAL F 42 -54.76 -27.55 -45.19
C VAL F 42 -54.57 -26.77 -46.49
N PHE F 43 -53.36 -26.83 -47.04
CA PHE F 43 -53.06 -26.14 -48.28
C PHE F 43 -54.01 -26.65 -49.36
N ARG F 44 -53.81 -26.19 -50.60
CA ARG F 44 -54.65 -26.61 -51.71
C ARG F 44 -54.39 -25.77 -52.94
N SER F 45 -54.50 -26.39 -54.12
CA SER F 45 -54.29 -25.70 -55.38
C SER F 45 -55.51 -25.81 -56.26
N SER F 46 -55.32 -25.58 -57.56
CA SER F 46 -56.42 -25.64 -58.53
C SER F 46 -57.33 -26.83 -58.28
N VAL F 47 -58.40 -26.61 -57.52
CA VAL F 47 -59.35 -27.67 -57.22
C VAL F 47 -60.73 -27.14 -56.81
N LEU F 48 -61.62 -26.99 -57.79
CA LEU F 48 -62.97 -26.52 -57.50
C LEU F 48 -63.53 -27.39 -56.39
N HIS F 49 -63.11 -27.08 -55.17
CA HIS F 49 -63.50 -27.82 -53.97
C HIS F 49 -64.85 -27.34 -53.46
N SER F 50 -65.69 -28.28 -53.03
CA SER F 50 -67.05 -27.98 -52.61
C SER F 50 -67.17 -28.08 -51.10
N THR F 51 -67.78 -27.06 -50.47
CA THR F 51 -67.92 -27.03 -49.02
C THR F 51 -69.34 -26.70 -48.60
N GLN F 52 -69.70 -27.18 -47.40
CA GLN F 52 -70.90 -26.79 -46.71
C GLN F 52 -70.49 -26.08 -45.42
N ASP F 53 -70.97 -24.86 -45.22
CA ASP F 53 -70.55 -24.09 -44.04
C ASP F 53 -71.50 -22.91 -43.86
N LEU F 54 -71.10 -21.98 -43.00
CA LEU F 54 -71.86 -20.74 -42.77
C LEU F 54 -71.21 -19.62 -43.57
N PHE F 55 -71.93 -19.13 -44.57
CA PHE F 55 -71.40 -18.11 -45.45
C PHE F 55 -72.41 -16.96 -45.53
N LEU F 56 -71.94 -15.86 -46.09
CA LEU F 56 -72.79 -14.73 -46.43
C LEU F 56 -73.25 -14.90 -47.87
N PRO F 57 -74.54 -15.17 -48.11
CA PRO F 57 -75.01 -15.45 -49.47
C PRO F 57 -74.68 -14.34 -50.45
N PHE F 58 -74.47 -14.68 -51.71
CA PHE F 58 -74.14 -13.68 -52.70
C PHE F 58 -75.32 -12.76 -52.93
N PHE F 59 -75.02 -11.50 -53.24
CA PHE F 59 -76.05 -10.50 -53.52
C PHE F 59 -77.05 -10.44 -52.37
N SER F 60 -76.59 -10.00 -51.20
CA SER F 60 -77.39 -10.00 -49.99
C SER F 60 -77.77 -8.57 -49.63
N ASN F 61 -78.58 -8.48 -48.59
CA ASN F 61 -79.18 -7.23 -48.12
C ASN F 61 -78.46 -6.82 -46.85
N VAL F 62 -77.41 -5.99 -46.97
CA VAL F 62 -76.56 -5.65 -45.84
C VAL F 62 -76.95 -4.26 -45.35
N THR F 63 -77.18 -4.15 -44.04
CA THR F 63 -77.51 -2.86 -43.44
C THR F 63 -76.39 -1.86 -43.68
N TRP F 64 -76.74 -0.59 -43.64
CA TRP F 64 -75.76 0.48 -43.78
C TRP F 64 -75.87 1.35 -42.55
N PHE F 65 -74.71 1.73 -42.00
CA PHE F 65 -74.66 2.61 -40.85
C PHE F 65 -73.70 3.75 -41.15
N HIS F 66 -74.07 4.94 -40.68
CA HIS F 66 -73.24 6.12 -40.80
C HIS F 66 -72.85 6.61 -39.42
N ALA F 67 -71.85 7.49 -39.40
CA ALA F 67 -71.41 8.14 -38.19
C ALA F 67 -70.64 9.40 -38.57
N ASN F 81 -73.01 3.49 -31.94
CA ASN F 81 -74.11 3.05 -32.78
C ASN F 81 -74.74 1.80 -32.11
N PRO F 82 -75.91 1.34 -32.58
CA PRO F 82 -76.80 0.57 -31.71
C PRO F 82 -76.39 -0.88 -31.46
N VAL F 83 -77.12 -1.49 -30.53
CA VAL F 83 -77.00 -2.91 -30.19
C VAL F 83 -77.63 -3.73 -31.30
N LEU F 84 -76.86 -4.63 -31.89
CA LEU F 84 -77.34 -5.48 -32.97
C LEU F 84 -77.52 -6.90 -32.47
N PRO F 85 -78.08 -7.81 -33.27
CA PRO F 85 -78.04 -9.23 -32.89
C PRO F 85 -76.80 -9.94 -33.43
N PHE F 86 -76.61 -11.20 -33.05
CA PHE F 86 -75.55 -12.04 -33.60
C PHE F 86 -76.08 -13.24 -34.36
N ASN F 87 -76.79 -14.12 -33.66
CA ASN F 87 -77.70 -15.20 -34.04
C ASN F 87 -77.04 -16.29 -34.88
N ASP F 88 -76.05 -15.95 -35.70
CA ASP F 88 -75.17 -16.91 -36.35
C ASP F 88 -74.08 -16.13 -37.08
N GLY F 89 -72.94 -15.91 -36.46
CA GLY F 89 -71.86 -15.22 -37.16
C GLY F 89 -72.21 -13.86 -37.72
N VAL F 90 -71.21 -13.14 -38.23
CA VAL F 90 -71.39 -11.77 -38.70
C VAL F 90 -70.29 -11.45 -39.71
N TYR F 91 -70.69 -10.88 -40.83
CA TYR F 91 -69.78 -10.14 -41.70
C TYR F 91 -69.78 -8.68 -41.31
N PHE F 92 -68.64 -8.03 -41.48
CA PHE F 92 -68.52 -6.67 -41.00
C PHE F 92 -67.42 -5.97 -41.76
N ALA F 93 -67.77 -5.05 -42.67
CA ALA F 93 -66.76 -4.26 -43.36
C ALA F 93 -66.79 -2.83 -42.82
N SER F 94 -65.80 -2.04 -43.24
CA SER F 94 -65.65 -0.67 -42.76
C SER F 94 -64.65 0.05 -43.65
N THR F 95 -64.80 1.37 -43.76
CA THR F 95 -64.01 2.15 -44.69
C THR F 95 -63.61 3.49 -44.06
N GLU F 96 -62.31 3.80 -44.13
CA GLU F 96 -61.77 5.11 -43.74
C GLU F 96 -60.26 5.19 -43.94
N LYS F 97 -59.69 6.38 -43.73
CA LYS F 97 -58.25 6.55 -43.61
C LYS F 97 -57.81 6.80 -42.18
N SER F 98 -58.52 7.65 -41.44
CA SER F 98 -58.43 7.70 -39.99
C SER F 98 -58.96 6.41 -39.41
N ASN F 99 -59.01 6.30 -38.09
CA ASN F 99 -59.48 5.06 -37.45
C ASN F 99 -60.59 5.39 -36.48
N ILE F 100 -61.83 5.37 -36.99
CA ILE F 100 -63.01 5.69 -36.18
C ILE F 100 -63.53 4.40 -35.58
N ILE F 101 -63.42 3.31 -36.33
CA ILE F 101 -63.86 2.01 -35.85
C ILE F 101 -62.75 1.43 -34.98
N ARG F 102 -63.04 1.29 -33.69
CA ARG F 102 -62.05 0.93 -32.69
C ARG F 102 -62.53 -0.31 -31.94
N GLY F 103 -62.97 -1.30 -32.68
CA GLY F 103 -63.31 -2.57 -32.09
C GLY F 103 -64.78 -2.70 -31.76
N TRP F 104 -65.13 -3.88 -31.29
CA TRP F 104 -66.50 -4.29 -31.07
C TRP F 104 -66.61 -4.73 -29.63
N ILE F 105 -67.84 -4.99 -29.19
CA ILE F 105 -68.07 -5.60 -27.89
C ILE F 105 -69.17 -6.62 -28.07
N PHE F 106 -69.06 -7.75 -27.40
CA PHE F 106 -69.94 -8.87 -27.69
C PHE F 106 -70.65 -9.31 -26.43
N GLY F 107 -71.52 -10.31 -26.56
CA GLY F 107 -72.08 -10.97 -25.39
C GLY F 107 -73.57 -11.21 -25.47
N THR F 108 -74.19 -11.47 -24.33
CA THR F 108 -75.63 -11.66 -24.29
C THR F 108 -76.33 -10.44 -23.68
N THR F 109 -75.79 -9.92 -22.57
CA THR F 109 -76.42 -8.79 -21.89
C THR F 109 -75.59 -7.52 -21.92
N LEU F 110 -74.31 -7.58 -22.25
CA LEU F 110 -73.44 -6.41 -22.34
C LEU F 110 -73.40 -5.67 -21.01
N ASP F 111 -73.37 -6.42 -19.91
CA ASP F 111 -73.32 -5.84 -18.59
C ASP F 111 -72.77 -6.88 -17.62
N SER F 112 -72.94 -6.60 -16.32
CA SER F 112 -72.63 -7.59 -15.31
C SER F 112 -73.74 -8.63 -15.23
N LYS F 113 -73.60 -9.55 -14.28
CA LYS F 113 -74.50 -10.69 -14.07
C LYS F 113 -74.31 -11.76 -15.14
N THR F 114 -73.57 -11.47 -16.20
CA THR F 114 -73.16 -12.49 -17.16
C THR F 114 -71.92 -11.97 -17.90
N GLN F 115 -71.13 -12.91 -18.40
CA GLN F 115 -69.82 -12.61 -18.96
C GLN F 115 -69.92 -12.17 -20.42
N SER F 116 -68.92 -11.40 -20.86
CA SER F 116 -68.89 -10.87 -22.22
C SER F 116 -67.44 -10.66 -22.64
N LEU F 117 -67.24 -10.51 -23.95
CA LEU F 117 -65.95 -10.22 -24.54
C LEU F 117 -65.83 -8.73 -24.80
N LEU F 118 -64.60 -8.23 -24.92
CA LEU F 118 -64.35 -6.84 -25.24
C LEU F 118 -63.07 -6.74 -26.06
N ILE F 119 -63.17 -6.20 -27.26
CA ILE F 119 -62.04 -6.08 -28.16
C ILE F 119 -61.84 -4.62 -28.53
N VAL F 120 -60.69 -4.08 -28.14
CA VAL F 120 -60.49 -2.64 -28.18
C VAL F 120 -59.18 -2.35 -28.88
N ASN F 121 -59.01 -1.13 -29.36
CA ASN F 121 -57.75 -0.66 -29.92
C ASN F 121 -57.62 0.84 -29.69
N ASN F 122 -56.81 1.25 -28.71
CA ASN F 122 -56.45 2.66 -28.62
C ASN F 122 -55.37 2.93 -29.66
N ALA F 123 -54.74 4.10 -29.63
CA ALA F 123 -53.73 4.41 -30.64
C ALA F 123 -52.48 3.56 -30.45
N THR F 124 -52.51 2.64 -29.47
CA THR F 124 -51.35 1.79 -29.20
C THR F 124 -51.41 0.47 -29.95
N ASN F 125 -52.40 -0.37 -29.60
CA ASN F 125 -52.59 -1.68 -30.19
C ASN F 125 -53.78 -2.38 -29.53
N VAL F 126 -54.12 -3.52 -30.10
CA VAL F 126 -55.31 -4.30 -29.74
C VAL F 126 -55.28 -4.72 -28.28
N VAL F 127 -56.45 -4.77 -27.65
CA VAL F 127 -56.59 -5.25 -26.28
C VAL F 127 -57.80 -6.17 -26.18
N ILE F 128 -57.60 -7.48 -26.36
CA ILE F 128 -58.70 -8.40 -26.10
C ILE F 128 -58.84 -8.54 -24.59
N LYS F 129 -60.06 -8.82 -24.14
CA LYS F 129 -60.32 -8.90 -22.72
C LYS F 129 -61.63 -9.63 -22.50
N VAL F 130 -61.66 -10.46 -21.46
CA VAL F 130 -62.91 -11.12 -21.10
C VAL F 130 -63.12 -11.06 -19.60
N CYS F 131 -63.96 -10.14 -19.15
CA CYS F 131 -64.40 -10.04 -17.76
C CYS F 131 -65.93 -10.01 -17.73
N GLU F 132 -66.46 -9.71 -16.54
CA GLU F 132 -67.81 -9.19 -16.40
C GLU F 132 -67.71 -7.69 -16.30
N PHE F 133 -68.44 -6.99 -17.14
CA PHE F 133 -68.27 -5.55 -17.26
C PHE F 133 -69.53 -4.82 -16.78
N GLN F 134 -69.44 -3.50 -16.80
CA GLN F 134 -70.61 -2.64 -16.77
C GLN F 134 -70.44 -1.66 -17.91
N PHE F 135 -71.18 -1.88 -18.99
CA PHE F 135 -70.99 -1.14 -20.22
C PHE F 135 -71.93 0.05 -20.25
N CYS F 136 -71.38 1.20 -20.64
CA CYS F 136 -72.21 2.34 -20.98
C CYS F 136 -73.21 1.92 -22.05
N ASN F 137 -74.45 2.37 -21.90
CA ASN F 137 -75.42 2.08 -22.95
C ASN F 137 -75.06 2.75 -24.26
N ASP F 138 -74.27 3.82 -24.21
CA ASP F 138 -73.66 4.43 -25.39
C ASP F 138 -72.16 4.55 -25.14
N PRO F 139 -71.43 3.44 -25.31
CA PRO F 139 -70.00 3.45 -24.95
C PRO F 139 -69.14 3.83 -26.15
N PHE F 140 -68.08 4.57 -25.88
CA PHE F 140 -67.20 5.05 -26.94
C PHE F 140 -65.88 5.47 -26.32
N LEU F 141 -65.03 6.06 -27.16
CA LEU F 141 -63.77 6.63 -26.70
C LEU F 141 -63.52 7.94 -27.43
N GLY F 142 -62.91 8.88 -26.72
CA GLY F 142 -62.72 10.23 -27.23
C GLY F 142 -61.53 10.38 -28.14
N VAL F 143 -61.08 11.63 -28.27
CA VAL F 143 -59.89 11.98 -29.02
C VAL F 143 -59.55 13.43 -28.70
N MET F 153 -54.32 16.39 -25.43
CA MET F 153 -55.45 15.78 -24.77
C MET F 153 -55.55 14.30 -25.14
N GLU F 154 -56.39 14.00 -26.13
CA GLU F 154 -56.53 12.65 -26.69
C GLU F 154 -56.85 11.64 -25.58
N SER F 155 -57.79 12.01 -24.71
CA SER F 155 -58.22 11.20 -23.59
C SER F 155 -59.62 10.67 -23.84
N GLU F 156 -59.85 9.44 -23.40
CA GLU F 156 -60.86 8.59 -24.03
C GLU F 156 -61.45 7.56 -23.08
N PHE F 157 -62.04 6.52 -23.66
CA PHE F 157 -62.47 5.32 -22.95
C PHE F 157 -63.55 5.61 -21.91
N ARG F 158 -64.70 6.09 -22.36
CA ARG F 158 -65.89 6.08 -21.53
C ARG F 158 -66.67 4.80 -21.81
N VAL F 159 -65.96 3.72 -22.15
CA VAL F 159 -66.61 2.51 -22.64
C VAL F 159 -67.36 1.80 -21.52
N TYR F 160 -66.63 1.32 -20.51
CA TYR F 160 -67.27 0.63 -19.40
C TYR F 160 -67.03 1.35 -18.09
N SER F 161 -67.46 0.74 -16.98
CA SER F 161 -67.14 1.23 -15.65
C SER F 161 -66.87 0.09 -14.67
N SER F 162 -66.56 -1.09 -15.19
CA SER F 162 -66.37 -2.27 -14.36
C SER F 162 -65.56 -3.29 -15.14
N ALA F 163 -64.69 -4.01 -14.43
CA ALA F 163 -63.81 -5.01 -15.03
C ALA F 163 -63.65 -6.22 -14.12
N ASN F 164 -64.75 -6.76 -13.60
CA ASN F 164 -64.69 -7.75 -12.55
C ASN F 164 -64.46 -9.16 -13.09
N ASN F 165 -63.85 -10.02 -12.28
CA ASN F 165 -63.82 -11.45 -12.53
C ASN F 165 -63.15 -11.87 -13.83
N CYS F 166 -62.18 -11.10 -14.32
CA CYS F 166 -61.58 -11.34 -15.62
C CYS F 166 -61.04 -12.76 -15.78
N THR F 167 -61.46 -13.43 -16.85
CA THR F 167 -61.17 -14.83 -17.10
C THR F 167 -60.26 -14.99 -18.31
N PHE F 168 -59.85 -13.88 -18.91
CA PHE F 168 -58.97 -13.89 -20.07
C PHE F 168 -58.51 -12.47 -20.30
N GLU F 169 -57.21 -12.27 -20.48
CA GLU F 169 -56.70 -10.95 -20.83
C GLU F 169 -55.81 -11.11 -22.04
N TYR F 170 -55.43 -9.97 -22.61
CA TYR F 170 -54.43 -9.88 -23.64
C TYR F 170 -54.15 -8.40 -23.87
N VAL F 171 -52.88 -8.04 -24.04
CA VAL F 171 -52.53 -6.69 -24.48
C VAL F 171 -51.36 -6.83 -25.42
N SER F 172 -50.79 -5.71 -25.87
CA SER F 172 -49.57 -5.74 -26.66
C SER F 172 -48.86 -4.39 -26.59
N LYS F 187 -59.46 4.86 -49.67
CA LYS F 187 -58.86 4.77 -48.34
C LYS F 187 -58.52 3.33 -47.97
N ASN F 188 -59.30 2.78 -47.04
CA ASN F 188 -59.07 1.43 -46.56
C ASN F 188 -60.41 0.70 -46.48
N LEU F 189 -60.36 -0.61 -46.73
CA LEU F 189 -61.49 -1.48 -46.50
C LEU F 189 -61.02 -2.63 -45.62
N ARG F 190 -61.71 -2.85 -44.52
CA ARG F 190 -61.29 -3.80 -43.50
C ARG F 190 -62.47 -4.71 -43.18
N GLU F 191 -62.44 -5.92 -43.74
CA GLU F 191 -63.51 -6.88 -43.53
C GLU F 191 -63.19 -7.85 -42.39
N PHE F 192 -64.24 -8.33 -41.74
CA PHE F 192 -64.11 -9.27 -40.64
C PHE F 192 -65.28 -10.23 -40.66
N VAL F 193 -65.00 -11.48 -40.31
CA VAL F 193 -66.04 -12.48 -40.13
C VAL F 193 -65.89 -13.03 -38.72
N PHE F 194 -66.94 -12.92 -37.92
CA PHE F 194 -66.94 -13.38 -36.55
C PHE F 194 -67.86 -14.57 -36.42
N LYS F 195 -67.37 -15.65 -35.82
CA LYS F 195 -68.24 -16.79 -35.55
C LYS F 195 -67.86 -17.41 -34.21
N ASN F 196 -68.73 -18.26 -33.69
CA ASN F 196 -68.64 -18.74 -32.32
C ASN F 196 -69.17 -20.16 -32.24
N ILE F 197 -68.28 -21.15 -32.26
CA ILE F 197 -68.67 -22.56 -32.28
C ILE F 197 -67.90 -23.32 -31.23
N ASP F 198 -68.61 -24.16 -30.48
CA ASP F 198 -68.02 -25.04 -29.47
C ASP F 198 -67.04 -24.32 -28.56
N GLY F 199 -67.48 -23.21 -27.97
CA GLY F 199 -66.66 -22.47 -27.04
C GLY F 199 -65.44 -21.81 -27.64
N TYR F 200 -65.31 -21.82 -28.95
CA TYR F 200 -64.25 -21.13 -29.63
C TYR F 200 -64.84 -19.95 -30.39
N PHE F 201 -64.19 -18.81 -30.30
CA PHE F 201 -64.65 -17.61 -30.98
C PHE F 201 -63.65 -17.29 -32.08
N LYS F 202 -64.01 -17.64 -33.31
CA LYS F 202 -63.12 -17.51 -34.46
C LYS F 202 -63.33 -16.17 -35.13
N ILE F 203 -62.24 -15.63 -35.65
CA ILE F 203 -62.21 -14.31 -36.28
C ILE F 203 -61.38 -14.42 -37.54
N TYR F 204 -62.00 -14.18 -38.69
CA TYR F 204 -61.29 -14.07 -39.95
C TYR F 204 -61.28 -12.60 -40.33
N SER F 205 -60.32 -12.22 -41.16
CA SER F 205 -60.18 -10.82 -41.47
C SER F 205 -59.43 -10.65 -42.77
N LYS F 206 -59.53 -9.45 -43.34
CA LYS F 206 -58.79 -9.08 -44.54
C LYS F 206 -58.76 -7.57 -44.64
N HIS F 207 -57.66 -7.03 -45.13
CA HIS F 207 -57.48 -5.60 -45.30
C HIS F 207 -57.14 -5.34 -46.76
N THR F 208 -58.12 -4.86 -47.49
CA THR F 208 -57.91 -4.47 -48.87
C THR F 208 -57.87 -2.95 -48.97
N PRO F 209 -57.07 -2.40 -49.87
CA PRO F 209 -57.13 -0.96 -50.09
C PRO F 209 -58.15 -0.56 -51.15
N ILE F 210 -59.12 0.28 -50.79
CA ILE F 210 -60.05 0.81 -51.78
C ILE F 210 -59.39 1.97 -52.50
N ASN F 211 -59.96 2.39 -53.63
CA ASN F 211 -59.56 3.64 -54.24
C ASN F 211 -60.70 4.63 -54.16
N LEU F 212 -61.64 4.35 -53.26
CA LEU F 212 -62.68 5.26 -52.82
C LEU F 212 -62.40 5.62 -51.36
N VAL F 213 -63.33 6.35 -50.73
CA VAL F 213 -63.14 6.65 -49.32
C VAL F 213 -64.07 5.79 -48.46
N ARG F 214 -65.40 5.86 -48.67
CA ARG F 214 -66.33 5.18 -47.78
C ARG F 214 -67.58 4.57 -48.43
N ASP F 215 -67.46 3.87 -49.56
CA ASP F 215 -68.57 3.14 -50.15
C ASP F 215 -68.17 1.69 -50.40
N LEU F 216 -69.13 0.76 -50.29
CA LEU F 216 -68.85 -0.65 -50.44
C LEU F 216 -68.54 -0.99 -51.91
N PRO F 217 -67.35 -1.46 -52.22
CA PRO F 217 -66.99 -1.73 -53.62
C PRO F 217 -67.46 -3.09 -54.11
N GLN F 218 -66.98 -3.48 -55.28
CA GLN F 218 -67.29 -4.78 -55.86
C GLN F 218 -65.99 -5.53 -56.11
N GLY F 219 -66.06 -6.85 -56.02
CA GLY F 219 -64.90 -7.67 -56.28
C GLY F 219 -64.85 -8.93 -55.44
N PHE F 220 -63.76 -9.70 -55.57
CA PHE F 220 -63.59 -10.93 -54.81
C PHE F 220 -62.30 -10.87 -54.00
N SER F 221 -62.40 -11.22 -52.72
CA SER F 221 -61.25 -11.22 -51.83
C SER F 221 -61.51 -12.13 -50.63
N ALA F 222 -60.81 -13.25 -50.54
CA ALA F 222 -61.06 -14.24 -49.49
C ALA F 222 -60.39 -13.83 -48.18
N LEU F 223 -61.05 -14.15 -47.07
CA LEU F 223 -60.64 -13.71 -45.75
C LEU F 223 -59.91 -14.83 -45.02
N GLU F 224 -58.69 -14.50 -44.44
CA GLU F 224 -57.77 -15.44 -43.82
C GLU F 224 -57.91 -15.46 -42.31
N PRO F 225 -57.89 -16.63 -41.69
CA PRO F 225 -58.14 -16.72 -40.24
C PRO F 225 -57.09 -15.99 -39.43
N LEU F 226 -57.55 -15.34 -38.35
CA LEU F 226 -56.68 -14.48 -37.53
C LEU F 226 -56.44 -15.07 -36.15
N VAL F 227 -57.53 -15.35 -35.44
CA VAL F 227 -57.50 -15.61 -34.02
C VAL F 227 -58.33 -16.86 -33.76
N ASP F 228 -58.25 -17.33 -32.51
CA ASP F 228 -58.99 -18.47 -31.99
C ASP F 228 -59.00 -18.30 -30.47
N LEU F 229 -60.17 -18.20 -29.84
CA LEU F 229 -60.20 -18.00 -28.40
C LEU F 229 -61.05 -19.06 -27.73
N PRO F 230 -60.48 -19.94 -26.91
CA PRO F 230 -61.27 -20.95 -26.19
C PRO F 230 -61.92 -20.36 -24.94
N ILE F 231 -63.01 -19.62 -25.16
CA ILE F 231 -63.65 -18.89 -24.07
C ILE F 231 -64.72 -19.74 -23.41
N GLY F 232 -65.78 -20.05 -24.16
CA GLY F 232 -66.92 -20.74 -23.59
C GLY F 232 -68.13 -19.83 -23.48
N ILE F 233 -67.87 -18.54 -23.61
CA ILE F 233 -68.85 -17.45 -23.56
C ILE F 233 -70.06 -17.71 -24.46
N ASN F 234 -71.24 -17.34 -23.99
CA ASN F 234 -72.45 -17.28 -24.81
C ASN F 234 -72.55 -15.90 -25.43
N ILE F 235 -73.05 -15.83 -26.68
CA ILE F 235 -73.19 -14.56 -27.37
C ILE F 235 -74.57 -14.48 -28.01
N THR F 236 -75.21 -13.32 -27.87
CA THR F 236 -76.48 -13.06 -28.52
C THR F 236 -76.54 -11.64 -29.07
N ARG F 237 -75.59 -10.79 -28.70
CA ARG F 237 -75.65 -9.40 -29.11
C ARG F 237 -74.23 -8.86 -29.26
N PHE F 238 -74.13 -7.74 -29.98
CA PHE F 238 -72.82 -7.10 -30.15
C PHE F 238 -73.04 -5.63 -30.52
N GLN F 239 -71.95 -4.86 -30.49
CA GLN F 239 -72.00 -3.42 -30.71
C GLN F 239 -70.78 -2.99 -31.50
N THR F 240 -70.52 -1.69 -31.51
CA THR F 240 -69.33 -1.12 -32.13
C THR F 240 -68.81 0.01 -31.25
N LEU F 241 -67.59 0.44 -31.54
CA LEU F 241 -66.91 1.47 -30.77
C LEU F 241 -66.31 2.51 -31.72
N LEU F 242 -66.49 3.79 -31.39
CA LEU F 242 -66.07 4.85 -32.29
C LEU F 242 -65.32 5.93 -31.52
N ALA F 243 -64.41 6.61 -32.22
CA ALA F 243 -63.60 7.69 -31.65
C ALA F 243 -64.27 9.02 -31.98
N LEU F 244 -64.74 9.72 -30.94
CA LEU F 244 -65.55 10.93 -31.09
C LEU F 244 -64.81 12.07 -31.77
N HIS F 245 -65.53 13.16 -31.96
CA HIS F 245 -65.00 14.44 -32.40
C HIS F 245 -64.88 15.39 -31.22
N ARG F 246 -63.66 15.81 -30.91
CA ARG F 246 -63.50 16.76 -29.82
C ARG F 246 -62.52 17.90 -30.16
N SER F 247 -61.63 17.66 -31.12
CA SER F 247 -60.65 18.68 -31.48
C SER F 247 -60.71 19.00 -32.97
N ALA F 264 -68.96 4.87 -41.56
CA ALA F 264 -69.59 4.01 -42.57
C ALA F 264 -69.22 2.55 -42.32
N TYR F 265 -70.22 1.73 -42.04
CA TYR F 265 -69.98 0.32 -41.83
C TYR F 265 -71.26 -0.48 -42.04
N TYR F 266 -71.08 -1.77 -42.34
CA TYR F 266 -72.12 -2.67 -42.78
C TYR F 266 -72.18 -3.87 -41.86
N VAL F 267 -73.32 -4.58 -41.87
CA VAL F 267 -73.46 -5.79 -41.06
C VAL F 267 -74.27 -6.82 -41.82
N GLY F 268 -73.61 -7.89 -42.27
CA GLY F 268 -74.28 -9.03 -42.83
C GLY F 268 -74.42 -10.14 -41.80
N TYR F 269 -75.18 -11.16 -42.17
CA TYR F 269 -75.34 -12.33 -41.32
C TYR F 269 -75.05 -13.57 -42.15
N LEU F 270 -74.72 -14.65 -41.46
CA LEU F 270 -74.25 -15.87 -42.10
C LEU F 270 -75.28 -16.97 -41.95
N GLN F 271 -75.45 -17.76 -43.00
CA GLN F 271 -76.40 -18.88 -43.02
C GLN F 271 -75.68 -20.10 -43.54
N PRO F 272 -76.22 -21.28 -43.28
CA PRO F 272 -75.62 -22.50 -43.83
C PRO F 272 -75.86 -22.65 -45.32
N ARG F 273 -74.82 -22.42 -46.11
CA ARG F 273 -74.84 -22.56 -47.54
C ARG F 273 -73.84 -23.61 -48.00
N THR F 274 -73.84 -23.86 -49.31
CA THR F 274 -72.91 -24.76 -49.99
C THR F 274 -72.26 -23.98 -51.11
N PHE F 275 -70.94 -23.92 -51.11
CA PHE F 275 -70.21 -23.15 -52.10
C PHE F 275 -69.24 -24.02 -52.86
N LEU F 276 -68.78 -23.50 -53.99
CA LEU F 276 -67.77 -24.14 -54.83
C LEU F 276 -66.62 -23.16 -54.98
N LEU F 277 -65.50 -23.46 -54.33
CA LEU F 277 -64.35 -22.56 -54.31
C LEU F 277 -63.32 -23.00 -55.33
N LYS F 278 -62.79 -22.04 -56.07
CA LYS F 278 -61.74 -22.30 -57.05
C LYS F 278 -60.40 -21.94 -56.44
N TYR F 279 -59.50 -22.91 -56.40
CA TYR F 279 -58.20 -22.71 -55.77
C TYR F 279 -57.14 -22.48 -56.83
N ASN F 280 -56.31 -21.47 -56.59
CA ASN F 280 -55.16 -21.17 -57.43
C ASN F 280 -54.11 -22.26 -57.29
N GLU F 281 -53.02 -22.12 -58.05
CA GLU F 281 -51.89 -23.03 -57.92
C GLU F 281 -51.00 -22.69 -56.73
N ASN F 282 -51.02 -21.46 -56.23
CA ASN F 282 -50.39 -21.16 -54.96
C ASN F 282 -51.25 -21.55 -53.78
N GLY F 283 -52.54 -21.84 -54.01
CA GLY F 283 -53.40 -22.29 -52.95
C GLY F 283 -54.34 -21.24 -52.42
N THR F 284 -54.54 -20.14 -53.14
CA THR F 284 -55.47 -19.12 -52.72
C THR F 284 -56.79 -19.24 -53.46
N ILE F 285 -57.86 -18.84 -52.80
CA ILE F 285 -59.20 -18.86 -53.37
C ILE F 285 -59.34 -17.63 -54.25
N THR F 286 -59.55 -17.84 -55.55
CA THR F 286 -59.62 -16.72 -56.49
C THR F 286 -61.06 -16.46 -56.94
N ASP F 287 -61.91 -17.48 -56.96
CA ASP F 287 -63.29 -17.33 -57.36
C ASP F 287 -64.16 -18.31 -56.58
N ALA F 288 -65.47 -18.09 -56.63
CA ALA F 288 -66.40 -18.97 -55.94
C ALA F 288 -67.73 -18.98 -56.68
N VAL F 289 -68.56 -19.96 -56.33
CA VAL F 289 -69.91 -20.09 -56.84
C VAL F 289 -70.82 -20.39 -55.67
N ASP F 290 -71.88 -19.59 -55.52
CA ASP F 290 -72.94 -19.84 -54.55
C ASP F 290 -73.97 -20.70 -55.26
N CYS F 291 -74.23 -21.89 -54.72
CA CYS F 291 -74.91 -22.94 -55.48
C CYS F 291 -76.41 -22.92 -55.22
N ALA F 292 -76.91 -21.81 -54.71
CA ALA F 292 -78.32 -21.71 -54.41
C ALA F 292 -78.86 -20.37 -54.88
N LEU F 293 -78.05 -19.65 -55.64
CA LEU F 293 -78.51 -18.39 -56.22
C LEU F 293 -79.56 -18.63 -57.30
N ASP F 294 -79.18 -19.30 -58.38
CA ASP F 294 -80.04 -19.40 -59.54
C ASP F 294 -79.83 -20.76 -60.21
N PRO F 295 -80.62 -21.12 -61.23
CA PRO F 295 -80.42 -22.44 -61.87
C PRO F 295 -79.05 -22.64 -62.48
N LEU F 296 -78.46 -21.61 -63.08
CA LEU F 296 -77.11 -21.76 -63.63
C LEU F 296 -76.10 -22.15 -62.57
N SER F 297 -76.19 -21.58 -61.38
CA SER F 297 -75.23 -21.88 -60.32
C SER F 297 -75.43 -23.29 -59.77
N GLU F 298 -76.67 -23.70 -59.62
CA GLU F 298 -76.94 -25.08 -59.24
C GLU F 298 -76.45 -26.08 -60.28
N THR F 299 -76.50 -25.74 -61.57
CA THR F 299 -75.92 -26.60 -62.58
C THR F 299 -74.40 -26.65 -62.46
N LYS F 300 -73.76 -25.49 -62.30
CA LYS F 300 -72.31 -25.46 -62.13
C LYS F 300 -71.88 -26.30 -60.94
N CYS F 301 -72.68 -26.27 -59.87
CA CYS F 301 -72.35 -27.06 -58.69
C CYS F 301 -72.56 -28.54 -58.94
N THR F 302 -73.63 -28.90 -59.65
CA THR F 302 -73.87 -30.31 -59.98
C THR F 302 -72.78 -30.90 -60.86
N LEU F 303 -72.25 -30.13 -61.81
CA LEU F 303 -71.17 -30.58 -62.68
C LEU F 303 -69.79 -30.43 -62.08
N LYS F 304 -69.64 -29.61 -61.04
CA LYS F 304 -68.34 -29.27 -60.46
C LYS F 304 -67.44 -28.60 -61.48
N SER F 305 -67.93 -27.50 -62.05
CA SER F 305 -67.17 -26.78 -63.05
C SER F 305 -67.63 -25.34 -63.09
N PHE F 306 -66.87 -24.51 -63.79
CA PHE F 306 -67.21 -23.12 -63.97
C PHE F 306 -67.68 -22.83 -65.40
N THR F 307 -67.55 -23.78 -66.31
CA THR F 307 -68.08 -23.65 -67.66
C THR F 307 -68.93 -24.88 -67.97
N VAL F 308 -70.22 -24.65 -68.20
CA VAL F 308 -71.13 -25.69 -68.65
C VAL F 308 -71.32 -25.54 -70.15
N GLU F 309 -71.19 -26.65 -70.87
CA GLU F 309 -71.47 -26.70 -72.29
C GLU F 309 -72.93 -26.99 -72.54
N LYS F 310 -73.40 -26.63 -73.73
CA LYS F 310 -74.80 -26.81 -74.12
C LYS F 310 -75.29 -28.21 -73.80
N GLY F 311 -76.53 -28.31 -73.32
CA GLY F 311 -77.09 -29.60 -72.99
C GLY F 311 -78.33 -29.40 -72.18
N ILE F 312 -78.70 -30.44 -71.45
CA ILE F 312 -79.77 -30.36 -70.48
C ILE F 312 -79.36 -31.25 -69.31
N TYR F 313 -79.46 -30.71 -68.11
CA TYR F 313 -78.87 -31.30 -66.93
C TYR F 313 -79.92 -31.45 -65.85
N GLN F 314 -79.96 -32.60 -65.22
CA GLN F 314 -80.81 -32.82 -64.07
C GLN F 314 -80.10 -32.26 -62.84
N THR F 315 -80.77 -31.40 -62.12
CA THR F 315 -80.08 -30.56 -61.16
C THR F 315 -80.58 -30.81 -59.76
N SER F 316 -81.86 -31.13 -59.59
CA SER F 316 -82.40 -31.40 -58.27
C SER F 316 -83.78 -32.03 -58.36
N ASN F 317 -84.61 -31.78 -57.35
CA ASN F 317 -85.96 -32.32 -57.32
C ASN F 317 -86.97 -31.37 -56.69
N PHE F 318 -87.99 -31.02 -57.46
CA PHE F 318 -89.04 -30.12 -57.00
C PHE F 318 -89.99 -30.84 -56.05
N ARG F 319 -90.19 -30.26 -54.87
CA ARG F 319 -91.08 -30.84 -53.87
C ARG F 319 -91.93 -29.75 -53.23
N VAL F 320 -93.24 -29.89 -53.36
CA VAL F 320 -94.16 -28.92 -52.79
C VAL F 320 -93.93 -28.76 -51.29
N GLN F 321 -94.75 -27.94 -50.64
CA GLN F 321 -94.60 -27.71 -49.21
C GLN F 321 -95.89 -27.93 -48.43
N PRO F 322 -95.77 -28.24 -47.14
CA PRO F 322 -96.94 -28.49 -46.30
C PRO F 322 -97.30 -27.29 -45.43
N THR F 323 -98.52 -27.26 -44.91
CA THR F 323 -98.97 -26.16 -44.07
C THR F 323 -99.80 -26.66 -42.90
N GLU F 324 -99.99 -25.80 -41.91
CA GLU F 324 -100.79 -26.11 -40.72
C GLU F 324 -100.58 -27.54 -40.22
N SER F 325 -101.58 -28.07 -39.53
CA SER F 325 -101.54 -29.42 -39.00
C SER F 325 -102.92 -29.82 -38.49
N ILE F 326 -103.70 -30.44 -39.37
CA ILE F 326 -105.05 -30.87 -39.03
C ILE F 326 -105.13 -31.48 -37.63
N VAL F 327 -104.93 -32.79 -37.55
CA VAL F 327 -105.00 -33.50 -36.27
C VAL F 327 -106.42 -33.49 -35.69
N ARG F 328 -106.83 -34.59 -35.10
CA ARG F 328 -108.16 -34.68 -34.52
C ARG F 328 -108.39 -36.00 -33.79
N PHE F 329 -108.29 -35.96 -32.47
CA PHE F 329 -108.48 -37.16 -31.66
C PHE F 329 -109.96 -37.44 -31.45
N PRO F 330 -110.26 -38.50 -30.70
CA PRO F 330 -111.65 -38.88 -30.42
C PRO F 330 -112.37 -37.83 -29.57
N ASN F 331 -113.20 -38.28 -28.63
CA ASN F 331 -113.94 -37.37 -27.78
C ASN F 331 -113.57 -37.53 -26.30
N ILE F 332 -112.88 -36.54 -25.76
CA ILE F 332 -112.46 -36.57 -24.37
C ILE F 332 -113.59 -37.01 -23.46
N THR F 333 -113.25 -37.54 -22.29
CA THR F 333 -114.24 -38.01 -21.33
C THR F 333 -113.61 -38.24 -19.96
N ASN F 334 -113.46 -37.16 -19.19
CA ASN F 334 -112.87 -37.24 -17.86
C ASN F 334 -111.36 -37.49 -17.90
N LEU F 335 -110.84 -38.11 -16.85
CA LEU F 335 -109.42 -38.40 -16.77
C LEU F 335 -109.16 -39.77 -16.15
N CYS F 336 -107.90 -40.17 -16.11
CA CYS F 336 -107.52 -41.47 -15.55
C CYS F 336 -107.08 -41.32 -14.09
N PRO F 337 -107.71 -42.06 -13.19
CA PRO F 337 -107.35 -41.99 -11.78
C PRO F 337 -106.37 -43.09 -11.38
N PHE F 338 -105.08 -42.88 -11.64
CA PHE F 338 -104.08 -43.89 -11.29
C PHE F 338 -103.96 -44.03 -9.78
N GLY F 339 -104.28 -42.95 -9.06
CA GLY F 339 -104.21 -42.96 -7.62
C GLY F 339 -105.02 -44.04 -6.95
N GLU F 340 -105.32 -45.12 -7.67
CA GLU F 340 -105.85 -46.33 -7.04
C GLU F 340 -104.88 -47.50 -7.16
N VAL F 341 -104.18 -47.61 -8.29
CA VAL F 341 -103.21 -48.69 -8.46
C VAL F 341 -101.84 -48.26 -7.92
N PHE F 342 -101.52 -46.98 -8.06
CA PHE F 342 -100.29 -46.45 -7.49
C PHE F 342 -100.50 -45.89 -6.09
N ASN F 343 -101.71 -46.01 -5.54
CA ASN F 343 -102.01 -45.49 -4.21
C ASN F 343 -102.88 -46.46 -3.41
N ALA F 344 -102.60 -47.75 -3.49
CA ALA F 344 -103.39 -48.73 -2.77
C ALA F 344 -102.86 -48.91 -1.35
N THR F 345 -103.76 -49.32 -0.44
CA THR F 345 -103.36 -49.57 0.93
C THR F 345 -102.77 -50.97 1.12
N ARG F 346 -103.13 -51.91 0.25
CA ARG F 346 -102.63 -53.27 0.34
C ARG F 346 -102.43 -53.81 -1.07
N PHE F 347 -101.19 -54.13 -1.40
CA PHE F 347 -100.87 -54.65 -2.74
C PHE F 347 -101.29 -56.10 -2.87
N ALA F 348 -100.82 -56.76 -3.93
CA ALA F 348 -101.16 -58.16 -4.17
C ALA F 348 -99.90 -59.03 -4.18
N SER F 349 -100.06 -60.30 -3.81
CA SER F 349 -98.94 -61.23 -3.77
C SER F 349 -98.19 -61.25 -5.10
N VAL F 350 -97.09 -61.98 -5.14
CA VAL F 350 -96.27 -62.08 -6.34
C VAL F 350 -96.68 -63.28 -7.19
N TYR F 351 -97.27 -64.27 -6.53
CA TYR F 351 -97.71 -65.48 -7.22
C TYR F 351 -99.13 -65.39 -7.71
N ALA F 352 -99.92 -64.47 -7.20
CA ALA F 352 -101.22 -64.13 -7.78
C ALA F 352 -101.27 -62.63 -7.94
N TRP F 353 -100.65 -62.12 -9.00
CA TRP F 353 -100.57 -60.69 -9.19
C TRP F 353 -101.94 -60.17 -9.54
N ASN F 354 -102.11 -58.86 -9.47
CA ASN F 354 -103.42 -58.40 -9.88
C ASN F 354 -103.41 -58.06 -11.35
N ARG F 355 -104.55 -57.66 -11.89
CA ARG F 355 -104.62 -57.31 -13.29
C ARG F 355 -105.76 -56.33 -13.50
N LYS F 356 -105.43 -55.05 -13.60
CA LYS F 356 -106.42 -54.00 -13.82
C LYS F 356 -106.35 -53.66 -15.31
N ARG F 357 -107.51 -53.53 -15.96
CA ARG F 357 -107.52 -53.23 -17.38
C ARG F 357 -107.95 -51.79 -17.56
N ILE F 358 -106.98 -50.88 -17.48
CA ILE F 358 -107.27 -49.49 -17.77
C ILE F 358 -107.87 -49.41 -19.16
N SER F 359 -108.80 -48.47 -19.35
CA SER F 359 -109.59 -48.41 -20.57
C SER F 359 -109.71 -46.96 -20.98
N ASN F 360 -110.66 -46.68 -21.90
CA ASN F 360 -110.86 -45.36 -22.47
C ASN F 360 -110.84 -44.26 -21.41
N CYS F 361 -109.90 -43.35 -21.53
CA CYS F 361 -109.57 -42.37 -20.49
C CYS F 361 -108.59 -41.38 -21.09
N VAL F 362 -108.08 -40.50 -20.24
CA VAL F 362 -107.06 -39.52 -20.58
C VAL F 362 -105.89 -39.86 -19.66
N ALA F 363 -104.87 -40.53 -20.18
CA ALA F 363 -103.75 -40.97 -19.37
C ALA F 363 -102.61 -39.96 -19.47
N ASP F 364 -102.08 -39.58 -18.32
CA ASP F 364 -101.01 -38.59 -18.23
C ASP F 364 -99.78 -39.24 -17.60
N TYR F 365 -98.98 -39.89 -18.43
CA TYR F 365 -97.79 -40.54 -17.94
C TYR F 365 -96.72 -39.57 -17.49
N SER F 366 -96.97 -38.27 -17.58
CA SER F 366 -95.97 -37.33 -17.09
C SER F 366 -95.96 -37.24 -15.57
N VAL F 367 -97.15 -37.24 -14.95
CA VAL F 367 -97.21 -37.25 -13.50
C VAL F 367 -96.52 -38.49 -12.94
N LEU F 368 -96.51 -39.56 -13.71
CA LEU F 368 -95.72 -40.70 -13.33
C LEU F 368 -94.25 -40.44 -13.56
N TYR F 369 -93.88 -40.09 -14.78
CA TYR F 369 -92.49 -40.07 -15.19
C TYR F 369 -91.66 -39.13 -14.34
N ASN F 370 -92.22 -38.01 -13.92
CA ASN F 370 -91.43 -37.01 -13.21
C ASN F 370 -91.66 -37.04 -11.71
N SER F 371 -92.33 -38.06 -11.18
CA SER F 371 -92.67 -38.02 -9.78
C SER F 371 -91.47 -38.23 -8.87
N ALA F 372 -90.37 -38.72 -9.40
CA ALA F 372 -89.12 -38.84 -8.69
C ALA F 372 -89.22 -39.71 -7.44
N SER F 373 -90.39 -40.27 -7.18
CA SER F 373 -90.56 -41.17 -6.07
C SER F 373 -90.31 -42.61 -6.45
N PHE F 374 -90.11 -42.90 -7.73
CA PHE F 374 -89.95 -44.24 -8.22
C PHE F 374 -88.46 -44.56 -8.29
N SER F 375 -88.10 -45.70 -7.74
CA SER F 375 -86.71 -46.12 -7.81
C SER F 375 -86.37 -46.76 -9.13
N THR F 376 -87.35 -47.21 -9.91
CA THR F 376 -87.05 -47.83 -11.18
C THR F 376 -88.17 -47.49 -12.15
N PHE F 377 -87.84 -46.90 -13.29
CA PHE F 377 -88.83 -46.59 -14.30
C PHE F 377 -88.22 -46.90 -15.66
N LYS F 378 -88.37 -48.13 -16.13
CA LYS F 378 -87.82 -48.51 -17.41
C LYS F 378 -88.93 -48.65 -18.42
N CYS F 379 -88.70 -48.14 -19.63
CA CYS F 379 -89.66 -48.32 -20.69
C CYS F 379 -88.99 -49.06 -21.84
N TYR F 380 -89.69 -50.03 -22.41
CA TYR F 380 -89.07 -50.93 -23.37
C TYR F 380 -89.54 -50.75 -24.79
N GLY F 381 -90.82 -50.88 -25.05
CA GLY F 381 -91.27 -50.70 -26.41
C GLY F 381 -91.10 -49.26 -26.84
N VAL F 382 -91.12 -48.34 -25.90
CA VAL F 382 -91.26 -46.92 -26.21
C VAL F 382 -90.65 -46.08 -25.10
N SER F 383 -89.70 -45.21 -25.45
CA SER F 383 -89.08 -44.36 -24.44
C SER F 383 -90.19 -43.83 -23.54
N PRO F 384 -89.87 -43.08 -22.50
CA PRO F 384 -90.94 -42.57 -21.64
C PRO F 384 -91.54 -41.24 -22.08
N THR F 385 -90.75 -40.31 -22.60
CA THR F 385 -91.27 -38.97 -22.84
C THR F 385 -92.31 -38.93 -23.95
N LYS F 386 -92.30 -39.94 -24.81
CA LYS F 386 -93.24 -40.00 -25.93
C LYS F 386 -94.54 -40.74 -25.61
N LEU F 387 -94.79 -41.01 -24.33
CA LEU F 387 -96.02 -41.71 -23.97
C LEU F 387 -97.22 -40.79 -24.04
N ASN F 388 -97.04 -39.54 -23.64
CA ASN F 388 -98.12 -38.56 -23.65
C ASN F 388 -98.86 -38.54 -24.99
N ASP F 389 -98.39 -37.69 -25.90
CA ASP F 389 -99.01 -37.58 -27.21
C ASP F 389 -98.98 -38.90 -27.96
N LEU F 390 -99.92 -39.78 -27.64
CA LEU F 390 -99.99 -41.09 -28.29
C LEU F 390 -101.33 -41.77 -27.99
N CYS F 391 -101.75 -42.66 -28.88
CA CYS F 391 -103.01 -43.38 -28.72
C CYS F 391 -102.77 -44.88 -28.61
N PHE F 392 -103.68 -45.57 -27.93
CA PHE F 392 -103.58 -47.01 -27.76
C PHE F 392 -104.95 -47.68 -27.84
N THR F 393 -104.99 -48.95 -27.48
CA THR F 393 -106.24 -49.71 -27.51
C THR F 393 -106.59 -50.03 -26.06
N ASN F 394 -105.69 -50.75 -25.40
CA ASN F 394 -105.85 -51.12 -24.00
C ASN F 394 -104.53 -50.92 -23.29
N VAL F 395 -104.60 -50.56 -22.02
CA VAL F 395 -103.46 -50.56 -21.14
C VAL F 395 -103.81 -51.51 -20.02
N TYR F 396 -102.91 -52.42 -19.71
CA TYR F 396 -103.11 -53.26 -18.57
C TYR F 396 -102.13 -52.84 -17.50
N ALA F 397 -102.51 -52.97 -16.24
CA ALA F 397 -101.60 -52.67 -15.15
C ALA F 397 -101.57 -53.85 -14.20
N ASP F 398 -100.41 -54.45 -14.02
CA ASP F 398 -100.26 -55.56 -13.10
C ASP F 398 -99.52 -55.10 -11.86
N SER F 399 -99.90 -55.62 -10.71
CA SER F 399 -99.38 -55.11 -9.44
C SER F 399 -98.95 -56.26 -8.56
N PHE F 400 -97.82 -56.11 -7.87
CA PHE F 400 -97.41 -57.10 -6.89
C PHE F 400 -96.28 -56.57 -6.04
N VAL F 401 -95.73 -57.43 -5.19
CA VAL F 401 -94.71 -57.07 -4.21
C VAL F 401 -93.62 -58.15 -4.22
N ILE F 402 -92.37 -57.73 -4.34
CA ILE F 402 -91.26 -58.67 -4.37
C ILE F 402 -90.15 -58.16 -3.48
N ARG F 403 -89.02 -58.86 -3.48
CA ARG F 403 -87.88 -58.44 -2.69
C ARG F 403 -87.27 -57.24 -3.40
N GLY F 404 -86.17 -56.73 -2.88
CA GLY F 404 -85.53 -55.59 -3.48
C GLY F 404 -84.66 -55.94 -4.66
N ASP F 405 -83.99 -57.08 -4.60
CA ASP F 405 -83.06 -57.43 -5.65
C ASP F 405 -83.64 -58.40 -6.66
N GLU F 406 -84.97 -58.49 -6.66
CA GLU F 406 -85.68 -59.33 -7.60
C GLU F 406 -86.33 -58.43 -8.66
N VAL F 407 -86.05 -57.13 -8.61
CA VAL F 407 -86.66 -56.24 -9.58
C VAL F 407 -85.95 -56.34 -10.91
N ARG F 408 -84.83 -57.06 -10.93
CA ARG F 408 -84.05 -57.24 -12.15
C ARG F 408 -84.63 -58.35 -13.03
N GLN F 409 -85.52 -59.16 -12.46
CA GLN F 409 -86.12 -60.24 -13.23
C GLN F 409 -87.43 -59.84 -13.85
N ILE F 410 -87.88 -58.61 -13.60
CA ILE F 410 -89.14 -58.12 -14.15
C ILE F 410 -88.91 -57.36 -15.46
N ALA F 411 -88.68 -58.10 -16.53
CA ALA F 411 -88.45 -57.49 -17.84
C ALA F 411 -88.61 -58.52 -18.96
N PRO F 412 -88.16 -58.19 -20.16
CA PRO F 412 -88.28 -59.11 -21.29
C PRO F 412 -87.00 -59.92 -21.52
N GLY F 413 -87.11 -61.25 -21.48
CA GLY F 413 -85.95 -62.10 -21.70
C GLY F 413 -85.14 -62.30 -20.44
N GLN F 414 -85.82 -62.51 -19.32
CA GLN F 414 -85.16 -62.72 -18.05
C GLN F 414 -85.50 -64.10 -17.47
N THR F 415 -84.77 -64.49 -16.43
CA THR F 415 -84.98 -65.78 -15.79
C THR F 415 -84.77 -65.69 -14.29
N GLY F 416 -85.33 -66.64 -13.55
CA GLY F 416 -85.21 -66.67 -12.10
C GLY F 416 -86.44 -67.24 -11.43
N LYS F 417 -86.35 -67.44 -10.12
CA LYS F 417 -87.46 -67.99 -9.35
C LYS F 417 -88.74 -67.18 -9.57
N ILE F 418 -88.58 -65.89 -9.85
CA ILE F 418 -89.71 -65.01 -10.08
C ILE F 418 -90.14 -65.08 -11.53
N ALA F 419 -89.21 -64.87 -12.46
CA ALA F 419 -89.59 -64.84 -13.86
C ALA F 419 -89.87 -66.23 -14.40
N ASP F 420 -89.32 -67.26 -13.78
CA ASP F 420 -89.59 -68.60 -14.28
C ASP F 420 -91.02 -68.99 -14.00
N TYR F 421 -91.39 -69.11 -12.73
CA TYR F 421 -92.78 -69.37 -12.41
C TYR F 421 -93.25 -68.47 -11.27
N ASN F 422 -93.41 -67.18 -11.55
CA ASN F 422 -94.36 -66.36 -10.83
C ASN F 422 -95.03 -65.38 -11.77
N TYR F 423 -94.22 -64.76 -12.64
CA TYR F 423 -94.69 -63.68 -13.50
C TYR F 423 -93.71 -63.54 -14.65
N LYS F 424 -94.14 -63.90 -15.85
CA LYS F 424 -93.27 -63.91 -17.02
C LYS F 424 -93.75 -62.87 -18.02
N LEU F 425 -92.83 -62.04 -18.50
CA LEU F 425 -92.98 -60.96 -19.47
C LEU F 425 -92.61 -61.45 -20.87
N PRO F 426 -93.42 -61.22 -21.89
CA PRO F 426 -93.08 -61.74 -23.21
C PRO F 426 -91.80 -61.13 -23.72
N ASP F 427 -91.31 -61.68 -24.81
CA ASP F 427 -89.99 -61.28 -25.29
C ASP F 427 -90.02 -60.06 -26.19
N ASP F 428 -91.21 -59.60 -26.59
CA ASP F 428 -91.35 -58.35 -27.32
C ASP F 428 -92.24 -57.38 -26.56
N PHE F 429 -91.97 -57.24 -25.26
CA PHE F 429 -92.77 -56.40 -24.40
C PHE F 429 -92.87 -55.00 -24.97
N THR F 430 -93.90 -54.28 -24.60
CA THR F 430 -94.10 -52.94 -25.10
C THR F 430 -94.21 -51.86 -24.03
N GLY F 431 -94.61 -52.21 -22.83
CA GLY F 431 -94.97 -51.20 -21.85
C GLY F 431 -93.80 -50.64 -21.08
N CYS F 432 -94.04 -50.36 -19.81
CA CYS F 432 -93.00 -49.88 -18.91
C CYS F 432 -93.15 -50.54 -17.56
N VAL F 433 -92.06 -50.61 -16.82
CA VAL F 433 -91.99 -51.26 -15.52
C VAL F 433 -91.62 -50.21 -14.50
N ILE F 434 -92.39 -50.10 -13.43
CA ILE F 434 -92.18 -49.09 -12.40
C ILE F 434 -92.07 -49.79 -11.06
N ALA F 435 -91.17 -49.32 -10.21
CA ALA F 435 -90.95 -49.99 -8.95
C ALA F 435 -90.45 -49.01 -7.92
N TRP F 436 -90.93 -49.15 -6.68
CA TRP F 436 -90.46 -48.27 -5.62
C TRP F 436 -90.43 -49.01 -4.29
N ASN F 437 -89.52 -48.59 -3.43
CA ASN F 437 -89.35 -49.23 -2.14
C ASN F 437 -90.52 -48.95 -1.24
N SER F 438 -90.90 -49.94 -0.45
CA SER F 438 -92.04 -49.80 0.44
C SER F 438 -91.75 -50.45 1.78
N ASN F 439 -90.58 -50.18 2.34
CA ASN F 439 -90.22 -50.87 3.58
C ASN F 439 -91.16 -50.54 4.72
N ASN F 440 -91.62 -49.29 4.81
CA ASN F 440 -92.37 -48.88 5.98
C ASN F 440 -93.79 -49.38 5.97
N LEU F 441 -94.33 -49.71 4.81
CA LEU F 441 -95.71 -50.15 4.71
C LEU F 441 -95.88 -51.65 4.84
N ASP F 442 -94.96 -52.43 4.29
CA ASP F 442 -95.17 -53.86 4.15
C ASP F 442 -94.39 -54.71 5.12
N SER F 443 -93.37 -54.16 5.75
CA SER F 443 -92.54 -54.92 6.66
C SER F 443 -92.91 -54.59 8.09
N LYS F 444 -93.12 -55.62 8.90
CA LYS F 444 -93.48 -55.41 10.30
C LYS F 444 -92.51 -56.07 11.26
N VAL F 445 -92.45 -55.55 12.49
CA VAL F 445 -91.57 -56.09 13.52
C VAL F 445 -91.95 -57.53 13.84
N GLY F 446 -91.01 -58.44 13.62
CA GLY F 446 -91.24 -59.85 13.88
C GLY F 446 -91.27 -60.65 12.59
N GLY F 447 -91.82 -60.05 11.55
CA GLY F 447 -91.90 -60.70 10.26
C GLY F 447 -93.29 -60.70 9.68
N ASN F 448 -93.43 -60.17 8.48
CA ASN F 448 -94.69 -60.14 7.79
C ASN F 448 -94.75 -61.37 6.90
N TYR F 449 -95.44 -62.40 7.37
CA TYR F 449 -95.50 -63.67 6.66
C TYR F 449 -96.72 -63.78 5.77
N ASN F 450 -97.23 -62.68 5.26
CA ASN F 450 -98.40 -62.73 4.40
C ASN F 450 -98.07 -62.55 2.93
N TYR F 451 -96.79 -62.43 2.59
CA TYR F 451 -96.38 -62.21 1.21
C TYR F 451 -95.63 -63.45 0.73
N LEU F 452 -96.30 -64.28 -0.05
CA LEU F 452 -95.76 -65.55 -0.46
C LEU F 452 -95.30 -65.49 -1.91
N TYR F 453 -94.57 -66.51 -2.31
CA TYR F 453 -94.18 -66.68 -3.70
C TYR F 453 -94.06 -68.17 -3.97
N ARG F 454 -94.19 -68.53 -5.24
CA ARG F 454 -94.10 -69.92 -5.64
C ARG F 454 -92.66 -70.24 -5.97
N LEU F 455 -92.18 -71.37 -5.47
CA LEU F 455 -90.79 -71.73 -5.68
C LEU F 455 -90.61 -73.08 -6.35
N PHE F 456 -91.67 -73.78 -6.69
CA PHE F 456 -91.58 -75.04 -7.43
C PHE F 456 -92.70 -75.08 -8.46
N ARG F 457 -92.35 -75.40 -9.70
CA ARG F 457 -93.38 -75.64 -10.69
C ARG F 457 -92.86 -76.64 -11.71
N LYS F 458 -93.79 -77.32 -12.38
CA LYS F 458 -93.40 -78.29 -13.40
C LYS F 458 -92.69 -77.63 -14.56
N SER F 459 -93.19 -76.50 -15.04
CA SER F 459 -92.65 -75.89 -16.23
C SER F 459 -92.83 -74.38 -16.16
N ASN F 460 -91.87 -73.67 -16.73
CA ASN F 460 -91.90 -72.22 -16.69
C ASN F 460 -93.17 -71.69 -17.33
N LEU F 461 -93.58 -70.51 -16.89
CA LEU F 461 -94.85 -69.94 -17.31
C LEU F 461 -94.78 -69.46 -18.74
N LYS F 462 -95.92 -69.50 -19.41
CA LYS F 462 -96.05 -68.74 -20.63
C LYS F 462 -96.17 -67.28 -20.26
N PRO F 463 -95.81 -66.37 -21.15
CA PRO F 463 -95.89 -64.94 -20.79
C PRO F 463 -97.30 -64.54 -20.41
N PHE F 464 -97.41 -63.82 -19.29
CA PHE F 464 -98.68 -63.31 -18.78
C PHE F 464 -99.62 -64.42 -18.33
N GLU F 465 -99.07 -65.58 -18.04
CA GLU F 465 -99.85 -66.68 -17.52
C GLU F 465 -99.81 -66.66 -16.00
N ARG F 466 -100.84 -67.22 -15.37
CA ARG F 466 -101.04 -67.09 -13.94
C ARG F 466 -101.47 -68.42 -13.35
N ASP F 467 -100.98 -68.74 -12.16
CA ASP F 467 -101.12 -70.08 -11.60
C ASP F 467 -101.27 -69.99 -10.09
N ILE F 468 -102.49 -70.12 -9.59
CA ILE F 468 -102.77 -69.98 -8.17
C ILE F 468 -103.06 -71.32 -7.52
N SER F 469 -102.74 -72.42 -8.17
CA SER F 469 -103.01 -73.71 -7.57
C SER F 469 -102.08 -73.96 -6.39
N THR F 470 -102.41 -74.97 -5.59
CA THR F 470 -101.67 -75.25 -4.38
C THR F 470 -101.49 -76.75 -4.20
N GLU F 471 -101.18 -77.44 -5.29
CA GLU F 471 -100.97 -78.87 -5.22
C GLU F 471 -99.58 -79.17 -4.69
N ILE F 472 -99.46 -80.27 -3.96
CA ILE F 472 -98.18 -80.68 -3.42
C ILE F 472 -97.24 -81.04 -4.55
N TYR F 473 -96.11 -80.35 -4.62
CA TYR F 473 -95.11 -80.61 -5.65
C TYR F 473 -94.52 -82.00 -5.45
N GLN F 474 -94.03 -82.58 -6.54
CA GLN F 474 -93.45 -83.91 -6.49
C GLN F 474 -92.10 -83.86 -7.17
N ALA F 475 -91.04 -83.80 -6.38
CA ALA F 475 -89.71 -83.70 -6.97
C ALA F 475 -89.24 -85.05 -7.49
N GLY F 476 -89.12 -86.03 -6.62
CA GLY F 476 -88.69 -87.36 -6.99
C GLY F 476 -89.77 -88.11 -7.74
N SER F 477 -89.45 -89.35 -8.09
CA SER F 477 -90.37 -90.19 -8.86
C SER F 477 -91.50 -90.74 -8.01
N THR F 478 -91.31 -90.81 -6.71
CA THR F 478 -92.33 -91.40 -5.85
C THR F 478 -93.57 -90.53 -5.83
N PRO F 479 -94.76 -91.09 -6.01
CA PRO F 479 -95.97 -90.29 -5.93
C PRO F 479 -96.19 -89.76 -4.52
N CYS F 480 -96.92 -88.66 -4.43
CA CYS F 480 -97.03 -87.90 -3.19
C CYS F 480 -98.31 -88.16 -2.42
N ASN F 481 -99.44 -88.36 -3.10
CA ASN F 481 -100.72 -88.63 -2.43
C ASN F 481 -101.10 -87.51 -1.47
N GLY F 482 -100.80 -86.28 -1.83
CA GLY F 482 -101.30 -85.15 -1.07
C GLY F 482 -100.75 -84.99 0.32
N VAL F 483 -99.66 -85.69 0.67
CA VAL F 483 -99.04 -85.49 1.96
C VAL F 483 -97.59 -85.09 1.74
N GLU F 484 -97.06 -84.32 2.69
CA GLU F 484 -95.69 -83.85 2.61
C GLU F 484 -94.71 -84.98 2.89
N GLY F 485 -93.43 -84.66 2.75
CA GLY F 485 -92.40 -85.65 2.97
C GLY F 485 -91.22 -85.37 2.06
N PHE F 486 -90.24 -86.26 2.11
CA PHE F 486 -89.10 -86.13 1.23
C PHE F 486 -89.57 -86.15 -0.22
N ASN F 487 -89.08 -85.19 -1.00
CA ASN F 487 -89.42 -85.08 -2.41
C ASN F 487 -90.92 -84.90 -2.63
N CYS F 488 -91.61 -84.40 -1.60
CA CYS F 488 -93.01 -84.00 -1.71
C CYS F 488 -93.16 -82.72 -0.92
N TYR F 489 -93.12 -81.58 -1.60
CA TYR F 489 -92.98 -80.29 -0.98
C TYR F 489 -94.19 -79.41 -1.24
N PHE F 490 -94.59 -78.67 -0.23
CA PHE F 490 -95.53 -77.59 -0.43
C PHE F 490 -94.90 -76.55 -1.34
N PRO F 491 -95.63 -76.01 -2.31
CA PRO F 491 -94.99 -75.20 -3.34
C PRO F 491 -94.89 -73.71 -3.05
N LEU F 492 -95.34 -73.22 -1.91
CA LEU F 492 -95.33 -71.79 -1.63
C LEU F 492 -94.48 -71.48 -0.42
N GLN F 493 -93.66 -70.44 -0.54
CA GLN F 493 -92.80 -69.97 0.53
C GLN F 493 -93.24 -68.54 0.86
N SER F 494 -92.82 -68.02 2.01
CA SER F 494 -93.21 -66.68 2.39
C SER F 494 -91.99 -65.86 2.73
N TYR F 495 -91.87 -64.69 2.13
CA TYR F 495 -90.92 -63.69 2.57
C TYR F 495 -91.24 -63.36 4.01
N GLY F 496 -90.30 -63.52 4.91
CA GLY F 496 -90.57 -62.96 6.20
C GLY F 496 -89.94 -61.60 6.27
N PHE F 497 -90.69 -60.55 5.95
CA PHE F 497 -90.10 -59.23 5.88
C PHE F 497 -89.97 -58.66 7.27
N GLN F 498 -88.86 -57.99 7.54
CA GLN F 498 -88.66 -57.37 8.83
C GLN F 498 -88.00 -56.03 8.65
N PRO F 499 -88.35 -55.08 9.50
CA PRO F 499 -87.78 -53.73 9.43
C PRO F 499 -86.25 -53.76 9.35
N THR F 500 -85.62 -54.40 10.32
CA THR F 500 -84.16 -54.50 10.34
C THR F 500 -83.66 -55.45 9.27
N ASN F 501 -83.78 -55.04 8.00
CA ASN F 501 -83.34 -55.84 6.88
C ASN F 501 -82.64 -55.02 5.81
N GLY F 502 -81.36 -55.32 5.58
CA GLY F 502 -80.57 -54.60 4.60
C GLY F 502 -81.30 -54.47 3.27
N VAL F 503 -81.03 -53.36 2.56
CA VAL F 503 -81.65 -53.12 1.28
C VAL F 503 -81.38 -54.30 0.37
N GLY F 504 -82.29 -54.56 -0.56
CA GLY F 504 -82.21 -55.79 -1.30
C GLY F 504 -82.84 -56.94 -0.59
N TYR F 505 -83.30 -56.76 0.64
CA TYR F 505 -84.23 -57.68 1.26
C TYR F 505 -85.47 -56.98 1.77
N GLN F 506 -85.63 -55.72 1.50
CA GLN F 506 -86.83 -55.02 1.90
C GLN F 506 -87.84 -55.06 0.78
N PRO F 507 -89.12 -54.96 1.08
CA PRO F 507 -90.13 -55.16 0.05
C PRO F 507 -90.20 -54.00 -0.91
N TYR F 508 -90.33 -54.34 -2.18
CA TYR F 508 -90.49 -53.34 -3.23
C TYR F 508 -91.85 -53.60 -3.86
N ARG F 509 -92.58 -52.53 -4.16
CA ARG F 509 -93.84 -52.69 -4.87
C ARG F 509 -93.61 -52.39 -6.33
N VAL F 510 -94.22 -53.20 -7.20
CA VAL F 510 -93.98 -53.15 -8.63
C VAL F 510 -95.31 -53.04 -9.36
N VAL F 511 -95.31 -52.22 -10.40
CA VAL F 511 -96.45 -52.05 -11.30
C VAL F 511 -95.92 -52.16 -12.71
N VAL F 512 -96.51 -53.02 -13.52
CA VAL F 512 -96.06 -53.26 -14.88
C VAL F 512 -97.18 -52.79 -15.80
N LEU F 513 -96.95 -51.72 -16.53
CA LEU F 513 -97.92 -51.25 -17.50
C LEU F 513 -97.63 -51.87 -18.84
N SER F 514 -98.65 -52.42 -19.47
CA SER F 514 -98.47 -53.09 -20.74
C SER F 514 -99.46 -52.52 -21.73
N PHE F 515 -98.97 -51.78 -22.72
CA PHE F 515 -99.85 -51.18 -23.73
C PHE F 515 -99.71 -51.87 -25.08
N GLU F 516 -100.42 -51.36 -26.08
CA GLU F 516 -100.39 -51.93 -27.43
C GLU F 516 -100.77 -50.90 -28.50
N LEU F 517 -99.79 -50.50 -29.30
CA LEU F 517 -100.01 -49.53 -30.37
C LEU F 517 -100.94 -50.06 -31.45
N LEU F 518 -100.55 -51.18 -32.05
CA LEU F 518 -101.36 -51.81 -33.09
C LEU F 518 -101.92 -50.79 -34.07
N HIS F 519 -103.18 -50.42 -33.87
CA HIS F 519 -103.86 -49.45 -34.71
C HIS F 519 -105.37 -49.57 -34.53
N ALA F 520 -105.78 -50.11 -33.39
CA ALA F 520 -107.20 -50.28 -33.08
C ALA F 520 -107.93 -48.95 -33.16
N PRO F 521 -109.21 -48.95 -32.82
CA PRO F 521 -110.03 -47.74 -32.85
C PRO F 521 -109.36 -46.58 -32.10
N ALA F 522 -109.43 -46.62 -30.77
CA ALA F 522 -108.83 -45.57 -29.94
C ALA F 522 -109.27 -45.69 -28.48
N THR F 523 -108.51 -45.07 -27.59
CA THR F 523 -108.83 -45.11 -26.16
C THR F 523 -107.90 -44.20 -25.35
N VAL F 524 -107.37 -44.70 -24.24
CA VAL F 524 -106.48 -43.93 -23.38
C VAL F 524 -105.48 -43.09 -24.17
N CYS F 525 -105.92 -41.92 -24.62
CA CYS F 525 -105.08 -41.01 -25.38
C CYS F 525 -104.34 -40.06 -24.42
N GLY F 526 -103.02 -39.96 -24.57
CA GLY F 526 -102.25 -39.09 -23.70
C GLY F 526 -102.89 -37.72 -23.54
N PRO F 527 -102.10 -36.67 -23.74
CA PRO F 527 -102.61 -35.31 -23.62
C PRO F 527 -103.04 -34.75 -24.98
N LYS F 528 -103.94 -35.43 -25.67
CA LYS F 528 -104.39 -34.96 -26.98
C LYS F 528 -104.77 -33.49 -26.93
N LYS F 529 -104.69 -32.82 -28.07
CA LYS F 529 -105.02 -31.40 -28.16
C LYS F 529 -106.03 -31.15 -29.28
N SER F 530 -106.51 -32.22 -29.89
CA SER F 530 -107.49 -32.12 -30.97
C SER F 530 -107.28 -30.86 -31.80
N THR F 531 -108.17 -30.63 -32.77
CA THR F 531 -108.08 -29.47 -33.64
C THR F 531 -109.00 -29.64 -34.84
N ASN F 532 -109.21 -28.56 -35.59
CA ASN F 532 -110.07 -28.60 -36.76
C ASN F 532 -109.52 -29.49 -37.88
N LEU F 533 -109.84 -29.15 -39.12
CA LEU F 533 -109.38 -29.93 -40.26
C LEU F 533 -109.03 -29.06 -41.48
N VAL F 534 -108.88 -29.70 -42.63
CA VAL F 534 -108.55 -29.02 -43.87
C VAL F 534 -108.93 -29.92 -45.04
N LYS F 535 -108.65 -29.49 -46.27
CA LYS F 535 -108.99 -30.31 -47.42
C LYS F 535 -108.50 -29.70 -48.73
N ASN F 536 -107.74 -30.50 -49.50
CA ASN F 536 -107.22 -30.08 -50.79
C ASN F 536 -105.93 -29.26 -50.70
N LYS F 537 -105.38 -29.14 -49.49
CA LYS F 537 -104.15 -28.40 -49.29
C LYS F 537 -103.12 -29.33 -48.69
N CYS F 538 -101.88 -29.26 -49.21
CA CYS F 538 -100.82 -30.06 -48.62
C CYS F 538 -100.66 -29.64 -47.16
N VAL F 539 -100.89 -30.59 -46.26
CA VAL F 539 -101.04 -30.30 -44.85
C VAL F 539 -100.23 -31.32 -44.07
N ASN F 540 -99.97 -30.99 -42.82
CA ASN F 540 -99.27 -31.88 -41.90
C ASN F 540 -100.30 -32.35 -40.88
N PHE F 541 -100.64 -33.63 -40.91
CA PHE F 541 -101.80 -34.11 -40.16
C PHE F 541 -101.41 -35.17 -39.15
N ASN F 542 -102.29 -35.30 -38.14
CA ASN F 542 -102.19 -36.35 -37.13
C ASN F 542 -103.61 -36.81 -36.83
N PHE F 543 -103.90 -38.07 -37.13
CA PHE F 543 -105.20 -38.69 -36.88
C PHE F 543 -105.03 -39.74 -35.79
N ASN F 544 -105.29 -39.33 -34.54
CA ASN F 544 -105.16 -40.13 -33.33
C ASN F 544 -103.99 -41.10 -33.39
N GLY F 545 -102.82 -40.63 -33.78
CA GLY F 545 -101.65 -41.47 -33.82
C GLY F 545 -101.00 -41.52 -35.17
N LEU F 546 -101.80 -41.55 -36.23
CA LEU F 546 -101.28 -41.57 -37.60
C LEU F 546 -100.70 -40.20 -37.92
N THR F 547 -99.39 -40.13 -38.07
CA THR F 547 -98.71 -38.87 -38.41
C THR F 547 -98.34 -38.92 -39.88
N GLY F 548 -98.72 -37.88 -40.62
CA GLY F 548 -98.34 -37.83 -42.02
C GLY F 548 -98.42 -36.46 -42.68
N THR F 549 -98.22 -36.43 -43.99
CA THR F 549 -98.28 -35.20 -44.77
C THR F 549 -99.00 -35.49 -46.08
N GLY F 550 -99.76 -34.52 -46.55
CA GLY F 550 -100.39 -34.66 -47.85
C GLY F 550 -101.66 -33.86 -47.95
N VAL F 551 -102.29 -34.00 -49.10
CA VAL F 551 -103.59 -33.45 -49.40
C VAL F 551 -104.66 -34.43 -48.96
N LEU F 552 -105.70 -33.92 -48.31
CA LEU F 552 -106.83 -34.71 -47.83
C LEU F 552 -108.00 -34.46 -48.76
N THR F 553 -108.73 -35.50 -49.12
CA THR F 553 -109.84 -35.36 -50.05
C THR F 553 -111.01 -36.25 -49.64
N GLU F 554 -112.22 -35.81 -49.94
CA GLU F 554 -113.41 -36.60 -49.66
C GLU F 554 -113.37 -37.91 -50.43
N SER F 555 -113.68 -39.01 -49.75
CA SER F 555 -113.57 -40.32 -50.34
C SER F 555 -114.91 -40.82 -50.85
N ASN F 556 -114.86 -41.99 -51.47
CA ASN F 556 -116.08 -42.70 -51.83
C ASN F 556 -115.91 -44.20 -51.60
N LYS F 557 -114.92 -44.62 -50.82
CA LYS F 557 -114.79 -46.00 -50.36
C LYS F 557 -115.58 -46.18 -49.06
N LYS F 558 -115.76 -47.44 -48.69
CA LYS F 558 -116.56 -47.79 -47.52
C LYS F 558 -115.80 -48.81 -46.68
N PHE F 559 -115.24 -48.36 -45.57
CA PHE F 559 -114.55 -49.25 -44.64
C PHE F 559 -115.55 -50.19 -43.98
N LEU F 560 -115.06 -51.15 -43.23
CA LEU F 560 -115.98 -51.84 -42.33
C LEU F 560 -116.02 -51.09 -41.00
N PRO F 561 -117.13 -51.13 -40.28
CA PRO F 561 -117.29 -50.19 -39.17
C PRO F 561 -116.46 -50.55 -37.95
N PHE F 562 -115.25 -50.99 -38.17
CA PHE F 562 -114.26 -51.05 -37.12
C PHE F 562 -112.87 -50.73 -37.65
N GLN F 563 -112.73 -50.40 -38.92
CA GLN F 563 -111.44 -50.14 -39.56
C GLN F 563 -111.19 -48.64 -39.57
N GLN F 564 -109.97 -48.26 -39.18
CA GLN F 564 -109.58 -46.86 -39.04
C GLN F 564 -108.98 -46.28 -40.32
N PHE F 565 -107.94 -46.91 -40.85
CA PHE F 565 -107.28 -46.40 -42.03
C PHE F 565 -107.06 -47.52 -43.02
N GLY F 566 -106.85 -47.15 -44.29
CA GLY F 566 -106.62 -48.07 -45.36
C GLY F 566 -105.20 -47.98 -45.89
N ARG F 567 -104.73 -49.11 -46.40
CA ARG F 567 -103.37 -49.19 -46.91
C ARG F 567 -103.39 -49.65 -48.35
N ASP F 568 -102.32 -49.35 -49.06
CA ASP F 568 -102.14 -49.76 -50.44
C ASP F 568 -101.31 -51.03 -50.50
N ILE F 569 -101.18 -51.58 -51.70
CA ILE F 569 -100.18 -52.60 -51.98
C ILE F 569 -98.86 -51.87 -51.96
N ALA F 570 -97.84 -52.50 -51.37
CA ALA F 570 -96.57 -51.89 -50.98
C ALA F 570 -96.71 -51.12 -49.68
N ASP F 571 -97.89 -51.21 -49.04
CA ASP F 571 -98.07 -50.84 -47.65
C ASP F 571 -97.81 -49.38 -47.33
N THR F 572 -98.58 -48.47 -47.93
CA THR F 572 -98.54 -47.07 -47.53
C THR F 572 -99.96 -46.62 -47.21
N THR F 573 -100.10 -45.86 -46.13
CA THR F 573 -101.41 -45.34 -45.73
C THR F 573 -101.97 -44.44 -46.81
N ASP F 574 -103.17 -44.74 -47.28
CA ASP F 574 -103.76 -43.92 -48.33
C ASP F 574 -105.19 -43.47 -48.04
N ALA F 575 -105.80 -43.95 -46.98
CA ALA F 575 -107.09 -43.45 -46.54
C ALA F 575 -107.12 -43.43 -45.02
N VAL F 576 -107.93 -42.54 -44.45
CA VAL F 576 -108.17 -42.51 -43.02
C VAL F 576 -109.65 -42.29 -42.78
N ARG F 577 -110.05 -42.46 -41.53
CA ARG F 577 -111.39 -42.15 -41.09
C ARG F 577 -111.29 -41.08 -40.00
N ASP F 578 -112.07 -40.02 -40.12
CA ASP F 578 -112.04 -38.95 -39.12
C ASP F 578 -112.70 -39.49 -37.87
N PRO F 579 -112.03 -39.40 -36.73
CA PRO F 579 -112.63 -39.95 -35.52
C PRO F 579 -113.94 -39.27 -35.12
N GLN F 580 -114.02 -37.95 -35.27
CA GLN F 580 -115.18 -37.24 -34.77
C GLN F 580 -116.40 -37.41 -35.66
N THR F 581 -116.25 -37.18 -36.96
CA THR F 581 -117.39 -37.28 -37.87
C THR F 581 -117.51 -38.64 -38.55
N LEU F 582 -116.45 -39.46 -38.51
CA LEU F 582 -116.47 -40.85 -39.03
C LEU F 582 -116.70 -40.88 -40.54
N GLU F 583 -115.91 -40.12 -41.28
CA GLU F 583 -115.96 -40.15 -42.74
C GLU F 583 -114.58 -40.46 -43.29
N ILE F 584 -114.58 -41.15 -44.42
CA ILE F 584 -113.34 -41.64 -45.02
C ILE F 584 -112.78 -40.54 -45.91
N LEU F 585 -111.47 -40.34 -45.80
CA LEU F 585 -110.76 -39.31 -46.55
C LEU F 585 -109.51 -39.91 -47.17
N ASP F 586 -109.31 -39.69 -48.46
CA ASP F 586 -108.09 -40.14 -49.11
C ASP F 586 -106.93 -39.19 -48.84
N ILE F 587 -105.74 -39.77 -48.82
CA ILE F 587 -104.51 -39.03 -48.54
C ILE F 587 -103.51 -39.14 -49.68
N THR F 588 -103.70 -38.34 -50.73
CA THR F 588 -102.80 -38.35 -51.86
C THR F 588 -101.46 -37.76 -51.46
N PRO F 589 -100.40 -38.02 -52.31
CA PRO F 589 -99.12 -37.45 -51.88
C PRO F 589 -98.86 -36.09 -52.52
N CYS F 590 -98.19 -35.20 -51.79
CA CYS F 590 -97.89 -33.87 -52.29
C CYS F 590 -97.31 -33.91 -53.70
N SER F 591 -97.23 -32.76 -54.34
CA SER F 591 -96.69 -32.68 -55.70
C SER F 591 -95.17 -32.57 -55.70
N PHE F 592 -94.52 -33.55 -56.33
CA PHE F 592 -93.07 -33.59 -56.42
C PHE F 592 -92.65 -34.01 -57.81
N GLY F 593 -91.35 -34.06 -58.06
CA GLY F 593 -90.82 -34.46 -59.36
C GLY F 593 -89.35 -34.17 -59.52
N GLY F 594 -88.94 -33.92 -60.75
CA GLY F 594 -87.55 -33.63 -61.05
C GLY F 594 -87.41 -32.29 -61.73
N VAL F 595 -86.30 -31.61 -61.49
CA VAL F 595 -86.07 -30.31 -62.09
C VAL F 595 -84.81 -30.39 -62.93
N SER F 596 -84.92 -29.97 -64.19
CA SER F 596 -83.78 -29.99 -65.09
C SER F 596 -83.48 -28.58 -65.57
N VAL F 597 -82.22 -28.32 -65.83
CA VAL F 597 -81.75 -27.01 -66.28
C VAL F 597 -81.17 -27.15 -67.67
N ILE F 598 -81.65 -26.33 -68.59
CA ILE F 598 -81.25 -26.32 -69.99
C ILE F 598 -80.38 -25.08 -70.19
N THR F 599 -79.14 -25.29 -70.58
CA THR F 599 -78.18 -24.23 -70.78
C THR F 599 -77.48 -24.34 -72.13
N PRO F 600 -77.31 -23.23 -72.85
CA PRO F 600 -76.50 -23.26 -74.07
C PRO F 600 -75.01 -23.41 -73.84
N GLY F 601 -74.55 -23.42 -72.60
CA GLY F 601 -73.13 -23.51 -72.28
C GLY F 601 -72.65 -22.16 -71.80
N THR F 602 -71.87 -22.15 -70.73
CA THR F 602 -71.45 -20.90 -70.10
C THR F 602 -70.48 -20.12 -70.97
N ASN F 603 -69.96 -20.75 -72.00
CA ASN F 603 -69.07 -20.14 -72.98
C ASN F 603 -69.86 -19.51 -74.13
N THR F 604 -71.16 -19.44 -73.97
CA THR F 604 -72.04 -18.86 -75.00
C THR F 604 -72.93 -17.82 -74.36
N SER F 605 -73.39 -18.10 -73.15
CA SER F 605 -74.37 -17.29 -72.47
C SER F 605 -74.56 -17.84 -71.06
N ASN F 606 -75.21 -17.06 -70.22
CA ASN F 606 -75.54 -17.48 -68.86
C ASN F 606 -77.04 -17.55 -68.65
N GLN F 607 -77.82 -17.39 -69.71
CA GLN F 607 -79.25 -17.63 -69.62
C GLN F 607 -79.53 -19.12 -69.46
N VAL F 608 -80.74 -19.42 -68.98
CA VAL F 608 -81.07 -20.76 -68.57
C VAL F 608 -82.58 -20.95 -68.74
N ALA F 609 -82.99 -22.17 -69.03
CA ALA F 609 -84.39 -22.56 -69.00
C ALA F 609 -84.56 -23.73 -68.06
N VAL F 610 -85.77 -23.93 -67.57
CA VAL F 610 -86.01 -24.88 -66.48
C VAL F 610 -87.19 -25.76 -66.83
N LEU F 611 -87.00 -27.08 -66.78
CA LEU F 611 -88.08 -28.00 -67.13
C LEU F 611 -88.58 -28.80 -65.93
N TYR F 612 -89.89 -28.77 -65.71
CA TYR F 612 -90.51 -29.50 -64.62
C TYR F 612 -91.26 -30.69 -65.18
N GLN F 613 -90.88 -31.89 -64.75
CA GLN F 613 -91.51 -33.11 -65.24
C GLN F 613 -92.80 -33.47 -64.49
N ASP F 614 -93.67 -34.20 -65.17
CA ASP F 614 -94.95 -34.64 -64.61
C ASP F 614 -95.63 -33.59 -63.73
N VAL F 615 -95.20 -32.34 -63.86
CA VAL F 615 -95.79 -31.26 -63.07
C VAL F 615 -96.49 -30.27 -63.98
N ASN F 616 -97.82 -30.28 -63.98
CA ASN F 616 -98.58 -29.36 -64.82
C ASN F 616 -98.04 -27.94 -64.71
N CYS F 617 -98.41 -27.10 -65.66
CA CYS F 617 -97.93 -25.71 -65.67
C CYS F 617 -98.77 -24.72 -64.89
N THR F 618 -99.35 -25.14 -63.77
CA THR F 618 -100.16 -24.17 -63.01
C THR F 618 -99.83 -24.24 -61.53
N GLU F 619 -99.01 -25.22 -61.14
CA GLU F 619 -98.68 -25.42 -59.74
C GLU F 619 -97.17 -25.43 -59.54
N VAL F 620 -96.47 -24.62 -60.31
CA VAL F 620 -95.01 -24.59 -60.27
C VAL F 620 -94.51 -23.84 -59.04
N PRO F 621 -94.95 -22.60 -58.78
CA PRO F 621 -94.39 -21.96 -57.59
C PRO F 621 -95.29 -22.10 -56.37
N SER F 640 -93.53 -13.43 -68.96
CA SER F 640 -92.55 -14.50 -69.14
C SER F 640 -93.08 -15.61 -70.02
N ASN F 641 -92.31 -16.68 -70.14
CA ASN F 641 -92.62 -17.80 -71.02
C ASN F 641 -92.88 -19.05 -70.20
N VAL F 642 -94.14 -19.41 -70.06
CA VAL F 642 -94.50 -20.71 -69.52
C VAL F 642 -95.14 -21.50 -70.64
N PHE F 643 -94.62 -22.71 -70.87
CA PHE F 643 -95.00 -23.51 -72.01
C PHE F 643 -95.21 -24.92 -71.50
N GLN F 644 -96.33 -25.53 -71.86
CA GLN F 644 -96.66 -26.86 -71.39
C GLN F 644 -96.28 -27.91 -72.42
N THR F 645 -95.63 -28.95 -71.95
CA THR F 645 -95.13 -30.02 -72.77
C THR F 645 -95.70 -31.32 -72.26
N ARG F 646 -95.71 -32.34 -73.11
CA ARG F 646 -95.98 -33.69 -72.67
C ARG F 646 -94.92 -34.20 -71.70
N ALA F 647 -93.80 -33.49 -71.54
CA ALA F 647 -92.72 -33.88 -70.66
C ALA F 647 -92.64 -33.02 -69.40
N GLY F 648 -93.53 -32.05 -69.24
CA GLY F 648 -93.53 -31.19 -68.08
C GLY F 648 -93.73 -29.73 -68.46
N CYS F 649 -93.46 -28.87 -67.49
CA CYS F 649 -93.62 -27.43 -67.69
C CYS F 649 -92.26 -26.76 -67.88
N LEU F 650 -92.14 -26.05 -69.00
CA LEU F 650 -90.90 -25.39 -69.40
C LEU F 650 -91.01 -23.90 -69.14
N ILE F 651 -90.01 -23.33 -68.46
CA ILE F 651 -90.01 -21.92 -68.13
C ILE F 651 -88.71 -21.30 -68.62
N GLY F 652 -88.82 -20.19 -69.35
CA GLY F 652 -87.66 -19.47 -69.82
C GLY F 652 -87.28 -19.70 -71.25
N ALA F 653 -88.11 -20.39 -72.03
CA ALA F 653 -87.92 -20.57 -73.45
C ALA F 653 -89.22 -20.23 -74.14
N GLU F 654 -89.12 -19.63 -75.33
CA GLU F 654 -90.30 -19.31 -76.10
C GLU F 654 -90.56 -20.38 -77.16
N HIS F 655 -91.83 -20.63 -77.41
CA HIS F 655 -92.25 -21.63 -78.37
C HIS F 655 -92.41 -21.00 -79.75
N VAL F 656 -91.71 -21.54 -80.73
CA VAL F 656 -91.80 -21.06 -82.10
C VAL F 656 -92.53 -22.10 -82.94
N ASN F 657 -92.82 -21.73 -84.19
CA ASN F 657 -93.57 -22.59 -85.09
C ASN F 657 -92.72 -23.24 -86.17
N ASN F 658 -91.48 -22.79 -86.33
CA ASN F 658 -90.53 -23.40 -87.23
C ASN F 658 -90.18 -24.81 -86.76
N SER F 659 -89.37 -25.53 -87.53
CA SER F 659 -88.88 -26.83 -87.09
C SER F 659 -87.46 -27.01 -87.60
N TYR F 660 -86.54 -27.26 -86.68
CA TYR F 660 -85.13 -27.39 -86.99
C TYR F 660 -84.69 -28.81 -86.67
N GLU F 661 -83.40 -29.06 -86.88
CA GLU F 661 -82.79 -30.28 -86.40
C GLU F 661 -82.61 -30.19 -84.90
N CYS F 662 -82.73 -31.34 -84.23
CA CYS F 662 -82.75 -31.32 -82.78
C CYS F 662 -81.39 -30.90 -82.23
N ASP F 663 -81.43 -30.09 -81.18
CA ASP F 663 -80.21 -29.57 -80.57
C ASP F 663 -80.01 -30.08 -79.15
N ILE F 664 -80.96 -29.75 -78.28
CA ILE F 664 -80.98 -30.21 -76.91
C ILE F 664 -82.31 -30.93 -76.73
N PRO F 665 -82.31 -32.21 -76.45
CA PRO F 665 -83.56 -32.96 -76.43
C PRO F 665 -84.35 -32.77 -75.16
N ILE F 666 -85.57 -32.27 -75.26
CA ILE F 666 -86.46 -32.14 -74.13
C ILE F 666 -87.28 -33.40 -73.94
N GLY F 667 -87.99 -33.81 -74.97
CA GLY F 667 -88.73 -35.06 -74.91
C GLY F 667 -90.04 -34.96 -75.66
N ALA F 668 -90.60 -36.12 -75.96
CA ALA F 668 -91.88 -36.23 -76.67
C ALA F 668 -91.89 -35.42 -77.96
N GLY F 669 -90.76 -35.41 -78.66
CA GLY F 669 -90.64 -34.70 -79.90
C GLY F 669 -90.20 -33.25 -79.81
N ILE F 670 -89.97 -32.73 -78.61
CA ILE F 670 -89.65 -31.32 -78.40
C ILE F 670 -88.15 -31.20 -78.15
N CYS F 671 -87.51 -30.26 -78.85
CA CYS F 671 -86.14 -29.87 -78.55
C CYS F 671 -86.02 -28.38 -78.29
N ALA F 672 -84.85 -27.95 -77.81
CA ALA F 672 -84.58 -26.57 -77.47
C ALA F 672 -83.28 -26.14 -78.12
N SER F 673 -83.14 -24.85 -78.35
CA SER F 673 -81.90 -24.32 -78.89
C SER F 673 -81.74 -22.87 -78.45
N TYR F 674 -80.51 -22.38 -78.55
CA TYR F 674 -80.20 -20.99 -78.24
C TYR F 674 -80.09 -20.21 -79.54
N GLN F 675 -81.22 -19.80 -80.09
CA GLN F 675 -81.14 -19.24 -81.43
C GLN F 675 -81.80 -17.89 -81.60
N THR F 676 -83.05 -17.80 -81.16
CA THR F 676 -83.92 -16.72 -81.56
C THR F 676 -84.43 -15.92 -80.37
N GLN F 690 -81.48 -13.19 -80.24
CA GLN F 690 -81.50 -14.57 -79.78
C GLN F 690 -82.01 -14.66 -78.35
N SER F 691 -83.05 -15.47 -78.10
CA SER F 691 -83.35 -15.67 -76.69
C SER F 691 -83.18 -17.12 -76.23
N ILE F 692 -84.16 -17.98 -76.49
CA ILE F 692 -84.11 -19.44 -76.39
C ILE F 692 -85.47 -19.87 -76.91
N ILE F 693 -85.52 -20.90 -77.75
CA ILE F 693 -86.76 -21.26 -78.42
C ILE F 693 -87.04 -22.74 -78.20
N ALA F 694 -88.32 -23.07 -78.17
CA ALA F 694 -88.79 -24.44 -78.06
C ALA F 694 -89.69 -24.74 -79.24
N TYR F 695 -89.39 -25.82 -79.98
CA TYR F 695 -90.09 -26.11 -81.22
C TYR F 695 -90.29 -27.62 -81.35
N THR F 696 -91.14 -27.98 -82.31
CA THR F 696 -91.28 -29.38 -82.71
C THR F 696 -90.25 -29.72 -83.78
N MET F 697 -89.46 -30.76 -83.54
CA MET F 697 -88.32 -31.03 -84.40
C MET F 697 -88.74 -31.54 -85.77
N SER F 698 -87.97 -31.16 -86.77
CA SER F 698 -88.17 -31.64 -88.13
C SER F 698 -87.36 -32.89 -88.35
N LEU F 699 -87.89 -33.77 -89.19
CA LEU F 699 -87.23 -35.04 -89.44
C LEU F 699 -86.26 -34.98 -90.60
N GLY F 700 -86.44 -34.03 -91.49
CA GLY F 700 -85.57 -33.87 -92.62
C GLY F 700 -86.31 -33.21 -93.75
N ALA F 701 -85.57 -32.92 -94.81
CA ALA F 701 -86.19 -32.40 -96.01
C ALA F 701 -87.07 -33.46 -96.65
N GLU F 702 -88.03 -33.01 -97.42
CA GLU F 702 -89.01 -33.88 -98.02
C GLU F 702 -88.85 -33.85 -99.54
N ASN F 703 -89.03 -35.00 -100.18
CA ASN F 703 -89.02 -34.95 -101.63
C ASN F 703 -89.73 -36.14 -102.22
N SER F 704 -90.51 -35.87 -103.25
CA SER F 704 -91.11 -36.88 -104.10
C SER F 704 -90.15 -37.30 -105.19
N VAL F 705 -90.00 -38.60 -105.36
CA VAL F 705 -89.25 -39.18 -106.45
C VAL F 705 -90.12 -39.12 -107.69
N ALA F 706 -89.49 -38.91 -108.85
CA ALA F 706 -90.24 -38.76 -110.10
C ALA F 706 -90.57 -40.13 -110.70
N TYR F 707 -91.26 -40.95 -109.94
CA TYR F 707 -91.54 -42.31 -110.37
C TYR F 707 -92.56 -42.32 -111.50
N SER F 708 -92.28 -43.11 -112.54
CA SER F 708 -93.29 -43.47 -113.53
C SER F 708 -93.03 -44.89 -114.00
N ASN F 709 -93.86 -45.41 -114.90
CA ASN F 709 -93.71 -46.81 -115.28
C ASN F 709 -92.75 -47.01 -116.44
N ASN F 710 -92.16 -45.96 -117.00
CA ASN F 710 -91.13 -46.15 -118.01
C ASN F 710 -90.02 -45.12 -117.93
N SER F 711 -89.71 -44.63 -116.74
CA SER F 711 -88.68 -43.64 -116.53
C SER F 711 -87.55 -44.22 -115.70
N ILE F 712 -86.32 -43.82 -116.00
CA ILE F 712 -85.16 -44.28 -115.26
C ILE F 712 -84.18 -43.12 -115.10
N ALA F 713 -83.31 -43.23 -114.10
CA ALA F 713 -82.26 -42.24 -113.85
C ALA F 713 -80.91 -42.96 -113.78
N ILE F 714 -79.96 -42.53 -114.60
CA ILE F 714 -78.64 -43.16 -114.69
C ILE F 714 -77.61 -42.11 -114.31
N PRO F 715 -76.59 -42.46 -113.51
CA PRO F 715 -75.53 -41.49 -113.18
C PRO F 715 -74.53 -41.31 -114.30
N THR F 716 -74.03 -40.09 -114.43
CA THR F 716 -73.04 -39.77 -115.47
C THR F 716 -71.66 -39.44 -114.91
N ASN F 717 -71.51 -39.44 -113.60
CA ASN F 717 -70.24 -39.15 -112.97
C ASN F 717 -70.22 -39.84 -111.61
N PHE F 718 -69.14 -39.65 -110.87
CA PHE F 718 -69.02 -40.22 -109.54
C PHE F 718 -68.10 -39.34 -108.70
N THR F 719 -68.16 -39.56 -107.39
CA THR F 719 -67.16 -39.04 -106.46
C THR F 719 -66.55 -40.18 -105.67
N ILE F 720 -65.32 -39.98 -105.22
CA ILE F 720 -64.63 -40.88 -104.31
C ILE F 720 -64.69 -40.29 -102.91
N SER F 721 -65.30 -41.02 -101.98
CA SER F 721 -65.42 -40.57 -100.60
C SER F 721 -64.47 -41.34 -99.71
N VAL F 722 -64.00 -40.69 -98.65
CA VAL F 722 -63.34 -41.37 -97.54
C VAL F 722 -63.96 -40.86 -96.24
N THR F 723 -64.31 -41.80 -95.36
CA THR F 723 -64.93 -41.46 -94.08
C THR F 723 -64.30 -42.26 -92.96
N THR F 724 -64.32 -41.69 -91.77
CA THR F 724 -63.75 -42.31 -90.60
C THR F 724 -64.79 -43.10 -89.81
N GLU F 725 -64.33 -44.13 -89.14
CA GLU F 725 -65.08 -44.82 -88.11
C GLU F 725 -64.13 -45.11 -86.97
N ILE F 726 -64.58 -44.91 -85.74
CA ILE F 726 -63.72 -45.02 -84.56
C ILE F 726 -64.34 -46.03 -83.61
N LEU F 727 -63.52 -46.95 -83.10
CA LEU F 727 -64.03 -47.98 -82.22
C LEU F 727 -63.07 -48.23 -81.06
N PRO F 728 -63.60 -48.38 -79.85
CA PRO F 728 -62.75 -48.78 -78.71
C PRO F 728 -62.39 -50.25 -78.76
N VAL F 729 -61.19 -50.58 -78.32
CA VAL F 729 -60.81 -51.99 -78.21
C VAL F 729 -60.36 -52.41 -76.82
N SER F 730 -60.03 -51.51 -75.90
CA SER F 730 -59.61 -51.95 -74.57
C SER F 730 -59.82 -50.86 -73.53
N MET F 731 -59.83 -51.28 -72.27
CA MET F 731 -59.80 -50.45 -71.08
C MET F 731 -58.48 -50.61 -70.34
N THR F 732 -58.24 -49.73 -69.38
CA THR F 732 -57.08 -49.83 -68.51
C THR F 732 -57.22 -51.01 -67.54
N LYS F 733 -56.12 -51.71 -67.34
CA LYS F 733 -56.05 -52.85 -66.46
C LYS F 733 -55.71 -52.37 -65.06
N THR F 734 -56.66 -52.51 -64.14
CA THR F 734 -56.44 -52.11 -62.77
C THR F 734 -56.63 -53.32 -61.87
N SER F 735 -55.99 -53.25 -60.70
CA SER F 735 -56.08 -54.30 -59.70
C SER F 735 -56.14 -53.68 -58.30
N VAL F 736 -57.08 -54.17 -57.48
CA VAL F 736 -57.26 -53.66 -56.13
C VAL F 736 -56.92 -54.79 -55.18
N ASP F 737 -56.13 -54.47 -54.16
CA ASP F 737 -55.90 -55.38 -53.05
C ASP F 737 -57.05 -55.19 -52.05
N CYS F 738 -57.94 -56.17 -52.00
CA CYS F 738 -59.13 -56.07 -51.15
C CYS F 738 -58.76 -55.80 -49.69
N THR F 739 -57.78 -56.53 -49.17
CA THR F 739 -57.41 -56.38 -47.76
C THR F 739 -56.82 -55.01 -47.48
N MET F 740 -56.03 -54.46 -48.40
CA MET F 740 -55.39 -53.18 -48.14
C MET F 740 -56.34 -52.02 -48.38
N TYR F 741 -57.36 -52.18 -49.19
CA TYR F 741 -58.38 -51.15 -49.31
C TYR F 741 -59.28 -51.13 -48.09
N ILE F 742 -59.71 -52.30 -47.65
CA ILE F 742 -60.59 -52.34 -46.50
C ILE F 742 -59.83 -51.93 -45.25
N CYS F 743 -59.23 -52.90 -44.57
CA CYS F 743 -58.46 -52.61 -43.37
C CYS F 743 -57.48 -51.47 -43.66
N GLY F 744 -56.34 -51.82 -44.25
CA GLY F 744 -55.34 -50.83 -44.59
C GLY F 744 -54.36 -50.58 -43.47
N ASP F 745 -53.33 -51.42 -43.38
CA ASP F 745 -52.29 -51.29 -42.36
C ASP F 745 -52.68 -51.91 -41.02
N SER F 746 -53.73 -51.38 -40.40
CA SER F 746 -54.20 -51.87 -39.11
C SER F 746 -54.22 -53.40 -39.05
N THR F 747 -54.19 -53.94 -37.84
CA THR F 747 -54.19 -55.39 -37.66
C THR F 747 -55.45 -55.88 -36.95
N GLU F 748 -56.19 -54.96 -36.34
CA GLU F 748 -57.43 -55.33 -35.66
C GLU F 748 -58.48 -55.58 -36.73
N CYS F 749 -58.28 -54.93 -37.87
CA CYS F 749 -59.17 -55.05 -39.02
C CYS F 749 -58.97 -56.36 -39.78
N SER F 750 -57.73 -56.82 -39.92
CA SER F 750 -57.49 -58.01 -40.72
C SER F 750 -58.08 -59.25 -40.09
N ASN F 751 -57.96 -59.41 -38.77
CA ASN F 751 -58.55 -60.57 -38.13
C ASN F 751 -60.08 -60.54 -38.17
N LEU F 752 -60.67 -59.35 -38.10
CA LEU F 752 -62.11 -59.25 -38.22
C LEU F 752 -62.59 -59.55 -39.63
N LEU F 753 -61.82 -59.11 -40.64
CA LEU F 753 -62.20 -59.36 -42.02
C LEU F 753 -61.99 -60.81 -42.42
N LEU F 754 -61.04 -61.49 -41.78
CA LEU F 754 -60.86 -62.93 -41.99
C LEU F 754 -62.13 -63.73 -41.72
N GLN F 755 -63.11 -63.14 -41.05
CA GLN F 755 -64.34 -63.83 -40.68
C GLN F 755 -65.38 -63.86 -41.79
N TYR F 756 -65.09 -63.24 -42.93
CA TYR F 756 -66.07 -63.13 -44.00
C TYR F 756 -65.88 -64.17 -45.09
N GLY F 757 -64.86 -65.00 -44.99
CA GLY F 757 -64.71 -66.06 -45.95
C GLY F 757 -63.90 -65.63 -47.15
N SER F 758 -64.32 -66.05 -48.33
CA SER F 758 -63.58 -65.80 -49.56
C SER F 758 -64.16 -64.66 -50.36
N PHE F 759 -64.69 -63.61 -49.72
CA PHE F 759 -65.22 -62.49 -50.46
C PHE F 759 -64.15 -61.73 -51.21
N CYS F 760 -62.94 -61.63 -50.67
CA CYS F 760 -61.86 -60.89 -51.32
C CYS F 760 -61.15 -61.70 -52.38
N THR F 761 -61.13 -63.02 -52.28
CA THR F 761 -60.56 -63.85 -53.32
C THR F 761 -61.39 -63.81 -54.59
N GLN F 762 -62.71 -63.80 -54.44
CA GLN F 762 -63.61 -63.68 -55.58
C GLN F 762 -63.39 -62.36 -56.32
N LEU F 763 -63.23 -61.26 -55.59
CA LEU F 763 -63.09 -59.96 -56.24
C LEU F 763 -61.79 -59.85 -57.01
N ASN F 764 -60.71 -60.38 -56.47
CA ASN F 764 -59.44 -60.39 -57.19
C ASN F 764 -59.49 -61.29 -58.42
N ARG F 765 -60.18 -62.43 -58.33
CA ARG F 765 -60.35 -63.22 -59.53
C ARG F 765 -61.15 -62.48 -60.59
N ALA F 766 -62.21 -61.79 -60.18
CA ALA F 766 -63.03 -61.05 -61.13
C ALA F 766 -62.22 -59.97 -61.82
N LEU F 767 -61.43 -59.21 -61.07
CA LEU F 767 -60.63 -58.17 -61.69
C LEU F 767 -59.50 -58.72 -62.54
N THR F 768 -58.93 -59.87 -62.20
CA THR F 768 -57.86 -60.42 -63.01
C THR F 768 -58.36 -60.95 -64.35
N GLY F 769 -59.55 -61.56 -64.36
CA GLY F 769 -60.14 -61.96 -65.62
C GLY F 769 -60.34 -60.82 -66.60
N ILE F 770 -60.85 -59.70 -66.11
CA ILE F 770 -61.00 -58.50 -66.90
C ILE F 770 -59.69 -58.04 -67.53
N ALA F 771 -58.62 -58.02 -66.76
CA ALA F 771 -57.32 -57.58 -67.24
C ALA F 771 -56.71 -58.53 -68.25
N VAL F 772 -56.96 -59.83 -68.11
CA VAL F 772 -56.49 -60.77 -69.13
C VAL F 772 -57.30 -60.65 -70.40
N GLU F 773 -58.57 -60.25 -70.30
CA GLU F 773 -59.39 -60.10 -71.49
C GLU F 773 -58.98 -58.88 -72.33
N GLN F 774 -58.40 -57.86 -71.71
CA GLN F 774 -58.04 -56.65 -72.43
C GLN F 774 -56.88 -56.86 -73.40
N ASP F 775 -56.00 -57.82 -73.12
CA ASP F 775 -54.92 -58.12 -74.04
C ASP F 775 -55.38 -58.98 -75.20
N LYS F 776 -56.34 -59.86 -74.96
CA LYS F 776 -56.90 -60.66 -76.01
C LYS F 776 -57.77 -59.84 -76.96
N ASN F 777 -58.45 -58.82 -76.46
CA ASN F 777 -59.11 -57.85 -77.33
C ASN F 777 -58.16 -57.28 -78.37
N THR F 778 -56.99 -56.82 -77.94
CA THR F 778 -56.03 -56.17 -78.82
C THR F 778 -55.34 -57.16 -79.74
N GLN F 779 -55.04 -58.36 -79.25
CA GLN F 779 -54.49 -59.40 -80.10
C GLN F 779 -55.47 -59.77 -81.21
N GLU F 780 -56.75 -59.82 -80.89
CA GLU F 780 -57.73 -60.17 -81.91
C GLU F 780 -57.96 -59.07 -82.93
N VAL F 781 -57.84 -57.81 -82.55
CA VAL F 781 -58.03 -56.75 -83.55
C VAL F 781 -56.79 -56.60 -84.43
N PHE F 782 -55.60 -56.57 -83.83
CA PHE F 782 -54.43 -56.08 -84.59
C PHE F 782 -53.50 -57.17 -85.10
N ALA F 783 -53.31 -58.28 -84.39
CA ALA F 783 -52.36 -59.29 -84.82
C ALA F 783 -53.00 -60.26 -85.82
N GLN F 784 -53.55 -59.67 -86.88
CA GLN F 784 -54.25 -60.39 -87.94
C GLN F 784 -53.37 -60.61 -89.17
N VAL F 785 -52.08 -60.74 -88.98
CA VAL F 785 -51.18 -60.81 -90.13
C VAL F 785 -50.02 -61.72 -89.78
N LYS F 786 -49.64 -62.56 -90.74
CA LYS F 786 -48.56 -63.51 -90.54
C LYS F 786 -47.21 -62.82 -90.51
N GLN F 787 -46.89 -62.08 -91.56
CA GLN F 787 -45.60 -61.46 -91.75
C GLN F 787 -45.70 -59.98 -91.49
N ILE F 788 -44.56 -59.34 -91.33
CA ILE F 788 -44.50 -57.89 -91.20
C ILE F 788 -44.07 -57.36 -92.56
N TYR F 789 -45.04 -56.91 -93.35
CA TYR F 789 -44.82 -56.48 -94.71
C TYR F 789 -44.29 -55.05 -94.77
N LYS F 790 -43.48 -54.78 -95.78
CA LYS F 790 -42.90 -53.47 -96.01
C LYS F 790 -43.24 -52.96 -97.40
N THR F 791 -43.42 -51.65 -97.50
CA THR F 791 -43.61 -51.01 -98.79
C THR F 791 -42.26 -50.83 -99.48
N PRO F 792 -42.24 -50.84 -100.82
CA PRO F 792 -40.97 -50.65 -101.52
C PRO F 792 -40.53 -49.20 -101.44
N PRO F 793 -39.24 -48.93 -101.65
CA PRO F 793 -38.71 -47.56 -101.49
C PRO F 793 -39.28 -46.54 -102.47
N ILE F 794 -39.71 -46.95 -103.66
CA ILE F 794 -40.43 -46.06 -104.57
C ILE F 794 -41.85 -45.87 -104.06
N LYS F 795 -42.59 -44.95 -104.67
CA LYS F 795 -44.00 -44.81 -104.33
C LYS F 795 -44.82 -44.66 -105.60
N ASP F 796 -44.50 -45.44 -106.63
CA ASP F 796 -45.22 -45.37 -107.89
C ASP F 796 -46.50 -46.19 -107.76
N PHE F 797 -47.57 -45.54 -107.31
CA PHE F 797 -48.86 -46.19 -107.09
C PHE F 797 -49.94 -45.69 -108.03
N GLY F 798 -49.59 -45.36 -109.27
CA GLY F 798 -50.59 -44.93 -110.22
C GLY F 798 -51.13 -43.54 -110.00
N GLY F 799 -50.39 -42.68 -109.35
CA GLY F 799 -50.87 -41.36 -109.02
C GLY F 799 -51.53 -41.25 -107.67
N PHE F 800 -51.71 -42.36 -106.96
CA PHE F 800 -52.27 -42.35 -105.63
C PHE F 800 -51.17 -42.09 -104.62
N ASN F 801 -51.49 -41.32 -103.59
CA ASN F 801 -50.51 -40.78 -102.66
C ASN F 801 -50.93 -41.17 -101.26
N PHE F 802 -50.14 -42.02 -100.61
CA PHE F 802 -50.47 -42.58 -99.31
C PHE F 802 -49.57 -42.02 -98.22
N SER F 803 -48.94 -40.89 -98.46
CA SER F 803 -47.88 -40.43 -97.56
C SER F 803 -48.39 -40.03 -96.19
N GLN F 804 -49.64 -39.59 -96.08
CA GLN F 804 -50.15 -39.17 -94.78
C GLN F 804 -50.52 -40.34 -93.89
N ILE F 805 -50.55 -41.57 -94.41
CA ILE F 805 -50.92 -42.73 -93.63
C ILE F 805 -49.86 -43.80 -93.62
N LEU F 806 -48.76 -43.59 -94.28
CA LEU F 806 -47.64 -44.50 -94.12
C LEU F 806 -46.73 -44.04 -92.99
N PRO F 807 -45.94 -44.94 -92.40
CA PRO F 807 -45.16 -44.55 -91.22
C PRO F 807 -44.11 -43.48 -91.50
N ASP F 808 -43.80 -42.73 -90.45
CA ASP F 808 -42.86 -41.60 -90.53
C ASP F 808 -41.49 -42.06 -90.06
N PRO F 809 -40.50 -42.20 -90.94
CA PRO F 809 -39.21 -42.75 -90.52
C PRO F 809 -38.43 -41.85 -89.57
N SER F 810 -38.75 -40.56 -89.50
CA SER F 810 -38.06 -39.64 -88.60
C SER F 810 -38.80 -39.49 -87.27
N LYS F 811 -38.92 -40.59 -86.52
CA LYS F 811 -39.60 -40.58 -85.24
C LYS F 811 -39.15 -41.79 -84.44
N PRO F 812 -39.12 -41.68 -83.11
CA PRO F 812 -38.92 -42.88 -82.29
C PRO F 812 -40.08 -43.86 -82.37
N SER F 813 -41.31 -43.35 -82.46
CA SER F 813 -42.50 -44.18 -82.49
C SER F 813 -42.84 -44.70 -83.87
N LYS F 814 -42.35 -44.04 -84.93
CA LYS F 814 -42.60 -44.44 -86.31
C LYS F 814 -44.08 -44.45 -86.66
N ARG F 815 -44.85 -43.56 -86.05
CA ARG F 815 -46.25 -43.45 -86.38
C ARG F 815 -46.41 -42.66 -87.67
N SER F 816 -47.62 -42.68 -88.21
CA SER F 816 -47.91 -41.88 -89.37
C SER F 816 -48.40 -40.50 -88.94
N PHE F 817 -48.58 -39.63 -89.92
CA PHE F 817 -49.05 -38.28 -89.65
C PHE F 817 -50.42 -38.28 -88.98
N ILE F 818 -51.32 -39.12 -89.46
CA ILE F 818 -52.67 -39.15 -88.93
C ILE F 818 -52.71 -39.87 -87.60
N GLU F 819 -51.84 -40.85 -87.40
CA GLU F 819 -51.71 -41.48 -86.10
C GLU F 819 -51.06 -40.56 -85.08
N ASP F 820 -50.24 -39.61 -85.50
CA ASP F 820 -49.76 -38.57 -84.60
C ASP F 820 -50.84 -37.57 -84.25
N LEU F 821 -51.69 -37.22 -85.21
CA LEU F 821 -52.82 -36.36 -84.86
C LEU F 821 -53.77 -37.03 -83.89
N LEU F 822 -53.99 -38.33 -84.03
CA LEU F 822 -54.95 -38.99 -83.14
C LEU F 822 -54.42 -39.15 -81.72
N PHE F 823 -53.10 -39.22 -81.54
CA PHE F 823 -52.56 -39.43 -80.21
C PHE F 823 -52.39 -38.15 -79.42
N ASN F 824 -52.65 -36.98 -80.02
CA ASN F 824 -52.61 -35.73 -79.31
C ASN F 824 -54.01 -35.21 -79.00
N LYS F 825 -55.04 -35.97 -79.31
CA LYS F 825 -56.41 -35.55 -79.05
C LYS F 825 -57.09 -36.37 -77.96
N VAL F 826 -56.51 -37.50 -77.57
CA VAL F 826 -57.12 -38.31 -76.53
C VAL F 826 -56.21 -38.36 -75.31
N LYS F 854 -49.89 -43.87 -57.11
CA LYS F 854 -50.06 -44.93 -56.12
C LYS F 854 -51.12 -44.54 -55.10
N PHE F 855 -51.83 -45.55 -54.59
CA PHE F 855 -52.97 -45.32 -53.72
C PHE F 855 -53.18 -46.46 -52.74
N ASN F 856 -54.37 -46.54 -52.17
CA ASN F 856 -54.71 -47.48 -51.12
C ASN F 856 -54.97 -48.89 -51.61
N GLY F 857 -53.98 -49.51 -52.27
CA GLY F 857 -54.15 -50.82 -52.84
C GLY F 857 -54.47 -50.84 -54.31
N LEU F 858 -54.56 -49.69 -54.96
CA LEU F 858 -54.92 -49.60 -56.36
C LEU F 858 -53.67 -49.63 -57.24
N THR F 859 -53.72 -50.39 -58.32
CA THR F 859 -52.59 -50.50 -59.22
C THR F 859 -53.05 -50.63 -60.67
N VAL F 860 -52.25 -50.05 -61.56
CA VAL F 860 -52.50 -50.08 -63.00
C VAL F 860 -51.40 -50.91 -63.66
N LEU F 861 -51.79 -51.97 -64.30
CA LEU F 861 -50.83 -52.79 -65.03
C LEU F 861 -50.63 -52.26 -66.44
N PRO F 862 -49.46 -52.45 -67.03
CA PRO F 862 -49.25 -52.01 -68.40
C PRO F 862 -49.73 -53.04 -69.41
N PRO F 863 -50.15 -52.61 -70.60
CA PRO F 863 -50.52 -53.56 -71.64
C PRO F 863 -49.36 -54.39 -72.13
N LEU F 864 -49.65 -55.59 -72.61
CA LEU F 864 -48.61 -56.49 -73.10
C LEU F 864 -47.95 -55.92 -74.35
N LEU F 865 -48.73 -55.40 -75.27
CA LEU F 865 -48.22 -54.75 -76.46
C LEU F 865 -48.02 -53.27 -76.19
N THR F 866 -46.82 -52.78 -76.41
CA THR F 866 -46.59 -51.35 -76.55
C THR F 866 -47.40 -50.83 -77.73
N ASP F 867 -47.57 -49.52 -77.80
CA ASP F 867 -48.24 -49.00 -78.98
C ASP F 867 -47.28 -48.74 -80.13
N GLU F 868 -45.98 -48.83 -79.91
CA GLU F 868 -45.06 -49.03 -81.02
C GLU F 868 -45.33 -50.32 -81.76
N MET F 869 -45.54 -51.41 -81.04
CA MET F 869 -45.92 -52.68 -81.63
C MET F 869 -47.25 -52.59 -82.36
N ILE F 870 -48.21 -51.85 -81.82
CA ILE F 870 -49.50 -51.71 -82.48
C ILE F 870 -49.35 -50.90 -83.76
N ALA F 871 -48.55 -49.83 -83.73
CA ALA F 871 -48.31 -49.08 -84.95
C ALA F 871 -47.56 -49.92 -85.98
N GLN F 872 -46.72 -50.84 -85.54
CA GLN F 872 -46.02 -51.73 -86.44
C GLN F 872 -46.92 -52.80 -87.03
N TYR F 873 -47.93 -53.26 -86.30
CA TYR F 873 -48.95 -54.12 -86.91
C TYR F 873 -49.78 -53.38 -87.94
N THR F 874 -50.17 -52.14 -87.64
CA THR F 874 -51.02 -51.41 -88.57
C THR F 874 -50.29 -51.03 -89.85
N SER F 875 -49.03 -50.65 -89.78
CA SER F 875 -48.31 -50.34 -91.01
C SER F 875 -48.10 -51.56 -91.88
N ALA F 876 -47.97 -52.74 -91.31
CA ALA F 876 -47.85 -53.97 -92.09
C ALA F 876 -49.17 -54.36 -92.73
N LEU F 877 -50.27 -54.18 -92.02
CA LEU F 877 -51.57 -54.34 -92.67
C LEU F 877 -51.75 -53.37 -93.82
N LEU F 878 -51.24 -52.15 -93.70
CA LEU F 878 -51.35 -51.19 -94.77
C LEU F 878 -50.52 -51.55 -95.99
N ALA F 879 -49.27 -51.93 -95.79
CA ALA F 879 -48.40 -52.35 -96.89
C ALA F 879 -48.86 -53.65 -97.54
N GLY F 880 -49.53 -54.53 -96.80
CA GLY F 880 -50.11 -55.69 -97.44
C GLY F 880 -51.20 -55.32 -98.42
N THR F 881 -52.07 -54.39 -98.03
CA THR F 881 -53.16 -53.95 -98.88
C THR F 881 -52.70 -53.15 -100.08
N ILE F 882 -51.74 -52.26 -99.92
CA ILE F 882 -51.35 -51.39 -101.02
C ILE F 882 -50.54 -52.17 -102.06
N THR F 883 -49.97 -53.30 -101.67
CA THR F 883 -49.09 -54.04 -102.55
C THR F 883 -49.70 -55.32 -103.09
N SER F 884 -50.65 -55.93 -102.39
CA SER F 884 -51.16 -57.21 -102.80
C SER F 884 -52.67 -57.27 -102.85
N GLY F 885 -53.37 -56.18 -102.59
CA GLY F 885 -54.81 -56.21 -102.62
C GLY F 885 -55.41 -57.02 -101.50
N TRP F 886 -56.09 -58.12 -101.85
CA TRP F 886 -56.69 -58.99 -100.85
C TRP F 886 -56.08 -60.37 -100.82
N THR F 887 -54.96 -60.59 -101.49
CA THR F 887 -54.41 -61.93 -101.56
C THR F 887 -53.67 -62.32 -100.29
N PHE F 888 -53.09 -61.36 -99.58
CA PHE F 888 -52.38 -61.68 -98.37
C PHE F 888 -53.31 -62.07 -97.22
N GLY F 889 -54.60 -61.76 -97.32
CA GLY F 889 -55.54 -62.18 -96.31
C GLY F 889 -56.05 -63.59 -96.48
N ALA F 890 -55.75 -64.23 -97.60
CA ALA F 890 -56.17 -65.59 -97.85
C ALA F 890 -55.02 -66.56 -98.05
N GLY F 891 -53.78 -66.08 -98.01
CA GLY F 891 -52.64 -66.93 -98.20
C GLY F 891 -51.38 -66.09 -98.34
N ALA F 892 -50.53 -66.46 -99.29
CA ALA F 892 -49.32 -65.70 -99.53
C ALA F 892 -49.64 -64.44 -100.33
N ALA F 893 -48.88 -63.39 -100.06
CA ALA F 893 -49.11 -62.11 -100.72
C ALA F 893 -48.64 -62.18 -102.16
N LEU F 894 -49.52 -61.83 -103.08
CA LEU F 894 -49.23 -61.83 -104.50
C LEU F 894 -49.29 -60.41 -105.01
N GLN F 895 -48.16 -59.88 -105.46
CA GLN F 895 -48.13 -58.49 -105.90
C GLN F 895 -48.96 -58.29 -107.16
N ILE F 896 -49.50 -57.09 -107.29
CA ILE F 896 -50.29 -56.67 -108.43
C ILE F 896 -50.13 -55.17 -108.50
N PRO F 897 -50.09 -54.53 -109.66
CA PRO F 897 -50.01 -53.06 -109.70
C PRO F 897 -51.28 -52.40 -109.18
N PHE F 898 -51.11 -51.23 -108.55
CA PHE F 898 -52.22 -50.65 -107.79
C PHE F 898 -53.38 -50.22 -108.68
N ALA F 899 -53.13 -49.69 -109.85
CA ALA F 899 -54.24 -49.36 -110.74
C ALA F 899 -55.03 -50.59 -111.17
N MET F 900 -54.36 -51.71 -111.40
CA MET F 900 -55.06 -52.91 -111.78
C MET F 900 -55.87 -53.48 -110.63
N GLN F 901 -55.40 -53.31 -109.41
CA GLN F 901 -56.16 -53.72 -108.24
C GLN F 901 -57.37 -52.82 -108.05
N MET F 902 -57.20 -51.53 -108.28
CA MET F 902 -58.32 -50.59 -108.27
C MET F 902 -59.35 -50.94 -109.33
N ALA F 903 -58.91 -51.41 -110.48
CA ALA F 903 -59.81 -51.86 -111.53
C ALA F 903 -60.53 -53.16 -111.20
N TYR F 904 -59.88 -54.08 -110.50
CA TYR F 904 -60.58 -55.25 -109.97
C TYR F 904 -61.68 -54.86 -109.00
N ARG F 905 -61.40 -53.86 -108.15
CA ARG F 905 -62.40 -53.41 -107.18
C ARG F 905 -63.55 -52.69 -107.84
N PHE F 906 -63.30 -51.95 -108.94
CA PHE F 906 -64.42 -51.36 -109.66
C PHE F 906 -65.35 -52.41 -110.23
N ASN F 907 -64.82 -53.56 -110.63
CA ASN F 907 -65.65 -54.67 -111.05
C ASN F 907 -66.51 -55.21 -109.92
N GLY F 908 -66.02 -55.17 -108.69
CA GLY F 908 -66.73 -55.75 -107.58
C GLY F 908 -67.96 -54.96 -107.20
N ILE F 909 -67.99 -53.68 -107.53
CA ILE F 909 -69.19 -52.88 -107.31
C ILE F 909 -70.04 -52.75 -108.56
N GLY F 910 -69.73 -53.48 -109.62
CA GLY F 910 -70.55 -53.49 -110.80
C GLY F 910 -70.28 -52.38 -111.79
N VAL F 911 -69.10 -51.80 -111.78
CA VAL F 911 -68.71 -50.84 -112.79
C VAL F 911 -67.70 -51.52 -113.70
N THR F 912 -67.76 -51.21 -114.97
CA THR F 912 -66.89 -51.83 -115.95
C THR F 912 -65.51 -51.18 -115.87
N GLN F 913 -64.48 -51.97 -116.08
CA GLN F 913 -63.16 -51.57 -115.60
C GLN F 913 -62.44 -50.58 -116.50
N ASN F 914 -62.92 -50.30 -117.70
CA ASN F 914 -62.37 -49.17 -118.43
C ASN F 914 -62.80 -47.83 -117.87
N VAL F 915 -63.88 -47.78 -117.09
CA VAL F 915 -64.26 -46.55 -116.43
C VAL F 915 -63.17 -46.11 -115.47
N LEU F 916 -62.38 -47.05 -114.95
CA LEU F 916 -61.26 -46.66 -114.10
C LEU F 916 -60.08 -46.20 -114.94
N TYR F 917 -59.72 -46.95 -115.97
CA TYR F 917 -58.48 -46.65 -116.69
C TYR F 917 -58.60 -45.38 -117.50
N GLU F 918 -59.82 -45.03 -117.94
CA GLU F 918 -60.01 -43.80 -118.68
C GLU F 918 -60.20 -42.59 -117.78
N ASN F 919 -60.28 -42.78 -116.47
CA ASN F 919 -60.48 -41.70 -115.52
C ASN F 919 -59.47 -41.76 -114.39
N GLN F 920 -58.37 -42.48 -114.59
CA GLN F 920 -57.37 -42.69 -113.55
C GLN F 920 -56.91 -41.41 -112.86
N LYS F 921 -56.55 -40.38 -113.61
CA LYS F 921 -56.04 -39.17 -113.00
C LYS F 921 -57.08 -38.46 -112.16
N LEU F 922 -58.30 -38.34 -112.67
CA LEU F 922 -59.37 -37.73 -111.89
C LEU F 922 -59.66 -38.53 -110.63
N ILE F 923 -59.66 -39.85 -110.72
CA ILE F 923 -59.97 -40.69 -109.57
C ILE F 923 -58.88 -40.55 -108.52
N ALA F 924 -57.63 -40.50 -108.94
CA ALA F 924 -56.51 -40.31 -108.02
C ALA F 924 -56.51 -38.94 -107.36
N ASN F 925 -56.82 -37.88 -108.11
CA ASN F 925 -57.00 -36.56 -107.51
C ASN F 925 -58.12 -36.52 -106.49
N GLN F 926 -59.26 -37.13 -106.77
CA GLN F 926 -60.34 -37.16 -105.79
C GLN F 926 -59.95 -37.92 -104.53
N PHE F 927 -59.29 -39.06 -104.66
CA PHE F 927 -58.78 -39.74 -103.48
C PHE F 927 -57.87 -38.82 -102.68
N ASN F 928 -56.92 -38.15 -103.36
CA ASN F 928 -55.94 -37.32 -102.67
C ASN F 928 -56.58 -36.15 -101.94
N SER F 929 -57.55 -35.50 -102.56
CA SER F 929 -58.26 -34.43 -101.87
C SER F 929 -59.07 -34.93 -100.69
N ALA F 930 -59.75 -36.08 -100.82
CA ALA F 930 -60.50 -36.61 -99.70
C ALA F 930 -59.59 -37.02 -98.55
N ILE F 931 -58.38 -37.48 -98.84
CA ILE F 931 -57.46 -37.82 -97.76
C ILE F 931 -56.95 -36.55 -97.09
N GLY F 932 -56.71 -35.50 -97.90
CA GLY F 932 -56.35 -34.23 -97.32
C GLY F 932 -57.40 -33.62 -96.43
N LYS F 933 -58.68 -33.80 -96.75
CA LYS F 933 -59.72 -33.23 -95.90
C LYS F 933 -59.81 -33.88 -94.54
N ILE F 934 -59.29 -35.09 -94.37
CA ILE F 934 -59.48 -35.80 -93.10
C ILE F 934 -58.65 -35.16 -92.00
N GLN F 935 -57.39 -34.80 -92.29
CA GLN F 935 -56.61 -34.11 -91.27
C GLN F 935 -57.25 -32.80 -90.84
N ASP F 936 -57.68 -31.98 -91.79
CA ASP F 936 -58.40 -30.75 -91.44
C ASP F 936 -59.63 -31.05 -90.59
N SER F 937 -60.40 -32.06 -90.95
CA SER F 937 -61.52 -32.45 -90.12
C SER F 937 -61.08 -33.02 -88.78
N LEU F 938 -59.80 -33.32 -88.61
CA LEU F 938 -59.31 -33.84 -87.34
C LEU F 938 -58.58 -32.76 -86.53
N SER F 939 -57.55 -32.16 -87.11
CA SER F 939 -56.81 -31.10 -86.43
C SER F 939 -57.52 -29.75 -86.54
N ALA F 944 -65.88 -36.21 -82.62
CA ALA F 944 -64.83 -36.95 -83.30
C ALA F 944 -64.39 -38.15 -82.47
N LEU F 945 -63.37 -37.93 -81.63
CA LEU F 945 -62.83 -38.98 -80.79
C LEU F 945 -63.48 -38.99 -79.41
N GLY F 946 -64.75 -38.61 -79.32
CA GLY F 946 -65.47 -38.69 -78.07
C GLY F 946 -65.77 -40.10 -77.62
N LYS F 947 -65.87 -41.05 -78.54
CA LYS F 947 -66.10 -42.44 -78.15
C LYS F 947 -64.91 -43.02 -77.42
N LEU F 948 -63.71 -42.54 -77.70
CA LEU F 948 -62.54 -42.96 -76.97
C LEU F 948 -62.33 -42.20 -75.69
N GLN F 949 -62.79 -40.95 -75.63
CA GLN F 949 -62.69 -40.18 -74.41
C GLN F 949 -63.69 -40.65 -73.35
N ASP F 950 -64.90 -41.04 -73.76
CA ASP F 950 -65.88 -41.56 -72.82
C ASP F 950 -65.40 -42.75 -72.02
N VAL F 951 -64.69 -43.68 -72.63
CA VAL F 951 -64.23 -44.85 -71.90
C VAL F 951 -63.25 -44.45 -70.81
N VAL F 952 -62.26 -43.63 -71.16
CA VAL F 952 -61.30 -43.11 -70.21
C VAL F 952 -61.98 -42.33 -69.10
N ASN F 953 -62.96 -41.50 -69.44
CA ASN F 953 -63.64 -40.68 -68.46
C ASN F 953 -64.45 -41.52 -67.49
N GLN F 954 -65.25 -42.45 -68.01
CA GLN F 954 -66.04 -43.31 -67.13
C GLN F 954 -65.16 -44.14 -66.22
N ASN F 955 -64.02 -44.61 -66.70
CA ASN F 955 -63.19 -45.41 -65.83
C ASN F 955 -62.52 -44.55 -64.76
N ALA F 956 -61.98 -43.39 -65.12
CA ALA F 956 -61.36 -42.54 -64.11
C ALA F 956 -62.36 -42.07 -63.08
N GLN F 957 -63.57 -41.74 -63.51
CA GLN F 957 -64.60 -41.30 -62.60
C GLN F 957 -65.09 -42.41 -61.70
N ALA F 958 -65.13 -43.65 -62.19
CA ALA F 958 -65.51 -44.74 -61.29
C ALA F 958 -64.39 -45.11 -60.32
N LEU F 959 -63.14 -44.84 -60.67
CA LEU F 959 -62.06 -45.07 -59.74
C LEU F 959 -61.91 -43.97 -58.70
N ASN F 960 -62.36 -42.76 -59.02
CA ASN F 960 -62.34 -41.67 -58.05
C ASN F 960 -63.37 -41.85 -56.95
N THR F 961 -64.54 -42.41 -57.27
CA THR F 961 -65.57 -42.69 -56.28
C THR F 961 -65.15 -43.74 -55.25
N LEU F 962 -64.43 -44.77 -55.67
CA LEU F 962 -63.95 -45.78 -54.74
C LEU F 962 -63.02 -45.20 -53.71
N VAL F 963 -62.15 -44.27 -54.11
CA VAL F 963 -61.27 -43.63 -53.15
C VAL F 963 -62.02 -42.66 -52.27
N LYS F 964 -62.97 -41.91 -52.82
CA LYS F 964 -63.73 -41.00 -52.00
C LYS F 964 -64.61 -41.71 -50.98
N GLN F 965 -65.01 -42.95 -51.24
CA GLN F 965 -65.80 -43.71 -50.29
C GLN F 965 -65.04 -44.14 -49.05
N LEU F 966 -63.76 -43.84 -48.95
CA LEU F 966 -63.01 -44.24 -47.78
C LEU F 966 -63.11 -43.21 -46.65
N SER F 967 -63.53 -42.00 -46.94
CA SER F 967 -63.82 -41.04 -45.89
C SER F 967 -65.31 -40.96 -45.61
N SER F 968 -65.93 -42.07 -45.20
CA SER F 968 -67.30 -42.09 -44.75
C SER F 968 -67.36 -43.04 -43.56
N ASN F 969 -68.12 -42.68 -42.52
CA ASN F 969 -68.13 -43.53 -41.33
C ASN F 969 -69.07 -44.71 -41.47
N PHE F 970 -70.06 -44.61 -42.35
CA PHE F 970 -71.11 -45.61 -42.48
C PHE F 970 -71.85 -45.83 -41.18
N GLY F 971 -71.91 -44.83 -40.33
CA GLY F 971 -72.58 -44.96 -39.06
C GLY F 971 -71.72 -45.40 -37.91
N ALA F 972 -70.41 -45.21 -38.01
CA ALA F 972 -69.49 -45.38 -36.90
C ALA F 972 -69.14 -43.99 -36.38
N ILE F 973 -68.29 -43.91 -35.36
CA ILE F 973 -67.97 -42.61 -34.83
C ILE F 973 -67.11 -41.82 -35.81
N SER F 974 -66.14 -42.46 -36.44
CA SER F 974 -65.29 -41.78 -37.40
C SER F 974 -65.00 -42.73 -38.55
N SER F 975 -64.20 -42.26 -39.49
CA SER F 975 -63.90 -43.01 -40.70
C SER F 975 -62.42 -43.32 -40.84
N VAL F 976 -61.66 -43.17 -39.77
CA VAL F 976 -60.21 -43.40 -39.80
C VAL F 976 -59.88 -44.42 -38.73
N LEU F 977 -59.33 -45.56 -39.16
CA LEU F 977 -59.23 -46.77 -38.34
C LEU F 977 -58.31 -46.62 -37.13
N ASN F 978 -57.59 -45.51 -37.00
CA ASN F 978 -56.78 -45.33 -35.80
C ASN F 978 -57.54 -44.58 -34.71
N ASP F 979 -58.21 -43.48 -35.06
CA ASP F 979 -58.90 -42.69 -34.05
C ASP F 979 -60.04 -43.48 -33.42
N ILE F 980 -60.66 -44.38 -34.16
CA ILE F 980 -61.63 -45.27 -33.54
C ILE F 980 -60.89 -46.20 -32.60
N LEU F 981 -59.66 -46.53 -32.96
CA LEU F 981 -58.94 -47.57 -32.24
C LEU F 981 -58.16 -47.06 -31.04
N SER F 982 -57.83 -45.77 -30.97
CA SER F 982 -57.07 -45.21 -29.87
C SER F 982 -57.96 -44.36 -29.00
N ARG F 983 -59.28 -44.53 -29.13
CA ARG F 983 -60.22 -43.81 -28.29
C ARG F 983 -61.28 -44.76 -27.76
N LEU F 984 -61.11 -46.06 -27.98
CA LEU F 984 -61.98 -47.04 -27.37
C LEU F 984 -61.18 -48.30 -27.10
N ASP F 985 -61.73 -49.17 -26.25
CA ASP F 985 -61.11 -50.43 -25.91
C ASP F 985 -61.80 -51.57 -26.65
N PRO F 986 -61.12 -52.71 -26.84
CA PRO F 986 -61.44 -53.63 -27.96
C PRO F 986 -62.91 -53.96 -28.09
N PRO F 987 -63.54 -54.42 -27.02
CA PRO F 987 -64.97 -54.79 -27.05
C PRO F 987 -65.84 -53.69 -27.66
N GLU F 988 -65.47 -52.45 -27.34
CA GLU F 988 -66.19 -51.28 -27.82
C GLU F 988 -65.81 -50.91 -29.25
N ALA F 989 -64.57 -51.16 -29.65
CA ALA F 989 -64.10 -50.73 -30.95
C ALA F 989 -64.47 -51.72 -32.06
N GLU F 990 -64.42 -53.02 -31.77
CA GLU F 990 -64.82 -54.02 -32.74
C GLU F 990 -66.20 -53.74 -33.32
N VAL F 991 -67.11 -53.19 -32.53
CA VAL F 991 -68.44 -52.86 -33.06
C VAL F 991 -68.36 -51.82 -34.16
N GLN F 992 -67.59 -50.76 -33.99
CA GLN F 992 -67.48 -49.74 -35.01
C GLN F 992 -66.67 -50.21 -36.21
N ILE F 993 -65.63 -51.02 -35.95
CA ILE F 993 -64.80 -51.49 -37.05
C ILE F 993 -65.60 -52.43 -37.94
N ASP F 994 -66.54 -53.17 -37.39
CA ASP F 994 -67.37 -53.99 -38.26
C ASP F 994 -68.29 -53.17 -39.16
N ARG F 995 -68.81 -52.04 -38.69
CA ARG F 995 -69.56 -51.15 -39.56
C ARG F 995 -68.71 -50.57 -40.67
N LEU F 996 -67.52 -50.09 -40.34
CA LEU F 996 -66.59 -49.62 -41.36
C LEU F 996 -66.31 -50.71 -42.39
N ILE F 997 -66.05 -51.94 -41.94
CA ILE F 997 -65.77 -53.03 -42.86
C ILE F 997 -66.95 -53.28 -43.78
N THR F 998 -68.16 -53.30 -43.23
CA THR F 998 -69.32 -53.56 -44.05
C THR F 998 -69.49 -52.53 -45.16
N GLY F 999 -69.36 -51.25 -44.81
CA GLY F 999 -69.46 -50.22 -45.83
C GLY F 999 -68.39 -50.32 -46.89
N ARG F 1000 -67.14 -50.52 -46.48
CA ARG F 1000 -66.04 -50.57 -47.44
C ARG F 1000 -66.07 -51.81 -48.31
N LEU F 1001 -66.64 -52.90 -47.84
CA LEU F 1001 -66.80 -54.07 -48.69
C LEU F 1001 -67.94 -53.89 -49.69
N GLN F 1002 -69.03 -53.24 -49.27
CA GLN F 1002 -70.09 -52.91 -50.21
C GLN F 1002 -69.62 -52.01 -51.34
N SER F 1003 -68.78 -51.02 -51.03
CA SER F 1003 -68.25 -50.14 -52.09
C SER F 1003 -67.43 -50.90 -53.12
N LEU F 1004 -66.59 -51.80 -52.67
CA LEU F 1004 -65.76 -52.59 -53.57
C LEU F 1004 -66.59 -53.55 -54.41
N GLN F 1005 -67.65 -54.12 -53.86
CA GLN F 1005 -68.50 -54.96 -54.69
C GLN F 1005 -69.22 -54.16 -55.77
N THR F 1006 -69.71 -52.98 -55.43
CA THR F 1006 -70.31 -52.12 -56.44
C THR F 1006 -69.31 -51.82 -57.56
N TYR F 1007 -68.09 -51.48 -57.19
CA TYR F 1007 -67.06 -51.18 -58.17
C TYR F 1007 -66.80 -52.37 -59.10
N VAL F 1008 -66.61 -53.55 -58.53
CA VAL F 1008 -66.24 -54.69 -59.36
C VAL F 1008 -67.39 -55.13 -60.25
N THR F 1009 -68.63 -55.09 -59.75
CA THR F 1009 -69.76 -55.47 -60.60
C THR F 1009 -69.90 -54.53 -61.79
N GLN F 1010 -69.71 -53.23 -61.57
CA GLN F 1010 -69.78 -52.34 -62.71
C GLN F 1010 -68.61 -52.48 -63.67
N GLN F 1011 -67.42 -52.81 -63.19
CA GLN F 1011 -66.34 -53.09 -64.12
C GLN F 1011 -66.62 -54.33 -64.96
N LEU F 1012 -67.24 -55.35 -64.38
CA LEU F 1012 -67.65 -56.51 -65.14
C LEU F 1012 -68.67 -56.18 -66.20
N ILE F 1013 -69.63 -55.31 -65.89
CA ILE F 1013 -70.65 -54.96 -66.89
C ILE F 1013 -70.05 -54.05 -67.96
N ARG F 1014 -69.11 -53.22 -67.60
CA ARG F 1014 -68.47 -52.33 -68.56
C ARG F 1014 -67.44 -53.02 -69.44
N ALA F 1015 -66.86 -54.13 -69.00
CA ALA F 1015 -65.91 -54.82 -69.85
C ALA F 1015 -66.58 -55.67 -70.91
N ALA F 1016 -67.76 -56.19 -70.64
CA ALA F 1016 -68.53 -56.92 -71.63
C ALA F 1016 -69.01 -56.02 -72.76
N GLU F 1017 -69.14 -54.74 -72.52
CA GLU F 1017 -69.46 -53.77 -73.56
C GLU F 1017 -68.26 -53.41 -74.42
N ILE F 1018 -67.07 -53.44 -73.84
CA ILE F 1018 -65.84 -53.18 -74.58
C ILE F 1018 -65.48 -54.39 -75.42
N ARG F 1019 -65.84 -55.58 -74.96
CA ARG F 1019 -65.57 -56.79 -75.70
C ARG F 1019 -66.44 -56.90 -76.94
N ALA F 1020 -67.71 -56.52 -76.84
CA ALA F 1020 -68.59 -56.53 -78.01
C ALA F 1020 -68.13 -55.53 -79.05
N SER F 1021 -67.42 -54.49 -78.64
CA SER F 1021 -66.88 -53.49 -79.55
C SER F 1021 -65.60 -53.93 -80.22
N ALA F 1022 -64.71 -54.56 -79.47
CA ALA F 1022 -63.53 -55.16 -80.05
C ALA F 1022 -63.85 -56.32 -80.99
N ASN F 1023 -64.96 -57.03 -80.74
CA ASN F 1023 -65.40 -58.06 -81.67
C ASN F 1023 -65.89 -57.50 -83.00
N LEU F 1024 -66.60 -56.38 -82.96
CA LEU F 1024 -66.98 -55.66 -84.16
C LEU F 1024 -65.79 -55.11 -84.91
N ALA F 1025 -64.78 -54.61 -84.19
CA ALA F 1025 -63.55 -54.17 -84.82
C ALA F 1025 -62.79 -55.30 -85.50
N ALA F 1026 -62.70 -56.48 -84.89
CA ALA F 1026 -62.04 -57.60 -85.53
C ALA F 1026 -62.72 -58.03 -86.84
N THR F 1027 -64.05 -58.05 -86.85
CA THR F 1027 -64.81 -58.36 -88.05
C THR F 1027 -64.63 -57.28 -89.12
N LYS F 1028 -64.61 -56.02 -88.73
CA LYS F 1028 -64.31 -54.98 -89.70
C LYS F 1028 -62.90 -55.08 -90.25
N MET F 1029 -61.91 -55.39 -89.43
CA MET F 1029 -60.56 -55.51 -89.96
C MET F 1029 -60.45 -56.68 -90.91
N SER F 1030 -61.18 -57.75 -90.65
CA SER F 1030 -61.17 -58.89 -91.56
C SER F 1030 -61.88 -58.58 -92.87
N GLU F 1031 -63.04 -57.96 -92.77
CA GLU F 1031 -63.94 -57.89 -93.90
C GLU F 1031 -63.86 -56.60 -94.69
N CYS F 1032 -63.27 -55.55 -94.15
CA CYS F 1032 -63.20 -54.27 -94.85
C CYS F 1032 -61.77 -53.87 -95.21
N VAL F 1033 -60.81 -54.49 -94.53
CA VAL F 1033 -59.41 -54.20 -94.79
C VAL F 1033 -58.74 -55.34 -95.53
N LEU F 1034 -59.08 -56.58 -95.19
CA LEU F 1034 -58.55 -57.75 -95.87
C LEU F 1034 -59.44 -58.23 -96.99
N GLY F 1035 -60.52 -57.52 -97.30
CA GLY F 1035 -61.32 -57.88 -98.45
C GLY F 1035 -62.21 -56.72 -98.86
N GLN F 1036 -63.05 -57.00 -99.84
CA GLN F 1036 -64.08 -56.06 -100.28
C GLN F 1036 -65.45 -56.58 -99.88
N SER F 1037 -66.25 -55.72 -99.26
CA SER F 1037 -67.51 -56.11 -98.68
C SER F 1037 -68.68 -55.70 -99.58
N LYS F 1038 -69.70 -56.56 -99.62
CA LYS F 1038 -70.95 -56.24 -100.28
C LYS F 1038 -72.08 -55.99 -99.29
N ARG F 1039 -71.82 -56.15 -97.99
CA ARG F 1039 -72.78 -55.80 -96.95
C ARG F 1039 -73.01 -54.29 -96.92
N VAL F 1040 -74.27 -53.87 -96.99
CA VAL F 1040 -74.60 -52.46 -97.13
C VAL F 1040 -74.36 -51.71 -95.83
N ASP F 1041 -73.55 -50.66 -95.91
CA ASP F 1041 -73.24 -49.80 -94.77
C ASP F 1041 -72.33 -50.39 -93.70
N PHE F 1042 -71.66 -51.48 -94.01
CA PHE F 1042 -70.77 -52.11 -93.05
C PHE F 1042 -69.41 -51.43 -93.08
N CYS F 1043 -69.11 -50.82 -94.22
CA CYS F 1043 -67.83 -50.14 -94.42
C CYS F 1043 -68.04 -48.75 -95.00
N GLY F 1044 -68.95 -47.96 -94.41
CA GLY F 1044 -69.21 -46.61 -94.89
C GLY F 1044 -70.44 -46.46 -95.77
N LYS F 1045 -70.64 -45.26 -96.31
CA LYS F 1045 -71.78 -44.96 -97.18
C LYS F 1045 -71.32 -44.96 -98.63
N GLY F 1046 -71.98 -45.75 -99.47
CA GLY F 1046 -71.60 -45.89 -100.86
C GLY F 1046 -71.23 -47.31 -101.12
N TYR F 1047 -70.64 -47.55 -102.26
CA TYR F 1047 -70.15 -48.88 -102.59
C TYR F 1047 -68.70 -49.02 -102.14
N HIS F 1048 -68.48 -49.92 -101.19
CA HIS F 1048 -67.18 -50.09 -100.57
C HIS F 1048 -66.11 -50.40 -101.61
N LEU F 1049 -65.10 -49.55 -101.69
CA LEU F 1049 -63.92 -49.86 -102.49
C LEU F 1049 -62.82 -50.49 -101.65
N MET F 1050 -62.34 -49.79 -100.62
CA MET F 1050 -61.29 -50.35 -99.77
C MET F 1050 -61.26 -49.59 -98.46
N SER F 1051 -60.55 -50.13 -97.48
CA SER F 1051 -60.45 -49.51 -96.17
C SER F 1051 -59.04 -49.61 -95.63
N PHE F 1052 -58.64 -48.60 -94.87
CA PHE F 1052 -57.29 -48.49 -94.29
C PHE F 1052 -57.38 -48.34 -92.77
N PRO F 1053 -56.60 -49.10 -92.00
CA PRO F 1053 -56.62 -48.95 -90.54
C PRO F 1053 -55.55 -48.00 -89.99
N GLN F 1054 -55.89 -47.36 -88.90
CA GLN F 1054 -54.95 -46.54 -88.14
C GLN F 1054 -55.16 -46.81 -86.67
N SER F 1055 -54.10 -46.79 -85.88
CA SER F 1055 -54.22 -47.07 -84.47
C SER F 1055 -54.48 -45.80 -83.69
N ALA F 1056 -55.37 -45.88 -82.71
CA ALA F 1056 -55.66 -44.74 -81.85
C ALA F 1056 -55.34 -45.19 -80.44
N PRO F 1057 -55.36 -44.32 -79.43
CA PRO F 1057 -55.14 -44.79 -78.06
C PRO F 1057 -56.34 -45.55 -77.52
N HIS F 1058 -56.14 -46.85 -77.26
CA HIS F 1058 -57.15 -47.81 -76.83
C HIS F 1058 -58.18 -48.09 -77.92
N GLY F 1059 -57.87 -47.85 -79.18
CA GLY F 1059 -58.87 -48.02 -80.19
C GLY F 1059 -58.29 -48.10 -81.58
N VAL F 1060 -59.20 -48.10 -82.56
CA VAL F 1060 -58.80 -48.18 -83.95
C VAL F 1060 -59.67 -47.22 -84.75
N VAL F 1061 -59.12 -46.69 -85.82
CA VAL F 1061 -59.80 -45.82 -86.75
C VAL F 1061 -59.75 -46.49 -88.12
N PHE F 1062 -60.88 -46.53 -88.80
CA PHE F 1062 -60.98 -47.09 -90.13
C PHE F 1062 -61.30 -45.97 -91.09
N LEU F 1063 -60.48 -45.81 -92.11
CA LEU F 1063 -60.75 -44.88 -93.20
C LEU F 1063 -61.32 -45.69 -94.35
N HIS F 1064 -62.62 -45.55 -94.59
CA HIS F 1064 -63.33 -46.27 -95.65
C HIS F 1064 -63.36 -45.41 -96.90
N VAL F 1065 -62.88 -45.97 -98.00
CA VAL F 1065 -62.99 -45.41 -99.34
C VAL F 1065 -64.15 -46.06 -100.06
N THR F 1066 -65.11 -45.24 -100.48
CA THR F 1066 -66.30 -45.70 -101.19
C THR F 1066 -66.50 -44.90 -102.46
N TYR F 1067 -67.35 -45.44 -103.32
CA TYR F 1067 -67.74 -44.88 -104.61
C TYR F 1067 -69.16 -44.36 -104.52
N VAL F 1068 -69.37 -43.09 -104.85
CA VAL F 1068 -70.69 -42.48 -104.73
C VAL F 1068 -71.13 -41.98 -106.11
N PRO F 1069 -72.24 -42.45 -106.67
CA PRO F 1069 -72.66 -41.96 -107.99
C PRO F 1069 -73.14 -40.52 -107.96
N ALA F 1070 -73.01 -39.83 -109.09
CA ALA F 1070 -73.24 -38.40 -109.13
C ALA F 1070 -73.73 -37.97 -110.50
N GLN F 1071 -74.50 -36.88 -110.51
CA GLN F 1071 -74.95 -36.18 -111.73
C GLN F 1071 -75.77 -37.07 -112.65
N GLU F 1072 -76.94 -37.47 -112.18
CA GLU F 1072 -77.77 -38.38 -112.95
C GLU F 1072 -78.63 -37.63 -113.97
N LYS F 1073 -78.94 -38.32 -115.06
CA LYS F 1073 -79.90 -37.87 -116.05
C LYS F 1073 -81.05 -38.86 -116.09
N ASN F 1074 -82.22 -38.39 -116.52
CA ASN F 1074 -83.38 -39.26 -116.68
C ASN F 1074 -83.47 -39.68 -118.15
N PHE F 1075 -84.06 -40.85 -118.36
CA PHE F 1075 -84.22 -41.47 -119.66
C PHE F 1075 -85.54 -42.22 -119.68
N THR F 1076 -85.96 -42.59 -120.87
CA THR F 1076 -87.04 -43.52 -121.10
C THR F 1076 -86.45 -44.92 -121.15
N THR F 1077 -87.22 -45.91 -120.73
CA THR F 1077 -86.70 -47.25 -120.60
C THR F 1077 -87.78 -48.27 -120.96
N ALA F 1078 -87.36 -49.51 -121.14
CA ALA F 1078 -88.24 -50.58 -121.56
C ALA F 1078 -87.62 -51.89 -121.11
N PRO F 1079 -88.41 -52.89 -120.80
CA PRO F 1079 -87.84 -54.16 -120.34
C PRO F 1079 -87.28 -55.05 -121.44
N ALA F 1080 -87.88 -55.06 -122.62
CA ALA F 1080 -87.42 -55.91 -123.70
C ALA F 1080 -87.55 -55.15 -125.00
N ILE F 1081 -87.10 -55.75 -126.09
CA ILE F 1081 -87.20 -55.15 -127.42
C ILE F 1081 -87.66 -56.19 -128.40
N CYS F 1082 -88.64 -55.85 -129.24
CA CYS F 1082 -89.21 -56.82 -130.15
C CYS F 1082 -88.64 -56.63 -131.54
N HIS F 1083 -88.16 -57.72 -132.14
CA HIS F 1083 -87.57 -57.69 -133.47
C HIS F 1083 -87.73 -59.06 -134.08
N ASP F 1084 -88.25 -59.11 -135.31
CA ASP F 1084 -88.56 -60.35 -136.01
C ASP F 1084 -89.52 -61.24 -135.24
N GLY F 1085 -90.39 -60.67 -134.43
CA GLY F 1085 -91.26 -61.48 -133.61
C GLY F 1085 -90.58 -62.15 -132.45
N LYS F 1086 -89.39 -61.67 -132.06
CA LYS F 1086 -88.68 -62.23 -130.92
C LYS F 1086 -88.43 -61.14 -129.89
N ALA F 1087 -88.44 -61.53 -128.63
CA ALA F 1087 -88.16 -60.62 -127.53
C ALA F 1087 -86.69 -60.70 -127.16
N HIS F 1088 -86.06 -59.55 -126.98
CA HIS F 1088 -84.64 -59.43 -126.66
C HIS F 1088 -84.51 -58.76 -125.31
N PHE F 1089 -83.68 -59.28 -124.50
CA PHE F 1089 -83.37 -58.82 -123.17
C PHE F 1089 -81.90 -58.47 -123.08
N PRO F 1090 -81.52 -57.48 -122.29
CA PRO F 1090 -80.10 -57.15 -122.16
C PRO F 1090 -79.36 -58.21 -121.37
N ARG F 1091 -78.12 -58.49 -121.79
CA ARG F 1091 -77.29 -59.44 -121.06
C ARG F 1091 -76.87 -58.89 -119.72
N GLU F 1092 -76.21 -57.73 -119.71
CA GLU F 1092 -76.10 -56.87 -118.56
C GLU F 1092 -76.38 -55.45 -119.03
N GLY F 1093 -77.09 -54.69 -118.23
CA GLY F 1093 -77.43 -53.34 -118.59
C GLY F 1093 -78.92 -53.14 -118.67
N VAL F 1094 -79.30 -51.93 -119.07
CA VAL F 1094 -80.67 -51.54 -119.31
C VAL F 1094 -80.77 -50.90 -120.69
N PHE F 1095 -81.89 -51.12 -121.35
CA PHE F 1095 -82.23 -50.38 -122.56
C PHE F 1095 -82.72 -48.99 -122.18
N VAL F 1096 -82.12 -47.96 -122.75
CA VAL F 1096 -82.51 -46.58 -122.51
C VAL F 1096 -82.71 -45.88 -123.85
N SER F 1097 -83.46 -44.79 -123.81
CA SER F 1097 -83.75 -43.99 -124.99
C SER F 1097 -83.39 -42.55 -124.72
N ASN F 1098 -82.63 -41.94 -125.63
CA ASN F 1098 -82.27 -40.53 -125.48
C ASN F 1098 -83.33 -39.59 -126.05
N GLY F 1099 -84.46 -40.12 -126.50
CA GLY F 1099 -85.52 -39.33 -127.06
C GLY F 1099 -85.97 -39.90 -128.38
N THR F 1100 -85.02 -40.37 -129.19
CA THR F 1100 -85.34 -40.96 -130.48
C THR F 1100 -84.64 -42.29 -130.76
N HIS F 1101 -83.57 -42.61 -130.06
CA HIS F 1101 -82.78 -43.81 -130.33
C HIS F 1101 -82.68 -44.64 -129.06
N TRP F 1102 -82.42 -45.93 -129.24
CA TRP F 1102 -82.33 -46.89 -128.15
C TRP F 1102 -80.91 -47.42 -128.02
N PHE F 1103 -80.44 -47.57 -126.78
CA PHE F 1103 -79.11 -48.06 -126.47
C PHE F 1103 -79.19 -49.04 -125.32
N VAL F 1104 -78.12 -49.80 -125.11
CA VAL F 1104 -77.87 -50.54 -123.88
C VAL F 1104 -76.79 -49.80 -123.10
N THR F 1105 -76.98 -49.69 -121.79
CA THR F 1105 -75.93 -49.16 -120.93
C THR F 1105 -75.76 -50.07 -119.74
N GLN F 1106 -74.61 -49.95 -119.08
CA GLN F 1106 -74.44 -50.54 -117.77
C GLN F 1106 -75.22 -49.72 -116.74
N ARG F 1107 -75.64 -50.37 -115.68
CA ARG F 1107 -76.66 -49.79 -114.82
C ARG F 1107 -76.16 -48.69 -113.90
N ASN F 1108 -74.87 -48.55 -113.68
CA ASN F 1108 -74.37 -47.63 -112.68
C ASN F 1108 -73.57 -46.47 -113.23
N PHE F 1109 -73.22 -46.51 -114.50
CA PHE F 1109 -72.48 -45.45 -115.15
C PHE F 1109 -72.99 -45.34 -116.58
N TYR F 1110 -73.35 -44.15 -117.01
CA TYR F 1110 -73.99 -44.00 -118.32
C TYR F 1110 -72.95 -44.12 -119.43
N GLU F 1111 -73.08 -45.17 -120.25
CA GLU F 1111 -72.13 -45.46 -121.31
C GLU F 1111 -72.87 -46.19 -122.40
N PRO F 1112 -73.53 -45.47 -123.31
CA PRO F 1112 -74.46 -46.09 -124.25
C PRO F 1112 -73.82 -46.73 -125.46
N GLN F 1113 -74.37 -47.88 -125.85
CA GLN F 1113 -73.89 -48.65 -126.99
C GLN F 1113 -75.07 -49.08 -127.84
N ILE F 1114 -74.80 -49.48 -129.08
CA ILE F 1114 -75.89 -49.86 -129.96
C ILE F 1114 -76.24 -51.31 -129.74
N ILE F 1115 -77.53 -51.63 -129.87
CA ILE F 1115 -78.06 -52.93 -129.50
C ILE F 1115 -77.77 -53.94 -130.60
N THR F 1116 -76.97 -54.94 -130.26
CA THR F 1116 -76.58 -55.98 -131.18
C THR F 1116 -76.99 -57.33 -130.62
N THR F 1117 -76.65 -58.40 -131.33
CA THR F 1117 -76.90 -59.75 -130.88
C THR F 1117 -75.87 -60.24 -129.87
N ASP F 1118 -74.84 -59.44 -129.60
CA ASP F 1118 -73.85 -59.80 -128.58
C ASP F 1118 -74.11 -59.03 -127.30
N ASN F 1119 -74.99 -58.06 -127.36
CA ASN F 1119 -75.46 -57.28 -126.24
C ASN F 1119 -76.62 -57.92 -125.52
N THR F 1120 -77.35 -58.81 -126.18
CA THR F 1120 -78.68 -59.20 -125.76
C THR F 1120 -78.77 -60.71 -125.81
N PHE F 1121 -79.87 -61.24 -125.31
CA PHE F 1121 -80.25 -62.62 -125.59
C PHE F 1121 -81.74 -62.65 -125.90
N VAL F 1122 -82.16 -63.74 -126.51
CA VAL F 1122 -83.52 -63.90 -127.03
C VAL F 1122 -84.26 -64.88 -126.13
N SER F 1123 -85.55 -64.64 -125.96
CA SER F 1123 -86.41 -65.61 -125.30
C SER F 1123 -87.85 -65.34 -125.66
N GLY F 1124 -88.51 -66.28 -126.31
CA GLY F 1124 -89.92 -66.16 -126.61
C GLY F 1124 -90.23 -65.17 -127.71
N ASN F 1125 -91.52 -64.91 -127.87
CA ASN F 1125 -92.01 -63.97 -128.86
C ASN F 1125 -92.56 -62.75 -128.15
N CYS F 1126 -92.71 -61.65 -128.88
CA CYS F 1126 -93.10 -60.39 -128.27
C CYS F 1126 -94.62 -60.26 -128.15
N ASP F 1127 -95.22 -61.04 -127.27
CA ASP F 1127 -96.65 -60.98 -127.03
C ASP F 1127 -96.96 -61.05 -125.55
N VAL F 1128 -95.96 -61.39 -124.73
CA VAL F 1128 -96.16 -61.75 -123.34
C VAL F 1128 -95.57 -60.71 -122.39
N VAL F 1129 -94.64 -59.90 -122.84
CA VAL F 1129 -93.97 -58.94 -121.96
C VAL F 1129 -94.75 -57.64 -121.97
N ILE F 1130 -94.98 -57.08 -120.79
CA ILE F 1130 -95.73 -55.85 -120.62
C ILE F 1130 -94.76 -54.69 -120.81
N GLY F 1131 -95.01 -53.87 -121.82
CA GLY F 1131 -94.17 -52.73 -122.09
C GLY F 1131 -93.09 -52.93 -123.10
N ILE F 1132 -93.17 -53.98 -123.93
CA ILE F 1132 -92.16 -54.23 -124.94
C ILE F 1132 -92.21 -53.17 -126.03
N VAL F 1133 -91.08 -52.91 -126.66
CA VAL F 1133 -90.92 -51.80 -127.57
C VAL F 1133 -90.28 -52.31 -128.86
N ASN F 1134 -90.61 -51.67 -129.97
CA ASN F 1134 -90.10 -52.04 -131.28
C ASN F 1134 -88.79 -51.32 -131.55
N ASN F 1135 -87.80 -52.08 -131.99
CA ASN F 1135 -86.55 -51.50 -132.48
C ASN F 1135 -85.82 -52.59 -133.25
N THR F 1136 -84.70 -52.20 -133.84
CA THR F 1136 -83.90 -53.10 -134.65
C THR F 1136 -82.69 -53.55 -133.85
N VAL F 1137 -82.40 -54.84 -133.91
CA VAL F 1137 -81.26 -55.44 -133.23
C VAL F 1137 -80.25 -55.82 -134.29
N TYR F 1138 -79.04 -55.31 -134.18
CA TYR F 1138 -78.07 -55.35 -135.26
C TYR F 1138 -77.21 -56.60 -135.15
N ASP F 1139 -77.05 -57.29 -136.24
CA ASP F 1139 -76.21 -58.47 -136.40
C ASP F 1139 -74.92 -58.07 -137.08
N PRO F 1140 -73.75 -58.45 -136.58
CA PRO F 1140 -72.50 -58.05 -137.23
C PRO F 1140 -72.12 -58.93 -138.42
N LEU F 1141 -72.48 -60.20 -138.34
CA LEU F 1141 -71.99 -61.18 -139.30
C LEU F 1141 -72.47 -60.87 -140.70
N GLN F 1142 -73.78 -60.70 -140.88
CA GLN F 1142 -74.30 -60.57 -142.24
C GLN F 1142 -73.90 -59.26 -142.92
N PRO F 1143 -73.69 -58.13 -142.22
CA PRO F 1143 -73.06 -56.99 -142.87
C PRO F 1143 -71.57 -57.11 -142.96
N GLU F 1144 -70.97 -58.14 -142.36
CA GLU F 1144 -69.62 -58.49 -142.75
C GLU F 1144 -69.63 -59.26 -144.06
N LEU F 1145 -70.66 -60.08 -144.28
CA LEU F 1145 -70.75 -60.90 -145.48
C LEU F 1145 -71.29 -60.13 -146.67
N ASP F 1146 -71.31 -58.80 -146.58
CA ASP F 1146 -71.85 -57.93 -147.63
C ASP F 1146 -73.23 -58.36 -148.12
N ALA G 27 -123.21 -88.46 -37.74
CA ALA G 27 -122.93 -88.17 -39.13
C ALA G 27 -121.74 -87.23 -39.27
N TYR G 28 -121.16 -87.22 -40.46
CA TYR G 28 -120.09 -86.29 -40.80
C TYR G 28 -120.41 -85.71 -42.16
N THR G 29 -119.92 -84.52 -42.42
CA THR G 29 -120.22 -83.84 -43.67
C THR G 29 -118.95 -83.11 -44.12
N ASN G 30 -119.02 -82.58 -45.34
CA ASN G 30 -117.90 -81.95 -46.00
C ASN G 30 -118.20 -80.47 -46.18
N SER G 31 -117.39 -79.62 -45.56
CA SER G 31 -117.39 -78.20 -45.88
C SER G 31 -116.89 -78.05 -47.30
N PHE G 32 -117.15 -76.93 -47.95
CA PHE G 32 -116.49 -76.80 -49.24
C PHE G 32 -115.49 -75.66 -49.20
N THR G 33 -115.98 -74.44 -49.01
CA THR G 33 -115.13 -73.28 -48.80
C THR G 33 -115.84 -72.44 -47.74
N ARG G 34 -115.54 -72.70 -46.49
CA ARG G 34 -116.31 -72.18 -45.38
C ARG G 34 -115.36 -71.86 -44.23
N GLY G 35 -115.68 -70.81 -43.48
CA GLY G 35 -114.88 -70.48 -42.32
C GLY G 35 -113.72 -69.56 -42.64
N VAL G 36 -113.96 -68.57 -43.49
CA VAL G 36 -112.97 -67.54 -43.79
C VAL G 36 -113.39 -66.27 -43.08
N TYR G 37 -112.48 -65.70 -42.30
CA TYR G 37 -112.74 -64.48 -41.56
C TYR G 37 -111.67 -63.45 -41.90
N TYR G 38 -112.03 -62.19 -41.73
CA TYR G 38 -111.07 -61.10 -41.91
C TYR G 38 -110.06 -61.15 -40.77
N PRO G 39 -108.81 -61.44 -41.11
CA PRO G 39 -107.73 -61.56 -40.13
C PRO G 39 -107.53 -60.35 -39.24
N ASP G 40 -108.13 -59.22 -39.57
CA ASP G 40 -107.96 -58.02 -38.77
C ASP G 40 -108.54 -56.79 -39.47
N LYS G 41 -108.39 -55.64 -38.82
CA LYS G 41 -108.89 -54.39 -39.36
C LYS G 41 -108.10 -54.06 -40.62
N VAL G 42 -107.91 -52.77 -40.89
CA VAL G 42 -107.16 -52.36 -42.06
C VAL G 42 -107.95 -52.65 -43.32
N PHE G 43 -108.44 -51.59 -43.97
CA PHE G 43 -109.21 -51.75 -45.21
C PHE G 43 -108.33 -52.47 -46.23
N ARG G 44 -108.84 -52.60 -47.45
CA ARG G 44 -108.09 -53.27 -48.51
C ARG G 44 -108.97 -53.52 -49.73
N SER G 45 -108.37 -53.46 -50.91
CA SER G 45 -109.09 -53.68 -52.15
C SER G 45 -108.45 -54.82 -52.94
N SER G 46 -108.76 -54.87 -54.23
CA SER G 46 -108.21 -55.90 -55.11
C SER G 46 -106.74 -56.18 -54.85
N VAL G 47 -106.45 -57.15 -53.99
CA VAL G 47 -105.08 -57.50 -53.67
C VAL G 47 -104.94 -58.92 -53.13
N LEU G 48 -104.68 -59.87 -54.02
CA LEU G 48 -104.51 -61.26 -53.61
C LEU G 48 -103.48 -61.28 -52.50
N HIS G 49 -103.93 -60.93 -51.30
CA HIS G 49 -103.08 -60.85 -50.11
C HIS G 49 -102.91 -62.21 -49.47
N SER G 50 -101.70 -62.50 -49.01
CA SER G 50 -101.36 -63.81 -48.48
C SER G 50 -101.20 -63.73 -46.96
N THR G 51 -101.84 -64.66 -46.24
CA THR G 51 -101.80 -64.68 -44.79
C THR G 51 -101.47 -66.05 -44.24
N GLN G 52 -100.87 -66.05 -43.06
CA GLN G 52 -100.68 -67.23 -42.23
C GLN G 52 -101.49 -67.05 -40.96
N ASP G 53 -102.38 -68.01 -40.66
CA ASP G 53 -103.25 -67.86 -39.49
C ASP G 53 -103.88 -69.22 -39.19
N LEU G 54 -104.89 -69.20 -38.32
CA LEU G 54 -105.65 -70.39 -37.96
C LEU G 54 -106.95 -70.39 -38.75
N PHE G 55 -107.07 -71.33 -39.68
CA PHE G 55 -108.23 -71.40 -40.55
C PHE G 55 -108.81 -72.81 -40.50
N LEU G 56 -110.01 -72.94 -41.05
CA LEU G 56 -110.64 -74.22 -41.27
C LEU G 56 -110.28 -74.69 -42.67
N PRO G 57 -109.48 -75.75 -42.82
CA PRO G 57 -109.03 -76.17 -44.14
C PRO G 57 -110.17 -76.45 -45.09
N PHE G 58 -109.96 -76.23 -46.39
CA PHE G 58 -111.02 -76.46 -47.35
C PHE G 58 -111.31 -77.95 -47.45
N PHE G 59 -112.57 -78.27 -47.71
CA PHE G 59 -113.01 -79.65 -47.86
C PHE G 59 -112.62 -80.47 -46.64
N SER G 60 -113.21 -80.14 -45.49
CA SER G 60 -112.85 -80.75 -44.23
C SER G 60 -113.95 -81.69 -43.76
N ASN G 61 -113.68 -82.36 -42.66
CA ASN G 61 -114.52 -83.39 -42.09
C ASN G 61 -115.21 -82.82 -40.86
N VAL G 62 -116.41 -82.26 -41.03
CA VAL G 62 -117.09 -81.55 -39.96
C VAL G 62 -118.15 -82.47 -39.38
N THR G 63 -118.16 -82.61 -38.06
CA THR G 63 -119.15 -83.41 -37.37
C THR G 63 -120.54 -82.88 -37.66
N TRP G 64 -121.53 -83.75 -37.52
CA TRP G 64 -122.93 -83.36 -37.69
C TRP G 64 -123.65 -83.73 -36.42
N PHE G 65 -124.50 -82.82 -35.95
CA PHE G 65 -125.31 -83.05 -34.77
C PHE G 65 -126.76 -82.74 -35.09
N HIS G 66 -127.66 -83.54 -34.54
CA HIS G 66 -129.09 -83.34 -34.68
C HIS G 66 -129.69 -83.07 -33.31
N ALA G 67 -130.92 -82.57 -33.33
CA ALA G 67 -131.70 -82.36 -32.12
C ALA G 67 -133.16 -82.26 -32.50
N ASN G 81 -126.79 -81.15 -25.99
CA ASN G 81 -125.91 -82.01 -26.76
C ASN G 81 -124.50 -81.95 -26.10
N PRO G 82 -123.57 -82.84 -26.49
CA PRO G 82 -122.48 -83.21 -25.58
C PRO G 82 -121.36 -82.20 -25.44
N VAL G 83 -120.49 -82.49 -24.48
CA VAL G 83 -119.28 -81.71 -24.21
C VAL G 83 -118.26 -82.02 -25.30
N LEU G 84 -117.80 -80.99 -26.00
CA LEU G 84 -116.84 -81.13 -27.08
C LEU G 84 -115.47 -80.62 -26.62
N PRO G 85 -114.42 -80.80 -27.42
CA PRO G 85 -113.16 -80.10 -27.11
C PRO G 85 -113.08 -78.73 -27.78
N PHE G 86 -112.04 -77.97 -27.47
CA PHE G 86 -111.76 -76.70 -28.14
C PHE G 86 -110.45 -76.72 -28.92
N ASN G 87 -109.34 -76.89 -28.20
CA ASN G 87 -107.97 -77.26 -28.55
C ASN G 87 -107.29 -76.27 -29.48
N ASP G 88 -108.04 -75.61 -30.37
CA ASP G 88 -107.58 -74.45 -31.13
C ASP G 88 -108.76 -73.90 -31.91
N GLY G 89 -109.47 -72.92 -31.38
CA GLY G 89 -110.56 -72.33 -32.13
C GLY G 89 -111.64 -73.29 -32.59
N VAL G 90 -112.72 -72.76 -33.15
CA VAL G 90 -113.87 -73.57 -33.54
C VAL G 90 -114.65 -72.83 -34.62
N TYR G 91 -115.00 -73.54 -35.68
CA TYR G 91 -116.06 -73.13 -36.59
C TYR G 91 -117.37 -73.74 -36.12
N PHE G 92 -118.46 -73.03 -36.36
CA PHE G 92 -119.73 -73.48 -35.83
C PHE G 92 -120.85 -72.88 -36.65
N ALA G 93 -121.53 -73.67 -37.47
CA ALA G 93 -122.69 -73.20 -38.21
C ALA G 93 -123.95 -73.79 -37.61
N SER G 94 -125.10 -73.31 -38.07
CA SER G 94 -126.39 -73.73 -37.54
C SER G 94 -127.48 -73.24 -38.47
N THR G 95 -128.60 -73.98 -38.51
CA THR G 95 -129.67 -73.71 -39.47
C THR G 95 -131.03 -73.88 -38.81
N GLU G 96 -131.89 -72.86 -38.96
CA GLU G 96 -133.30 -72.92 -38.56
C GLU G 96 -134.04 -71.63 -38.87
N LYS G 97 -135.36 -71.64 -38.67
CA LYS G 97 -136.15 -70.40 -38.65
C LYS G 97 -136.57 -69.99 -37.24
N SER G 98 -137.00 -70.94 -36.41
CA SER G 98 -137.09 -70.74 -34.98
C SER G 98 -135.69 -70.59 -34.41
N ASN G 99 -135.56 -70.46 -33.10
CA ASN G 99 -134.24 -70.29 -32.50
C ASN G 99 -134.03 -71.34 -31.42
N ILE G 100 -133.47 -72.47 -31.82
CA ILE G 100 -133.22 -73.58 -30.91
C ILE G 100 -131.83 -73.43 -30.33
N ILE G 101 -130.91 -72.93 -31.13
CA ILE G 101 -129.55 -72.69 -30.68
C ILE G 101 -129.52 -71.37 -29.93
N ARG G 102 -129.25 -71.44 -28.63
CA ARG G 102 -129.37 -70.31 -27.73
C ARG G 102 -128.05 -70.12 -27.00
N GLY G 103 -126.96 -70.14 -27.75
CA GLY G 103 -125.67 -69.83 -27.20
C GLY G 103 -124.90 -71.05 -26.74
N TRP G 104 -123.69 -70.80 -26.31
CA TRP G 104 -122.71 -71.82 -26.00
C TRP G 104 -122.25 -71.59 -24.57
N ILE G 105 -121.48 -72.53 -24.05
CA ILE G 105 -120.82 -72.34 -22.76
C ILE G 105 -119.42 -72.89 -22.90
N PHE G 106 -118.45 -72.24 -22.29
CA PHE G 106 -117.06 -72.54 -22.56
C PHE G 106 -116.34 -72.86 -21.26
N GLY G 107 -115.06 -73.23 -21.39
CA GLY G 107 -114.22 -73.33 -20.20
C GLY G 107 -113.34 -74.54 -20.17
N THR G 108 -112.82 -74.88 -18.99
CA THR G 108 -112.01 -76.09 -18.85
C THR G 108 -112.79 -77.18 -18.14
N THR G 109 -113.49 -76.83 -17.05
CA THR G 109 -114.22 -77.82 -16.26
C THR G 109 -115.73 -77.66 -16.30
N LEU G 110 -116.24 -76.52 -16.74
CA LEU G 110 -117.67 -76.26 -16.84
C LEU G 110 -118.36 -76.44 -15.48
N ASP G 111 -117.69 -75.98 -14.43
CA ASP G 111 -118.23 -76.07 -13.09
C ASP G 111 -117.52 -75.03 -12.22
N SER G 112 -117.70 -75.19 -10.91
CA SER G 112 -116.95 -74.38 -9.96
C SER G 112 -115.52 -74.90 -9.84
N LYS G 113 -114.75 -74.28 -8.95
CA LYS G 113 -113.33 -74.57 -8.72
C LYS G 113 -112.46 -74.03 -9.84
N THR G 114 -113.06 -73.59 -10.95
CA THR G 114 -112.34 -72.86 -11.98
C THR G 114 -113.35 -72.05 -12.79
N GLN G 115 -112.86 -70.98 -13.41
CA GLN G 115 -113.71 -69.99 -14.06
C GLN G 115 -114.08 -70.41 -15.48
N SER G 116 -115.20 -69.90 -15.96
CA SER G 116 -115.70 -70.22 -17.28
C SER G 116 -116.53 -69.07 -17.82
N LEU G 117 -116.77 -69.08 -19.13
CA LEU G 117 -117.61 -68.10 -19.81
C LEU G 117 -119.00 -68.68 -20.00
N LEU G 118 -119.99 -67.81 -20.21
CA LEU G 118 -121.35 -68.24 -20.48
C LEU G 118 -122.01 -67.21 -21.39
N ILE G 119 -122.46 -67.66 -22.55
CA ILE G 119 -123.08 -66.77 -23.54
C ILE G 119 -124.48 -67.29 -23.85
N VAL G 120 -125.46 -66.46 -23.52
CA VAL G 120 -126.84 -66.92 -23.52
C VAL G 120 -127.69 -65.94 -24.32
N ASN G 121 -128.87 -66.38 -24.74
CA ASN G 121 -129.84 -65.51 -25.39
C ASN G 121 -131.24 -66.04 -25.10
N ASN G 122 -131.97 -65.40 -24.17
CA ASN G 122 -133.39 -65.70 -24.05
C ASN G 122 -134.11 -64.95 -25.15
N ALA G 123 -135.45 -64.92 -25.12
CA ALA G 123 -136.17 -64.23 -26.18
C ALA G 123 -135.97 -62.72 -26.14
N THR G 124 -135.13 -62.24 -25.22
CA THR G 124 -134.88 -60.82 -25.07
C THR G 124 -133.68 -60.36 -25.87
N ASN G 125 -132.48 -60.83 -25.49
CA ASN G 125 -131.22 -60.48 -26.11
C ASN G 125 -130.07 -61.17 -25.39
N VAL G 126 -128.89 -61.03 -25.98
CA VAL G 126 -127.67 -61.71 -25.57
C VAL G 126 -127.29 -61.37 -24.14
N VAL G 127 -126.73 -62.34 -23.42
CA VAL G 127 -126.23 -62.12 -22.06
C VAL G 127 -124.87 -62.78 -21.90
N ILE G 128 -123.79 -62.03 -22.16
CA ILE G 128 -122.47 -62.59 -21.86
C ILE G 128 -122.27 -62.51 -20.36
N LYS G 129 -121.48 -63.43 -19.82
CA LYS G 129 -121.28 -63.49 -18.38
C LYS G 129 -120.05 -64.32 -18.09
N VAL G 130 -119.28 -63.90 -17.09
CA VAL G 130 -118.13 -64.68 -16.66
C VAL G 130 -118.09 -64.76 -15.15
N CYS G 131 -118.54 -65.88 -14.60
CA CYS G 131 -118.41 -66.19 -13.18
C CYS G 131 -117.78 -67.55 -13.01
N GLU G 132 -117.79 -68.05 -11.79
CA GLU G 132 -117.65 -69.47 -11.52
C GLU G 132 -119.05 -70.03 -11.34
N PHE G 133 -119.36 -71.07 -12.09
CA PHE G 133 -120.73 -71.57 -12.15
C PHE G 133 -120.81 -72.97 -11.55
N GLN G 134 -122.02 -73.49 -11.52
CA GLN G 134 -122.28 -74.90 -11.35
C GLN G 134 -123.24 -75.28 -12.46
N PHE G 135 -122.72 -75.95 -13.48
CA PHE G 135 -123.48 -76.23 -14.69
C PHE G 135 -124.13 -77.59 -14.59
N CYS G 136 -125.41 -77.64 -14.96
CA CYS G 136 -126.05 -78.91 -15.20
C CYS G 136 -125.25 -79.72 -16.20
N ASN G 137 -125.08 -81.01 -15.93
CA ASN G 137 -124.40 -81.85 -16.90
C ASN G 137 -125.18 -81.95 -18.21
N ASP G 138 -126.49 -81.71 -18.17
CA ASP G 138 -127.30 -81.55 -19.37
C ASP G 138 -128.07 -80.24 -19.24
N PRO G 139 -127.41 -79.11 -19.51
CA PRO G 139 -128.04 -77.81 -19.27
C PRO G 139 -128.78 -77.32 -20.50
N PHE G 140 -129.90 -76.66 -20.30
CA PHE G 140 -130.74 -76.20 -21.40
C PHE G 140 -131.70 -75.14 -20.88
N LEU G 141 -132.61 -74.72 -21.75
CA LEU G 141 -133.68 -73.81 -21.36
C LEU G 141 -134.97 -74.24 -22.05
N GLY G 142 -136.08 -74.04 -21.35
CA GLY G 142 -137.37 -74.52 -21.81
C GLY G 142 -138.05 -73.61 -22.81
N VAL G 143 -139.36 -73.76 -22.92
CA VAL G 143 -140.21 -72.93 -23.74
C VAL G 143 -141.66 -73.23 -23.38
N MET G 153 -146.61 -69.58 -20.41
CA MET G 153 -145.56 -70.27 -19.68
C MET G 153 -144.19 -69.73 -20.12
N GLU G 154 -143.56 -70.44 -21.06
CA GLU G 154 -142.30 -70.02 -21.66
C GLU G 154 -141.24 -69.76 -20.58
N SER G 155 -141.15 -70.67 -19.63
CA SER G 155 -140.23 -70.59 -18.51
C SER G 155 -139.12 -71.64 -18.67
N GLU G 156 -137.92 -71.25 -18.26
CA GLU G 156 -136.72 -71.84 -18.85
C GLU G 156 -135.53 -71.82 -17.90
N PHE G 157 -134.34 -71.93 -18.48
CA PHE G 157 -133.07 -71.74 -17.79
C PHE G 157 -132.84 -72.72 -16.66
N ARG G 158 -132.75 -74.00 -17.00
CA ARG G 158 -132.21 -74.99 -16.07
C ARG G 158 -130.72 -75.14 -16.34
N VAL G 159 -130.08 -74.06 -16.78
CA VAL G 159 -128.71 -74.16 -17.28
C VAL G 159 -127.74 -74.40 -16.14
N TYR G 160 -127.61 -73.45 -15.22
CA TYR G 160 -126.71 -73.62 -14.09
C TYR G 160 -127.45 -73.60 -12.77
N SER G 161 -126.71 -73.61 -11.66
CA SER G 161 -127.29 -73.42 -10.34
C SER G 161 -126.38 -72.59 -9.44
N SER G 162 -125.46 -71.83 -10.04
CA SER G 162 -124.48 -71.06 -9.27
C SER G 162 -123.93 -69.96 -10.17
N ALA G 163 -123.68 -68.81 -9.56
CA ALA G 163 -123.18 -67.63 -10.26
C ALA G 163 -122.16 -66.86 -9.43
N ASN G 164 -121.18 -67.56 -8.85
CA ASN G 164 -120.31 -66.97 -7.85
C ASN G 164 -119.16 -66.20 -8.48
N ASN G 165 -118.66 -65.20 -7.76
CA ASN G 165 -117.39 -64.56 -8.08
C ASN G 165 -117.32 -63.90 -9.45
N CYS G 166 -118.44 -63.41 -9.97
CA CYS G 166 -118.49 -62.89 -11.33
C CYS G 166 -117.47 -61.80 -11.59
N THR G 167 -116.69 -61.97 -12.65
CA THR G 167 -115.56 -61.12 -12.98
C THR G 167 -115.83 -60.34 -14.28
N PHE G 168 -117.01 -60.53 -14.86
CA PHE G 168 -117.40 -59.85 -16.08
C PHE G 168 -118.88 -60.08 -16.28
N GLU G 169 -119.64 -59.03 -16.55
CA GLU G 169 -121.04 -59.19 -16.88
C GLU G 169 -121.32 -58.44 -18.17
N TYR G 170 -122.50 -58.66 -18.71
CA TYR G 170 -123.04 -57.90 -19.83
C TYR G 170 -124.48 -58.31 -20.00
N VAL G 171 -125.37 -57.36 -20.25
CA VAL G 171 -126.74 -57.69 -20.65
C VAL G 171 -127.14 -56.67 -21.70
N SER G 172 -128.39 -56.70 -22.14
CA SER G 172 -128.92 -55.67 -23.01
C SER G 172 -130.44 -55.63 -22.95
N LYS G 187 -134.13 -71.30 -44.65
CA LYS G 187 -134.31 -70.60 -43.38
C LYS G 187 -133.16 -69.63 -43.11
N ASN G 188 -132.33 -69.99 -42.15
CA ASN G 188 -131.21 -69.14 -41.75
C ASN G 188 -129.97 -70.00 -41.59
N LEU G 189 -128.82 -69.41 -41.91
CA LEU G 189 -127.53 -70.01 -41.64
C LEU G 189 -126.70 -69.00 -40.86
N ARG G 190 -126.20 -69.42 -39.70
CA ARG G 190 -125.52 -68.53 -38.76
C ARG G 190 -124.18 -69.15 -38.39
N GLU G 191 -123.12 -68.64 -39.00
CA GLU G 191 -121.77 -69.15 -38.76
C GLU G 191 -121.05 -68.33 -37.70
N PHE G 192 -120.15 -68.99 -36.98
CA PHE G 192 -119.36 -68.36 -35.94
C PHE G 192 -117.98 -68.99 -35.91
N VAL G 193 -116.98 -68.16 -35.65
CA VAL G 193 -115.62 -68.62 -35.43
C VAL G 193 -115.20 -68.11 -34.07
N PHE G 194 -114.82 -69.03 -33.18
CA PHE G 194 -114.40 -68.69 -31.83
C PHE G 194 -112.92 -68.98 -31.68
N LYS G 195 -112.17 -68.01 -31.18
CA LYS G 195 -110.76 -68.25 -30.88
C LYS G 195 -110.37 -67.51 -29.61
N ASN G 196 -109.21 -67.87 -29.06
CA ASN G 196 -108.82 -67.45 -27.72
C ASN G 196 -107.31 -67.30 -27.66
N ILE G 197 -106.82 -66.06 -27.80
CA ILE G 197 -105.39 -65.79 -27.86
C ILE G 197 -105.05 -64.65 -26.91
N ASP G 198 -103.98 -64.85 -26.14
CA ASP G 198 -103.44 -63.85 -25.22
C ASP G 198 -104.52 -63.21 -24.36
N GLY G 199 -105.31 -64.04 -23.70
CA GLY G 199 -106.33 -63.55 -22.79
C GLY G 199 -107.47 -62.81 -23.46
N TYR G 200 -107.52 -62.81 -24.79
CA TYR G 200 -108.62 -62.23 -25.51
C TYR G 200 -109.41 -63.35 -26.16
N PHE G 201 -110.73 -63.26 -26.07
CA PHE G 201 -111.60 -64.27 -26.66
C PHE G 201 -112.33 -63.62 -27.82
N LYS G 202 -111.87 -63.90 -29.04
CA LYS G 202 -112.39 -63.27 -30.23
C LYS G 202 -113.50 -64.11 -30.83
N ILE G 203 -114.48 -63.42 -31.41
CA ILE G 203 -115.66 -64.03 -31.98
C ILE G 203 -115.94 -63.36 -33.31
N TYR G 204 -115.89 -64.13 -34.39
CA TYR G 204 -116.31 -63.66 -35.69
C TYR G 204 -117.64 -64.34 -36.01
N SER G 205 -118.41 -63.73 -36.89
CA SER G 205 -119.73 -64.25 -37.16
C SER G 205 -120.22 -63.78 -38.51
N LYS G 206 -121.25 -64.45 -39.00
CA LYS G 206 -121.91 -64.07 -40.24
C LYS G 206 -123.28 -64.72 -40.28
N HIS G 207 -124.26 -64.02 -40.84
CA HIS G 207 -125.63 -64.50 -40.94
C HIS G 207 -126.01 -64.45 -42.41
N THR G 208 -126.01 -65.60 -43.04
CA THR G 208 -126.46 -65.71 -44.41
C THR G 208 -127.85 -66.36 -44.45
N PRO G 209 -128.69 -65.97 -45.38
CA PRO G 209 -129.96 -66.68 -45.54
C PRO G 209 -129.87 -67.87 -46.48
N ILE G 210 -130.20 -69.07 -46.01
CA ILE G 210 -130.25 -70.23 -46.90
C ILE G 210 -131.59 -70.22 -47.62
N ASN G 211 -131.71 -71.02 -48.68
CA ASN G 211 -133.02 -71.26 -49.26
C ASN G 211 -133.40 -72.72 -49.04
N LEU G 212 -132.72 -73.35 -48.08
CA LEU G 212 -133.07 -74.64 -47.52
C LEU G 212 -133.52 -74.42 -46.08
N VAL G 213 -133.75 -75.50 -45.34
CA VAL G 213 -134.10 -75.34 -43.93
C VAL G 213 -132.90 -75.71 -43.05
N ARG G 214 -132.38 -76.94 -43.16
CA ARG G 214 -131.35 -77.40 -42.21
C ARG G 214 -130.26 -78.30 -42.79
N ASP G 215 -129.69 -77.98 -43.96
CA ASP G 215 -128.53 -78.71 -44.50
C ASP G 215 -127.41 -77.73 -44.84
N LEU G 216 -126.17 -78.17 -44.70
CA LEU G 216 -125.01 -77.30 -44.93
C LEU G 216 -124.86 -77.02 -46.43
N PRO G 217 -124.97 -75.77 -46.86
CA PRO G 217 -124.90 -75.47 -48.29
C PRO G 217 -123.47 -75.32 -48.80
N GLN G 218 -123.34 -74.83 -50.02
CA GLN G 218 -122.04 -74.59 -50.63
C GLN G 218 -121.95 -73.12 -51.02
N GLY G 219 -120.73 -72.59 -50.99
CA GLY G 219 -120.53 -71.21 -51.38
C GLY G 219 -119.42 -70.52 -50.61
N PHE G 220 -119.20 -69.23 -50.85
CA PHE G 220 -118.18 -68.46 -50.17
C PHE G 220 -118.80 -67.27 -49.47
N SER G 221 -118.44 -67.08 -48.20
CA SER G 221 -118.94 -65.97 -47.41
C SER G 221 -118.01 -65.71 -46.23
N ALA G 222 -117.31 -64.57 -46.24
CA ALA G 222 -116.32 -64.26 -45.22
C ALA G 222 -116.96 -63.72 -43.96
N LEU G 223 -116.38 -64.06 -42.82
CA LEU G 223 -116.95 -63.78 -41.51
C LEU G 223 -116.27 -62.55 -40.90
N GLU G 224 -117.11 -61.56 -40.40
CA GLU G 224 -116.67 -60.27 -39.90
C GLU G 224 -116.59 -60.26 -38.38
N PRO G 225 -115.54 -59.66 -37.81
CA PRO G 225 -115.34 -59.71 -36.36
C PRO G 225 -116.46 -59.02 -35.60
N LEU G 226 -116.82 -59.61 -34.47
CA LEU G 226 -117.98 -59.14 -33.69
C LEU G 226 -117.55 -58.55 -32.35
N VAL G 227 -116.82 -59.32 -31.57
CA VAL G 227 -116.59 -59.05 -30.17
C VAL G 227 -115.09 -59.22 -29.90
N ASP G 228 -114.71 -58.82 -28.69
CA ASP G 228 -113.35 -58.93 -28.16
C ASP G 228 -113.49 -58.88 -26.63
N LEU G 229 -113.05 -59.91 -25.91
CA LEU G 229 -113.22 -59.89 -24.46
C LEU G 229 -111.88 -60.11 -23.78
N PRO G 230 -111.35 -59.14 -23.06
CA PRO G 230 -110.08 -59.34 -22.31
C PRO G 230 -110.31 -60.07 -20.99
N ILE G 231 -110.49 -61.38 -21.08
CA ILE G 231 -110.87 -62.17 -19.92
C ILE G 231 -109.62 -62.69 -19.22
N GLY G 232 -108.88 -63.58 -19.89
CA GLY G 232 -107.74 -64.23 -19.26
C GLY G 232 -108.01 -65.70 -19.02
N ILE G 233 -109.30 -66.06 -19.10
CA ILE G 233 -109.84 -67.40 -18.94
C ILE G 233 -109.06 -68.44 -19.74
N ASN G 234 -108.88 -69.63 -19.16
CA ASN G 234 -108.40 -70.80 -19.87
C ASN G 234 -109.58 -71.56 -20.44
N ILE G 235 -109.42 -72.15 -21.62
CA ILE G 235 -110.51 -72.91 -22.24
C ILE G 235 -109.98 -74.22 -22.76
N THR G 236 -110.73 -75.30 -22.52
CA THR G 236 -110.40 -76.61 -23.05
C THR G 236 -111.65 -77.34 -23.54
N ARG G 237 -112.83 -76.83 -23.20
CA ARG G 237 -114.05 -77.54 -23.54
C ARG G 237 -115.16 -76.54 -23.79
N PHE G 238 -116.23 -77.00 -24.44
CA PHE G 238 -117.38 -76.14 -24.70
C PHE G 238 -118.59 -77.01 -24.98
N GLN G 239 -119.77 -76.38 -25.00
CA GLN G 239 -121.04 -77.07 -25.15
C GLN G 239 -121.97 -76.25 -26.02
N THR G 240 -123.25 -76.59 -26.00
CA THR G 240 -124.30 -75.84 -26.68
C THR G 240 -125.54 -75.80 -25.79
N LEU G 241 -126.48 -74.92 -26.16
CA LEU G 241 -127.69 -74.71 -25.40
C LEU G 241 -128.88 -74.71 -26.34
N LEU G 242 -129.95 -75.42 -25.95
CA LEU G 242 -131.09 -75.59 -26.83
C LEU G 242 -132.40 -75.33 -26.07
N ALA G 243 -133.41 -74.88 -26.81
CA ALA G 243 -134.73 -74.59 -26.27
C ALA G 243 -135.63 -75.81 -26.48
N LEU G 244 -136.04 -76.44 -25.37
CA LEU G 244 -136.76 -77.70 -25.39
C LEU G 244 -138.11 -77.62 -26.08
N HIS G 245 -138.77 -78.75 -26.16
CA HIS G 245 -140.15 -78.89 -26.59
C HIS G 245 -141.05 -79.11 -25.37
N ARG G 246 -141.97 -78.16 -25.15
CA ARG G 246 -142.90 -78.34 -24.03
C ARG G 246 -144.34 -78.00 -24.40
N SER G 247 -144.53 -77.20 -25.43
CA SER G 247 -145.88 -76.80 -25.83
C SER G 247 -146.16 -77.13 -27.30
N ALA G 264 -129.86 -79.02 -35.84
CA ALA G 264 -128.83 -79.29 -36.82
C ALA G 264 -127.68 -78.30 -36.67
N TYR G 265 -126.49 -78.81 -36.36
CA TYR G 265 -125.34 -77.95 -36.22
C TYR G 265 -124.06 -78.76 -36.37
N TYR G 266 -122.99 -78.06 -36.74
CA TYR G 266 -121.71 -78.63 -37.13
C TYR G 266 -120.61 -78.07 -36.26
N VAL G 267 -119.48 -78.77 -36.22
CA VAL G 267 -118.33 -78.29 -35.45
C VAL G 267 -117.04 -78.62 -36.19
N GLY G 268 -116.38 -77.60 -36.74
CA GLY G 268 -115.07 -77.75 -37.30
C GLY G 268 -114.00 -77.29 -36.31
N TYR G 269 -112.75 -77.54 -36.67
CA TYR G 269 -111.64 -77.09 -35.86
C TYR G 269 -110.66 -76.35 -36.77
N LEU G 270 -109.82 -75.53 -36.16
CA LEU G 270 -108.95 -74.63 -36.89
C LEU G 270 -107.50 -75.05 -36.70
N GLN G 271 -106.72 -74.94 -37.77
CA GLN G 271 -105.31 -75.29 -37.76
C GLN G 271 -104.53 -74.16 -38.39
N PRO G 272 -103.23 -74.10 -38.16
CA PRO G 272 -102.42 -73.07 -38.79
C PRO G 272 -102.18 -73.36 -40.27
N ARG G 273 -102.85 -72.61 -41.12
CA ARG G 273 -102.72 -72.70 -42.56
C ARG G 273 -102.23 -71.38 -43.15
N THR G 274 -102.00 -71.39 -44.46
CA THR G 274 -101.62 -70.23 -45.24
C THR G 274 -102.61 -70.09 -46.39
N PHE G 275 -103.26 -68.94 -46.48
CA PHE G 275 -104.27 -68.72 -47.49
C PHE G 275 -103.93 -67.54 -48.37
N LEU G 276 -104.61 -67.45 -49.51
CA LEU G 276 -104.49 -66.36 -50.46
C LEU G 276 -105.88 -65.78 -50.65
N LEU G 277 -106.11 -64.58 -50.10
CA LEU G 277 -107.42 -63.95 -50.13
C LEU G 277 -107.49 -62.93 -51.25
N LYS G 278 -108.58 -62.96 -51.99
CA LYS G 278 -108.84 -62.00 -53.07
C LYS G 278 -109.74 -60.90 -52.55
N TYR G 279 -109.28 -59.66 -52.62
CA TYR G 279 -110.03 -58.54 -52.10
C TYR G 279 -110.72 -57.79 -53.23
N ASN G 280 -111.98 -57.46 -53.01
CA ASN G 280 -112.77 -56.65 -53.92
C ASN G 280 -112.26 -55.22 -53.93
N GLU G 281 -112.87 -54.38 -54.76
CA GLU G 281 -112.57 -52.96 -54.75
C GLU G 281 -113.25 -52.21 -53.63
N ASN G 282 -114.35 -52.72 -53.07
CA ASN G 282 -114.88 -52.18 -51.84
C ASN G 282 -114.14 -52.68 -50.62
N GLY G 283 -113.32 -53.71 -50.76
CA GLY G 283 -112.53 -54.18 -49.65
C GLY G 283 -113.05 -55.43 -49.00
N THR G 284 -113.94 -56.16 -49.65
CA THR G 284 -114.45 -57.41 -49.10
C THR G 284 -113.75 -58.59 -49.75
N ILE G 285 -113.63 -59.67 -48.98
CA ILE G 285 -113.03 -60.91 -49.45
C ILE G 285 -114.07 -61.67 -50.25
N THR G 286 -113.79 -61.87 -51.54
CA THR G 286 -114.75 -62.52 -52.42
C THR G 286 -114.36 -63.96 -52.74
N ASP G 287 -113.07 -64.26 -52.75
CA ASP G 287 -112.59 -65.60 -53.02
C ASP G 287 -111.32 -65.87 -52.23
N ALA G 288 -110.94 -67.15 -52.17
CA ALA G 288 -109.74 -67.52 -51.44
C ALA G 288 -109.14 -68.78 -52.05
N VAL G 289 -107.89 -69.05 -51.69
CA VAL G 289 -107.18 -70.24 -52.11
C VAL G 289 -106.50 -70.82 -50.88
N ASP G 290 -106.74 -72.10 -50.60
CA ASP G 290 -106.04 -72.84 -49.57
C ASP G 290 -104.81 -73.45 -50.23
N CYS G 291 -103.64 -73.11 -49.74
CA CYS G 291 -102.39 -73.32 -50.48
C CYS G 291 -101.74 -74.64 -50.11
N ALA G 292 -102.51 -75.53 -49.50
CA ALA G 292 -101.97 -76.81 -49.08
C ALA G 292 -102.93 -77.92 -49.44
N LEU G 293 -103.95 -77.59 -50.23
CA LEU G 293 -104.87 -78.60 -50.71
C LEU G 293 -104.20 -79.54 -51.71
N ASP G 294 -103.78 -79.00 -52.86
CA ASP G 294 -103.30 -79.83 -53.95
C ASP G 294 -102.18 -79.11 -54.69
N PRO G 295 -101.51 -79.74 -55.66
CA PRO G 295 -100.43 -79.04 -56.37
C PRO G 295 -100.86 -77.78 -57.11
N LEU G 296 -102.04 -77.77 -57.71
CA LEU G 296 -102.51 -76.57 -58.37
C LEU G 296 -102.60 -75.37 -57.41
N SER G 297 -103.08 -75.60 -56.18
CA SER G 297 -103.22 -74.52 -55.23
C SER G 297 -101.88 -74.02 -54.73
N GLU G 298 -100.94 -74.93 -54.50
CA GLU G 298 -99.59 -74.53 -54.16
C GLU G 298 -98.92 -73.74 -55.27
N THR G 299 -99.21 -74.06 -56.53
CA THR G 299 -98.71 -73.24 -57.63
C THR G 299 -99.33 -71.86 -57.64
N LYS G 300 -100.66 -71.79 -57.48
CA LYS G 300 -101.32 -70.49 -57.42
C LYS G 300 -100.76 -69.62 -56.31
N CYS G 301 -100.42 -70.25 -55.19
CA CYS G 301 -99.85 -69.51 -54.07
C CYS G 301 -98.43 -69.06 -54.36
N THR G 302 -97.64 -69.91 -55.00
CA THR G 302 -96.28 -69.54 -55.38
C THR G 302 -96.24 -68.39 -56.37
N LEU G 303 -97.17 -68.35 -57.32
CA LEU G 303 -97.23 -67.27 -58.29
C LEU G 303 -97.99 -66.04 -57.80
N LYS G 304 -98.79 -66.17 -56.74
CA LYS G 304 -99.67 -65.11 -56.24
C LYS G 304 -100.68 -64.70 -57.31
N SER G 305 -101.44 -65.67 -57.78
CA SER G 305 -102.44 -65.41 -58.81
C SER G 305 -103.53 -66.46 -58.74
N PHE G 306 -104.60 -66.21 -59.46
CA PHE G 306 -105.70 -67.15 -59.56
C PHE G 306 -105.76 -67.82 -60.92
N THR G 307 -104.97 -67.37 -61.88
CA THR G 307 -104.85 -68.02 -63.19
C THR G 307 -103.39 -68.28 -63.47
N VAL G 308 -103.01 -69.54 -63.60
CA VAL G 308 -101.68 -69.94 -64.02
C VAL G 308 -101.73 -70.31 -65.50
N GLU G 309 -100.80 -69.77 -66.26
CA GLU G 309 -100.64 -70.13 -67.67
C GLU G 309 -99.73 -71.33 -67.80
N LYS G 310 -99.82 -71.99 -68.95
CA LYS G 310 -99.09 -73.23 -69.12
C LYS G 310 -97.60 -73.02 -68.92
N GLY G 311 -96.96 -74.02 -68.35
CA GLY G 311 -95.56 -73.92 -68.05
C GLY G 311 -95.17 -75.05 -67.13
N ILE G 312 -94.07 -74.84 -66.42
CA ILE G 312 -93.67 -75.74 -65.36
C ILE G 312 -93.05 -74.88 -64.28
N TYR G 313 -93.48 -75.10 -63.05
CA TYR G 313 -93.20 -74.20 -61.94
C TYR G 313 -92.60 -74.98 -60.79
N GLN G 314 -91.54 -74.44 -60.21
CA GLN G 314 -90.96 -75.00 -59.00
C GLN G 314 -91.77 -74.50 -57.82
N THR G 315 -92.24 -75.42 -57.00
CA THR G 315 -93.30 -75.09 -56.07
C THR G 315 -92.84 -75.28 -54.63
N SER G 316 -91.98 -76.27 -54.40
CA SER G 316 -91.49 -76.51 -53.04
C SER G 316 -90.32 -77.48 -53.05
N ASN G 317 -90.20 -78.25 -51.98
CA ASN G 317 -89.15 -79.24 -51.86
C ASN G 317 -89.66 -80.43 -51.07
N PHE G 318 -89.08 -81.60 -51.36
CA PHE G 318 -89.48 -82.83 -50.67
C PHE G 318 -88.82 -82.93 -49.30
N ARG G 319 -89.50 -82.42 -48.29
CA ARG G 319 -88.98 -82.46 -46.92
C ARG G 319 -89.37 -83.75 -46.22
N VAL G 320 -88.46 -84.26 -45.39
CA VAL G 320 -88.70 -85.50 -44.66
C VAL G 320 -88.68 -85.26 -43.14
N GLN G 321 -89.81 -84.81 -42.61
CA GLN G 321 -89.92 -84.55 -41.18
C GLN G 321 -89.93 -85.84 -40.37
N PRO G 322 -88.89 -86.05 -39.56
CA PRO G 322 -88.79 -87.26 -38.74
C PRO G 322 -89.28 -87.06 -37.32
N THR G 323 -89.50 -88.16 -36.59
CA THR G 323 -89.97 -88.07 -35.22
C THR G 323 -88.93 -88.64 -34.25
N GLU G 324 -89.39 -89.08 -33.09
CA GLU G 324 -88.50 -89.64 -32.07
C GLU G 324 -87.32 -88.70 -31.79
N SER G 325 -86.22 -89.27 -31.30
CA SER G 325 -85.04 -88.49 -30.99
C SER G 325 -83.97 -89.35 -30.33
N ILE G 326 -82.99 -88.69 -29.70
CA ILE G 326 -81.90 -89.41 -29.03
C ILE G 326 -81.10 -88.46 -28.15
N VAL G 327 -80.13 -89.02 -27.42
CA VAL G 327 -79.28 -88.23 -26.54
C VAL G 327 -78.03 -89.02 -26.20
N ARG G 328 -77.81 -90.08 -26.97
CA ARG G 328 -76.66 -90.96 -26.77
C ARG G 328 -75.46 -90.27 -26.13
N PHE G 329 -75.37 -90.35 -24.81
CA PHE G 329 -74.25 -89.77 -24.07
C PHE G 329 -73.20 -90.84 -23.80
N PRO G 330 -72.03 -90.43 -23.30
CA PRO G 330 -70.97 -91.40 -23.00
C PRO G 330 -71.42 -92.37 -21.91
N ASN G 331 -71.33 -91.91 -20.66
CA ASN G 331 -71.71 -92.71 -19.49
C ASN G 331 -71.92 -91.84 -18.27
N ILE G 332 -73.17 -91.78 -17.80
CA ILE G 332 -73.51 -90.97 -16.63
C ILE G 332 -72.75 -91.41 -15.38
N THR G 333 -72.75 -90.56 -14.36
CA THR G 333 -72.06 -90.85 -13.09
C THR G 333 -71.88 -89.60 -12.23
N ASN G 334 -71.92 -89.78 -10.92
CA ASN G 334 -71.74 -88.69 -9.97
C ASN G 334 -72.93 -87.75 -9.81
N LEU G 335 -72.64 -86.55 -9.31
CA LEU G 335 -73.64 -85.52 -9.08
C LEU G 335 -72.89 -84.26 -8.65
N CYS G 336 -71.62 -84.20 -9.04
CA CYS G 336 -70.74 -83.09 -8.70
C CYS G 336 -71.14 -82.45 -7.38
N PRO G 337 -70.22 -82.40 -6.43
CA PRO G 337 -70.51 -81.79 -5.12
C PRO G 337 -70.06 -80.33 -5.06
N PHE G 338 -70.78 -79.45 -5.74
CA PHE G 338 -70.42 -78.03 -5.72
C PHE G 338 -70.35 -77.50 -4.29
N GLY G 339 -71.11 -78.13 -3.40
CA GLY G 339 -71.14 -77.72 -2.02
C GLY G 339 -69.78 -77.71 -1.34
N GLU G 340 -68.70 -77.61 -2.10
CA GLU G 340 -67.38 -77.31 -1.53
C GLU G 340 -66.87 -75.95 -2.00
N VAL G 341 -67.13 -75.58 -3.25
CA VAL G 341 -66.69 -74.28 -3.75
C VAL G 341 -67.74 -73.22 -3.45
N PHE G 342 -69.02 -73.61 -3.49
CA PHE G 342 -70.09 -72.70 -3.12
C PHE G 342 -70.46 -72.81 -1.65
N ASN G 343 -69.74 -73.63 -0.88
CA ASN G 343 -70.03 -73.83 0.53
C ASN G 343 -68.76 -73.90 1.37
N ALA G 344 -67.78 -73.04 1.07
CA ALA G 344 -66.53 -73.05 1.82
C ALA G 344 -66.63 -72.18 3.06
N THR G 345 -65.83 -72.53 4.07
CA THR G 345 -65.79 -71.73 5.29
C THR G 345 -64.89 -70.53 5.17
N ARG G 346 -63.90 -70.57 4.29
CA ARG G 346 -62.97 -69.46 4.11
C ARG G 346 -62.63 -69.37 2.63
N PHE G 347 -62.97 -68.24 2.01
CA PHE G 347 -62.69 -68.04 0.59
C PHE G 347 -61.21 -67.72 0.37
N ALA G 348 -60.89 -67.26 -0.84
CA ALA G 348 -59.52 -66.91 -1.19
C ALA G 348 -59.40 -65.43 -1.55
N SER G 349 -58.22 -64.87 -1.32
CA SER G 349 -57.97 -63.46 -1.62
C SER G 349 -58.34 -63.13 -3.07
N VAL G 350 -58.28 -61.85 -3.42
CA VAL G 350 -58.61 -61.41 -4.77
C VAL G 350 -57.36 -61.37 -5.66
N TYR G 351 -56.20 -61.23 -5.03
CA TYR G 351 -54.95 -61.17 -5.76
C TYR G 351 -54.31 -62.53 -5.93
N ALA G 352 -54.71 -63.53 -5.17
CA ALA G 352 -54.34 -64.91 -5.42
C ALA G 352 -55.62 -65.73 -5.38
N TRP G 353 -56.38 -65.70 -6.46
CA TRP G 353 -57.66 -66.38 -6.50
C TRP G 353 -57.42 -67.87 -6.49
N ASN G 354 -58.46 -68.63 -6.21
CA ASN G 354 -58.21 -70.05 -6.30
C ASN G 354 -58.51 -70.56 -7.70
N ARG G 355 -58.28 -71.84 -7.92
CA ARG G 355 -58.57 -72.41 -9.23
C ARG G 355 -58.83 -73.89 -9.08
N LYS G 356 -60.11 -74.26 -9.08
CA LYS G 356 -60.51 -75.67 -8.97
C LYS G 356 -60.85 -76.13 -10.39
N ARG G 357 -60.38 -77.31 -10.77
CA ARG G 357 -60.64 -77.81 -12.10
C ARG G 357 -61.68 -78.91 -12.00
N ILE G 358 -62.95 -78.53 -12.02
CA ILE G 358 -64.01 -79.51 -12.08
C ILE G 358 -63.78 -80.40 -13.28
N SER G 359 -64.13 -81.68 -13.16
CA SER G 359 -63.78 -82.66 -14.18
C SER G 359 -64.97 -83.58 -14.38
N ASN G 360 -64.75 -84.72 -15.03
CA ASN G 360 -65.80 -85.67 -15.39
C ASN G 360 -66.75 -85.94 -14.23
N CYS G 361 -68.01 -85.61 -14.43
CA CYS G 361 -69.01 -85.58 -13.36
C CYS G 361 -70.37 -85.37 -14.02
N VAL G 362 -71.38 -85.18 -13.17
CA VAL G 362 -72.74 -84.88 -13.60
C VAL G 362 -73.03 -83.51 -12.97
N ALA G 363 -72.96 -82.45 -13.77
CA ALA G 363 -73.16 -81.10 -13.28
C ALA G 363 -74.60 -80.67 -13.47
N ASP G 364 -75.19 -80.13 -12.41
CA ASP G 364 -76.59 -79.70 -12.42
C ASP G 364 -76.64 -78.19 -12.15
N TYR G 365 -76.48 -77.40 -13.20
CA TYR G 365 -76.51 -75.96 -13.04
C TYR G 365 -77.89 -75.44 -12.69
N SER G 366 -78.89 -76.30 -12.57
CA SER G 366 -80.21 -75.81 -12.18
C SER G 366 -80.26 -75.47 -10.70
N VAL G 367 -79.67 -76.32 -9.86
CA VAL G 367 -79.62 -76.02 -8.42
C VAL G 367 -78.90 -74.71 -8.19
N LEU G 368 -77.98 -74.36 -9.07
CA LEU G 368 -77.39 -73.05 -9.00
C LEU G 368 -78.36 -71.99 -9.49
N TYR G 369 -78.75 -72.12 -10.76
CA TYR G 369 -79.61 -71.16 -11.45
C TYR G 369 -80.91 -70.72 -10.77
N ASN G 370 -81.48 -71.57 -9.94
CA ASN G 370 -82.74 -71.23 -9.29
C ASN G 370 -82.60 -71.04 -7.79
N SER G 371 -81.37 -70.98 -7.27
CA SER G 371 -81.23 -70.96 -5.83
C SER G 371 -81.64 -69.64 -5.22
N ALA G 372 -81.77 -68.59 -6.03
CA ALA G 372 -82.31 -67.30 -5.60
C ALA G 372 -81.50 -66.68 -4.48
N SER G 373 -80.42 -67.32 -4.06
CA SER G 373 -79.54 -66.76 -3.05
C SER G 373 -78.42 -65.94 -3.65
N PHE G 374 -78.29 -65.94 -4.96
CA PHE G 374 -77.22 -65.25 -5.66
C PHE G 374 -77.68 -63.88 -6.06
N SER G 375 -76.88 -62.88 -5.74
CA SER G 375 -77.22 -61.53 -6.14
C SER G 375 -76.85 -61.24 -7.58
N THR G 376 -75.98 -62.03 -8.19
CA THR G 376 -75.58 -61.79 -9.56
C THR G 376 -75.32 -63.12 -10.23
N PHE G 377 -76.01 -63.39 -11.32
CA PHE G 377 -75.79 -64.63 -12.08
C PHE G 377 -75.83 -64.29 -13.56
N LYS G 378 -74.69 -63.93 -14.14
CA LYS G 378 -74.65 -63.58 -15.54
C LYS G 378 -73.99 -64.68 -16.32
N CYS G 379 -74.54 -65.03 -17.46
CA CYS G 379 -73.92 -66.01 -18.33
C CYS G 379 -73.61 -65.35 -19.67
N TYR G 380 -72.43 -65.60 -20.21
CA TYR G 380 -71.97 -64.86 -21.37
C TYR G 380 -71.90 -65.70 -22.63
N GLY G 381 -71.14 -66.76 -22.65
CA GLY G 381 -71.08 -67.56 -23.85
C GLY G 381 -72.41 -68.21 -24.14
N VAL G 382 -73.19 -68.47 -23.10
CA VAL G 382 -74.35 -69.34 -23.20
C VAL G 382 -75.37 -68.97 -22.14
N SER G 383 -76.61 -68.74 -22.56
CA SER G 383 -77.66 -68.39 -21.63
C SER G 383 -77.87 -69.50 -20.59
N PRO G 384 -78.34 -69.16 -19.39
CA PRO G 384 -78.23 -70.11 -18.27
C PRO G 384 -79.08 -71.36 -18.40
N THR G 385 -80.29 -71.28 -18.96
CA THR G 385 -81.18 -72.43 -18.91
C THR G 385 -80.71 -73.58 -19.78
N LYS G 386 -79.84 -73.32 -20.76
CA LYS G 386 -79.34 -74.35 -21.65
C LYS G 386 -78.02 -74.96 -21.17
N LEU G 387 -77.66 -74.74 -19.91
CA LEU G 387 -76.43 -75.34 -19.40
C LEU G 387 -76.62 -76.82 -19.11
N ASN G 388 -77.79 -77.18 -18.60
CA ASN G 388 -78.09 -78.57 -18.26
C ASN G 388 -78.49 -79.38 -19.49
N ASP G 389 -77.93 -79.02 -20.64
CA ASP G 389 -78.23 -79.72 -21.89
C ASP G 389 -77.03 -79.70 -22.83
N LEU G 390 -75.87 -79.33 -22.29
CA LEU G 390 -74.64 -79.28 -23.08
C LEU G 390 -73.50 -80.01 -22.38
N CYS G 391 -72.46 -80.33 -23.13
CA CYS G 391 -71.30 -81.03 -22.59
C CYS G 391 -69.99 -80.41 -23.08
N PHE G 392 -69.04 -80.27 -22.17
CA PHE G 392 -67.74 -79.69 -22.49
C PHE G 392 -66.60 -80.63 -22.13
N THR G 393 -65.38 -80.11 -22.13
CA THR G 393 -64.21 -80.91 -21.80
C THR G 393 -63.77 -80.66 -20.36
N ASN G 394 -63.76 -79.39 -19.95
CA ASN G 394 -63.35 -79.01 -18.62
C ASN G 394 -64.19 -77.83 -18.17
N VAL G 395 -64.45 -77.76 -16.87
CA VAL G 395 -65.03 -76.60 -16.24
C VAL G 395 -64.02 -76.16 -15.21
N TYR G 396 -63.69 -74.90 -15.21
CA TYR G 396 -62.85 -74.37 -14.15
C TYR G 396 -63.70 -73.49 -13.26
N ALA G 397 -63.39 -73.45 -11.98
CA ALA G 397 -64.10 -72.58 -11.06
C ALA G 397 -63.09 -71.76 -10.30
N ASP G 398 -63.16 -70.45 -10.44
CA ASP G 398 -62.27 -69.56 -9.70
C ASP G 398 -63.04 -68.87 -8.60
N SER G 399 -62.39 -68.65 -7.47
CA SER G 399 -63.07 -68.17 -6.28
C SER G 399 -62.29 -67.03 -5.65
N PHE G 400 -63.00 -65.99 -5.20
CA PHE G 400 -62.33 -64.94 -4.45
C PHE G 400 -63.36 -64.03 -3.79
N VAL G 401 -62.89 -62.96 -3.17
CA VAL G 401 -63.71 -62.04 -2.40
C VAL G 401 -63.33 -60.61 -2.76
N ILE G 402 -64.32 -59.78 -3.08
CA ILE G 402 -64.07 -58.40 -3.45
C ILE G 402 -65.05 -57.50 -2.74
N ARG G 403 -65.03 -56.21 -3.07
CA ARG G 403 -65.95 -55.28 -2.47
C ARG G 403 -67.30 -55.53 -3.14
N GLY G 404 -68.30 -54.72 -2.79
CA GLY G 404 -69.61 -54.88 -3.37
C GLY G 404 -69.74 -54.26 -4.73
N ASP G 405 -69.10 -53.12 -4.95
CA ASP G 405 -69.27 -52.42 -6.20
C ASP G 405 -68.15 -52.69 -7.18
N GLU G 406 -67.40 -53.75 -6.93
CA GLU G 406 -66.33 -54.17 -7.81
C GLU G 406 -66.79 -55.40 -8.58
N VAL G 407 -68.05 -55.80 -8.43
CA VAL G 407 -68.51 -56.97 -9.15
C VAL G 407 -68.79 -56.64 -10.59
N ARG G 408 -68.77 -55.36 -10.96
CA ARG G 408 -69.00 -55.02 -12.34
C ARG G 408 -67.72 -55.00 -13.15
N GLN G 409 -66.58 -55.27 -12.53
CA GLN G 409 -65.36 -55.44 -13.30
C GLN G 409 -65.04 -56.87 -13.58
N ILE G 410 -65.83 -57.81 -13.08
CA ILE G 410 -65.68 -59.22 -13.41
C ILE G 410 -66.60 -59.47 -14.61
N ALA G 411 -66.11 -59.15 -15.78
CA ALA G 411 -66.87 -59.24 -17.00
C ALA G 411 -65.90 -59.07 -18.15
N PRO G 412 -66.19 -59.57 -19.35
CA PRO G 412 -65.22 -59.43 -20.43
C PRO G 412 -65.15 -58.00 -20.91
N GLY G 413 -63.94 -57.47 -20.99
CA GLY G 413 -63.76 -56.10 -21.43
C GLY G 413 -64.11 -55.05 -20.42
N GLN G 414 -63.42 -54.99 -19.29
CA GLN G 414 -63.57 -53.92 -18.31
C GLN G 414 -62.20 -53.42 -17.91
N THR G 415 -62.19 -52.35 -17.12
CA THR G 415 -60.97 -51.78 -16.58
C THR G 415 -61.21 -51.35 -15.15
N GLY G 416 -60.13 -51.12 -14.43
CA GLY G 416 -60.18 -50.87 -13.00
C GLY G 416 -59.15 -51.70 -12.27
N LYS G 417 -58.93 -51.32 -11.00
CA LYS G 417 -57.84 -51.92 -10.25
C LYS G 417 -57.99 -53.42 -10.13
N ILE G 418 -59.22 -53.93 -10.22
CA ILE G 418 -59.41 -55.37 -10.11
C ILE G 418 -59.14 -56.05 -11.43
N ALA G 419 -59.78 -55.59 -12.49
CA ALA G 419 -59.63 -56.26 -13.78
C ALA G 419 -58.30 -55.94 -14.42
N ASP G 420 -57.68 -54.82 -14.06
CA ASP G 420 -56.38 -54.51 -14.64
C ASP G 420 -55.33 -55.46 -14.14
N TYR G 421 -55.03 -55.42 -12.85
CA TYR G 421 -54.11 -56.37 -12.28
C TYR G 421 -54.64 -56.93 -10.98
N ASN G 422 -55.68 -57.76 -11.04
CA ASN G 422 -55.88 -58.79 -10.05
C ASN G 422 -56.42 -60.05 -10.71
N TYR G 423 -57.36 -59.88 -11.63
CA TYR G 423 -58.06 -61.01 -12.25
C TYR G 423 -58.68 -60.53 -13.55
N LYS G 424 -58.16 -61.00 -14.68
CA LYS G 424 -58.60 -60.54 -15.98
C LYS G 424 -59.27 -61.69 -16.73
N LEU G 425 -60.44 -61.45 -17.27
CA LEU G 425 -61.30 -62.32 -18.06
C LEU G 425 -61.09 -62.11 -19.54
N PRO G 426 -60.87 -63.14 -20.35
CA PRO G 426 -60.61 -62.92 -21.76
C PRO G 426 -61.78 -62.27 -22.44
N ASP G 427 -61.56 -61.85 -23.67
CA ASP G 427 -62.57 -61.04 -24.35
C ASP G 427 -63.62 -61.89 -25.07
N ASP G 428 -63.42 -63.20 -25.16
CA ASP G 428 -64.43 -64.11 -25.68
C ASP G 428 -64.82 -65.14 -24.63
N PHE G 429 -65.06 -64.67 -23.41
CA PHE G 429 -65.39 -65.55 -22.31
C PHE G 429 -66.55 -66.45 -22.68
N THR G 430 -66.64 -67.59 -22.01
CA THR G 430 -67.71 -68.52 -22.29
C THR G 430 -68.57 -68.89 -21.10
N GLY G 431 -68.08 -68.77 -19.88
CA GLY G 431 -68.75 -69.32 -18.73
C GLY G 431 -69.81 -68.43 -18.16
N CYS G 432 -69.94 -68.47 -16.84
CA CYS G 432 -70.86 -67.62 -16.11
C CYS G 432 -70.20 -67.09 -14.85
N VAL G 433 -70.70 -65.97 -14.36
CA VAL G 433 -70.16 -65.28 -13.21
C VAL G 433 -71.25 -65.24 -12.17
N ILE G 434 -70.95 -65.69 -10.95
CA ILE G 434 -71.92 -65.76 -9.87
C ILE G 434 -71.38 -65.01 -8.67
N ALA G 435 -72.22 -64.29 -7.97
CA ALA G 435 -71.75 -63.47 -6.88
C ALA G 435 -72.84 -63.28 -5.84
N TRP G 436 -72.47 -63.32 -4.57
CA TRP G 436 -73.45 -63.10 -3.52
C TRP G 436 -72.82 -62.41 -2.33
N ASN G 437 -73.65 -61.65 -1.63
CA ASN G 437 -73.16 -60.88 -0.49
C ASN G 437 -72.81 -61.78 0.66
N SER G 438 -71.77 -61.43 1.37
CA SER G 438 -71.31 -62.24 2.49
C SER G 438 -70.89 -61.37 3.64
N ASN G 439 -71.70 -60.38 3.99
CA ASN G 439 -71.28 -59.45 5.03
C ASN G 439 -71.09 -60.12 6.37
N ASN G 440 -71.93 -61.08 6.72
CA ASN G 440 -71.90 -61.64 8.06
C ASN G 440 -70.75 -62.60 8.27
N LEU G 441 -70.20 -63.17 7.21
CA LEU G 441 -69.13 -64.14 7.33
C LEU G 441 -67.75 -63.51 7.31
N ASP G 442 -67.53 -62.49 6.49
CA ASP G 442 -66.20 -62.02 6.22
C ASP G 442 -65.86 -60.71 6.89
N SER G 443 -66.84 -59.97 7.38
CA SER G 443 -66.59 -58.69 7.99
C SER G 443 -66.69 -58.81 9.50
N LYS G 444 -65.68 -58.29 10.20
CA LYS G 444 -65.68 -58.37 11.66
C LYS G 444 -65.60 -56.99 12.31
N VAL G 445 -66.06 -56.91 13.56
CA VAL G 445 -66.04 -55.66 14.30
C VAL G 445 -64.61 -55.20 14.53
N GLY G 446 -64.29 -54.02 14.00
CA GLY G 446 -62.95 -53.46 14.12
C GLY G 446 -62.26 -53.40 12.78
N GLY G 447 -62.50 -54.41 11.95
CA GLY G 447 -61.90 -54.46 10.64
C GLY G 447 -61.20 -55.76 10.35
N ASN G 448 -61.61 -56.43 9.29
CA ASN G 448 -60.99 -57.68 8.88
C ASN G 448 -59.91 -57.34 7.87
N TYR G 449 -58.66 -57.30 8.33
CA TYR G 449 -57.54 -56.90 7.50
C TYR G 449 -56.83 -58.08 6.87
N ASN G 450 -57.54 -59.17 6.61
CA ASN G 450 -56.91 -60.32 6.00
C ASN G 450 -57.23 -60.48 4.54
N TYR G 451 -57.98 -59.56 3.96
CA TYR G 451 -58.39 -59.64 2.57
C TYR G 451 -57.70 -58.52 1.80
N LEU G 452 -56.66 -58.87 1.07
CA LEU G 452 -55.82 -57.89 0.39
C LEU G 452 -56.12 -57.88 -1.09
N TYR G 453 -55.61 -56.86 -1.76
CA TYR G 453 -55.67 -56.79 -3.21
C TYR G 453 -54.44 -56.03 -3.68
N ARG G 454 -54.08 -56.26 -4.93
CA ARG G 454 -52.92 -55.60 -5.52
C ARG G 454 -53.37 -54.31 -6.16
N LEU G 455 -52.64 -53.23 -5.91
CA LEU G 455 -53.03 -51.95 -6.45
C LEU G 455 -51.96 -51.29 -7.30
N PHE G 456 -50.81 -51.93 -7.50
CA PHE G 456 -49.78 -51.42 -8.40
C PHE G 456 -49.19 -52.57 -9.18
N ARG G 457 -49.09 -52.43 -10.50
CA ARG G 457 -48.37 -53.40 -11.28
C ARG G 457 -47.78 -52.72 -12.50
N LYS G 458 -46.73 -53.32 -13.04
CA LYS G 458 -46.09 -52.77 -14.24
C LYS G 458 -47.02 -52.78 -15.43
N SER G 459 -47.75 -53.86 -15.65
CA SER G 459 -48.56 -53.99 -16.84
C SER G 459 -49.77 -54.86 -16.54
N ASN G 460 -50.87 -54.54 -17.20
CA ASN G 460 -52.11 -55.26 -16.99
C ASN G 460 -51.93 -56.74 -17.27
N LEU G 461 -52.75 -57.55 -16.62
CA LEU G 461 -52.59 -58.98 -16.70
C LEU G 461 -53.05 -59.51 -18.04
N LYS G 462 -52.45 -60.60 -18.47
CA LYS G 462 -53.05 -61.38 -19.53
C LYS G 462 -54.25 -62.11 -18.96
N PRO G 463 -55.23 -62.47 -19.78
CA PRO G 463 -56.41 -63.14 -19.24
C PRO G 463 -56.04 -64.43 -18.54
N PHE G 464 -56.60 -64.60 -17.33
CA PHE G 464 -56.40 -65.80 -16.52
C PHE G 464 -54.97 -65.94 -16.03
N GLU G 465 -54.24 -64.84 -16.00
CA GLU G 465 -52.89 -64.84 -15.48
C GLU G 465 -52.92 -64.45 -14.01
N ARG G 466 -51.92 -64.89 -13.26
CA ARG G 466 -51.91 -64.78 -11.81
C ARG G 466 -50.55 -64.35 -11.33
N ASP G 467 -50.52 -63.50 -10.31
CA ASP G 467 -49.28 -62.83 -9.89
C ASP G 467 -49.29 -62.65 -8.38
N ILE G 468 -48.55 -63.50 -7.66
CA ILE G 468 -48.52 -63.46 -6.21
C ILE G 468 -47.21 -62.88 -5.69
N SER G 469 -46.43 -62.23 -6.53
CA SER G 469 -45.17 -61.69 -6.05
C SER G 469 -45.41 -60.50 -5.13
N THR G 470 -44.37 -60.10 -4.42
CA THR G 470 -44.50 -59.05 -3.42
C THR G 470 -43.29 -58.12 -3.48
N GLU G 471 -42.86 -57.78 -4.68
CA GLU G 471 -41.73 -56.89 -4.83
C GLU G 471 -42.17 -55.45 -4.63
N ILE G 472 -41.27 -54.65 -4.09
CA ILE G 472 -41.57 -53.24 -3.87
C ILE G 472 -41.72 -52.54 -5.21
N TYR G 473 -42.89 -51.95 -5.41
CA TYR G 473 -43.18 -51.23 -6.65
C TYR G 473 -42.27 -50.01 -6.76
N GLN G 474 -42.02 -49.57 -7.98
CA GLN G 474 -41.17 -48.42 -8.21
C GLN G 474 -41.90 -47.48 -9.15
N ALA G 475 -42.49 -46.42 -8.59
CA ALA G 475 -43.24 -45.50 -9.42
C ALA G 475 -42.32 -44.58 -10.20
N GLY G 476 -41.51 -43.79 -9.48
CA GLY G 476 -40.59 -42.87 -10.11
C GLY G 476 -39.40 -43.59 -10.71
N SER G 477 -38.49 -42.79 -11.27
CA SER G 477 -37.32 -43.34 -11.93
C SER G 477 -36.27 -43.82 -10.95
N THR G 478 -36.29 -43.31 -9.73
CA THR G 478 -35.26 -43.67 -8.77
C THR G 478 -35.39 -45.13 -8.38
N PRO G 479 -34.30 -45.90 -8.39
CA PRO G 479 -34.38 -47.30 -7.95
C PRO G 479 -34.72 -47.40 -6.48
N CYS G 480 -35.31 -48.53 -6.12
CA CYS G 480 -35.89 -48.70 -4.79
C CYS G 480 -35.03 -49.46 -3.81
N ASN G 481 -34.29 -50.47 -4.26
CA ASN G 481 -33.41 -51.26 -3.40
C ASN G 481 -34.17 -51.90 -2.24
N GLY G 482 -35.40 -52.33 -2.50
CA GLY G 482 -36.11 -53.12 -1.52
C GLY G 482 -36.52 -52.41 -0.26
N VAL G 483 -36.46 -51.07 -0.22
CA VAL G 483 -36.94 -50.33 0.93
C VAL G 483 -38.02 -49.36 0.47
N GLU G 484 -38.93 -49.07 1.38
CA GLU G 484 -40.03 -48.16 1.09
C GLU G 484 -39.55 -46.73 1.02
N GLY G 485 -40.48 -45.84 0.66
CA GLY G 485 -40.15 -44.43 0.54
C GLY G 485 -40.99 -43.81 -0.54
N PHE G 486 -40.71 -42.54 -0.81
CA PHE G 486 -41.41 -41.85 -1.89
C PHE G 486 -41.16 -42.58 -3.20
N ASN G 487 -42.23 -42.82 -3.94
CA ASN G 487 -42.16 -43.49 -5.23
C ASN G 487 -41.58 -44.90 -5.10
N CYS G 488 -41.64 -45.48 -3.91
CA CYS G 488 -41.28 -46.87 -3.69
C CYS G 488 -42.32 -47.43 -2.72
N TYR G 489 -43.31 -48.13 -3.25
CA TYR G 489 -44.50 -48.49 -2.51
C TYR G 489 -44.65 -50.00 -2.41
N PHE G 490 -45.09 -50.45 -1.26
CA PHE G 490 -45.54 -51.82 -1.12
C PHE G 490 -46.76 -52.00 -2.01
N PRO G 491 -46.87 -53.12 -2.73
CA PRO G 491 -47.91 -53.22 -3.75
C PRO G 491 -49.24 -53.79 -3.31
N LEU G 492 -49.43 -54.14 -2.04
CA LEU G 492 -50.66 -54.76 -1.61
C LEU G 492 -51.36 -53.91 -0.55
N GLN G 493 -52.67 -53.76 -0.71
CA GLN G 493 -53.50 -53.02 0.21
C GLN G 493 -54.50 -54.01 0.80
N SER G 494 -55.16 -53.63 1.89
CA SER G 494 -56.12 -54.53 2.51
C SER G 494 -57.44 -53.81 2.70
N TYR G 495 -58.52 -54.44 2.23
CA TYR G 495 -59.86 -54.01 2.58
C TYR G 495 -59.97 -54.11 4.10
N GLY G 496 -60.31 -53.02 4.77
CA GLY G 496 -60.65 -53.22 6.15
C GLY G 496 -62.14 -53.33 6.26
N PHE G 497 -62.67 -54.54 6.22
CA PHE G 497 -64.11 -54.71 6.20
C PHE G 497 -64.66 -54.56 7.60
N GLN G 498 -65.79 -53.88 7.71
CA GLN G 498 -66.41 -53.71 9.01
C GLN G 498 -67.91 -53.85 8.86
N PRO G 499 -68.55 -54.41 9.89
CA PRO G 499 -70.00 -54.60 9.87
C PRO G 499 -70.75 -53.33 9.47
N THR G 500 -70.51 -52.25 10.20
CA THR G 500 -71.16 -50.97 9.92
C THR G 500 -70.59 -50.34 8.65
N ASN G 501 -70.90 -50.95 7.51
CA ASN G 501 -70.43 -50.45 6.22
C ASN G 501 -71.51 -50.52 5.15
N GLY G 502 -71.89 -49.36 4.63
CA GLY G 502 -72.91 -49.28 3.61
C GLY G 502 -72.68 -50.27 2.48
N VAL G 503 -73.76 -50.75 1.88
CA VAL G 503 -73.67 -51.70 0.78
C VAL G 503 -72.79 -51.11 -0.30
N GLY G 504 -72.12 -51.96 -1.05
CA GLY G 504 -71.10 -51.49 -1.94
C GLY G 504 -69.77 -51.28 -1.27
N TYR G 505 -69.70 -51.46 0.04
CA TYR G 505 -68.43 -51.64 0.72
C TYR G 505 -68.41 -52.90 1.55
N GLN G 506 -69.41 -53.71 1.49
CA GLN G 506 -69.41 -54.97 2.20
C GLN G 506 -68.88 -56.06 1.31
N PRO G 507 -68.31 -57.11 1.87
CA PRO G 507 -67.64 -58.11 1.06
C PRO G 507 -68.61 -58.96 0.28
N TYR G 508 -68.26 -59.22 -0.97
CA TYR G 508 -69.04 -60.09 -1.83
C TYR G 508 -68.15 -61.26 -2.20
N ARG G 509 -68.70 -62.45 -2.21
CA ARG G 509 -67.94 -63.60 -2.66
C ARG G 509 -68.32 -63.91 -4.09
N VAL G 510 -67.31 -64.23 -4.91
CA VAL G 510 -67.48 -64.39 -6.34
C VAL G 510 -66.93 -65.73 -6.76
N VAL G 511 -67.63 -66.40 -7.67
CA VAL G 511 -67.20 -67.64 -8.30
C VAL G 511 -67.40 -67.48 -9.79
N VAL G 512 -66.35 -67.75 -10.56
CA VAL G 512 -66.38 -67.59 -12.00
C VAL G 512 -66.23 -68.96 -12.61
N LEU G 513 -67.28 -69.45 -13.25
CA LEU G 513 -67.25 -70.77 -13.88
C LEU G 513 -66.77 -70.69 -15.31
N SER G 514 -65.45 -70.68 -15.49
CA SER G 514 -64.85 -70.61 -16.82
C SER G 514 -65.06 -71.91 -17.59
N PHE G 515 -65.81 -71.84 -18.68
CA PHE G 515 -66.08 -73.00 -19.51
C PHE G 515 -65.02 -73.17 -20.59
N GLU G 516 -64.55 -74.40 -20.76
CA GLU G 516 -63.53 -74.70 -21.76
C GLU G 516 -64.14 -75.33 -23.00
N LEU G 517 -64.99 -74.57 -23.70
CA LEU G 517 -65.64 -75.06 -24.90
C LEU G 517 -64.65 -75.72 -25.85
N LEU G 518 -64.60 -77.04 -25.83
CA LEU G 518 -63.69 -77.80 -26.68
C LEU G 518 -64.43 -78.39 -27.88
N HIS G 519 -63.90 -79.49 -28.40
CA HIS G 519 -64.50 -80.16 -29.54
C HIS G 519 -65.74 -80.95 -29.14
N ALA G 520 -65.55 -82.24 -28.85
CA ALA G 520 -66.65 -83.11 -28.45
C ALA G 520 -66.14 -84.43 -27.91
N PRO G 521 -65.51 -84.38 -26.74
CA PRO G 521 -64.98 -85.59 -26.11
C PRO G 521 -65.94 -86.18 -25.10
N ALA G 522 -65.43 -87.02 -24.21
CA ALA G 522 -66.24 -87.65 -23.17
C ALA G 522 -66.00 -87.01 -21.80
N THR G 523 -66.43 -85.76 -21.66
CA THR G 523 -66.25 -85.04 -20.41
C THR G 523 -67.59 -84.79 -19.73
N VAL G 524 -67.58 -83.94 -18.70
CA VAL G 524 -68.80 -83.61 -17.97
C VAL G 524 -69.88 -83.11 -18.90
N CYS G 525 -71.13 -83.25 -18.47
CA CYS G 525 -72.28 -82.81 -19.27
C CYS G 525 -73.47 -82.47 -18.38
N GLY G 526 -74.66 -82.52 -18.97
CA GLY G 526 -75.87 -82.22 -18.24
C GLY G 526 -76.41 -83.41 -17.45
N PRO G 527 -77.76 -83.39 -17.17
CA PRO G 527 -78.23 -84.57 -16.41
C PRO G 527 -77.85 -85.88 -17.10
N LYS G 528 -78.61 -86.26 -18.11
CA LYS G 528 -78.34 -87.50 -18.85
C LYS G 528 -79.51 -87.86 -19.75
N LYS G 529 -79.44 -89.05 -20.35
CA LYS G 529 -80.50 -89.52 -21.24
C LYS G 529 -80.03 -90.73 -22.05
N SER G 530 -78.83 -90.63 -22.60
CA SER G 530 -78.26 -91.72 -23.41
C SER G 530 -79.28 -92.23 -24.43
N THR G 531 -80.18 -93.08 -23.96
CA THR G 531 -81.21 -93.65 -24.83
C THR G 531 -80.60 -94.59 -25.87
N ASN G 532 -81.45 -95.30 -26.59
CA ASN G 532 -81.00 -96.24 -27.61
C ASN G 532 -80.79 -95.56 -28.97
N LEU G 533 -79.84 -96.07 -29.74
CA LEU G 533 -79.54 -95.51 -31.06
C LEU G 533 -80.16 -96.35 -32.16
N VAL G 534 -81.05 -95.74 -32.94
CA VAL G 534 -81.72 -96.42 -34.03
C VAL G 534 -80.79 -96.60 -35.22
N LYS G 535 -81.34 -96.50 -36.43
CA LYS G 535 -80.56 -96.67 -37.64
C LYS G 535 -81.45 -96.83 -38.87
N ASN G 536 -81.24 -95.99 -39.88
CA ASN G 536 -82.00 -96.03 -41.12
C ASN G 536 -83.32 -95.24 -41.12
N LYS G 537 -83.47 -94.36 -40.13
CA LYS G 537 -84.66 -93.53 -40.02
C LYS G 537 -84.22 -92.09 -39.80
N CYS G 538 -84.87 -91.16 -40.50
CA CYS G 538 -84.57 -89.75 -40.28
C CYS G 538 -84.88 -89.43 -38.83
N VAL G 539 -83.86 -89.03 -38.09
CA VAL G 539 -83.92 -88.94 -36.64
C VAL G 539 -83.29 -87.62 -36.22
N ASN G 540 -83.57 -87.22 -35.00
CA ASN G 540 -83.01 -86.01 -34.40
C ASN G 540 -82.05 -86.49 -33.32
N PHE G 541 -80.76 -86.29 -33.53
CA PHE G 541 -79.75 -86.92 -32.69
C PHE G 541 -78.89 -85.90 -31.97
N ASN G 542 -78.29 -86.37 -30.87
CA ASN G 542 -77.30 -85.62 -30.10
C ASN G 542 -76.24 -86.61 -29.64
N PHE G 543 -75.01 -86.42 -30.11
CA PHE G 543 -73.87 -87.26 -29.75
C PHE G 543 -72.91 -86.41 -28.92
N ASN G 544 -73.05 -86.51 -27.60
CA ASN G 544 -72.28 -85.77 -26.59
C ASN G 544 -71.93 -84.37 -27.03
N GLY G 545 -72.91 -83.63 -27.55
CA GLY G 545 -72.66 -82.26 -27.94
C GLY G 545 -73.03 -81.99 -29.39
N LEU G 546 -72.75 -82.94 -30.27
CA LEU G 546 -73.08 -82.81 -31.69
C LEU G 546 -74.58 -82.93 -31.84
N THR G 547 -75.24 -81.85 -32.21
CA THR G 547 -76.68 -81.84 -32.43
C THR G 547 -76.94 -81.86 -33.92
N GLY G 548 -77.78 -82.79 -34.38
CA GLY G 548 -78.11 -82.82 -35.79
C GLY G 548 -79.36 -83.60 -36.15
N THR G 549 -79.60 -83.75 -37.46
CA THR G 549 -80.73 -84.49 -37.97
C THR G 549 -80.28 -85.33 -39.16
N GLY G 550 -80.86 -86.50 -39.29
CA GLY G 550 -80.57 -87.31 -40.46
C GLY G 550 -80.74 -88.79 -40.19
N VAL G 551 -80.44 -89.55 -41.21
CA VAL G 551 -80.40 -91.01 -41.17
C VAL G 551 -79.01 -91.44 -40.72
N LEU G 552 -78.95 -92.40 -39.82
CA LEU G 552 -77.70 -92.96 -39.30
C LEU G 552 -77.50 -94.32 -39.94
N THR G 553 -76.28 -94.62 -40.34
CA THR G 553 -76.01 -95.89 -41.02
C THR G 553 -74.65 -96.45 -40.58
N GLU G 554 -74.56 -97.77 -40.56
CA GLU G 554 -73.29 -98.43 -40.24
C GLU G 554 -72.22 -98.05 -41.23
N SER G 555 -71.04 -97.71 -40.72
CA SER G 555 -69.96 -97.21 -41.55
C SER G 555 -68.98 -98.32 -41.90
N ASN G 556 -68.00 -97.95 -42.73
CA ASN G 556 -66.87 -98.82 -42.98
C ASN G 556 -65.58 -98.01 -43.07
N LYS G 557 -65.59 -96.79 -42.56
CA LYS G 557 -64.42 -95.93 -42.59
C LYS G 557 -63.29 -96.55 -41.79
N LYS G 558 -62.14 -95.90 -41.78
CA LYS G 558 -60.98 -96.41 -41.04
C LYS G 558 -60.38 -95.36 -40.11
N PHE G 559 -61.19 -94.83 -39.20
CA PHE G 559 -60.74 -93.83 -38.25
C PHE G 559 -59.63 -94.39 -37.36
N LEU G 560 -58.69 -93.53 -36.98
CA LEU G 560 -57.58 -93.94 -36.13
C LEU G 560 -58.08 -94.42 -34.76
N PRO G 561 -57.21 -94.38 -33.76
CA PRO G 561 -57.55 -94.80 -32.41
C PRO G 561 -57.98 -93.63 -31.54
N PHE G 562 -58.24 -92.48 -32.17
CA PHE G 562 -58.66 -91.29 -31.44
C PHE G 562 -59.43 -90.35 -32.36
N GLN G 563 -59.69 -90.80 -33.58
CA GLN G 563 -60.41 -90.01 -34.56
C GLN G 563 -61.90 -89.96 -34.22
N GLN G 564 -62.30 -88.94 -33.47
CA GLN G 564 -63.68 -88.77 -33.06
C GLN G 564 -64.63 -88.71 -34.25
N PHE G 565 -65.13 -87.51 -34.55
CA PHE G 565 -66.06 -87.34 -35.66
C PHE G 565 -65.35 -86.89 -36.93
N GLY G 566 -65.94 -87.19 -38.08
CA GLY G 566 -65.36 -86.83 -39.36
C GLY G 566 -65.83 -85.46 -39.83
N ARG G 567 -65.75 -85.24 -41.13
CA ARG G 567 -66.16 -83.99 -41.74
C ARG G 567 -65.91 -84.05 -43.23
N ASP G 568 -66.71 -83.33 -44.01
CA ASP G 568 -66.54 -83.34 -45.45
C ASP G 568 -65.76 -82.11 -45.90
N ILE G 569 -65.44 -82.06 -47.18
CA ILE G 569 -65.00 -80.83 -47.82
C ILE G 569 -66.23 -79.95 -47.90
N ALA G 570 -66.05 -78.66 -47.63
CA ALA G 570 -67.12 -77.70 -47.37
C ALA G 570 -67.63 -77.82 -45.95
N ASP G 571 -66.97 -78.66 -45.15
CA ASP G 571 -67.09 -78.63 -43.69
C ASP G 571 -68.49 -78.93 -43.15
N THR G 572 -69.02 -80.12 -43.42
CA THR G 572 -70.26 -80.56 -42.80
C THR G 572 -70.00 -81.92 -42.15
N THR G 573 -70.53 -82.10 -40.94
CA THR G 573 -70.40 -83.35 -40.21
C THR G 573 -71.04 -84.48 -41.00
N ASP G 574 -70.29 -85.53 -41.28
CA ASP G 574 -70.86 -86.64 -42.04
C ASP G 574 -70.60 -88.00 -41.43
N ALA G 575 -69.81 -88.08 -40.36
CA ALA G 575 -69.66 -89.32 -39.62
C ALA G 575 -69.52 -88.99 -38.15
N VAL G 576 -69.91 -89.92 -37.30
CA VAL G 576 -69.71 -89.80 -35.86
C VAL G 576 -69.23 -91.14 -35.32
N ARG G 577 -68.80 -91.12 -34.07
CA ARG G 577 -68.45 -92.32 -33.34
C ARG G 577 -69.34 -92.40 -32.12
N ASP G 578 -69.97 -93.55 -31.90
CA ASP G 578 -70.85 -93.71 -30.74
C ASP G 578 -69.95 -93.78 -29.51
N PRO G 579 -70.23 -92.94 -28.51
CA PRO G 579 -69.36 -92.96 -27.33
C PRO G 579 -69.36 -94.28 -26.59
N GLN G 580 -70.52 -94.93 -26.47
CA GLN G 580 -70.60 -96.13 -25.64
C GLN G 580 -69.99 -97.34 -26.33
N THR G 581 -70.38 -97.63 -27.57
CA THR G 581 -69.88 -98.80 -28.25
C THR G 581 -68.67 -98.52 -29.14
N LEU G 582 -68.39 -97.25 -29.45
CA LEU G 582 -67.21 -96.82 -30.20
C LEU G 582 -67.19 -97.38 -31.62
N GLU G 583 -68.29 -97.17 -32.34
CA GLU G 583 -68.38 -97.55 -33.74
C GLU G 583 -68.76 -96.36 -34.58
N ILE G 584 -68.25 -96.33 -35.80
CA ILE G 584 -68.40 -95.20 -36.69
C ILE G 584 -69.70 -95.36 -37.45
N LEU G 585 -70.46 -94.27 -37.54
CA LEU G 585 -71.75 -94.24 -38.21
C LEU G 585 -71.81 -93.04 -39.14
N ASP G 586 -72.17 -93.27 -40.40
CA ASP G 586 -72.19 -92.18 -41.37
C ASP G 586 -73.51 -91.42 -41.48
N ILE G 587 -73.48 -90.16 -41.04
CA ILE G 587 -74.65 -89.30 -41.09
C ILE G 587 -74.99 -88.89 -42.51
N THR G 588 -76.11 -88.18 -42.65
CA THR G 588 -76.58 -87.71 -43.95
C THR G 588 -78.05 -87.33 -43.82
N PRO G 589 -78.35 -85.98 -43.99
CA PRO G 589 -79.78 -85.65 -43.84
C PRO G 589 -80.68 -86.52 -44.71
N CYS G 590 -81.98 -86.43 -44.46
CA CYS G 590 -82.96 -87.21 -45.20
C CYS G 590 -83.10 -86.71 -46.65
N SER G 591 -83.52 -87.59 -47.54
CA SER G 591 -83.68 -87.24 -48.94
C SER G 591 -84.52 -85.97 -49.11
N PHE G 592 -84.60 -85.48 -50.34
CA PHE G 592 -85.35 -84.27 -50.64
C PHE G 592 -85.03 -83.77 -52.05
N GLY G 593 -85.73 -82.73 -52.48
CA GLY G 593 -85.52 -82.17 -53.80
C GLY G 593 -86.55 -81.10 -54.14
N GLY G 594 -86.84 -80.97 -55.42
CA GLY G 594 -87.81 -79.98 -55.89
C GLY G 594 -89.09 -80.64 -56.36
N VAL G 595 -90.20 -79.92 -56.21
CA VAL G 595 -91.51 -80.41 -56.62
C VAL G 595 -92.12 -79.45 -57.62
N SER G 596 -92.23 -79.90 -58.87
CA SER G 596 -92.79 -79.07 -59.93
C SER G 596 -94.17 -79.56 -60.27
N VAL G 597 -95.03 -78.64 -60.70
CA VAL G 597 -96.41 -78.93 -61.05
C VAL G 597 -96.61 -78.62 -62.53
N ILE G 598 -97.12 -79.60 -63.27
CA ILE G 598 -97.36 -79.50 -64.70
C ILE G 598 -98.86 -79.36 -64.88
N THR G 599 -99.30 -78.26 -65.48
CA THR G 599 -100.69 -77.97 -65.68
C THR G 599 -100.96 -77.55 -67.12
N PRO G 600 -102.04 -78.06 -67.74
CA PRO G 600 -102.43 -77.57 -69.06
C PRO G 600 -103.01 -76.16 -69.06
N GLY G 601 -103.18 -75.54 -67.92
CA GLY G 601 -103.78 -74.21 -67.82
C GLY G 601 -105.19 -74.35 -67.28
N THR G 602 -105.53 -73.47 -66.33
CA THR G 602 -106.82 -73.57 -65.64
C THR G 602 -107.98 -73.27 -66.55
N ASN G 603 -107.72 -72.70 -67.72
CA ASN G 603 -108.71 -72.41 -68.74
C ASN G 603 -108.91 -73.59 -69.68
N THR G 604 -108.34 -74.74 -69.32
CA THR G 604 -108.46 -75.93 -70.13
C THR G 604 -108.93 -77.08 -69.26
N SER G 605 -108.42 -77.12 -68.03
CA SER G 605 -108.65 -78.24 -67.12
C SER G 605 -108.03 -77.87 -65.78
N ASN G 606 -108.39 -78.64 -64.77
CA ASN G 606 -107.81 -78.48 -63.44
C ASN G 606 -107.03 -79.71 -63.01
N GLN G 607 -106.82 -80.65 -63.92
CA GLN G 607 -105.93 -81.77 -63.65
C GLN G 607 -104.48 -81.29 -63.62
N VAL G 608 -103.63 -82.10 -63.01
CA VAL G 608 -102.27 -81.69 -62.71
C VAL G 608 -101.40 -82.93 -62.65
N ALA G 609 -100.13 -82.77 -63.02
CA ALA G 609 -99.13 -83.80 -62.84
C ALA G 609 -97.99 -83.22 -62.01
N VAL G 610 -97.21 -84.08 -61.38
CA VAL G 610 -96.23 -83.64 -60.38
C VAL G 610 -94.90 -84.32 -60.65
N LEU G 611 -93.84 -83.53 -60.71
CA LEU G 611 -92.48 -84.03 -60.90
C LEU G 611 -91.71 -83.87 -59.61
N TYR G 612 -91.18 -84.96 -59.08
CA TYR G 612 -90.24 -84.95 -57.97
C TYR G 612 -88.86 -85.05 -58.58
N GLN G 613 -88.08 -83.98 -58.46
CA GLN G 613 -86.88 -83.86 -59.29
C GLN G 613 -85.76 -84.72 -58.71
N ASP G 614 -85.14 -85.49 -59.59
CA ASP G 614 -84.08 -86.46 -59.32
C ASP G 614 -84.27 -87.19 -57.99
N VAL G 615 -85.49 -87.66 -57.78
CA VAL G 615 -85.82 -88.52 -56.67
C VAL G 615 -86.23 -89.87 -57.24
N ASN G 616 -85.72 -90.93 -56.63
CA ASN G 616 -86.12 -92.25 -57.05
C ASN G 616 -87.59 -92.48 -56.69
N CYS G 617 -88.33 -93.01 -57.66
CA CYS G 617 -89.78 -92.94 -57.58
C CYS G 617 -90.36 -93.94 -56.59
N THR G 618 -89.52 -94.57 -55.78
CA THR G 618 -89.97 -95.57 -54.80
C THR G 618 -90.03 -94.98 -53.39
N GLU G 619 -89.55 -93.75 -53.26
CA GLU G 619 -89.49 -93.12 -51.95
C GLU G 619 -90.20 -91.78 -51.98
N VAL G 620 -91.27 -91.68 -52.75
CA VAL G 620 -91.99 -90.43 -52.92
C VAL G 620 -92.86 -90.12 -51.70
N PRO G 621 -93.73 -91.03 -51.24
CA PRO G 621 -94.52 -90.62 -50.09
C PRO G 621 -93.93 -91.11 -48.77
N SER G 640 -102.74 -95.96 -60.41
CA SER G 640 -102.29 -94.65 -60.87
C SER G 640 -101.07 -94.74 -61.77
N ASN G 641 -100.50 -93.59 -62.12
CA ASN G 641 -99.41 -93.51 -63.07
C ASN G 641 -98.17 -92.99 -62.37
N VAL G 642 -97.23 -93.88 -62.08
CA VAL G 642 -95.91 -93.50 -61.64
C VAL G 642 -94.93 -93.89 -62.75
N PHE G 643 -94.14 -92.92 -63.18
CA PHE G 643 -93.28 -93.08 -64.33
C PHE G 643 -91.92 -92.50 -63.96
N GLN G 644 -90.87 -93.26 -64.23
CA GLN G 644 -89.53 -92.84 -63.85
C GLN G 644 -88.83 -92.20 -65.04
N THR G 645 -88.21 -91.06 -64.80
CA THR G 645 -87.53 -90.28 -65.81
C THR G 645 -86.10 -90.07 -65.35
N ARG G 646 -85.23 -89.77 -66.32
CA ARG G 646 -83.90 -89.28 -66.00
C ARG G 646 -83.94 -87.96 -65.25
N ALA G 647 -85.09 -87.30 -65.18
CA ALA G 647 -85.24 -86.01 -64.51
C ALA G 647 -86.00 -86.12 -63.19
N GLY G 648 -86.42 -87.31 -62.80
CA GLY G 648 -87.15 -87.49 -61.56
C GLY G 648 -88.33 -88.42 -61.73
N CYS G 649 -89.20 -88.42 -60.72
CA CYS G 649 -90.38 -89.26 -60.74
C CYS G 649 -91.63 -88.44 -61.05
N LEU G 650 -92.34 -88.87 -62.09
CA LEU G 650 -93.52 -88.18 -62.58
C LEU G 650 -94.77 -88.92 -62.16
N ILE G 651 -95.73 -88.20 -61.56
CA ILE G 651 -96.97 -88.79 -61.07
C ILE G 651 -98.13 -88.05 -61.69
N GLY G 652 -99.07 -88.79 -62.26
CA GLY G 652 -100.28 -88.21 -62.81
C GLY G 652 -100.31 -88.04 -64.31
N ALA G 653 -99.33 -88.58 -65.01
CA ALA G 653 -99.29 -88.59 -66.47
C ALA G 653 -98.99 -90.01 -66.92
N GLU G 654 -99.60 -90.42 -68.02
CA GLU G 654 -99.34 -91.73 -68.57
C GLU G 654 -98.31 -91.64 -69.70
N HIS G 655 -97.49 -92.67 -69.79
CA HIS G 655 -96.43 -92.75 -70.78
C HIS G 655 -96.94 -93.43 -72.03
N VAL G 656 -96.83 -92.76 -73.17
CA VAL G 656 -97.26 -93.30 -74.45
C VAL G 656 -96.02 -93.61 -75.29
N ASN G 657 -96.23 -94.26 -76.42
CA ASN G 657 -95.15 -94.68 -77.30
C ASN G 657 -95.02 -93.83 -78.55
N ASN G 658 -96.02 -92.99 -78.84
CA ASN G 658 -95.96 -92.05 -79.94
C ASN G 658 -94.87 -91.02 -79.69
N SER G 659 -94.65 -90.11 -80.64
CA SER G 659 -93.74 -89.00 -80.43
C SER G 659 -94.27 -87.78 -81.16
N TYR G 660 -94.47 -86.71 -80.42
CA TYR G 660 -95.04 -85.48 -80.94
C TYR G 660 -94.01 -84.37 -80.86
N GLU G 661 -94.40 -83.18 -81.28
CA GLU G 661 -93.61 -82.00 -81.04
C GLU G 661 -93.73 -81.61 -79.58
N CYS G 662 -92.66 -81.05 -79.03
CA CYS G 662 -92.62 -80.80 -77.61
C CYS G 662 -93.63 -79.72 -77.22
N ASP G 663 -94.28 -79.94 -76.09
CA ASP G 663 -95.31 -79.02 -75.61
C ASP G 663 -94.91 -78.36 -74.30
N ILE G 664 -94.73 -79.17 -73.27
CA ILE G 664 -94.28 -78.72 -71.96
C ILE G 664 -93.00 -79.50 -71.69
N PRO G 665 -91.88 -78.85 -71.54
CA PRO G 665 -90.61 -79.58 -71.43
C PRO G 665 -90.36 -80.11 -70.04
N ILE G 666 -90.23 -81.43 -69.92
CA ILE G 666 -89.88 -82.05 -68.66
C ILE G 666 -88.37 -82.13 -68.49
N GLY G 667 -87.69 -82.74 -69.44
CA GLY G 667 -86.25 -82.79 -69.42
C GLY G 667 -85.72 -84.10 -69.94
N ALA G 668 -84.44 -84.11 -70.28
CA ALA G 668 -83.75 -85.28 -70.80
C ALA G 668 -84.50 -85.90 -71.98
N GLY G 669 -85.07 -85.06 -72.83
CA GLY G 669 -85.79 -85.52 -73.99
C GLY G 669 -87.26 -85.81 -73.81
N ILE G 670 -87.78 -85.66 -72.59
CA ILE G 670 -89.20 -85.94 -72.36
C ILE G 670 -90.10 -84.73 -72.60
N CYS G 671 -91.40 -84.97 -72.58
CA CYS G 671 -92.37 -83.90 -72.79
C CYS G 671 -93.74 -84.32 -72.29
N ALA G 672 -94.60 -83.34 -72.04
CA ALA G 672 -95.94 -83.62 -71.55
C ALA G 672 -96.94 -82.64 -72.12
N SER G 673 -98.14 -83.12 -72.40
CA SER G 673 -99.19 -82.29 -72.96
C SER G 673 -100.57 -82.83 -72.60
N TYR G 674 -101.54 -81.93 -72.49
CA TYR G 674 -102.90 -82.32 -72.15
C TYR G 674 -103.69 -82.67 -73.41
N GLN G 675 -103.56 -83.91 -73.87
CA GLN G 675 -104.25 -84.35 -75.07
C GLN G 675 -104.95 -85.69 -74.85
N THR G 676 -104.35 -86.77 -75.34
CA THR G 676 -104.92 -88.11 -75.19
C THR G 676 -105.41 -88.35 -73.77
N GLN G 690 -108.13 -84.44 -72.86
CA GLN G 690 -108.89 -85.39 -72.06
C GLN G 690 -108.01 -86.09 -71.03
N SER G 691 -106.80 -85.58 -70.85
CA SER G 691 -105.87 -86.15 -69.89
C SER G 691 -104.47 -85.54 -70.03
N ILE G 692 -103.45 -86.35 -69.79
CA ILE G 692 -102.07 -85.89 -69.89
C ILE G 692 -101.17 -87.11 -70.04
N ILE G 693 -100.19 -87.02 -70.95
CA ILE G 693 -99.29 -88.14 -71.19
C ILE G 693 -97.86 -87.70 -71.50
N ALA G 694 -96.92 -88.60 -71.28
CA ALA G 694 -95.51 -88.34 -71.52
C ALA G 694 -95.02 -89.09 -72.75
N TYR G 695 -93.88 -88.67 -73.29
CA TYR G 695 -93.33 -89.29 -74.48
C TYR G 695 -91.99 -88.66 -74.84
N THR G 696 -91.24 -89.31 -75.71
CA THR G 696 -89.94 -88.79 -76.13
C THR G 696 -90.13 -87.97 -77.39
N MET G 697 -90.26 -86.66 -77.24
CA MET G 697 -90.46 -85.78 -78.39
C MET G 697 -89.78 -86.27 -79.66
N SER G 698 -90.36 -85.92 -80.80
CA SER G 698 -89.83 -86.27 -82.11
C SER G 698 -89.11 -85.08 -82.71
N LEU G 699 -88.02 -85.36 -83.41
CA LEU G 699 -87.25 -84.29 -84.02
C LEU G 699 -87.81 -83.86 -85.36
N GLY G 700 -88.47 -84.77 -86.06
CA GLY G 700 -89.07 -84.44 -87.34
C GLY G 700 -89.29 -85.71 -88.12
N ALA G 701 -89.88 -85.54 -89.30
CA ALA G 701 -90.14 -86.66 -90.18
C ALA G 701 -88.87 -87.06 -90.92
N GLU G 702 -88.74 -88.36 -91.16
CA GLU G 702 -87.54 -88.85 -91.80
C GLU G 702 -87.61 -88.72 -93.31
N ASN G 703 -86.45 -88.73 -93.95
CA ASN G 703 -86.34 -88.37 -95.35
C ASN G 703 -85.02 -88.92 -95.88
N SER G 704 -85.11 -89.82 -96.84
CA SER G 704 -83.96 -90.23 -97.61
C SER G 704 -83.99 -89.49 -98.93
N VAL G 705 -82.86 -88.94 -99.31
CA VAL G 705 -82.72 -88.22 -100.57
C VAL G 705 -82.23 -89.20 -101.62
N ALA G 706 -82.85 -89.16 -102.79
CA ALA G 706 -82.54 -90.12 -103.85
C ALA G 706 -81.20 -89.78 -104.49
N TYR G 707 -80.14 -89.87 -103.69
CA TYR G 707 -78.81 -89.57 -104.19
C TYR G 707 -78.30 -90.68 -105.09
N SER G 708 -77.79 -90.30 -106.25
CA SER G 708 -76.92 -91.14 -107.06
C SER G 708 -75.93 -90.23 -107.77
N ASN G 709 -75.02 -90.83 -108.52
CA ASN G 709 -73.93 -90.06 -109.11
C ASN G 709 -74.23 -89.54 -110.51
N ASN G 710 -75.44 -89.69 -111.02
CA ASN G 710 -75.78 -88.98 -112.25
C ASN G 710 -77.23 -88.51 -112.25
N SER G 711 -77.80 -88.24 -111.07
CA SER G 711 -79.15 -87.77 -110.95
C SER G 711 -79.19 -86.35 -110.40
N ILE G 712 -80.11 -85.55 -110.90
CA ILE G 712 -80.25 -84.18 -110.44
C ILE G 712 -81.73 -83.81 -110.39
N ALA G 713 -82.10 -82.98 -109.42
CA ALA G 713 -83.46 -82.49 -109.29
C ALA G 713 -83.49 -80.99 -109.55
N ILE G 714 -84.34 -80.58 -110.48
CA ILE G 714 -84.40 -79.18 -110.90
C ILE G 714 -85.83 -78.67 -110.80
N PRO G 715 -86.07 -77.53 -110.16
CA PRO G 715 -87.43 -77.06 -109.95
C PRO G 715 -88.05 -76.43 -111.19
N THR G 716 -89.34 -76.63 -111.33
CA THR G 716 -90.08 -76.15 -112.48
C THR G 716 -91.02 -75.00 -112.16
N ASN G 717 -91.11 -74.58 -110.91
CA ASN G 717 -92.02 -73.52 -110.52
C ASN G 717 -91.42 -72.85 -109.29
N PHE G 718 -92.13 -71.86 -108.76
CA PHE G 718 -91.65 -71.19 -107.56
C PHE G 718 -92.84 -70.64 -106.80
N THR G 719 -92.61 -70.26 -105.56
CA THR G 719 -93.54 -69.49 -104.77
C THR G 719 -92.87 -68.23 -104.26
N ILE G 720 -93.66 -67.18 -104.10
CA ILE G 720 -93.25 -65.97 -103.40
C ILE G 720 -93.72 -66.11 -101.96
N SER G 721 -92.78 -65.98 -101.02
CA SER G 721 -93.08 -66.09 -99.60
C SER G 721 -92.84 -64.75 -98.91
N VAL G 722 -93.72 -64.43 -97.96
CA VAL G 722 -93.54 -63.27 -97.10
C VAL G 722 -93.65 -63.72 -95.65
N THR G 723 -92.64 -63.43 -94.86
CA THR G 723 -92.66 -63.78 -93.44
C THR G 723 -92.25 -62.61 -92.58
N THR G 724 -92.62 -62.65 -91.31
CA THR G 724 -92.36 -61.55 -90.39
C THR G 724 -91.23 -61.87 -89.43
N GLU G 725 -90.62 -60.82 -88.92
CA GLU G 725 -89.57 -60.94 -87.91
C GLU G 725 -89.67 -59.75 -86.97
N ILE G 726 -89.71 -60.01 -85.68
CA ILE G 726 -90.01 -58.98 -84.68
C ILE G 726 -88.81 -58.78 -83.77
N LEU G 727 -88.47 -57.52 -83.50
CA LEU G 727 -87.28 -57.21 -82.71
C LEU G 727 -87.51 -56.08 -81.73
N PRO G 728 -87.19 -56.26 -80.45
CA PRO G 728 -87.24 -55.14 -79.51
C PRO G 728 -86.11 -54.15 -79.69
N VAL G 729 -86.46 -52.88 -79.72
CA VAL G 729 -85.50 -51.82 -79.92
C VAL G 729 -85.22 -51.04 -78.66
N SER G 730 -86.19 -50.93 -77.76
CA SER G 730 -86.16 -49.89 -76.73
C SER G 730 -86.89 -50.42 -75.51
N MET G 731 -86.65 -49.78 -74.37
CA MET G 731 -87.48 -50.08 -73.21
C MET G 731 -87.88 -48.80 -72.50
N THR G 732 -88.63 -48.93 -71.42
CA THR G 732 -89.20 -47.78 -70.72
C THR G 732 -88.12 -47.04 -69.92
N LYS G 733 -88.07 -45.73 -70.09
CA LYS G 733 -87.13 -44.91 -69.35
C LYS G 733 -87.72 -44.57 -68.00
N THR G 734 -87.07 -45.00 -66.93
CA THR G 734 -87.55 -44.76 -65.59
C THR G 734 -86.44 -44.15 -64.77
N SER G 735 -86.82 -43.30 -63.84
CA SER G 735 -85.87 -42.78 -62.86
C SER G 735 -86.45 -42.96 -61.48
N VAL G 736 -85.56 -43.11 -60.51
CA VAL G 736 -85.94 -43.16 -59.11
C VAL G 736 -85.08 -42.15 -58.38
N ASP G 737 -85.71 -41.28 -57.61
CA ASP G 737 -84.95 -40.49 -56.65
C ASP G 737 -84.56 -41.38 -55.49
N CYS G 738 -83.26 -41.58 -55.32
CA CYS G 738 -82.78 -42.48 -54.29
C CYS G 738 -83.13 -42.00 -52.90
N THR G 739 -83.17 -40.68 -52.69
CA THR G 739 -83.43 -40.16 -51.36
C THR G 739 -84.90 -40.29 -51.00
N MET G 740 -85.80 -39.99 -51.93
CA MET G 740 -87.21 -40.07 -51.62
C MET G 740 -87.71 -41.51 -51.53
N TYR G 741 -87.03 -42.45 -52.17
CA TYR G 741 -87.39 -43.86 -52.00
C TYR G 741 -87.06 -44.34 -50.60
N ILE G 742 -85.88 -44.00 -50.11
CA ILE G 742 -85.40 -44.54 -48.85
C ILE G 742 -86.02 -43.80 -47.67
N CYS G 743 -85.99 -42.46 -47.71
CA CYS G 743 -86.46 -41.67 -46.59
C CYS G 743 -87.87 -41.14 -46.83
N GLY G 744 -88.11 -40.54 -47.98
CA GLY G 744 -89.43 -40.07 -48.30
C GLY G 744 -89.90 -38.88 -47.51
N ASP G 745 -89.25 -37.73 -47.66
CA ASP G 745 -89.64 -36.51 -46.95
C ASP G 745 -89.52 -36.69 -45.44
N SER G 746 -88.31 -36.96 -44.98
CA SER G 746 -88.02 -37.02 -43.55
C SER G 746 -86.58 -36.61 -43.32
N THR G 747 -86.37 -35.50 -42.61
CA THR G 747 -85.02 -35.00 -42.42
C THR G 747 -84.19 -35.84 -41.45
N GLU G 748 -84.83 -36.50 -40.49
CA GLU G 748 -84.07 -37.37 -39.61
C GLU G 748 -83.40 -38.50 -40.39
N CYS G 749 -84.09 -39.04 -41.38
CA CYS G 749 -83.53 -40.12 -42.18
C CYS G 749 -82.49 -39.60 -43.17
N SER G 750 -82.71 -38.39 -43.69
CA SER G 750 -81.84 -37.86 -44.73
C SER G 750 -80.43 -37.60 -44.23
N ASN G 751 -80.29 -37.12 -42.99
CA ASN G 751 -78.97 -36.82 -42.47
C ASN G 751 -78.21 -38.10 -42.12
N LEU G 752 -78.92 -39.13 -41.71
CA LEU G 752 -78.30 -40.43 -41.54
C LEU G 752 -77.91 -41.08 -42.86
N LEU G 753 -78.65 -40.79 -43.92
CA LEU G 753 -78.28 -41.31 -45.23
C LEU G 753 -77.00 -40.68 -45.75
N LEU G 754 -76.61 -39.52 -45.23
CA LEU G 754 -75.39 -38.88 -45.67
C LEU G 754 -74.13 -39.59 -45.20
N GLN G 755 -74.26 -40.55 -44.30
CA GLN G 755 -73.12 -41.26 -43.76
C GLN G 755 -72.66 -42.40 -44.63
N TYR G 756 -73.31 -42.62 -45.77
CA TYR G 756 -72.92 -43.67 -46.70
C TYR G 756 -72.22 -43.13 -47.94
N GLY G 757 -72.16 -41.81 -48.08
CA GLY G 757 -71.40 -41.23 -49.16
C GLY G 757 -72.20 -41.04 -50.42
N SER G 758 -71.67 -41.54 -51.53
CA SER G 758 -72.20 -41.27 -52.85
C SER G 758 -72.96 -42.45 -53.42
N PHE G 759 -73.74 -43.16 -52.62
CA PHE G 759 -74.50 -44.29 -53.15
C PHE G 759 -75.65 -43.81 -54.04
N CYS G 760 -76.35 -42.76 -53.62
CA CYS G 760 -77.50 -42.32 -54.40
C CYS G 760 -77.08 -41.56 -55.66
N THR G 761 -75.96 -40.86 -55.60
CA THR G 761 -75.43 -40.23 -56.80
C THR G 761 -75.05 -41.28 -57.83
N GLN G 762 -74.42 -42.36 -57.37
CA GLN G 762 -74.09 -43.48 -58.24
C GLN G 762 -75.32 -44.10 -58.84
N LEU G 763 -76.36 -44.32 -58.03
CA LEU G 763 -77.56 -44.96 -58.54
C LEU G 763 -78.27 -44.10 -59.57
N ASN G 764 -78.40 -42.80 -59.32
CA ASN G 764 -79.02 -41.94 -60.32
C ASN G 764 -78.19 -41.86 -61.59
N ARG G 765 -76.86 -41.82 -61.46
CA ARG G 765 -76.02 -41.80 -62.64
C ARG G 765 -76.13 -43.07 -63.46
N ALA G 766 -76.26 -44.23 -62.82
CA ALA G 766 -76.46 -45.46 -63.54
C ALA G 766 -77.79 -45.49 -64.27
N LEU G 767 -78.87 -45.07 -63.60
CA LEU G 767 -80.18 -45.12 -64.22
C LEU G 767 -80.35 -44.10 -65.32
N THR G 768 -79.66 -42.97 -65.27
CA THR G 768 -79.79 -41.95 -66.30
C THR G 768 -79.04 -42.33 -67.57
N GLY G 769 -77.91 -43.01 -67.44
CA GLY G 769 -77.16 -43.45 -68.57
C GLY G 769 -77.86 -44.48 -69.41
N ILE G 770 -78.76 -45.26 -68.83
CA ILE G 770 -79.52 -46.23 -69.59
C ILE G 770 -80.83 -45.65 -70.10
N ALA G 771 -81.22 -44.47 -69.63
CA ALA G 771 -82.31 -43.74 -70.26
C ALA G 771 -81.83 -42.97 -71.46
N VAL G 772 -80.57 -42.54 -71.45
CA VAL G 772 -80.00 -41.89 -72.62
C VAL G 772 -79.76 -42.90 -73.73
N GLU G 773 -79.36 -44.13 -73.38
CA GLU G 773 -79.08 -45.16 -74.37
C GLU G 773 -80.34 -45.56 -75.15
N GLN G 774 -81.52 -45.38 -74.56
CA GLN G 774 -82.73 -45.83 -75.22
C GLN G 774 -83.11 -44.97 -76.41
N ASP G 775 -82.81 -43.68 -76.36
CA ASP G 775 -83.08 -42.81 -77.50
C ASP G 775 -82.08 -43.03 -78.62
N LYS G 776 -80.83 -43.29 -78.28
CA LYS G 776 -79.82 -43.72 -79.22
C LYS G 776 -80.19 -45.01 -79.92
N ASN G 777 -80.80 -45.95 -79.19
CA ASN G 777 -81.25 -47.20 -79.75
C ASN G 777 -82.22 -46.99 -80.90
N THR G 778 -83.20 -46.09 -80.76
CA THR G 778 -84.18 -45.96 -81.82
C THR G 778 -83.76 -44.97 -82.89
N GLN G 779 -82.88 -44.03 -82.56
CA GLN G 779 -82.22 -43.26 -83.60
C GLN G 779 -81.38 -44.13 -84.52
N GLU G 780 -80.72 -45.15 -83.99
CA GLU G 780 -79.87 -46.01 -84.82
C GLU G 780 -80.66 -46.96 -85.70
N VAL G 781 -81.90 -47.27 -85.36
CA VAL G 781 -82.71 -48.15 -86.20
C VAL G 781 -83.50 -47.35 -87.23
N PHE G 782 -84.14 -46.25 -86.82
CA PHE G 782 -85.13 -45.68 -87.72
C PHE G 782 -84.64 -44.50 -88.55
N ALA G 783 -83.75 -43.67 -88.01
CA ALA G 783 -83.28 -42.49 -88.75
C ALA G 783 -82.07 -42.87 -89.61
N GLN G 784 -82.33 -43.77 -90.56
CA GLN G 784 -81.33 -44.26 -91.48
C GLN G 784 -81.52 -43.67 -92.87
N VAL G 785 -82.31 -42.62 -92.97
CA VAL G 785 -82.65 -42.02 -94.25
C VAL G 785 -82.53 -40.51 -94.12
N LYS G 786 -81.99 -39.88 -95.15
CA LYS G 786 -81.71 -38.45 -95.13
C LYS G 786 -82.94 -37.60 -95.45
N GLN G 787 -83.66 -37.97 -96.48
CA GLN G 787 -84.86 -37.26 -96.91
C GLN G 787 -86.10 -38.02 -96.49
N ILE G 788 -87.21 -37.32 -96.46
CA ILE G 788 -88.50 -37.93 -96.26
C ILE G 788 -89.12 -38.13 -97.64
N TYR G 789 -88.98 -39.33 -98.19
CA TYR G 789 -89.52 -39.64 -99.49
C TYR G 789 -91.00 -39.92 -99.44
N LYS G 790 -91.70 -39.55 -100.50
CA LYS G 790 -93.13 -39.79 -100.66
C LYS G 790 -93.38 -40.63 -101.91
N THR G 791 -94.44 -41.43 -101.86
CA THR G 791 -94.87 -42.17 -103.04
C THR G 791 -95.73 -41.27 -103.92
N PRO G 792 -95.82 -41.57 -105.21
CA PRO G 792 -96.68 -40.79 -106.10
C PRO G 792 -98.13 -41.06 -105.79
N PRO G 793 -99.03 -40.17 -106.22
CA PRO G 793 -100.46 -40.46 -106.05
C PRO G 793 -100.94 -41.59 -106.92
N ILE G 794 -100.36 -41.77 -108.12
CA ILE G 794 -100.74 -42.83 -109.03
C ILE G 794 -99.83 -44.02 -108.79
N LYS G 795 -100.39 -45.09 -108.26
CA LYS G 795 -99.61 -46.23 -107.78
C LYS G 795 -99.56 -47.36 -108.81
N ASP G 796 -98.82 -47.12 -109.88
CA ASP G 796 -98.63 -48.13 -110.93
C ASP G 796 -97.35 -48.89 -110.66
N PHE G 797 -97.48 -50.08 -110.07
CA PHE G 797 -96.32 -50.86 -109.67
C PHE G 797 -96.31 -52.24 -110.30
N GLY G 798 -96.65 -52.32 -111.58
CA GLY G 798 -96.61 -53.58 -112.29
C GLY G 798 -97.62 -54.60 -111.83
N GLY G 799 -98.57 -54.21 -111.02
CA GLY G 799 -99.57 -55.11 -110.48
C GLY G 799 -99.44 -55.36 -109.01
N PHE G 800 -98.32 -55.00 -108.41
CA PHE G 800 -98.08 -55.25 -106.99
C PHE G 800 -98.84 -54.24 -106.14
N ASN G 801 -99.56 -54.73 -105.15
CA ASN G 801 -100.46 -53.91 -104.34
C ASN G 801 -99.85 -53.75 -102.94
N PHE G 802 -99.46 -52.53 -102.60
CA PHE G 802 -98.77 -52.22 -101.36
C PHE G 802 -99.63 -51.46 -100.37
N SER G 803 -100.95 -51.59 -100.46
CA SER G 803 -101.80 -50.64 -99.76
C SER G 803 -101.97 -50.94 -98.28
N GLN G 804 -101.77 -52.18 -97.83
CA GLN G 804 -101.88 -52.51 -96.43
C GLN G 804 -100.63 -52.15 -95.63
N ILE G 805 -99.54 -51.78 -96.29
CA ILE G 805 -98.32 -51.38 -95.60
C ILE G 805 -97.95 -49.93 -95.86
N LEU G 806 -98.70 -49.22 -96.62
CA LEU G 806 -98.51 -47.82 -96.87
C LEU G 806 -99.33 -47.00 -95.89
N PRO G 807 -98.91 -45.78 -95.58
CA PRO G 807 -99.66 -44.98 -94.61
C PRO G 807 -101.08 -44.74 -95.10
N ASP G 808 -102.01 -44.72 -94.16
CA ASP G 808 -103.41 -44.42 -94.44
C ASP G 808 -103.74 -43.06 -93.86
N PRO G 809 -103.72 -42.04 -94.71
CA PRO G 809 -103.96 -40.65 -94.32
C PRO G 809 -105.36 -40.33 -93.81
N SER G 810 -105.84 -41.07 -92.82
CA SER G 810 -107.16 -40.78 -92.29
C SER G 810 -107.47 -41.61 -91.05
N LYS G 811 -106.45 -41.80 -90.20
CA LYS G 811 -106.61 -42.58 -88.98
C LYS G 811 -105.71 -42.05 -87.88
N PRO G 812 -105.46 -42.85 -86.84
CA PRO G 812 -104.59 -42.42 -85.75
C PRO G 812 -103.25 -41.89 -86.30
N SER G 813 -103.11 -40.57 -86.41
CA SER G 813 -101.88 -39.99 -86.94
C SER G 813 -101.70 -40.31 -88.42
N LYS G 814 -101.14 -41.48 -88.71
CA LYS G 814 -100.92 -41.90 -90.08
C LYS G 814 -100.10 -43.18 -90.13
N ARG G 815 -100.72 -44.30 -89.79
CA ARG G 815 -100.05 -45.58 -89.80
C ARG G 815 -100.66 -46.44 -90.89
N SER G 816 -99.90 -47.41 -91.34
CA SER G 816 -100.44 -48.37 -92.27
C SER G 816 -101.52 -49.19 -91.57
N PHE G 817 -102.24 -49.97 -92.36
CA PHE G 817 -103.21 -50.89 -91.79
C PHE G 817 -102.54 -51.96 -90.93
N ILE G 818 -101.34 -52.39 -91.31
CA ILE G 818 -100.63 -53.42 -90.54
C ILE G 818 -100.10 -52.86 -89.23
N GLU G 819 -99.68 -51.59 -89.20
CA GLU G 819 -99.14 -51.02 -87.97
C GLU G 819 -100.22 -50.85 -86.91
N ASP G 820 -101.48 -50.68 -87.33
CA ASP G 820 -102.57 -50.55 -86.36
C ASP G 820 -102.88 -51.85 -85.66
N LEU G 821 -102.89 -52.97 -86.37
CA LEU G 821 -102.99 -54.24 -85.67
C LEU G 821 -101.86 -54.44 -84.69
N LEU G 822 -100.65 -54.00 -85.01
CA LEU G 822 -99.53 -54.21 -84.11
C LEU G 822 -99.61 -53.32 -82.89
N PHE G 823 -100.14 -52.12 -83.04
CA PHE G 823 -100.29 -51.25 -81.88
C PHE G 823 -101.53 -51.55 -81.08
N ASN G 824 -102.45 -52.34 -81.61
CA ASN G 824 -103.54 -52.88 -80.81
C ASN G 824 -103.24 -54.24 -80.20
N LYS G 825 -102.22 -54.94 -80.68
CA LYS G 825 -101.91 -56.25 -80.15
C LYS G 825 -101.15 -56.19 -78.84
N VAL G 826 -100.25 -55.22 -78.69
CA VAL G 826 -99.47 -55.09 -77.46
C VAL G 826 -100.14 -54.16 -76.46
N LYS G 854 -96.28 -42.96 -60.58
CA LYS G 854 -95.71 -41.88 -59.78
C LYS G 854 -96.14 -42.04 -58.33
N PHE G 855 -95.33 -42.74 -57.54
CA PHE G 855 -95.72 -42.95 -56.16
C PHE G 855 -94.75 -42.35 -55.16
N ASN G 856 -93.49 -42.80 -55.17
CA ASN G 856 -92.52 -42.26 -54.24
C ASN G 856 -91.13 -42.36 -54.87
N GLY G 857 -90.75 -41.32 -55.60
CA GLY G 857 -89.50 -41.28 -56.30
C GLY G 857 -89.53 -41.81 -57.71
N LEU G 858 -90.57 -42.55 -58.09
CA LEU G 858 -90.57 -43.27 -59.34
C LEU G 858 -91.19 -42.43 -60.46
N THR G 859 -90.48 -42.32 -61.57
CA THR G 859 -90.97 -41.54 -62.68
C THR G 859 -90.56 -42.13 -64.03
N VAL G 860 -91.45 -41.97 -64.99
CA VAL G 860 -91.26 -42.45 -66.35
C VAL G 860 -91.07 -41.24 -67.25
N LEU G 861 -89.94 -41.20 -67.94
CA LEU G 861 -89.68 -40.15 -68.91
C LEU G 861 -90.20 -40.55 -70.30
N PRO G 862 -90.70 -39.59 -71.08
CA PRO G 862 -91.21 -39.94 -72.41
C PRO G 862 -90.06 -40.09 -73.38
N PRO G 863 -90.18 -41.00 -74.35
CA PRO G 863 -89.19 -41.05 -75.42
C PRO G 863 -89.15 -39.76 -76.20
N LEU G 864 -88.00 -39.48 -76.80
CA LEU G 864 -87.81 -38.25 -77.54
C LEU G 864 -88.62 -38.23 -78.82
N LEU G 865 -88.53 -39.28 -79.62
CA LEU G 865 -89.35 -39.39 -80.81
C LEU G 865 -90.72 -39.93 -80.44
N THR G 866 -91.76 -39.25 -80.88
CA THR G 866 -93.09 -39.77 -80.73
C THR G 866 -93.33 -40.92 -81.69
N ASP G 867 -94.43 -41.64 -81.50
CA ASP G 867 -94.76 -42.72 -82.41
C ASP G 867 -95.24 -42.23 -83.75
N GLU G 868 -95.80 -41.03 -83.80
CA GLU G 868 -96.10 -40.40 -85.08
C GLU G 868 -94.84 -40.11 -85.86
N MET G 869 -93.71 -39.87 -85.19
CA MET G 869 -92.46 -39.61 -85.88
C MET G 869 -91.80 -40.88 -86.37
N ILE G 870 -91.91 -41.97 -85.61
CA ILE G 870 -91.38 -43.24 -86.05
C ILE G 870 -92.18 -43.80 -87.21
N ALA G 871 -93.50 -43.61 -87.21
CA ALA G 871 -94.28 -44.01 -88.38
C ALA G 871 -93.86 -43.24 -89.61
N GLN G 872 -93.53 -41.97 -89.47
CA GLN G 872 -93.09 -41.17 -90.59
C GLN G 872 -91.70 -41.52 -91.09
N TYR G 873 -90.82 -42.02 -90.22
CA TYR G 873 -89.56 -42.56 -90.69
C TYR G 873 -89.75 -43.85 -91.48
N THR G 874 -90.53 -44.80 -90.93
CA THR G 874 -90.73 -46.03 -91.66
C THR G 874 -91.51 -45.83 -92.95
N SER G 875 -92.31 -44.78 -93.08
CA SER G 875 -92.98 -44.57 -94.36
C SER G 875 -92.06 -44.02 -95.43
N ALA G 876 -91.05 -43.24 -95.07
CA ALA G 876 -90.05 -42.77 -96.01
C ALA G 876 -89.08 -43.87 -96.40
N LEU G 877 -88.75 -44.80 -95.51
CA LEU G 877 -87.97 -45.96 -95.92
C LEU G 877 -88.70 -46.82 -96.94
N LEU G 878 -89.98 -47.04 -96.73
CA LEU G 878 -90.83 -47.77 -97.65
C LEU G 878 -90.98 -47.09 -98.98
N ALA G 879 -91.25 -45.80 -98.99
CA ALA G 879 -91.32 -45.08 -100.25
C ALA G 879 -89.99 -45.04 -100.98
N GLY G 880 -88.88 -44.98 -100.27
CA GLY G 880 -87.60 -45.06 -100.91
C GLY G 880 -87.32 -46.39 -101.56
N THR G 881 -87.73 -47.49 -100.95
CA THR G 881 -87.41 -48.77 -101.55
C THR G 881 -88.34 -49.15 -102.69
N ILE G 882 -89.53 -48.58 -102.78
CA ILE G 882 -90.50 -48.96 -103.79
C ILE G 882 -90.30 -48.17 -105.08
N THR G 883 -89.78 -46.97 -105.00
CA THR G 883 -89.62 -46.15 -106.20
C THR G 883 -88.19 -46.19 -106.72
N SER G 884 -87.23 -46.51 -105.86
CA SER G 884 -85.84 -46.27 -106.13
C SER G 884 -84.96 -47.50 -105.98
N GLY G 885 -85.50 -48.63 -105.61
CA GLY G 885 -84.67 -49.81 -105.43
C GLY G 885 -83.72 -49.66 -104.27
N TRP G 886 -82.44 -49.91 -104.52
CA TRP G 886 -81.40 -49.85 -103.51
C TRP G 886 -80.46 -48.67 -103.70
N THR G 887 -80.89 -47.65 -104.43
CA THR G 887 -80.01 -46.54 -104.73
C THR G 887 -80.08 -45.42 -103.71
N PHE G 888 -81.20 -45.27 -103.02
CA PHE G 888 -81.30 -44.22 -102.02
C PHE G 888 -80.45 -44.52 -100.80
N GLY G 889 -80.02 -45.76 -100.63
CA GLY G 889 -79.17 -46.11 -99.52
C GLY G 889 -77.69 -46.05 -99.85
N ALA G 890 -77.34 -45.52 -101.02
CA ALA G 890 -75.95 -45.44 -101.43
C ALA G 890 -75.67 -44.09 -102.07
N GLY G 891 -76.60 -43.16 -101.94
CA GLY G 891 -76.48 -41.86 -102.56
C GLY G 891 -77.83 -41.22 -102.76
N ALA G 892 -78.07 -40.70 -103.95
CA ALA G 892 -79.34 -40.08 -104.28
C ALA G 892 -80.30 -41.12 -104.85
N ALA G 893 -81.58 -40.95 -104.53
CA ALA G 893 -82.59 -41.87 -105.01
C ALA G 893 -82.77 -41.71 -106.52
N LEU G 894 -82.58 -42.78 -107.26
CA LEU G 894 -82.79 -42.79 -108.70
C LEU G 894 -83.99 -43.66 -109.03
N GLN G 895 -84.96 -43.11 -109.72
CA GLN G 895 -86.17 -43.86 -110.01
C GLN G 895 -85.92 -44.96 -111.03
N ILE G 896 -86.71 -46.01 -110.93
CA ILE G 896 -86.70 -47.15 -111.84
C ILE G 896 -88.09 -47.76 -111.74
N PRO G 897 -88.68 -48.30 -112.80
CA PRO G 897 -89.98 -48.94 -112.66
C PRO G 897 -89.90 -50.22 -111.85
N PHE G 898 -91.00 -50.56 -111.18
CA PHE G 898 -90.91 -51.56 -110.12
C PHE G 898 -90.72 -52.97 -110.66
N ALA G 899 -91.35 -53.32 -111.78
CA ALA G 899 -91.08 -54.61 -112.39
C ALA G 899 -89.63 -54.75 -112.84
N MET G 900 -89.01 -53.67 -113.28
CA MET G 900 -87.61 -53.70 -113.65
C MET G 900 -86.70 -53.81 -112.43
N GLN G 901 -87.14 -53.34 -111.27
CA GLN G 901 -86.40 -53.54 -110.03
C GLN G 901 -86.52 -54.98 -109.57
N MET G 902 -87.71 -55.56 -109.71
CA MET G 902 -87.94 -56.95 -109.43
C MET G 902 -87.11 -57.85 -110.33
N ALA G 903 -86.86 -57.46 -111.57
CA ALA G 903 -86.02 -58.27 -112.43
C ALA G 903 -84.55 -58.22 -112.04
N TYR G 904 -84.03 -57.05 -111.67
CA TYR G 904 -82.70 -56.97 -111.08
C TYR G 904 -82.58 -57.88 -109.88
N ARG G 905 -83.58 -57.88 -109.03
CA ARG G 905 -83.53 -58.71 -107.85
C ARG G 905 -83.60 -60.20 -108.16
N PHE G 906 -84.36 -60.61 -109.17
CA PHE G 906 -84.28 -62.00 -109.64
C PHE G 906 -82.91 -62.35 -110.17
N ASN G 907 -82.26 -61.44 -110.90
CA ASN G 907 -80.88 -61.65 -111.30
C ASN G 907 -79.97 -61.88 -110.10
N GLY G 908 -80.19 -61.13 -109.02
CA GLY G 908 -79.35 -61.25 -107.84
C GLY G 908 -79.45 -62.56 -107.10
N ILE G 909 -80.40 -63.43 -107.44
CA ILE G 909 -80.43 -64.75 -106.86
C ILE G 909 -80.17 -65.85 -107.87
N GLY G 910 -79.84 -65.52 -109.10
CA GLY G 910 -79.45 -66.52 -110.07
C GLY G 910 -80.49 -66.93 -111.09
N VAL G 911 -81.57 -66.20 -111.23
CA VAL G 911 -82.61 -66.49 -112.20
C VAL G 911 -82.57 -65.41 -113.27
N THR G 912 -82.69 -65.81 -114.53
CA THR G 912 -82.71 -64.80 -115.58
C THR G 912 -83.99 -63.98 -115.50
N GLN G 913 -83.95 -62.80 -116.09
CA GLN G 913 -85.03 -61.86 -115.86
C GLN G 913 -86.22 -62.06 -116.77
N ASN G 914 -86.04 -62.76 -117.89
CA ASN G 914 -87.18 -63.21 -118.65
C ASN G 914 -88.12 -64.08 -117.83
N VAL G 915 -87.62 -64.80 -116.84
CA VAL G 915 -88.49 -65.59 -115.96
C VAL G 915 -89.39 -64.68 -115.14
N LEU G 916 -88.96 -63.47 -114.84
CA LEU G 916 -89.86 -62.53 -114.18
C LEU G 916 -90.83 -61.91 -115.17
N TYR G 917 -90.32 -61.42 -116.29
CA TYR G 917 -91.20 -60.72 -117.22
C TYR G 917 -92.25 -61.61 -117.85
N GLU G 918 -91.98 -62.91 -117.98
CA GLU G 918 -92.96 -63.82 -118.55
C GLU G 918 -93.91 -64.40 -117.53
N ASN G 919 -93.81 -64.00 -116.27
CA ASN G 919 -94.65 -64.50 -115.19
C ASN G 919 -95.17 -63.38 -114.32
N GLN G 920 -94.94 -62.14 -114.73
CA GLN G 920 -95.25 -60.96 -113.93
C GLN G 920 -96.60 -61.04 -113.22
N LYS G 921 -97.66 -61.43 -113.92
CA LYS G 921 -98.98 -61.43 -113.31
C LYS G 921 -99.12 -62.49 -112.23
N LEU G 922 -98.57 -63.67 -112.45
CA LEU G 922 -98.62 -64.69 -111.42
C LEU G 922 -97.78 -64.31 -110.21
N ILE G 923 -96.60 -63.74 -110.45
CA ILE G 923 -95.74 -63.33 -109.35
C ILE G 923 -96.40 -62.26 -108.52
N ALA G 924 -97.10 -61.31 -109.16
CA ALA G 924 -97.79 -60.28 -108.41
C ALA G 924 -99.01 -60.82 -107.67
N ASN G 925 -99.78 -61.72 -108.27
CA ASN G 925 -100.84 -62.40 -107.55
C ASN G 925 -100.32 -63.12 -106.32
N GLN G 926 -99.19 -63.81 -106.42
CA GLN G 926 -98.65 -64.53 -105.29
C GLN G 926 -98.20 -63.59 -104.18
N PHE G 927 -97.53 -62.49 -104.55
CA PHE G 927 -97.15 -61.51 -103.53
C PHE G 927 -98.36 -60.93 -102.83
N ASN G 928 -99.44 -60.67 -103.59
CA ASN G 928 -100.62 -60.06 -102.98
C ASN G 928 -101.33 -61.02 -102.04
N SER G 929 -101.46 -62.28 -102.41
CA SER G 929 -102.02 -63.25 -101.48
C SER G 929 -101.15 -63.42 -100.25
N ALA G 930 -99.84 -63.41 -100.42
CA ALA G 930 -98.96 -63.57 -99.27
C ALA G 930 -99.06 -62.40 -98.32
N ILE G 931 -99.22 -61.18 -98.83
CA ILE G 931 -99.38 -60.03 -97.94
C ILE G 931 -100.75 -60.05 -97.28
N GLY G 932 -101.77 -60.51 -97.99
CA GLY G 932 -103.09 -60.60 -97.40
C GLY G 932 -103.22 -61.67 -96.35
N LYS G 933 -102.33 -62.65 -96.36
CA LYS G 933 -102.31 -63.67 -95.32
C LYS G 933 -101.66 -63.20 -94.02
N ILE G 934 -100.85 -62.15 -94.05
CA ILE G 934 -100.16 -61.69 -92.86
C ILE G 934 -101.11 -60.95 -91.94
N GLN G 935 -101.95 -60.09 -92.51
CA GLN G 935 -102.91 -59.36 -91.71
C GLN G 935 -104.01 -60.25 -91.19
N ASP G 936 -104.23 -61.39 -91.83
CA ASP G 936 -105.19 -62.36 -91.31
C ASP G 936 -104.65 -63.04 -90.06
N SER G 937 -103.38 -63.41 -90.10
CA SER G 937 -102.75 -63.98 -88.91
C SER G 937 -102.57 -62.94 -87.82
N LEU G 938 -102.51 -61.66 -88.18
CA LEU G 938 -102.35 -60.63 -87.15
C LEU G 938 -103.66 -60.20 -86.52
N SER G 939 -104.73 -60.08 -87.29
CA SER G 939 -106.03 -59.74 -86.73
C SER G 939 -106.86 -60.99 -86.48
N ALA G 944 -97.67 -64.19 -81.26
CA ALA G 944 -97.17 -63.27 -82.27
C ALA G 944 -96.16 -62.28 -81.69
N LEU G 945 -96.67 -61.32 -80.91
CA LEU G 945 -95.87 -60.22 -80.37
C LEU G 945 -95.38 -60.50 -78.96
N GLY G 946 -95.17 -61.76 -78.60
CA GLY G 946 -94.69 -62.10 -77.28
C GLY G 946 -93.28 -61.64 -76.99
N LYS G 947 -92.44 -61.52 -78.02
CA LYS G 947 -91.07 -61.05 -77.80
C LYS G 947 -91.02 -59.58 -77.40
N LEU G 948 -92.08 -58.83 -77.66
CA LEU G 948 -92.19 -57.47 -77.18
C LEU G 948 -92.93 -57.38 -75.86
N GLN G 949 -93.88 -58.28 -75.64
CA GLN G 949 -94.60 -58.31 -74.38
C GLN G 949 -93.72 -58.81 -73.24
N ASP G 950 -92.72 -59.63 -73.54
CA ASP G 950 -91.77 -60.07 -72.53
C ASP G 950 -90.98 -58.93 -71.91
N VAL G 951 -90.56 -57.95 -72.69
CA VAL G 951 -89.84 -56.81 -72.13
C VAL G 951 -90.73 -55.98 -71.24
N VAL G 952 -91.96 -55.67 -71.70
CA VAL G 952 -92.91 -54.92 -70.89
C VAL G 952 -93.17 -55.64 -69.57
N ASN G 953 -93.40 -56.95 -69.62
CA ASN G 953 -93.72 -57.70 -68.43
C ASN G 953 -92.54 -57.78 -67.47
N GLN G 954 -91.33 -58.04 -67.96
CA GLN G 954 -90.17 -58.08 -67.06
C GLN G 954 -89.93 -56.75 -66.37
N ASN G 955 -90.10 -55.64 -67.08
CA ASN G 955 -89.86 -54.37 -66.43
C ASN G 955 -90.94 -54.03 -65.40
N ALA G 956 -92.20 -54.30 -65.71
CA ALA G 956 -93.23 -54.08 -64.70
C ALA G 956 -93.04 -54.98 -63.49
N GLN G 957 -92.61 -56.21 -63.72
CA GLN G 957 -92.39 -57.15 -62.62
C GLN G 957 -91.22 -56.73 -61.73
N ALA G 958 -90.25 -56.00 -62.29
CA ALA G 958 -89.19 -55.48 -61.43
C ALA G 958 -89.63 -54.25 -60.65
N LEU G 959 -90.35 -53.33 -61.29
CA LEU G 959 -90.81 -52.15 -60.55
C LEU G 959 -91.80 -52.51 -59.45
N ASN G 960 -92.60 -53.55 -59.64
CA ASN G 960 -93.53 -53.97 -58.59
C ASN G 960 -92.79 -54.50 -57.38
N THR G 961 -91.74 -55.27 -57.57
CA THR G 961 -90.95 -55.76 -56.45
C THR G 961 -90.26 -54.63 -55.72
N LEU G 962 -89.76 -53.64 -56.46
CA LEU G 962 -89.14 -52.50 -55.79
C LEU G 962 -90.15 -51.74 -54.95
N VAL G 963 -91.36 -51.51 -55.47
CA VAL G 963 -92.39 -50.86 -54.68
C VAL G 963 -92.73 -51.68 -53.45
N LYS G 964 -92.90 -52.99 -53.61
CA LYS G 964 -93.40 -53.79 -52.50
C LYS G 964 -92.37 -54.03 -51.41
N GLN G 965 -91.09 -53.88 -51.68
CA GLN G 965 -90.12 -54.00 -50.61
C GLN G 965 -90.16 -52.84 -49.64
N LEU G 966 -90.99 -51.83 -49.87
CA LEU G 966 -91.13 -50.72 -48.95
C LEU G 966 -92.03 -51.03 -47.77
N SER G 967 -92.38 -52.30 -47.56
CA SER G 967 -93.26 -52.67 -46.48
C SER G 967 -92.69 -53.82 -45.68
N SER G 968 -91.39 -54.02 -45.76
CA SER G 968 -90.67 -54.96 -44.91
C SER G 968 -90.02 -54.19 -43.78
N ASN G 969 -89.93 -54.83 -42.61
CA ASN G 969 -89.30 -54.23 -41.43
C ASN G 969 -87.80 -54.33 -41.46
N PHE G 970 -87.26 -55.35 -42.12
CA PHE G 970 -85.84 -55.65 -42.09
C PHE G 970 -85.32 -55.75 -40.65
N GLY G 971 -86.20 -56.18 -39.75
CA GLY G 971 -85.82 -56.33 -38.37
C GLY G 971 -86.00 -55.11 -37.49
N ALA G 972 -86.88 -54.20 -37.87
CA ALA G 972 -87.20 -53.03 -37.07
C ALA G 972 -88.58 -53.24 -36.45
N ILE G 973 -89.04 -52.24 -35.71
CA ILE G 973 -90.34 -52.36 -35.04
C ILE G 973 -91.50 -52.07 -35.98
N SER G 974 -91.35 -51.12 -36.90
CA SER G 974 -92.40 -50.77 -37.82
C SER G 974 -91.79 -50.72 -39.22
N SER G 975 -92.65 -50.83 -40.21
CA SER G 975 -92.25 -50.65 -41.60
C SER G 975 -92.37 -49.20 -42.05
N VAL G 976 -93.17 -48.40 -41.36
CA VAL G 976 -93.38 -47.00 -41.70
C VAL G 976 -92.51 -46.15 -40.80
N LEU G 977 -91.77 -45.22 -41.39
CA LEU G 977 -90.82 -44.39 -40.67
C LEU G 977 -91.47 -43.41 -39.72
N ASN G 978 -92.68 -42.93 -40.04
CA ASN G 978 -93.36 -41.99 -39.17
C ASN G 978 -93.82 -42.62 -37.87
N ASP G 979 -94.05 -43.93 -37.85
CA ASP G 979 -94.43 -44.59 -36.61
C ASP G 979 -93.23 -44.97 -35.78
N ILE G 980 -92.02 -44.85 -36.33
CA ILE G 980 -90.84 -44.89 -35.48
C ILE G 980 -90.53 -43.49 -34.96
N LEU G 981 -90.71 -42.48 -35.81
CA LEU G 981 -90.47 -41.12 -35.39
C LEU G 981 -91.46 -40.62 -34.37
N SER G 982 -92.71 -41.08 -34.41
CA SER G 982 -93.73 -40.51 -33.55
C SER G 982 -93.65 -41.06 -32.14
N ARG G 983 -93.32 -42.32 -31.97
CA ARG G 983 -93.30 -42.93 -30.65
C ARG G 983 -91.90 -43.38 -30.24
N LEU G 984 -90.88 -42.64 -30.67
CA LEU G 984 -89.52 -42.87 -30.19
C LEU G 984 -88.77 -41.56 -30.25
N ASP G 985 -87.73 -41.45 -29.44
CA ASP G 985 -86.90 -40.27 -29.35
C ASP G 985 -85.55 -40.51 -30.02
N PRO G 986 -84.86 -39.45 -30.44
CA PRO G 986 -83.77 -39.59 -31.42
C PRO G 986 -82.80 -40.71 -31.14
N PRO G 987 -82.32 -40.88 -29.89
CA PRO G 987 -81.31 -41.93 -29.66
C PRO G 987 -81.76 -43.34 -30.03
N GLU G 988 -83.04 -43.63 -29.79
CA GLU G 988 -83.61 -44.93 -30.09
C GLU G 988 -84.11 -44.96 -31.52
N ALA G 989 -84.75 -43.87 -31.95
CA ALA G 989 -85.25 -43.82 -33.31
C ALA G 989 -84.16 -44.14 -34.30
N GLU G 990 -82.93 -43.75 -33.99
CA GLU G 990 -81.82 -43.89 -34.92
C GLU G 990 -81.48 -45.35 -35.19
N VAL G 991 -81.45 -46.19 -34.16
CA VAL G 991 -81.11 -47.60 -34.32
C VAL G 991 -82.13 -48.34 -35.16
N GLN G 992 -83.41 -47.99 -35.05
CA GLN G 992 -84.44 -48.57 -35.90
C GLN G 992 -84.45 -47.99 -37.30
N ILE G 993 -84.10 -46.72 -37.46
CA ILE G 993 -84.07 -46.12 -38.79
C ILE G 993 -82.92 -46.68 -39.60
N ASP G 994 -81.83 -47.05 -38.93
CA ASP G 994 -80.69 -47.56 -39.68
C ASP G 994 -80.96 -48.91 -40.33
N ARG G 995 -81.77 -49.78 -39.72
CA ARG G 995 -82.09 -51.05 -40.36
C ARG G 995 -82.97 -50.85 -41.59
N LEU G 996 -83.90 -49.90 -41.54
CA LEU G 996 -84.69 -49.58 -42.72
C LEU G 996 -83.82 -49.02 -43.82
N ILE G 997 -82.88 -48.14 -43.47
CA ILE G 997 -81.98 -47.61 -44.49
C ILE G 997 -81.16 -48.72 -45.12
N THR G 998 -80.61 -49.60 -44.31
CA THR G 998 -79.85 -50.72 -44.83
C THR G 998 -80.66 -51.61 -45.77
N GLY G 999 -81.89 -51.96 -45.40
CA GLY G 999 -82.67 -52.82 -46.27
C GLY G 999 -83.10 -52.17 -47.57
N ARG G 1000 -83.52 -50.91 -47.50
CA ARG G 1000 -83.99 -50.23 -48.69
C ARG G 1000 -82.86 -49.90 -49.65
N LEU G 1001 -81.67 -49.57 -49.15
CA LEU G 1001 -80.53 -49.39 -50.03
C LEU G 1001 -80.21 -50.64 -50.83
N GLN G 1002 -80.21 -51.80 -50.19
CA GLN G 1002 -79.97 -53.05 -50.88
C GLN G 1002 -81.04 -53.38 -51.91
N SER G 1003 -82.31 -53.14 -51.57
CA SER G 1003 -83.36 -53.28 -52.57
C SER G 1003 -83.07 -52.46 -53.82
N LEU G 1004 -82.77 -51.18 -53.63
CA LEU G 1004 -82.53 -50.28 -54.74
C LEU G 1004 -81.32 -50.70 -55.58
N GLN G 1005 -80.25 -51.15 -54.94
CA GLN G 1005 -79.08 -51.61 -55.66
C GLN G 1005 -79.37 -52.85 -56.49
N THR G 1006 -80.15 -53.78 -55.97
CA THR G 1006 -80.52 -54.94 -56.78
C THR G 1006 -81.31 -54.53 -58.01
N TYR G 1007 -82.25 -53.60 -57.84
CA TYR G 1007 -83.01 -53.11 -58.99
C TYR G 1007 -82.10 -52.50 -60.04
N VAL G 1008 -81.16 -51.65 -59.63
CA VAL G 1008 -80.32 -50.99 -60.61
C VAL G 1008 -79.37 -51.95 -61.32
N THR G 1009 -78.81 -52.93 -60.61
CA THR G 1009 -77.94 -53.89 -61.28
C THR G 1009 -78.70 -54.73 -62.29
N GLN G 1010 -79.93 -55.14 -61.96
CA GLN G 1010 -80.64 -55.93 -62.93
C GLN G 1010 -81.20 -55.11 -64.07
N GLN G 1011 -81.37 -53.80 -63.91
CA GLN G 1011 -81.65 -52.97 -65.07
C GLN G 1011 -80.45 -52.81 -65.97
N LEU G 1012 -79.25 -52.72 -65.40
CA LEU G 1012 -78.06 -52.58 -66.24
C LEU G 1012 -77.79 -53.83 -67.05
N ILE G 1013 -78.13 -55.00 -66.50
CA ILE G 1013 -77.88 -56.23 -67.25
C ILE G 1013 -78.89 -56.40 -68.37
N ARG G 1014 -80.10 -55.87 -68.19
CA ARG G 1014 -81.17 -55.98 -69.17
C ARG G 1014 -81.07 -54.93 -70.27
N ALA G 1015 -80.58 -53.74 -69.96
CA ALA G 1015 -80.32 -52.77 -70.99
C ALA G 1015 -79.24 -53.21 -71.97
N ALA G 1016 -78.26 -53.98 -71.51
CA ALA G 1016 -77.24 -54.51 -72.40
C ALA G 1016 -77.76 -55.58 -73.34
N GLU G 1017 -78.82 -56.25 -72.96
CA GLU G 1017 -79.47 -57.20 -73.85
C GLU G 1017 -80.36 -56.50 -74.86
N ILE G 1018 -80.98 -55.41 -74.45
CA ILE G 1018 -81.76 -54.62 -75.39
C ILE G 1018 -80.86 -53.93 -76.42
N ARG G 1019 -79.64 -53.55 -76.03
CA ARG G 1019 -78.74 -52.91 -76.97
C ARG G 1019 -78.26 -53.87 -78.05
N ALA G 1020 -78.00 -55.12 -77.71
CA ALA G 1020 -77.62 -56.10 -78.72
C ALA G 1020 -78.73 -56.31 -79.73
N SER G 1021 -79.97 -56.38 -79.27
CA SER G 1021 -81.13 -56.48 -80.14
C SER G 1021 -81.29 -55.30 -81.07
N ALA G 1022 -81.13 -54.08 -80.55
CA ALA G 1022 -81.21 -52.90 -81.38
C ALA G 1022 -80.04 -52.76 -82.35
N ASN G 1023 -78.86 -53.24 -82.01
CA ASN G 1023 -77.79 -53.28 -83.00
C ASN G 1023 -78.07 -54.28 -84.11
N LEU G 1024 -78.61 -55.44 -83.77
CA LEU G 1024 -79.01 -56.40 -84.78
C LEU G 1024 -80.12 -55.85 -85.67
N ALA G 1025 -81.07 -55.09 -85.12
CA ALA G 1025 -82.14 -54.53 -85.93
C ALA G 1025 -81.63 -53.41 -86.84
N ALA G 1026 -80.68 -52.61 -86.37
CA ALA G 1026 -80.02 -51.66 -87.25
C ALA G 1026 -79.30 -52.36 -88.40
N THR G 1027 -78.62 -53.47 -88.13
CA THR G 1027 -77.91 -54.16 -89.19
C THR G 1027 -78.86 -54.79 -90.21
N LYS G 1028 -80.00 -55.31 -89.76
CA LYS G 1028 -81.02 -55.78 -90.67
C LYS G 1028 -81.68 -54.68 -91.46
N MET G 1029 -81.89 -53.53 -90.89
CA MET G 1029 -82.41 -52.41 -91.65
C MET G 1029 -81.47 -52.00 -92.77
N SER G 1030 -80.16 -52.00 -92.51
CA SER G 1030 -79.22 -51.63 -93.56
C SER G 1030 -79.07 -52.71 -94.61
N GLU G 1031 -79.07 -53.98 -94.21
CA GLU G 1031 -78.71 -55.04 -95.12
C GLU G 1031 -79.90 -55.75 -95.76
N CYS G 1032 -81.09 -55.57 -95.19
CA CYS G 1032 -82.29 -56.21 -95.73
C CYS G 1032 -83.31 -55.25 -96.35
N VAL G 1033 -83.32 -53.99 -95.91
CA VAL G 1033 -84.27 -53.03 -96.46
C VAL G 1033 -83.58 -52.11 -97.45
N LEU G 1034 -82.33 -51.74 -97.19
CA LEU G 1034 -81.60 -50.86 -98.10
C LEU G 1034 -80.71 -51.63 -99.04
N GLY G 1035 -80.81 -52.95 -99.09
CA GLY G 1035 -80.10 -53.74 -100.05
C GLY G 1035 -80.71 -55.11 -100.21
N GLN G 1036 -80.05 -55.94 -101.00
CA GLN G 1036 -80.38 -57.35 -101.13
C GLN G 1036 -79.23 -58.17 -100.56
N SER G 1037 -79.54 -59.08 -99.65
CA SER G 1037 -78.51 -59.81 -98.94
C SER G 1037 -78.31 -61.20 -99.54
N LYS G 1038 -77.07 -61.69 -99.43
CA LYS G 1038 -76.74 -63.06 -99.78
C LYS G 1038 -76.47 -63.94 -98.59
N ARG G 1039 -76.43 -63.39 -97.38
CA ARG G 1039 -76.24 -64.17 -96.18
C ARG G 1039 -77.43 -65.08 -95.94
N VAL G 1040 -77.19 -66.39 -95.85
CA VAL G 1040 -78.28 -67.35 -95.74
C VAL G 1040 -78.98 -67.19 -94.40
N ASP G 1041 -80.31 -67.12 -94.47
CA ASP G 1041 -81.17 -67.00 -93.29
C ASP G 1041 -81.14 -65.66 -92.57
N PHE G 1042 -80.36 -64.72 -93.07
CA PHE G 1042 -80.30 -63.41 -92.42
C PHE G 1042 -81.59 -62.62 -92.61
N CYS G 1043 -82.19 -62.73 -93.78
CA CYS G 1043 -83.43 -62.02 -94.09
C CYS G 1043 -84.56 -62.96 -94.48
N GLY G 1044 -84.88 -63.92 -93.62
CA GLY G 1044 -85.93 -64.87 -93.88
C GLY G 1044 -85.45 -66.18 -94.48
N LYS G 1045 -86.34 -67.16 -94.60
CA LYS G 1045 -85.98 -68.46 -95.17
C LYS G 1045 -86.26 -68.51 -96.67
N GLY G 1046 -85.21 -68.69 -97.45
CA GLY G 1046 -85.31 -68.75 -98.90
C GLY G 1046 -84.36 -67.70 -99.47
N TYR G 1047 -84.38 -67.50 -100.77
CA TYR G 1047 -83.52 -66.50 -101.41
C TYR G 1047 -84.13 -65.12 -101.25
N HIS G 1048 -83.48 -64.27 -100.47
CA HIS G 1048 -84.00 -62.94 -100.18
C HIS G 1048 -84.25 -62.15 -101.45
N LEU G 1049 -85.44 -61.59 -101.57
CA LEU G 1049 -85.72 -60.61 -102.61
C LEU G 1049 -85.79 -59.19 -102.03
N MET G 1050 -86.68 -58.94 -101.07
CA MET G 1050 -86.69 -57.61 -100.48
C MET G 1050 -87.32 -57.66 -99.11
N SER G 1051 -87.27 -56.53 -98.40
CA SER G 1051 -87.80 -56.42 -97.05
C SER G 1051 -88.45 -55.07 -96.88
N PHE G 1052 -89.49 -55.02 -96.03
CA PHE G 1052 -90.20 -53.79 -95.70
C PHE G 1052 -90.28 -53.64 -94.18
N PRO G 1053 -89.96 -52.47 -93.63
CA PRO G 1053 -90.10 -52.25 -92.19
C PRO G 1053 -91.47 -51.72 -91.77
N GLN G 1054 -91.85 -52.06 -90.54
CA GLN G 1054 -93.05 -51.56 -89.90
C GLN G 1054 -92.73 -51.27 -88.45
N SER G 1055 -93.35 -50.23 -87.91
CA SER G 1055 -93.06 -49.90 -86.52
C SER G 1055 -94.01 -50.61 -85.58
N ALA G 1056 -93.50 -50.93 -84.40
CA ALA G 1056 -94.25 -51.62 -83.37
C ALA G 1056 -94.08 -50.80 -82.09
N PRO G 1057 -94.82 -51.12 -81.03
CA PRO G 1057 -94.75 -50.30 -79.80
C PRO G 1057 -93.36 -50.05 -79.22
N HIS G 1058 -92.49 -51.03 -79.11
CA HIS G 1058 -91.11 -50.75 -78.68
C HIS G 1058 -90.13 -51.50 -79.55
N GLY G 1059 -90.45 -51.67 -80.82
CA GLY G 1059 -89.70 -52.55 -81.66
C GLY G 1059 -89.95 -52.30 -83.10
N VAL G 1060 -89.66 -53.31 -83.91
CA VAL G 1060 -89.79 -53.19 -85.35
C VAL G 1060 -90.14 -54.56 -85.90
N VAL G 1061 -90.98 -54.58 -86.92
CA VAL G 1061 -91.36 -55.79 -87.63
C VAL G 1061 -90.85 -55.69 -89.06
N PHE G 1062 -90.04 -56.66 -89.48
CA PHE G 1062 -89.60 -56.76 -90.86
C PHE G 1062 -90.47 -57.77 -91.59
N LEU G 1063 -90.96 -57.38 -92.74
CA LEU G 1063 -91.64 -58.25 -93.69
C LEU G 1063 -90.65 -58.63 -94.78
N HIS G 1064 -90.25 -59.89 -94.79
CA HIS G 1064 -89.25 -60.42 -95.72
C HIS G 1064 -89.95 -61.11 -96.89
N VAL G 1065 -89.65 -60.69 -98.10
CA VAL G 1065 -90.08 -61.34 -99.33
C VAL G 1065 -88.95 -62.18 -99.89
N THR G 1066 -89.19 -63.47 -100.02
CA THR G 1066 -88.22 -64.43 -100.51
C THR G 1066 -88.81 -65.26 -101.65
N TYR G 1067 -87.90 -65.88 -102.37
CA TYR G 1067 -88.21 -66.77 -103.48
C TYR G 1067 -87.99 -68.20 -103.01
N VAL G 1068 -88.96 -69.08 -103.23
CA VAL G 1068 -88.86 -70.46 -102.78
C VAL G 1068 -89.11 -71.37 -103.98
N PRO G 1069 -88.14 -72.15 -104.43
CA PRO G 1069 -88.37 -73.02 -105.59
C PRO G 1069 -89.31 -74.18 -105.30
N ALA G 1070 -90.02 -74.63 -106.33
CA ALA G 1070 -91.12 -75.55 -106.17
C ALA G 1070 -91.23 -76.52 -107.35
N GLN G 1071 -91.80 -77.69 -107.08
CA GLN G 1071 -92.18 -78.70 -108.09
C GLN G 1071 -90.97 -79.17 -108.89
N GLU G 1072 -90.06 -79.82 -108.19
CA GLU G 1072 -88.82 -80.31 -108.78
C GLU G 1072 -89.06 -81.57 -109.57
N LYS G 1073 -88.30 -81.74 -110.64
CA LYS G 1073 -88.31 -82.95 -111.44
C LYS G 1073 -86.92 -83.58 -111.46
N ASN G 1074 -86.89 -84.88 -111.78
CA ASN G 1074 -85.70 -85.70 -111.90
C ASN G 1074 -85.12 -85.63 -113.31
N PHE G 1075 -83.80 -85.64 -113.40
CA PHE G 1075 -83.10 -85.68 -114.68
C PHE G 1075 -81.79 -86.42 -114.50
N THR G 1076 -81.17 -86.77 -115.63
CA THR G 1076 -79.83 -87.34 -115.70
C THR G 1076 -78.85 -86.23 -116.03
N THR G 1077 -77.69 -86.22 -115.37
CA THR G 1077 -76.68 -85.19 -115.55
C THR G 1077 -75.38 -85.78 -116.07
N ALA G 1078 -74.52 -84.90 -116.54
CA ALA G 1078 -73.16 -85.20 -116.92
C ALA G 1078 -72.29 -83.99 -116.64
N PRO G 1079 -71.05 -84.20 -116.22
CA PRO G 1079 -70.14 -83.06 -116.02
C PRO G 1079 -69.79 -82.32 -117.29
N ALA G 1080 -69.54 -83.05 -118.38
CA ALA G 1080 -69.05 -82.46 -119.61
C ALA G 1080 -69.61 -83.23 -120.77
N ILE G 1081 -69.57 -82.62 -121.96
CA ILE G 1081 -69.96 -83.28 -123.20
C ILE G 1081 -68.67 -83.56 -123.97
N CYS G 1082 -68.64 -84.66 -124.71
CA CYS G 1082 -67.52 -84.92 -125.59
C CYS G 1082 -67.97 -84.80 -127.05
N HIS G 1083 -67.25 -83.99 -127.80
CA HIS G 1083 -67.56 -83.78 -129.21
C HIS G 1083 -66.28 -83.44 -129.95
N ASP G 1084 -66.00 -84.20 -131.02
CA ASP G 1084 -64.78 -84.02 -131.82
C ASP G 1084 -63.52 -84.18 -130.99
N GLY G 1085 -63.54 -85.10 -130.04
CA GLY G 1085 -62.40 -85.25 -129.16
C GLY G 1085 -62.14 -84.06 -128.27
N LYS G 1086 -63.17 -83.30 -127.92
CA LYS G 1086 -63.03 -82.14 -127.06
C LYS G 1086 -64.04 -82.23 -125.93
N ALA G 1087 -63.67 -81.69 -124.78
CA ALA G 1087 -64.55 -81.64 -123.61
C ALA G 1087 -65.22 -80.27 -123.52
N HIS G 1088 -66.53 -80.26 -123.38
CA HIS G 1088 -67.32 -79.04 -123.36
C HIS G 1088 -67.98 -78.92 -122.00
N PHE G 1089 -67.91 -77.74 -121.43
CA PHE G 1089 -68.47 -77.41 -120.15
C PHE G 1089 -69.50 -76.31 -120.30
N PRO G 1090 -70.54 -76.29 -119.50
CA PRO G 1090 -71.52 -75.21 -119.60
C PRO G 1090 -70.98 -73.90 -119.07
N ARG G 1091 -71.39 -72.82 -119.73
CA ARG G 1091 -70.98 -71.49 -119.26
C ARG G 1091 -71.68 -71.13 -117.96
N GLU G 1092 -73.00 -71.30 -117.90
CA GLU G 1092 -73.74 -71.07 -116.67
C GLU G 1092 -74.97 -71.98 -116.69
N GLY G 1093 -74.86 -73.14 -116.07
CA GLY G 1093 -75.99 -74.05 -116.07
C GLY G 1093 -75.51 -75.46 -115.86
N VAL G 1094 -76.38 -76.39 -116.22
CA VAL G 1094 -76.10 -77.81 -116.13
C VAL G 1094 -76.60 -78.48 -117.40
N PHE G 1095 -75.92 -79.54 -117.79
CA PHE G 1095 -76.37 -80.44 -118.83
C PHE G 1095 -77.38 -81.42 -118.22
N VAL G 1096 -78.55 -81.52 -118.82
CA VAL G 1096 -79.58 -82.42 -118.34
C VAL G 1096 -80.13 -83.24 -119.50
N SER G 1097 -80.63 -84.43 -119.18
CA SER G 1097 -81.24 -85.29 -120.18
C SER G 1097 -82.66 -85.61 -119.77
N ASN G 1098 -83.59 -85.51 -120.73
CA ASN G 1098 -84.96 -85.93 -120.45
C ASN G 1098 -85.17 -87.42 -120.69
N GLY G 1099 -84.11 -88.18 -120.89
CA GLY G 1099 -84.18 -89.57 -121.28
C GLY G 1099 -83.60 -89.86 -122.65
N THR G 1100 -83.71 -88.94 -123.61
CA THR G 1100 -83.23 -89.21 -124.95
C THR G 1100 -82.42 -88.04 -125.52
N HIS G 1101 -82.61 -86.84 -124.98
CA HIS G 1101 -82.01 -85.64 -125.53
C HIS G 1101 -81.29 -84.87 -124.42
N TRP G 1102 -80.23 -84.17 -124.80
CA TRP G 1102 -79.41 -83.39 -123.88
C TRP G 1102 -79.64 -81.91 -124.07
N PHE G 1103 -79.77 -81.18 -122.97
CA PHE G 1103 -80.02 -79.75 -122.96
C PHE G 1103 -79.10 -79.09 -121.95
N VAL G 1104 -79.01 -77.77 -122.02
CA VAL G 1104 -78.46 -76.96 -120.94
C VAL G 1104 -79.61 -76.22 -120.29
N THR G 1105 -79.56 -76.09 -118.99
CA THR G 1105 -80.56 -75.33 -118.27
C THR G 1105 -79.87 -74.52 -117.18
N GLN G 1106 -80.49 -73.42 -116.79
CA GLN G 1106 -80.05 -72.71 -115.60
C GLN G 1106 -80.46 -73.49 -114.37
N ARG G 1107 -79.69 -73.32 -113.29
CA ARG G 1107 -79.73 -74.29 -112.21
C ARG G 1107 -80.91 -74.16 -111.28
N ASN G 1108 -81.65 -73.05 -111.31
CA ASN G 1108 -82.72 -72.82 -110.35
C ASN G 1108 -84.11 -72.87 -110.98
N PHE G 1109 -84.19 -72.86 -112.30
CA PHE G 1109 -85.46 -72.87 -113.00
C PHE G 1109 -85.26 -73.75 -114.21
N TYR G 1110 -86.19 -74.65 -114.48
CA TYR G 1110 -86.03 -75.55 -115.60
C TYR G 1110 -86.45 -74.83 -116.87
N GLU G 1111 -85.50 -74.67 -117.78
CA GLU G 1111 -85.73 -73.96 -119.04
C GLU G 1111 -84.74 -74.49 -120.06
N PRO G 1112 -85.03 -75.64 -120.67
CA PRO G 1112 -84.03 -76.35 -121.46
C PRO G 1112 -83.74 -75.72 -122.82
N GLN G 1113 -82.47 -75.72 -123.20
CA GLN G 1113 -82.04 -75.16 -124.46
C GLN G 1113 -81.05 -76.10 -125.13
N ILE G 1114 -80.82 -75.87 -126.41
CA ILE G 1114 -79.89 -76.67 -127.18
C ILE G 1114 -78.46 -76.37 -126.75
N ILE G 1115 -77.62 -77.38 -126.80
CA ILE G 1115 -76.20 -77.23 -126.50
C ILE G 1115 -75.50 -76.74 -127.76
N THR G 1116 -75.01 -75.51 -127.73
CA THR G 1116 -74.30 -74.92 -128.84
C THR G 1116 -72.94 -74.43 -128.38
N THR G 1117 -72.17 -73.89 -129.32
CA THR G 1117 -70.86 -73.32 -128.99
C THR G 1117 -70.96 -71.95 -128.37
N ASP G 1118 -72.18 -71.45 -128.10
CA ASP G 1118 -72.39 -70.17 -127.47
C ASP G 1118 -72.75 -70.27 -126.00
N ASN G 1119 -73.19 -71.44 -125.53
CA ASN G 1119 -73.44 -71.60 -124.10
C ASN G 1119 -72.47 -72.58 -123.45
N THR G 1120 -71.43 -73.01 -124.16
CA THR G 1120 -70.41 -73.89 -123.61
C THR G 1120 -69.05 -73.28 -123.84
N PHE G 1121 -68.04 -73.86 -123.20
CA PHE G 1121 -66.64 -73.59 -123.54
C PHE G 1121 -65.87 -74.90 -123.54
N VAL G 1122 -64.69 -74.88 -124.14
CA VAL G 1122 -63.91 -76.08 -124.35
C VAL G 1122 -62.68 -76.05 -123.45
N SER G 1123 -62.30 -77.23 -122.93
CA SER G 1123 -61.04 -77.36 -122.22
C SER G 1123 -60.60 -78.82 -122.24
N GLY G 1124 -59.67 -79.15 -123.11
CA GLY G 1124 -58.98 -80.42 -123.07
C GLY G 1124 -59.59 -81.49 -123.97
N ASN G 1125 -59.23 -82.73 -123.65
CA ASN G 1125 -59.76 -83.93 -124.28
C ASN G 1125 -60.86 -84.53 -123.44
N CYS G 1126 -61.62 -85.43 -124.05
CA CYS G 1126 -62.64 -86.17 -123.29
C CYS G 1126 -62.10 -87.51 -122.83
N ASP G 1127 -60.99 -87.46 -122.11
CA ASP G 1127 -60.41 -88.68 -121.56
C ASP G 1127 -59.83 -88.50 -120.16
N VAL G 1128 -60.11 -87.36 -119.53
CA VAL G 1128 -59.53 -87.07 -118.23
C VAL G 1128 -60.63 -86.85 -117.19
N VAL G 1129 -61.78 -86.39 -117.61
CA VAL G 1129 -62.86 -86.06 -116.69
C VAL G 1129 -63.74 -87.29 -116.51
N ILE G 1130 -64.17 -87.53 -115.29
CA ILE G 1130 -64.88 -88.75 -114.91
C ILE G 1130 -66.37 -88.53 -115.12
N GLY G 1131 -66.92 -89.11 -116.18
CA GLY G 1131 -68.33 -89.01 -116.45
C GLY G 1131 -68.74 -88.27 -117.70
N ILE G 1132 -67.81 -87.99 -118.61
CA ILE G 1132 -68.15 -87.38 -119.91
C ILE G 1132 -69.16 -88.26 -120.62
N VAL G 1133 -70.09 -87.64 -121.32
CA VAL G 1133 -70.98 -88.36 -122.24
C VAL G 1133 -70.79 -87.79 -123.63
N ASN G 1134 -71.11 -88.62 -124.62
CA ASN G 1134 -70.98 -88.25 -126.01
C ASN G 1134 -72.26 -87.64 -126.58
N ASN G 1135 -72.13 -86.45 -127.13
CA ASN G 1135 -73.26 -85.76 -127.75
C ASN G 1135 -72.71 -84.70 -128.67
N THR G 1136 -73.58 -84.05 -129.42
CA THR G 1136 -73.16 -83.12 -130.44
C THR G 1136 -73.37 -81.68 -129.97
N VAL G 1137 -72.41 -80.83 -130.27
CA VAL G 1137 -72.46 -79.42 -129.92
C VAL G 1137 -72.67 -78.66 -131.21
N TYR G 1138 -73.85 -78.06 -131.35
CA TYR G 1138 -74.26 -77.47 -132.60
C TYR G 1138 -73.60 -76.11 -132.78
N ASP G 1139 -72.98 -75.90 -133.93
CA ASP G 1139 -72.38 -74.61 -134.27
C ASP G 1139 -73.33 -73.85 -135.19
N PRO G 1140 -73.76 -72.64 -134.81
CA PRO G 1140 -74.73 -71.92 -135.64
C PRO G 1140 -74.17 -71.38 -136.95
N LEU G 1141 -72.89 -70.99 -136.91
CA LEU G 1141 -72.26 -70.34 -138.04
C LEU G 1141 -72.28 -71.21 -139.29
N GLN G 1142 -72.17 -72.51 -139.14
CA GLN G 1142 -72.03 -73.35 -140.32
C GLN G 1142 -73.32 -73.36 -141.12
N PRO G 1143 -74.47 -73.70 -140.54
CA PRO G 1143 -75.72 -73.52 -141.30
C PRO G 1143 -76.02 -72.08 -141.61
N GLU G 1144 -75.36 -71.13 -140.96
CA GLU G 1144 -75.51 -69.73 -141.37
C GLU G 1144 -74.91 -69.50 -142.75
N LEU G 1145 -73.61 -69.72 -142.87
CA LEU G 1145 -72.93 -69.48 -144.13
C LEU G 1145 -73.00 -70.66 -145.09
N ASP G 1146 -73.59 -71.77 -144.67
CA ASP G 1146 -73.68 -72.99 -145.48
C ASP G 1146 -72.28 -73.46 -145.88
N ALA H 27 29.75 77.88 -31.41
CA ALA H 27 30.65 78.03 -32.55
C ALA H 27 32.04 77.53 -32.20
N TYR H 28 32.82 77.24 -33.24
CA TYR H 28 34.22 76.87 -33.10
C TYR H 28 35.00 77.66 -34.13
N THR H 29 36.27 77.91 -33.83
CA THR H 29 37.09 78.70 -34.72
C THR H 29 38.48 78.09 -34.75
N ASN H 30 39.32 78.62 -35.64
CA ASN H 30 40.65 78.10 -35.91
C ASN H 30 41.67 79.15 -35.50
N SER H 31 42.51 78.80 -34.52
CA SER H 31 43.71 79.57 -34.24
C SER H 31 44.63 79.46 -35.43
N PHE H 32 45.57 80.36 -35.60
CA PHE H 32 46.52 80.08 -36.66
C PHE H 32 47.90 79.82 -36.09
N THR H 33 48.48 80.83 -35.46
CA THR H 33 49.74 80.67 -34.74
C THR H 33 49.58 81.54 -33.49
N ARG H 34 49.07 80.94 -32.43
CA ARG H 34 48.64 81.68 -31.26
C ARG H 34 48.95 80.86 -30.02
N GLY H 35 49.29 81.54 -28.93
CA GLY H 35 49.52 80.86 -27.68
C GLY H 35 50.96 80.39 -27.51
N VAL H 36 51.90 81.24 -27.89
CA VAL H 36 53.32 80.99 -27.68
C VAL H 36 53.79 81.88 -26.54
N TYR H 37 54.41 81.28 -25.55
CA TYR H 37 54.92 82.01 -24.40
C TYR H 37 56.39 81.68 -24.20
N TYR H 38 57.10 82.61 -23.57
CA TYR H 38 58.49 82.39 -23.21
C TYR H 38 58.57 81.34 -22.13
N PRO H 39 59.14 80.19 -22.46
CA PRO H 39 59.25 79.05 -21.54
C PRO H 39 59.94 79.35 -20.22
N ASP H 40 60.59 80.50 -20.12
CA ASP H 40 61.29 80.84 -18.89
C ASP H 40 62.17 82.07 -19.05
N LYS H 41 62.87 82.45 -17.98
CA LYS H 41 63.75 83.61 -18.02
C LYS H 41 64.90 83.32 -18.98
N VAL H 42 66.09 83.85 -18.66
CA VAL H 42 67.24 83.62 -19.51
C VAL H 42 67.08 84.34 -20.84
N PHE H 43 67.86 85.40 -21.05
CA PHE H 43 67.80 86.15 -22.28
C PHE H 43 68.12 85.22 -23.44
N ARG H 44 68.21 85.77 -24.65
CA ARG H 44 68.51 84.97 -25.82
C ARG H 44 68.30 85.78 -27.10
N SER H 45 69.13 85.49 -28.11
CA SER H 45 69.04 86.19 -29.39
C SER H 45 68.83 85.20 -30.52
N SER H 46 69.12 85.64 -31.74
CA SER H 46 68.96 84.79 -32.92
C SER H 46 69.45 83.37 -32.69
N VAL H 47 68.53 82.49 -32.29
CA VAL H 47 68.87 81.10 -32.04
C VAL H 47 67.67 80.17 -32.11
N LEU H 48 67.42 79.61 -33.29
CA LEU H 48 66.31 78.68 -33.47
C LEU H 48 66.43 77.62 -32.38
N HIS H 49 65.99 77.98 -31.18
CA HIS H 49 66.07 77.13 -30.01
C HIS H 49 64.88 76.17 -29.97
N SER H 50 65.13 74.93 -29.58
CA SER H 50 64.13 73.88 -29.59
C SER H 50 63.68 73.55 -28.18
N THR H 51 62.37 73.49 -27.96
CA THR H 51 61.83 73.22 -26.62
C THR H 51 60.76 72.12 -26.66
N GLN H 52 60.63 71.44 -25.53
CA GLN H 52 59.52 70.54 -25.25
C GLN H 52 58.73 71.11 -24.08
N ASP H 53 57.44 71.32 -24.26
CA ASP H 53 56.65 71.93 -23.20
C ASP H 53 55.16 71.73 -23.52
N LEU H 54 54.31 72.43 -22.79
CA LEU H 54 52.87 72.41 -23.01
C LEU H 54 52.47 73.63 -23.82
N PHE H 55 52.04 73.41 -25.05
CA PHE H 55 51.71 74.48 -25.96
C PHE H 55 50.32 74.24 -26.53
N LEU H 56 49.78 75.28 -27.16
CA LEU H 56 48.56 75.18 -27.93
C LEU H 56 48.93 74.87 -29.37
N PRO H 57 48.62 73.67 -29.87
CA PRO H 57 49.05 73.29 -31.23
C PRO H 57 48.58 74.27 -32.29
N PHE H 58 49.35 74.41 -33.36
CA PHE H 58 48.98 75.34 -34.42
C PHE H 58 47.73 74.84 -35.13
N PHE H 59 46.91 75.78 -35.59
CA PHE H 59 45.69 75.46 -36.32
C PHE H 59 44.83 74.52 -35.51
N SER H 60 44.32 74.99 -34.38
CA SER H 60 43.57 74.17 -33.45
C SER H 60 42.10 74.55 -33.49
N ASN H 61 41.32 73.79 -32.73
CA ASN H 61 39.88 73.88 -32.69
C ASN H 61 39.47 74.56 -31.38
N VAL H 62 39.32 75.87 -31.40
CA VAL H 62 39.08 76.64 -30.19
C VAL H 62 37.61 76.98 -30.11
N THR H 63 37.00 76.68 -28.96
CA THR H 63 35.60 77.00 -28.73
C THR H 63 35.36 78.50 -28.88
N TRP H 64 34.13 78.86 -29.18
CA TRP H 64 33.75 80.25 -29.28
C TRP H 64 32.59 80.48 -28.31
N PHE H 65 32.65 81.58 -27.58
CA PHE H 65 31.59 81.95 -26.66
C PHE H 65 31.18 83.39 -26.93
N HIS H 66 29.89 83.65 -26.82
CA HIS H 66 29.32 84.98 -26.97
C HIS H 66 28.69 85.40 -25.65
N ALA H 67 28.42 86.69 -25.56
CA ALA H 67 27.70 87.26 -24.42
C ALA H 67 27.15 88.61 -24.84
N ASN H 81 28.91 82.75 -18.00
CA ASN H 81 29.02 81.69 -18.98
C ASN H 81 29.57 80.43 -18.26
N PRO H 82 29.54 79.26 -18.91
CA PRO H 82 29.49 77.99 -18.16
C PRO H 82 30.81 77.55 -17.53
N VAL H 83 30.70 76.50 -16.72
CA VAL H 83 31.82 75.84 -16.07
C VAL H 83 32.54 75.01 -17.11
N LEU H 84 33.83 75.26 -17.30
CA LEU H 84 34.64 74.55 -18.26
C LEU H 84 35.59 73.59 -17.55
N PRO H 85 36.32 72.74 -18.26
CA PRO H 85 37.40 72.00 -17.60
C PRO H 85 38.73 72.74 -17.66
N PHE H 86 39.75 72.19 -16.99
CA PHE H 86 41.11 72.72 -17.07
C PHE H 86 42.09 71.74 -17.68
N ASN H 87 42.27 70.60 -17.02
CA ASN H 87 42.87 69.31 -17.40
C ASN H 87 44.34 69.41 -17.80
N ASP H 88 44.77 70.51 -18.39
CA ASP H 88 46.18 70.85 -18.58
C ASP H 88 46.26 72.25 -19.14
N GLY H 89 46.42 73.25 -18.31
CA GLY H 89 46.56 74.60 -18.84
C GLY H 89 45.44 75.09 -19.74
N VAL H 90 45.47 76.36 -20.11
CA VAL H 90 44.40 76.99 -20.87
C VAL H 90 44.95 78.20 -21.60
N TYR H 91 44.63 78.30 -22.88
CA TYR H 91 44.72 79.55 -23.62
C TYR H 91 43.38 80.26 -23.53
N PHE H 92 43.42 81.59 -23.54
CA PHE H 92 42.20 82.34 -23.33
C PHE H 92 42.37 83.73 -23.92
N ALA H 93 41.73 84.03 -25.04
CA ALA H 93 41.75 85.36 -25.60
C ALA H 93 40.39 86.03 -25.39
N SER H 94 40.33 87.32 -25.69
CA SER H 94 39.11 88.10 -25.48
C SER H 94 39.26 89.42 -26.21
N THR H 95 38.12 89.98 -26.62
CA THR H 95 38.11 91.18 -27.46
C THR H 95 37.01 92.14 -27.03
N GLU H 96 37.37 93.41 -26.82
CA GLU H 96 36.42 94.50 -26.58
C GLU H 96 37.12 95.84 -26.39
N LYS H 97 36.33 96.92 -26.29
CA LYS H 97 36.83 98.21 -25.83
C LYS H 97 36.39 98.54 -24.42
N SER H 98 35.13 98.30 -24.08
CA SER H 98 34.68 98.24 -22.70
C SER H 98 35.33 97.04 -22.01
N ASN H 99 35.00 96.78 -20.76
CA ASN H 99 35.62 95.67 -20.04
C ASN H 99 34.52 94.78 -19.47
N ILE H 100 34.11 93.78 -20.26
CA ILE H 100 33.06 92.85 -19.88
C ILE H 100 33.70 91.66 -19.18
N ILE H 101 34.88 91.28 -19.63
CA ILE H 101 35.61 90.18 -19.03
C ILE H 101 36.34 90.71 -17.81
N ARG H 102 35.94 90.24 -16.63
CA ARG H 102 36.39 90.78 -15.36
C ARG H 102 36.95 89.63 -14.53
N GLY H 103 37.81 88.84 -15.14
CA GLY H 103 38.52 87.82 -14.41
C GLY H 103 37.84 86.46 -14.45
N TRP H 104 38.50 85.51 -13.85
CA TRP H 104 38.14 84.11 -13.92
C TRP H 104 38.01 83.61 -12.49
N ILE H 105 37.52 82.39 -12.34
CA ILE H 105 37.52 81.72 -11.05
C ILE H 105 37.91 80.27 -11.30
N PHE H 106 38.69 79.70 -10.41
CA PHE H 106 39.30 78.41 -10.68
C PHE H 106 38.96 77.43 -9.57
N GLY H 107 39.41 76.19 -9.74
CA GLY H 107 39.34 75.24 -8.64
C GLY H 107 38.87 73.86 -9.05
N THR H 108 38.45 73.06 -8.08
CA THR H 108 37.91 71.74 -8.38
C THR H 108 36.40 71.72 -8.22
N THR H 109 35.88 72.30 -7.14
CA THR H 109 34.44 72.28 -6.88
C THR H 109 33.77 73.65 -6.95
N LEU H 110 34.53 74.73 -6.93
CA LEU H 110 33.99 76.09 -7.03
C LEU H 110 32.99 76.36 -5.91
N ASP H 111 33.29 75.86 -4.72
CA ASP H 111 32.43 76.04 -3.57
C ASP H 111 33.25 75.85 -2.30
N SER H 112 32.54 75.70 -1.19
CA SER H 112 33.20 75.33 0.07
C SER H 112 33.52 73.83 0.06
N LYS H 113 34.06 73.36 1.18
CA LYS H 113 34.51 71.99 1.38
C LYS H 113 35.82 71.71 0.64
N THR H 114 36.25 72.62 -0.23
CA THR H 114 37.58 72.55 -0.83
C THR H 114 37.95 73.94 -1.32
N GLN H 115 39.26 74.19 -1.39
CA GLN H 115 39.79 75.52 -1.65
C GLN H 115 39.83 75.84 -3.14
N SER H 116 39.78 77.14 -3.45
CA SER H 116 39.79 77.60 -4.83
C SER H 116 40.41 78.99 -4.91
N LEU H 117 40.78 79.39 -6.13
CA LEU H 117 41.32 80.71 -6.40
C LEU H 117 40.21 81.62 -6.92
N LEU H 118 40.42 82.93 -6.82
CA LEU H 118 39.48 83.90 -7.34
C LEU H 118 40.25 85.13 -7.80
N ILE H 119 40.11 85.48 -9.07
CA ILE H 119 40.83 86.60 -9.66
C ILE H 119 39.81 87.56 -10.24
N VAL H 120 39.78 88.77 -9.69
CA VAL H 120 38.70 89.70 -9.97
C VAL H 120 39.29 91.05 -10.35
N ASN H 121 38.49 91.88 -11.01
CA ASN H 121 38.87 93.25 -11.32
C ASN H 121 37.61 94.12 -11.37
N ASN H 122 37.35 94.89 -10.31
CA ASN H 122 36.32 95.93 -10.42
C ASN H 122 36.92 97.11 -11.17
N ALA H 123 36.23 98.24 -11.23
CA ALA H 123 36.76 99.38 -11.98
C ALA H 123 38.00 99.97 -11.30
N THR H 124 38.45 99.35 -10.21
CA THR H 124 39.60 99.85 -9.47
C THR H 124 40.90 99.21 -9.94
N ASN H 125 41.03 97.90 -9.69
CA ASN H 125 42.20 97.12 -10.04
C ASN H 125 42.03 95.68 -9.57
N VAL H 126 42.99 94.85 -9.96
CA VAL H 126 42.97 93.41 -9.78
C VAL H 126 42.88 93.03 -8.30
N VAL H 127 42.18 91.94 -8.00
CA VAL H 127 42.10 91.42 -6.64
C VAL H 127 42.28 89.90 -6.67
N ILE H 128 43.51 89.42 -6.52
CA ILE H 128 43.68 87.98 -6.39
C ILE H 128 43.27 87.60 -4.97
N LYS H 129 42.79 86.38 -4.80
CA LYS H 129 42.31 85.93 -3.50
C LYS H 129 42.23 84.42 -3.48
N VAL H 130 42.58 83.84 -2.34
CA VAL H 130 42.44 82.39 -2.18
C VAL H 130 41.83 82.08 -0.83
N CYS H 131 40.54 81.79 -0.82
CA CYS H 131 39.83 81.30 0.36
C CYS H 131 39.07 80.02 -0.01
N GLU H 132 38.22 79.58 0.92
CA GLU H 132 37.11 78.70 0.59
C GLU H 132 35.88 79.56 0.42
N PHE H 133 35.21 79.41 -0.71
CA PHE H 133 34.14 80.31 -1.07
C PHE H 133 32.81 79.57 -1.09
N GLN H 134 31.75 80.32 -1.36
CA GLN H 134 30.48 79.79 -1.81
C GLN H 134 30.10 80.58 -3.04
N PHE H 135 30.26 79.97 -4.20
CA PHE H 135 30.11 80.65 -5.47
C PHE H 135 28.70 80.49 -5.98
N CYS H 136 28.12 81.60 -6.43
CA CYS H 136 26.90 81.53 -7.21
C CYS H 136 27.10 80.59 -8.40
N ASN H 137 26.11 79.75 -8.65
CA ASN H 137 26.20 78.90 -9.84
C ASN H 137 26.21 79.72 -11.11
N ASP H 138 25.68 80.94 -11.09
CA ASP H 138 25.82 81.91 -12.16
C ASP H 138 26.35 83.21 -11.57
N PRO H 139 27.66 83.27 -11.32
CA PRO H 139 28.22 84.44 -10.62
C PRO H 139 28.67 85.50 -11.59
N PHE H 140 28.47 86.76 -11.22
CA PHE H 140 28.80 87.87 -12.09
C PHE H 140 28.88 89.14 -11.25
N LEU H 141 29.04 90.27 -11.93
CA LEU H 141 29.01 91.57 -11.29
C LEU H 141 28.27 92.55 -12.19
N GLY H 142 27.56 93.48 -11.55
CA GLY H 142 26.68 94.39 -12.25
C GLY H 142 27.38 95.59 -12.85
N VAL H 143 26.61 96.64 -13.11
CA VAL H 143 27.11 97.91 -13.58
C VAL H 143 25.97 98.92 -13.47
N MET H 153 24.95 104.50 -9.65
CA MET H 153 24.73 103.12 -9.19
C MET H 153 26.01 102.32 -9.26
N GLU H 154 26.19 101.58 -10.36
CA GLU H 154 27.40 100.83 -10.65
C GLU H 154 27.75 99.90 -9.48
N SER H 155 26.74 99.20 -8.98
CA SER H 155 26.88 98.28 -7.86
C SER H 155 26.74 96.84 -8.35
N GLU H 156 27.51 95.96 -7.74
CA GLU H 156 27.94 94.74 -8.42
C GLU H 156 28.22 93.59 -7.47
N PHE H 157 28.99 92.62 -7.96
CA PHE H 157 29.56 91.55 -7.16
C PHE H 157 28.51 90.66 -6.51
N ARG H 158 27.71 89.99 -7.34
CA ARG H 158 26.91 88.87 -6.85
C ARG H 158 27.69 87.59 -7.06
N VAL H 159 29.02 87.67 -6.97
CA VAL H 159 29.87 86.55 -7.36
C VAL H 159 29.77 85.41 -6.35
N TYR H 160 30.20 85.65 -5.12
CA TYR H 160 30.13 84.62 -4.09
C TYR H 160 29.25 85.04 -2.93
N SER H 161 29.21 84.23 -1.88
CA SER H 161 28.55 84.61 -0.64
C SER H 161 29.32 84.11 0.58
N SER H 162 30.61 83.83 0.41
CA SER H 162 31.42 83.27 1.49
C SER H 162 32.89 83.52 1.17
N ALA H 163 33.66 83.80 2.22
CA ALA H 163 35.09 84.09 2.08
C ALA H 163 35.90 83.49 3.23
N ASN H 164 35.67 82.22 3.54
CA ASN H 164 36.19 81.63 4.76
C ASN H 164 37.64 81.15 4.57
N ASN H 165 38.38 81.13 5.68
CA ASN H 165 39.67 80.44 5.75
C ASN H 165 40.73 80.95 4.76
N CYS H 166 40.69 82.22 4.41
CA CYS H 166 41.56 82.76 3.37
C CYS H 166 43.05 82.50 3.65
N THR H 167 43.73 81.91 2.67
CA THR H 167 45.11 81.47 2.79
C THR H 167 46.04 82.30 1.92
N PHE H 168 45.48 83.29 1.23
CA PHE H 168 46.26 84.17 0.36
C PHE H 168 45.36 85.33 -0.02
N GLU H 169 45.86 86.55 0.11
CA GLU H 169 45.12 87.70 -0.37
C GLU H 169 46.02 88.53 -1.25
N TYR H 170 45.44 89.50 -1.92
CA TYR H 170 46.15 90.53 -2.65
C TYR H 170 45.13 91.56 -3.10
N VAL H 171 45.46 92.84 -3.00
CA VAL H 171 44.64 93.89 -3.60
C VAL H 171 45.60 94.93 -4.16
N SER H 172 45.07 96.03 -4.66
CA SER H 172 45.90 97.15 -5.09
C SER H 172 45.09 98.44 -5.12
N LYS H 187 39.51 97.03 -31.53
CA LYS H 187 39.47 97.33 -30.10
C LYS H 187 40.70 96.82 -29.37
N ASN H 188 40.52 95.77 -28.57
CA ASN H 188 41.60 95.20 -27.79
C ASN H 188 41.56 93.69 -27.92
N LEU H 189 42.74 93.08 -27.88
CA LEU H 189 42.87 91.64 -27.78
C LEU H 189 43.78 91.33 -26.59
N ARG H 190 43.28 90.50 -25.68
CA ARG H 190 43.97 90.24 -24.42
C ARG H 190 44.07 88.73 -24.23
N GLU H 191 45.26 88.20 -24.50
CA GLU H 191 45.50 86.77 -24.39
C GLU H 191 46.11 86.40 -23.04
N PHE H 192 45.81 85.19 -22.59
CA PHE H 192 46.31 84.68 -21.33
C PHE H 192 46.57 83.19 -21.45
N VAL H 193 47.63 82.73 -20.81
CA VAL H 193 47.92 81.31 -20.69
C VAL H 193 48.02 80.98 -19.21
N PHE H 194 47.19 80.06 -18.76
CA PHE H 194 47.15 79.66 -17.36
C PHE H 194 47.67 78.25 -17.24
N LYS H 195 48.61 78.02 -16.32
CA LYS H 195 49.06 76.66 -16.06
C LYS H 195 49.35 76.51 -14.58
N ASN H 196 49.49 75.26 -14.13
CA ASN H 196 49.51 74.93 -12.71
C ASN H 196 50.42 73.73 -12.49
N ILE H 197 51.66 73.97 -12.08
CA ILE H 197 52.66 72.92 -11.92
C ILE H 197 53.33 73.05 -10.57
N ASP H 198 53.45 71.92 -9.86
CA ASP H 198 54.16 71.84 -8.59
C ASP H 198 53.74 72.93 -7.62
N GLY H 199 52.44 73.06 -7.40
CA GLY H 199 51.92 74.04 -6.46
C GLY H 199 52.12 75.48 -6.85
N TYR H 200 52.60 75.73 -8.06
CA TYR H 200 52.72 77.09 -8.56
C TYR H 200 51.70 77.28 -9.67
N PHE H 201 51.03 78.42 -9.65
CA PHE H 201 50.03 78.73 -10.65
C PHE H 201 50.57 79.86 -11.50
N LYS H 202 51.07 79.53 -12.68
CA LYS H 202 51.72 80.48 -13.56
C LYS H 202 50.72 81.09 -14.52
N ILE H 203 50.93 82.36 -14.84
CA ILE H 203 50.06 83.14 -15.69
C ILE H 203 50.92 83.94 -16.65
N TYR H 204 50.77 83.68 -17.94
CA TYR H 204 51.40 84.48 -18.97
C TYR H 204 50.30 85.30 -19.63
N SER H 205 50.68 86.41 -20.24
CA SER H 205 49.69 87.30 -20.79
C SER H 205 50.30 88.17 -21.87
N LYS H 206 49.43 88.78 -22.66
CA LYS H 206 49.84 89.73 -23.68
C LYS H 206 48.63 90.55 -24.07
N HIS H 207 48.85 91.83 -24.38
CA HIS H 207 47.78 92.75 -24.76
C HIS H 207 48.18 93.33 -26.12
N THR H 208 47.54 92.85 -27.15
CA THR H 208 47.74 93.40 -28.48
C THR H 208 46.53 94.23 -28.88
N PRO H 209 46.73 95.30 -29.63
CA PRO H 209 45.57 96.04 -30.15
C PRO H 209 45.08 95.50 -31.49
N ILE H 210 43.82 95.08 -31.57
CA ILE H 210 43.25 94.68 -32.86
C ILE H 210 42.82 95.93 -33.60
N ASN H 211 42.55 95.79 -34.89
CA ASN H 211 41.89 96.86 -35.62
C ASN H 211 40.50 96.39 -36.04
N LEU H 212 40.03 95.35 -35.37
CA LEU H 212 38.64 94.89 -35.42
C LEU H 212 38.03 95.14 -34.04
N VAL H 213 36.81 94.67 -33.84
CA VAL H 213 36.22 94.80 -32.51
C VAL H 213 36.23 93.47 -31.77
N ARG H 214 35.62 92.41 -32.33
CA ARG H 214 35.47 91.16 -31.58
C ARG H 214 35.58 89.86 -32.39
N ASP H 215 36.58 89.75 -33.28
CA ASP H 215 36.84 88.48 -33.98
C ASP H 215 38.31 88.10 -33.82
N LEU H 216 38.59 86.80 -33.78
CA LEU H 216 39.95 86.31 -33.57
C LEU H 216 40.81 86.57 -34.80
N PRO H 217 41.86 87.38 -34.68
CA PRO H 217 42.68 87.70 -35.86
C PRO H 217 43.73 86.66 -36.16
N GLN H 218 44.64 87.00 -37.08
CA GLN H 218 45.75 86.13 -37.43
C GLN H 218 47.06 86.86 -37.19
N GLY H 219 48.10 86.11 -36.85
CA GLY H 219 49.40 86.70 -36.63
C GLY H 219 50.21 86.00 -35.57
N PHE H 220 51.39 86.52 -35.25
CA PHE H 220 52.27 85.93 -34.25
C PHE H 220 52.58 86.97 -33.16
N SER H 221 52.42 86.54 -31.90
CA SER H 221 52.70 87.41 -30.77
C SER H 221 52.94 86.58 -29.52
N ALA H 222 54.18 86.57 -29.02
CA ALA H 222 54.56 85.73 -27.90
C ALA H 222 54.14 86.35 -26.57
N LEU H 223 53.76 85.49 -25.62
CA LEU H 223 53.18 85.91 -24.37
C LEU H 223 54.23 85.86 -23.27
N GLU H 224 54.35 87.00 -22.46
CA GLU H 224 55.37 87.20 -21.44
C GLU H 224 54.84 86.90 -20.06
N PRO H 225 55.65 86.23 -19.22
CA PRO H 225 55.16 85.80 -17.91
C PRO H 225 54.79 86.97 -17.01
N LEU H 226 53.73 86.79 -16.24
CA LEU H 226 53.17 87.87 -15.43
C LEU H 226 53.34 87.60 -13.94
N VAL H 227 52.85 86.47 -13.49
CA VAL H 227 52.63 86.18 -12.08
C VAL H 227 53.22 84.80 -11.80
N ASP H 228 53.26 84.47 -10.51
CA ASP H 228 53.70 83.19 -9.97
C ASP H 228 53.08 83.09 -8.57
N LEU H 229 52.26 82.07 -8.30
CA LEU H 229 51.64 81.99 -6.98
C LEU H 229 51.92 80.64 -6.36
N PRO H 230 52.67 80.57 -5.26
CA PRO H 230 52.92 79.28 -4.57
C PRO H 230 51.74 78.88 -3.69
N ILE H 231 50.68 78.38 -4.32
CA ILE H 231 49.45 78.09 -3.61
C ILE H 231 49.44 76.66 -3.09
N GLY H 232 49.43 75.70 -4.00
CA GLY H 232 49.31 74.30 -3.63
C GLY H 232 47.95 73.73 -4.02
N ILE H 233 47.04 74.65 -4.33
CA ILE H 233 45.67 74.39 -4.76
C ILE H 233 45.59 73.33 -5.87
N ASN H 234 44.58 72.46 -5.81
CA ASN H 234 44.22 71.57 -6.90
C ASN H 234 43.22 72.28 -7.81
N ILE H 235 43.32 72.03 -9.11
CA ILE H 235 42.40 72.66 -10.05
C ILE H 235 41.89 71.61 -11.03
N THR H 236 40.58 71.66 -11.30
CA THR H 236 39.98 70.79 -12.30
C THR H 236 38.94 71.55 -13.12
N ARG H 237 38.57 72.76 -12.70
CA ARG H 237 37.51 73.48 -13.39
C ARG H 237 37.76 74.96 -13.28
N PHE H 238 37.10 75.74 -14.15
CA PHE H 238 37.23 77.18 -14.11
C PHE H 238 36.03 77.81 -14.81
N GLN H 239 35.89 79.12 -14.65
CA GLN H 239 34.74 79.86 -15.17
C GLN H 239 35.20 81.21 -15.69
N THR H 240 34.25 82.10 -15.89
CA THR H 240 34.51 83.48 -16.29
C THR H 240 33.55 84.40 -15.55
N LEU H 241 33.85 85.71 -15.60
CA LEU H 241 33.07 86.73 -14.90
C LEU H 241 32.79 87.88 -15.86
N LEU H 242 31.55 88.35 -15.86
CA LEU H 242 31.13 89.37 -16.82
C LEU H 242 30.35 90.47 -16.11
N ALA H 243 30.43 91.68 -16.68
CA ALA H 243 29.73 92.85 -16.15
C ALA H 243 28.41 93.02 -16.91
N LEU H 244 27.30 92.85 -16.19
CA LEU H 244 25.97 92.82 -16.77
C LEU H 244 25.57 94.13 -17.45
N HIS H 245 24.39 94.10 -18.05
CA HIS H 245 23.71 95.27 -18.59
C HIS H 245 22.61 95.72 -17.64
N ARG H 246 22.74 96.94 -17.11
CA ARG H 246 21.69 97.44 -16.23
C ARG H 246 21.32 98.89 -16.54
N SER H 247 22.21 99.64 -17.16
CA SER H 247 21.94 101.04 -17.46
C SER H 247 22.10 101.35 -18.95
N ALA H 264 32.61 88.03 -26.32
CA ALA H 264 33.34 87.18 -27.25
C ALA H 264 34.64 86.70 -26.64
N TYR H 265 34.77 85.39 -26.46
CA TYR H 265 35.98 84.83 -25.91
C TYR H 265 36.12 83.36 -26.28
N TYR H 266 37.35 82.89 -26.27
CA TYR H 266 37.75 81.58 -26.76
C TYR H 266 38.44 80.80 -25.65
N VAL H 267 38.49 79.48 -25.81
CA VAL H 267 39.18 78.63 -24.84
C VAL H 267 39.90 77.50 -25.56
N GLY H 268 41.22 77.55 -25.59
CA GLY H 268 42.03 76.45 -26.07
C GLY H 268 42.58 75.64 -24.92
N TYR H 269 43.18 74.52 -25.25
CA TYR H 269 43.82 73.67 -24.25
C TYR H 269 45.23 73.37 -24.70
N LEU H 270 46.07 73.00 -23.75
CA LEU H 270 47.50 72.84 -23.99
C LEU H 270 47.89 71.38 -23.88
N GLN H 271 48.78 70.95 -24.76
CA GLN H 271 49.27 69.58 -24.79
C GLN H 271 50.78 69.60 -24.85
N PRO H 272 51.43 68.51 -24.51
CA PRO H 272 52.89 68.44 -24.62
C PRO H 272 53.35 68.33 -26.07
N ARG H 273 53.90 69.43 -26.58
CA ARG H 273 54.43 69.50 -27.93
C ARG H 273 55.92 69.86 -27.89
N THR H 274 56.52 69.89 -29.06
CA THR H 274 57.90 70.29 -29.28
C THR H 274 57.91 71.37 -30.34
N PHE H 275 58.47 72.52 -30.00
CA PHE H 275 58.48 73.66 -30.91
C PHE H 275 59.90 74.11 -31.21
N LEU H 276 60.02 74.91 -32.26
CA LEU H 276 61.28 75.53 -32.67
C LEU H 276 61.05 77.03 -32.70
N LEU H 277 61.62 77.75 -31.74
CA LEU H 277 61.41 79.19 -31.61
C LEU H 277 62.57 79.96 -32.22
N LYS H 278 62.25 80.99 -32.98
CA LYS H 278 63.24 81.86 -33.58
C LYS H 278 63.39 83.09 -32.73
N TYR H 279 64.59 83.36 -32.26
CA TYR H 279 64.85 84.49 -31.38
C TYR H 279 65.48 85.63 -32.15
N ASN H 280 64.97 86.82 -31.92
CA ASN H 280 65.51 88.05 -32.48
C ASN H 280 66.86 88.36 -31.86
N GLU H 281 67.48 89.44 -32.32
CA GLU H 281 68.71 89.91 -31.71
C GLU H 281 68.49 90.71 -30.43
N ASN H 282 67.31 91.26 -30.22
CA ASN H 282 66.97 91.80 -28.91
C ASN H 282 66.52 90.72 -27.94
N GLY H 283 66.24 89.52 -28.43
CA GLY H 283 65.88 88.43 -27.55
C GLY H 283 64.41 88.11 -27.51
N THR H 284 63.63 88.60 -28.46
CA THR H 284 62.21 88.30 -28.51
C THR H 284 61.93 87.20 -29.53
N ILE H 285 60.89 86.43 -29.26
CA ILE H 285 60.46 85.36 -30.15
C ILE H 285 59.64 85.98 -31.26
N THR H 286 60.11 85.86 -32.50
CA THR H 286 59.44 86.47 -33.63
C THR H 286 58.69 85.46 -34.48
N ASP H 287 59.14 84.21 -34.51
CA ASP H 287 58.49 83.17 -35.28
C ASP H 287 58.66 81.83 -34.57
N ALA H 288 57.89 80.84 -35.01
CA ALA H 288 57.96 79.52 -34.41
C ALA H 288 57.57 78.47 -35.45
N VAL H 289 57.90 77.22 -35.13
CA VAL H 289 57.53 76.07 -35.93
C VAL H 289 56.99 75.00 -35.00
N ASP H 290 55.79 74.52 -35.29
CA ASP H 290 55.21 73.36 -34.61
C ASP H 290 55.66 72.13 -35.36
N CYS H 291 56.36 71.23 -34.69
CA CYS H 291 57.14 70.20 -35.36
C CYS H 291 56.35 68.90 -35.51
N ALA H 292 55.03 69.01 -35.38
CA ALA H 292 54.20 67.82 -35.47
C ALA H 292 52.99 68.12 -36.33
N LEU H 293 53.00 69.28 -36.98
CA LEU H 293 51.91 69.60 -37.90
C LEU H 293 51.95 68.72 -39.14
N ASP H 294 53.02 68.83 -39.94
CA ASP H 294 53.06 68.18 -41.24
C ASP H 294 54.48 67.72 -41.53
N PRO H 295 54.73 67.00 -42.63
CA PRO H 295 56.11 66.56 -42.91
C PRO H 295 57.10 67.68 -43.10
N LEU H 296 56.71 68.79 -43.73
CA LEU H 296 57.62 69.92 -43.87
C LEU H 296 58.10 70.44 -42.53
N SER H 297 57.22 70.52 -41.54
CA SER H 297 57.60 71.06 -40.23
C SER H 297 58.50 70.09 -39.48
N GLU H 298 58.23 68.80 -39.57
CA GLU H 298 59.12 67.81 -39.00
C GLU H 298 60.50 67.84 -39.65
N THR H 299 60.58 68.12 -40.95
CA THR H 299 61.89 68.29 -41.58
C THR H 299 62.60 69.53 -41.07
N LYS H 300 61.89 70.66 -40.99
CA LYS H 300 62.48 71.88 -40.46
C LYS H 300 63.02 71.67 -39.05
N CYS H 301 62.31 70.87 -38.25
CA CYS H 301 62.74 70.60 -36.90
C CYS H 301 63.95 69.69 -36.88
N THR H 302 63.97 68.68 -37.75
CA THR H 302 65.13 67.78 -37.85
C THR H 302 66.39 68.50 -38.28
N LEU H 303 66.29 69.47 -39.20
CA LEU H 303 67.43 70.23 -39.64
C LEU H 303 67.76 71.42 -38.75
N LYS H 304 66.85 71.85 -37.90
CA LYS H 304 66.99 73.06 -37.08
C LYS H 304 67.17 74.29 -37.96
N SER H 305 66.20 74.51 -38.84
CA SER H 305 66.26 75.65 -39.73
C SER H 305 64.86 76.02 -40.18
N PHE H 306 64.75 77.16 -40.82
CA PHE H 306 63.49 77.63 -41.36
C PHE H 306 63.47 77.56 -42.88
N THR H 307 64.59 77.27 -43.52
CA THR H 307 64.65 77.05 -44.97
C THR H 307 65.36 75.74 -45.22
N VAL H 308 64.65 74.79 -45.82
CA VAL H 308 65.22 73.53 -46.27
C VAL H 308 65.46 73.62 -47.77
N GLU H 309 66.67 73.24 -48.18
CA GLU H 309 67.02 73.16 -49.59
C GLU H 309 66.64 71.79 -50.14
N LYS H 310 66.53 71.71 -51.46
CA LYS H 310 66.05 70.48 -52.08
C LYS H 310 66.93 69.31 -51.70
N GLY H 311 66.30 68.16 -51.54
CA GLY H 311 67.00 66.98 -51.11
C GLY H 311 66.01 65.92 -50.71
N ILE H 312 66.48 64.99 -49.90
CA ILE H 312 65.62 64.01 -49.27
C ILE H 312 66.19 63.76 -47.89
N TYR H 313 65.33 63.81 -46.89
CA TYR H 313 65.73 63.86 -45.50
C TYR H 313 65.04 62.77 -44.72
N GLN H 314 65.79 62.05 -43.90
CA GLN H 314 65.20 61.09 -42.98
C GLN H 314 64.71 61.84 -41.76
N THR H 315 63.45 61.63 -41.43
CA THR H 315 62.78 62.54 -40.52
C THR H 315 62.34 61.82 -39.26
N SER H 316 61.96 60.56 -39.38
CA SER H 316 61.53 59.79 -38.21
C SER H 316 61.42 58.30 -38.53
N ASN H 317 60.52 57.62 -37.83
CA ASN H 317 60.33 56.19 -38.05
C ASN H 317 58.89 55.76 -37.89
N PHE H 318 58.54 54.68 -38.58
CA PHE H 318 57.19 54.15 -38.52
C PHE H 318 57.24 52.78 -37.85
N ARG H 319 56.53 52.63 -36.74
CA ARG H 319 56.51 51.37 -36.01
C ARG H 319 55.09 50.94 -35.68
N VAL H 320 54.63 49.89 -36.34
CA VAL H 320 53.29 49.38 -36.09
C VAL H 320 53.10 49.21 -34.60
N GLN H 321 51.85 49.29 -34.14
CA GLN H 321 51.57 49.16 -32.71
C GLN H 321 50.69 47.95 -32.40
N PRO H 322 51.11 47.16 -31.42
CA PRO H 322 50.35 45.96 -31.02
C PRO H 322 49.53 46.22 -29.75
N THR H 323 48.48 45.44 -29.55
CA THR H 323 47.63 45.60 -28.36
C THR H 323 47.34 44.27 -27.68
N GLU H 324 46.79 44.35 -26.47
CA GLU H 324 46.43 43.16 -25.70
C GLU H 324 47.64 42.29 -25.35
N SER H 325 47.58 41.65 -24.19
CA SER H 325 48.64 40.78 -23.72
C SER H 325 48.18 39.34 -23.60
N ILE H 326 48.07 38.66 -24.73
CA ILE H 326 47.62 37.27 -24.74
C ILE H 326 48.63 36.36 -24.04
N VAL H 327 48.14 35.57 -23.09
CA VAL H 327 49.00 34.66 -22.34
C VAL H 327 48.85 33.22 -22.81
N ARG H 328 49.83 32.39 -22.45
CA ARG H 328 49.82 30.98 -22.82
C ARG H 328 50.59 30.16 -21.79
N PHE H 329 50.20 28.90 -21.60
CA PHE H 329 50.86 28.04 -20.63
C PHE H 329 50.56 26.57 -20.90
N PRO H 330 50.71 25.74 -19.87
CA PRO H 330 50.44 24.30 -20.03
C PRO H 330 49.05 23.92 -19.57
N ASN H 331 48.35 23.07 -20.34
CA ASN H 331 47.01 22.65 -19.97
C ASN H 331 46.86 22.40 -18.47
N ILE H 332 45.87 23.04 -17.87
CA ILE H 332 45.62 22.89 -16.44
C ILE H 332 45.63 21.42 -16.03
N THR H 333 46.81 20.93 -15.64
CA THR H 333 46.95 19.54 -15.22
C THR H 333 46.53 19.36 -13.77
N ASN H 334 46.87 18.20 -13.20
CA ASN H 334 46.52 17.90 -11.82
C ASN H 334 46.77 19.08 -10.88
N LEU H 335 45.76 19.93 -10.72
CA LEU H 335 45.87 21.10 -9.86
C LEU H 335 45.83 20.69 -8.38
N CYS H 336 46.72 19.79 -7.99
CA CYS H 336 46.79 19.32 -6.62
C CYS H 336 45.66 18.34 -6.31
N PRO H 337 45.98 17.25 -5.63
CA PRO H 337 44.97 16.24 -5.29
C PRO H 337 44.40 16.46 -3.88
N PHE H 338 43.46 17.39 -3.74
CA PHE H 338 42.87 17.64 -2.43
C PHE H 338 41.80 16.60 -2.10
N GLY H 339 41.33 15.89 -3.13
CA GLY H 339 40.32 14.87 -2.95
C GLY H 339 40.37 14.25 -1.57
N GLU H 340 41.24 13.27 -1.38
CA GLU H 340 41.35 12.63 -0.08
C GLU H 340 41.51 13.68 1.00
N VAL H 341 42.70 14.30 1.02
CA VAL H 341 43.07 15.33 1.98
C VAL H 341 41.93 16.15 2.54
N PHE H 342 40.80 16.21 1.85
CA PHE H 342 39.67 16.96 2.38
C PHE H 342 38.40 16.15 2.54
N ASN H 343 37.90 15.62 1.42
CA ASN H 343 36.68 14.83 1.43
C ASN H 343 36.89 13.37 1.84
N ALA H 344 37.68 13.14 2.87
CA ALA H 344 37.93 11.78 3.33
C ALA H 344 36.71 11.22 4.05
N THR H 345 36.58 9.89 4.02
CA THR H 345 35.49 9.23 4.71
C THR H 345 35.79 9.02 6.19
N ARG H 346 37.06 8.94 6.57
CA ARG H 346 37.46 8.74 7.95
C ARG H 346 38.72 9.54 8.21
N PHE H 347 38.62 10.50 9.14
CA PHE H 347 39.76 11.33 9.49
C PHE H 347 40.76 10.58 10.35
N ALA H 348 41.69 11.32 10.95
CA ALA H 348 42.70 10.72 11.82
C ALA H 348 42.62 11.28 13.22
N SER H 349 43.03 10.47 14.21
CA SER H 349 43.00 10.88 15.61
C SER H 349 43.71 12.21 15.80
N VAL H 350 43.64 12.73 17.02
CA VAL H 350 44.29 14.01 17.34
C VAL H 350 45.69 13.79 17.89
N TYR H 351 45.92 12.61 18.46
CA TYR H 351 47.21 12.28 19.03
C TYR H 351 48.14 11.60 18.03
N ALA H 352 47.62 11.09 16.93
CA ALA H 352 48.43 10.65 15.80
C ALA H 352 47.84 11.28 14.55
N TRP H 353 48.15 12.53 14.31
CA TRP H 353 47.56 13.25 13.20
C TRP H 353 48.14 12.69 11.91
N ASN H 354 47.51 13.02 10.80
CA ASN H 354 48.14 12.52 9.59
C ASN H 354 49.12 13.55 9.06
N ARG H 355 49.79 13.22 7.97
CA ARG H 355 50.73 14.17 7.39
C ARG H 355 50.88 13.85 5.91
N LYS H 356 50.19 14.61 5.07
CA LYS H 356 50.28 14.45 3.62
C LYS H 356 51.21 15.53 3.10
N ARG H 357 52.13 15.16 2.21
CA ARG H 357 53.07 16.14 1.70
C ARG H 357 52.68 16.47 0.27
N ILE H 358 51.78 17.44 0.13
CA ILE H 358 51.45 17.93 -1.19
C ILE H 358 52.72 18.38 -1.88
N SER H 359 52.78 18.20 -3.19
CA SER H 359 54.02 18.40 -3.93
C SER H 359 53.68 19.11 -5.23
N ASN H 360 54.63 19.11 -6.17
CA ASN H 360 54.51 19.80 -7.44
C ASN H 360 53.16 19.58 -8.10
N CYS H 361 52.41 20.66 -8.29
CA CYS H 361 51.00 20.61 -8.68
C CYS H 361 50.57 22.04 -8.99
N VAL H 362 49.27 22.19 -9.24
CA VAL H 362 48.64 23.48 -9.47
C VAL H 362 47.61 23.61 -8.35
N ALA H 363 47.92 24.39 -7.32
CA ALA H 363 47.05 24.53 -6.17
C ALA H 363 46.17 25.76 -6.32
N ASP H 364 44.88 25.57 -6.10
CA ASP H 364 43.89 26.64 -6.24
C ASP H 364 43.22 26.87 -4.89
N TYR H 365 43.85 27.70 -4.07
CA TYR H 365 43.29 27.98 -2.76
C TYR H 365 42.03 28.82 -2.83
N SER H 366 41.56 29.19 -4.01
CA SER H 366 40.33 29.95 -4.09
C SER H 366 39.12 29.05 -3.85
N VAL H 367 39.12 27.84 -4.42
CA VAL H 367 38.03 26.90 -4.19
C VAL H 367 37.93 26.60 -2.70
N LEU H 368 39.04 26.67 -1.99
CA LEU H 368 38.98 26.57 -0.55
C LEU H 368 38.43 27.85 0.06
N TYR H 369 39.04 28.97 -0.25
CA TYR H 369 38.77 30.21 0.48
C TYR H 369 37.32 30.61 0.38
N ASN H 370 36.67 30.37 -0.75
CA ASN H 370 35.32 30.86 -0.95
C ASN H 370 34.27 29.79 -0.76
N SER H 371 34.64 28.62 -0.26
CA SER H 371 33.68 27.53 -0.22
C SER H 371 32.60 27.74 0.82
N ALA H 372 32.80 28.66 1.75
CA ALA H 372 31.78 29.06 2.72
C ALA H 372 31.29 27.91 3.57
N SER H 373 31.84 26.72 3.39
CA SER H 373 31.50 25.58 4.20
C SER H 373 32.40 25.45 5.42
N PHE H 374 33.43 26.27 5.52
CA PHE H 374 34.41 26.20 6.59
C PHE H 374 34.01 27.15 7.68
N SER H 375 33.99 26.66 8.90
CA SER H 375 33.68 27.51 10.03
C SER H 375 34.87 28.33 10.48
N THR H 376 36.08 27.94 10.12
CA THR H 376 37.25 28.70 10.54
C THR H 376 38.28 28.63 9.44
N PHE H 377 38.74 29.77 8.95
CA PHE H 377 39.77 29.81 7.92
C PHE H 377 40.72 30.95 8.27
N LYS H 378 41.74 30.67 9.05
CA LYS H 378 42.69 31.70 9.45
C LYS H 378 43.98 31.49 8.71
N CYS H 379 44.58 32.57 8.22
CA CYS H 379 45.88 32.49 7.58
C CYS H 379 46.84 33.38 8.35
N TYR H 380 48.05 32.88 8.60
CA TYR H 380 48.97 33.56 9.49
C TYR H 380 50.16 34.17 8.80
N GLY H 381 50.95 33.39 8.11
CA GLY H 381 52.10 33.96 7.45
C GLY H 381 51.67 34.88 6.34
N VAL H 382 50.50 34.63 5.76
CA VAL H 382 50.10 35.25 4.50
C VAL H 382 48.58 35.31 4.41
N SER H 383 48.05 36.49 4.15
CA SER H 383 46.61 36.67 4.03
C SER H 383 46.05 35.80 2.90
N PRO H 384 44.79 35.38 2.98
CA PRO H 384 44.32 34.30 2.12
C PRO H 384 44.25 34.63 0.65
N THR H 385 43.88 35.85 0.27
CA THR H 385 43.61 36.12 -1.14
C THR H 385 44.88 36.10 -1.99
N LYS H 386 46.05 36.24 -1.38
CA LYS H 386 47.31 36.25 -2.10
C LYS H 386 47.95 34.88 -2.17
N LEU H 387 47.21 33.81 -1.86
CA LEU H 387 47.79 32.48 -1.96
C LEU H 387 47.88 32.01 -3.40
N ASN H 388 46.88 32.37 -4.21
CA ASN H 388 46.86 31.97 -5.61
C ASN H 388 47.73 32.88 -6.47
N ASP H 389 48.81 33.38 -5.88
CA ASP H 389 49.73 34.26 -6.59
C ASP H 389 51.16 34.09 -6.09
N LEU H 390 51.39 33.03 -5.32
CA LEU H 390 52.71 32.76 -4.76
C LEU H 390 53.12 31.31 -5.01
N CYS H 391 54.41 31.04 -4.87
CA CYS H 391 54.95 29.70 -5.09
C CYS H 391 55.94 29.32 -3.99
N PHE H 392 55.84 28.08 -3.52
CA PHE H 392 56.71 27.59 -2.47
C PHE H 392 57.44 26.32 -2.91
N THR H 393 58.05 25.63 -1.96
CA THR H 393 58.77 24.40 -2.24
C THR H 393 57.93 23.17 -1.88
N ASN H 394 57.28 23.22 -0.72
CA ASN H 394 56.45 22.12 -0.27
C ASN H 394 55.26 22.69 0.48
N VAL H 395 54.14 22.00 0.40
CA VAL H 395 52.99 22.25 1.24
C VAL H 395 52.73 20.98 2.00
N TYR H 396 52.57 21.08 3.29
CA TYR H 396 52.19 19.93 4.06
C TYR H 396 50.76 20.12 4.51
N ALA H 397 50.01 19.05 4.63
CA ALA H 397 48.65 19.12 5.12
C ALA H 397 48.49 18.13 6.25
N ASP H 398 48.17 18.61 7.44
CA ASP H 398 47.93 17.75 8.58
C ASP H 398 46.45 17.68 8.87
N SER H 399 45.97 16.52 9.29
CA SER H 399 44.54 16.29 9.43
C SER H 399 44.24 15.63 10.76
N PHE H 400 43.18 16.07 11.43
CA PHE H 400 42.75 15.39 12.64
C PHE H 400 41.36 15.86 13.04
N VAL H 401 40.90 15.40 14.20
CA VAL H 401 39.56 15.66 14.70
C VAL H 401 39.64 16.02 16.18
N ILE H 402 39.02 17.13 16.56
CA ILE H 402 39.04 17.58 17.95
C ILE H 402 37.65 18.00 18.37
N ARG H 403 37.54 18.55 19.57
CA ARG H 403 36.27 19.02 20.09
C ARG H 403 35.99 20.35 19.39
N GLY H 404 34.85 20.96 19.67
CA GLY H 404 34.49 22.20 19.02
C GLY H 404 35.22 23.39 19.59
N ASP H 405 35.45 23.40 20.89
CA ASP H 405 36.05 24.56 21.50
C ASP H 405 37.54 24.41 21.73
N GLU H 406 38.12 23.45 21.04
CA GLU H 406 39.55 23.22 21.10
C GLU H 406 40.19 23.74 19.81
N VAL H 407 39.40 24.39 18.95
CA VAL H 407 39.98 24.88 17.71
C VAL H 407 40.75 26.16 17.96
N ARG H 408 40.66 26.72 19.14
CA ARG H 408 41.43 27.92 19.42
C ARG H 408 42.80 27.61 19.96
N GLN H 409 43.14 26.35 20.14
CA GLN H 409 44.51 26.00 20.49
C GLN H 409 45.33 25.61 19.29
N ILE H 410 44.74 25.56 18.11
CA ILE H 410 45.49 25.32 16.88
C ILE H 410 45.85 26.69 16.32
N ALA H 411 46.92 27.24 16.85
CA ALA H 411 47.35 28.59 16.51
C ALA H 411 48.75 28.76 17.09
N PRO H 412 49.57 29.65 16.55
CA PRO H 412 50.93 29.78 17.08
C PRO H 412 50.90 30.44 18.45
N GLY H 413 51.56 29.81 19.41
CA GLY H 413 51.60 30.35 20.76
C GLY H 413 50.34 30.18 21.56
N GLN H 414 49.93 28.94 21.84
CA GLN H 414 48.83 28.64 22.74
C GLN H 414 49.24 27.57 23.72
N THR H 415 48.37 27.31 24.69
CA THR H 415 48.58 26.26 25.67
C THR H 415 47.26 25.54 25.91
N GLY H 416 47.35 24.39 26.53
CA GLY H 416 46.21 23.51 26.70
C GLY H 416 46.56 22.08 26.31
N LYS H 417 45.71 21.17 26.77
CA LYS H 417 45.88 19.74 26.56
C LYS H 417 46.17 19.33 25.11
N ILE H 418 45.69 20.13 24.17
CA ILE H 418 45.90 19.80 22.77
C ILE H 418 47.23 20.36 22.29
N ALA H 419 47.45 21.65 22.49
CA ALA H 419 48.68 22.25 21.97
C ALA H 419 49.89 21.87 22.81
N ASP H 420 49.68 21.50 24.07
CA ASP H 420 50.83 21.11 24.88
C ASP H 420 51.39 19.79 24.40
N TYR H 421 50.63 18.72 24.52
CA TYR H 421 51.07 17.46 23.98
C TYR H 421 49.95 16.77 23.21
N ASN H 422 49.60 17.31 22.05
CA ASN H 422 49.05 16.49 20.98
C ASN H 422 49.56 16.98 19.64
N TYR H 423 49.59 18.29 19.46
CA TYR H 423 49.92 18.89 18.16
C TYR H 423 50.35 20.33 18.40
N LYS H 424 51.61 20.64 18.21
CA LYS H 424 52.16 21.95 18.50
C LYS H 424 52.62 22.60 17.22
N LEU H 425 52.20 23.84 17.00
CA LEU H 425 52.49 24.73 15.88
C LEU H 425 53.64 25.67 16.21
N PRO H 426 54.66 25.81 15.36
CA PRO H 426 55.78 26.65 15.72
C PRO H 426 55.35 28.09 15.88
N ASP H 427 56.26 28.90 16.40
CA ASP H 427 55.89 30.25 16.76
C ASP H 427 56.00 31.23 15.61
N ASP H 428 56.57 30.83 14.48
CA ASP H 428 56.57 31.62 13.26
C ASP H 428 55.88 30.90 12.13
N PHE H 429 54.71 30.35 12.42
CA PHE H 429 53.95 29.58 11.45
C PHE H 429 53.75 30.38 10.19
N THR H 430 53.55 29.68 9.08
CA THR H 430 53.35 30.36 7.81
C THR H 430 52.06 30.01 7.10
N GLY H 431 51.46 28.88 7.36
CA GLY H 431 50.36 28.40 6.56
C GLY H 431 49.02 28.96 6.95
N CYS H 432 47.99 28.13 6.82
CA CYS H 432 46.64 28.47 7.22
C CYS H 432 45.99 27.30 7.91
N VAL H 433 45.00 27.60 8.74
CA VAL H 433 44.30 26.62 9.55
C VAL H 433 42.84 26.64 9.13
N ILE H 434 42.29 25.48 8.79
CA ILE H 434 40.91 25.38 8.31
C ILE H 434 40.18 24.39 9.18
N ALA H 435 38.93 24.67 9.49
CA ALA H 435 38.19 23.81 10.40
C ALA H 435 36.71 23.88 10.12
N TRP H 436 36.03 22.75 10.18
CA TRP H 436 34.59 22.75 9.96
C TRP H 436 33.92 21.69 10.81
N ASN H 437 32.67 21.96 11.17
CA ASN H 437 31.93 21.05 12.04
C ASN H 437 31.58 19.79 11.29
N SER H 438 31.61 18.67 12.00
CA SER H 438 31.32 17.39 11.40
C SER H 438 30.50 16.54 12.34
N ASN H 439 29.44 17.10 12.91
CA ASN H 439 28.68 16.34 13.90
C ASN H 439 28.03 15.12 13.31
N ASN H 440 27.54 15.20 12.08
CA ASN H 440 26.75 14.11 11.54
C ASN H 440 27.58 12.93 11.10
N LEU H 441 28.86 13.15 10.83
CA LEU H 441 29.73 12.08 10.35
C LEU H 441 30.42 11.32 11.46
N ASP H 442 30.85 12.01 12.52
CA ASP H 442 31.75 11.42 13.48
C ASP H 442 31.09 11.07 14.80
N SER H 443 29.91 11.60 15.07
CA SER H 443 29.25 11.34 16.33
C SER H 443 28.14 10.34 16.13
N LYS H 444 28.09 9.33 16.99
CA LYS H 444 27.11 8.27 16.82
C LYS H 444 26.45 7.98 18.15
N VAL H 445 25.15 7.64 18.07
CA VAL H 445 24.36 7.40 19.28
C VAL H 445 25.02 6.31 20.10
N GLY H 446 25.04 6.51 21.41
CA GLY H 446 25.76 5.63 22.30
C GLY H 446 27.19 6.03 22.53
N GLY H 447 27.70 6.97 21.74
CA GLY H 447 29.04 7.45 21.97
C GLY H 447 30.06 6.84 21.05
N ASN H 448 30.76 7.67 20.31
CA ASN H 448 31.82 7.22 19.41
C ASN H 448 33.13 7.26 20.19
N TYR H 449 33.56 6.11 20.70
CA TYR H 449 34.75 6.03 21.52
C TYR H 449 35.99 5.68 20.73
N ASN H 450 36.05 6.04 19.46
CA ASN H 450 37.22 5.73 18.66
C ASN H 450 38.12 6.91 18.44
N TYR H 451 37.81 8.07 19.01
CA TYR H 451 38.58 9.28 18.82
C TYR H 451 39.25 9.63 20.15
N LEU H 452 40.53 9.33 20.26
CA LEU H 452 41.26 9.50 21.50
C LEU H 452 42.14 10.72 21.44
N TYR H 453 42.65 11.10 22.60
CA TYR H 453 43.64 12.16 22.70
C TYR H 453 44.53 11.85 23.89
N ARG H 454 45.74 12.41 23.86
CA ARG H 454 46.69 12.21 24.93
C ARG H 454 46.50 13.28 25.96
N LEU H 455 46.47 12.90 27.23
CA LEU H 455 46.24 13.87 28.29
C LEU H 455 47.34 13.91 29.33
N PHE H 456 48.38 13.11 29.19
CA PHE H 456 49.52 13.16 30.09
C PHE H 456 50.80 12.99 29.30
N ARG H 457 51.77 13.87 29.51
CA ARG H 457 53.08 13.67 28.91
C ARG H 457 54.14 14.29 29.80
N LYS H 458 55.36 13.78 29.68
CA LYS H 458 56.46 14.32 30.47
C LYS H 458 56.75 15.77 30.15
N SER H 459 56.76 16.13 28.86
CA SER H 459 57.16 17.47 28.47
C SER H 459 56.43 17.85 27.19
N ASN H 460 56.13 19.13 27.08
CA ASN H 460 55.41 19.63 25.93
C ASN H 460 56.16 19.32 24.64
N LEU H 461 55.41 19.21 23.56
CA LEU H 461 55.98 18.78 22.29
C LEU H 461 56.82 19.88 21.68
N LYS H 462 57.83 19.47 20.92
CA LYS H 462 58.44 20.41 20.01
C LYS H 462 57.49 20.64 18.85
N PRO H 463 57.58 21.77 18.17
CA PRO H 463 56.65 22.03 17.07
C PRO H 463 56.73 20.95 16.01
N PHE H 464 55.57 20.45 15.59
CA PHE H 464 55.44 19.46 14.54
C PHE H 464 56.02 18.11 14.95
N GLU H 465 56.14 17.88 16.24
CA GLU H 465 56.61 16.61 16.76
C GLU H 465 55.41 15.72 17.06
N ARG H 466 55.63 14.41 17.02
CA ARG H 466 54.55 13.44 17.07
C ARG H 466 54.93 12.29 17.99
N ASP H 467 53.96 11.79 18.75
CA ASP H 467 54.23 10.85 19.83
C ASP H 467 53.09 9.86 19.95
N ILE H 468 53.27 8.65 19.45
CA ILE H 468 52.22 7.64 19.44
C ILE H 468 52.50 6.54 20.46
N SER H 469 53.41 6.76 21.39
CA SER H 469 53.70 5.72 22.37
C SER H 469 52.52 5.56 23.33
N THR H 470 52.57 4.50 24.12
CA THR H 470 51.52 4.25 25.11
C THR H 470 52.06 3.84 26.46
N GLU H 471 53.38 3.91 26.64
CA GLU H 471 53.98 3.53 27.90
C GLU H 471 53.27 4.23 29.05
N ILE H 472 52.90 3.46 30.07
CA ILE H 472 52.18 4.01 31.23
C ILE H 472 52.81 5.31 31.73
N TYR H 473 52.06 6.06 32.51
CA TYR H 473 52.53 7.32 33.07
C TYR H 473 53.34 7.09 34.34
N GLN H 474 53.37 8.10 35.20
CA GLN H 474 54.12 8.00 36.44
C GLN H 474 53.74 9.11 37.41
N ALA H 475 53.01 8.77 38.45
CA ALA H 475 52.61 9.74 39.46
C ALA H 475 53.76 9.96 40.42
N GLY H 476 53.43 10.23 41.69
CA GLY H 476 54.45 10.45 42.70
C GLY H 476 55.53 9.41 42.62
N SER H 477 56.69 9.70 43.23
CA SER H 477 57.81 8.77 43.21
C SER H 477 57.36 7.36 43.52
N THR H 478 57.53 6.45 42.55
CA THR H 478 57.13 5.07 42.73
C THR H 478 57.36 4.24 41.46
N PRO H 479 57.55 2.87 41.67
CA PRO H 479 57.76 2.11 40.44
C PRO H 479 56.51 2.10 39.55
N CYS H 480 55.63 1.14 39.79
CA CYS H 480 54.39 1.00 39.02
C CYS H 480 54.60 0.22 37.72
N ASN H 481 55.45 -0.79 37.78
CA ASN H 481 55.74 -1.62 36.61
C ASN H 481 54.48 -1.98 35.83
N GLY H 482 54.17 -1.20 34.81
CA GLY H 482 53.01 -1.43 33.97
C GLY H 482 51.79 -1.92 34.71
N VAL H 483 51.02 -0.99 35.26
CA VAL H 483 49.81 -1.32 35.99
C VAL H 483 49.22 -0.10 36.67
N GLU H 484 47.95 0.20 36.37
CA GLU H 484 47.30 1.36 36.96
C GLU H 484 47.38 1.26 38.47
N GLY H 485 46.74 2.21 39.15
CA GLY H 485 46.74 2.23 40.61
C GLY H 485 47.04 3.60 41.15
N PHE H 486 47.17 3.69 42.47
CA PHE H 486 47.45 4.96 43.13
C PHE H 486 48.51 5.77 42.41
N ASN H 487 48.12 6.95 41.92
CA ASN H 487 49.05 7.84 41.22
C ASN H 487 49.76 7.12 40.07
N CYS H 488 49.02 6.87 39.00
CA CYS H 488 49.57 6.20 37.83
C CYS H 488 48.40 5.70 36.99
N TYR H 489 48.50 5.88 35.68
CA TYR H 489 47.40 5.43 34.82
C TYR H 489 47.67 5.70 33.34
N PHE H 490 46.95 4.98 32.49
CA PHE H 490 47.06 5.11 31.04
C PHE H 490 47.16 6.57 30.65
N PRO H 491 47.73 6.84 29.49
CA PRO H 491 47.86 8.23 29.02
C PRO H 491 46.87 8.66 27.96
N LEU H 492 45.93 7.83 27.53
CA LEU H 492 45.02 8.20 26.45
C LEU H 492 43.59 8.17 26.94
N GLN H 493 42.82 9.18 26.56
CA GLN H 493 41.42 9.21 26.91
C GLN H 493 40.67 9.22 25.58
N SER H 494 39.35 9.13 25.64
CA SER H 494 38.56 9.13 24.42
C SER H 494 37.39 10.08 24.55
N TYR H 495 37.23 10.96 23.58
CA TYR H 495 36.02 11.73 23.43
C TYR H 495 34.88 10.75 23.25
N GLY H 496 33.88 10.80 24.10
CA GLY H 496 32.71 10.03 23.74
C GLY H 496 31.74 10.92 23.05
N PHE H 497 31.78 10.98 21.73
CA PHE H 497 30.95 11.94 21.01
C PHE H 497 29.55 11.38 20.90
N GLN H 498 28.56 12.26 21.09
CA GLN H 498 27.16 11.87 21.00
C GLN H 498 26.49 12.90 20.12
N PRO H 499 25.41 12.53 19.43
CA PRO H 499 24.78 13.51 18.56
C PRO H 499 24.01 14.57 19.29
N THR H 500 23.57 14.30 20.52
CA THR H 500 22.88 15.32 21.31
C THR H 500 23.83 16.06 22.23
N ASN H 501 24.92 16.58 21.66
CA ASN H 501 25.89 17.33 22.45
C ASN H 501 25.94 18.81 22.05
N GLY H 502 25.80 19.70 23.03
CA GLY H 502 25.85 21.11 22.71
C GLY H 502 27.05 21.44 21.86
N VAL H 503 26.91 22.48 21.05
CA VAL H 503 28.03 22.92 20.23
C VAL H 503 29.19 23.24 21.16
N GLY H 504 30.40 23.06 20.66
CA GLY H 504 31.55 23.11 21.52
C GLY H 504 31.83 21.81 22.21
N TYR H 505 31.06 20.80 21.87
CA TYR H 505 31.30 19.46 22.36
C TYR H 505 31.16 18.50 21.18
N GLN H 506 30.77 19.03 20.02
CA GLN H 506 30.61 18.21 18.84
C GLN H 506 31.91 18.18 18.07
N PRO H 507 32.15 17.12 17.30
CA PRO H 507 33.46 16.97 16.67
C PRO H 507 33.66 17.94 15.53
N TYR H 508 34.86 18.50 15.48
CA TYR H 508 35.24 19.40 14.40
C TYR H 508 36.40 18.73 13.69
N ARG H 509 36.42 18.79 12.37
CA ARG H 509 37.56 18.29 11.62
C ARG H 509 38.44 19.45 11.24
N VAL H 510 39.75 19.25 11.36
CA VAL H 510 40.73 20.31 11.19
C VAL H 510 41.78 19.87 10.19
N VAL H 511 42.19 20.81 9.33
CA VAL H 511 43.27 20.62 8.37
C VAL H 511 44.19 21.82 8.50
N VAL H 512 45.48 21.57 8.69
CA VAL H 512 46.46 22.62 8.87
C VAL H 512 47.38 22.57 7.68
N LEU H 513 47.34 23.58 6.82
CA LEU H 513 48.24 23.67 5.70
C LEU H 513 49.46 24.47 6.10
N SER H 514 50.64 23.92 5.83
CA SER H 514 51.87 24.57 6.22
C SER H 514 52.75 24.69 5.00
N PHE H 515 52.94 25.91 4.50
CA PHE H 515 53.77 26.13 3.35
C PHE H 515 55.19 26.30 3.82
N GLU H 516 56.11 25.53 3.27
CA GLU H 516 57.50 25.66 3.65
C GLU H 516 58.35 25.98 2.43
N LEU H 517 59.48 26.66 2.68
CA LEU H 517 60.39 27.03 1.61
C LEU H 517 61.83 26.69 1.98
N LEU H 518 62.34 25.61 1.40
CA LEU H 518 63.71 25.17 1.66
C LEU H 518 64.71 25.88 0.76
N HIS H 519 65.87 25.27 0.57
CA HIS H 519 66.92 25.85 -0.27
C HIS H 519 67.16 24.99 -1.50
N ALA H 520 66.10 24.38 -2.02
CA ALA H 520 66.19 23.54 -3.21
C ALA H 520 66.05 24.35 -4.49
N PRO H 521 65.67 23.71 -5.57
CA PRO H 521 65.51 24.42 -6.84
C PRO H 521 64.07 24.87 -7.07
N ALA H 522 63.30 24.03 -7.75
CA ALA H 522 61.91 24.31 -8.06
C ALA H 522 60.98 23.26 -7.45
N THR H 523 59.70 23.57 -7.39
CA THR H 523 58.71 22.66 -6.83
C THR H 523 57.31 22.96 -7.34
N VAL H 524 56.59 23.80 -6.60
CA VAL H 524 55.23 24.18 -6.98
C VAL H 524 55.10 25.69 -7.18
N CYS H 525 53.87 26.14 -7.37
CA CYS H 525 53.59 27.56 -7.57
C CYS H 525 52.17 27.78 -8.07
N GLY H 526 51.64 28.98 -7.85
CA GLY H 526 50.30 29.32 -8.28
C GLY H 526 50.02 28.89 -9.70
N PRO H 527 48.76 28.94 -10.12
CA PRO H 527 48.40 28.56 -11.49
C PRO H 527 48.33 29.75 -12.43
N LYS H 528 49.30 29.88 -13.34
CA LYS H 528 49.30 30.99 -14.28
C LYS H 528 48.05 31.05 -15.15
N LYS H 529 47.71 32.24 -15.61
CA LYS H 529 46.54 32.44 -16.46
C LYS H 529 46.96 32.53 -17.93
N SER H 530 45.97 32.56 -18.82
CA SER H 530 46.23 32.65 -20.25
C SER H 530 45.05 33.22 -21.01
N THR H 531 45.11 33.14 -22.33
CA THR H 531 44.05 33.65 -23.19
C THR H 531 44.01 32.88 -24.51
N ASN H 532 43.59 33.55 -25.57
CA ASN H 532 43.51 32.91 -26.88
C ASN H 532 44.37 33.64 -27.92
N LEU H 533 45.59 33.16 -28.10
CA LEU H 533 46.51 33.77 -29.06
C LEU H 533 45.82 34.05 -30.39
N VAL H 534 46.30 35.07 -31.09
CA VAL H 534 45.73 35.45 -32.38
C VAL H 534 46.72 35.22 -33.51
N LYS H 535 46.44 35.81 -34.67
CA LYS H 535 47.30 35.67 -35.84
C LYS H 535 47.07 36.79 -36.84
N ASN H 536 48.14 37.22 -37.50
CA ASN H 536 48.05 38.28 -38.49
C ASN H 536 47.79 39.64 -37.86
N LYS H 537 48.43 39.88 -36.72
CA LYS H 537 48.28 41.15 -36.01
C LYS H 537 49.44 41.39 -35.04
N CYS H 538 50.11 42.52 -35.19
CA CYS H 538 51.23 42.86 -34.34
C CYS H 538 50.62 42.65 -32.96
N VAL H 539 51.31 41.91 -32.10
CA VAL H 539 50.76 41.60 -30.80
C VAL H 539 51.92 41.53 -29.81
N ASN H 540 51.57 41.62 -28.53
CA ASN H 540 52.53 41.51 -27.45
C ASN H 540 52.24 40.17 -26.77
N PHE H 541 53.17 39.24 -26.89
CA PHE H 541 52.89 37.86 -26.50
C PHE H 541 53.82 37.37 -25.39
N ASN H 542 53.33 36.35 -24.68
CA ASN H 542 54.12 35.64 -23.67
C ASN H 542 53.74 34.17 -23.79
N PHE H 543 54.72 33.34 -24.14
CA PHE H 543 54.56 31.88 -24.27
C PHE H 543 55.35 31.22 -23.16
N ASN H 544 54.67 30.92 -22.05
CA ASN H 544 55.23 30.33 -20.84
C ASN H 544 56.66 30.78 -20.54
N GLY H 545 56.89 32.08 -20.59
CA GLY H 545 58.21 32.60 -20.29
C GLY H 545 58.79 33.43 -21.39
N LEU H 546 58.60 33.01 -22.65
CA LEU H 546 59.08 33.75 -23.81
C LEU H 546 58.26 35.02 -23.96
N THR H 547 58.87 36.17 -23.72
CA THR H 547 58.20 37.46 -23.87
C THR H 547 58.65 38.08 -25.17
N GLY H 548 57.69 38.51 -26.00
CA GLY H 548 58.07 39.17 -27.24
C GLY H 548 56.98 39.99 -27.90
N THR H 549 57.25 40.48 -29.10
CA THR H 549 56.31 41.26 -29.88
C THR H 549 56.40 40.83 -31.33
N GLY H 550 55.27 40.84 -32.01
CA GLY H 550 55.29 40.55 -33.44
C GLY H 550 53.98 39.96 -33.90
N VAL H 551 53.97 39.65 -35.18
CA VAL H 551 52.89 38.95 -35.86
C VAL H 551 53.13 37.45 -35.74
N LEU H 552 52.07 36.72 -35.41
CA LEU H 552 52.10 35.26 -35.28
C LEU H 552 51.44 34.66 -36.50
N THR H 553 52.03 33.60 -37.03
CA THR H 553 51.50 33.00 -38.25
C THR H 553 51.61 31.47 -38.18
N GLU H 554 50.69 30.79 -38.86
CA GLU H 554 50.70 29.34 -38.91
C GLU H 554 52.02 28.93 -39.54
N SER H 555 52.63 27.86 -39.02
CA SER H 555 53.90 27.42 -39.54
C SER H 555 53.73 26.18 -40.41
N ASN H 556 54.85 25.75 -40.99
CA ASN H 556 54.92 24.46 -41.67
C ASN H 556 56.23 23.75 -41.39
N LYS H 557 56.96 24.16 -40.35
CA LYS H 557 58.11 23.44 -39.84
C LYS H 557 57.68 22.39 -38.83
N LYS H 558 58.59 21.48 -38.51
CA LYS H 558 58.31 20.37 -37.62
C LYS H 558 59.42 20.26 -36.59
N PHE H 559 59.15 20.69 -35.37
CA PHE H 559 60.09 20.56 -34.27
C PHE H 559 60.29 19.09 -33.92
N LEU H 560 61.23 18.81 -33.04
CA LEU H 560 61.22 17.48 -32.43
C LEU H 560 60.35 17.51 -31.19
N PRO H 561 59.71 16.42 -30.81
CA PRO H 561 58.65 16.53 -29.81
C PRO H 561 59.18 16.72 -28.39
N PHE H 562 60.20 17.53 -28.25
CA PHE H 562 60.57 18.06 -26.96
C PHE H 562 61.08 19.49 -27.07
N GLN H 563 61.07 20.09 -28.26
CA GLN H 563 61.60 21.41 -28.49
C GLN H 563 60.46 22.42 -28.45
N GLN H 564 60.67 23.52 -27.74
CA GLN H 564 59.66 24.54 -27.51
C GLN H 564 59.67 25.63 -28.56
N PHE H 565 60.81 26.28 -28.76
CA PHE H 565 60.89 27.38 -29.71
C PHE H 565 62.13 27.21 -30.59
N GLY H 566 62.10 27.87 -31.75
CA GLY H 566 63.18 27.83 -32.69
C GLY H 566 63.89 29.16 -32.80
N ARG H 567 65.16 29.09 -33.15
CA ARG H 567 66.00 30.27 -33.24
C ARG H 567 66.61 30.35 -34.61
N ASP H 568 67.00 31.56 -34.99
CA ASP H 568 67.66 31.81 -36.26
C ASP H 568 69.17 31.83 -36.07
N ILE H 569 69.89 31.94 -37.18
CA ILE H 569 71.31 32.29 -37.14
C ILE H 569 71.35 33.76 -36.75
N ALA H 570 72.30 34.10 -35.88
CA ALA H 570 72.35 35.37 -35.15
C ALA H 570 71.42 35.35 -33.96
N ASP H 571 70.81 34.20 -33.68
CA ASP H 571 70.18 33.90 -32.40
C ASP H 571 69.01 34.80 -32.04
N THR H 572 67.95 34.80 -32.84
CA THR H 572 66.71 35.47 -32.48
C THR H 572 65.57 34.47 -32.57
N THR H 573 64.68 34.50 -31.60
CA THR H 573 63.51 33.62 -31.59
C THR H 573 62.64 33.88 -32.80
N ASP H 574 62.37 32.85 -33.59
CA ASP H 574 61.55 33.04 -34.77
C ASP H 574 60.41 32.05 -34.90
N ALA H 575 60.34 31.05 -34.05
CA ALA H 575 59.20 30.15 -34.01
C ALA H 575 58.93 29.77 -32.57
N VAL H 576 57.67 29.45 -32.26
CA VAL H 576 57.29 28.93 -30.96
C VAL H 576 56.33 27.77 -31.16
N ARG H 577 56.07 27.06 -30.08
CA ARG H 577 55.07 26.02 -30.03
C ARG H 577 54.05 26.40 -28.98
N ASP H 578 52.76 26.33 -29.33
CA ASP H 578 51.70 26.64 -28.40
C ASP H 578 51.64 25.54 -27.35
N PRO H 579 51.71 25.93 -26.08
CA PRO H 579 51.68 24.93 -25.00
C PRO H 579 50.39 24.14 -24.85
N GLN H 580 49.26 24.69 -25.26
CA GLN H 580 47.99 24.00 -25.12
C GLN H 580 47.67 23.12 -26.33
N THR H 581 47.75 23.67 -27.54
CA THR H 581 47.41 22.91 -28.73
C THR H 581 48.62 22.26 -29.39
N LEU H 582 49.84 22.68 -29.05
CA LEU H 582 51.09 22.08 -29.53
C LEU H 582 51.25 22.22 -31.05
N GLU H 583 51.11 23.43 -31.54
CA GLU H 583 51.34 23.74 -32.95
C GLU H 583 52.38 24.83 -33.08
N ILE H 584 53.15 24.74 -34.15
CA ILE H 584 54.29 25.63 -34.37
C ILE H 584 53.79 26.89 -35.07
N LEU H 585 54.24 28.03 -34.60
CA LEU H 585 53.84 29.34 -35.12
C LEU H 585 55.08 30.18 -35.34
N ASP H 586 55.19 30.78 -36.52
CA ASP H 586 56.29 31.69 -36.79
C ASP H 586 56.02 33.06 -36.22
N ILE H 587 57.09 33.77 -35.87
CA ILE H 587 56.97 35.11 -35.31
C ILE H 587 57.84 36.09 -36.10
N THR H 588 57.28 36.63 -37.17
CA THR H 588 58.00 37.58 -38.01
C THR H 588 57.97 38.98 -37.42
N PRO H 589 59.16 39.70 -37.50
CA PRO H 589 59.10 41.04 -36.91
C PRO H 589 57.96 41.87 -37.50
N CYS H 590 57.29 42.65 -36.64
CA CYS H 590 56.18 43.48 -37.10
C CYS H 590 56.66 44.59 -38.03
N SER H 591 55.75 45.13 -38.82
CA SER H 591 56.08 46.20 -39.75
C SER H 591 56.96 47.27 -39.10
N PHE H 592 57.72 47.98 -39.94
CA PHE H 592 58.61 49.04 -39.47
C PHE H 592 59.58 49.45 -40.56
N GLY H 593 60.11 50.66 -40.44
CA GLY H 593 61.04 51.18 -41.43
C GLY H 593 61.35 52.64 -41.17
N GLY H 594 61.73 53.36 -42.22
CA GLY H 594 62.06 54.76 -42.10
C GLY H 594 61.10 55.62 -42.90
N VAL H 595 60.96 56.88 -42.48
CA VAL H 595 60.07 57.79 -43.19
C VAL H 595 60.91 58.93 -43.74
N SER H 596 60.77 59.20 -45.03
CA SER H 596 61.52 60.26 -45.68
C SER H 596 60.55 61.28 -46.25
N VAL H 597 60.98 62.53 -46.28
CA VAL H 597 60.18 63.63 -46.79
C VAL H 597 60.86 64.23 -48.00
N ILE H 598 60.12 64.33 -49.10
CA ILE H 598 60.60 64.85 -50.38
C ILE H 598 60.00 66.23 -50.54
N THR H 599 60.85 67.23 -50.65
CA THR H 599 60.43 68.61 -50.78
C THR H 599 61.14 69.31 -51.92
N PRO H 600 60.43 70.09 -52.73
CA PRO H 600 61.09 70.91 -53.75
C PRO H 600 61.89 72.08 -53.20
N GLY H 601 61.85 72.34 -51.91
CA GLY H 601 62.53 73.46 -51.29
C GLY H 601 61.50 74.51 -50.90
N THR H 602 61.64 75.04 -49.69
CA THR H 602 60.66 75.97 -49.16
C THR H 602 60.62 77.29 -49.91
N ASN H 603 61.63 77.54 -50.73
CA ASN H 603 61.74 78.72 -51.58
C ASN H 603 61.06 78.50 -52.92
N THR H 604 60.34 77.39 -53.05
CA THR H 604 59.65 77.05 -54.28
C THR H 604 58.20 76.74 -53.98
N SER H 605 57.97 76.06 -52.86
CA SER H 605 56.66 75.55 -52.50
C SER H 605 56.76 74.97 -51.11
N ASN H 606 55.60 74.71 -50.51
CA ASN H 606 55.53 74.05 -49.21
C ASN H 606 54.83 72.71 -49.31
N GLN H 607 54.55 72.24 -50.51
CA GLN H 607 54.05 70.88 -50.68
C GLN H 607 55.15 69.87 -50.40
N VAL H 608 54.73 68.64 -50.15
CA VAL H 608 55.63 67.63 -49.65
C VAL H 608 55.11 66.26 -50.09
N ALA H 609 56.03 65.32 -50.31
CA ALA H 609 55.68 63.93 -50.52
C ALA H 609 56.40 63.08 -49.48
N VAL H 610 55.90 61.89 -49.23
CA VAL H 610 56.38 61.08 -48.11
C VAL H 610 56.64 59.66 -48.58
N LEU H 611 57.82 59.15 -48.26
CA LEU H 611 58.21 57.78 -48.59
C LEU H 611 58.25 56.97 -47.31
N TYR H 612 57.51 55.86 -47.30
CA TYR H 612 57.47 54.95 -46.17
C TYR H 612 58.34 53.74 -46.53
N GLN H 613 59.65 53.89 -46.28
CA GLN H 613 60.64 52.85 -46.57
C GLN H 613 60.14 51.41 -46.54
N ASP H 614 60.35 50.71 -47.66
CA ASP H 614 59.97 49.32 -47.84
C ASP H 614 58.78 48.85 -47.01
N VAL H 615 57.57 49.14 -47.50
CA VAL H 615 56.35 48.76 -46.81
C VAL H 615 55.14 48.81 -47.74
N ASN H 616 54.48 47.68 -47.90
CA ASN H 616 53.31 47.60 -48.78
C ASN H 616 52.31 48.70 -48.49
N CYS H 617 51.95 49.46 -49.53
CA CYS H 617 51.01 50.56 -49.40
C CYS H 617 49.61 50.05 -49.08
N THR H 618 49.49 49.32 -47.97
CA THR H 618 48.20 48.76 -47.55
C THR H 618 48.06 48.82 -46.04
N GLU H 619 49.13 49.20 -45.35
CA GLU H 619 49.11 49.29 -43.89
C GLU H 619 49.84 50.55 -43.42
N VAL H 620 49.89 51.56 -44.27
CA VAL H 620 50.56 52.82 -43.94
C VAL H 620 49.89 53.48 -42.73
N PRO H 621 48.57 53.70 -42.72
CA PRO H 621 48.05 54.37 -41.53
C PRO H 621 47.49 53.39 -40.52
N SER H 640 43.53 60.70 -53.46
CA SER H 640 44.94 61.03 -53.30
C SER H 640 45.83 60.11 -54.13
N ASN H 641 47.13 60.25 -53.95
CA ASN H 641 48.12 59.52 -54.74
C ASN H 641 48.89 58.58 -53.84
N VAL H 642 48.58 57.29 -53.90
CA VAL H 642 49.41 56.27 -53.30
C VAL H 642 50.01 55.44 -54.42
N PHE H 643 51.33 55.31 -54.39
CA PHE H 643 52.08 54.71 -55.46
C PHE H 643 53.08 53.76 -54.84
N GLN H 644 53.14 52.55 -55.35
CA GLN H 644 54.01 51.52 -54.78
C GLN H 644 55.31 51.46 -55.58
N THR H 645 56.42 51.42 -54.86
CA THR H 645 57.74 51.40 -55.43
C THR H 645 58.48 50.20 -54.89
N ARG H 646 59.52 49.79 -55.60
CA ARG H 646 60.46 48.82 -55.05
C ARG H 646 61.19 49.35 -53.83
N ALA H 647 61.08 50.66 -53.54
CA ALA H 647 61.74 51.28 -52.41
C ALA H 647 60.78 51.64 -51.28
N GLY H 648 59.50 51.34 -51.43
CA GLY H 648 58.52 51.65 -50.41
C GLY H 648 57.25 52.26 -50.99
N CYS H 649 56.44 52.81 -50.10
CA CYS H 649 55.18 53.42 -50.51
C CYS H 649 55.30 54.95 -50.50
N LEU H 650 54.98 55.54 -51.65
CA LEU H 650 55.10 56.97 -51.86
C LEU H 650 53.71 57.60 -51.82
N ILE H 651 53.55 58.66 -51.04
CA ILE H 651 52.28 59.35 -50.88
C ILE H 651 52.48 60.83 -51.19
N GLY H 652 51.63 61.38 -52.05
CA GLY H 652 51.67 62.78 -52.35
C GLY H 652 52.33 63.15 -53.65
N ALA H 653 52.69 62.19 -54.48
CA ALA H 653 53.24 62.42 -55.80
C ALA H 653 52.47 61.56 -56.78
N GLU H 654 52.25 62.08 -57.98
CA GLU H 654 51.56 61.32 -59.01
C GLU H 654 52.58 60.68 -59.96
N HIS H 655 52.24 59.50 -60.43
CA HIS H 655 53.09 58.74 -61.32
C HIS H 655 52.77 59.08 -62.77
N VAL H 656 53.78 59.52 -63.52
CA VAL H 656 53.61 59.85 -64.93
C VAL H 656 54.32 58.79 -65.76
N ASN H 657 54.13 58.86 -67.08
CA ASN H 657 54.68 57.90 -68.00
C ASN H 657 55.87 58.43 -68.79
N ASN H 658 56.11 59.74 -68.75
CA ASN H 658 57.29 60.33 -69.37
C ASN H 658 58.55 59.86 -68.66
N SER H 659 59.72 60.29 -69.15
CA SER H 659 60.96 60.01 -68.46
C SER H 659 61.90 61.19 -68.65
N TYR H 660 62.36 61.74 -67.55
CA TYR H 660 63.20 62.92 -67.54
C TYR H 660 64.55 62.55 -66.96
N GLU H 661 65.43 63.54 -66.87
CA GLU H 661 66.67 63.40 -66.14
C GLU H 661 66.37 63.42 -64.65
N CYS H 662 67.15 62.67 -63.88
CA CYS H 662 66.83 62.50 -62.48
C CYS H 662 66.99 63.81 -61.72
N ASP H 663 66.07 64.07 -60.80
CA ASP H 663 66.08 65.30 -60.04
C ASP H 663 66.31 65.04 -58.56
N ILE H 664 65.40 64.31 -57.95
CA ILE H 664 65.48 63.90 -56.56
C ILE H 664 65.44 62.38 -56.56
N PRO H 665 66.47 61.70 -56.13
CA PRO H 665 66.52 60.25 -56.27
C PRO H 665 65.71 59.52 -55.22
N ILE H 666 64.72 58.75 -55.64
CA ILE H 666 63.96 57.92 -54.73
C ILE H 666 64.60 56.56 -54.56
N GLY H 667 64.84 55.86 -55.65
CA GLY H 667 65.53 54.60 -55.58
C GLY H 667 64.98 53.60 -56.59
N ALA H 668 65.77 52.57 -56.85
CA ALA H 668 65.41 51.51 -57.79
C ALA H 668 64.98 52.06 -59.14
N GLY H 669 65.65 53.11 -59.59
CA GLY H 669 65.35 53.71 -60.87
C GLY H 669 64.31 54.80 -60.87
N ILE H 670 63.73 55.12 -59.72
CA ILE H 670 62.64 56.09 -59.63
C ILE H 670 63.19 57.40 -59.09
N CYS H 671 62.83 58.50 -59.76
CA CYS H 671 63.09 59.85 -59.25
C CYS H 671 61.82 60.66 -59.15
N ALA H 672 61.92 61.82 -58.49
CA ALA H 672 60.78 62.71 -58.29
C ALA H 672 61.17 64.12 -58.71
N SER H 673 60.18 64.92 -59.06
CA SER H 673 60.43 66.31 -59.39
C SER H 673 59.18 67.12 -59.11
N TYR H 674 59.36 68.44 -59.03
CA TYR H 674 58.26 69.37 -58.84
C TYR H 674 57.92 70.01 -60.17
N GLN H 675 57.14 69.30 -60.99
CA GLN H 675 56.99 69.81 -62.34
C GLN H 675 55.55 69.94 -62.80
N THR H 676 54.78 68.87 -62.64
CA THR H 676 53.52 68.71 -63.35
C THR H 676 52.36 68.54 -62.38
N GLN H 690 51.98 73.10 -59.51
CA GLN H 690 51.88 71.76 -60.07
C GLN H 690 51.73 70.71 -58.99
N SER H 691 52.82 70.01 -58.67
CA SER H 691 52.80 68.97 -57.65
C SER H 691 54.07 68.13 -57.71
N ILE H 692 53.97 66.88 -57.29
CA ILE H 692 55.11 65.97 -57.31
C ILE H 692 54.73 64.71 -58.08
N ILE H 693 55.64 64.25 -58.93
CA ILE H 693 55.38 63.05 -59.73
C ILE H 693 56.48 62.02 -59.63
N ALA H 694 56.17 60.80 -60.05
CA ALA H 694 57.10 59.69 -60.02
C ALA H 694 57.32 59.17 -61.43
N TYR H 695 58.34 58.33 -61.61
CA TYR H 695 58.64 57.78 -62.91
C TYR H 695 59.99 57.07 -62.90
N THR H 696 60.46 56.67 -64.07
CA THR H 696 61.75 55.99 -64.19
C THR H 696 62.72 56.89 -64.94
N MET H 697 63.84 57.21 -64.32
CA MET H 697 64.81 58.07 -64.95
C MET H 697 65.27 57.68 -66.30
N SER H 698 65.91 58.60 -66.95
CA SER H 698 66.31 58.51 -68.32
C SER H 698 67.75 58.39 -68.34
N LEU H 699 68.23 57.39 -69.08
CA LEU H 699 69.67 57.16 -69.18
C LEU H 699 70.30 58.24 -70.06
N GLY H 700 69.56 58.65 -71.08
CA GLY H 700 70.05 59.68 -71.99
C GLY H 700 69.33 59.62 -73.32
N ALA H 701 69.66 60.55 -74.21
CA ALA H 701 69.04 60.61 -75.53
C ALA H 701 69.07 59.25 -76.23
N GLU H 702 69.22 59.25 -77.54
CA GLU H 702 69.28 58.02 -78.32
C GLU H 702 69.96 58.46 -79.59
N ASN H 703 71.17 58.00 -79.83
CA ASN H 703 71.91 58.35 -81.04
C ASN H 703 72.09 57.10 -81.88
N SER H 704 71.83 57.20 -83.17
CA SER H 704 71.96 56.01 -84.02
C SER H 704 73.01 56.18 -85.11
N VAL H 705 74.18 55.60 -84.89
CA VAL H 705 75.28 55.69 -85.85
C VAL H 705 74.97 54.90 -87.12
N ALA H 706 75.08 55.57 -88.26
CA ALA H 706 74.81 54.93 -89.54
C ALA H 706 76.03 54.15 -90.00
N TYR H 707 76.36 53.09 -89.25
CA TYR H 707 77.50 52.27 -89.57
C TYR H 707 77.30 51.38 -90.79
N SER H 708 78.35 51.28 -91.62
CA SER H 708 78.34 50.46 -92.82
C SER H 708 79.76 49.98 -93.09
N ASN H 709 79.92 49.03 -94.00
CA ASN H 709 81.25 48.49 -94.30
C ASN H 709 82.08 49.31 -95.28
N ASN H 710 81.72 50.58 -95.48
CA ASN H 710 82.47 51.44 -96.39
C ASN H 710 82.05 52.90 -96.32
N SER H 711 81.61 53.31 -95.14
CA SER H 711 81.18 54.66 -94.86
C SER H 711 82.01 55.28 -93.75
N ILE H 712 82.29 56.57 -93.89
CA ILE H 712 83.07 57.31 -92.91
C ILE H 712 82.46 58.70 -92.76
N ALA H 713 82.59 59.26 -91.58
CA ALA H 713 82.19 60.63 -91.30
C ALA H 713 83.44 61.39 -90.88
N ILE H 714 83.61 62.59 -91.42
CA ILE H 714 84.79 63.41 -91.18
C ILE H 714 84.32 64.81 -90.82
N PRO H 715 84.89 65.46 -89.82
CA PRO H 715 84.43 66.79 -89.42
C PRO H 715 84.96 67.87 -90.34
N THR H 716 84.15 68.91 -90.53
CA THR H 716 84.54 70.04 -91.36
C THR H 716 84.79 71.30 -90.58
N ASN H 717 84.53 71.32 -89.27
CA ASN H 717 84.74 72.52 -88.48
C ASN H 717 85.15 72.08 -87.07
N PHE H 718 85.29 73.05 -86.18
CA PHE H 718 85.61 72.74 -84.79
C PHE H 718 85.06 73.84 -83.90
N THR H 719 84.99 73.55 -82.61
CA THR H 719 84.76 74.56 -81.59
C THR H 719 85.85 74.47 -80.54
N ILE H 720 86.26 75.63 -80.05
CA ILE H 720 87.14 75.74 -78.90
C ILE H 720 86.26 75.85 -77.67
N SER H 721 86.38 74.88 -76.77
CA SER H 721 85.58 74.92 -75.55
C SER H 721 86.48 75.00 -74.35
N VAL H 722 85.98 75.60 -73.27
CA VAL H 722 86.73 75.69 -72.01
C VAL H 722 85.78 75.40 -70.86
N THR H 723 86.19 74.50 -69.99
CA THR H 723 85.39 74.06 -68.85
C THR H 723 86.18 74.22 -67.56
N THR H 724 85.50 74.10 -66.44
CA THR H 724 86.14 74.22 -65.14
C THR H 724 86.17 72.90 -64.38
N GLU H 725 87.13 72.80 -63.48
CA GLU H 725 87.19 71.67 -62.56
C GLU H 725 87.67 72.17 -61.21
N ILE H 726 86.92 71.87 -60.15
CA ILE H 726 87.16 72.41 -58.81
C ILE H 726 87.66 71.29 -57.91
N LEU H 727 88.73 71.55 -57.16
CA LEU H 727 89.26 70.51 -56.28
C LEU H 727 89.67 71.08 -54.93
N PRO H 728 89.26 70.45 -53.83
CA PRO H 728 89.78 70.82 -52.51
C PRO H 728 91.22 70.37 -52.29
N VAL H 729 92.02 71.25 -51.71
CA VAL H 729 93.38 70.84 -51.39
C VAL H 729 93.62 70.82 -49.89
N SER H 730 93.00 71.72 -49.14
CA SER H 730 93.26 71.78 -47.70
C SER H 730 91.97 71.86 -46.91
N MET H 731 92.09 71.71 -45.60
CA MET H 731 91.03 72.00 -44.64
C MET H 731 91.66 72.77 -43.49
N THR H 732 90.85 73.14 -42.51
CA THR H 732 91.31 74.01 -41.44
C THR H 732 92.07 73.26 -40.36
N LYS H 733 93.17 73.86 -39.91
CA LYS H 733 93.97 73.31 -38.86
C LYS H 733 93.42 73.72 -37.50
N THR H 734 92.97 72.75 -36.73
CA THR H 734 92.40 73.01 -35.42
C THR H 734 93.27 72.32 -34.37
N SER H 735 93.28 72.91 -33.19
CA SER H 735 93.94 72.30 -32.06
C SER H 735 92.96 72.30 -30.90
N VAL H 736 93.06 71.26 -30.07
CA VAL H 736 92.31 71.19 -28.83
C VAL H 736 93.29 71.06 -27.69
N ASP H 737 92.86 71.51 -26.52
CA ASP H 737 93.57 71.30 -25.28
C ASP H 737 92.72 70.38 -24.43
N CYS H 738 93.01 69.08 -24.48
CA CYS H 738 92.28 68.07 -23.73
C CYS H 738 91.88 68.51 -22.34
N THR H 739 92.83 68.98 -21.54
CA THR H 739 92.55 69.28 -20.16
C THR H 739 91.57 70.42 -20.02
N MET H 740 91.68 71.44 -20.86
CA MET H 740 90.79 72.58 -20.75
C MET H 740 89.40 72.26 -21.29
N TYR H 741 89.28 71.22 -22.10
CA TYR H 741 87.97 70.84 -22.61
C TYR H 741 87.26 69.92 -21.62
N ILE H 742 88.00 68.95 -21.07
CA ILE H 742 87.37 67.97 -20.20
C ILE H 742 87.10 68.56 -18.82
N CYS H 743 88.04 69.36 -18.31
CA CYS H 743 87.94 69.83 -16.93
C CYS H 743 87.64 71.33 -16.84
N GLY H 744 88.23 72.12 -17.71
CA GLY H 744 87.95 73.53 -17.69
C GLY H 744 88.51 74.23 -16.47
N ASP H 745 89.80 74.07 -16.25
CA ASP H 745 90.49 74.74 -15.14
C ASP H 745 89.94 74.51 -13.74
N SER H 746 89.91 73.25 -13.32
CA SER H 746 89.46 72.87 -12.00
C SER H 746 90.32 71.70 -11.52
N THR H 747 91.01 71.89 -10.39
CA THR H 747 92.04 70.94 -9.98
C THR H 747 91.46 69.60 -9.58
N GLU H 748 90.18 69.55 -9.17
CA GLU H 748 89.59 68.28 -8.80
C GLU H 748 89.47 67.36 -10.01
N CYS H 749 88.88 67.86 -11.10
CA CYS H 749 88.77 67.05 -12.31
C CYS H 749 90.14 66.72 -12.88
N SER H 750 91.08 67.66 -12.78
CA SER H 750 92.38 67.48 -13.40
C SER H 750 93.19 66.38 -12.73
N ASN H 751 92.96 66.13 -11.44
CA ASN H 751 93.67 65.07 -10.77
C ASN H 751 93.09 63.71 -11.05
N LEU H 752 91.78 63.62 -11.16
CA LEU H 752 91.13 62.40 -11.60
C LEU H 752 91.54 61.99 -13.00
N LEU H 753 91.78 62.97 -13.87
CA LEU H 753 92.15 62.74 -15.26
C LEU H 753 93.50 62.06 -15.40
N LEU H 754 94.44 62.35 -14.50
CA LEU H 754 95.73 61.70 -14.50
C LEU H 754 95.65 60.18 -14.42
N GLN H 755 94.54 59.64 -13.91
CA GLN H 755 94.38 58.20 -13.81
C GLN H 755 94.11 57.54 -15.15
N TYR H 756 93.93 58.31 -16.21
CA TYR H 756 93.61 57.74 -17.49
C TYR H 756 94.82 57.57 -18.38
N GLY H 757 95.98 57.94 -17.91
CA GLY H 757 97.21 57.62 -18.62
C GLY H 757 97.61 58.74 -19.56
N SER H 758 97.72 58.40 -20.84
CA SER H 758 98.26 59.32 -21.84
C SER H 758 97.32 59.49 -23.02
N PHE H 759 96.01 59.34 -22.82
CA PHE H 759 95.09 59.49 -23.92
C PHE H 759 95.16 60.88 -24.54
N CYS H 760 95.43 61.87 -23.72
CA CYS H 760 95.36 63.24 -24.19
C CYS H 760 96.68 63.73 -24.77
N THR H 761 97.74 62.95 -24.69
CA THR H 761 98.91 63.24 -25.48
C THR H 761 98.79 62.62 -26.87
N GLN H 762 98.13 61.46 -26.96
CA GLN H 762 97.83 60.87 -28.24
C GLN H 762 96.89 61.73 -29.06
N LEU H 763 95.83 62.25 -28.46
CA LEU H 763 94.92 63.07 -29.24
C LEU H 763 95.61 64.29 -29.83
N ASN H 764 96.45 64.95 -29.05
CA ASN H 764 97.20 66.09 -29.56
C ASN H 764 98.19 65.71 -30.62
N ARG H 765 98.87 64.57 -30.47
CA ARG H 765 99.77 64.12 -31.52
C ARG H 765 99.02 63.91 -32.83
N ALA H 766 97.83 63.32 -32.76
CA ALA H 766 97.06 63.09 -33.97
C ALA H 766 96.66 64.40 -34.64
N LEU H 767 96.15 65.35 -33.87
CA LEU H 767 95.74 66.61 -34.46
C LEU H 767 96.91 67.41 -35.01
N THR H 768 98.07 67.32 -34.39
CA THR H 768 99.25 68.00 -34.93
C THR H 768 99.72 67.37 -36.21
N GLY H 769 99.71 66.04 -36.28
CA GLY H 769 100.05 65.36 -37.50
C GLY H 769 99.13 65.68 -38.66
N ILE H 770 97.85 65.94 -38.40
CA ILE H 770 96.99 66.34 -39.51
C ILE H 770 97.01 67.84 -39.77
N ALA H 771 97.48 68.66 -38.84
CA ALA H 771 97.63 70.06 -39.17
C ALA H 771 98.91 70.38 -39.93
N VAL H 772 99.93 69.53 -39.83
CA VAL H 772 101.14 69.75 -40.63
C VAL H 772 100.93 69.33 -42.08
N GLU H 773 100.21 68.26 -42.31
CA GLU H 773 99.99 67.82 -43.67
C GLU H 773 99.04 68.71 -44.45
N GLN H 774 98.31 69.62 -43.80
CA GLN H 774 97.50 70.56 -44.57
C GLN H 774 98.37 71.57 -45.29
N ASP H 775 99.48 71.97 -44.70
CA ASP H 775 100.44 72.83 -45.38
C ASP H 775 101.28 72.05 -46.37
N LYS H 776 101.57 70.80 -46.07
CA LYS H 776 102.21 69.97 -47.10
C LYS H 776 101.31 69.78 -48.32
N ASN H 777 100.00 69.72 -48.14
CA ASN H 777 99.09 69.57 -49.28
C ASN H 777 99.18 70.75 -50.22
N THR H 778 99.19 71.98 -49.69
CA THR H 778 99.23 73.17 -50.52
C THR H 778 100.58 73.34 -51.19
N GLN H 779 101.66 73.03 -50.47
CA GLN H 779 102.98 73.21 -51.03
C GLN H 779 103.18 72.39 -52.30
N GLU H 780 102.58 71.21 -52.39
CA GLU H 780 102.82 70.35 -53.53
C GLU H 780 101.89 70.60 -54.70
N VAL H 781 100.81 71.35 -54.51
CA VAL H 781 99.99 71.77 -55.63
C VAL H 781 100.54 73.05 -56.23
N PHE H 782 101.00 73.98 -55.40
CA PHE H 782 101.24 75.31 -55.93
C PHE H 782 102.70 75.66 -56.15
N ALA H 783 103.62 75.14 -55.35
CA ALA H 783 105.03 75.45 -55.53
C ALA H 783 105.62 74.52 -56.58
N GLN H 784 105.16 74.67 -57.82
CA GLN H 784 105.62 73.88 -58.94
C GLN H 784 106.46 74.72 -59.89
N VAL H 785 107.03 75.81 -59.37
CA VAL H 785 107.90 76.69 -60.12
C VAL H 785 109.09 77.01 -59.24
N LYS H 786 110.22 77.28 -59.88
CA LYS H 786 111.38 77.82 -59.19
C LYS H 786 111.41 79.34 -59.26
N GLN H 787 111.21 79.90 -60.44
CA GLN H 787 111.18 81.35 -60.61
C GLN H 787 109.75 81.86 -60.52
N ILE H 788 109.62 83.12 -60.17
CA ILE H 788 108.35 83.83 -60.27
C ILE H 788 108.38 84.58 -61.59
N TYR H 789 107.67 84.07 -62.58
CA TYR H 789 107.68 84.66 -63.90
C TYR H 789 106.66 85.79 -63.96
N LYS H 790 107.03 86.84 -64.68
CA LYS H 790 106.15 87.96 -64.92
C LYS H 790 105.85 88.05 -66.41
N THR H 791 104.69 88.57 -66.72
CA THR H 791 104.27 88.70 -68.11
C THR H 791 104.73 90.05 -68.67
N PRO H 792 104.86 90.17 -69.99
CA PRO H 792 105.39 91.40 -70.56
C PRO H 792 104.38 92.53 -70.46
N PRO H 793 104.86 93.78 -70.44
CA PRO H 793 103.91 94.90 -70.36
C PRO H 793 103.03 95.04 -71.58
N ILE H 794 103.57 94.92 -72.78
CA ILE H 794 102.77 94.98 -74.00
C ILE H 794 102.37 93.57 -74.39
N LYS H 795 101.06 93.31 -74.37
CA LYS H 795 100.51 91.95 -74.39
C LYS H 795 99.80 91.71 -75.72
N ASP H 796 100.54 91.25 -76.72
CA ASP H 796 99.93 90.86 -77.98
C ASP H 796 100.17 89.38 -78.20
N PHE H 797 99.16 88.57 -77.93
CA PHE H 797 99.26 87.13 -77.97
C PHE H 797 98.51 86.54 -79.15
N GLY H 798 98.51 87.25 -80.28
CA GLY H 798 97.92 86.75 -81.50
C GLY H 798 96.42 86.87 -81.61
N GLY H 799 95.81 87.74 -80.82
CA GLY H 799 94.37 87.87 -80.78
C GLY H 799 93.73 87.26 -79.56
N PHE H 800 94.46 86.44 -78.84
CA PHE H 800 93.96 85.84 -77.61
C PHE H 800 94.05 86.86 -76.48
N ASN H 801 93.07 86.85 -75.60
CA ASN H 801 92.89 87.87 -74.59
C ASN H 801 92.77 87.18 -73.24
N PHE H 802 93.77 87.37 -72.38
CA PHE H 802 93.81 86.71 -71.08
C PHE H 802 93.55 87.67 -69.93
N SER H 803 92.80 88.74 -70.17
CA SER H 803 92.75 89.81 -69.19
C SER H 803 91.90 89.47 -67.97
N GLN H 804 90.95 88.56 -68.09
CA GLN H 804 90.12 88.17 -66.96
C GLN H 804 90.77 87.11 -66.08
N ILE H 805 91.93 86.59 -66.43
CA ILE H 805 92.64 85.63 -65.60
C ILE H 805 94.04 86.07 -65.26
N LEU H 806 94.43 87.16 -65.67
CA LEU H 806 95.72 87.69 -65.27
C LEU H 806 95.56 88.62 -64.07
N PRO H 807 96.58 88.78 -63.23
CA PRO H 807 96.41 89.55 -62.01
C PRO H 807 96.02 90.99 -62.28
N ASP H 808 95.28 91.55 -61.33
CA ASP H 808 94.74 92.90 -61.41
C ASP H 808 95.26 93.72 -60.24
N PRO H 809 96.06 94.76 -60.48
CA PRO H 809 96.68 95.47 -59.35
C PRO H 809 95.70 96.25 -58.50
N SER H 810 94.66 96.81 -59.08
CA SER H 810 93.67 97.58 -58.34
C SER H 810 92.71 96.72 -57.54
N LYS H 811 92.90 95.41 -57.51
CA LYS H 811 92.01 94.48 -56.82
C LYS H 811 92.59 94.09 -55.47
N PRO H 812 91.81 93.39 -54.62
CA PRO H 812 92.36 92.93 -53.33
C PRO H 812 93.28 91.73 -53.47
N SER H 813 94.46 91.82 -52.87
CA SER H 813 95.51 90.81 -52.86
C SER H 813 96.12 90.59 -54.23
N LYS H 814 95.90 91.49 -55.20
CA LYS H 814 96.44 91.36 -56.55
C LYS H 814 95.92 90.10 -57.23
N ARG H 815 94.65 89.82 -57.06
CA ARG H 815 94.03 88.66 -57.68
C ARG H 815 93.55 89.00 -59.07
N SER H 816 93.29 87.95 -59.84
CA SER H 816 92.66 88.09 -61.12
C SER H 816 91.16 88.37 -60.94
N PHE H 817 90.51 88.74 -62.04
CA PHE H 817 89.09 89.05 -61.97
C PHE H 817 88.26 87.83 -61.64
N ILE H 818 88.69 86.65 -62.10
CA ILE H 818 87.92 85.44 -61.84
C ILE H 818 88.30 84.83 -60.49
N GLU H 819 89.49 85.11 -59.98
CA GLU H 819 89.83 84.69 -58.64
C GLU H 819 89.04 85.44 -57.58
N ASP H 820 88.50 86.60 -57.91
CA ASP H 820 87.64 87.34 -56.99
C ASP H 820 86.23 86.76 -56.91
N LEU H 821 85.61 86.48 -58.05
CA LEU H 821 84.30 85.84 -58.03
C LEU H 821 84.32 84.56 -57.22
N LEU H 822 85.47 83.89 -57.16
CA LEU H 822 85.56 82.66 -56.39
C LEU H 822 85.69 82.91 -54.90
N PHE H 823 86.39 83.95 -54.49
CA PHE H 823 86.52 84.25 -53.07
C PHE H 823 85.29 84.95 -52.52
N ASN H 824 84.36 85.36 -53.36
CA ASN H 824 83.11 85.93 -52.92
C ASN H 824 81.99 84.92 -52.85
N LYS H 825 82.12 83.78 -53.53
CA LYS H 825 81.03 82.82 -53.55
C LYS H 825 81.12 81.84 -52.40
N VAL H 826 82.33 81.50 -51.98
CA VAL H 826 82.50 80.62 -50.84
C VAL H 826 83.40 81.26 -49.78
N LYS H 854 88.85 80.31 -30.92
CA LYS H 854 88.79 80.51 -29.48
C LYS H 854 87.43 80.10 -28.92
N PHE H 855 87.42 79.71 -27.65
CA PHE H 855 86.20 79.30 -26.97
C PHE H 855 86.52 78.59 -25.66
N ASN H 856 86.79 77.30 -25.75
CA ASN H 856 87.14 76.49 -24.60
C ASN H 856 88.09 75.39 -25.04
N GLY H 857 89.39 75.66 -24.95
CA GLY H 857 90.39 74.72 -25.38
C GLY H 857 90.44 74.45 -26.86
N LEU H 858 89.71 75.20 -27.67
CA LEU H 858 89.67 75.00 -29.12
C LEU H 858 90.29 76.20 -29.80
N THR H 859 91.25 75.95 -30.68
CA THR H 859 91.87 77.03 -31.44
C THR H 859 92.02 76.63 -32.90
N VAL H 860 92.19 77.65 -33.74
CA VAL H 860 92.37 77.48 -35.17
C VAL H 860 93.71 78.09 -35.54
N LEU H 861 94.56 77.31 -36.14
CA LEU H 861 95.88 77.76 -36.55
C LEU H 861 95.85 78.28 -37.98
N PRO H 862 96.61 79.33 -38.27
CA PRO H 862 96.61 79.89 -39.62
C PRO H 862 97.45 79.07 -40.56
N PRO H 863 97.14 79.08 -41.85
CA PRO H 863 97.99 78.37 -42.81
C PRO H 863 99.29 79.11 -43.07
N LEU H 864 100.31 78.34 -43.46
CA LEU H 864 101.64 78.90 -43.61
C LEU H 864 101.72 79.84 -44.79
N LEU H 865 101.12 79.46 -45.92
CA LEU H 865 101.01 80.33 -47.08
C LEU H 865 99.75 81.17 -46.97
N THR H 866 99.89 82.48 -47.09
CA THR H 866 98.75 83.35 -47.13
C THR H 866 98.02 83.21 -48.46
N ASP H 867 96.90 83.91 -48.63
CA ASP H 867 96.24 83.87 -49.91
C ASP H 867 96.96 84.71 -50.96
N GLU H 868 97.68 85.72 -50.52
CA GLU H 868 98.48 86.53 -51.41
C GLU H 868 99.60 85.71 -52.04
N MET H 869 100.26 84.88 -51.24
CA MET H 869 101.32 84.02 -51.73
C MET H 869 100.81 83.01 -52.74
N ILE H 870 99.63 82.44 -52.51
CA ILE H 870 99.10 81.46 -53.45
C ILE H 870 98.65 82.13 -54.75
N ALA H 871 98.11 83.34 -54.68
CA ALA H 871 97.80 84.04 -55.91
C ALA H 871 99.05 84.41 -56.68
N GLN H 872 100.13 84.75 -55.99
CA GLN H 872 101.43 84.90 -56.62
C GLN H 872 101.91 83.64 -57.33
N TYR H 873 101.77 82.49 -56.70
CA TYR H 873 102.16 81.23 -57.34
C TYR H 873 101.36 80.96 -58.61
N THR H 874 100.04 81.16 -58.57
CA THR H 874 99.28 80.90 -59.78
C THR H 874 99.56 81.92 -60.87
N SER H 875 99.87 83.16 -60.54
CA SER H 875 100.23 84.08 -61.60
C SER H 875 101.60 83.77 -62.20
N ALA H 876 102.53 83.22 -61.41
CA ALA H 876 103.76 82.75 -62.03
C ALA H 876 103.56 81.53 -62.92
N LEU H 877 102.70 80.59 -62.55
CA LEU H 877 102.41 79.48 -63.46
C LEU H 877 101.78 79.98 -64.75
N LEU H 878 100.83 80.90 -64.62
CA LEU H 878 100.09 81.39 -65.77
C LEU H 878 100.93 82.25 -66.69
N ALA H 879 101.89 83.00 -66.17
CA ALA H 879 102.78 83.75 -67.04
C ALA H 879 103.85 82.87 -67.67
N GLY H 880 104.22 81.78 -67.03
CA GLY H 880 105.11 80.81 -67.61
C GLY H 880 104.48 80.10 -68.80
N THR H 881 103.21 79.74 -68.68
CA THR H 881 102.60 79.01 -69.79
C THR H 881 102.18 79.91 -70.95
N ILE H 882 101.74 81.14 -70.70
CA ILE H 882 101.35 82.04 -71.79
C ILE H 882 102.55 82.40 -72.65
N THR H 883 103.75 82.21 -72.12
CA THR H 883 104.90 82.88 -72.67
C THR H 883 105.99 81.91 -73.11
N SER H 884 106.03 80.71 -72.53
CA SER H 884 107.05 79.74 -72.84
C SER H 884 106.51 78.38 -73.23
N GLY H 885 105.19 78.22 -73.27
CA GLY H 885 104.63 76.89 -73.44
C GLY H 885 105.00 75.96 -72.30
N TRP H 886 105.32 74.74 -72.65
CA TRP H 886 105.66 73.69 -71.71
C TRP H 886 107.15 73.59 -71.43
N THR H 887 107.95 74.55 -71.85
CA THR H 887 109.38 74.45 -71.68
C THR H 887 109.84 74.76 -70.27
N PHE H 888 109.08 75.55 -69.52
CA PHE H 888 109.53 75.95 -68.20
C PHE H 888 109.32 74.85 -67.18
N GLY H 889 108.48 73.87 -67.47
CA GLY H 889 108.31 72.75 -66.59
C GLY H 889 109.32 71.64 -66.81
N ALA H 890 110.24 71.84 -67.73
CA ALA H 890 111.30 70.88 -67.99
C ALA H 890 112.69 71.46 -67.84
N GLY H 891 112.82 72.74 -67.56
CA GLY H 891 114.12 73.39 -67.52
C GLY H 891 113.95 74.89 -67.50
N ALA H 892 114.87 75.57 -68.16
CA ALA H 892 114.74 77.00 -68.33
C ALA H 892 113.61 77.34 -69.29
N ALA H 893 112.89 78.41 -69.00
CA ALA H 893 111.82 78.88 -69.86
C ALA H 893 112.38 79.46 -71.15
N LEU H 894 111.88 78.97 -72.28
CA LEU H 894 112.25 79.49 -73.58
C LEU H 894 111.02 80.10 -74.24
N GLN H 895 111.09 81.38 -74.57
CA GLN H 895 109.95 82.05 -75.15
C GLN H 895 109.70 81.60 -76.58
N ILE H 896 108.43 81.69 -76.98
CA ILE H 896 107.95 81.34 -78.30
C ILE H 896 106.71 82.20 -78.52
N PRO H 897 106.43 82.69 -79.73
CA PRO H 897 105.20 83.44 -79.94
C PRO H 897 103.97 82.58 -79.72
N PHE H 898 102.88 83.19 -79.25
CA PHE H 898 101.77 82.41 -78.73
C PHE H 898 101.07 81.60 -79.82
N ALA H 899 100.96 82.12 -81.04
CA ALA H 899 100.29 81.37 -82.09
C ALA H 899 101.13 80.20 -82.57
N MET H 900 102.45 80.29 -82.49
CA MET H 900 103.26 79.14 -82.83
C MET H 900 103.17 78.05 -81.78
N GLN H 901 103.00 78.44 -80.53
CA GLN H 901 102.73 77.48 -79.48
C GLN H 901 101.37 76.80 -79.70
N MET H 902 100.35 77.58 -80.05
CA MET H 902 99.05 77.02 -80.41
C MET H 902 99.15 76.04 -81.58
N ALA H 903 99.99 76.32 -82.56
CA ALA H 903 100.21 75.39 -83.67
C ALA H 903 100.88 74.10 -83.23
N TYR H 904 101.87 74.17 -82.34
CA TYR H 904 102.43 72.95 -81.77
C TYR H 904 101.38 72.12 -81.05
N ARG H 905 100.52 72.75 -80.27
CA ARG H 905 99.47 72.02 -79.58
C ARG H 905 98.47 71.41 -80.55
N PHE H 906 98.17 72.08 -81.67
CA PHE H 906 97.33 71.44 -82.69
C PHE H 906 98.02 70.24 -83.29
N ASN H 907 99.33 70.31 -83.53
CA ASN H 907 100.07 69.13 -83.94
C ASN H 907 99.94 68.00 -82.94
N GLY H 908 99.90 68.32 -81.66
CA GLY H 908 99.85 67.28 -80.65
C GLY H 908 98.54 66.50 -80.61
N ILE H 909 97.47 67.06 -81.17
CA ILE H 909 96.21 66.34 -81.29
C ILE H 909 95.98 65.80 -82.70
N GLY H 910 96.98 65.87 -83.57
CA GLY H 910 96.84 65.31 -84.91
C GLY H 910 96.16 66.18 -85.95
N VAL H 911 96.19 67.49 -85.80
CA VAL H 911 95.77 68.40 -86.86
C VAL H 911 97.01 69.11 -87.38
N THR H 912 96.99 69.49 -88.65
CA THR H 912 98.17 70.16 -89.17
C THR H 912 98.16 71.65 -88.81
N GLN H 913 99.31 72.29 -89.03
CA GLN H 913 99.53 73.64 -88.53
C GLN H 913 98.86 74.70 -89.37
N ASN H 914 98.79 74.49 -90.68
CA ASN H 914 98.05 75.39 -91.54
C ASN H 914 96.58 75.53 -91.12
N VAL H 915 96.00 74.54 -90.47
CA VAL H 915 94.63 74.66 -89.99
C VAL H 915 94.53 75.68 -88.87
N LEU H 916 95.56 75.84 -88.05
CA LEU H 916 95.57 76.94 -87.10
C LEU H 916 95.87 78.27 -87.76
N TYR H 917 96.87 78.30 -88.64
CA TYR H 917 97.29 79.60 -89.13
C TYR H 917 96.27 80.21 -90.08
N GLU H 918 95.44 79.40 -90.73
CA GLU H 918 94.43 79.93 -91.61
C GLU H 918 93.12 80.22 -90.92
N ASN H 919 92.99 79.86 -89.65
CA ASN H 919 91.78 80.06 -88.87
C ASN H 919 92.11 80.78 -87.59
N GLN H 920 93.22 81.51 -87.56
CA GLN H 920 93.67 82.17 -86.35
C GLN H 920 92.62 83.09 -85.74
N LYS H 921 92.04 83.99 -86.52
CA LYS H 921 91.10 84.94 -85.93
C LYS H 921 89.84 84.26 -85.43
N LEU H 922 89.38 83.23 -86.12
CA LEU H 922 88.20 82.51 -85.66
C LEU H 922 88.47 81.74 -84.38
N ILE H 923 89.64 81.10 -84.29
CA ILE H 923 90.00 80.34 -83.11
C ILE H 923 90.18 81.27 -81.91
N ALA H 924 90.75 82.44 -82.15
CA ALA H 924 90.91 83.42 -81.09
C ALA H 924 89.59 84.01 -80.64
N ASN H 925 88.67 84.29 -81.56
CA ASN H 925 87.35 84.76 -81.18
C ASN H 925 86.58 83.72 -80.39
N GLN H 926 86.61 82.46 -80.82
CA GLN H 926 85.97 81.41 -80.05
C GLN H 926 86.55 81.28 -78.64
N PHE H 927 87.87 81.36 -78.52
CA PHE H 927 88.47 81.30 -77.19
C PHE H 927 88.03 82.47 -76.32
N ASN H 928 88.05 83.69 -76.86
CA ASN H 928 87.66 84.86 -76.06
C ASN H 928 86.21 84.80 -75.64
N SER H 929 85.34 84.40 -76.55
CA SER H 929 83.93 84.29 -76.24
C SER H 929 83.63 83.16 -75.27
N ALA H 930 84.46 82.13 -75.20
CA ALA H 930 84.25 81.06 -74.26
C ALA H 930 84.85 81.35 -72.88
N ILE H 931 85.89 82.17 -72.81
CA ILE H 931 86.35 82.67 -71.52
C ILE H 931 85.35 83.66 -70.95
N GLY H 932 84.65 84.40 -71.82
CA GLY H 932 83.62 85.31 -71.35
C GLY H 932 82.42 84.65 -70.73
N LYS H 933 82.20 83.35 -70.97
CA LYS H 933 81.05 82.68 -70.42
C LYS H 933 81.31 82.04 -69.07
N ILE H 934 82.55 81.61 -68.81
CA ILE H 934 82.92 81.21 -67.46
C ILE H 934 82.57 82.30 -66.48
N GLN H 935 82.88 83.54 -66.85
CA GLN H 935 82.70 84.68 -65.96
C GLN H 935 81.22 84.91 -65.66
N ASP H 936 80.35 84.73 -66.66
CA ASP H 936 78.91 84.84 -66.41
C ASP H 936 78.41 83.69 -65.55
N SER H 937 78.70 82.45 -65.94
CA SER H 937 78.20 81.31 -65.21
C SER H 937 78.65 81.31 -63.75
N LEU H 938 79.82 81.86 -63.45
CA LEU H 938 80.19 81.96 -62.04
C LEU H 938 79.60 83.19 -61.39
N SER H 939 79.63 84.34 -62.06
CA SER H 939 79.08 85.57 -61.52
C SER H 939 77.58 85.48 -61.23
N SER H 940 76.88 84.54 -61.85
CA SER H 940 75.43 84.44 -61.69
C SER H 940 75.06 83.49 -60.56
N ALA H 944 77.95 76.50 -57.57
CA ALA H 944 78.87 75.78 -58.45
C ALA H 944 80.13 75.33 -57.70
N LEU H 945 80.48 76.05 -56.65
CA LEU H 945 81.58 75.64 -55.78
C LEU H 945 81.07 74.83 -54.61
N GLY H 946 80.23 73.83 -54.90
CA GLY H 946 79.70 72.99 -53.86
C GLY H 946 80.71 72.06 -53.22
N LYS H 947 81.71 71.60 -53.98
CA LYS H 947 82.72 70.73 -53.42
C LYS H 947 83.60 71.45 -52.42
N LEU H 948 83.80 72.75 -52.60
CA LEU H 948 84.54 73.52 -51.61
C LEU H 948 83.69 73.90 -50.42
N GLN H 949 82.41 74.16 -50.66
CA GLN H 949 81.48 74.48 -49.58
C GLN H 949 81.24 73.30 -48.67
N ASP H 950 81.24 72.08 -49.20
CA ASP H 950 80.94 70.93 -48.38
C ASP H 950 82.03 70.64 -47.34
N VAL H 951 83.30 70.84 -47.69
CA VAL H 951 84.33 70.56 -46.70
C VAL H 951 84.33 71.61 -45.61
N VAL H 952 83.98 72.85 -45.93
CA VAL H 952 83.80 73.85 -44.88
C VAL H 952 82.64 73.47 -43.95
N ASN H 953 81.50 73.13 -44.55
CA ASN H 953 80.33 72.77 -43.76
C ASN H 953 80.57 71.57 -42.86
N GLN H 954 81.23 70.52 -43.35
CA GLN H 954 81.46 69.34 -42.54
C GLN H 954 82.31 69.65 -41.32
N ASN H 955 83.38 70.43 -41.50
CA ASN H 955 84.23 70.78 -40.37
C ASN H 955 83.51 71.62 -39.35
N ALA H 956 82.72 72.60 -39.78
CA ALA H 956 81.94 73.39 -38.82
C ALA H 956 80.88 72.57 -38.11
N GLN H 957 80.18 71.70 -38.82
CA GLN H 957 79.20 70.83 -38.18
C GLN H 957 79.83 69.90 -37.16
N ALA H 958 81.08 69.50 -37.36
CA ALA H 958 81.73 68.67 -36.36
C ALA H 958 82.20 69.48 -35.17
N LEU H 959 82.76 70.66 -35.41
CA LEU H 959 83.20 71.49 -34.29
C LEU H 959 82.02 71.93 -33.43
N ASN H 960 80.84 72.11 -34.01
CA ASN H 960 79.70 72.50 -33.20
C ASN H 960 79.20 71.33 -32.36
N THR H 961 79.15 70.14 -32.93
CA THR H 961 78.80 68.96 -32.17
C THR H 961 79.77 68.71 -31.02
N LEU H 962 81.04 69.06 -31.18
CA LEU H 962 81.97 68.89 -30.08
C LEU H 962 81.64 69.79 -28.91
N VAL H 963 81.30 71.05 -29.17
CA VAL H 963 80.99 71.98 -28.08
C VAL H 963 79.62 71.69 -27.48
N LYS H 964 78.65 71.29 -28.29
CA LYS H 964 77.33 70.98 -27.77
C LYS H 964 77.32 69.76 -26.87
N GLN H 965 78.41 69.03 -26.76
CA GLN H 965 78.48 67.90 -25.85
C GLN H 965 78.93 68.30 -24.47
N LEU H 966 79.37 69.53 -24.29
CA LEU H 966 79.78 70.03 -22.98
C LEU H 966 78.58 70.35 -22.11
N SER H 967 77.39 70.01 -22.58
CA SER H 967 76.19 70.26 -21.83
C SER H 967 75.31 69.02 -21.78
N SER H 968 75.92 67.86 -21.65
CA SER H 968 75.19 66.62 -21.41
C SER H 968 75.69 66.03 -20.10
N ASN H 969 74.80 65.31 -19.42
CA ASN H 969 75.12 64.75 -18.12
C ASN H 969 75.88 63.45 -18.21
N PHE H 970 75.56 62.62 -19.20
CA PHE H 970 76.05 61.25 -19.30
C PHE H 970 75.70 60.44 -18.06
N GLY H 971 74.63 60.79 -17.37
CA GLY H 971 74.26 60.10 -16.14
C GLY H 971 74.90 60.70 -14.91
N ALA H 972 74.73 61.99 -14.74
CA ALA H 972 75.23 62.69 -13.57
C ALA H 972 74.15 63.66 -13.12
N ILE H 973 74.40 64.35 -12.02
CA ILE H 973 73.37 65.25 -11.50
C ILE H 973 73.30 66.56 -12.26
N SER H 974 74.42 67.03 -12.82
CA SER H 974 74.37 68.19 -13.69
C SER H 974 75.49 68.08 -14.73
N SER H 975 75.68 69.15 -15.48
CA SER H 975 76.73 69.25 -16.48
C SER H 975 77.82 70.21 -16.06
N VAL H 976 77.73 70.78 -14.87
CA VAL H 976 78.64 71.82 -14.41
C VAL H 976 79.46 71.25 -13.26
N LEU H 977 80.77 71.47 -13.30
CA LEU H 977 81.59 71.01 -12.21
C LEU H 977 81.46 71.88 -10.98
N ASN H 978 81.08 73.15 -11.15
CA ASN H 978 80.80 74.01 -10.01
C ASN H 978 79.47 73.70 -9.36
N ASP H 979 78.69 72.77 -9.91
CA ASP H 979 77.48 72.30 -9.26
C ASP H 979 77.64 70.96 -8.60
N ILE H 980 78.58 70.13 -9.06
CA ILE H 980 78.88 68.92 -8.31
C ILE H 980 79.87 69.21 -7.20
N LEU H 981 80.68 70.25 -7.35
CA LEU H 981 81.57 70.67 -6.27
C LEU H 981 80.89 71.64 -5.30
N SER H 982 79.58 71.77 -5.34
CA SER H 982 78.87 72.65 -4.42
C SER H 982 77.73 71.97 -3.67
N ARG H 983 77.20 70.86 -4.17
CA ARG H 983 76.19 70.13 -3.43
C ARG H 983 76.57 68.66 -3.30
N LEU H 984 77.84 68.39 -3.08
CA LEU H 984 78.31 67.04 -2.82
C LEU H 984 79.64 67.13 -2.09
N ASP H 985 79.83 66.23 -1.15
CA ASP H 985 81.11 66.14 -0.47
C ASP H 985 82.11 65.39 -1.34
N PRO H 986 83.40 65.62 -1.13
CA PRO H 986 84.42 65.09 -2.04
C PRO H 986 84.29 63.60 -2.29
N PRO H 987 83.92 62.76 -1.30
CA PRO H 987 83.76 61.34 -1.61
C PRO H 987 82.61 61.04 -2.55
N GLU H 988 81.60 61.90 -2.61
CA GLU H 988 80.47 61.67 -3.50
C GLU H 988 80.61 62.38 -4.83
N ALA H 989 81.46 63.40 -4.90
CA ALA H 989 81.63 64.13 -6.15
C ALA H 989 82.61 63.43 -7.08
N GLU H 990 83.48 62.56 -6.56
CA GLU H 990 84.34 61.77 -7.43
C GLU H 990 83.52 60.90 -8.37
N VAL H 991 82.48 60.25 -7.85
CA VAL H 991 81.69 59.33 -8.65
C VAL H 991 80.93 60.07 -9.74
N GLN H 992 80.57 61.32 -9.46
CA GLN H 992 79.83 62.10 -10.43
C GLN H 992 80.73 62.79 -11.42
N ILE H 993 81.96 63.10 -11.02
CA ILE H 993 82.91 63.71 -11.94
C ILE H 993 83.43 62.68 -12.91
N ASP H 994 83.63 61.44 -12.47
CA ASP H 994 84.08 60.41 -13.38
C ASP H 994 83.08 60.12 -14.50
N ARG H 995 81.78 60.22 -14.22
CA ARG H 995 80.79 60.00 -15.26
C ARG H 995 80.87 61.06 -16.35
N LEU H 996 81.23 62.29 -15.98
CA LEU H 996 81.45 63.34 -16.97
C LEU H 996 82.76 63.16 -17.71
N ILE H 997 83.81 62.77 -16.99
CA ILE H 997 85.10 62.56 -17.64
C ILE H 997 85.01 61.50 -18.71
N THR H 998 84.35 60.38 -18.41
CA THR H 998 84.26 59.31 -19.38
C THR H 998 83.52 59.75 -20.65
N GLY H 999 82.40 60.44 -20.49
CA GLY H 999 81.64 60.93 -21.62
C GLY H 999 82.41 61.93 -22.46
N ARG H 1000 83.02 62.93 -21.83
CA ARG H 1000 83.78 63.91 -22.57
C ARG H 1000 85.00 63.33 -23.28
N LEU H 1001 85.67 62.36 -22.67
CA LEU H 1001 86.75 61.68 -23.35
C LEU H 1001 86.25 60.94 -24.58
N GLN H 1002 85.16 60.21 -24.44
CA GLN H 1002 84.56 59.55 -25.59
C GLN H 1002 84.27 60.51 -26.72
N SER H 1003 83.69 61.66 -26.40
CA SER H 1003 83.30 62.59 -27.44
C SER H 1003 84.51 63.22 -28.12
N LEU H 1004 85.53 63.59 -27.36
CA LEU H 1004 86.75 64.10 -27.95
C LEU H 1004 87.45 63.08 -28.84
N GLN H 1005 87.45 61.81 -28.44
CA GLN H 1005 88.13 60.82 -29.25
C GLN H 1005 87.34 60.48 -30.52
N THR H 1006 86.01 60.55 -30.45
CA THR H 1006 85.22 60.42 -31.68
C THR H 1006 85.53 61.55 -32.66
N TYR H 1007 85.58 62.78 -32.16
CA TYR H 1007 85.99 63.90 -32.98
C TYR H 1007 87.35 63.64 -33.63
N VAL H 1008 88.30 63.10 -32.90
CA VAL H 1008 89.64 62.96 -33.47
C VAL H 1008 89.71 61.81 -34.48
N THR H 1009 88.89 60.76 -34.33
CA THR H 1009 88.87 59.72 -35.34
C THR H 1009 88.26 60.21 -36.66
N GLN H 1010 87.14 60.91 -36.58
CA GLN H 1010 86.49 61.34 -37.81
C GLN H 1010 87.30 62.37 -38.58
N GLN H 1011 88.15 63.14 -37.91
CA GLN H 1011 89.07 64.04 -38.57
C GLN H 1011 90.19 63.32 -39.30
N LEU H 1012 90.72 62.24 -38.74
CA LEU H 1012 91.68 61.42 -39.47
C LEU H 1012 91.07 60.85 -40.74
N ILE H 1013 89.82 60.40 -40.65
CA ILE H 1013 89.19 59.81 -41.82
C ILE H 1013 88.84 60.87 -42.86
N ARG H 1014 88.55 62.08 -42.46
CA ARG H 1014 88.27 63.16 -43.41
C ARG H 1014 89.54 63.75 -44.01
N ALA H 1015 90.63 63.80 -43.24
CA ALA H 1015 91.89 64.25 -43.77
C ALA H 1015 92.49 63.27 -44.77
N ALA H 1016 92.33 61.96 -44.57
CA ALA H 1016 92.80 61.01 -45.57
C ALA H 1016 92.09 61.17 -46.91
N GLU H 1017 90.91 61.75 -46.93
CA GLU H 1017 90.19 61.98 -48.16
C GLU H 1017 90.59 63.29 -48.82
N ILE H 1018 90.81 64.34 -48.01
CA ILE H 1018 91.33 65.59 -48.55
C ILE H 1018 92.73 65.38 -49.15
N ARG H 1019 93.48 64.43 -48.58
CA ARG H 1019 94.84 64.18 -49.04
C ARG H 1019 94.86 63.62 -50.45
N ALA H 1020 93.94 62.72 -50.76
CA ALA H 1020 93.85 62.15 -52.09
C ALA H 1020 93.40 63.14 -53.13
N SER H 1021 92.51 64.04 -52.79
CA SER H 1021 92.11 65.12 -53.66
C SER H 1021 93.26 66.06 -53.97
N ALA H 1022 94.02 66.46 -52.97
CA ALA H 1022 95.20 67.27 -53.22
C ALA H 1022 96.27 66.54 -54.01
N ASN H 1023 96.39 65.22 -53.85
CA ASN H 1023 97.31 64.46 -54.68
C ASN H 1023 96.89 64.40 -56.12
N LEU H 1024 95.58 64.35 -56.40
CA LEU H 1024 95.09 64.46 -57.76
C LEU H 1024 95.27 65.85 -58.34
N ALA H 1025 95.05 66.89 -57.55
CA ALA H 1025 95.29 68.26 -57.99
C ALA H 1025 96.75 68.51 -58.33
N ALA H 1026 97.67 67.93 -57.58
CA ALA H 1026 99.07 68.07 -57.89
C ALA H 1026 99.47 67.38 -59.18
N THR H 1027 98.83 66.27 -59.52
CA THR H 1027 99.07 65.58 -60.78
C THR H 1027 98.46 66.31 -61.96
N LYS H 1028 97.26 66.88 -61.80
CA LYS H 1028 96.69 67.70 -62.84
C LYS H 1028 97.48 68.98 -63.09
N MET H 1029 98.04 69.60 -62.06
CA MET H 1029 98.89 70.75 -62.31
C MET H 1029 100.13 70.39 -63.11
N SER H 1030 100.69 69.20 -62.90
CA SER H 1030 101.85 68.77 -63.67
C SER H 1030 101.50 68.39 -65.09
N GLU H 1031 100.39 67.68 -65.28
CA GLU H 1031 100.10 67.05 -66.54
C GLU H 1031 99.16 67.85 -67.44
N CYS H 1032 98.40 68.79 -66.91
CA CYS H 1032 97.54 69.61 -67.74
C CYS H 1032 98.00 71.06 -67.84
N VAL H 1033 98.72 71.58 -66.85
CA VAL H 1033 99.18 72.96 -66.88
C VAL H 1033 100.61 73.07 -67.39
N LEU H 1034 101.51 72.18 -66.99
CA LEU H 1034 102.86 72.20 -67.51
C LEU H 1034 103.08 71.23 -68.66
N GLY H 1035 102.02 70.66 -69.21
CA GLY H 1035 102.15 69.81 -70.36
C GLY H 1035 100.91 69.80 -71.21
N GLN H 1036 100.90 68.96 -72.23
CA GLN H 1036 99.70 68.59 -72.97
C GLN H 1036 99.44 67.10 -72.75
N SER H 1037 98.27 66.77 -72.23
CA SER H 1037 97.98 65.39 -71.92
C SER H 1037 97.30 64.69 -73.08
N LYS H 1038 97.62 63.41 -73.25
CA LYS H 1038 96.95 62.53 -74.19
C LYS H 1038 95.94 61.61 -73.53
N ARG H 1039 95.98 61.46 -72.20
CA ARG H 1039 94.99 60.69 -71.49
C ARG H 1039 93.59 61.21 -71.78
N VAL H 1040 92.66 60.32 -72.02
CA VAL H 1040 91.30 60.71 -72.39
C VAL H 1040 90.53 61.14 -71.15
N ASP H 1041 89.91 62.31 -71.23
CA ASP H 1041 89.05 62.85 -70.17
C ASP H 1041 89.79 63.06 -68.86
N PHE H 1042 91.04 63.47 -68.93
CA PHE H 1042 91.80 63.79 -67.75
C PHE H 1042 91.94 65.29 -67.54
N CYS H 1043 91.95 66.04 -68.63
CA CYS H 1043 92.07 67.49 -68.61
C CYS H 1043 90.95 68.09 -69.45
N GLY H 1044 89.73 67.68 -69.14
CA GLY H 1044 88.55 68.16 -69.84
C GLY H 1044 87.94 67.09 -70.72
N LYS H 1045 86.96 67.49 -71.50
CA LYS H 1045 86.28 66.61 -72.42
C LYS H 1045 86.40 67.17 -73.83
N GLY H 1046 87.04 66.42 -74.70
CA GLY H 1046 87.51 66.85 -75.99
C GLY H 1046 88.95 66.44 -76.12
N TYR H 1047 89.68 67.13 -76.97
CA TYR H 1047 91.11 66.91 -77.12
C TYR H 1047 91.85 68.02 -76.41
N HIS H 1048 92.65 67.68 -75.40
CA HIS H 1048 93.26 68.68 -74.57
C HIS H 1048 94.19 69.58 -75.37
N LEU H 1049 93.97 70.88 -75.31
CA LEU H 1049 94.95 71.84 -75.78
C LEU H 1049 95.78 72.41 -74.65
N MET H 1050 95.15 73.05 -73.66
CA MET H 1050 95.93 73.67 -72.59
C MET H 1050 95.05 73.90 -71.38
N SER H 1051 95.68 74.21 -70.25
CA SER H 1051 94.96 74.39 -69.00
C SER H 1051 95.54 75.59 -68.26
N PHE H 1052 94.68 76.27 -67.49
CA PHE H 1052 95.05 77.42 -66.69
C PHE H 1052 94.60 77.26 -65.25
N PRO H 1053 95.47 77.47 -64.26
CA PRO H 1053 95.05 77.40 -62.87
C PRO H 1053 94.57 78.71 -62.29
N GLN H 1054 93.64 78.60 -61.34
CA GLN H 1054 93.14 79.72 -60.55
C GLN H 1054 92.99 79.26 -59.11
N SER H 1055 93.37 80.11 -58.17
CA SER H 1055 93.26 79.74 -56.77
C SER H 1055 91.85 79.98 -56.26
N ALA H 1056 91.43 79.16 -55.31
CA ALA H 1056 90.13 79.24 -54.67
C ALA H 1056 90.36 79.19 -53.18
N PRO H 1057 89.33 79.47 -52.36
CA PRO H 1057 89.51 79.46 -50.91
C PRO H 1057 90.30 78.31 -50.28
N HIS H 1058 89.92 77.06 -50.49
CA HIS H 1058 90.74 75.96 -49.98
C HIS H 1058 91.03 74.97 -51.10
N GLY H 1059 91.19 75.46 -52.30
CA GLY H 1059 91.40 74.57 -53.42
C GLY H 1059 91.82 75.30 -54.65
N VAL H 1060 91.62 74.63 -55.77
CA VAL H 1060 92.11 75.15 -57.05
C VAL H 1060 91.06 74.85 -58.11
N VAL H 1061 90.92 75.78 -59.03
CA VAL H 1061 90.07 75.64 -60.21
C VAL H 1061 90.98 75.53 -61.43
N PHE H 1062 90.75 74.53 -62.25
CA PHE H 1062 91.42 74.43 -63.54
C PHE H 1062 90.44 74.84 -64.62
N LEU H 1063 90.91 75.67 -65.55
CA LEU H 1063 90.18 76.02 -66.76
C LEU H 1063 90.83 75.26 -67.89
N HIS H 1064 90.11 74.28 -68.43
CA HIS H 1064 90.61 73.40 -69.48
C HIS H 1064 90.13 73.90 -70.83
N VAL H 1065 91.07 74.07 -71.75
CA VAL H 1065 90.79 74.47 -73.13
C VAL H 1065 91.01 73.26 -74.00
N THR H 1066 89.95 72.82 -74.68
CA THR H 1066 89.99 71.65 -75.54
C THR H 1066 89.41 71.99 -76.92
N TYR H 1067 89.77 71.13 -77.86
CA TYR H 1067 89.32 71.15 -79.24
C TYR H 1067 88.19 70.14 -79.39
N VAL H 1068 87.10 70.54 -80.03
CA VAL H 1068 85.98 69.64 -80.27
C VAL H 1068 85.63 69.68 -81.75
N PRO H 1069 85.63 68.56 -82.46
CA PRO H 1069 85.27 68.59 -83.88
C PRO H 1069 83.77 68.76 -84.09
N ALA H 1070 83.42 69.33 -85.23
CA ALA H 1070 82.03 69.71 -85.49
C ALA H 1070 81.71 69.58 -86.96
N GLN H 1071 80.41 69.50 -87.23
CA GLN H 1071 79.83 69.57 -88.57
C GLN H 1071 80.34 68.51 -89.52
N GLU H 1072 80.06 67.25 -89.24
CA GLU H 1072 80.60 66.13 -89.98
C GLU H 1072 79.80 65.85 -91.25
N LYS H 1073 80.49 65.30 -92.25
CA LYS H 1073 79.87 64.79 -93.47
C LYS H 1073 80.24 63.33 -93.61
N ASN H 1074 79.40 62.54 -94.28
CA ASN H 1074 79.85 61.23 -94.70
C ASN H 1074 80.39 61.24 -96.12
N PHE H 1075 81.37 60.37 -96.33
CA PHE H 1075 81.96 60.02 -97.61
C PHE H 1075 82.00 58.51 -97.67
N THR H 1076 82.53 57.94 -98.74
CA THR H 1076 82.79 56.51 -98.80
C THR H 1076 84.28 56.28 -98.79
N THR H 1077 84.72 55.18 -98.18
CA THR H 1077 86.13 54.90 -97.97
C THR H 1077 86.54 53.58 -98.61
N ALA H 1078 87.85 53.42 -98.72
CA ALA H 1078 88.50 52.19 -99.08
C ALA H 1078 89.77 52.08 -98.26
N PRO H 1079 90.24 50.89 -98.00
CA PRO H 1079 91.48 50.74 -97.25
C PRO H 1079 92.75 51.01 -98.04
N ALA H 1080 92.70 50.77 -99.35
CA ALA H 1080 93.87 50.88 -100.20
C ALA H 1080 93.40 51.20 -101.60
N ILE H 1081 94.34 51.57 -102.46
CA ILE H 1081 94.05 51.86 -103.86
C ILE H 1081 94.90 50.93 -104.71
N CYS H 1082 94.31 50.31 -105.71
CA CYS H 1082 95.05 49.46 -106.62
C CYS H 1082 95.42 50.25 -107.86
N HIS H 1083 96.68 50.14 -108.26
CA HIS H 1083 97.18 50.87 -109.42
C HIS H 1083 98.44 50.17 -109.91
N ASP H 1084 98.46 49.84 -111.21
CA ASP H 1084 99.58 49.14 -111.82
C ASP H 1084 99.86 47.81 -111.14
N GLY H 1085 98.81 47.18 -110.61
CA GLY H 1085 98.99 45.93 -109.93
C GLY H 1085 99.55 46.03 -108.53
N LYS H 1086 99.68 47.24 -107.99
CA LYS H 1086 100.19 47.44 -106.64
C LYS H 1086 99.10 48.00 -105.75
N ALA H 1087 99.29 47.82 -104.44
CA ALA H 1087 98.37 48.31 -103.43
C ALA H 1087 98.99 49.46 -102.67
N HIS H 1088 98.27 50.58 -102.60
CA HIS H 1088 98.77 51.82 -102.00
C HIS H 1088 97.96 52.14 -100.75
N PHE H 1089 98.65 52.54 -99.71
CA PHE H 1089 98.07 52.91 -98.44
C PHE H 1089 98.45 54.35 -98.11
N PRO H 1090 97.60 55.10 -97.45
CA PRO H 1090 97.94 56.48 -97.13
C PRO H 1090 98.99 56.58 -96.04
N ARG H 1091 99.88 57.56 -96.21
CA ARG H 1091 100.95 57.73 -95.23
C ARG H 1091 100.42 58.22 -93.89
N GLU H 1092 99.55 59.23 -93.88
CA GLU H 1092 98.97 59.69 -92.63
C GLU H 1092 97.51 60.10 -92.76
N GLY H 1093 96.75 59.50 -93.63
CA GLY H 1093 95.38 59.95 -93.74
C GLY H 1093 94.35 58.88 -93.96
N VAL H 1094 93.29 59.25 -94.66
CA VAL H 1094 92.26 58.32 -95.11
C VAL H 1094 91.93 58.64 -96.56
N PHE H 1095 91.69 57.60 -97.34
CA PHE H 1095 91.16 57.72 -98.67
C PHE H 1095 89.66 57.95 -98.61
N VAL H 1096 89.17 59.00 -99.27
CA VAL H 1096 87.74 59.29 -99.28
C VAL H 1096 87.28 59.57 -100.70
N SER H 1097 85.98 59.52 -100.91
CA SER H 1097 85.37 59.71 -102.22
C SER H 1097 84.19 60.64 -102.07
N ASN H 1098 84.15 61.70 -102.88
CA ASN H 1098 82.99 62.60 -102.81
C ASN H 1098 81.83 62.13 -103.67
N GLY H 1099 81.91 60.93 -104.23
CA GLY H 1099 80.88 60.40 -105.07
C GLY H 1099 81.47 59.90 -106.37
N THR H 1100 82.42 60.66 -106.90
CA THR H 1100 83.07 60.32 -108.16
C THR H 1100 84.59 60.41 -108.14
N HIS H 1101 85.20 61.09 -107.18
CA HIS H 1101 86.65 61.26 -107.17
C HIS H 1101 87.22 60.83 -105.83
N TRP H 1102 88.51 60.50 -105.83
CA TRP H 1102 89.19 59.93 -104.68
C TRP H 1102 90.30 60.84 -104.21
N PHE H 1103 90.28 61.17 -102.92
CA PHE H 1103 91.24 62.07 -102.31
C PHE H 1103 91.82 61.44 -101.05
N VAL H 1104 92.78 62.13 -100.45
CA VAL H 1104 93.29 61.80 -99.12
C VAL H 1104 93.01 62.98 -98.20
N THR H 1105 92.45 62.71 -97.03
CA THR H 1105 92.40 63.72 -95.99
C THR H 1105 93.21 63.29 -94.78
N GLN H 1106 93.42 64.24 -93.89
CA GLN H 1106 93.76 63.92 -92.52
C GLN H 1106 92.49 63.59 -91.75
N ARG H 1107 92.63 62.80 -90.71
CA ARG H 1107 91.47 62.09 -90.19
C ARG H 1107 90.54 62.96 -89.35
N ASN H 1108 91.00 64.08 -88.79
CA ASN H 1108 90.17 64.89 -87.92
C ASN H 1108 89.66 66.16 -88.54
N PHE H 1109 90.11 66.52 -89.74
CA PHE H 1109 89.69 67.77 -90.35
C PHE H 1109 89.66 67.56 -91.85
N TYR H 1110 88.57 67.94 -92.50
CA TYR H 1110 88.40 67.63 -93.90
C TYR H 1110 89.19 68.59 -94.76
N GLU H 1111 90.13 68.04 -95.53
CA GLU H 1111 91.01 68.84 -96.37
C GLU H 1111 91.55 67.92 -97.46
N PRO H 1112 90.83 67.75 -98.55
CA PRO H 1112 91.16 66.70 -99.52
C PRO H 1112 92.31 67.06 -100.44
N GLN H 1113 93.08 66.04 -100.80
CA GLN H 1113 94.27 66.20 -101.62
C GLN H 1113 94.26 65.15 -102.72
N ILE H 1114 94.95 65.42 -103.79
CA ILE H 1114 95.10 64.44 -104.87
C ILE H 1114 96.02 63.32 -104.40
N ILE H 1115 95.64 62.09 -104.66
CA ILE H 1115 96.45 60.94 -104.30
C ILE H 1115 97.67 60.87 -105.22
N THR H 1116 98.85 61.00 -104.64
CA THR H 1116 100.10 60.93 -105.37
C THR H 1116 101.02 59.92 -104.70
N THR H 1117 102.20 59.73 -105.26
CA THR H 1117 103.20 58.86 -104.67
C THR H 1117 104.00 59.55 -103.57
N ASP H 1118 103.58 60.74 -103.15
CA ASP H 1118 104.21 61.45 -102.05
C ASP H 1118 103.42 61.32 -100.76
N ASN H 1119 102.13 61.01 -100.85
CA ASN H 1119 101.32 60.85 -99.67
C ASN H 1119 100.80 59.42 -99.51
N THR H 1120 101.29 58.48 -100.32
CA THR H 1120 100.95 57.08 -100.18
C THR H 1120 102.24 56.26 -100.19
N PHE H 1121 102.14 55.01 -99.77
CA PHE H 1121 103.23 54.06 -99.91
C PHE H 1121 102.68 52.75 -100.42
N VAL H 1122 103.57 51.91 -100.93
CA VAL H 1122 103.21 50.69 -101.63
C VAL H 1122 103.65 49.49 -100.81
N SER H 1123 102.82 48.44 -100.78
CA SER H 1123 103.25 47.15 -100.30
C SER H 1123 102.36 46.07 -100.86
N GLY H 1124 102.90 45.22 -101.72
CA GLY H 1124 102.18 44.05 -102.20
C GLY H 1124 101.41 44.30 -103.46
N ASN H 1125 100.68 43.28 -103.86
CA ASN H 1125 99.82 43.32 -105.02
C ASN H 1125 98.37 43.38 -104.57
N CYS H 1126 97.50 43.81 -105.47
CA CYS H 1126 96.17 44.19 -105.03
C CYS H 1126 95.17 43.05 -105.16
N ASP H 1127 95.46 41.89 -104.56
CA ASP H 1127 94.50 40.81 -104.45
C ASP H 1127 94.45 40.14 -103.08
N VAL H 1128 95.13 40.67 -102.08
CA VAL H 1128 95.03 40.15 -100.72
C VAL H 1128 94.23 41.05 -99.78
N VAL H 1129 94.28 42.37 -99.97
CA VAL H 1129 93.43 43.31 -99.23
C VAL H 1129 91.99 43.13 -99.71
N ILE H 1130 91.04 43.24 -98.79
CA ILE H 1130 89.64 43.15 -99.17
C ILE H 1130 89.01 44.54 -99.03
N GLY H 1131 88.49 45.04 -100.13
CA GLY H 1131 87.99 46.39 -100.21
C GLY H 1131 88.79 47.33 -101.07
N ILE H 1132 89.87 46.87 -101.70
CA ILE H 1132 90.64 47.72 -102.61
C ILE H 1132 89.73 48.31 -103.68
N VAL H 1133 90.01 49.55 -104.07
CA VAL H 1133 89.35 50.13 -105.23
C VAL H 1133 90.39 50.47 -106.27
N ASN H 1134 89.93 50.56 -107.51
CA ASN H 1134 90.76 50.91 -108.65
C ASN H 1134 90.75 52.42 -108.83
N ASN H 1135 91.93 53.01 -108.91
CA ASN H 1135 92.05 54.44 -109.15
C ASN H 1135 93.50 54.72 -109.50
N THR H 1136 93.73 55.90 -110.06
CA THR H 1136 95.05 56.26 -110.53
C THR H 1136 95.82 57.02 -109.45
N VAL H 1137 97.09 56.65 -109.29
CA VAL H 1137 97.99 57.30 -108.36
C VAL H 1137 98.97 58.11 -109.20
N TYR H 1138 99.02 59.40 -108.95
CA TYR H 1138 99.70 60.33 -109.83
C TYR H 1138 101.16 60.49 -109.42
N ASP H 1139 102.04 60.34 -110.37
CA ASP H 1139 103.48 60.53 -110.18
C ASP H 1139 103.86 61.96 -110.54
N PRO H 1140 104.49 62.70 -109.63
CA PRO H 1140 104.81 64.10 -109.94
C PRO H 1140 105.95 64.28 -110.91
N LEU H 1141 106.99 63.44 -110.86
CA LEU H 1141 108.12 63.55 -111.76
C LEU H 1141 107.74 63.27 -113.21
N GLN H 1142 107.03 62.17 -113.44
CA GLN H 1142 106.71 61.66 -114.77
C GLN H 1142 106.26 62.74 -115.75
N PRO H 1143 105.25 63.56 -115.46
CA PRO H 1143 104.94 64.66 -116.38
C PRO H 1143 106.00 65.75 -116.38
N GLU H 1144 106.30 66.29 -115.19
CA GLU H 1144 107.11 67.49 -115.07
C GLU H 1144 108.41 67.37 -115.83
N LEU H 1145 109.15 66.29 -115.58
CA LEU H 1145 110.36 65.99 -116.33
C LEU H 1145 110.09 66.02 -117.83
N ASP H 1146 108.98 65.44 -118.26
CA ASP H 1146 108.66 65.35 -119.68
C ASP H 1146 107.62 66.39 -120.12
N ALA I 27 88.29 -4.86 -18.32
CA ALA I 27 88.57 -4.42 -19.69
C ALA I 27 88.27 -2.94 -19.85
N TYR I 28 88.85 -2.35 -20.89
CA TYR I 28 88.59 -0.97 -21.28
C TYR I 28 88.36 -0.96 -22.77
N THR I 29 87.60 0.00 -23.25
CA THR I 29 87.28 0.08 -24.66
C THR I 29 87.28 1.55 -25.07
N ASN I 30 87.16 1.77 -26.38
CA ASN I 30 87.26 3.08 -26.98
C ASN I 30 85.93 3.45 -27.60
N SER I 31 85.32 4.52 -27.07
CA SER I 31 84.19 5.14 -27.75
C SER I 31 84.69 5.73 -29.06
N PHE I 32 83.82 5.98 -30.01
CA PHE I 32 84.35 6.69 -31.16
C PHE I 32 83.75 8.08 -31.24
N THR I 33 82.45 8.15 -31.45
CA THR I 33 81.71 9.42 -31.41
C THR I 33 80.37 9.08 -30.76
N ARG I 34 80.35 9.19 -29.44
CA ARG I 34 79.25 8.67 -28.65
C ARG I 34 78.99 9.61 -27.49
N GLY I 35 77.73 9.75 -27.09
CA GLY I 35 77.41 10.56 -25.94
C GLY I 35 77.17 12.01 -26.28
N VAL I 36 76.47 12.26 -27.39
CA VAL I 36 76.07 13.60 -27.78
C VAL I 36 74.58 13.73 -27.50
N TYR I 37 74.22 14.77 -26.75
CA TYR I 37 72.83 15.03 -26.41
C TYR I 37 72.46 16.45 -26.81
N TYR I 38 71.18 16.66 -27.04
CA TYR I 38 70.67 17.99 -27.33
C TYR I 38 70.77 18.84 -26.08
N PRO I 39 71.61 19.86 -26.11
CA PRO I 39 71.85 20.74 -24.96
C PRO I 39 70.61 21.40 -24.40
N ASP I 40 69.50 21.35 -25.11
CA ASP I 40 68.27 21.99 -24.63
C ASP I 40 67.20 22.03 -25.70
N LYS I 41 66.07 22.62 -25.36
CA LYS I 41 64.95 22.73 -26.28
C LYS I 41 65.35 23.65 -27.43
N VAL I 42 64.39 24.37 -27.98
CA VAL I 42 64.69 25.26 -29.08
C VAL I 42 65.02 24.48 -30.34
N PHE I 43 64.11 24.52 -31.31
CA PHE I 43 64.32 23.83 -32.57
C PHE I 43 65.59 24.35 -33.21
N ARG I 44 65.89 23.89 -34.43
CA ARG I 44 67.08 24.32 -35.14
C ARG I 44 67.32 23.47 -36.38
N SER I 45 67.87 24.09 -37.41
CA SER I 45 68.16 23.39 -38.66
C SER I 45 69.63 23.53 -39.02
N SER I 46 69.95 23.28 -40.28
CA SER I 46 71.32 23.37 -40.76
C SER I 46 72.07 24.57 -40.20
N VAL I 47 72.76 24.37 -39.09
CA VAL I 47 73.51 25.44 -38.45
C VAL I 47 74.63 24.94 -37.55
N LEU I 48 75.83 24.80 -38.11
CA LEU I 48 76.98 24.35 -37.33
C LEU I 48 77.07 25.23 -36.08
N HIS I 49 76.21 24.92 -35.11
CA HIS I 49 76.11 25.67 -33.87
C HIS I 49 77.17 25.21 -32.88
N SER I 50 77.77 26.15 -32.17
CA SER I 50 78.86 25.89 -31.26
C SER I 50 78.40 25.99 -29.81
N THR I 51 78.73 24.98 -29.00
CA THR I 51 78.32 24.96 -27.59
C THR I 51 79.48 24.65 -26.66
N GLN I 52 79.34 25.14 -25.43
CA GLN I 52 80.20 24.76 -24.32
C GLN I 52 79.33 24.05 -23.29
N ASP I 53 79.72 22.83 -22.91
CA ASP I 53 78.90 22.07 -21.98
C ASP I 53 79.71 20.90 -21.44
N LEU I 54 79.04 19.96 -20.79
CA LEU I 54 79.67 18.74 -20.28
C LEU I 54 79.38 17.61 -21.24
N PHE I 55 80.43 17.12 -21.90
CA PHE I 55 80.31 16.09 -22.90
C PHE I 55 81.28 14.97 -22.58
N LEU I 56 81.08 13.85 -23.27
CA LEU I 56 82.01 12.74 -23.25
C LEU I 56 82.99 12.92 -24.41
N PRO I 57 84.27 13.21 -24.14
CA PRO I 57 85.21 13.49 -25.22
C PRO I 57 85.29 12.37 -26.24
N PHE I 58 85.58 12.71 -27.49
CA PHE I 58 85.65 11.69 -28.54
C PHE I 58 86.86 10.80 -28.29
N PHE I 59 86.71 9.54 -28.67
CA PHE I 59 87.78 8.55 -28.53
C PHE I 59 88.27 8.51 -27.10
N SER I 60 87.40 8.06 -26.18
CA SER I 60 87.69 8.08 -24.77
C SER I 60 87.92 6.66 -24.27
N ASN I 61 88.28 6.58 -22.99
CA ASN I 61 88.66 5.35 -22.33
C ASN I 61 87.52 4.92 -21.42
N VAL I 62 86.62 4.08 -21.93
CA VAL I 62 85.40 3.72 -21.20
C VAL I 62 85.59 2.34 -20.59
N THR I 63 85.32 2.24 -19.29
CA THR I 63 85.40 0.95 -18.61
C THR I 63 84.48 -0.07 -19.24
N TRP I 64 84.80 -1.33 -19.06
CA TRP I 64 83.97 -2.41 -19.55
C TRP I 64 83.61 -3.28 -18.37
N PHE I 65 82.34 -3.68 -18.30
CA PHE I 65 81.86 -4.56 -17.25
C PHE I 65 81.11 -5.71 -17.88
N HIS I 66 81.28 -6.90 -17.30
CA HIS I 66 80.58 -8.09 -17.72
C HIS I 66 79.70 -8.58 -16.59
N ALA I 67 78.78 -9.47 -16.93
CA ALA I 67 77.92 -10.15 -15.97
C ALA I 67 77.37 -11.39 -16.62
N ASN I 81 76.95 -5.45 -9.64
CA ASN I 81 78.28 -4.99 -10.00
C ASN I 81 78.60 -3.73 -9.15
N PRO I 82 79.84 -3.25 -9.14
CA PRO I 82 80.33 -2.47 -8.00
C PRO I 82 79.83 -1.03 -7.94
N VAL I 83 80.15 -0.40 -6.81
CA VAL I 83 79.88 1.01 -6.54
C VAL I 83 80.87 1.85 -7.32
N LEU I 84 80.38 2.73 -8.18
CA LEU I 84 81.21 3.58 -9.01
C LEU I 84 81.17 5.01 -8.49
N PRO I 85 81.98 5.93 -9.02
CA PRO I 85 81.78 7.34 -8.69
C PRO I 85 80.84 8.03 -9.67
N PHE I 86 80.50 9.30 -9.40
CA PHE I 86 79.72 10.11 -10.32
C PHE I 86 80.48 11.32 -10.83
N ASN I 87 80.85 12.21 -9.92
CA ASN I 87 81.82 13.31 -9.94
C ASN I 87 81.51 14.39 -10.96
N ASP I 88 80.92 14.03 -12.10
CA ASP I 88 80.33 14.97 -13.05
C ASP I 88 79.62 14.18 -14.13
N GLY I 89 78.33 13.93 -13.99
CA GLY I 89 77.62 13.23 -15.04
C GLY I 89 78.16 11.87 -15.42
N VAL I 90 77.46 11.14 -16.27
CA VAL I 90 77.81 9.77 -16.62
C VAL I 90 77.19 9.43 -17.96
N TYR I 91 77.99 8.86 -18.85
CA TYR I 91 77.49 8.12 -20.00
C TYR I 91 77.36 6.65 -19.61
N PHE I 92 76.38 5.98 -20.21
CA PHE I 92 76.11 4.62 -19.80
C PHE I 92 75.39 3.89 -20.93
N ALA I 93 76.07 2.99 -21.61
CA ALA I 93 75.41 2.17 -22.63
C ALA I 93 75.25 0.75 -22.12
N SER I 94 74.51 -0.06 -22.88
CA SER I 94 74.21 -1.42 -22.48
C SER I 94 73.64 -2.16 -23.68
N THR I 95 73.84 -3.48 -23.70
CA THR I 95 73.48 -4.29 -24.86
C THR I 95 72.89 -5.63 -24.43
N GLU I 96 71.71 -5.96 -24.97
CA GLU I 96 71.09 -7.27 -24.80
C GLU I 96 69.76 -7.38 -25.57
N LYS I 97 69.18 -8.58 -25.58
CA LYS I 97 67.79 -8.77 -26.02
C LYS I 97 66.85 -9.03 -24.86
N SER I 98 67.24 -9.86 -23.90
CA SER I 98 66.59 -9.91 -22.60
C SER I 98 66.84 -8.61 -21.86
N ASN I 99 66.38 -8.49 -20.62
CA ASN I 99 66.57 -7.25 -19.88
C ASN I 99 67.24 -7.56 -18.55
N ILE I 100 68.57 -7.53 -18.54
CA ILE I 100 69.36 -7.82 -17.35
C ILE I 100 69.60 -6.52 -16.60
N ILE I 101 69.77 -5.43 -17.34
CA ILE I 101 69.96 -4.12 -16.74
C ILE I 101 68.59 -3.57 -16.37
N ARG I 102 68.37 -3.41 -15.07
CA ARG I 102 67.07 -3.06 -14.52
C ARG I 102 67.22 -1.83 -13.66
N GLY I 103 67.88 -0.82 -14.18
CA GLY I 103 67.96 0.46 -13.51
C GLY I 103 69.19 0.61 -12.66
N TRP I 104 69.31 1.79 -12.09
CA TRP I 104 70.48 2.22 -11.37
C TRP I 104 70.04 2.68 -9.99
N ILE I 105 71.00 2.95 -9.13
CA ILE I 105 70.71 3.57 -7.83
C ILE I 105 71.79 4.61 -7.60
N PHE I 106 71.41 5.73 -7.03
CA PHE I 106 72.31 6.88 -6.97
C PHE I 106 72.48 7.33 -5.53
N GLY I 107 73.33 8.33 -5.34
CA GLY I 107 73.39 9.00 -4.06
C GLY I 107 74.79 9.28 -3.56
N THR I 108 74.93 9.55 -2.26
CA THR I 108 76.25 9.75 -1.68
C THR I 108 76.67 8.55 -0.84
N THR I 109 75.76 8.02 -0.01
CA THR I 109 76.09 6.90 0.87
C THR I 109 75.36 5.62 0.54
N LEU I 110 74.30 5.66 -0.27
CA LEU I 110 73.54 4.48 -0.66
C LEU I 110 73.01 3.73 0.55
N ASP I 111 72.56 4.49 1.54
CA ASP I 111 72.01 3.90 2.76
C ASP I 111 71.13 4.94 3.44
N SER I 112 70.80 4.66 4.69
CA SER I 112 70.11 5.65 5.51
C SER I 112 71.09 6.71 6.00
N LYS I 113 70.58 7.63 6.82
CA LYS I 113 71.31 8.78 7.35
C LYS I 113 71.54 9.84 6.29
N THR I 114 71.27 9.54 5.02
CA THR I 114 71.23 10.55 3.97
C THR I 114 70.38 10.02 2.82
N GLN I 115 69.82 10.94 2.04
CA GLN I 115 68.83 10.62 1.02
C GLN I 115 69.48 10.18 -0.28
N SER I 116 68.75 9.39 -1.06
CA SER I 116 69.23 8.86 -2.32
C SER I 116 68.06 8.62 -3.27
N LEU I 117 68.38 8.47 -4.55
CA LEU I 117 67.40 8.16 -5.59
C LEU I 117 67.42 6.67 -5.86
N LEU I 118 66.34 6.15 -6.43
CA LEU I 118 66.25 4.75 -6.83
C LEU I 118 65.37 4.63 -8.06
N ILE I 119 65.94 4.08 -9.13
CA ILE I 119 65.23 3.95 -10.40
C ILE I 119 65.22 2.48 -10.79
N VAL I 120 64.01 1.93 -10.86
CA VAL I 120 63.85 0.49 -10.97
C VAL I 120 62.91 0.17 -12.12
N ASN I 121 62.96 -1.06 -12.62
CA ASN I 121 62.02 -1.54 -13.61
C ASN I 121 61.83 -3.04 -13.43
N ASN I 122 60.72 -3.47 -12.84
CA ASN I 122 60.36 -4.87 -12.88
C ASN I 122 59.76 -5.17 -14.25
N ALA I 123 59.20 -6.35 -14.46
CA ALA I 123 58.64 -6.67 -15.77
C ALA I 123 57.40 -5.85 -16.07
N THR I 124 57.04 -4.92 -15.17
CA THR I 124 55.86 -4.10 -15.36
C THR I 124 56.18 -2.78 -16.05
N ASN I 125 56.94 -1.92 -15.36
CA ASN I 125 57.34 -0.60 -15.84
C ASN I 125 58.16 0.11 -14.77
N VAL I 126 58.69 1.26 -15.18
CA VAL I 126 59.65 2.06 -14.40
C VAL I 126 59.05 2.48 -13.06
N VAL I 127 59.90 2.54 -12.04
CA VAL I 127 59.50 3.03 -10.73
C VAL I 127 60.55 3.98 -10.18
N ILE I 128 60.41 5.28 -10.43
CA ILE I 128 61.33 6.21 -9.79
C ILE I 128 60.89 6.37 -8.33
N LYS I 129 61.83 6.66 -7.46
CA LYS I 129 61.53 6.76 -6.04
C LYS I 129 62.64 7.50 -5.34
N VAL I 130 62.27 8.33 -4.37
CA VAL I 130 63.28 9.02 -3.57
C VAL I 130 62.90 8.96 -2.10
N CYS I 131 63.52 8.06 -1.35
CA CYS I 131 63.41 7.96 0.09
C CYS I 131 64.80 7.96 0.71
N GLU I 132 64.84 7.68 2.00
CA GLU I 132 66.05 7.18 2.65
C GLU I 132 65.93 5.67 2.72
N PHE I 133 66.93 4.97 2.22
CA PHE I 133 66.84 3.53 2.07
C PHE I 133 67.83 2.83 2.99
N GLN I 134 67.80 1.51 2.95
CA GLN I 134 68.87 0.67 3.43
C GLN I 134 69.16 -0.31 2.31
N PHE I 135 70.24 -0.08 1.60
CA PHE I 135 70.55 -0.83 0.40
C PHE I 135 71.44 -2.02 0.73
N CYS I 136 71.10 -3.17 0.17
CA CYS I 136 72.02 -4.30 0.18
C CYS I 136 73.34 -3.86 -0.43
N ASN I 137 74.45 -4.28 0.19
CA ASN I 137 75.73 -3.98 -0.41
C ASN I 137 75.91 -4.67 -1.75
N ASP I 138 75.18 -5.75 -2.00
CA ASP I 138 75.07 -6.37 -3.32
C ASP I 138 73.60 -6.50 -3.66
N PRO I 139 72.96 -5.42 -4.10
CA PRO I 139 71.52 -5.44 -4.32
C PRO I 139 71.17 -5.84 -5.74
N PHE I 140 70.10 -6.59 -5.89
CA PHE I 140 69.70 -7.09 -7.21
C PHE I 140 68.25 -7.54 -7.14
N LEU I 141 67.78 -8.14 -8.22
CA LEU I 141 66.46 -8.73 -8.28
C LEU I 141 66.52 -10.05 -9.04
N GLY I 142 65.70 -11.00 -8.61
CA GLY I 142 65.74 -12.35 -9.14
C GLY I 142 64.99 -12.52 -10.44
N VAL I 143 64.64 -13.77 -10.72
CA VAL I 143 63.82 -14.14 -11.86
C VAL I 143 63.41 -15.59 -11.69
N MET I 153 57.37 -18.64 -10.63
CA MET I 153 58.17 -18.00 -9.59
C MET I 153 58.38 -16.53 -9.91
N GLU I 154 59.52 -16.22 -10.52
CA GLU I 154 59.85 -14.87 -10.99
C GLU I 154 59.70 -13.85 -9.85
N SER I 155 60.24 -14.20 -8.69
CA SER I 155 60.21 -13.38 -7.49
C SER I 155 61.59 -12.82 -7.19
N GLU I 156 61.62 -11.59 -6.70
CA GLU I 156 62.77 -10.74 -6.91
C GLU I 156 62.94 -9.69 -5.81
N PHE I 157 63.69 -8.64 -6.13
CA PHE I 157 63.81 -7.44 -5.32
C PHE I 157 64.42 -7.70 -3.95
N ARG I 158 65.66 -8.15 -3.93
CA ARG I 158 66.44 -8.14 -2.70
C ARG I 158 67.25 -6.84 -2.66
N VAL I 159 66.70 -5.78 -3.26
CA VAL I 159 67.48 -4.56 -3.48
C VAL I 159 67.73 -3.83 -2.17
N TYR I 160 66.67 -3.36 -1.52
CA TYR I 160 66.83 -2.66 -0.25
C TYR I 160 66.11 -3.38 0.89
N SER I 161 66.09 -2.77 2.06
CA SER I 161 65.29 -3.26 3.18
C SER I 161 64.66 -2.12 3.96
N SER I 162 64.55 -0.94 3.36
CA SER I 162 64.04 0.23 4.05
C SER I 162 63.57 1.25 3.00
N ALA I 163 62.48 1.94 3.34
CA ALA I 163 61.89 2.92 2.44
C ALA I 163 61.37 4.14 3.20
N ASN I 164 62.17 4.70 4.10
CA ASN I 164 61.71 5.69 5.05
C ASN I 164 61.69 7.09 4.44
N ASN I 165 60.80 7.94 4.95
CA ASN I 165 60.84 9.38 4.69
C ASN I 165 60.72 9.78 3.23
N CYS I 166 60.01 9.00 2.42
CA CYS I 166 59.96 9.22 0.98
C CYS I 166 59.50 10.63 0.62
N THR I 167 60.28 11.31 -0.21
CA THR I 167 60.08 12.71 -0.56
C THR I 167 59.70 12.85 -2.04
N PHE I 168 59.58 11.73 -2.73
CA PHE I 168 59.20 11.73 -4.14
C PHE I 168 58.89 10.29 -4.52
N GLU I 169 57.75 10.07 -5.17
CA GLU I 169 57.44 8.75 -5.69
C GLU I 169 57.07 8.88 -7.15
N TYR I 170 56.96 7.75 -7.80
CA TYR I 170 56.41 7.63 -9.15
C TYR I 170 56.26 6.16 -9.45
N VAL I 171 55.17 5.76 -10.08
CA VAL I 171 55.03 4.41 -10.61
C VAL I 171 54.30 4.53 -11.93
N SER I 172 53.97 3.40 -12.55
CA SER I 172 53.14 3.40 -13.74
C SER I 172 52.47 2.05 -13.94
N LYS I 187 71.21 -7.07 -31.17
CA LYS I 187 70.14 -6.98 -30.16
C LYS I 187 69.67 -5.55 -29.97
N ASN I 188 70.02 -4.99 -28.82
CA ASN I 188 69.60 -3.64 -28.47
C ASN I 188 70.79 -2.89 -27.90
N LEU I 189 70.83 -1.59 -28.16
CA LEU I 189 71.78 -0.68 -27.53
C LEU I 189 71.00 0.46 -26.90
N ARG I 190 71.21 0.68 -25.61
CA ARG I 190 70.43 1.63 -24.84
C ARG I 190 71.38 2.56 -24.10
N GLU I 191 71.54 3.77 -24.64
CA GLU I 191 72.44 4.75 -24.04
C GLU I 191 71.69 5.72 -23.13
N PHE I 192 72.40 6.21 -22.12
CA PHE I 192 71.85 7.15 -21.16
C PHE I 192 72.94 8.12 -20.74
N VAL I 193 72.53 9.37 -20.54
CA VAL I 193 73.41 10.39 -19.98
C VAL I 193 72.72 10.94 -18.74
N PHE I 194 73.39 10.85 -17.61
CA PHE I 194 72.85 11.31 -16.34
C PHE I 194 73.64 12.52 -15.88
N LYS I 195 72.95 13.59 -15.51
CA LYS I 195 73.63 14.74 -14.94
C LYS I 195 72.76 15.36 -13.86
N ASN I 196 73.35 16.23 -13.04
CA ASN I 196 72.73 16.71 -11.82
C ASN I 196 73.18 18.14 -11.55
N ILE I 197 72.35 19.11 -11.92
CA ILE I 197 72.70 20.52 -11.81
C ILE I 197 71.57 21.28 -11.14
N ASP I 198 71.93 22.12 -10.17
CA ASP I 198 71.00 23.01 -9.47
C ASP I 198 69.75 22.27 -8.99
N GLY I 199 69.94 21.16 -8.28
CA GLY I 199 68.84 20.42 -7.71
C GLY I 199 67.95 19.73 -8.73
N TYR I 200 68.34 19.75 -10.01
CA TYR I 200 67.62 19.03 -11.03
C TYR I 200 68.48 17.86 -11.49
N PHE I 201 67.85 16.71 -11.65
CA PHE I 201 68.56 15.51 -12.09
C PHE I 201 68.06 15.19 -13.49
N LYS I 202 68.86 15.53 -14.49
CA LYS I 202 68.47 15.38 -15.88
C LYS I 202 68.94 14.05 -16.42
N ILE I 203 68.13 13.48 -17.31
CA ILE I 203 68.36 12.17 -17.89
C ILE I 203 68.08 12.27 -19.39
N TYR I 204 69.09 12.02 -20.20
CA TYR I 204 68.92 11.90 -21.64
C TYR I 204 69.08 10.43 -21.99
N SER I 205 68.51 10.04 -23.10
CA SER I 205 68.52 8.63 -23.44
C SER I 205 68.33 8.44 -24.93
N LYS I 206 68.65 7.25 -25.41
CA LYS I 206 68.43 6.87 -26.80
C LYS I 206 68.46 5.35 -26.88
N HIS I 207 67.64 4.80 -27.76
CA HIS I 207 67.55 3.36 -27.97
C HIS I 207 67.81 3.10 -29.44
N THR I 208 68.99 2.63 -29.74
CA THR I 208 69.33 2.24 -31.10
C THR I 208 69.35 0.71 -31.19
N PRO I 209 68.97 0.16 -32.33
CA PRO I 209 69.12 -1.30 -32.50
C PRO I 209 70.48 -1.67 -33.08
N ILE I 210 71.24 -2.50 -32.37
CA ILE I 210 72.49 -3.01 -32.93
C ILE I 210 72.18 -4.19 -33.85
N ASN I 211 73.14 -4.59 -34.66
CA ASN I 211 73.01 -5.85 -35.38
C ASN I 211 74.06 -6.82 -34.85
N LEU I 212 74.58 -6.53 -33.67
CA LEU I 212 75.38 -7.42 -32.86
C LEU I 212 74.57 -7.79 -31.61
N VAL I 213 75.20 -8.50 -30.68
CA VAL I 213 74.50 -8.80 -29.43
C VAL I 213 75.02 -7.92 -28.29
N ARG I 214 76.33 -7.97 -27.98
CA ARG I 214 76.83 -7.27 -26.81
C ARG I 214 78.23 -6.65 -26.94
N ASP I 215 78.53 -5.96 -28.04
CA ASP I 215 79.78 -5.20 -28.16
C ASP I 215 79.48 -3.76 -28.55
N LEU I 216 80.31 -2.82 -28.10
CA LEU I 216 80.10 -1.40 -28.36
C LEU I 216 80.37 -1.08 -29.83
N PRO I 217 79.37 -0.63 -30.58
CA PRO I 217 79.57 -0.36 -32.01
C PRO I 217 80.17 1.00 -32.29
N GLN I 218 80.18 1.38 -33.55
CA GLN I 218 80.66 2.68 -33.99
C GLN I 218 79.55 3.41 -34.71
N GLY I 219 79.55 4.74 -34.62
CA GLY I 219 78.56 5.53 -35.31
C GLY I 219 78.18 6.80 -34.56
N PHE I 220 77.21 7.55 -35.11
CA PHE I 220 76.75 8.78 -34.48
C PHE I 220 75.26 8.70 -34.23
N SER I 221 74.86 9.05 -33.00
CA SER I 221 73.45 9.04 -32.62
C SER I 221 73.23 9.94 -31.42
N ALA I 222 72.53 11.06 -31.60
CA ALA I 222 72.34 12.04 -30.54
C ALA I 222 71.23 11.64 -29.59
N LEU I 223 71.41 11.98 -28.32
CA LEU I 223 70.54 11.52 -27.24
C LEU I 223 69.56 12.63 -26.86
N GLU I 224 68.22 12.28 -26.79
CA GLU I 224 67.12 13.22 -26.56
C GLU I 224 66.68 13.22 -25.11
N PRO I 225 66.41 14.41 -24.56
CA PRO I 225 66.09 14.50 -23.12
C PRO I 225 64.81 13.76 -22.77
N LEU I 226 64.83 13.12 -21.59
CA LEU I 226 63.73 12.25 -21.17
C LEU I 226 62.98 12.84 -19.98
N VAL I 227 63.70 13.14 -18.91
CA VAL I 227 63.13 13.40 -17.61
C VAL I 227 63.79 14.66 -17.07
N ASP I 228 63.22 15.13 -15.95
CA ASP I 228 63.69 16.28 -15.19
C ASP I 228 63.13 16.11 -13.78
N LEU I 229 63.98 16.03 -12.75
CA LEU I 229 63.45 15.84 -11.41
C LEU I 229 63.97 16.92 -10.47
N PRO I 230 63.11 17.78 -9.95
CA PRO I 230 63.56 18.81 -8.98
C PRO I 230 63.70 18.23 -7.57
N ILE I 231 64.80 17.51 -7.34
CA ILE I 231 64.98 16.79 -6.09
C ILE I 231 65.71 17.65 -5.09
N GLY I 232 66.97 17.98 -5.37
CA GLY I 232 67.80 18.70 -4.43
C GLY I 232 68.89 17.81 -3.85
N ILE I 233 68.72 16.50 -4.06
CA ILE I 233 69.61 15.44 -3.64
C ILE I 233 71.07 15.72 -4.01
N ASN I 234 71.99 15.36 -3.12
CA ASN I 234 73.42 15.32 -3.41
C ASN I 234 73.77 13.95 -3.95
N ILE I 235 74.71 13.89 -4.90
CA ILE I 235 75.12 12.61 -5.47
C ILE I 235 76.63 12.55 -5.54
N THR I 236 77.20 11.40 -5.16
CA THR I 236 78.62 11.16 -5.28
C THR I 236 78.90 9.74 -5.75
N ARG I 237 77.90 8.88 -5.76
CA ARG I 237 78.13 7.48 -6.10
C ARG I 237 76.89 6.92 -6.78
N PHE I 238 77.08 5.80 -7.47
CA PHE I 238 75.95 5.13 -8.13
C PHE I 238 76.31 3.67 -8.37
N GLN I 239 75.30 2.89 -8.75
CA GLN I 239 75.45 1.45 -8.94
C GLN I 239 74.62 0.99 -10.13
N THR I 240 74.41 -0.30 -10.23
CA THR I 240 73.56 -0.90 -11.24
C THR I 240 72.75 -2.04 -10.62
N LEU I 241 71.74 -2.50 -11.35
CA LEU I 241 70.83 -3.53 -10.88
C LEU I 241 70.65 -4.58 -11.98
N LEU I 242 70.72 -5.86 -11.61
CA LEU I 242 70.69 -6.93 -12.59
C LEU I 242 69.71 -8.01 -12.15
N ALA I 243 69.15 -8.70 -13.14
CA ALA I 243 68.20 -9.80 -12.92
C ALA I 243 68.97 -11.12 -12.95
N LEU I 244 69.02 -11.81 -11.81
CA LEU I 244 69.83 -13.01 -11.63
C LEU I 244 69.42 -14.16 -12.53
N HIS I 245 70.18 -15.24 -12.43
CA HIS I 245 69.88 -16.53 -13.03
C HIS I 245 69.34 -17.48 -11.97
N ARG I 246 68.09 -17.92 -12.15
CA ARG I 246 67.54 -18.88 -11.20
C ARG I 246 66.78 -20.01 -11.87
N SER I 247 66.32 -19.80 -13.10
CA SER I 247 65.57 -20.83 -13.80
C SER I 247 66.19 -21.16 -15.16
N ALA I 264 76.90 -6.90 -20.06
CA ALA I 264 77.84 -6.04 -20.76
C ALA I 264 77.39 -4.59 -20.68
N TYR I 265 78.20 -3.75 -20.05
CA TYR I 265 77.88 -2.34 -19.95
C TYR I 265 79.13 -1.52 -19.67
N TYR I 266 79.06 -0.25 -20.03
CA TYR I 266 80.18 0.68 -20.04
C TYR I 266 79.86 1.88 -19.17
N VAL I 267 80.90 2.60 -18.75
CA VAL I 267 80.71 3.81 -17.96
C VAL I 267 81.73 4.87 -18.36
N GLY I 268 81.28 5.92 -19.04
CA GLY I 268 82.10 7.07 -19.32
C GLY I 268 81.82 8.19 -18.33
N TYR I 269 82.65 9.22 -18.38
CA TYR I 269 82.45 10.39 -17.54
C TYR I 269 82.48 11.62 -18.43
N LEU I 270 81.91 12.71 -17.93
CA LEU I 270 81.70 13.91 -18.70
C LEU I 270 82.58 15.02 -18.18
N GLN I 271 83.12 15.81 -19.08
CA GLN I 271 83.98 16.94 -18.76
C GLN I 271 83.50 18.15 -19.52
N PRO I 272 83.89 19.34 -19.09
CA PRO I 272 83.52 20.56 -19.83
C PRO I 272 84.31 20.71 -21.12
N ARG I 273 83.65 20.46 -22.23
CA ARG I 273 84.22 20.60 -23.57
C ARG I 273 83.45 21.63 -24.38
N THR I 274 83.95 21.88 -25.58
CA THR I 274 83.34 22.76 -26.57
C THR I 274 83.17 21.97 -27.85
N PHE I 275 81.95 21.89 -28.35
CA PHE I 275 81.67 21.10 -29.55
C PHE I 275 81.04 21.97 -30.63
N LEU I 276 81.06 21.43 -31.84
CA LEU I 276 80.44 22.06 -33.01
C LEU I 276 79.44 21.05 -33.57
N LEU I 277 78.16 21.34 -33.40
CA LEU I 277 77.10 20.43 -33.82
C LEU I 277 76.53 20.84 -35.16
N LYS I 278 76.34 19.88 -36.04
CA LYS I 278 75.74 20.11 -37.34
C LYS I 278 74.27 19.73 -37.28
N TYR I 279 73.40 20.69 -37.60
CA TYR I 279 71.98 20.46 -37.51
C TYR I 279 71.40 20.21 -38.90
N ASN I 280 70.54 19.20 -38.99
CA ASN I 280 69.81 18.87 -40.19
C ASN I 280 68.77 19.95 -40.48
N GLU I 281 68.06 19.79 -41.59
CA GLU I 281 66.94 20.68 -41.90
C GLU I 281 65.67 20.33 -41.14
N ASN I 282 65.52 19.10 -40.67
CA ASN I 282 64.47 18.80 -39.73
C ASN I 282 64.81 19.19 -38.31
N GLY I 283 66.07 19.50 -38.04
CA GLY I 283 66.46 19.96 -36.73
C GLY I 283 67.14 18.94 -35.87
N THR I 284 67.61 17.85 -36.46
CA THR I 284 68.33 16.83 -35.70
C THR I 284 69.83 16.98 -35.89
N ILE I 285 70.58 16.59 -34.86
CA ILE I 285 72.03 16.64 -34.88
C ILE I 285 72.52 15.41 -35.63
N THR I 286 73.20 15.62 -36.75
CA THR I 286 73.64 14.50 -37.59
C THR I 286 75.14 14.26 -37.46
N ASP I 287 75.92 15.30 -37.16
CA ASP I 287 77.35 15.17 -37.00
C ASP I 287 77.85 16.16 -35.96
N ALA I 288 79.08 15.96 -35.50
CA ALA I 288 79.67 16.85 -34.52
C ALA I 288 81.18 16.88 -34.69
N VAL I 289 81.79 17.89 -34.06
CA VAL I 289 83.24 18.03 -34.02
C VAL I 289 83.64 18.35 -32.59
N ASP I 290 84.55 17.56 -32.04
CA ASP I 290 85.17 17.84 -30.76
C ASP I 290 86.38 18.71 -31.01
N CYS I 291 86.40 19.90 -30.43
CA CYS I 291 87.31 20.96 -30.87
C CYS I 291 88.60 20.97 -30.07
N ALA I 292 88.88 19.86 -29.40
CA ALA I 292 90.06 19.79 -28.58
C ALA I 292 90.76 18.46 -28.79
N LEU I 293 90.31 17.72 -29.80
CA LEU I 293 90.97 16.48 -30.14
C LEU I 293 92.35 16.73 -30.75
N ASP I 294 92.41 17.38 -31.90
CA ASP I 294 93.64 17.51 -32.65
C ASP I 294 93.68 18.86 -33.35
N PRO I 295 94.80 19.23 -34.01
CA PRO I 295 94.83 20.54 -34.68
C PRO I 295 93.80 20.72 -35.77
N LEU I 296 93.50 19.69 -36.54
CA LEU I 296 92.47 19.80 -37.56
C LEU I 296 91.12 20.19 -36.98
N SER I 297 90.75 19.61 -35.83
CA SER I 297 89.45 19.90 -35.22
C SER I 297 89.41 21.31 -34.65
N GLU I 298 90.50 21.75 -34.05
CA GLU I 298 90.59 23.13 -33.59
C GLU I 298 90.50 24.12 -34.76
N THR I 299 91.05 23.77 -35.92
CA THR I 299 90.88 24.63 -37.09
C THR I 299 89.44 24.65 -37.55
N LYS I 300 88.80 23.49 -37.64
CA LYS I 300 87.40 23.43 -38.04
C LYS I 300 86.53 24.26 -37.10
N CYS I 301 86.86 24.26 -35.82
CA CYS I 301 86.11 25.04 -34.85
C CYS I 301 86.36 26.53 -35.02
N THR I 302 87.62 26.91 -35.27
CA THR I 302 87.95 28.31 -35.49
C THR I 302 87.26 28.88 -36.72
N LEU I 303 87.15 28.10 -37.80
CA LEU I 303 86.49 28.54 -39.02
C LEU I 303 84.98 28.36 -38.99
N LYS I 304 84.44 27.54 -38.08
CA LYS I 304 83.03 27.18 -38.03
C LYS I 304 82.59 26.49 -39.31
N SER I 305 83.27 25.41 -39.65
CA SER I 305 82.96 24.67 -40.85
C SER I 305 83.43 23.23 -40.70
N PHE I 306 83.01 22.40 -41.64
CA PHE I 306 83.42 21.00 -41.67
C PHE I 306 84.39 20.71 -42.80
N THR I 307 84.61 21.67 -43.70
CA THR I 307 85.62 21.55 -44.75
C THR I 307 86.50 22.77 -44.71
N VAL I 308 87.78 22.58 -44.44
CA VAL I 308 88.79 23.63 -44.52
C VAL I 308 89.54 23.49 -45.83
N GLU I 309 89.67 24.59 -46.55
CA GLU I 309 90.47 24.64 -47.76
C GLU I 309 91.92 24.96 -47.43
N LYS I 310 92.81 24.60 -48.35
CA LYS I 310 94.24 24.80 -48.18
C LYS I 310 94.56 26.21 -47.71
N GLY I 311 95.52 26.33 -46.80
CA GLY I 311 95.89 27.62 -46.29
C GLY I 311 96.74 27.45 -45.07
N ILE I 312 96.79 28.50 -44.26
CA ILE I 312 97.40 28.45 -42.95
C ILE I 312 96.56 29.32 -42.04
N TYR I 313 96.21 28.78 -40.88
CA TYR I 313 95.21 29.38 -40.02
C TYR I 313 95.76 29.53 -38.62
N GLN I 314 95.54 30.70 -38.04
CA GLN I 314 95.88 30.92 -36.64
C GLN I 314 94.77 30.36 -35.79
N THR I 315 95.14 29.50 -34.84
CA THR I 315 94.14 28.65 -34.23
C THR I 315 94.06 28.91 -32.73
N SER I 316 95.17 29.26 -32.11
CA SER I 316 95.17 29.54 -30.67
C SER I 316 96.47 30.19 -30.24
N ASN I 317 96.85 29.96 -28.98
CA ASN I 317 98.08 30.52 -28.44
C ASN I 317 98.79 29.59 -27.47
N PHE I 318 100.04 29.26 -27.79
CA PHE I 318 100.83 28.37 -26.95
C PHE I 318 101.35 29.11 -25.72
N ARG I 319 101.09 28.54 -24.55
CA ARG I 319 101.52 29.13 -23.29
C ARG I 319 102.08 28.07 -22.37
N VAL I 320 103.34 28.22 -21.98
CA VAL I 320 103.99 27.26 -21.10
C VAL I 320 103.21 27.10 -19.81
N GLN I 321 103.73 26.30 -18.89
CA GLN I 321 103.05 26.07 -17.62
C GLN I 321 103.94 26.31 -16.41
N PRO I 322 103.34 26.62 -15.26
CA PRO I 322 104.09 26.89 -14.04
C PRO I 322 104.11 25.69 -13.09
N THR I 323 105.05 25.68 -12.15
CA THR I 323 105.14 24.58 -11.18
C THR I 323 105.47 25.10 -9.78
N GLU I 324 105.27 24.25 -8.79
CA GLU I 324 105.55 24.58 -7.40
C GLU I 324 105.14 26.01 -7.03
N SER I 325 105.81 26.55 -6.02
CA SER I 325 105.54 27.90 -5.55
C SER I 325 106.62 28.33 -4.56
N ILE I 326 107.67 28.96 -5.07
CA ILE I 326 108.78 29.42 -4.24
C ILE I 326 108.32 30.03 -2.93
N VAL I 327 108.09 31.33 -2.94
CA VAL I 327 107.64 32.05 -1.74
C VAL I 327 108.75 32.06 -0.67
N ARG I 328 108.88 33.17 0.04
CA ARG I 328 109.89 33.28 1.08
C ARG I 328 109.80 34.61 1.83
N PHE I 329 109.20 34.57 3.02
CA PHE I 329 109.05 35.77 3.83
C PHE I 329 110.35 36.08 4.58
N PRO I 330 110.32 37.13 5.38
CA PRO I 330 111.49 37.55 6.17
C PRO I 330 111.85 36.51 7.23
N ASN I 331 112.25 36.97 8.41
CA ASN I 331 112.63 36.07 9.50
C ASN I 331 111.71 36.23 10.71
N ILE I 332 110.88 35.23 10.96
CA ILE I 332 109.96 35.25 12.09
C ILE I 332 110.66 35.72 13.36
N THR I 333 109.88 36.25 14.30
CA THR I 333 110.43 36.72 15.56
C THR I 333 109.33 36.95 16.59
N ASN I 334 108.91 35.87 17.25
CA ASN I 334 107.85 35.95 18.25
C ASN I 334 106.48 36.17 17.64
N LEU I 335 105.59 36.78 18.41
CA LEU I 335 104.23 37.05 17.93
C LEU I 335 103.74 38.41 18.40
N CYS I 336 102.55 38.80 17.96
CA CYS I 336 101.97 40.09 18.32
C CYS I 336 101.01 39.93 19.50
N PRO I 337 101.24 40.68 20.56
CA PRO I 337 100.37 40.62 21.74
C PRO I 337 99.29 41.69 21.72
N PHE I 338 98.21 41.47 20.99
CA PHE I 338 97.13 42.46 20.93
C PHE I 338 96.44 42.60 22.28
N GLY I 339 96.48 41.54 23.07
CA GLY I 339 95.86 41.54 24.38
C GLY I 339 96.34 42.63 25.29
N GLU I 340 96.88 43.72 24.74
CA GLU I 340 97.11 44.94 25.51
C GLU I 340 96.24 46.09 25.02
N VAL I 341 96.02 46.19 23.71
CA VAL I 341 95.17 47.25 23.17
C VAL I 341 93.72 46.81 23.17
N PHE I 342 93.49 45.51 22.91
CA PHE I 342 92.14 44.96 22.98
C PHE I 342 91.81 44.41 24.35
N ASN I 343 92.71 44.56 25.32
CA ASN I 343 92.50 44.04 26.67
C ASN I 343 92.99 45.02 27.74
N ALA I 344 92.73 46.31 27.54
CA ALA I 344 93.17 47.31 28.51
C ALA I 344 92.14 47.48 29.62
N THR I 345 92.62 47.89 30.79
CA THR I 345 91.72 48.16 31.91
C THR I 345 91.10 49.54 31.84
N ARG I 346 91.74 50.48 31.18
CA ARG I 346 91.23 51.84 31.05
C ARG I 346 91.57 52.36 29.67
N PHE I 347 90.54 52.67 28.88
CA PHE I 347 90.75 53.19 27.54
C PHE I 347 91.17 54.65 27.56
N ALA I 348 91.12 55.29 26.39
CA ALA I 348 91.50 56.70 26.28
C ALA I 348 90.34 57.55 25.79
N SER I 349 90.34 58.82 26.18
CA SER I 349 89.27 59.74 25.78
C SER I 349 89.08 59.73 24.28
N VAL I 350 88.06 60.45 23.81
CA VAL I 350 87.77 60.53 22.39
C VAL I 350 88.45 61.74 21.75
N TYR I 351 88.73 62.75 22.57
CA TYR I 351 89.38 63.96 22.10
C TYR I 351 90.89 63.89 22.18
N ALA I 352 91.43 62.98 22.97
CA ALA I 352 92.87 62.67 22.93
C ALA I 352 92.99 61.16 22.81
N TRP I 353 92.83 60.64 21.60
CA TRP I 353 92.84 59.21 21.40
C TRP I 353 94.26 58.71 21.60
N ASN I 354 94.39 57.40 21.75
CA ASN I 354 95.77 56.96 21.87
C ASN I 354 96.33 56.63 20.50
N ARG I 355 97.60 56.24 20.45
CA ARG I 355 98.20 55.88 19.18
C ARG I 355 99.34 54.93 19.43
N LYS I 356 99.10 53.63 19.23
CA LYS I 356 100.12 52.61 19.39
C LYS I 356 100.63 52.26 18.00
N ARG I 357 101.94 52.16 17.83
CA ARG I 357 102.49 51.85 16.54
C ARG I 357 102.98 50.42 16.55
N ILE I 358 102.07 49.49 16.26
CA ILE I 358 102.46 48.10 16.11
C ILE I 358 103.56 48.02 15.05
N SER I 359 104.49 47.10 15.24
CA SER I 359 105.70 47.06 14.42
C SER I 359 105.99 45.61 14.09
N ASN I 360 107.21 45.34 13.61
CA ASN I 360 107.64 44.01 13.16
C ASN I 360 107.23 42.92 14.14
N CYS I 361 106.42 42.00 13.68
CA CYS I 361 105.73 41.02 14.52
C CYS I 361 105.06 40.01 13.60
N VAL I 362 104.29 39.12 14.21
CA VAL I 362 103.49 38.13 13.50
C VAL I 362 102.05 38.45 13.92
N ALA I 363 101.30 39.10 13.04
CA ALA I 363 99.94 39.52 13.35
C ALA I 363 98.95 38.49 12.83
N ASP I 364 98.02 38.10 13.71
CA ASP I 364 97.01 37.09 13.38
C ASP I 364 95.63 37.73 13.49
N TYR I 365 95.20 38.37 12.40
CA TYR I 365 93.90 39.00 12.42
C TYR I 365 92.75 38.01 12.42
N SER I 366 93.03 36.71 12.45
CA SER I 366 91.93 35.75 12.52
C SER I 366 91.36 35.68 13.92
N VAL I 367 92.21 35.69 14.95
CA VAL I 367 91.72 35.71 16.32
C VAL I 367 90.85 36.93 16.56
N LEU I 368 91.13 38.01 15.84
CA LEU I 368 90.23 39.14 15.88
C LEU I 368 88.96 38.85 15.11
N TYR I 369 89.09 38.49 13.84
CA TYR I 369 87.95 38.44 12.93
C TYR I 369 86.87 37.50 13.41
N ASN I 370 87.25 36.38 14.03
CA ASN I 370 86.27 35.38 14.39
C ASN I 370 85.89 35.41 15.86
N SER I 371 86.31 36.43 16.59
CA SER I 371 86.10 36.41 18.03
C SER I 371 84.64 36.60 18.40
N ALA I 372 83.81 37.08 17.49
CA ALA I 372 82.37 37.18 17.67
C ALA I 372 81.99 38.04 18.85
N SER I 373 82.96 38.63 19.53
CA SER I 373 82.69 39.54 20.63
C SER I 373 82.57 40.98 20.17
N PHE I 374 82.88 41.25 18.91
CA PHE I 374 82.88 42.59 18.37
C PHE I 374 81.54 42.89 17.75
N SER I 375 80.97 44.03 18.11
CA SER I 375 79.72 44.41 17.51
C SER I 375 79.89 45.05 16.15
N THR I 376 81.08 45.50 15.81
CA THR I 376 81.29 46.14 14.51
C THR I 376 82.70 45.80 14.04
N PHE I 377 82.82 45.20 12.87
CA PHE I 377 84.15 44.91 12.31
C PHE I 377 84.10 45.20 10.83
N LYS I 378 84.40 46.44 10.45
CA LYS I 378 84.36 46.82 9.04
C LYS I 378 85.77 46.95 8.52
N CYS I 379 86.03 46.45 7.33
CA CYS I 379 87.32 46.64 6.70
C CYS I 379 87.12 47.37 5.39
N TYR I 380 87.98 48.35 5.12
CA TYR I 380 87.75 49.24 3.99
C TYR I 380 88.73 49.05 2.85
N GLY I 381 90.01 49.21 3.10
CA GLY I 381 90.95 49.03 2.02
C GLY I 381 90.97 47.60 1.55
N VAL I 382 90.66 46.67 2.45
CA VAL I 382 90.91 45.25 2.22
C VAL I 382 89.94 44.42 3.03
N SER I 383 89.22 43.53 2.36
CA SER I 383 88.27 42.67 3.06
C SER I 383 88.97 42.15 4.31
N PRO I 384 88.28 41.40 5.15
CA PRO I 384 88.95 40.91 6.36
C PRO I 384 89.68 39.59 6.20
N THR I 385 89.17 38.65 5.42
CA THR I 385 89.75 37.32 5.41
C THR I 385 91.14 37.28 4.77
N LYS I 386 91.45 38.29 3.97
CA LYS I 386 92.75 38.36 3.30
C LYS I 386 93.81 39.13 4.08
N LEU I 387 93.56 39.41 5.35
CA LEU I 387 94.54 40.13 6.15
C LEU I 387 95.70 39.23 6.55
N ASN I 388 95.39 37.98 6.87
CA ASN I 388 96.40 37.01 7.27
C ASN I 388 97.60 37.00 6.32
N ASP I 389 97.53 36.15 5.31
CA ASP I 389 98.61 36.04 4.32
C ASP I 389 98.84 37.36 3.61
N LEU I 390 99.57 38.26 4.25
CA LEU I 390 99.88 39.56 3.68
C LEU I 390 100.98 40.26 4.45
N CYS I 391 101.69 41.16 3.78
CA CYS I 391 102.78 41.90 4.41
C CYS I 391 102.50 43.40 4.40
N PHE I 392 103.07 44.10 5.37
CA PHE I 392 102.89 45.55 5.49
C PHE I 392 104.18 46.23 5.93
N THR I 393 104.07 47.51 6.26
CA THR I 393 105.22 48.29 6.72
C THR I 393 104.99 48.62 8.18
N ASN I 394 103.89 49.33 8.44
CA ASN I 394 103.51 49.69 9.79
C ASN I 394 102.01 49.48 9.95
N VAL I 395 101.61 49.12 11.15
CA VAL I 395 100.21 49.10 11.54
C VAL I 395 100.09 50.06 12.69
N TYR I 396 99.14 50.95 12.63
CA TYR I 396 98.88 51.81 13.76
C TYR I 396 97.56 51.37 14.38
N ALA I 397 97.43 51.51 15.68
CA ALA I 397 96.19 51.19 16.35
C ALA I 397 95.78 52.37 17.21
N ASP I 398 94.63 52.96 16.93
CA ASP I 398 94.12 54.07 17.71
C ASP I 398 92.96 53.59 18.57
N SER I 399 92.87 54.12 19.79
CA SER I 399 91.92 53.61 20.76
C SER I 399 91.18 54.76 21.41
N PHE I 400 89.87 54.59 21.60
CA PHE I 400 89.10 55.58 22.35
C PHE I 400 87.74 55.02 22.71
N VAL I 401 86.89 55.87 23.28
CA VAL I 401 85.58 55.51 23.80
C VAL I 401 84.57 56.56 23.37
N ILE I 402 83.46 56.13 22.78
CA ILE I 402 82.44 57.05 22.32
C ILE I 402 81.06 56.52 22.73
N ARG I 403 80.02 57.20 22.29
CA ARG I 403 78.68 56.77 22.59
C ARG I 403 78.40 55.55 21.71
N GLY I 404 77.18 55.02 21.78
CA GLY I 404 76.84 53.87 20.99
C GLY I 404 76.48 54.21 19.57
N ASP I 405 75.82 55.34 19.36
CA ASP I 405 75.36 55.67 18.03
C ASP I 405 76.27 56.65 17.31
N GLU I 406 77.49 56.76 17.81
CA GLU I 406 78.49 57.61 17.20
C GLU I 406 79.51 56.72 16.49
N VAL I 407 79.25 55.41 16.43
CA VAL I 407 80.20 54.54 15.77
C VAL I 407 80.05 54.62 14.27
N ARG I 408 79.01 55.32 13.82
CA ARG I 408 78.75 55.49 12.40
C ARG I 408 79.61 56.60 11.80
N GLN I 409 80.20 57.43 12.66
CA GLN I 409 81.03 58.51 12.17
C GLN I 409 82.49 58.14 12.09
N ILE I 410 82.83 56.91 12.51
CA ILE I 410 84.21 56.45 12.48
C ILE I 410 84.50 55.68 11.20
N ALA I 411 84.69 56.42 10.10
CA ALA I 411 84.99 55.81 8.82
C ALA I 411 85.54 56.84 7.83
N PRO I 412 85.59 56.48 6.55
CA PRO I 412 86.11 57.41 5.54
C PRO I 412 85.02 58.21 4.83
N GLY I 413 85.08 59.54 4.90
CA GLY I 413 84.08 60.36 4.25
C GLY I 413 82.84 60.56 5.10
N GLN I 414 83.05 60.77 6.40
CA GLN I 414 81.94 60.97 7.33
C GLN I 414 82.02 62.36 7.97
N THR I 415 80.94 62.73 8.65
CA THR I 415 80.88 64.04 9.32
C THR I 415 80.10 63.94 10.63
N GLY I 416 80.35 64.91 11.52
CA GLY I 416 79.67 64.94 12.80
C GLY I 416 80.54 65.53 13.90
N LYS I 417 79.96 65.73 15.07
CA LYS I 417 80.68 66.29 16.21
C LYS I 417 81.96 65.51 16.49
N ILE I 418 81.94 64.22 16.18
CA ILE I 418 83.09 63.35 16.40
C ILE I 418 84.04 63.42 15.23
N ALA I 419 83.53 63.21 14.02
CA ALA I 419 84.42 63.17 12.87
C ALA I 419 84.87 64.56 12.46
N ASP I 420 84.10 65.59 12.81
CA ASP I 420 84.52 66.93 12.46
C ASP I 420 85.74 67.34 13.26
N TYR I 421 85.60 67.46 14.57
CA TYR I 421 86.74 67.75 15.40
C TYR I 421 86.76 66.86 16.63
N ASN I 422 87.02 65.57 16.44
CA ASN I 422 87.66 64.78 17.48
C ASN I 422 88.63 63.80 16.87
N TYR I 423 88.23 63.17 15.76
CA TYR I 423 89.01 62.10 15.15
C TYR I 423 88.55 61.93 13.71
N LYS I 424 89.39 62.30 12.76
CA LYS I 424 89.04 62.29 11.36
C LYS I 424 89.87 61.26 10.63
N LEU I 425 89.22 60.41 9.84
CA LEU I 425 89.75 59.34 9.00
C LEU I 425 89.92 59.81 7.57
N PRO I 426 91.07 59.60 6.93
CA PRO I 426 91.26 60.11 5.58
C PRO I 426 90.28 59.48 4.63
N ASP I 427 90.22 60.02 3.42
CA ASP I 427 89.19 59.60 2.48
C ASP I 427 89.59 58.38 1.67
N ASP I 428 90.84 57.94 1.75
CA ASP I 428 91.27 56.69 1.15
C ASP I 428 91.81 55.73 2.20
N PHE I 429 91.07 55.59 3.29
CA PHE I 429 91.49 54.76 4.40
C PHE I 429 91.81 53.37 3.92
N THR I 430 92.64 52.66 4.67
CA THR I 430 93.04 51.32 4.28
C THR I 430 92.76 50.26 5.33
N GLY I 431 92.65 50.60 6.59
CA GLY I 431 92.62 49.61 7.64
C GLY I 431 91.26 49.04 7.90
N CYS I 432 91.00 48.75 9.17
CA CYS I 432 89.71 48.26 9.62
C CYS I 432 89.32 48.94 10.92
N VAL I 433 88.03 48.97 11.19
CA VAL I 433 87.46 49.63 12.35
C VAL I 433 86.74 48.57 13.16
N ILE I 434 87.05 48.47 14.44
CA ILE I 434 86.47 47.47 15.32
C ILE I 434 85.86 48.16 16.52
N ALA I 435 84.71 47.68 16.96
CA ALA I 435 84.01 48.35 18.05
C ALA I 435 83.16 47.36 18.81
N TRP I 436 83.14 47.52 20.13
CA TRP I 436 82.32 46.63 20.94
C TRP I 436 81.77 47.38 22.16
N ASN I 437 80.61 46.93 22.61
CA ASN I 437 79.95 47.59 23.73
C ASN I 437 80.70 47.32 25.01
N SER I 438 80.74 48.32 25.88
CA SER I 438 81.44 48.19 27.14
C SER I 438 80.66 48.84 28.25
N ASN I 439 79.37 48.56 28.34
CA ASN I 439 78.55 49.24 29.34
C ASN I 439 78.99 48.92 30.75
N ASN I 440 79.39 47.69 31.03
CA ASN I 440 79.65 47.30 32.40
C ASN I 440 80.96 47.82 32.93
N LEU I 441 81.91 48.15 32.05
CA LEU I 441 83.21 48.61 32.47
C LEU I 441 83.29 50.12 32.66
N ASP I 442 82.64 50.89 31.80
CA ASP I 442 82.88 52.31 31.73
C ASP I 442 81.77 53.15 32.32
N SER I 443 80.59 52.58 32.52
CA SER I 443 79.47 53.33 33.04
C SER I 443 79.26 53.01 34.51
N LYS I 444 79.13 54.05 35.33
CA LYS I 444 78.95 53.85 36.76
C LYS I 444 77.66 54.50 37.28
N VAL I 445 77.15 53.98 38.39
CA VAL I 445 75.94 54.50 39.00
C VAL I 445 76.14 55.94 39.43
N GLY I 446 75.35 56.84 38.86
CA GLY I 446 75.44 58.25 39.18
C GLY I 446 75.94 59.06 38.00
N GLY I 447 76.86 58.46 37.25
CA GLY I 447 77.41 59.12 36.09
C GLY I 447 78.93 59.13 36.07
N ASN I 448 79.51 58.60 35.02
CA ASN I 448 80.96 58.59 34.86
C ASN I 448 81.33 59.82 34.06
N TYR I 449 81.77 60.88 34.74
CA TYR I 449 82.08 62.14 34.10
C TYR I 449 83.55 62.26 33.74
N ASN I 450 84.23 61.17 33.48
CA ASN I 450 85.63 61.24 33.12
C ASN I 450 85.89 61.06 31.64
N TYR I 451 84.85 60.91 30.83
CA TYR I 451 84.99 60.68 29.40
C TYR I 451 84.45 61.91 28.67
N LEU I 452 85.36 62.74 28.20
CA LEU I 452 85.00 64.01 27.60
C LEU I 452 85.14 63.93 26.08
N TYR I 453 84.59 64.94 25.43
CA TYR I 453 84.76 65.10 24.00
C TYR I 453 84.73 66.59 23.69
N ARG I 454 85.33 66.96 22.56
CA ARG I 454 85.38 68.33 22.14
C ARG I 454 84.17 68.63 21.29
N LEU I 455 83.51 69.76 21.57
CA LEU I 455 82.31 70.09 20.84
C LEU I 455 82.37 71.43 20.14
N PHE I 456 83.49 72.16 20.22
CA PHE I 456 83.66 73.40 19.49
C PHE I 456 85.08 73.47 18.96
N ARG I 457 85.24 73.78 17.68
CA ARG I 457 86.56 74.04 17.16
C ARG I 457 86.45 75.02 16.00
N LYS I 458 87.55 75.72 15.74
CA LYS I 458 87.57 76.67 14.65
C LYS I 458 87.36 76.01 13.30
N SER I 459 88.03 74.89 13.06
CA SER I 459 87.99 74.26 11.75
C SER I 459 88.15 72.76 11.91
N ASN I 460 87.49 72.03 11.02
CA ASN I 460 87.53 70.59 11.07
C ASN I 460 88.96 70.08 10.98
N LEU I 461 89.17 68.90 11.55
CA LEU I 461 90.52 68.35 11.65
C LEU I 461 91.01 67.87 10.29
N LYS I 462 92.32 67.94 10.11
CA LYS I 462 92.91 67.16 9.04
C LYS I 462 92.90 65.70 9.44
N PRO I 463 92.92 64.78 8.49
CA PRO I 463 92.88 63.36 8.86
C PRO I 463 94.04 62.99 9.75
N PHE I 464 93.73 62.28 10.84
CA PHE I 464 94.71 61.78 11.80
C PHE I 464 95.39 62.90 12.56
N GLU I 465 94.76 64.05 12.61
CA GLU I 465 95.27 65.17 13.38
C GLU I 465 94.66 65.15 14.77
N ARG I 466 95.36 65.72 15.74
CA ARG I 466 95.00 65.61 17.14
C ARG I 466 95.15 66.95 17.84
N ASP I 467 94.24 67.26 18.75
CA ASP I 467 94.14 68.60 19.32
C ASP I 467 93.70 68.50 20.77
N ILE I 468 94.65 68.66 21.70
CA ILE I 468 94.36 68.53 23.12
C ILE I 468 94.36 69.88 23.82
N SER I 469 94.29 70.97 23.08
CA SER I 469 94.31 72.27 23.73
C SER I 469 92.99 72.51 24.46
N THR I 470 92.97 73.52 25.31
CA THR I 470 91.82 73.79 26.16
C THR I 470 91.57 75.28 26.23
N GLU I 471 91.68 75.97 25.11
CA GLU I 471 91.43 77.40 25.08
C GLU I 471 89.94 77.68 25.04
N ILE I 472 89.55 78.78 25.66
CA ILE I 472 88.15 79.16 25.67
C ILE I 472 87.72 79.52 24.26
N TYR I 473 86.71 78.80 23.78
CA TYR I 473 86.17 79.04 22.44
C TYR I 473 85.53 80.42 22.38
N GLN I 474 85.48 80.99 21.19
CA GLN I 474 84.90 82.32 21.01
C GLN I 474 83.91 82.25 19.86
N ALA I 475 82.63 82.17 20.18
CA ALA I 475 81.63 82.05 19.14
C ALA I 475 81.38 83.38 18.47
N GLY I 476 80.92 84.37 19.22
CA GLY I 476 80.66 85.69 18.70
C GLY I 476 81.93 86.45 18.41
N SER I 477 81.74 87.70 17.96
CA SER I 477 82.87 88.54 17.59
C SER I 477 83.58 89.11 18.80
N THR I 478 82.92 89.18 19.94
CA THR I 478 83.51 89.79 21.10
C THR I 478 84.66 88.94 21.61
N PRO I 479 85.83 89.52 21.89
CA PRO I 479 86.93 88.74 22.44
C PRO I 479 86.60 88.22 23.82
N CYS I 480 87.26 87.12 24.20
CA CYS I 480 86.90 86.37 25.38
C CYS I 480 87.78 86.65 26.59
N ASN I 481 89.08 86.87 26.39
CA ASN I 481 90.00 87.16 27.49
C ASN I 481 90.02 86.05 28.53
N GLY I 482 89.89 84.81 28.09
CA GLY I 482 90.08 83.69 29.00
C GLY I 482 89.04 83.53 30.07
N VAL I 483 87.90 84.21 29.98
CA VAL I 483 86.82 84.00 30.94
C VAL I 483 85.58 83.57 30.19
N GLU I 484 84.74 82.80 30.86
CA GLU I 484 83.50 82.31 30.27
C GLU I 484 82.48 83.42 30.15
N GLY I 485 81.36 83.08 29.54
CA GLY I 485 80.30 84.05 29.34
C GLY I 485 79.57 83.75 28.06
N PHE I 486 78.63 84.63 27.71
CA PHE I 486 77.91 84.48 26.46
C PHE I 486 78.89 84.50 25.30
N ASN I 487 78.75 83.53 24.41
CA ASN I 487 79.61 83.43 23.23
C ASN I 487 81.07 83.27 23.60
N CYS I 488 81.33 82.79 24.82
CA CYS I 488 82.68 82.41 25.25
C CYS I 488 82.52 81.13 26.05
N TYR I 489 82.77 80.00 25.41
CA TYR I 489 82.43 78.69 25.95
C TYR I 489 83.66 77.84 26.18
N PHE I 490 83.65 77.11 27.26
CA PHE I 490 84.61 76.04 27.45
C PHE I 490 84.39 74.99 26.37
N PRO I 491 85.45 74.46 25.77
CA PRO I 491 85.25 73.64 24.57
C PRO I 491 85.07 72.14 24.82
N LEU I 492 85.05 71.67 26.05
CA LEU I 492 84.96 70.23 26.30
C LEU I 492 83.72 69.91 27.11
N GLN I 493 83.03 68.86 26.69
CA GLN I 493 81.83 68.38 27.36
C GLN I 493 82.14 66.96 27.84
N SER I 494 81.31 66.43 28.74
CA SER I 494 81.55 65.09 29.26
C SER I 494 80.30 64.26 29.12
N TYR I 495 80.43 63.09 28.52
CA TYR I 495 79.40 62.07 28.57
C TYR I 495 79.16 61.75 30.03
N GLY I 496 77.94 61.89 30.50
CA GLY I 496 77.71 61.34 31.80
C GLY I 496 77.11 59.97 31.64
N PHE I 497 77.93 58.94 31.64
CA PHE I 497 77.44 57.60 31.36
C PHE I 497 76.80 57.03 32.60
N GLN I 498 75.68 56.35 32.42
CA GLN I 498 75.01 55.73 33.54
C GLN I 498 74.50 54.37 33.14
N PRO I 499 74.50 53.43 34.07
CA PRO I 499 74.03 52.07 33.80
C PRO I 499 72.65 52.08 33.14
N THR I 500 71.68 52.71 33.79
CA THR I 500 70.32 52.79 33.26
C THR I 500 70.26 53.73 32.06
N ASN I 501 70.86 53.31 30.95
CA ASN I 501 70.86 54.12 29.74
C ASN I 501 70.63 53.28 28.48
N GLY I 502 69.53 53.55 27.78
CA GLY I 502 69.19 52.82 26.58
C GLY I 502 70.38 52.69 25.62
N VAL I 503 70.41 51.59 24.89
CA VAL I 503 71.49 51.35 23.93
C VAL I 503 71.55 52.52 22.98
N GLY I 504 72.74 52.79 22.47
CA GLY I 504 72.94 54.02 21.74
C GLY I 504 73.24 55.19 22.63
N TYR I 505 73.19 55.02 23.94
CA TYR I 505 73.80 55.95 24.87
C TYR I 505 74.76 55.28 25.81
N GLN I 506 75.03 54.02 25.64
CA GLN I 506 75.99 53.34 26.46
C GLN I 506 77.36 53.39 25.80
N PRO I 507 78.43 53.31 26.58
CA PRO I 507 79.75 53.53 26.02
C PRO I 507 80.19 52.37 25.16
N TYR I 508 80.80 52.70 24.03
CA TYR I 508 81.37 51.71 23.13
C TYR I 508 82.85 51.98 23.06
N ARG I 509 83.67 50.93 23.07
CA ARG I 509 85.09 51.11 22.90
C ARG I 509 85.44 50.80 21.46
N VAL I 510 86.33 51.61 20.89
CA VAL I 510 86.65 51.56 19.47
C VAL I 510 88.14 51.47 19.30
N VAL I 511 88.57 50.64 18.35
CA VAL I 511 89.96 50.50 17.95
C VAL I 511 90.01 50.59 16.44
N VAL I 512 90.84 51.47 15.91
CA VAL I 512 90.96 51.70 14.48
C VAL I 512 92.34 51.24 14.07
N LEU I 513 92.42 50.16 13.30
CA LEU I 513 93.70 49.71 12.79
C LEU I 513 93.93 50.32 11.43
N SER I 514 95.10 50.89 11.24
CA SER I 514 95.41 51.56 9.98
C SER I 514 96.72 51.00 9.45
N PHE I 515 96.65 50.25 8.35
CA PHE I 515 97.85 49.66 7.76
C PHE I 515 98.23 50.34 6.44
N GLU I 516 99.28 49.85 5.80
CA GLU I 516 99.75 50.41 4.54
C GLU I 516 100.53 49.40 3.71
N LEU I 517 99.93 48.97 2.60
CA LEU I 517 100.56 47.99 1.69
C LEU I 517 101.83 48.55 1.05
N LEU I 518 101.68 49.65 0.33
CA LEU I 518 102.81 50.30 -0.33
C LEU I 518 103.71 49.28 -1.01
N HIS I 519 104.81 48.94 -0.34
CA HIS I 519 105.78 47.98 -0.86
C HIS I 519 107.11 48.12 -0.11
N ALA I 520 107.04 48.67 1.10
CA ALA I 520 108.23 48.86 1.92
C ALA I 520 108.96 47.54 2.14
N PRO I 521 110.01 47.57 2.94
CA PRO I 521 110.79 46.37 3.23
C PRO I 521 109.90 45.21 3.69
N ALA I 522 109.46 45.24 4.93
CA ALA I 522 108.60 44.19 5.48
C ALA I 522 108.46 44.32 6.99
N THR I 523 107.42 43.69 7.54
CA THR I 523 107.17 43.74 8.98
C THR I 523 106.02 42.81 9.38
N VAL I 524 105.10 43.29 10.20
CA VAL I 524 103.95 42.52 10.66
C VAL I 524 103.34 41.66 9.56
N CYS I 525 103.94 40.50 9.32
CA CYS I 525 103.45 39.57 8.30
C CYS I 525 102.43 38.62 8.91
N GLY I 526 101.27 38.49 8.28
CA GLY I 526 100.24 37.62 8.80
C GLY I 526 100.78 36.25 9.19
N PRO I 527 100.15 35.19 8.71
CA PRO I 527 100.60 33.83 9.03
C PRO I 527 101.51 33.27 7.95
N LYS I 528 102.60 33.98 7.65
CA LYS I 528 103.52 33.51 6.61
C LYS I 528 103.88 32.05 6.82
N LYS I 529 104.24 31.37 5.73
CA LYS I 529 104.61 29.96 5.79
C LYS I 529 105.97 29.72 5.14
N SER I 530 106.64 30.80 4.76
CA SER I 530 107.95 30.71 4.13
C SER I 530 108.09 29.45 3.28
N THR I 531 109.27 29.24 2.73
CA THR I 531 109.54 28.07 1.90
C THR I 531 110.86 28.25 1.14
N ASN I 532 111.34 27.18 0.53
CA ASN I 532 112.59 27.23 -0.22
C ASN I 532 112.50 28.10 -1.47
N LEU I 533 113.28 27.77 -2.49
CA LEU I 533 113.27 28.54 -3.74
C LEU I 533 113.42 27.66 -4.98
N VAL I 534 113.71 28.29 -6.10
CA VAL I 534 113.89 27.61 -7.38
C VAL I 534 114.66 28.52 -8.32
N LYS I 535 114.89 28.08 -9.56
CA LYS I 535 115.62 28.90 -10.51
C LYS I 535 115.68 28.28 -11.90
N ASN I 536 115.27 29.06 -12.89
CA ASN I 536 115.28 28.63 -14.29
C ASN I 536 114.06 27.79 -14.70
N LYS I 537 113.10 27.67 -13.79
CA LYS I 537 111.89 26.90 -14.06
C LYS I 537 110.70 27.82 -13.91
N CYS I 538 109.76 27.73 -14.84
CA CYS I 538 108.53 28.51 -14.73
C CYS I 538 107.85 28.09 -13.43
N VAL I 539 107.70 29.04 -12.52
CA VAL I 539 107.30 28.76 -11.15
C VAL I 539 106.24 29.77 -10.74
N ASN I 540 105.53 29.45 -9.69
CA ASN I 540 104.52 30.32 -9.11
C ASN I 540 105.08 30.80 -7.78
N PHE I 541 105.39 32.10 -7.69
CA PHE I 541 106.17 32.60 -6.56
C PHE I 541 105.41 33.65 -5.77
N ASN I 542 105.82 33.81 -4.52
CA ASN I 542 105.34 34.85 -3.63
C ASN I 542 106.53 35.33 -2.81
N PHE I 543 106.90 36.60 -2.99
CA PHE I 543 107.99 37.24 -2.26
C PHE I 543 107.40 38.28 -1.33
N ASN I 544 107.18 37.88 -0.08
CA ASN I 544 106.58 38.68 0.99
C ASN I 544 105.50 39.63 0.48
N GLY I 545 104.58 39.13 -0.32
CA GLY I 545 103.51 39.96 -0.80
C GLY I 545 103.42 40.00 -2.32
N LEU I 546 104.56 40.04 -2.99
CA LEU I 546 104.60 40.05 -4.45
C LEU I 546 104.21 38.67 -4.95
N THR I 547 103.05 38.58 -5.59
CA THR I 547 102.58 37.31 -6.14
C THR I 547 102.80 37.35 -7.65
N GLY I 548 103.43 36.30 -8.19
CA GLY I 548 103.63 36.25 -9.63
C GLY I 548 103.96 34.89 -10.19
N THR I 549 104.28 34.85 -11.48
CA THR I 549 104.65 33.62 -12.17
C THR I 549 105.81 33.91 -13.10
N GLY I 550 106.71 32.96 -13.25
CA GLY I 550 107.78 33.12 -14.20
C GLY I 550 109.01 32.34 -13.81
N VAL I 551 110.02 32.48 -14.64
CA VAL I 551 111.35 31.94 -14.41
C VAL I 551 112.16 32.95 -13.61
N LEU I 552 112.87 32.45 -12.61
CA LEU I 552 113.73 33.26 -11.75
C LEU I 552 115.17 33.02 -12.15
N THR I 553 115.96 34.09 -12.20
CA THR I 553 117.34 33.96 -12.65
C THR I 553 118.25 34.87 -11.84
N GLU I 554 119.50 34.44 -11.64
CA GLU I 554 120.48 35.26 -10.94
C GLU I 554 120.72 36.57 -11.67
N SER I 555 120.73 37.66 -10.93
CA SER I 555 120.83 38.98 -11.54
C SER I 555 122.26 39.50 -11.49
N ASN I 556 122.44 40.67 -12.10
CA ASN I 556 123.68 41.40 -11.98
C ASN I 556 123.43 42.89 -11.84
N LYS I 557 122.21 43.29 -11.50
CA LYS I 557 121.89 44.66 -11.13
C LYS I 557 122.11 44.87 -9.63
N LYS I 558 122.13 46.14 -9.23
CA LYS I 558 122.42 46.49 -7.84
C LYS I 558 121.38 47.50 -7.37
N PHE I 559 120.44 47.05 -6.55
CA PHE I 559 119.45 47.92 -5.96
C PHE I 559 120.10 48.90 -4.98
N LEU I 560 119.35 49.84 -4.47
CA LEU I 560 119.84 50.54 -3.30
C LEU I 560 119.39 49.81 -2.04
N PRO I 561 120.14 49.86 -0.96
CA PRO I 561 119.87 48.92 0.13
C PRO I 561 118.64 49.26 0.95
N PHE I 562 117.60 49.70 0.27
CA PHE I 562 116.27 49.75 0.86
C PHE I 562 115.20 49.39 -0.15
N GLN I 563 115.57 49.05 -1.38
CA GLN I 563 114.61 48.78 -2.45
C GLN I 563 114.40 47.27 -2.55
N GLN I 564 113.14 46.87 -2.65
CA GLN I 564 112.75 45.48 -2.66
C GLN I 564 112.69 44.88 -4.06
N PHE I 565 111.92 45.49 -4.95
CA PHE I 565 111.76 44.97 -6.29
C PHE I 565 111.92 46.09 -7.31
N GLY I 566 112.22 45.70 -8.55
CA GLY I 566 112.41 46.63 -9.63
C GLY I 566 111.29 46.51 -10.66
N ARG I 567 111.04 47.62 -11.34
CA ARG I 567 109.97 47.69 -12.31
C ARG I 567 110.54 48.14 -13.64
N ASP I 568 109.82 47.82 -14.71
CA ASP I 568 110.18 48.23 -16.06
C ASP I 568 109.42 49.49 -16.44
N ILE I 569 109.74 50.03 -17.60
CA ILE I 569 108.91 51.03 -18.24
C ILE I 569 107.68 50.28 -18.73
N ALA I 570 106.51 50.90 -18.57
CA ALA I 570 105.20 50.26 -18.69
C ALA I 570 104.84 49.50 -17.43
N ASP I 571 105.68 49.62 -16.40
CA ASP I 571 105.33 49.26 -15.03
C ASP I 571 105.00 47.78 -14.82
N THR I 572 105.94 46.89 -15.07
CA THR I 572 105.79 45.48 -14.72
C THR I 572 106.97 45.06 -13.87
N THR I 573 106.70 44.30 -12.82
CA THR I 573 107.76 43.79 -11.95
C THR I 573 108.71 42.91 -12.73
N ASP I 574 110.00 43.23 -12.70
CA ASP I 574 110.95 42.42 -13.44
C ASP I 574 112.17 42.00 -12.63
N ALA I 575 112.31 42.49 -11.41
CA ALA I 575 113.35 42.01 -10.51
C ALA I 575 112.80 42.00 -9.10
N VAL I 576 113.34 41.12 -8.26
CA VAL I 576 113.02 41.09 -6.84
C VAL I 576 114.31 40.90 -6.06
N ARG I 577 114.19 41.07 -4.75
CA ARG I 577 115.26 40.79 -3.83
C ARG I 577 114.77 39.73 -2.85
N ASP I 578 115.56 38.67 -2.65
CA ASP I 578 115.16 37.60 -1.74
C ASP I 578 115.29 38.16 -0.33
N PRO I 579 114.23 38.06 0.47
CA PRO I 579 114.32 38.62 1.82
C PRO I 579 115.40 37.96 2.68
N GLN I 580 115.54 36.65 2.59
CA GLN I 580 116.43 35.95 3.50
C GLN I 580 117.90 36.15 3.14
N THR I 581 118.27 35.91 1.88
CA THR I 581 119.65 36.03 1.47
C THR I 581 120.00 37.38 0.88
N LEU I 582 119.00 38.19 0.51
CA LEU I 582 119.19 39.57 0.02
C LEU I 582 119.98 39.61 -1.29
N GLU I 583 119.55 38.83 -2.26
CA GLU I 583 120.15 38.86 -3.59
C GLU I 583 119.09 39.15 -4.63
N ILE I 584 119.50 39.83 -5.68
CA ILE I 584 118.58 40.30 -6.71
C ILE I 584 118.41 39.20 -7.74
N LEU I 585 117.16 38.97 -8.14
CA LEU I 585 116.81 37.93 -9.09
C LEU I 585 115.87 38.51 -10.14
N ASP I 586 116.18 38.27 -11.41
CA ASP I 586 115.30 38.71 -12.48
C ASP I 586 114.14 37.75 -12.66
N ILE I 587 113.01 38.30 -13.10
CA ILE I 587 111.79 37.55 -13.31
C ILE I 587 111.29 37.63 -14.75
N THR I 588 111.89 36.84 -15.63
CA THR I 588 111.49 36.84 -17.03
C THR I 588 110.09 36.23 -17.16
N PRO I 589 109.44 36.47 -18.35
CA PRO I 589 108.10 35.87 -18.44
C PRO I 589 108.13 34.50 -19.11
N CYS I 590 107.24 33.60 -18.69
CA CYS I 590 107.17 32.27 -19.26
C CYS I 590 107.17 32.31 -20.79
N SER I 591 107.36 31.15 -21.41
CA SER I 591 107.38 31.06 -22.86
C SER I 591 105.98 30.92 -23.44
N PHE I 592 105.60 31.89 -24.28
CA PHE I 592 104.29 31.90 -24.91
C PHE I 592 104.43 32.33 -26.37
N GLY I 593 103.32 32.34 -27.08
CA GLY I 593 103.33 32.73 -28.49
C GLY I 593 102.03 32.42 -29.20
N GLY I 594 102.12 32.17 -30.49
CA GLY I 594 100.95 31.86 -31.30
C GLY I 594 101.11 30.50 -31.97
N VAL I 595 99.99 29.81 -32.17
CA VAL I 595 100.04 28.50 -32.80
C VAL I 595 99.19 28.56 -34.05
N SER I 596 99.77 28.14 -35.18
CA SER I 596 99.06 28.14 -36.44
C SER I 596 98.99 26.74 -36.98
N VAL I 597 97.92 26.44 -37.71
CA VAL I 597 97.68 25.12 -38.29
C VAL I 597 97.67 25.25 -39.80
N ILE I 598 98.49 24.44 -40.46
CA ILE I 598 98.63 24.42 -41.91
C ILE I 598 97.93 23.17 -42.41
N THR I 599 96.93 23.36 -43.25
CA THR I 599 96.13 22.28 -43.78
C THR I 599 96.00 22.38 -45.29
N PRO I 600 96.14 21.26 -46.02
CA PRO I 600 95.85 21.28 -47.46
C PRO I 600 94.38 21.41 -47.82
N GLY I 601 93.48 21.41 -46.85
CA GLY I 601 92.05 21.48 -47.09
C GLY I 601 91.45 20.11 -46.83
N THR I 602 90.31 20.10 -46.12
CA THR I 602 89.70 18.85 -45.70
C THR I 602 89.15 18.04 -46.86
N ASN I 603 89.05 18.67 -48.03
CA ASN I 603 88.61 18.04 -49.26
C ASN I 603 89.78 17.42 -50.02
N THR I 604 90.94 17.37 -49.38
CA THR I 604 92.14 16.81 -49.98
C THR I 604 92.74 15.77 -49.05
N SER I 605 92.70 16.07 -47.76
CA SER I 605 93.36 15.27 -46.74
C SER I 605 92.98 15.84 -45.38
N ASN I 606 93.27 15.06 -44.35
CA ASN I 606 93.06 15.50 -42.97
C ASN I 606 94.36 15.59 -42.20
N GLN I 607 95.49 15.45 -42.88
CA GLN I 607 96.78 15.70 -42.26
C GLN I 607 96.96 17.18 -42.02
N VAL I 608 97.88 17.51 -41.12
CA VAL I 608 98.02 18.87 -40.63
C VAL I 608 99.47 19.08 -40.19
N ALA I 609 99.94 20.30 -40.32
CA ALA I 609 101.23 20.71 -39.76
C ALA I 609 101.00 21.89 -38.83
N VAL I 610 101.94 22.11 -37.92
CA VAL I 610 101.72 23.07 -36.84
C VAL I 610 102.95 23.97 -36.72
N LEU I 611 102.73 25.28 -36.74
CA LEU I 611 103.84 26.21 -36.66
C LEU I 611 103.84 27.03 -35.38
N TYR I 612 104.96 27.02 -34.67
CA TYR I 612 105.10 27.76 -33.43
C TYR I 612 106.01 28.96 -33.67
N GLN I 613 105.47 30.16 -33.44
CA GLN I 613 106.22 31.39 -33.65
C GLN I 613 107.12 31.77 -32.47
N ASP I 614 108.18 32.51 -32.78
CA ASP I 614 109.14 32.97 -31.78
C ASP I 614 109.44 31.94 -30.69
N VAL I 615 109.12 30.67 -30.96
CA VAL I 615 109.38 29.61 -30.00
C VAL I 615 110.38 28.62 -30.58
N ASN I 616 111.62 28.65 -30.07
CA ASN I 616 112.65 27.75 -30.56
C ASN I 616 112.13 26.32 -30.64
N CYS I 617 112.85 25.48 -31.38
CA CYS I 617 112.43 24.10 -31.55
C CYS I 617 112.92 23.12 -30.49
N THR I 618 113.03 23.55 -29.24
CA THR I 618 113.49 22.59 -28.24
C THR I 618 112.62 22.66 -26.98
N GLU I 619 111.70 23.62 -26.96
CA GLU I 619 110.87 23.83 -25.78
C GLU I 619 109.40 23.80 -26.16
N VAL I 620 109.05 22.99 -27.15
CA VAL I 620 107.68 22.94 -27.66
C VAL I 620 106.76 22.17 -26.71
N PRO I 621 107.09 20.94 -26.29
CA PRO I 621 106.12 20.30 -25.41
C PRO I 621 106.50 20.45 -23.93
N SER I 640 109.78 11.74 -36.17
CA SER I 640 108.93 12.78 -36.72
C SER I 640 109.75 13.91 -37.34
N ASN I 641 109.05 14.96 -37.75
CA ASN I 641 109.67 16.08 -38.46
C ASN I 641 109.57 17.33 -37.62
N VAL I 642 110.68 17.73 -37.01
CA VAL I 642 110.79 19.03 -36.38
C VAL I 642 111.80 19.83 -37.18
N PHE I 643 111.39 21.02 -37.60
CA PHE I 643 112.17 21.83 -38.50
C PHE I 643 112.14 23.25 -37.97
N GLN I 644 113.30 23.87 -37.89
CA GLN I 644 113.43 25.21 -37.32
C GLN I 644 113.43 26.24 -38.44
N THR I 645 112.64 27.29 -38.25
CA THR I 645 112.49 28.35 -39.22
C THR I 645 112.79 29.66 -38.54
N ARG I 646 113.11 30.67 -39.33
CA ARG I 646 113.17 32.03 -38.84
C ARG I 646 111.82 32.52 -38.34
N ALA I 647 110.75 31.78 -38.62
CA ALA I 647 109.40 32.17 -38.21
C ALA I 647 108.85 31.31 -37.07
N GLY I 648 109.63 30.35 -36.57
CA GLY I 648 109.19 29.49 -35.50
C GLY I 648 109.54 28.03 -35.75
N CYS I 649 108.95 27.17 -34.96
CA CYS I 649 109.18 25.74 -35.08
C CYS I 649 108.01 25.04 -35.76
N LEU I 650 108.33 24.33 -36.84
CA LEU I 650 107.35 23.65 -37.68
C LEU I 650 107.37 22.16 -37.39
N ILE I 651 106.21 21.57 -37.12
CA ILE I 651 106.10 20.16 -36.81
C ILE I 651 105.10 19.53 -37.76
N GLY I 652 105.48 18.42 -38.38
CA GLY I 652 104.60 17.68 -39.24
C GLY I 652 104.79 17.90 -40.73
N ALA I 653 105.85 18.60 -41.12
CA ALA I 653 106.21 18.78 -42.52
C ALA I 653 107.68 18.46 -42.66
N GLU I 654 108.05 17.85 -43.79
CA GLU I 654 109.45 17.54 -44.06
C GLU I 654 110.07 18.62 -44.94
N HIS I 655 111.34 18.89 -44.69
CA HIS I 655 112.07 19.89 -45.42
C HIS I 655 112.75 19.27 -46.63
N VAL I 656 112.47 19.80 -47.81
CA VAL I 656 113.08 19.32 -49.04
C VAL I 656 114.07 20.36 -49.55
N ASN I 657 114.82 20.00 -50.59
CA ASN I 657 115.84 20.86 -51.15
C ASN I 657 115.45 21.49 -52.46
N ASN I 658 114.37 21.03 -53.08
CA ASN I 658 113.83 21.63 -54.29
C ASN I 658 113.32 23.03 -54.00
N SER I 659 112.85 23.74 -55.02
CA SER I 659 112.21 25.02 -54.81
C SER I 659 111.08 25.18 -55.82
N TYR I 660 109.89 25.41 -55.33
CA TYR I 660 108.70 25.52 -56.15
C TYR I 660 108.14 26.93 -56.03
N GLU I 661 107.03 27.17 -56.71
CA GLU I 661 106.26 28.37 -56.52
C GLU I 661 105.52 28.30 -55.20
N CYS I 662 105.37 29.44 -54.55
CA CYS I 662 104.82 29.43 -53.19
C CYS I 662 103.37 28.99 -53.20
N ASP I 663 103.01 28.18 -52.21
CA ASP I 663 101.67 27.63 -52.11
C ASP I 663 100.94 28.15 -50.88
N ILE I 664 101.48 27.83 -49.71
CA ILE I 664 100.98 28.29 -48.43
C ILE I 664 102.13 29.04 -47.78
N PRO I 665 102.00 30.31 -47.51
CA PRO I 665 103.14 31.09 -47.03
C PRO I 665 103.39 30.92 -45.55
N ILE I 666 104.57 30.43 -45.18
CA ILE I 666 104.94 30.32 -43.80
C ILE I 666 105.62 31.59 -43.32
N GLY I 667 106.66 32.01 -44.00
CA GLY I 667 107.30 33.27 -43.67
C GLY I 667 108.80 33.20 -43.86
N ALA I 668 109.43 34.36 -43.93
CA ALA I 668 110.88 34.50 -44.11
C ALA I 668 111.37 33.68 -45.29
N GLY I 669 110.60 33.65 -46.37
CA GLY I 669 110.98 32.93 -47.55
C GLY I 669 110.57 31.48 -47.62
N ILE I 670 109.90 30.96 -46.60
CA ILE I 670 109.54 29.55 -46.53
C ILE I 670 108.06 29.40 -46.86
N CYS I 671 107.75 28.45 -47.74
CA CYS I 671 106.38 28.04 -47.98
C CYS I 671 106.19 26.55 -47.78
N ALA I 672 104.92 26.11 -47.78
CA ALA I 672 104.58 24.71 -47.56
C ALA I 672 103.62 24.27 -48.65
N SER I 673 103.60 22.96 -48.90
CA SER I 673 102.66 22.41 -49.87
C SER I 673 102.37 20.97 -49.51
N TYR I 674 101.28 20.46 -50.07
CA TYR I 674 100.89 19.06 -49.89
C TYR I 674 101.30 18.27 -51.13
N GLN I 675 102.56 17.89 -51.20
CA GLN I 675 103.00 17.33 -52.47
C GLN I 675 103.71 15.98 -52.36
N THR I 676 104.68 15.91 -51.48
CA THR I 676 105.66 14.84 -51.51
C THR I 676 105.69 14.06 -50.20
N GLN I 690 102.95 11.28 -51.19
CA GLN I 690 102.77 12.66 -50.77
C GLN I 690 102.70 12.76 -49.25
N SER I 691 103.55 13.58 -48.63
CA SER I 691 103.29 13.80 -47.22
C SER I 691 102.94 15.23 -46.86
N ILE I 692 103.93 16.11 -46.74
CA ILE I 692 103.83 17.58 -46.67
C ILE I 692 105.28 18.03 -46.64
N ILE I 693 105.63 19.05 -47.40
CA ILE I 693 107.01 19.44 -47.56
C ILE I 693 107.17 20.92 -47.27
N ALA I 694 108.34 21.27 -46.75
CA ALA I 694 108.71 22.65 -46.48
C ALA I 694 110.00 22.97 -47.23
N TYR I 695 109.97 24.03 -48.03
CA TYR I 695 111.09 24.33 -48.92
C TYR I 695 111.31 25.84 -48.97
N THR I 696 112.45 26.22 -49.54
CA THR I 696 112.72 27.61 -49.87
C THR I 696 112.17 27.95 -51.25
N MET I 697 111.33 28.97 -51.34
CA MET I 697 110.60 29.22 -52.57
C MET I 697 111.50 29.73 -53.68
N SER I 698 111.18 29.34 -54.90
CA SER I 698 111.88 29.82 -56.09
C SER I 698 111.19 31.06 -56.61
N LEU I 699 111.98 31.94 -57.18
CA LEU I 699 111.45 33.21 -57.68
C LEU I 699 111.01 33.13 -59.12
N GLY I 700 111.53 32.18 -59.86
CA GLY I 700 111.15 32.00 -61.24
C GLY I 700 112.28 31.36 -62.00
N ALA I 701 112.00 31.05 -63.26
CA ALA I 701 113.04 30.53 -64.13
C ALA I 701 114.08 31.61 -64.39
N GLU I 702 115.27 31.17 -64.74
CA GLU I 702 116.39 32.07 -64.93
C GLU I 702 116.82 32.03 -66.38
N ASN I 703 117.22 33.18 -66.92
CA ASN I 703 117.76 33.11 -68.27
C ASN I 703 118.63 34.33 -68.55
N SER I 704 119.74 34.06 -69.21
CA SER I 704 120.61 35.08 -69.77
C SER I 704 120.12 35.48 -71.15
N VAL I 705 120.05 36.78 -71.37
CA VAL I 705 119.75 37.34 -72.68
C VAL I 705 121.03 37.30 -73.48
N ALA I 706 120.90 37.08 -74.78
CA ALA I 706 122.05 36.94 -75.66
C ALA I 706 122.57 38.30 -76.10
N TYR I 707 122.91 39.15 -75.13
CA TYR I 707 123.32 40.51 -75.43
C TYR I 707 124.68 40.53 -76.10
N SER I 708 124.82 41.31 -77.17
CA SER I 708 126.11 41.69 -77.71
C SER I 708 126.04 43.10 -78.26
N ASN I 709 127.15 43.63 -78.77
CA ASN I 709 127.12 45.02 -79.19
C ASN I 709 126.68 45.22 -80.63
N ASN I 710 126.36 44.15 -81.36
CA ASN I 710 125.80 44.33 -82.69
C ASN I 710 124.75 43.27 -83.03
N SER I 711 124.02 42.78 -82.04
CA SER I 711 122.99 41.77 -82.23
C SER I 711 121.63 42.35 -81.90
N ILE I 712 120.61 41.92 -82.64
CA ILE I 712 119.25 42.36 -82.41
C ILE I 712 118.30 41.19 -82.63
N ALA I 713 117.11 41.28 -82.04
CA ALA I 713 116.06 40.29 -82.20
C ALA I 713 114.78 40.97 -82.64
N ILE I 714 114.22 40.53 -83.77
CA ILE I 714 113.03 41.14 -84.36
C ILE I 714 111.93 40.08 -84.39
N PRO I 715 110.69 40.41 -84.04
CA PRO I 715 109.60 39.43 -84.14
C PRO I 715 109.10 39.23 -85.55
N THR I 716 108.71 37.99 -85.85
CA THR I 716 108.20 37.66 -87.18
C THR I 716 106.71 37.30 -87.20
N ASN I 717 106.07 37.31 -86.03
CA ASN I 717 104.66 36.99 -85.93
C ASN I 717 104.12 37.68 -84.69
N PHE I 718 102.83 37.47 -84.41
CA PHE I 718 102.21 38.04 -83.24
C PHE I 718 101.05 37.16 -82.80
N THR I 719 100.60 37.38 -81.57
CA THR I 719 99.34 36.86 -81.09
C THR I 719 98.45 37.99 -80.60
N ILE I 720 97.14 37.76 -80.65
CA ILE I 720 96.14 38.65 -80.09
C ILE I 720 95.68 38.06 -78.76
N SER I 721 95.88 38.80 -77.68
CA SER I 721 95.48 38.36 -76.35
C SER I 721 94.24 39.12 -75.89
N VAL I 722 93.41 38.46 -75.08
CA VAL I 722 92.36 39.13 -74.32
C VAL I 722 92.45 38.64 -72.87
N THR I 723 92.43 39.59 -71.93
CA THR I 723 92.52 39.26 -70.52
C THR I 723 91.50 40.05 -69.72
N THR I 724 91.08 39.48 -68.61
CA THR I 724 90.08 40.10 -67.75
C THR I 724 90.74 40.89 -66.63
N GLU I 725 90.03 41.92 -66.19
CA GLU I 725 90.33 42.63 -64.95
C GLU I 725 89.01 42.91 -64.26
N ILE I 726 88.96 42.71 -62.96
CA ILE I 726 87.72 42.82 -62.19
C ILE I 726 87.92 43.83 -61.09
N LEU I 727 86.95 44.74 -60.95
CA LEU I 727 87.07 45.78 -59.94
C LEU I 727 85.75 46.02 -59.24
N PRO I 728 85.76 46.18 -57.92
CA PRO I 728 84.55 46.56 -57.19
C PRO I 728 84.21 48.03 -57.38
N VAL I 729 82.93 48.34 -57.44
CA VAL I 729 82.52 49.74 -57.50
C VAL I 729 81.56 50.15 -56.39
N SER I 730 80.92 49.25 -55.65
CA SER I 730 80.02 49.69 -54.59
C SER I 730 79.83 48.60 -53.53
N MET I 731 79.35 49.04 -52.37
CA MET I 731 78.88 48.19 -51.27
C MET I 731 77.38 48.34 -51.10
N THR I 732 76.81 47.46 -50.28
CA THR I 732 75.41 47.54 -49.93
C THR I 732 75.14 48.73 -48.99
N LYS I 733 74.04 49.40 -49.23
CA LYS I 733 73.63 50.55 -48.44
C LYS I 733 72.79 50.07 -47.27
N THR I 734 73.30 50.22 -46.08
CA THR I 734 72.59 49.82 -44.89
C THR I 734 72.41 51.03 -43.99
N SER I 735 71.37 50.96 -43.15
CA SER I 735 71.05 52.01 -42.19
C SER I 735 70.58 51.40 -40.87
N VAL I 736 71.13 51.89 -39.77
CA VAL I 736 70.79 51.39 -38.44
C VAL I 736 70.09 52.51 -37.71
N ASP I 737 68.99 52.19 -37.05
CA ASP I 737 68.34 53.10 -36.12
C ASP I 737 69.02 52.93 -34.76
N CYS I 738 69.82 53.93 -34.38
CA CYS I 738 70.59 53.85 -33.15
C CYS I 738 69.70 53.56 -31.94
N THR I 739 68.59 54.29 -31.83
CA THR I 739 67.71 54.13 -30.67
C THR I 739 67.07 52.75 -30.63
N MET I 740 66.71 52.19 -31.76
CA MET I 740 66.03 50.90 -31.77
C MET I 740 67.01 49.75 -31.61
N TYR I 741 68.27 49.94 -31.97
CA TYR I 741 69.27 48.92 -31.70
C TYR I 741 69.63 48.92 -30.23
N ILE I 742 69.85 50.09 -29.66
CA ILE I 742 70.23 50.15 -28.26
C ILE I 742 69.05 49.72 -27.39
N CYS I 743 68.22 50.69 -27.00
CA CYS I 743 67.05 50.39 -26.18
C CYS I 743 66.28 49.24 -26.80
N GLY I 744 65.44 49.56 -27.79
CA GLY I 744 64.66 48.56 -28.48
C GLY I 744 63.33 48.29 -27.81
N ASP I 745 62.33 49.11 -28.14
CA ASP I 745 60.99 48.97 -27.59
C ASP I 745 60.83 49.60 -26.20
N SER I 746 61.57 49.09 -25.23
CA SER I 746 61.51 49.59 -23.86
C SER I 746 61.48 51.11 -23.81
N THR I 747 60.98 51.66 -22.70
CA THR I 747 60.89 53.10 -22.55
C THR I 747 61.78 53.62 -21.41
N GLU I 748 62.26 52.72 -20.56
CA GLU I 748 63.13 53.10 -19.47
C GLU I 748 64.50 53.37 -20.05
N CYS I 749 64.76 52.72 -21.19
CA CYS I 749 66.03 52.85 -21.91
C CYS I 749 66.11 54.15 -22.69
N SER I 750 65.01 54.59 -23.30
CA SER I 750 65.07 55.78 -24.14
C SER I 750 65.36 57.03 -23.34
N ASN I 751 64.75 57.18 -22.17
CA ASN I 751 65.03 58.36 -21.36
C ASN I 751 66.45 58.35 -20.82
N LEU I 752 67.00 57.18 -20.51
CA LEU I 752 68.38 57.10 -20.07
C LEU I 752 69.35 57.40 -21.20
N LEU I 753 69.04 56.95 -22.42
CA LEU I 753 69.91 57.20 -23.56
C LEU I 753 69.84 58.65 -24.01
N LEU I 754 68.71 59.32 -23.79
CA LEU I 754 68.59 60.74 -24.07
C LEU I 754 69.66 61.56 -23.35
N GLN I 755 70.33 61.00 -22.34
CA GLN I 755 71.30 61.70 -21.54
C GLN I 755 72.68 61.75 -22.17
N TYR I 756 72.86 61.13 -23.33
CA TYR I 756 74.18 61.03 -23.94
C TYR I 756 74.41 62.06 -25.02
N GLY I 757 73.41 62.88 -25.34
CA GLY I 757 73.63 63.93 -26.29
C GLY I 757 73.34 63.50 -27.70
N SER I 758 74.18 63.92 -28.64
CA SER I 758 73.96 63.64 -30.05
C SER I 758 74.82 62.51 -30.56
N PHE I 759 75.07 61.47 -29.75
CA PHE I 759 75.86 60.36 -30.23
C PHE I 759 75.17 59.58 -31.34
N CYS I 760 73.85 59.46 -31.29
CA CYS I 760 73.11 58.71 -32.29
C CYS I 760 72.84 59.50 -33.56
N THR I 761 72.77 60.82 -33.48
CA THR I 761 72.62 61.65 -34.67
C THR I 761 73.88 61.62 -35.53
N GLN I 762 75.05 61.62 -34.88
CA GLN I 762 76.31 61.51 -35.60
C GLN I 762 76.40 60.20 -36.35
N LEU I 763 76.00 59.09 -35.73
CA LEU I 763 76.14 57.80 -36.36
C LEU I 763 75.23 57.66 -37.58
N ASN I 764 74.01 58.18 -37.49
CA ASN I 764 73.13 58.16 -38.65
C ASN I 764 73.62 59.05 -39.76
N ARG I 765 74.20 60.20 -39.43
CA ARG I 765 74.82 61.00 -40.47
C ARG I 765 75.96 60.26 -41.15
N ALA I 766 76.80 59.59 -40.36
CA ALA I 766 77.92 58.86 -40.92
C ALA I 766 77.46 57.77 -41.86
N LEU I 767 76.45 57.00 -41.47
CA LEU I 767 75.97 55.95 -42.34
C LEU I 767 75.23 56.47 -43.56
N THR I 768 74.56 57.62 -43.46
CA THR I 768 73.87 58.16 -44.62
C THR I 768 74.84 58.70 -45.67
N GLY I 769 75.94 59.31 -45.24
CA GLY I 769 76.95 59.73 -46.19
C GLY I 769 77.52 58.59 -47.00
N ILE I 770 77.83 57.47 -46.35
CA ILE I 770 78.30 56.26 -47.02
C ILE I 770 77.33 55.80 -48.09
N ALA I 771 76.04 55.76 -47.79
CA ALA I 771 75.02 55.29 -48.73
C ALA I 771 74.83 56.24 -49.89
N VAL I 772 74.99 57.54 -49.68
CA VAL I 772 74.92 58.46 -50.81
C VAL I 772 76.17 58.36 -51.68
N GLU I 773 77.31 57.99 -51.09
CA GLU I 773 78.52 57.84 -51.89
C GLU I 773 78.47 56.62 -52.80
N GLN I 774 77.73 55.59 -52.44
CA GLN I 774 77.69 54.37 -53.25
C GLN I 774 76.97 54.56 -54.57
N ASP I 775 76.05 55.50 -54.67
CA ASP I 775 75.40 55.78 -55.92
C ASP I 775 76.24 56.65 -56.83
N LYS I 776 77.03 57.54 -56.25
CA LYS I 776 77.95 58.35 -57.02
C LYS I 776 79.11 57.54 -57.56
N ASN I 777 79.57 56.53 -56.83
CA ASN I 777 80.52 55.57 -57.36
C ASN I 777 80.05 55.00 -58.69
N THR I 778 78.81 54.51 -58.73
CA THR I 778 78.27 53.85 -59.91
C THR I 778 77.97 54.83 -61.04
N GLN I 779 77.48 56.01 -60.70
CA GLN I 779 77.28 57.04 -61.71
C GLN I 779 78.60 57.43 -62.36
N GLU I 780 79.67 57.50 -61.58
CA GLU I 780 80.96 57.87 -62.14
C GLU I 780 81.57 56.77 -62.99
N VAL I 781 81.33 55.49 -62.67
CA VAL I 781 81.90 54.46 -63.53
C VAL I 781 81.10 54.28 -64.80
N PHE I 782 79.77 54.23 -64.72
CA PHE I 782 78.99 53.73 -65.85
C PHE I 782 78.31 54.80 -66.68
N ALA I 783 77.85 55.90 -66.11
CA ALA I 783 77.12 56.90 -66.88
C ALA I 783 78.07 57.87 -67.57
N GLN I 784 78.99 57.30 -68.34
CA GLN I 784 80.04 58.02 -69.06
C GLN I 784 79.69 58.23 -70.52
N VAL I 785 78.42 58.34 -70.84
CA VAL I 785 78.03 58.38 -72.25
C VAL I 785 76.82 59.28 -72.37
N LYS I 786 76.81 60.10 -73.42
CA LYS I 786 75.73 61.04 -73.65
C LYS I 786 74.48 60.33 -74.13
N GLN I 787 74.59 59.58 -75.22
CA GLN I 787 73.47 58.94 -75.88
C GLN I 787 73.50 57.46 -75.59
N ILE I 788 72.39 56.80 -75.87
CA ILE I 788 72.30 55.36 -75.76
C ILE I 788 72.43 54.82 -77.18
N TYR I 789 73.63 54.39 -77.53
CA TYR I 789 73.95 53.95 -78.87
C TYR I 789 73.50 52.52 -79.11
N LYS I 790 73.14 52.23 -80.36
CA LYS I 790 72.72 50.90 -80.78
C LYS I 790 73.57 50.39 -81.93
N THR I 791 73.80 49.09 -81.94
CA THR I 791 74.46 48.46 -83.07
C THR I 791 73.48 48.24 -84.22
N PRO I 792 73.97 48.26 -85.45
CA PRO I 792 73.07 48.04 -86.59
C PRO I 792 72.65 46.59 -86.68
N PRO I 793 71.54 46.29 -87.36
CA PRO I 793 71.02 44.92 -87.39
C PRO I 793 71.93 43.91 -88.07
N ILE I 794 72.78 44.32 -89.01
CA ILE I 794 73.81 43.44 -89.57
C ILE I 794 74.92 43.28 -88.56
N LYS I 795 75.85 42.38 -88.83
CA LYS I 795 77.03 42.25 -87.99
C LYS I 795 78.27 42.11 -88.84
N ASP I 796 78.36 42.88 -89.92
CA ASP I 796 79.52 42.83 -90.82
C ASP I 796 80.63 43.66 -90.21
N PHE I 797 81.46 43.03 -89.38
CA PHE I 797 82.55 43.70 -88.70
C PHE I 797 83.92 43.22 -89.15
N GLY I 798 84.07 42.88 -90.42
CA GLY I 798 85.36 42.48 -90.91
C GLY I 798 85.80 41.09 -90.51
N GLY I 799 84.88 40.21 -90.18
CA GLY I 799 85.21 38.90 -89.68
C GLY I 799 85.31 38.81 -88.18
N PHE I 800 85.20 39.92 -87.47
CA PHE I 800 85.20 39.92 -86.03
C PHE I 800 83.80 39.65 -85.50
N ASN I 801 83.72 38.88 -84.43
CA ASN I 801 82.47 38.32 -83.93
C ASN I 801 82.31 38.73 -82.48
N PHE I 802 81.33 39.56 -82.19
CA PHE I 802 81.13 40.12 -80.87
C PHE I 802 79.89 39.57 -80.20
N SER I 803 79.41 38.42 -80.64
CA SER I 803 78.10 37.95 -80.21
C SER I 803 78.06 37.55 -78.75
N GLN I 804 79.17 37.13 -78.17
CA GLN I 804 79.15 36.73 -76.77
C GLN I 804 79.15 37.90 -75.82
N ILE I 805 79.36 39.13 -76.30
CA ILE I 805 79.38 40.30 -75.44
C ILE I 805 78.38 41.35 -75.85
N LEU I 806 77.62 41.13 -76.87
CA LEU I 806 76.51 42.01 -77.16
C LEU I 806 75.24 41.54 -76.46
N PRO I 807 74.28 42.42 -76.22
CA PRO I 807 73.11 42.03 -75.42
C PRO I 807 72.27 40.94 -76.08
N ASP I 808 71.58 40.18 -75.22
CA ASP I 808 70.77 39.05 -75.65
C ASP I 808 69.30 39.48 -75.73
N PRO I 809 68.73 39.60 -76.93
CA PRO I 809 67.36 40.14 -77.03
C PRO I 809 66.30 39.23 -76.44
N SER I 810 66.59 37.95 -76.24
CA SER I 810 65.63 37.01 -75.67
C SER I 810 65.80 36.88 -74.16
N LYS I 811 65.61 37.97 -73.43
CA LYS I 811 65.75 37.99 -71.98
C LYS I 811 65.02 39.19 -71.42
N PRO I 812 64.48 39.07 -70.21
CA PRO I 812 63.95 40.28 -69.53
C PRO I 812 65.05 41.27 -69.17
N SER I 813 66.23 40.78 -68.79
CA SER I 813 67.32 41.63 -68.36
C SER I 813 68.17 42.16 -69.51
N LYS I 814 68.13 41.49 -70.67
CA LYS I 814 68.87 41.90 -71.86
C LYS I 814 70.38 41.92 -71.60
N ARG I 815 70.87 41.04 -70.75
CA ARG I 815 72.29 40.95 -70.52
C ARG I 815 72.95 40.17 -71.65
N SER I 816 74.26 40.21 -71.69
CA SER I 816 74.99 39.41 -72.65
C SER I 816 75.29 38.04 -72.05
N PHE I 817 75.85 37.16 -72.87
CA PHE I 817 76.19 35.82 -72.44
C PHE I 817 77.20 35.85 -71.31
N ILE I 818 78.21 36.71 -71.41
CA ILE I 818 79.26 36.74 -70.40
C ILE I 818 78.77 37.48 -69.16
N GLU I 819 77.89 38.44 -69.32
CA GLU I 819 77.25 39.07 -68.17
C GLU I 819 76.28 38.16 -67.46
N ASP I 820 75.70 37.19 -68.16
CA ASP I 820 74.92 36.15 -67.50
C ASP I 820 75.80 35.16 -66.76
N LEU I 821 76.96 34.81 -67.32
CA LEU I 821 77.89 33.97 -66.57
C LEU I 821 78.38 34.66 -65.31
N LEU I 822 78.62 35.97 -65.36
CA LEU I 822 79.15 36.64 -64.19
C LEU I 822 78.13 36.79 -63.08
N PHE I 823 76.85 36.85 -63.42
CA PHE I 823 75.83 37.05 -62.39
C PHE I 823 75.39 35.77 -61.71
N ASN I 824 75.87 34.61 -62.16
CA ASN I 824 75.59 33.35 -61.51
C ASN I 824 76.76 32.86 -60.68
N LYS I 825 77.84 33.63 -60.58
CA LYS I 825 79.00 33.24 -59.82
C LYS I 825 79.20 34.06 -58.56
N VAL I 826 78.51 35.19 -58.42
CA VAL I 826 78.65 36.02 -57.24
C VAL I 826 77.35 36.06 -56.45
N LYS I 854 64.50 41.49 -42.08
CA LYS I 854 64.26 42.55 -41.11
C LYS I 854 64.85 42.18 -39.76
N PHE I 855 65.31 43.20 -39.03
CA PHE I 855 66.03 42.99 -37.78
C PHE I 855 65.84 44.15 -36.81
N ASN I 856 66.72 44.24 -35.83
CA ASN I 856 66.61 45.19 -34.73
C ASN I 856 67.02 46.60 -35.11
N GLY I 857 66.36 47.20 -36.08
CA GLY I 857 66.71 48.52 -36.56
C GLY I 857 67.56 48.54 -37.80
N LEU I 858 67.91 47.38 -38.35
CA LEU I 858 68.77 47.30 -39.53
C LEU I 858 67.95 47.31 -40.79
N THR I 859 68.40 48.07 -41.79
CA THR I 859 67.70 48.15 -43.06
C THR I 859 68.67 48.29 -44.22
N VAL I 860 68.28 47.70 -45.35
CA VAL I 860 69.06 47.72 -46.58
C VAL I 860 68.29 48.54 -47.60
N LEU I 861 68.87 49.60 -48.07
CA LEU I 861 68.26 50.41 -49.11
C LEU I 861 68.62 49.87 -50.48
N PRO I 862 67.75 50.05 -51.48
CA PRO I 862 68.08 49.60 -52.83
C PRO I 862 68.90 50.63 -53.59
N PRO I 863 69.75 50.20 -54.52
CA PRO I 863 70.49 51.17 -55.35
C PRO I 863 69.57 51.97 -56.25
N LEU I 864 70.02 53.18 -56.58
CA LEU I 864 69.22 54.05 -57.45
C LEU I 864 69.10 53.48 -58.85
N LEU I 865 70.19 52.96 -59.40
CA LEU I 865 70.17 52.31 -60.69
C LEU I 865 69.91 50.82 -60.50
N THR I 866 68.88 50.31 -61.17
CA THR I 866 68.75 48.88 -61.37
C THR I 866 69.95 48.37 -62.14
N ASP I 867 70.15 47.06 -62.13
CA ASP I 867 71.23 46.55 -62.98
C ASP I 867 70.79 46.27 -64.39
N GLU I 868 69.50 46.34 -64.69
CA GLU I 868 69.07 46.53 -66.07
C GLU I 868 69.59 47.82 -66.66
N MET I 869 69.48 48.92 -65.93
CA MET I 869 70.05 50.19 -66.33
C MET I 869 71.55 50.12 -66.50
N ILE I 870 72.25 49.39 -65.62
CA ILE I 870 73.68 49.27 -65.75
C ILE I 870 74.05 48.45 -66.98
N ALA I 871 73.32 47.38 -67.25
CA ALA I 871 73.57 46.62 -68.47
C ALA I 871 73.26 47.44 -69.71
N GLN I 872 72.30 48.35 -69.61
CA GLN I 872 71.98 49.22 -70.73
C GLN I 872 73.03 50.31 -70.94
N TYR I 873 73.68 50.79 -69.89
CA TYR I 873 74.83 51.67 -70.06
C TYR I 873 76.01 50.93 -70.70
N THR I 874 76.27 49.69 -70.27
CA THR I 874 77.41 48.98 -70.80
C THR I 874 77.24 48.59 -72.25
N SER I 875 76.05 48.19 -72.67
CA SER I 875 75.85 47.87 -74.08
C SER I 875 75.98 49.08 -74.98
N ALA I 876 75.62 50.27 -74.50
CA ALA I 876 75.80 51.49 -75.27
C ALA I 876 77.24 51.90 -75.37
N LEU I 877 78.01 51.74 -74.29
CA LEU I 877 79.45 51.92 -74.39
C LEU I 877 80.07 50.95 -75.39
N LEU I 878 79.56 49.72 -75.45
CA LEU I 878 80.08 48.76 -76.40
C LEU I 878 79.78 49.10 -77.85
N ALA I 879 78.54 49.47 -78.15
CA ALA I 879 78.16 49.87 -79.49
C ALA I 879 78.81 51.18 -79.92
N GLY I 880 79.13 52.07 -79.01
CA GLY I 880 79.90 53.24 -79.38
C GLY I 880 81.29 52.88 -79.87
N THR I 881 81.95 51.97 -79.17
CA THR I 881 83.29 51.54 -79.53
C THR I 881 83.33 50.74 -80.81
N ILE I 882 82.40 49.82 -81.02
CA ILE I 882 82.47 48.96 -82.19
C ILE I 882 82.11 49.71 -83.45
N THR I 883 81.41 50.83 -83.33
CA THR I 883 80.92 51.56 -84.48
C THR I 883 81.68 52.85 -84.75
N SER I 884 82.27 53.47 -83.75
CA SER I 884 82.89 54.76 -83.95
C SER I 884 84.30 54.84 -83.41
N GLY I 885 84.87 53.77 -82.89
CA GLY I 885 86.21 53.82 -82.37
C GLY I 885 86.33 54.65 -81.13
N TRP I 886 87.07 55.75 -81.19
CA TRP I 886 87.24 56.63 -80.05
C TRP I 886 86.63 58.01 -80.25
N THR I 887 85.86 58.21 -81.32
CA THR I 887 85.35 59.54 -81.59
C THR I 887 84.18 59.92 -80.70
N PHE I 888 83.39 58.95 -80.27
CA PHE I 888 82.26 59.26 -79.41
C PHE I 888 82.68 59.67 -78.01
N GLY I 889 83.92 59.38 -77.60
CA GLY I 889 84.40 59.82 -76.31
C GLY I 889 84.91 61.23 -76.28
N ALA I 890 85.04 61.87 -77.44
CA ALA I 890 85.52 63.24 -77.53
C ALA I 890 84.51 64.18 -78.15
N GLY I 891 83.37 63.68 -78.59
CA GLY I 891 82.36 64.52 -79.21
C GLY I 891 81.27 63.66 -79.80
N ALA I 892 80.83 64.01 -81.00
CA ALA I 892 79.82 63.23 -81.69
C ALA I 892 80.43 61.98 -82.29
N ALA I 893 79.65 60.91 -82.33
CA ALA I 893 80.13 59.64 -82.83
C ALA I 893 80.24 59.69 -84.34
N LEU I 894 81.41 59.35 -84.87
CA LEU I 894 81.68 59.35 -86.29
C LEU I 894 81.95 57.93 -86.72
N GLN I 895 81.09 57.38 -87.56
CA GLN I 895 81.24 56.00 -87.97
C GLN I 895 82.50 55.81 -88.82
N ILE I 896 83.07 54.61 -88.73
CA ILE I 896 84.24 54.20 -89.47
C ILE I 896 84.14 52.69 -89.59
N PRO I 897 84.55 52.06 -90.67
CA PRO I 897 84.51 50.58 -90.73
C PRO I 897 85.50 49.95 -89.76
N PHE I 898 85.12 48.78 -89.23
CA PHE I 898 85.86 48.21 -88.10
C PHE I 898 87.28 47.81 -88.47
N ALA I 899 87.51 47.27 -89.66
CA ALA I 899 88.88 46.95 -90.05
C ALA I 899 89.74 48.18 -90.16
N MET I 900 89.20 49.30 -90.63
CA MET I 900 89.98 50.51 -90.73
C MET I 900 90.27 51.10 -89.36
N GLN I 901 89.37 50.92 -88.41
CA GLN I 901 89.64 51.34 -87.04
C GLN I 901 90.70 50.47 -86.40
N MET I 902 90.65 49.17 -86.67
CA MET I 902 91.68 48.25 -86.22
C MET I 902 93.04 48.61 -86.81
N ALA I 903 93.06 49.09 -88.04
CA ALA I 903 94.29 49.53 -88.67
C ALA I 903 94.80 50.84 -88.10
N TYR I 904 93.92 51.76 -87.71
CA TYR I 904 94.35 52.94 -86.97
C TYR I 904 95.01 52.57 -85.65
N ARG I 905 94.45 51.57 -84.97
CA ARG I 905 95.00 51.14 -83.69
C ARG I 905 96.32 50.42 -83.85
N PHE I 906 96.52 49.69 -84.94
CA PHE I 906 97.84 49.12 -85.18
C PHE I 906 98.90 50.18 -85.36
N ASN I 907 98.55 51.32 -85.95
CA ASN I 907 99.47 52.44 -86.03
C ASN I 907 99.82 53.00 -84.66
N GLY I 908 98.88 52.95 -83.71
CA GLY I 908 99.12 53.55 -82.42
C GLY I 908 100.13 52.78 -81.59
N ILE I 909 100.31 51.49 -81.87
CA ILE I 909 101.33 50.71 -81.21
C ILE I 909 102.60 50.59 -82.04
N GLY I 910 102.70 51.33 -83.14
CA GLY I 910 103.91 51.33 -83.92
C GLY I 910 104.07 50.23 -84.93
N VAL I 911 102.98 49.63 -85.38
CA VAL I 911 103.01 48.67 -86.45
C VAL I 911 102.41 49.33 -87.68
N THR I 912 102.96 49.01 -88.82
CA THR I 912 102.51 49.61 -90.07
C THR I 912 101.23 48.95 -90.52
N GLN I 913 100.33 49.72 -91.11
CA GLN I 913 98.94 49.29 -91.16
C GLN I 913 98.63 48.29 -92.26
N ASN I 914 99.53 48.01 -93.18
CA ASN I 914 99.32 46.88 -94.06
C ASN I 914 99.52 45.54 -93.37
N VAL I 915 100.23 45.51 -92.24
CA VAL I 915 100.34 44.29 -91.46
C VAL I 915 98.97 43.85 -90.99
N LEU I 916 98.03 44.76 -90.81
CA LEU I 916 96.68 44.36 -90.47
C LEU I 916 95.91 43.88 -91.69
N TYR I 917 95.96 44.62 -92.78
CA TYR I 917 95.10 44.30 -93.91
C TYR I 917 95.54 43.03 -94.60
N GLU I 918 96.83 42.70 -94.55
CA GLU I 918 97.32 41.47 -95.15
C GLU I 918 97.16 40.27 -94.24
N ASN I 919 96.74 40.45 -93.00
CA ASN I 919 96.58 39.38 -92.03
C ASN I 919 95.20 39.43 -91.37
N GLN I 920 94.26 40.13 -91.98
CA GLN I 920 92.93 40.34 -91.40
C GLN I 920 92.27 39.05 -90.93
N LYS I 921 92.23 38.01 -91.76
CA LYS I 921 91.54 36.78 -91.37
C LYS I 921 92.20 36.10 -90.18
N LEU I 922 93.52 36.00 -90.19
CA LEU I 922 94.23 35.40 -89.07
C LEU I 922 94.00 36.20 -87.80
N ILE I 923 94.01 37.53 -87.90
CA ILE I 923 93.85 38.37 -86.71
C ILE I 923 92.44 38.23 -86.16
N ALA I 924 91.44 38.15 -87.02
CA ALA I 924 90.07 37.94 -86.60
C ALA I 924 89.84 36.58 -85.98
N ASN I 925 90.42 35.52 -86.54
CA ASN I 925 90.38 34.21 -85.91
C ASN I 925 91.02 34.18 -84.54
N GLN I 926 92.18 34.81 -84.37
CA GLN I 926 92.79 34.86 -83.06
C GLN I 926 91.95 35.61 -82.04
N PHE I 927 91.37 36.74 -82.43
CA PHE I 927 90.44 37.41 -81.53
C PHE I 927 89.30 36.48 -81.14
N ASN I 928 88.70 35.80 -82.11
CA ASN I 928 87.53 34.96 -81.84
C ASN I 928 87.87 33.80 -80.92
N SER I 929 89.02 33.16 -81.11
CA SER I 929 89.42 32.10 -80.20
C SER I 929 89.72 32.62 -78.80
N ALA I 930 90.39 33.77 -78.68
CA ALA I 930 90.64 34.33 -77.36
C ALA I 930 89.36 34.72 -76.64
N ILE I 931 88.34 35.16 -77.37
CA ILE I 931 87.07 35.48 -76.73
C ILE I 931 86.37 34.21 -76.30
N GLY I 932 86.46 33.16 -77.12
CA GLY I 932 85.92 31.88 -76.72
C GLY I 932 86.56 31.28 -75.49
N LYS I 933 87.87 31.48 -75.30
CA LYS I 933 88.51 30.93 -74.12
C LYS I 933 88.07 31.59 -72.82
N ILE I 934 87.51 32.80 -72.87
CA ILE I 934 87.19 33.50 -71.65
C ILE I 934 86.00 32.86 -70.94
N GLN I 935 84.96 32.47 -71.67
CA GLN I 935 83.86 31.77 -71.03
C GLN I 935 84.31 30.48 -70.38
N ASP I 936 85.09 29.66 -71.08
CA ASP I 936 85.62 28.45 -70.47
C ASP I 936 86.44 28.76 -69.23
N SER I 937 87.27 29.79 -69.28
CA SER I 937 87.98 30.20 -68.08
C SER I 937 87.06 30.77 -67.01
N LEU I 938 85.81 31.04 -67.35
CA LEU I 938 84.86 31.56 -66.36
C LEU I 938 83.90 30.48 -65.89
N SER I 939 83.18 29.85 -66.81
CA SER I 939 82.25 28.78 -66.46
C SER I 939 82.96 27.44 -66.27
N ALA I 944 89.11 34.05 -59.52
CA ALA I 944 88.38 34.76 -60.56
C ALA I 944 87.64 35.95 -59.96
N LEU I 945 86.39 35.72 -59.58
CA LEU I 945 85.55 36.76 -59.00
C LEU I 945 85.62 36.79 -57.48
N GLY I 946 86.77 36.42 -56.92
CA GLY I 946 86.96 36.52 -55.48
C GLY I 946 87.04 37.93 -54.95
N LYS I 947 87.47 38.88 -55.79
CA LYS I 947 87.52 40.28 -55.34
C LYS I 947 86.13 40.85 -55.13
N LEU I 948 85.14 40.33 -55.84
CA LEU I 948 83.77 40.75 -55.62
C LEU I 948 83.10 39.99 -54.50
N GLN I 949 83.52 38.74 -54.26
CA GLN I 949 82.98 37.98 -53.17
C GLN I 949 83.49 38.45 -51.82
N ASP I 950 84.75 38.87 -51.73
CA ASP I 950 85.29 39.40 -50.49
C ASP I 950 84.52 40.59 -49.95
N VAL I 951 84.10 41.51 -50.80
CA VAL I 951 83.38 42.68 -50.29
C VAL I 951 82.06 42.26 -49.66
N VAL I 952 81.29 41.42 -50.36
CA VAL I 952 80.05 40.89 -49.84
C VAL I 952 80.26 40.12 -48.55
N ASN I 953 81.31 39.30 -48.49
CA ASN I 953 81.57 38.50 -47.30
C ASN I 953 81.94 39.35 -46.12
N GLN I 954 82.86 40.30 -46.29
CA GLN I 954 83.25 41.17 -45.19
C GLN I 954 82.08 41.99 -44.69
N ASN I 955 81.20 42.43 -45.57
CA ASN I 955 80.09 43.22 -45.08
C ASN I 955 79.07 42.36 -44.34
N ALA I 956 78.73 41.18 -44.88
CA ALA I 956 77.78 40.33 -44.18
C ALA I 956 78.32 39.88 -42.83
N GLN I 957 79.60 39.56 -42.78
CA GLN I 957 80.22 39.14 -41.54
C GLN I 957 80.32 40.26 -40.53
N ALA I 958 80.52 41.51 -40.97
CA ALA I 958 80.51 42.61 -40.01
C ALA I 958 79.11 42.96 -39.54
N LEU I 959 78.09 42.66 -40.33
CA LEU I 959 76.73 42.88 -39.88
C LEU I 959 76.21 41.77 -38.97
N ASN I 960 76.76 40.57 -39.08
CA ASN I 960 76.39 39.48 -38.19
C ASN I 960 76.92 39.68 -36.77
N THR I 961 78.11 40.26 -36.63
CA THR I 961 78.69 40.56 -35.33
C THR I 961 77.89 41.61 -34.56
N LEU I 962 77.38 42.63 -35.22
CA LEU I 962 76.57 43.63 -34.55
C LEU I 962 75.31 43.04 -33.94
N VAL I 963 74.68 42.09 -34.64
CA VAL I 963 73.50 41.45 -34.09
C VAL I 963 73.88 40.48 -32.97
N LYS I 964 74.98 39.75 -33.11
CA LYS I 964 75.39 38.85 -32.06
C LYS I 964 75.79 39.58 -30.78
N GLN I 965 76.24 40.82 -30.88
CA GLN I 965 76.61 41.59 -29.71
C GLN I 965 75.42 42.02 -28.87
N LEU I 966 74.21 41.69 -29.25
CA LEU I 966 73.06 42.08 -28.45
C LEU I 966 72.74 41.07 -27.36
N SER I 967 73.25 39.85 -27.47
CA SER I 967 73.14 38.91 -26.38
C SER I 967 74.40 38.85 -25.55
N SER I 968 74.80 39.97 -24.95
CA SER I 968 75.90 40.01 -24.00
C SER I 968 75.49 40.97 -22.88
N ASN I 969 75.79 40.61 -21.63
CA ASN I 969 75.34 41.47 -20.54
C ASN I 969 76.25 42.66 -20.33
N PHE I 970 77.50 42.58 -20.75
CA PHE I 970 78.51 43.60 -20.49
C PHE I 970 78.70 43.84 -19.00
N GLY I 971 78.44 42.83 -18.18
CA GLY I 971 78.58 42.98 -16.75
C GLY I 971 77.33 43.41 -16.03
N ALA I 972 76.17 43.19 -16.62
CA ALA I 972 74.90 43.34 -15.94
C ALA I 972 74.38 41.95 -15.59
N ILE I 973 73.22 41.88 -14.96
CA ILE I 973 72.73 40.55 -14.59
C ILE I 973 72.33 39.75 -15.81
N SER I 974 71.66 40.38 -16.77
CA SER I 974 71.25 39.68 -17.97
C SER I 974 71.40 40.63 -19.15
N SER I 975 71.03 40.14 -20.32
CA SER I 975 71.21 40.88 -21.56
C SER I 975 69.89 41.16 -22.26
N VAL I 976 68.77 41.00 -21.57
CA VAL I 976 67.45 41.21 -22.14
C VAL I 976 66.71 42.23 -21.29
N LEU I 977 66.35 43.36 -21.90
CA LEU I 977 65.93 44.57 -21.20
C LEU I 977 64.63 44.42 -20.43
N ASN I 978 63.92 43.29 -20.56
CA ASN I 978 62.72 43.10 -19.76
C ASN I 978 63.02 42.36 -18.46
N ASP I 979 63.78 41.26 -18.52
CA ASP I 979 64.06 40.49 -17.31
C ASP I 979 64.85 41.30 -16.30
N ILE I 980 65.70 42.21 -16.76
CA ILE I 980 66.35 43.12 -15.83
C ILE I 980 65.29 44.04 -15.25
N LEU I 981 64.28 44.35 -16.05
CA LEU I 981 63.32 45.38 -15.66
C LEU I 981 62.15 44.85 -14.85
N SER I 982 61.86 43.56 -14.90
CA SER I 982 60.74 42.99 -14.18
C SER I 982 61.25 42.16 -13.01
N ARG I 983 62.50 42.36 -12.65
CA ARG I 983 63.06 41.65 -11.49
C ARG I 983 63.83 42.61 -10.61
N LEU I 984 63.74 43.90 -10.89
CA LEU I 984 64.30 44.90 -10.00
C LEU I 984 63.43 46.15 -10.07
N ASP I 985 63.60 47.03 -9.08
CA ASP I 985 62.88 48.29 -9.01
C ASP I 985 63.79 49.44 -9.44
N PRO I 986 63.22 50.56 -9.88
CA PRO I 986 63.93 51.47 -10.81
C PRO I 986 65.33 51.83 -10.37
N PRO I 987 65.50 52.30 -9.14
CA PRO I 987 66.82 52.71 -8.64
C PRO I 987 67.87 51.62 -8.85
N GLU I 988 67.44 50.37 -8.69
CA GLU I 988 68.30 49.21 -8.86
C GLU I 988 68.50 48.84 -10.31
N ALA I 989 67.49 49.06 -11.16
CA ALA I 989 67.56 48.63 -12.54
C ALA I 989 68.31 49.61 -13.43
N GLU I 990 68.14 50.91 -13.18
CA GLU I 990 68.87 51.93 -13.93
C GLU I 990 70.37 51.67 -13.95
N VAL I 991 70.93 51.13 -12.87
CA VAL I 991 72.35 50.82 -12.84
C VAL I 991 72.71 49.78 -13.90
N GLN I 992 71.94 48.71 -14.01
CA GLN I 992 72.24 47.68 -14.99
C GLN I 992 71.95 48.13 -16.41
N ILE I 993 70.89 48.92 -16.57
CA ILE I 993 70.52 49.38 -17.90
C ILE I 993 71.58 50.34 -18.44
N ASP I 994 72.24 51.09 -17.57
CA ASP I 994 73.33 51.92 -18.07
C ASP I 994 74.53 51.11 -18.54
N ARG I 995 74.85 50.00 -17.91
CA ARG I 995 75.89 49.12 -18.42
C ARG I 995 75.54 48.52 -19.77
N LEU I 996 74.32 48.02 -19.91
CA LEU I 996 73.86 47.54 -21.21
C LEU I 996 73.97 48.62 -22.27
N ILE I 997 73.54 49.84 -21.97
CA ILE I 997 73.61 50.93 -22.93
C ILE I 997 75.06 51.19 -23.33
N THR I 998 75.96 51.23 -22.36
CA THR I 998 77.35 51.52 -22.68
C THR I 998 77.94 50.48 -23.63
N GLY I 999 77.70 49.20 -23.35
CA GLY I 999 78.20 48.17 -24.25
C GLY I 999 77.60 48.25 -25.64
N ARG I 1000 76.29 48.43 -25.73
CA ARG I 1000 75.64 48.47 -27.04
C ARG I 1000 76.00 49.70 -27.84
N LEU I 1001 76.31 50.81 -27.20
CA LEU I 1001 76.77 51.97 -27.93
C LEU I 1001 78.21 51.81 -28.42
N GLN I 1002 79.07 51.17 -27.61
CA GLN I 1002 80.41 50.86 -28.07
C GLN I 1002 80.41 49.95 -29.30
N SER I 1003 79.55 48.94 -29.32
CA SER I 1003 79.47 48.07 -30.49
C SER I 1003 79.09 48.81 -31.76
N LEU I 1004 78.12 49.70 -31.68
CA LEU I 1004 77.70 50.46 -32.83
C LEU I 1004 78.76 51.45 -33.30
N GLN I 1005 79.53 52.03 -32.39
CA GLN I 1005 80.62 52.88 -32.84
C GLN I 1005 81.71 52.10 -33.56
N THR I 1006 82.05 50.92 -33.05
CA THR I 1006 83.00 50.08 -33.75
C THR I 1006 82.50 49.75 -35.15
N TYR I 1007 81.23 49.38 -35.27
CA TYR I 1007 80.67 49.07 -36.58
C TYR I 1007 80.76 50.25 -37.54
N VAL I 1008 80.36 51.44 -37.10
CA VAL I 1008 80.31 52.57 -38.02
C VAL I 1008 81.71 53.02 -38.40
N THR I 1009 82.66 53.00 -37.47
CA THR I 1009 84.02 53.40 -37.83
C THR I 1009 84.62 52.46 -38.86
N GLN I 1010 84.39 51.16 -38.72
CA GLN I 1010 84.89 50.26 -39.74
C GLN I 1010 84.17 50.39 -41.08
N GLN I 1011 82.89 50.70 -41.10
CA GLN I 1011 82.24 50.96 -42.38
C GLN I 1011 82.80 52.20 -43.05
N LEU I 1012 83.13 53.23 -42.28
CA LEU I 1012 83.79 54.40 -42.83
C LEU I 1012 85.15 54.09 -43.42
N ILE I 1013 85.93 53.23 -42.76
CA ILE I 1013 87.24 52.89 -43.30
C ILE I 1013 87.13 51.98 -44.51
N ARG I 1014 86.12 51.12 -44.53
CA ARG I 1014 85.92 50.22 -45.66
C ARG I 1014 85.28 50.90 -46.86
N ALA I 1015 84.57 52.00 -46.69
CA ALA I 1015 84.00 52.68 -47.83
C ALA I 1015 85.01 53.54 -48.57
N ALA I 1016 86.00 54.07 -47.87
CA ALA I 1016 87.07 54.81 -48.51
C ALA I 1016 87.97 53.92 -49.36
N GLU I 1017 88.01 52.63 -49.08
CA GLU I 1017 88.71 51.67 -49.91
C GLU I 1017 87.95 51.29 -51.16
N ILE I 1018 86.61 51.30 -51.08
CA ILE I 1018 85.77 51.02 -52.23
C ILE I 1018 85.74 52.22 -53.15
N ARG I 1019 85.87 53.42 -52.59
CA ARG I 1019 85.88 54.63 -53.40
C ARG I 1019 87.17 54.75 -54.21
N ALA I 1020 88.30 54.39 -53.63
CA ALA I 1020 89.55 54.40 -54.37
C ALA I 1020 89.55 53.40 -55.51
N SER I 1021 88.75 52.35 -55.39
CA SER I 1021 88.62 51.34 -56.43
C SER I 1021 87.68 51.76 -57.53
N ALA I 1022 86.55 52.38 -57.19
CA ALA I 1022 85.68 52.96 -58.19
C ALA I 1022 86.32 54.11 -58.93
N ASN I 1023 87.24 54.85 -58.30
CA ASN I 1023 88.00 55.89 -58.99
C ASN I 1023 88.95 55.32 -60.02
N LEU I 1024 89.62 54.22 -59.71
CA LEU I 1024 90.44 53.50 -60.67
C LEU I 1024 89.63 52.93 -61.80
N ALA I 1025 88.43 52.42 -61.52
CA ALA I 1025 87.54 51.96 -62.58
C ALA I 1025 87.08 53.07 -63.49
N ALA I 1026 86.75 54.25 -62.98
CA ALA I 1026 86.36 55.36 -63.84
C ALA I 1026 87.48 55.80 -64.78
N THR I 1027 88.71 55.83 -64.30
CA THR I 1027 89.87 56.16 -65.12
C THR I 1027 90.13 55.09 -66.16
N LYS I 1028 89.98 53.82 -65.80
CA LYS I 1028 90.08 52.77 -66.81
C LYS I 1028 88.99 52.84 -67.86
N MET I 1029 87.76 53.14 -67.47
CA MET I 1029 86.70 53.24 -68.47
C MET I 1029 86.95 54.40 -69.41
N SER I 1030 87.52 55.49 -68.90
CA SER I 1030 87.83 56.63 -69.75
C SER I 1030 89.00 56.33 -70.68
N GLU I 1031 90.04 55.72 -70.15
CA GLU I 1031 91.29 55.66 -70.85
C GLU I 1031 91.55 54.37 -71.61
N CYS I 1032 90.80 53.31 -71.32
CA CYS I 1032 91.03 52.03 -71.98
C CYS I 1032 89.86 51.61 -72.86
N VAL I 1033 88.70 52.22 -72.61
CA VAL I 1033 87.50 51.90 -73.36
C VAL I 1033 87.16 53.04 -74.32
N LEU I 1034 87.32 54.27 -73.88
CA LEU I 1034 87.07 55.43 -74.73
C LEU I 1034 88.32 55.93 -75.42
N GLY I 1035 89.44 55.23 -75.30
CA GLY I 1035 90.61 55.60 -76.06
C GLY I 1035 91.60 54.47 -76.08
N GLN I 1036 92.76 54.75 -76.67
CA GLN I 1036 93.89 53.83 -76.69
C GLN I 1036 94.99 54.37 -75.79
N SER I 1037 95.51 53.53 -74.92
CA SER I 1037 96.45 53.93 -73.90
C SER I 1037 97.88 53.55 -74.28
N LYS I 1038 98.83 54.42 -73.94
CA LYS I 1038 100.23 54.13 -74.06
C LYS I 1038 100.90 53.88 -72.72
N ARG I 1039 100.17 54.05 -71.62
CA ARG I 1039 100.66 53.71 -70.28
C ARG I 1039 100.88 52.21 -70.16
N VAL I 1040 102.08 51.81 -69.74
CA VAL I 1040 102.46 50.40 -69.73
C VAL I 1040 101.76 49.66 -68.62
N ASP I 1041 101.05 48.59 -69.00
CA ASP I 1041 100.35 47.73 -68.05
C ASP I 1041 99.09 48.31 -67.41
N PHE I 1042 98.57 49.39 -67.95
CA PHE I 1042 97.38 49.99 -67.41
C PHE I 1042 96.15 49.30 -67.96
N CYS I 1043 96.30 48.68 -69.13
CA CYS I 1043 95.22 47.98 -69.79
C CYS I 1043 95.65 46.59 -70.24
N GLY I 1044 96.27 45.81 -69.35
CA GLY I 1044 96.72 44.47 -69.68
C GLY I 1044 98.19 44.34 -70.02
N LYS I 1045 98.60 43.14 -70.42
CA LYS I 1045 99.98 42.85 -70.79
C LYS I 1045 100.11 42.85 -72.31
N GLY I 1046 101.03 43.64 -72.84
CA GLY I 1046 101.20 43.77 -74.27
C GLY I 1046 100.95 45.20 -74.66
N TYR I 1047 100.83 45.42 -75.96
CA TYR I 1047 100.48 46.74 -76.46
C TYR I 1047 98.97 46.86 -76.59
N HIS I 1048 98.40 47.75 -75.80
CA HIS I 1048 96.95 47.90 -75.72
C HIS I 1048 96.36 48.20 -77.08
N LEU I 1049 95.46 47.33 -77.55
CA LEU I 1049 94.67 47.62 -78.74
C LEU I 1049 93.33 48.24 -78.38
N MET I 1050 92.50 47.53 -77.62
CA MET I 1050 91.20 48.08 -77.24
C MET I 1050 90.68 47.32 -76.03
N SER I 1051 89.64 47.85 -75.40
CA SER I 1051 89.06 47.23 -74.21
C SER I 1051 87.55 47.31 -74.26
N PHE I 1052 86.90 46.29 -73.70
CA PHE I 1052 85.43 46.16 -73.66
C PHE I 1052 84.94 46.03 -72.23
N PRO I 1053 83.92 46.76 -71.82
CA PRO I 1053 83.39 46.61 -70.46
C PRO I 1053 82.20 45.65 -70.36
N GLN I 1054 82.09 45.02 -69.21
CA GLN I 1054 80.96 44.18 -68.86
C GLN I 1054 80.59 44.47 -67.42
N SER I 1055 79.31 44.42 -67.10
CA SER I 1055 78.87 44.72 -65.75
C SER I 1055 78.84 43.43 -64.92
N ALA I 1056 79.28 43.53 -63.67
CA ALA I 1056 79.25 42.41 -62.77
C ALA I 1056 78.40 42.85 -61.58
N PRO I 1057 78.05 41.98 -60.64
CA PRO I 1057 77.31 42.45 -59.45
C PRO I 1057 78.21 43.24 -58.51
N HIS I 1058 77.91 44.53 -58.35
CA HIS I 1058 78.67 45.50 -57.59
C HIS I 1058 80.03 45.81 -58.19
N GLY I 1059 80.22 45.55 -59.48
CA GLY I 1059 81.54 45.74 -60.03
C GLY I 1059 81.53 45.81 -61.54
N VAL I 1060 82.73 45.82 -62.09
CA VAL I 1060 82.90 45.89 -63.54
C VAL I 1060 84.03 44.95 -63.92
N VAL I 1061 83.92 44.41 -65.12
CA VAL I 1061 84.93 43.55 -65.72
C VAL I 1061 85.39 44.21 -67.01
N PHE I 1062 86.69 44.26 -67.21
CA PHE I 1062 87.29 44.83 -68.41
C PHE I 1062 87.96 43.71 -69.16
N LEU I 1063 87.59 43.53 -70.42
CA LEU I 1063 88.27 42.61 -71.32
C LEU I 1063 89.23 43.42 -72.16
N HIS I 1064 90.53 43.31 -71.89
CA HIS I 1064 91.56 44.04 -72.61
C HIS I 1064 92.10 43.18 -73.75
N VAL I 1065 92.05 43.72 -74.96
CA VAL I 1065 92.67 43.16 -76.15
C VAL I 1065 94.02 43.84 -76.37
N THR I 1066 95.08 43.03 -76.39
CA THR I 1066 96.44 43.51 -76.59
C THR I 1066 97.12 42.70 -77.69
N TYR I 1067 98.23 43.25 -78.16
CA TYR I 1067 99.08 42.71 -79.21
C TYR I 1067 100.36 42.20 -78.57
N VAL I 1068 100.72 40.94 -78.79
CA VAL I 1068 101.90 40.35 -78.18
C VAL I 1068 102.83 39.85 -79.28
N PRO I 1069 104.06 40.34 -79.37
CA PRO I 1069 104.96 39.85 -80.43
C PRO I 1069 105.40 38.42 -80.21
N ALA I 1070 105.73 37.72 -81.30
CA ALA I 1070 105.98 36.30 -81.23
C ALA I 1070 106.96 35.87 -82.32
N GLN I 1071 107.69 34.79 -82.03
CA GLN I 1071 108.58 34.11 -82.98
C GLN I 1071 109.68 35.00 -83.52
N GLU I 1072 110.58 35.43 -82.63
CA GLU I 1072 111.63 36.33 -83.04
C GLU I 1072 112.82 35.60 -83.65
N LYS I 1073 113.51 36.30 -84.55
CA LYS I 1073 114.79 35.87 -85.09
C LYS I 1073 115.85 36.88 -84.69
N ASN I 1074 117.09 36.42 -84.65
CA ASN I 1074 118.21 37.31 -84.37
C ASN I 1074 118.86 37.74 -85.69
N PHE I 1075 119.46 38.91 -85.67
CA PHE I 1075 120.10 39.53 -86.81
C PHE I 1075 121.32 40.29 -86.33
N THR I 1076 122.16 40.67 -87.28
CA THR I 1076 123.23 41.63 -87.09
C THR I 1076 122.68 43.01 -87.37
N THR I 1077 123.21 44.02 -86.70
CA THR I 1077 122.66 45.36 -86.78
C THR I 1077 123.78 46.37 -86.72
N ALA I 1078 123.45 47.62 -87.04
CA ALA I 1078 124.41 48.71 -87.11
C ALA I 1078 123.64 50.00 -86.94
N PRO I 1079 124.25 51.03 -86.37
CA PRO I 1079 123.53 52.28 -86.16
C PRO I 1079 123.41 53.15 -87.40
N ALA I 1080 124.42 53.17 -88.26
CA ALA I 1080 124.38 54.02 -89.44
C ALA I 1080 125.01 53.25 -90.59
N ILE I 1081 125.01 53.85 -91.78
CA ILE I 1081 125.61 53.24 -92.96
C ILE I 1081 126.40 54.30 -93.71
N CYS I 1082 127.62 53.97 -94.09
CA CYS I 1082 128.49 54.95 -94.74
C CYS I 1082 128.49 54.74 -96.24
N HIS I 1083 128.27 55.82 -96.98
CA HIS I 1083 128.22 55.77 -98.43
C HIS I 1083 128.58 57.15 -98.95
N ASP I 1084 129.54 57.21 -99.88
CA ASP I 1084 130.08 58.45 -100.43
C ASP I 1084 130.65 59.36 -99.35
N GLY I 1085 131.16 58.80 -98.26
CA GLY I 1085 131.64 59.62 -97.18
C GLY I 1085 130.55 60.28 -96.38
N LYS I 1086 129.32 59.79 -96.46
CA LYS I 1086 128.22 60.34 -95.69
C LYS I 1086 127.61 59.25 -94.82
N ALA I 1087 127.13 59.64 -93.65
CA ALA I 1087 126.46 58.72 -92.73
C ALA I 1087 124.96 58.78 -92.97
N HIS I 1088 124.33 57.62 -93.02
CA HIS I 1088 122.90 57.48 -93.26
C HIS I 1088 122.28 56.81 -92.06
N PHE I 1089 121.20 57.31 -91.63
CA PHE I 1089 120.40 56.86 -90.51
C PHE I 1089 119.02 56.48 -90.99
N PRO I 1090 118.37 55.49 -90.39
CA PRO I 1090 117.03 55.15 -90.82
C PRO I 1090 116.02 56.19 -90.37
N ARG I 1091 115.03 56.44 -91.23
CA ARG I 1091 113.98 57.39 -90.89
C ARG I 1091 113.08 56.83 -89.81
N GLU I 1092 112.48 55.67 -90.04
CA GLU I 1092 111.95 54.80 -89.00
C GLU I 1092 112.41 53.39 -89.33
N GLY I 1093 112.78 52.63 -88.30
CA GLY I 1093 113.24 51.29 -88.50
C GLY I 1093 114.67 51.11 -88.01
N VAL I 1094 115.17 49.91 -88.23
CA VAL I 1094 116.54 49.55 -87.92
C VAL I 1094 117.16 48.91 -89.15
N PHE I 1095 118.45 49.14 -89.34
CA PHE I 1095 119.24 48.40 -90.33
C PHE I 1095 119.56 47.02 -89.77
N VAL I 1096 119.23 45.98 -90.53
CA VAL I 1096 119.54 44.61 -90.14
C VAL I 1096 120.24 43.91 -91.29
N SER I 1097 120.93 42.83 -90.95
CA SER I 1097 121.66 42.04 -91.94
C SER I 1097 121.25 40.58 -91.82
N ASN I 1098 120.91 39.96 -92.95
CA ASN I 1098 120.53 38.55 -92.93
C ASN I 1098 121.73 37.63 -93.05
N GLY I 1099 122.94 38.17 -93.03
CA GLY I 1099 124.15 37.40 -93.15
C GLY I 1099 125.07 37.98 -94.20
N THR I 1100 124.48 38.43 -95.31
CA THR I 1100 125.26 39.03 -96.38
C THR I 1100 124.72 40.34 -96.92
N HIS I 1101 123.43 40.65 -96.69
CA HIS I 1101 122.80 41.83 -97.24
C HIS I 1101 122.21 42.66 -96.13
N TRP I 1102 122.03 43.95 -96.39
CA TRP I 1102 121.51 44.91 -95.43
C TRP I 1102 120.14 45.41 -95.86
N PHE I 1103 119.23 45.55 -94.88
CA PHE I 1103 117.87 46.02 -95.11
C PHE I 1103 117.49 47.00 -94.02
N VAL I 1104 116.41 47.74 -94.24
CA VAL I 1104 115.71 48.48 -93.19
C VAL I 1104 114.43 47.74 -92.88
N THR I 1105 114.11 47.63 -91.60
CA THR I 1105 112.82 47.08 -91.20
C THR I 1105 112.18 47.99 -90.17
N GLN I 1106 110.88 47.85 -90.01
CA GLN I 1106 110.21 48.45 -88.86
C GLN I 1106 110.55 47.64 -87.60
N ARG I 1107 110.52 48.31 -86.46
CA ARG I 1107 111.15 47.74 -85.28
C ARG I 1107 110.36 46.63 -84.61
N ASN I 1108 109.07 46.47 -84.90
CA ASN I 1108 108.25 45.54 -84.15
C ASN I 1108 107.74 44.37 -84.96
N PHE I 1109 107.89 44.41 -86.28
CA PHE I 1109 107.47 43.32 -87.15
C PHE I 1109 108.49 43.23 -88.27
N TYR I 1110 109.01 42.04 -88.54
CA TYR I 1110 110.09 41.90 -89.49
C TYR I 1110 109.56 41.99 -90.92
N GLU I 1111 109.98 43.04 -91.62
CA GLU I 1111 109.50 43.32 -92.98
C GLU I 1111 110.60 44.07 -93.71
N PRO I 1112 111.55 43.35 -94.29
CA PRO I 1112 112.77 43.98 -94.81
C PRO I 1112 112.63 44.61 -96.18
N GLN I 1113 113.26 45.77 -96.33
CA GLN I 1113 113.24 46.52 -97.58
C GLN I 1113 114.65 46.97 -97.93
N ILE I 1114 114.87 47.37 -99.17
CA ILE I 1114 116.21 47.76 -99.57
C ILE I 1114 116.42 49.23 -99.25
N ILE I 1115 117.65 49.56 -98.89
CA ILE I 1115 117.99 50.87 -98.35
C ILE I 1115 118.12 51.88 -99.48
N THR I 1116 117.25 52.86 -99.48
CA THR I 1116 117.22 53.90 -100.50
C THR I 1116 117.37 55.24 -99.82
N THR I 1117 117.30 56.31 -100.63
CA THR I 1117 117.35 57.67 -100.11
C THR I 1117 116.01 58.14 -99.59
N ASP I 1118 114.96 57.33 -99.71
CA ASP I 1118 113.66 57.68 -99.15
C ASP I 1118 113.41 56.92 -97.86
N ASN I 1119 114.27 55.95 -97.58
CA ASN I 1119 114.29 55.18 -96.36
C ASN I 1119 115.08 55.84 -95.26
N THR I 1120 115.99 56.75 -95.59
CA THR I 1120 117.05 57.17 -94.70
C THR I 1120 117.13 58.68 -94.73
N PHE I 1121 117.95 59.22 -93.84
CA PHE I 1121 118.40 60.60 -93.97
C PHE I 1121 119.89 60.65 -93.69
N VAL I 1122 120.49 61.75 -94.11
CA VAL I 1122 121.94 61.93 -94.06
C VAL I 1122 122.27 62.92 -92.96
N SER I 1123 123.40 62.71 -92.31
CA SER I 1123 123.93 63.70 -91.39
C SER I 1123 125.40 63.45 -91.16
N GLY I 1124 126.24 64.40 -91.52
CA GLY I 1124 127.67 64.30 -91.26
C GLY I 1124 128.38 63.30 -92.15
N ASN I 1125 129.63 63.07 -91.81
CA ASN I 1125 130.49 62.14 -92.52
C ASN I 1125 130.73 60.93 -91.66
N CYS I 1126 131.18 59.83 -92.27
CA CYS I 1126 131.32 58.58 -91.53
C CYS I 1126 132.67 58.47 -90.85
N ASP I 1127 132.89 59.27 -89.81
CA ASP I 1127 134.14 59.22 -89.05
C ASP I 1127 133.85 59.30 -87.55
N VAL I 1128 132.61 59.63 -87.19
CA VAL I 1128 132.25 59.99 -85.83
C VAL I 1128 131.36 58.96 -85.16
N VAL I 1129 130.68 58.12 -85.91
CA VAL I 1129 129.75 57.16 -85.36
C VAL I 1129 130.49 55.86 -85.06
N ILE I 1130 130.25 55.31 -83.88
CA ILE I 1130 130.90 54.09 -83.44
C ILE I 1130 130.09 52.92 -83.96
N GLY I 1131 130.71 52.10 -84.80
CA GLY I 1131 130.06 50.95 -85.35
C GLY I 1131 129.44 51.13 -86.71
N ILE I 1132 129.82 52.17 -87.44
CA ILE I 1132 129.27 52.41 -88.78
C ILE I 1132 129.75 51.35 -89.75
N VAL I 1133 128.94 51.07 -90.75
CA VAL I 1133 129.17 49.95 -91.66
C VAL I 1133 129.06 50.45 -93.09
N ASN I 1134 129.80 49.81 -93.99
CA ASN I 1134 129.82 50.17 -95.39
C ASN I 1134 128.72 49.43 -96.15
N ASN I 1135 127.95 50.17 -96.93
CA ASN I 1135 126.99 49.58 -97.85
C ASN I 1135 126.60 50.64 -98.85
N THR I 1136 125.80 50.24 -99.83
CA THR I 1136 125.35 51.13 -100.88
C THR I 1136 123.91 51.56 -100.61
N VAL I 1137 123.65 52.85 -100.79
CA VAL I 1137 122.33 53.42 -100.60
C VAL I 1137 121.79 53.80 -101.97
N TYR I 1138 120.64 53.25 -102.32
CA TYR I 1138 120.16 53.28 -103.68
C TYR I 1138 119.30 54.51 -103.92
N ASP I 1139 119.56 55.20 -104.99
CA ASP I 1139 118.84 56.36 -105.48
C ASP I 1139 117.90 55.95 -106.59
N PRO I 1140 116.62 56.31 -106.58
CA PRO I 1140 115.73 55.89 -107.65
C PRO I 1140 115.81 56.76 -108.91
N LEU I 1141 116.10 58.04 -108.70
CA LEU I 1141 115.99 59.00 -109.78
C LEU I 1141 116.98 58.70 -110.90
N GLN I 1142 118.25 58.55 -110.56
CA GLN I 1142 119.25 58.42 -111.62
C GLN I 1142 119.17 57.10 -112.39
N PRO I 1143 118.72 55.99 -111.81
CA PRO I 1143 118.41 54.83 -112.64
C PRO I 1143 117.05 54.92 -113.30
N GLU I 1144 116.27 55.95 -112.97
CA GLU I 1144 115.15 56.28 -113.86
C GLU I 1144 115.67 57.04 -115.08
N LEU I 1145 116.68 57.87 -114.88
CA LEU I 1145 117.20 58.70 -115.96
C LEU I 1145 118.17 57.94 -116.86
N ASP I 1146 118.17 56.60 -116.76
CA ASP I 1146 119.08 55.74 -117.51
C ASP I 1146 120.54 56.19 -117.44
N ALA J 27 124.26 87.29 3.41
CA ALA J 27 124.54 87.00 2.02
C ALA J 27 123.51 86.04 1.45
N TYR J 28 123.41 86.01 0.12
CA TYR J 28 122.56 85.07 -0.59
C TYR J 28 123.40 84.49 -1.72
N THR J 29 123.06 83.28 -2.13
CA THR J 29 123.82 82.61 -3.17
C THR J 29 122.83 81.86 -4.07
N ASN J 30 123.37 81.33 -5.16
CA ASN J 30 122.58 80.68 -6.20
C ASN J 30 122.95 79.20 -6.25
N SER J 31 121.98 78.34 -5.96
CA SER J 31 122.13 76.93 -6.25
C SER J 31 122.20 76.76 -7.75
N PHE J 32 122.72 75.65 -8.25
CA PHE J 32 122.60 75.51 -9.68
C PHE J 32 121.67 74.34 -10.02
N THR J 33 122.06 73.14 -9.65
CA THR J 33 121.21 71.96 -9.77
C THR J 33 121.49 71.13 -8.52
N ARG J 34 120.73 71.40 -7.47
CA ARG J 34 121.02 70.88 -6.15
C ARG J 34 119.71 70.55 -5.45
N GLY J 35 119.74 69.51 -4.63
CA GLY J 35 118.57 69.16 -3.85
C GLY J 35 117.62 68.23 -4.58
N VAL J 36 118.18 67.24 -5.27
CA VAL J 36 117.39 66.20 -5.92
C VAL J 36 117.54 64.93 -5.09
N TYR J 37 116.40 64.35 -4.72
CA TYR J 37 116.37 63.14 -3.92
C TYR J 37 115.53 62.09 -4.63
N TYR J 38 115.81 60.83 -4.33
CA TYR J 38 115.02 59.73 -4.84
C TYR J 38 113.65 59.76 -4.19
N PRO J 39 112.62 60.03 -4.98
CA PRO J 39 111.25 60.14 -4.48
C PRO J 39 110.72 58.93 -3.73
N ASP J 40 111.43 57.81 -3.80
CA ASP J 40 110.99 56.60 -3.12
C ASP J 40 111.81 55.38 -3.52
N LYS J 41 111.44 54.23 -2.97
CA LYS J 41 112.12 52.99 -3.28
C LYS J 41 111.87 52.64 -4.74
N VAL J 42 111.82 51.35 -5.04
CA VAL J 42 111.59 50.92 -6.41
C VAL J 42 112.79 51.22 -7.28
N PHE J 43 113.51 50.18 -7.69
CA PHE J 43 114.68 50.34 -8.54
C PHE J 43 114.25 51.05 -9.83
N ARG J 44 115.19 51.18 -10.76
CA ARG J 44 114.89 51.84 -12.03
C ARG J 44 116.16 52.10 -12.81
N SER J 45 116.05 52.02 -14.14
CA SER J 45 117.19 52.27 -15.01
C SER J 45 116.88 53.38 -16.00
N SER J 46 117.65 53.44 -17.08
CA SER J 46 117.48 54.46 -18.11
C SER J 46 116.01 54.71 -18.43
N VAL J 47 115.41 55.69 -17.76
CA VAL J 47 114.01 56.01 -17.99
C VAL J 47 113.66 57.44 -17.55
N LEU J 48 113.75 58.38 -18.47
CA LEU J 48 113.40 59.77 -18.17
C LEU J 48 112.02 59.77 -17.53
N HIS J 49 111.99 59.42 -16.26
CA HIS J 49 110.76 59.33 -15.48
C HIS J 49 110.34 60.70 -14.96
N SER J 50 109.04 60.97 -15.00
CA SER J 50 108.50 62.27 -14.64
C SER J 50 107.78 62.19 -13.30
N THR J 51 108.08 63.14 -12.41
CA THR J 51 107.49 63.15 -11.07
C THR J 51 106.95 64.52 -10.70
N GLN J 52 105.95 64.51 -9.83
CA GLN J 52 105.45 65.69 -9.16
C GLN J 52 105.71 65.53 -7.67
N ASP J 53 106.41 66.49 -7.07
CA ASP J 53 106.76 66.37 -5.65
C ASP J 53 107.21 67.73 -5.14
N LEU J 54 107.81 67.73 -3.94
CA LEU J 54 108.37 68.95 -3.35
C LEU J 54 109.86 68.95 -3.58
N PHE J 55 110.32 69.90 -4.38
CA PHE J 55 111.72 69.99 -4.75
C PHE J 55 112.21 71.40 -4.50
N LEU J 56 113.54 71.55 -4.55
CA LEU J 56 114.19 72.84 -4.52
C LEU J 56 114.39 73.31 -5.96
N PRO J 57 113.68 74.34 -6.41
CA PRO J 57 113.76 74.75 -7.81
C PRO J 57 115.18 75.06 -8.25
N PHE J 58 115.48 74.83 -9.53
CA PHE J 58 116.82 75.08 -10.02
C PHE J 58 117.11 76.57 -10.02
N PHE J 59 118.38 76.91 -9.78
CA PHE J 59 118.82 78.31 -9.77
C PHE J 59 117.97 79.12 -8.79
N SER J 60 118.08 78.80 -7.50
CA SER J 60 117.25 79.40 -6.47
C SER J 60 118.10 80.36 -5.63
N ASN J 61 117.41 81.02 -4.72
CA ASN J 61 117.96 82.07 -3.88
C ASN J 61 118.12 81.51 -2.47
N VAL J 62 119.31 80.98 -2.17
CA VAL J 62 119.55 80.27 -0.92
C VAL J 62 120.30 81.22 0.03
N THR J 63 119.79 81.35 1.24
CA THR J 63 120.44 82.18 2.25
C THR J 63 121.84 81.66 2.52
N TRP J 64 122.69 82.56 3.01
CA TRP J 64 124.04 82.19 3.39
C TRP J 64 124.23 82.56 4.84
N PHE J 65 124.86 81.67 5.61
CA PHE J 65 125.15 81.93 7.01
C PHE J 65 126.62 81.63 7.26
N HIS J 66 127.22 82.44 8.11
CA HIS J 66 128.60 82.26 8.52
C HIS J 66 128.64 82.01 10.02
N ALA J 67 129.78 81.53 10.48
CA ALA J 67 130.05 81.34 11.89
C ALA J 67 131.55 81.25 12.10
N ASN J 81 123.20 80.05 15.70
CA ASN J 81 122.66 80.90 14.64
C ASN J 81 121.11 80.82 14.72
N PRO J 82 120.39 81.69 14.00
CA PRO J 82 119.04 82.06 14.41
C PRO J 82 117.96 81.01 14.14
N VAL J 83 116.77 81.30 14.68
CA VAL J 83 115.56 80.50 14.47
C VAL J 83 115.04 80.80 13.08
N LEU J 84 114.90 79.75 12.27
CA LEU J 84 114.40 79.88 10.90
C LEU J 84 112.99 79.34 10.81
N PRO J 85 112.31 79.50 9.67
CA PRO J 85 111.04 78.79 9.49
C PRO J 85 111.24 77.42 8.84
N PHE J 86 110.16 76.64 8.73
CA PHE J 86 110.18 75.37 8.01
C PHE J 86 109.27 75.35 6.80
N ASN J 87 107.97 75.52 7.05
CA ASN J 87 106.84 75.86 6.19
C ASN J 87 106.57 74.85 5.08
N ASP J 88 107.62 74.21 4.54
CA ASP J 88 107.49 73.04 3.67
C ASP J 88 108.89 72.51 3.41
N GLY J 89 109.35 71.54 4.19
CA GLY J 89 110.66 70.97 3.90
C GLY J 89 111.81 71.94 3.88
N VAL J 90 113.04 71.43 3.78
CA VAL J 90 114.25 72.26 3.85
C VAL J 90 115.37 71.53 3.16
N TYR J 91 116.10 72.24 2.31
CA TYR J 91 117.43 71.84 1.87
C TYR J 91 118.46 72.48 2.80
N PHE J 92 119.56 71.79 3.00
CA PHE J 92 120.53 72.26 3.97
C PHE J 92 121.89 71.68 3.65
N ALA J 93 122.81 72.48 3.14
CA ALA J 93 124.17 72.02 2.90
C ALA J 93 125.10 72.64 3.93
N SER J 94 126.34 72.16 3.95
CA SER J 94 127.33 72.61 4.93
C SER J 94 128.71 72.15 4.48
N THR J 95 129.74 72.90 4.86
CA THR J 95 131.09 72.64 4.40
C THR J 95 132.11 72.84 5.51
N GLU J 96 132.97 71.83 5.71
CA GLU J 96 134.12 71.91 6.62
C GLU J 96 134.93 70.64 6.63
N LYS J 97 136.08 70.66 7.31
CA LYS J 97 136.82 69.44 7.64
C LYS J 97 136.68 69.05 9.10
N SER J 98 136.75 69.99 10.03
CA SER J 98 136.29 69.80 11.39
C SER J 98 134.78 69.63 11.39
N ASN J 99 134.16 69.50 12.56
CA ASN J 99 132.71 69.29 12.61
C ASN J 99 132.10 70.35 13.52
N ILE J 100 131.72 71.48 12.93
CA ILE J 100 131.13 72.59 13.66
C ILE J 100 129.62 72.41 13.67
N ILE J 101 129.07 71.89 12.58
CA ILE J 101 127.65 71.63 12.48
C ILE J 101 127.36 70.32 13.17
N ARG J 102 126.62 70.38 14.28
CA ARG J 102 126.40 69.25 15.16
C ARG J 102 124.89 69.05 15.33
N GLY J 103 124.18 69.05 14.23
CA GLY J 103 122.78 68.72 14.25
C GLY J 103 121.88 69.93 14.35
N TRP J 104 120.59 69.66 14.31
CA TRP J 104 119.56 70.66 14.21
C TRP J 104 118.59 70.44 15.36
N ILE J 105 117.67 71.36 15.54
CA ILE J 105 116.57 71.17 16.48
C ILE J 105 115.32 71.69 15.81
N PHE J 106 114.20 71.02 16.00
CA PHE J 106 113.02 71.30 15.22
C PHE J 106 111.84 71.61 16.14
N GLY J 107 110.71 71.95 15.55
CA GLY J 107 109.49 72.04 16.32
C GLY J 107 108.63 73.25 16.00
N THR J 108 107.70 73.58 16.89
CA THR J 108 106.88 74.77 16.71
C THR J 108 107.31 75.88 17.66
N THR J 109 107.55 75.55 18.93
CA THR J 109 107.92 76.55 19.93
C THR J 109 109.33 76.41 20.47
N LEU J 110 109.98 75.27 20.26
CA LEU J 110 111.36 75.04 20.72
C LEU J 110 111.47 75.23 22.23
N ASP J 111 110.45 74.76 22.95
CA ASP J 111 110.43 74.86 24.40
C ASP J 111 109.47 73.81 24.95
N SER J 112 109.12 73.97 26.23
CA SER J 112 108.09 73.16 26.82
C SER J 112 106.71 73.66 26.38
N LYS J 113 105.68 73.02 26.92
CA LYS J 113 104.27 73.29 26.59
C LYS J 113 103.89 72.73 25.23
N THR J 114 104.87 72.30 24.43
CA THR J 114 104.61 71.56 23.20
C THR J 114 105.87 70.77 22.85
N GLN J 115 105.67 69.68 22.11
CA GLN J 115 106.72 68.71 21.84
C GLN J 115 107.58 69.13 20.66
N SER J 116 108.82 68.64 20.64
CA SER J 116 109.78 68.96 19.60
C SER J 116 110.78 67.83 19.44
N LEU J 117 111.48 67.83 18.31
CA LEU J 117 112.54 66.88 18.02
C LEU J 117 113.90 67.48 18.36
N LEU J 118 114.89 66.63 18.56
CA LEU J 118 116.25 67.07 18.82
C LEU J 118 117.23 66.05 18.24
N ILE J 119 118.08 66.51 17.34
CA ILE J 119 119.03 65.64 16.66
C ILE J 119 120.44 66.16 16.91
N VAL J 120 121.24 65.36 17.59
CA VAL J 120 122.51 65.84 18.11
C VAL J 120 123.60 64.87 17.71
N ASN J 121 124.86 65.32 17.76
CA ASN J 121 126.01 64.48 17.54
C ASN J 121 127.19 65.02 18.34
N ASN J 122 127.51 64.40 19.47
CA ASN J 122 128.77 64.72 20.13
C ASN J 122 129.88 63.98 19.39
N ALA J 123 131.10 63.97 19.92
CA ALA J 123 132.18 63.29 19.22
C ALA J 123 132.00 61.78 19.20
N THR J 124 130.87 61.29 19.74
CA THR J 124 130.61 59.87 19.80
C THR J 124 129.81 59.38 18.60
N ASN J 125 128.56 59.84 18.50
CA ASN J 125 127.64 59.47 17.43
C ASN J 125 126.29 60.13 17.66
N VAL J 126 125.42 59.98 16.66
CA VAL J 126 124.13 60.63 16.57
C VAL J 126 123.24 60.29 17.76
N VAL J 127 122.42 61.25 18.20
CA VAL J 127 121.45 61.03 19.26
C VAL J 127 120.12 61.66 18.88
N ILE J 128 119.23 60.90 18.24
CA ILE J 128 117.90 61.43 18.01
C ILE J 128 117.13 61.36 19.33
N LYS J 129 116.19 62.27 19.52
CA LYS J 129 115.45 62.33 20.76
C LYS J 129 114.19 63.14 20.56
N VAL J 130 113.11 62.70 21.20
CA VAL J 130 111.86 63.47 21.15
C VAL J 130 111.26 63.54 22.54
N CYS J 131 111.44 64.67 23.20
CA CYS J 131 110.78 64.98 24.47
C CYS J 131 110.11 66.34 24.37
N GLU J 132 109.64 66.84 25.51
CA GLU J 132 109.39 68.26 25.70
C GLU J 132 110.62 68.85 26.38
N PHE J 133 111.18 69.89 25.79
CA PHE J 133 112.45 70.41 26.25
C PHE J 133 112.28 71.80 26.83
N GLN J 134 113.39 72.35 27.33
CA GLN J 134 113.54 73.77 27.57
C GLN J 134 114.85 74.15 26.90
N PHE J 135 114.74 74.82 25.76
CA PHE J 135 115.90 75.10 24.92
C PHE J 135 116.44 76.47 25.25
N CYS J 136 117.77 76.54 25.40
CA CYS J 136 118.44 77.83 25.42
C CYS J 136 118.05 78.62 24.17
N ASN J 137 117.79 79.91 24.36
CA ASN J 137 117.52 80.73 23.18
C ASN J 137 118.73 80.84 22.27
N ASP J 138 119.92 80.63 22.81
CA ASP J 138 121.14 80.47 22.01
C ASP J 138 121.82 79.17 22.43
N PRO J 139 121.33 78.04 21.95
CA PRO J 139 121.84 76.75 22.41
C PRO J 139 123.00 76.27 21.56
N PHE J 140 123.97 75.63 22.19
CA PHE J 140 125.17 75.18 21.49
C PHE J 140 125.87 74.14 22.35
N LEU J 141 127.05 73.74 21.90
CA LEU J 141 127.91 72.84 22.66
C LEU J 141 129.35 73.29 22.51
N GLY J 142 130.12 73.11 23.58
CA GLY J 142 131.48 73.61 23.65
C GLY J 142 132.50 72.71 22.99
N VAL J 143 133.75 72.88 23.39
CA VAL J 143 134.86 72.06 22.95
C VAL J 143 136.05 72.39 23.84
N MET J 153 139.56 68.82 28.50
CA MET J 153 138.29 69.49 28.76
C MET J 153 137.20 68.94 27.85
N GLU J 154 136.97 69.62 26.72
CA GLU J 154 136.04 69.19 25.70
C GLU J 154 134.66 68.91 26.29
N SER J 155 134.19 69.82 27.14
CA SER J 155 132.91 69.73 27.82
C SER J 155 131.94 70.76 27.24
N GLU J 156 130.68 70.36 27.16
CA GLU J 156 129.79 70.92 26.16
C GLU J 156 128.33 70.88 26.58
N PHE J 157 127.44 70.99 25.59
CA PHE J 157 126.01 70.76 25.75
C PHE J 157 125.35 71.75 26.69
N ARG J 158 125.38 73.02 26.34
CA ARG J 158 124.52 74.01 26.98
C ARG J 158 123.24 74.13 26.16
N VAL J 159 122.83 73.03 25.52
CA VAL J 159 121.75 73.10 24.54
C VAL J 159 120.41 73.34 25.22
N TYR J 160 119.97 72.39 26.03
CA TYR J 160 118.70 72.54 26.72
C TYR J 160 118.87 72.54 28.24
N SER J 161 117.77 72.55 28.97
CA SER J 161 117.80 72.36 30.42
C SER J 161 116.63 71.52 30.91
N SER J 162 116.02 70.75 30.01
CA SER J 162 114.83 69.97 30.35
C SER J 162 114.69 68.85 29.33
N ALA J 163 114.24 67.69 29.81
CA ALA J 163 114.06 66.51 28.97
C ALA J 163 112.81 65.73 29.36
N ASN J 164 111.67 66.41 29.52
CA ASN J 164 110.50 65.80 30.11
C ASN J 164 109.68 65.02 29.09
N ASN J 165 108.96 64.01 29.59
CA ASN J 165 107.91 63.35 28.81
C ASN J 165 108.38 62.69 27.51
N CYS J 166 109.63 62.21 27.47
CA CYS J 166 110.21 61.70 26.24
C CYS J 166 109.37 60.58 25.61
N THR J 167 109.04 60.75 24.33
CA THR J 167 108.15 59.86 23.60
C THR J 167 108.89 59.10 22.52
N PHE J 168 110.20 59.30 22.42
CA PHE J 168 111.04 58.63 21.44
C PHE J 168 112.48 58.88 21.82
N GLU J 169 113.30 57.84 21.88
CA GLU J 169 114.73 58.02 22.10
C GLU J 169 115.47 57.27 21.01
N TYR J 170 116.77 57.51 20.96
CA TYR J 170 117.71 56.75 20.15
C TYR J 170 119.10 57.20 20.53
N VAL J 171 120.04 56.26 20.65
CA VAL J 171 121.46 56.61 20.80
C VAL J 171 122.24 55.59 19.99
N SER J 172 123.55 55.65 20.07
CA SER J 172 124.40 54.62 19.46
C SER J 172 125.77 54.61 20.10
N LYS J 187 137.24 70.30 1.32
CA LYS J 187 136.92 69.60 2.56
C LYS J 187 135.78 68.62 2.39
N ASN J 188 134.63 68.96 2.95
CA ASN J 188 133.46 68.10 2.90
C ASN J 188 132.24 68.93 2.56
N LEU J 189 131.31 68.32 1.84
CA LEU J 189 129.99 68.91 1.60
C LEU J 189 128.95 67.88 2.02
N ARG J 190 128.04 68.31 2.89
CA ARG J 190 127.07 67.41 3.51
C ARG J 190 125.69 67.99 3.33
N GLU J 191 124.93 67.47 2.37
CA GLU J 191 123.60 67.95 2.08
C GLU J 191 122.54 67.13 2.78
N PHE J 192 121.42 67.78 3.10
CA PHE J 192 120.30 67.14 3.77
C PHE J 192 119.00 67.73 3.27
N VAL J 193 117.99 66.89 3.13
CA VAL J 193 116.64 67.33 2.81
C VAL J 193 115.74 66.82 3.92
N PHE J 194 115.04 67.73 4.59
CA PHE J 194 114.15 67.39 5.67
C PHE J 194 112.72 67.65 5.25
N LYS J 195 111.84 66.67 5.44
CA LYS J 195 110.43 66.90 5.17
C LYS J 195 109.59 66.15 6.21
N ASN J 196 108.30 66.49 6.27
CA ASN J 196 107.43 66.06 7.36
C ASN J 196 106.02 65.89 6.84
N ILE J 197 105.64 64.64 6.53
CA ILE J 197 104.34 64.35 5.93
C ILE J 197 103.67 63.21 6.69
N ASP J 198 102.39 63.40 7.00
CA ASP J 198 101.55 62.39 7.64
C ASP J 198 102.23 61.77 8.86
N GLY J 199 102.71 62.60 9.77
CA GLY J 199 103.31 62.13 11.00
C GLY J 199 104.63 61.41 10.82
N TYR J 200 105.18 61.41 9.62
CA TYR J 200 106.49 60.84 9.36
C TYR J 200 107.45 61.98 9.06
N PHE J 201 108.63 61.91 9.65
CA PHE J 201 109.65 62.93 9.43
C PHE J 201 110.77 62.29 8.63
N LYS J 202 110.80 62.56 7.33
CA LYS J 202 111.75 61.94 6.42
C LYS J 202 113.00 62.80 6.29
N ILE J 203 114.13 62.13 6.14
CA ILE J 203 115.44 62.75 6.05
C ILE J 203 116.21 62.09 4.93
N TYR J 204 116.56 62.85 3.92
CA TYR J 204 117.46 62.40 2.88
C TYR J 204 118.78 63.08 3.08
N SER J 205 119.85 62.48 2.56
CA SER J 205 121.16 63.02 2.82
C SER J 205 122.14 62.56 1.75
N LYS J 206 123.27 63.24 1.69
CA LYS J 206 124.36 62.87 0.80
C LYS J 206 125.63 63.55 1.28
N HIS J 207 126.75 62.86 1.14
CA HIS J 207 128.05 63.37 1.56
C HIS J 207 128.97 63.32 0.35
N THR J 208 129.19 64.47 -0.24
CA THR J 208 130.12 64.59 -1.34
C THR J 208 131.41 65.25 -0.85
N PRO J 209 132.55 64.88 -1.40
CA PRO J 209 133.79 65.61 -1.05
C PRO J 209 134.04 66.79 -1.97
N ILE J 210 134.14 68.00 -1.42
CA ILE J 210 134.52 69.15 -2.23
C ILE J 210 136.03 69.16 -2.39
N ASN J 211 136.53 69.96 -3.32
CA ASN J 211 137.96 70.23 -3.37
C ASN J 211 138.20 71.69 -3.03
N LEU J 212 137.21 72.31 -2.40
CA LEU J 212 137.30 73.61 -1.77
C LEU J 212 137.16 73.40 -0.26
N VAL J 213 137.08 74.48 0.50
CA VAL J 213 136.86 74.33 1.93
C VAL J 213 135.42 74.69 2.30
N ARG J 214 134.96 75.91 2.00
CA ARG J 214 133.64 76.34 2.47
C ARG J 214 132.84 77.23 1.50
N ASP J 215 132.76 76.90 0.21
CA ASP J 215 131.90 77.61 -0.72
C ASP J 215 131.00 76.61 -1.46
N LEU J 216 129.79 77.04 -1.81
CA LEU J 216 128.83 76.15 -2.46
C LEU J 216 129.26 75.85 -3.90
N PRO J 217 129.55 74.61 -4.24
CA PRO J 217 130.03 74.31 -5.60
C PRO J 217 128.91 74.14 -6.60
N GLN J 218 129.26 73.64 -7.78
CA GLN J 218 128.29 73.38 -8.84
C GLN J 218 128.37 71.91 -9.22
N GLY J 219 127.25 71.36 -9.65
CA GLY J 219 127.22 69.97 -10.08
C GLY J 219 125.91 69.27 -9.79
N PHE J 220 125.83 67.97 -10.09
CA PHE J 220 124.63 67.19 -9.84
C PHE J 220 124.95 66.00 -8.94
N SER J 221 124.14 65.82 -7.91
CA SER J 221 124.31 64.72 -6.98
C SER J 221 123.02 64.44 -6.24
N ALA J 222 122.39 63.29 -6.50
CA ALA J 222 121.09 62.97 -5.94
C ALA J 222 121.20 62.44 -4.51
N LEU J 223 120.22 62.77 -3.69
CA LEU J 223 120.27 62.50 -2.26
C LEU J 223 119.42 61.27 -1.95
N GLU J 224 120.02 60.29 -1.15
CA GLU J 224 119.43 58.99 -0.85
C GLU J 224 118.78 58.98 0.53
N PRO J 225 117.61 58.37 0.65
CA PRO J 225 116.87 58.42 1.91
C PRO J 225 117.62 57.74 3.05
N LEU J 226 117.52 58.35 4.24
CA LEU J 226 118.29 57.89 5.40
C LEU J 226 117.40 57.30 6.47
N VAL J 227 116.41 58.06 6.91
CA VAL J 227 115.67 57.79 8.12
C VAL J 227 114.19 57.93 7.79
N ASP J 228 113.37 57.53 8.78
CA ASP J 228 111.91 57.62 8.75
C ASP J 228 111.46 57.57 10.22
N LEU J 229 110.77 58.60 10.71
CA LEU J 229 110.37 58.58 12.11
C LEU J 229 108.87 58.79 12.23
N PRO J 230 108.11 57.80 12.70
CA PRO J 230 106.66 57.99 12.90
C PRO J 230 106.36 58.72 14.21
N ILE J 231 106.55 60.04 14.19
CA ILE J 231 106.43 60.84 15.39
C ILE J 231 105.01 61.34 15.56
N GLY J 232 104.55 62.21 14.66
CA GLY J 232 103.26 62.84 14.79
C GLY J 232 103.41 64.32 15.11
N ILE J 233 104.62 64.70 15.51
CA ILE J 233 105.04 66.05 15.87
C ILE J 233 104.61 67.08 14.82
N ASN J 234 104.20 68.26 15.29
CA ASN J 234 104.00 69.42 14.44
C ASN J 234 105.32 70.20 14.36
N ILE J 235 105.61 70.79 13.19
CA ILE J 235 106.84 71.56 13.03
C ILE J 235 106.52 72.87 12.32
N THR J 236 107.10 73.96 12.84
CA THR J 236 106.99 75.26 12.20
C THR J 236 108.32 76.01 12.24
N ARG J 237 109.29 75.52 12.99
CA ARG J 237 110.54 76.25 13.14
C ARG J 237 111.67 75.26 13.35
N PHE J 238 112.91 75.74 13.14
CA PHE J 238 114.07 74.90 13.34
C PHE J 238 115.29 75.79 13.54
N GLN J 239 116.40 75.18 13.98
CA GLN J 239 117.62 75.90 14.31
C GLN J 239 118.82 75.07 13.87
N THR J 240 119.99 75.44 14.38
CA THR J 240 121.22 74.72 14.15
C THR J 240 122.04 74.68 15.45
N LEU J 241 123.05 73.82 15.47
CA LEU J 241 123.90 73.63 16.64
C LEU J 241 125.36 73.66 16.22
N LEU J 242 126.19 74.37 16.99
CA LEU J 242 127.58 74.57 16.60
C LEU J 242 128.49 74.32 17.80
N ALA J 243 129.71 73.90 17.51
CA ALA J 243 130.73 73.62 18.53
C ALA J 243 131.62 74.85 18.66
N LEU J 244 131.57 75.49 19.83
CA LEU J 244 132.23 76.77 20.08
C LEU J 244 133.75 76.70 19.96
N HIS J 245 134.38 77.85 20.12
CA HIS J 245 135.81 78.02 20.25
C HIS J 245 136.18 78.24 21.71
N ARG J 246 136.95 77.32 22.28
CA ARG J 246 137.38 77.52 23.66
C ARG J 246 138.85 77.20 23.88
N SER J 247 139.44 76.40 23.00
CA SER J 247 140.85 76.02 23.15
C SER J 247 141.65 76.34 21.90
N ALA J 264 129.82 77.97 7.79
CA ALA J 264 129.23 78.21 6.48
C ALA J 264 128.14 77.21 6.19
N TYR J 265 126.91 77.70 6.02
CA TYR J 265 125.79 76.82 5.71
C TYR J 265 124.66 77.60 5.08
N TYR J 266 123.83 76.89 4.34
CA TYR J 266 122.79 77.44 3.49
C TYR J 266 121.44 76.85 3.87
N VAL J 267 120.37 77.54 3.48
CA VAL J 267 119.02 77.04 3.75
C VAL J 267 118.11 77.35 2.57
N GLY J 268 117.72 76.32 1.83
CA GLY J 268 116.71 76.45 0.80
C GLY J 268 115.36 75.97 1.31
N TYR J 269 114.35 76.20 0.50
CA TYR J 269 113.00 75.73 0.83
C TYR J 269 112.45 74.99 -0.38
N LEU J 270 111.46 74.14 -0.12
CA LEU J 270 110.94 73.23 -1.12
C LEU J 270 109.53 73.63 -1.51
N GLN J 271 109.22 73.51 -2.79
CA GLN J 271 107.91 73.83 -3.32
C GLN J 271 107.44 72.69 -4.19
N PRO J 272 106.15 72.61 -4.47
CA PRO J 272 105.65 71.56 -5.36
C PRO J 272 105.99 71.85 -6.82
N ARG J 273 106.95 71.10 -7.35
CA ARG J 273 107.38 71.19 -8.72
C ARG J 273 107.17 69.85 -9.45
N THR J 274 107.46 69.86 -10.74
CA THR J 274 107.42 68.70 -11.61
C THR J 274 108.77 68.58 -12.28
N PHE J 275 109.42 67.43 -12.12
CA PHE J 275 110.75 67.23 -12.66
C PHE J 275 110.78 66.03 -13.60
N LEU J 276 111.85 65.97 -14.39
CA LEU J 276 112.11 64.87 -15.31
C LEU J 276 113.49 64.30 -14.95
N LEU J 277 113.50 63.12 -14.35
CA LEU J 277 114.73 62.51 -13.87
C LEU J 277 115.24 61.49 -14.87
N LYS J 278 116.53 61.53 -15.14
CA LYS J 278 117.19 60.57 -16.03
C LYS J 278 117.84 59.49 -15.20
N TYR J 279 117.46 58.25 -15.42
CA TYR J 279 117.97 57.14 -14.65
C TYR J 279 119.05 56.40 -15.43
N ASN J 280 120.13 56.09 -14.74
CA ASN J 280 121.22 55.30 -15.28
C ASN J 280 120.78 53.84 -15.46
N GLU J 281 121.68 53.02 -15.99
CA GLU J 281 121.41 51.60 -16.09
C GLU J 281 121.63 50.85 -14.78
N ASN J 282 122.42 51.39 -13.86
CA ASN J 282 122.45 50.85 -12.51
C ASN J 282 121.29 51.34 -11.66
N GLY J 283 120.57 52.35 -12.12
CA GLY J 283 119.41 52.82 -11.39
C GLY J 283 119.62 54.08 -10.61
N THR J 284 120.69 54.82 -10.88
CA THR J 284 120.93 56.08 -10.19
C THR J 284 120.52 57.25 -11.05
N ILE J 285 120.09 58.33 -10.41
CA ILE J 285 119.69 59.55 -11.09
C ILE J 285 120.96 60.32 -11.43
N THR J 286 121.20 60.52 -12.73
CA THR J 286 122.41 61.19 -13.18
C THR J 286 122.15 62.63 -13.64
N ASP J 287 120.94 62.91 -14.13
CA ASP J 287 120.60 64.24 -14.59
C ASP J 287 119.11 64.49 -14.33
N ALA J 288 118.71 65.75 -14.42
CA ALA J 288 117.32 66.11 -14.22
C ALA J 288 116.98 67.36 -15.03
N VAL J 289 115.69 67.60 -15.17
CA VAL J 289 115.17 68.79 -15.84
C VAL J 289 114.06 69.35 -14.97
N ASP J 290 114.17 70.64 -14.63
CA ASP J 290 113.12 71.38 -13.95
C ASP J 290 112.22 71.96 -15.03
N CYS J 291 110.95 71.60 -15.01
CA CYS J 291 110.08 71.79 -16.17
C CYS J 291 109.33 73.11 -16.09
N ALA J 292 109.79 74.00 -15.25
CA ALA J 292 109.11 75.28 -15.08
C ALA J 292 110.13 76.40 -15.05
N LEU J 293 111.36 76.09 -15.39
CA LEU J 293 112.38 77.11 -15.49
C LEU J 293 112.14 78.03 -16.68
N ASP J 294 112.19 77.49 -17.89
CA ASP J 294 112.16 78.31 -19.09
C ASP J 294 111.40 77.56 -20.20
N PRO J 295 111.14 78.19 -21.35
CA PRO J 295 110.43 77.47 -22.41
C PRO J 295 111.12 76.22 -22.91
N LEU J 296 112.45 76.23 -23.03
CA LEU J 296 113.15 75.02 -23.45
C LEU J 296 112.89 73.84 -22.51
N SER J 297 112.86 74.07 -21.21
CA SER J 297 112.64 72.99 -20.26
C SER J 297 111.22 72.48 -20.30
N GLU J 298 110.25 73.37 -20.46
CA GLU J 298 108.88 72.95 -20.66
C GLU J 298 108.69 72.15 -21.94
N THR J 299 109.44 72.47 -23.00
CA THR J 299 109.39 71.64 -24.19
C THR J 299 110.01 70.27 -23.95
N LYS J 300 111.16 70.21 -23.29
CA LYS J 300 111.79 68.94 -22.98
C LYS J 300 110.85 68.07 -22.16
N CYS J 301 110.09 68.68 -21.26
CA CYS J 301 109.16 67.93 -20.43
C CYS J 301 107.96 67.46 -21.24
N THR J 302 107.47 68.30 -22.15
CA THR J 302 106.35 67.91 -23.00
C THR J 302 106.71 66.75 -23.93
N LEU J 303 107.94 66.72 -24.45
CA LEU J 303 108.38 65.64 -25.31
C LEU J 303 108.91 64.43 -24.56
N LYS J 304 109.23 64.57 -23.28
CA LYS J 304 109.88 63.53 -22.48
C LYS J 304 111.23 63.12 -23.07
N SER J 305 112.10 64.11 -23.23
CA SER J 305 113.41 63.86 -23.80
C SER J 305 114.37 64.94 -23.33
N PHE J 306 115.65 64.70 -23.59
CA PHE J 306 116.69 65.65 -23.27
C PHE J 306 117.26 66.34 -24.50
N THR J 307 116.89 65.87 -25.70
CA THR J 307 117.27 66.51 -26.94
C THR J 307 116.02 66.74 -27.77
N VAL J 308 115.71 68.00 -28.03
CA VAL J 308 114.63 68.38 -28.94
C VAL J 308 115.23 68.75 -30.29
N GLU J 309 114.68 68.20 -31.35
CA GLU J 309 115.06 68.54 -32.71
C GLU J 309 114.25 69.73 -33.20
N LYS J 310 114.76 70.39 -34.23
CA LYS J 310 114.14 71.62 -34.67
C LYS J 310 112.69 71.38 -35.05
N GLY J 311 111.87 72.38 -34.78
CA GLY J 311 110.45 72.26 -35.03
C GLY J 311 109.72 73.37 -34.34
N ILE J 312 108.44 73.16 -34.10
CA ILE J 312 107.65 74.05 -33.28
C ILE J 312 106.68 73.18 -32.50
N TYR J 313 106.61 73.41 -31.20
CA TYR J 313 105.94 72.51 -30.29
C TYR J 313 104.93 73.27 -29.45
N GLN J 314 103.74 72.71 -29.32
CA GLN J 314 102.74 73.27 -28.42
C GLN J 314 103.05 72.79 -27.02
N THR J 315 103.16 73.71 -26.09
CA THR J 315 103.78 73.40 -24.83
C THR J 315 102.81 73.59 -23.68
N SER J 316 101.92 74.56 -23.79
CA SER J 316 100.94 74.80 -22.73
C SER J 316 99.85 75.75 -23.19
N ASN J 317 99.32 76.52 -22.25
CA ASN J 317 98.28 77.49 -22.55
C ASN J 317 98.43 78.69 -21.64
N PHE J 318 97.99 79.86 -22.12
CA PHE J 318 98.08 81.09 -21.35
C PHE J 318 96.95 81.19 -20.34
N ARG J 319 97.20 80.69 -19.13
CA ARG J 319 96.19 80.72 -18.06
C ARG J 319 96.27 82.02 -17.28
N VAL J 320 95.11 82.51 -16.86
CA VAL J 320 95.03 83.75 -16.10
C VAL J 320 94.44 83.52 -14.71
N GLN J 321 95.29 83.10 -13.78
CA GLN J 321 94.86 82.83 -12.41
C GLN J 321 94.53 84.13 -11.68
N PRO J 322 93.26 84.32 -11.33
CA PRO J 322 92.84 85.53 -10.62
C PRO J 322 92.75 85.34 -9.11
N THR J 323 92.66 86.44 -8.37
CA THR J 323 92.57 86.37 -6.91
C THR J 323 91.23 86.92 -6.42
N GLU J 324 91.21 87.37 -5.17
CA GLU J 324 89.99 87.92 -4.58
C GLU J 324 88.82 86.96 -4.76
N SER J 325 87.60 87.52 -4.73
CA SER J 325 86.39 86.71 -4.89
C SER J 325 85.14 87.56 -4.69
N ILE J 326 84.01 86.90 -4.48
CA ILE J 326 82.74 87.58 -4.27
C ILE J 326 81.67 86.62 -3.76
N VAL J 327 80.50 87.17 -3.46
CA VAL J 327 79.39 86.37 -2.96
C VAL J 327 78.10 87.14 -3.13
N ARG J 328 78.15 88.20 -3.94
CA ARG J 328 77.01 89.06 -4.19
C ARG J 328 75.66 88.35 -4.06
N PHE J 329 75.07 88.43 -2.87
CA PHE J 329 73.77 87.83 -2.61
C PHE J 329 72.69 88.88 -2.77
N PRO J 330 71.42 88.47 -2.75
CA PRO J 330 70.31 89.42 -2.88
C PRO J 330 70.29 90.39 -1.71
N ASN J 331 69.74 89.93 -0.58
CA ASN J 331 69.63 90.74 0.62
C ASN J 331 69.38 89.87 1.85
N ILE J 332 70.34 89.83 2.77
CA ILE J 332 70.23 89.04 3.99
C ILE J 332 69.04 89.46 4.85
N THR J 333 68.67 88.61 5.80
CA THR J 333 67.55 88.89 6.69
C THR J 333 67.07 87.64 7.43
N ASN J 334 66.60 87.83 8.66
CA ASN J 334 66.09 86.74 9.47
C ASN J 334 67.14 85.82 10.09
N LEU J 335 66.70 84.61 10.44
CA LEU J 335 67.56 83.60 11.05
C LEU J 335 66.72 82.33 11.17
N CYS J 336 65.69 82.25 10.33
CA CYS J 336 64.76 81.13 10.32
C CYS J 336 64.64 80.49 11.69
N PRO J 337 63.43 80.43 12.22
CA PRO J 337 63.21 79.83 13.55
C PRO J 337 62.79 78.36 13.45
N PHE J 338 63.73 77.49 13.10
CA PHE J 338 63.40 76.07 12.99
C PHE J 338 62.80 75.54 14.29
N GLY J 339 63.15 76.17 15.39
CA GLY J 339 62.65 75.77 16.69
C GLY J 339 61.15 75.75 16.81
N GLU J 340 60.44 75.62 15.68
CA GLU J 340 59.02 75.30 15.70
C GLU J 340 58.73 73.94 15.09
N VAL J 341 59.46 73.57 14.04
CA VAL J 341 59.26 72.26 13.42
C VAL J 341 60.13 71.21 14.11
N PHE J 342 61.32 71.62 14.55
CA PHE J 342 62.19 70.73 15.30
C PHE J 342 61.97 70.86 16.81
N ASN J 343 61.00 71.67 17.24
CA ASN J 343 60.72 71.87 18.65
C ASN J 343 59.23 71.92 18.94
N ALA J 344 58.44 71.05 18.30
CA ALA J 344 57.01 71.04 18.51
C ALA J 344 56.64 70.17 19.71
N THR J 345 55.51 70.51 20.34
CA THR J 345 55.02 69.72 21.46
C THR J 345 54.25 68.49 21.01
N ARG J 346 53.66 68.52 19.82
CA ARG J 346 52.90 67.39 19.30
C ARG J 346 53.14 67.29 17.81
N PHE J 347 53.71 66.18 17.37
CA PHE J 347 53.99 65.96 15.96
C PHE J 347 52.72 65.62 15.19
N ALA J 348 52.89 65.15 13.96
CA ALA J 348 51.76 64.78 13.12
C ALA J 348 51.81 63.30 12.74
N SER J 349 50.64 62.72 12.51
CA SER J 349 50.55 61.30 12.14
C SER J 349 51.45 60.98 10.96
N VAL J 350 51.53 59.71 10.61
CA VAL J 350 52.36 59.26 9.49
C VAL J 350 51.55 59.20 8.20
N TYR J 351 50.24 59.03 8.34
CA TYR J 351 49.36 58.95 7.19
C TYR J 351 48.81 60.30 6.77
N ALA J 352 48.88 61.31 7.63
CA ALA J 352 48.62 62.69 7.24
C ALA J 352 49.77 63.53 7.76
N TRP J 353 50.88 63.51 7.04
CA TRP J 353 52.07 64.21 7.51
C TRP J 353 51.82 65.70 7.41
N ASN J 354 52.68 66.48 8.05
CA ASN J 354 52.45 67.89 7.87
C ASN J 354 53.25 68.39 6.68
N ARG J 355 53.11 69.68 6.37
CA ARG J 355 53.86 70.25 5.27
C ARG J 355 54.04 71.73 5.51
N LYS J 356 55.21 72.13 5.99
CA LYS J 356 55.52 73.53 6.22
C LYS J 356 56.37 74.01 5.05
N ARG J 357 56.06 75.18 4.50
CA ARG J 357 56.81 75.67 3.37
C ARG J 357 57.71 76.79 3.84
N ILE J 358 58.89 76.44 4.31
CA ILE J 358 59.88 77.44 4.66
C ILE J 358 60.12 78.31 3.45
N SER J 359 60.37 79.59 3.69
CA SER J 359 60.42 80.57 2.61
C SER J 359 61.60 81.51 2.87
N ASN J 360 61.62 82.64 2.17
CA ASN J 360 62.70 83.61 2.23
C ASN J 360 63.14 83.90 3.66
N CYS J 361 64.39 83.59 3.97
CA CYS J 361 64.90 83.57 5.33
C CYS J 361 66.41 83.39 5.24
N VAL J 362 67.03 83.21 6.41
CA VAL J 362 68.46 82.94 6.54
C VAL J 362 68.50 81.57 7.24
N ALA J 363 68.77 80.50 6.48
CA ALA J 363 68.76 79.16 7.02
C ALA J 363 70.18 78.76 7.39
N ASP J 364 70.34 78.23 8.60
CA ASP J 364 71.63 77.82 9.13
C ASP J 364 71.59 76.32 9.41
N TYR J 365 71.86 75.52 8.40
CA TYR J 365 71.85 74.08 8.56
C TYR J 365 73.01 73.58 9.41
N SER J 366 73.87 74.46 9.90
CA SER J 366 74.95 73.99 10.76
C SER J 366 74.44 73.66 12.16
N VAL J 367 73.56 74.51 12.70
CA VAL J 367 72.97 74.21 14.01
C VAL J 367 72.23 72.89 13.96
N LEU J 368 71.72 72.52 12.80
CA LEU J 368 71.17 71.19 12.64
C LEU J 368 72.26 70.15 12.56
N TYR J 369 73.10 70.28 11.54
CA TYR J 369 74.18 69.33 11.25
C TYR J 369 75.12 68.91 12.37
N ASN J 370 75.33 69.78 13.35
CA ASN J 370 76.24 69.46 14.43
C ASN J 370 75.55 69.26 15.76
N SER J 371 74.22 69.20 15.78
CA SER J 371 73.53 69.17 17.06
C SER J 371 73.71 67.85 17.78
N ALA J 372 74.15 66.81 17.10
CA ALA J 372 74.50 65.53 17.71
C ALA J 372 73.34 64.89 18.44
N SER J 373 72.16 65.52 18.42
CA SER J 373 70.98 64.95 19.01
C SER J 373 70.19 64.11 18.05
N PHE J 374 70.56 64.11 16.78
CA PHE J 374 69.85 63.40 15.74
C PHE J 374 70.45 62.03 15.55
N SER J 375 69.61 61.02 15.54
CA SER J 375 70.09 59.67 15.32
C SER J 375 70.29 59.38 13.85
N THR J 376 69.71 60.15 12.95
CA THR J 376 69.88 59.89 11.53
C THR J 376 69.87 61.23 10.80
N PHE J 377 70.92 61.51 10.04
CA PHE J 377 70.98 62.74 9.25
C PHE J 377 71.59 62.40 7.91
N LYS J 378 70.76 62.02 6.95
CA LYS J 378 71.26 61.66 5.63
C LYS J 378 70.93 62.76 4.66
N CYS J 379 71.87 63.11 3.80
CA CYS J 379 71.62 64.07 2.75
C CYS J 379 71.85 63.41 1.40
N TYR J 380 70.96 63.64 0.45
CA TYR J 380 70.99 62.90 -0.80
C TYR J 380 71.39 63.72 -1.99
N GLY J 381 70.68 64.78 -2.30
CA GLY J 381 71.07 65.56 -3.44
C GLY J 381 72.40 66.24 -3.20
N VAL J 382 72.72 66.52 -1.95
CA VAL J 382 73.82 67.40 -1.60
C VAL J 382 74.36 67.06 -0.23
N SER J 383 75.67 66.85 -0.15
CA SER J 383 76.30 66.52 1.12
C SER J 383 76.08 67.63 2.14
N PRO J 384 76.07 67.30 3.44
CA PRO J 384 75.53 68.25 4.43
C PRO J 384 76.35 69.51 4.62
N THR J 385 77.67 69.45 4.56
CA THR J 385 78.46 70.61 4.93
C THR J 385 78.34 71.76 3.93
N LYS J 386 77.90 71.48 2.71
CA LYS J 386 77.77 72.50 1.69
C LYS J 386 76.38 73.09 1.62
N LEU J 387 75.55 72.87 2.66
CA LEU J 387 74.21 73.46 2.65
C LEU J 387 74.25 74.93 2.98
N ASN J 388 75.14 75.31 3.91
CA ASN J 388 75.27 76.71 4.31
C ASN J 388 76.09 77.52 3.32
N ASP J 389 76.02 77.15 2.05
CA ASP J 389 76.77 77.84 1.00
C ASP J 389 76.00 77.80 -0.33
N LEU J 390 74.74 77.42 -0.27
CA LEU J 390 73.90 77.35 -1.46
C LEU J 390 72.57 78.07 -1.26
N CYS J 391 71.88 78.37 -2.35
CA CYS J 391 70.60 79.05 -2.30
C CYS J 391 69.59 78.40 -3.23
N PHE J 392 68.36 78.25 -2.75
CA PHE J 392 67.30 77.65 -3.55
C PHE J 392 66.10 78.57 -3.66
N THR J 393 64.97 78.03 -4.12
CA THR J 393 63.74 78.82 -4.26
C THR J 393 62.79 78.56 -3.10
N ASN J 394 62.65 77.30 -2.73
CA ASN J 394 61.77 76.92 -1.63
C ASN J 394 62.39 75.74 -0.89
N VAL J 395 62.14 75.68 0.41
CA VAL J 395 62.45 74.53 1.21
C VAL J 395 61.13 74.07 1.80
N TYR J 396 60.84 72.81 1.68
CA TYR J 396 59.67 72.27 2.34
C TYR J 396 60.13 71.41 3.49
N ALA J 397 59.35 71.36 4.55
CA ALA J 397 59.67 70.51 5.68
C ALA J 397 58.46 69.67 6.01
N ASP J 398 58.59 68.36 5.92
CA ASP J 398 57.51 67.45 6.26
C ASP J 398 57.81 66.78 7.58
N SER J 399 56.78 66.56 8.39
CA SER J 399 56.97 66.09 9.75
C SER J 399 56.02 64.94 10.04
N PHE J 400 56.52 63.91 10.73
CA PHE J 400 55.63 62.85 11.18
C PHE J 400 56.34 61.96 12.19
N VAL J 401 55.68 60.88 12.59
CA VAL J 401 56.15 59.97 13.62
C VAL J 401 55.96 58.53 13.17
N ILE J 402 57.02 57.73 13.25
CA ILE J 402 56.94 56.34 12.82
C ILE J 402 57.61 55.46 13.86
N ARG J 403 57.72 54.17 13.55
CA ARG J 403 58.36 53.25 14.47
C ARG J 403 59.86 53.51 14.37
N GLY J 404 60.67 52.73 15.07
CA GLY J 404 62.09 52.91 15.04
C GLY J 404 62.74 52.29 13.84
N ASP J 405 62.24 51.14 13.40
CA ASP J 405 62.89 50.44 12.31
C ASP J 405 62.22 50.69 10.97
N GLU J 406 61.42 51.74 10.91
CA GLU J 406 60.76 52.14 9.69
C GLU J 406 61.46 53.38 9.13
N VAL J 407 62.56 53.79 9.75
CA VAL J 407 63.25 54.97 9.26
C VAL J 407 64.06 54.64 8.03
N ARG J 408 64.20 53.37 7.69
CA ARG J 408 64.94 53.02 6.51
C ARG J 408 64.06 52.99 5.28
N GLN J 409 62.77 53.23 5.40
CA GLN J 409 61.93 53.38 4.24
C GLN J 409 61.73 54.82 3.83
N ILE J 410 62.26 55.76 4.60
CA ILE J 410 62.22 57.17 4.21
C ILE J 410 63.52 57.43 3.47
N ALA J 411 63.52 57.11 2.19
CA ALA J 411 64.69 57.20 1.35
C ALA J 411 64.23 57.01 -0.08
N PRO J 412 64.95 57.51 -1.07
CA PRO J 412 64.48 57.37 -2.46
C PRO J 412 64.61 55.92 -2.90
N GLY J 413 63.53 55.37 -3.44
CA GLY J 413 63.54 54.00 -3.90
C GLY J 413 63.51 52.95 -2.83
N GLN J 414 62.43 52.89 -2.05
CA GLN J 414 62.21 51.83 -1.07
C GLN J 414 60.80 51.30 -1.22
N THR J 415 60.51 50.23 -0.49
CA THR J 415 59.18 49.65 -0.46
C THR J 415 58.87 49.23 0.97
N GLY J 416 57.59 48.98 1.23
CA GLY J 416 57.10 48.73 2.56
C GLY J 416 55.86 49.54 2.85
N LYS J 417 55.18 49.16 3.93
CA LYS J 417 53.87 49.74 4.21
C LYS J 417 53.94 51.25 4.37
N ILE J 418 55.10 51.78 4.75
CA ILE J 418 55.21 53.22 4.91
C ILE J 418 55.46 53.88 3.58
N ALA J 419 56.48 53.43 2.85
CA ALA J 419 56.82 54.10 1.60
C ALA J 419 55.83 53.77 0.50
N ASP J 420 55.13 52.63 0.61
CA ASP J 420 54.17 52.31 -0.43
C ASP J 420 52.98 53.25 -0.36
N TYR J 421 52.21 53.19 0.71
CA TYR J 421 51.14 54.14 0.88
C TYR J 421 51.13 54.71 2.29
N ASN J 422 52.10 55.55 2.60
CA ASN J 422 51.90 56.59 3.60
C ASN J 422 52.62 57.86 3.19
N TYR J 423 53.85 57.70 2.69
CA TYR J 423 54.71 58.84 2.38
C TYR J 423 55.79 58.37 1.41
N LYS J 424 55.73 58.83 0.18
CA LYS J 424 56.64 58.37 -0.87
C LYS J 424 57.51 59.52 -1.30
N LEU J 425 58.82 59.30 -1.36
CA LEU J 425 59.90 60.19 -1.76
C LEU J 425 60.27 59.96 -3.22
N PRO J 426 60.37 61.00 -4.05
CA PRO J 426 60.66 60.77 -5.47
C PRO J 426 62.01 60.13 -5.64
N ASP J 427 62.29 59.70 -6.85
CA ASP J 427 63.49 58.92 -7.10
C ASP J 427 64.72 59.78 -7.37
N ASP J 428 64.55 61.09 -7.54
CA ASP J 428 65.67 62.01 -7.64
C ASP J 428 65.62 63.05 -6.53
N PHE J 429 65.39 62.60 -5.31
CA PHE J 429 65.26 63.47 -4.17
C PHE J 429 66.45 64.39 -4.08
N THR J 430 66.27 65.53 -3.43
CA THR J 430 67.35 66.49 -3.29
C THR J 430 67.68 66.87 -1.86
N GLY J 431 66.77 66.74 -0.94
CA GLY J 431 66.95 67.31 0.38
C GLY J 431 67.72 66.43 1.33
N CYS J 432 67.33 66.48 2.59
CA CYS J 432 67.92 65.64 3.63
C CYS J 432 66.83 65.11 4.54
N VAL J 433 67.13 64.00 5.20
CA VAL J 433 66.21 63.30 6.06
C VAL J 433 66.81 63.29 7.45
N ILE J 434 66.06 63.73 8.46
CA ILE J 434 66.55 63.82 9.82
C ILE J 434 65.60 63.05 10.72
N ALA J 435 66.13 62.35 11.70
CA ALA J 435 65.28 61.52 12.55
C ALA J 435 65.91 61.36 13.91
N TRP J 436 65.07 61.39 14.94
CA TRP J 436 65.58 61.20 16.29
C TRP J 436 64.56 60.49 17.15
N ASN J 437 65.06 59.74 18.13
CA ASN J 437 64.19 58.96 18.99
C ASN J 437 63.41 59.87 19.93
N SER J 438 62.18 59.50 20.19
CA SER J 438 61.33 60.31 21.04
C SER J 438 60.50 59.43 21.96
N ASN J 439 61.14 58.45 22.60
CA ASN J 439 60.36 57.51 23.40
C ASN J 439 59.67 58.19 24.57
N ASN J 440 60.31 59.17 25.19
CA ASN J 440 59.76 59.72 26.42
C ASN J 440 58.60 60.67 26.17
N LEU J 441 58.49 61.22 24.98
CA LEU J 441 57.44 62.18 24.67
C LEU J 441 56.18 61.53 24.14
N ASP J 442 56.30 60.49 23.30
CA ASP J 442 55.18 60.00 22.54
C ASP J 442 54.63 58.70 23.05
N SER J 443 55.36 57.97 23.88
CA SER J 443 54.91 56.69 24.36
C SER J 443 54.43 56.81 25.79
N LYS J 444 53.24 56.28 26.06
CA LYS J 444 52.67 56.36 27.40
C LYS J 444 52.37 54.98 27.99
N VAL J 445 52.32 54.92 29.32
CA VAL J 445 52.04 53.66 30.02
C VAL J 445 50.64 53.17 29.67
N GLY J 446 50.57 52.00 29.07
CA GLY J 446 49.29 51.42 28.68
C GLY J 446 49.16 51.34 27.18
N GLY J 447 49.68 52.35 26.49
CA GLY J 447 49.62 52.39 25.05
C GLY J 447 49.07 53.68 24.51
N ASN J 448 49.85 54.35 23.68
CA ASN J 448 49.42 55.59 23.05
C ASN J 448 48.80 55.23 21.71
N TYR J 449 47.48 55.16 21.66
CA TYR J 449 46.76 54.75 20.47
C TYR J 449 46.33 55.92 19.60
N ASN J 450 47.06 57.02 19.63
CA ASN J 450 46.70 58.16 18.82
C ASN J 450 47.55 58.33 17.59
N TYR J 451 48.48 57.41 17.34
CA TYR J 451 49.39 57.50 16.21
C TYR J 451 49.06 56.37 15.24
N LEU J 452 48.37 56.70 14.17
CA LEU J 452 47.86 55.70 13.24
C LEU J 452 48.72 55.69 11.97
N TYR J 453 48.51 54.67 11.17
CA TYR J 453 49.11 54.58 9.86
C TYR J 453 48.18 53.81 8.96
N ARG J 454 48.30 54.04 7.66
CA ARG J 454 47.47 53.36 6.68
C ARG J 454 48.15 52.07 6.27
N LEU J 455 47.39 50.98 6.23
CA LEU J 455 47.97 49.70 5.89
C LEU J 455 47.33 49.03 4.71
N PHE J 456 46.34 49.64 4.07
CA PHE J 456 45.74 49.12 2.86
C PHE J 456 45.46 50.26 1.90
N ARG J 457 45.88 50.11 0.65
CA ARG J 457 45.49 51.08 -0.36
C ARG J 457 45.42 50.38 -1.71
N LYS J 458 44.65 50.97 -2.61
CA LYS J 458 44.52 50.41 -3.95
C LYS J 458 45.84 50.42 -4.71
N SER J 459 46.57 51.52 -4.63
CA SER J 459 47.78 51.65 -5.43
C SER J 459 48.77 52.54 -4.71
N ASN J 460 50.04 52.24 -4.89
CA ASN J 460 51.09 52.98 -4.22
C ASN J 460 51.02 54.46 -4.57
N LEU J 461 51.51 55.28 -3.66
CA LEU J 461 51.39 56.72 -3.80
C LEU J 461 52.31 57.24 -4.88
N LYS J 462 51.89 58.33 -5.51
CA LYS J 462 52.84 59.11 -6.26
C LYS J 462 53.73 59.86 -5.28
N PRO J 463 54.94 60.23 -5.67
CA PRO J 463 55.82 60.92 -4.73
C PRO J 463 55.19 62.21 -4.23
N PHE J 464 55.24 62.39 -2.91
CA PHE J 464 54.74 63.59 -2.24
C PHE J 464 53.22 63.71 -2.33
N GLU J 465 52.56 62.60 -2.58
CA GLU J 465 51.11 62.58 -2.61
C GLU J 465 50.58 62.19 -1.23
N ARG J 466 49.36 62.62 -0.93
CA ARG J 466 48.81 62.51 0.41
C ARG J 466 47.36 62.05 0.34
N ASP J 467 46.96 61.21 1.28
CA ASP J 467 45.67 60.52 1.20
C ASP J 467 45.10 60.34 2.60
N ILE J 468 44.13 61.17 2.97
CA ILE J 468 43.55 61.13 4.31
C ILE J 468 42.15 60.54 4.29
N SER J 469 41.76 59.88 3.22
CA SER J 469 40.42 59.32 3.19
C SER J 469 40.31 58.14 4.14
N THR J 470 39.09 57.72 4.41
CA THR J 470 38.84 56.68 5.39
C THR J 470 37.75 55.72 4.88
N GLU J 471 37.82 55.38 3.61
CA GLU J 471 36.85 54.46 3.04
C GLU J 471 37.19 53.04 3.41
N ILE J 472 36.17 52.21 3.58
CA ILE J 472 36.38 50.81 3.90
C ILE J 472 37.04 50.12 2.72
N TYR J 473 38.22 49.54 2.99
CA TYR J 473 38.96 48.84 1.96
C TYR J 473 38.19 47.59 1.52
N GLN J 474 38.42 47.15 0.30
CA GLN J 474 37.73 45.98 -0.23
C GLN J 474 38.78 45.05 -0.81
N ALA J 475 39.13 44.00 -0.06
CA ALA J 475 40.15 43.10 -0.54
C ALA J 475 39.60 42.15 -1.59
N GLY J 476 38.61 41.36 -1.24
CA GLY J 476 38.00 40.42 -2.16
C GLY J 476 37.12 41.12 -3.18
N SER J 477 36.51 40.30 -4.03
CA SER J 477 35.66 40.83 -5.10
C SER J 477 34.31 41.30 -4.58
N THR J 478 33.87 40.80 -3.44
CA THR J 478 32.56 41.14 -2.95
C THR J 478 32.51 42.61 -2.56
N PRO J 479 31.49 43.35 -2.99
CA PRO J 479 31.38 44.75 -2.57
C PRO J 479 31.13 44.86 -1.07
N CYS J 480 31.51 46.01 -0.52
CA CYS J 480 31.55 46.17 0.92
C CYS J 480 30.37 46.93 1.49
N ASN J 481 29.84 47.93 0.79
CA ASN J 481 28.69 48.71 1.24
C ASN J 481 28.94 49.35 2.60
N GLY J 482 30.17 49.81 2.83
CA GLY J 482 30.44 50.61 3.99
C GLY J 482 30.35 49.90 5.32
N VAL J 483 30.30 48.57 5.34
CA VAL J 483 30.31 47.83 6.60
C VAL J 483 31.50 46.89 6.59
N GLU J 484 32.01 46.61 7.79
CA GLU J 484 33.15 45.73 7.94
C GLU J 484 32.75 44.28 7.70
N GLY J 485 33.75 43.41 7.73
CA GLY J 485 33.52 42.00 7.51
C GLY J 485 34.71 41.38 6.82
N PHE J 486 34.57 40.11 6.48
CA PHE J 486 35.64 39.43 5.76
C PHE J 486 35.90 40.15 4.46
N ASN J 487 37.17 40.40 4.17
CA ASN J 487 37.59 41.08 2.95
C ASN J 487 36.98 42.47 2.82
N CYS J 488 36.58 43.05 3.95
CA CYS J 488 36.14 44.44 4.01
C CYS J 488 36.72 45.02 5.30
N TYR J 489 37.83 45.73 5.17
CA TYR J 489 38.65 46.12 6.32
C TYR J 489 38.72 47.62 6.45
N PHE J 490 38.68 48.08 7.68
CA PHE J 490 39.03 49.46 7.97
C PHE J 490 40.48 49.67 7.62
N PRO J 491 40.85 50.78 6.98
CA PRO J 491 42.20 50.90 6.42
C PRO J 491 43.25 51.49 7.34
N LEU J 492 42.94 51.84 8.58
CA LEU J 492 43.90 52.49 9.44
C LEU J 492 44.15 51.65 10.69
N GLN J 493 45.43 51.52 11.04
CA GLN J 493 45.86 50.79 12.22
C GLN J 493 46.55 51.79 13.14
N SER J 494 46.74 51.44 14.40
CA SER J 494 47.39 52.35 15.33
C SER J 494 48.55 51.66 16.02
N TYR J 495 49.71 52.29 15.99
CA TYR J 495 50.82 51.90 16.83
C TYR J 495 50.35 52.00 18.28
N GLY J 496 50.41 50.91 19.02
CA GLY J 496 50.21 51.12 20.43
C GLY J 496 51.53 51.25 21.10
N PHE J 497 52.02 52.47 21.26
CA PHE J 497 53.36 52.67 21.78
C PHE J 497 53.34 52.52 23.29
N GLN J 498 54.35 51.87 23.84
CA GLN J 498 54.44 51.70 25.26
C GLN J 498 55.87 51.88 25.70
N PRO J 499 56.07 52.44 26.89
CA PRO J 499 57.42 52.66 27.42
C PRO J 499 58.27 51.41 27.35
N THR J 500 57.79 50.32 27.94
CA THR J 500 58.51 49.05 27.94
C THR J 500 58.49 48.41 26.56
N ASN J 501 59.19 49.02 25.62
CA ASN J 501 59.26 48.51 24.25
C ASN J 501 60.66 48.60 23.67
N GLY J 502 61.23 47.44 23.34
CA GLY J 502 62.57 47.37 22.78
C GLY J 502 62.76 48.36 21.64
N VAL J 503 63.98 48.85 21.50
CA VAL J 503 64.30 49.81 20.45
C VAL J 503 63.92 49.20 19.11
N GLY J 504 63.56 50.04 18.16
CA GLY J 504 62.97 49.54 16.95
C GLY J 504 61.49 49.32 17.07
N TYR J 505 60.91 49.50 18.25
CA TYR J 505 59.49 49.66 18.39
C TYR J 505 59.13 50.91 19.14
N GLN J 506 60.07 51.74 19.45
CA GLN J 506 59.78 53.00 20.10
C GLN J 506 59.62 54.10 19.06
N PRO J 507 58.86 55.13 19.38
CA PRO J 507 58.54 56.11 18.35
C PRO J 507 59.72 56.99 18.00
N TYR J 508 59.87 57.23 16.70
CA TYR J 508 60.90 58.12 16.21
C TYR J 508 60.21 59.26 15.52
N ARG J 509 60.69 60.47 15.70
CA ARG J 509 60.15 61.61 14.98
C ARG J 509 61.04 61.91 13.80
N VAL J 510 60.42 62.22 12.67
CA VAL J 510 61.12 62.37 11.40
C VAL J 510 60.74 63.71 10.78
N VAL J 511 61.74 64.39 10.21
CA VAL J 511 61.56 65.62 9.46
C VAL J 511 62.31 65.47 8.15
N VAL J 512 61.63 65.71 7.05
CA VAL J 512 62.21 65.55 5.72
C VAL J 512 62.28 66.92 5.09
N LEU J 513 63.50 67.42 4.90
CA LEU J 513 63.69 68.73 4.30
C LEU J 513 63.79 68.65 2.78
N SER J 514 62.64 68.63 2.12
CA SER J 514 62.59 68.54 0.66
C SER J 514 63.06 69.85 0.02
N PHE J 515 64.16 69.77 -0.71
CA PHE J 515 64.72 70.94 -1.38
C PHE J 515 64.14 71.09 -2.78
N GLU J 516 63.76 72.32 -3.13
CA GLU J 516 63.20 72.60 -4.44
C GLU J 516 64.22 73.24 -5.37
N LEU J 517 65.28 72.49 -5.67
CA LEU J 517 66.34 72.98 -6.54
C LEU J 517 65.77 73.62 -7.80
N LEU J 518 65.70 74.95 -7.81
CA LEU J 518 65.18 75.68 -8.95
C LEU J 518 66.30 76.28 -9.79
N HIS J 519 66.00 77.38 -10.47
CA HIS J 519 66.98 78.06 -11.31
C HIS J 519 67.96 78.87 -10.47
N ALA J 520 67.66 80.15 -10.29
CA ALA J 520 68.52 81.04 -9.50
C ALA J 520 67.81 82.36 -9.21
N PRO J 521 66.79 82.30 -8.36
CA PRO J 521 66.04 83.50 -8.00
C PRO J 521 66.54 84.10 -6.69
N ALA J 522 65.71 84.93 -6.07
CA ALA J 522 66.05 85.59 -4.81
C ALA J 522 65.32 84.95 -3.64
N THR J 523 65.67 83.70 -3.33
CA THR J 523 65.05 82.98 -2.23
C THR J 523 66.03 82.75 -1.09
N VAL J 524 65.64 81.91 -0.15
CA VAL J 524 66.49 81.60 1.00
C VAL J 524 67.86 81.11 0.56
N CYS J 525 68.84 81.27 1.44
CA CYS J 525 70.21 80.85 1.14
C CYS J 525 70.98 80.53 2.41
N GLY J 526 72.31 80.60 2.33
CA GLY J 526 73.16 80.32 3.46
C GLY J 526 73.33 81.51 4.38
N PRO J 527 74.48 81.53 5.16
CA PRO J 527 74.61 82.71 6.03
C PRO J 527 74.49 84.01 5.23
N LYS J 528 75.59 84.41 4.59
CA LYS J 528 75.59 85.63 3.80
C LYS J 528 77.02 86.02 3.40
N LYS J 529 77.17 87.20 2.82
CA LYS J 529 78.47 87.69 2.39
C LYS J 529 78.34 88.88 1.45
N SER J 530 77.43 88.77 0.48
CA SER J 530 77.20 89.84 -0.48
C SER J 530 78.52 90.37 -1.04
N THR J 531 79.17 91.24 -0.27
CA THR J 531 80.45 91.82 -0.69
C THR J 531 80.26 92.75 -1.89
N ASN J 532 81.31 93.47 -2.25
CA ASN J 532 81.27 94.39 -3.37
C ASN J 532 81.60 93.71 -4.69
N LEU J 533 81.00 94.21 -5.77
CA LEU J 533 81.24 93.65 -7.10
C LEU J 533 82.22 94.50 -7.89
N VAL J 534 83.34 93.89 -8.27
CA VAL J 534 84.38 94.59 -9.03
C VAL J 534 83.97 94.76 -10.48
N LYS J 535 84.94 94.66 -11.39
CA LYS J 535 84.68 94.80 -12.81
C LYS J 535 85.97 94.99 -13.61
N ASN J 536 86.17 94.14 -14.61
CA ASN J 536 87.35 94.19 -15.47
C ASN J 536 88.57 93.42 -14.96
N LYS J 537 88.35 92.54 -13.98
CA LYS J 537 89.41 91.73 -13.42
C LYS J 537 88.95 90.29 -13.37
N CYS J 538 89.83 89.37 -13.77
CA CYS J 538 89.49 87.95 -13.66
C CYS J 538 89.22 87.64 -12.19
N VAL J 539 88.01 87.22 -11.90
CA VAL J 539 87.51 87.13 -10.54
C VAL J 539 86.79 85.80 -10.39
N ASN J 540 86.59 85.41 -9.14
CA ASN J 540 85.85 84.21 -8.79
C ASN J 540 84.55 84.67 -8.16
N PHE J 541 83.44 84.44 -8.85
CA PHE J 541 82.18 85.06 -8.46
C PHE J 541 81.12 84.02 -8.11
N ASN J 542 80.15 84.49 -7.33
CA ASN J 542 78.95 83.72 -7.00
C ASN J 542 77.78 84.70 -6.97
N PHE J 543 76.83 84.48 -7.88
CA PHE J 543 75.62 85.30 -7.98
C PHE J 543 74.42 84.45 -7.57
N ASN J 544 74.04 84.55 -6.30
CA ASN J 544 72.97 83.80 -5.66
C ASN J 544 72.84 82.39 -6.20
N GLY J 545 73.94 81.66 -6.29
CA GLY J 545 73.88 80.29 -6.73
C GLY J 545 74.78 80.03 -7.93
N LEU J 546 74.83 80.97 -8.87
CA LEU J 546 75.68 80.84 -10.05
C LEU J 546 77.14 80.98 -9.61
N THR J 547 77.90 79.91 -9.70
CA THR J 547 79.32 79.93 -9.35
C THR J 547 80.13 79.95 -10.63
N GLY J 548 81.06 80.88 -10.74
CA GLY J 548 81.90 80.92 -11.92
C GLY J 548 83.19 81.72 -11.79
N THR J 549 83.90 81.87 -12.90
CA THR J 549 85.14 82.63 -12.95
C THR J 549 85.16 83.46 -14.22
N GLY J 550 85.73 84.64 -14.15
CA GLY J 550 85.89 85.45 -15.35
C GLY J 550 85.92 86.92 -15.03
N VAL J 551 86.03 87.69 -16.09
CA VAL J 551 85.95 89.14 -16.08
C VAL J 551 84.49 89.55 -16.21
N LEU J 552 84.09 90.51 -15.40
CA LEU J 552 82.72 91.05 -15.40
C LEU J 552 82.76 92.41 -16.07
N THR J 553 81.77 92.69 -16.92
CA THR J 553 81.76 93.94 -17.66
C THR J 553 80.34 94.49 -17.78
N GLU J 554 80.22 95.81 -17.81
CA GLU J 554 78.92 96.45 -17.98
C GLU J 554 78.30 96.04 -19.32
N SER J 555 77.03 95.69 -19.29
CA SER J 555 76.37 95.18 -20.47
C SER J 555 75.56 96.27 -21.16
N ASN J 556 74.99 95.89 -22.30
CA ASN J 556 74.01 96.73 -22.98
C ASN J 556 72.87 95.90 -23.55
N LYS J 557 72.71 94.68 -23.06
CA LYS J 557 71.65 93.79 -23.53
C LYS J 557 70.29 94.40 -23.22
N LYS J 558 69.24 93.73 -23.64
CA LYS J 558 67.89 94.22 -23.41
C LYS J 558 66.98 93.17 -22.77
N PHE J 559 67.40 92.66 -21.61
CA PHE J 559 66.63 91.65 -20.90
C PHE J 559 65.26 92.19 -20.51
N LEU J 560 64.25 91.32 -20.50
CA LEU J 560 62.90 91.72 -20.14
C LEU J 560 62.83 92.20 -18.70
N PRO J 561 61.64 92.15 -18.10
CA PRO J 561 61.44 92.59 -16.72
C PRO J 561 61.52 91.41 -15.75
N PHE J 562 62.02 90.27 -16.22
CA PHE J 562 62.15 89.09 -15.38
C PHE J 562 63.21 88.16 -15.93
N GLN J 563 63.92 88.62 -16.96
CA GLN J 563 64.98 87.83 -17.58
C GLN J 563 66.22 87.81 -16.70
N GLN J 564 66.32 86.79 -15.84
CA GLN J 564 67.45 86.65 -14.94
C GLN J 564 68.77 86.60 -15.68
N PHE J 565 69.37 85.41 -15.75
CA PHE J 565 70.65 85.24 -16.44
C PHE J 565 70.48 84.78 -17.87
N GLY J 566 71.46 85.10 -18.71
CA GLY J 566 71.42 84.72 -20.10
C GLY J 566 72.05 83.36 -20.35
N ARG J 567 72.48 83.14 -21.59
CA ARG J 567 73.11 81.88 -21.99
C ARG J 567 73.44 81.94 -23.46
N ASP J 568 74.48 81.23 -23.88
CA ASP J 568 74.88 81.25 -25.27
C ASP J 568 74.35 80.00 -25.97
N ILE J 569 74.54 79.94 -27.27
CA ILE J 569 74.39 78.70 -28.02
C ILE J 569 75.57 77.84 -27.63
N ALA J 570 75.32 76.55 -27.43
CA ALA J 570 76.23 75.60 -26.78
C ALA J 570 76.16 75.74 -25.26
N ASP J 571 75.23 76.57 -24.78
CA ASP J 571 74.79 76.55 -23.39
C ASP J 571 75.88 76.87 -22.37
N THR J 572 76.45 78.06 -22.42
CA THR J 572 77.35 78.53 -21.37
C THR J 572 76.84 79.88 -20.88
N THR J 573 76.87 80.07 -19.56
CA THR J 573 76.45 81.33 -18.96
C THR J 573 77.33 82.46 -19.43
N ASP J 574 76.73 83.50 -20.01
CA ASP J 574 77.52 84.62 -20.49
C ASP J 574 77.03 85.97 -20.03
N ALA J 575 75.90 86.04 -19.35
CA ALA J 575 75.46 87.29 -18.74
C ALA J 575 74.77 86.95 -17.43
N VAL J 576 74.80 87.90 -16.49
CA VAL J 576 74.07 87.77 -15.24
C VAL J 576 73.40 89.10 -14.93
N ARG J 577 72.52 89.08 -13.95
CA ARG J 577 71.90 90.28 -13.42
C ARG J 577 72.26 90.37 -11.94
N ASP J 578 72.74 91.53 -11.50
CA ASP J 578 73.11 91.72 -10.11
C ASP J 578 71.82 91.75 -9.31
N PRO J 579 71.70 90.93 -8.28
CA PRO J 579 70.45 90.94 -7.51
C PRO J 579 70.15 92.27 -6.84
N GLN J 580 71.16 92.92 -6.30
CA GLN J 580 70.91 94.13 -5.51
C GLN J 580 70.58 95.34 -6.38
N THR J 581 71.41 95.62 -7.37
CA THR J 581 71.19 96.79 -8.22
C THR J 581 70.42 96.48 -9.49
N LEU J 582 70.30 95.20 -9.87
CA LEU J 582 69.49 94.76 -11.02
C LEU J 582 70.02 95.32 -12.34
N GLU J 583 71.31 95.13 -12.58
CA GLU J 583 71.93 95.51 -13.85
C GLU J 583 72.60 94.31 -14.47
N ILE J 584 72.60 94.29 -15.80
CA ILE J 584 73.09 93.15 -16.55
C ILE J 584 74.59 93.32 -16.76
N LEU J 585 75.34 92.25 -16.54
CA LEU J 585 76.79 92.24 -16.67
C LEU J 585 77.21 91.04 -17.50
N ASP J 586 78.02 91.27 -18.52
CA ASP J 586 78.42 90.18 -19.41
C ASP J 586 79.70 89.44 -19.00
N ILE J 587 79.52 88.19 -18.60
CA ILE J 587 80.63 87.34 -18.18
C ILE J 587 81.50 86.94 -19.37
N THR J 588 82.59 86.24 -19.07
CA THR J 588 83.54 85.77 -20.08
C THR J 588 84.85 85.42 -19.40
N PRO J 589 85.20 84.07 -19.43
CA PRO J 589 86.47 83.77 -18.75
C PRO J 589 87.63 84.64 -19.21
N CYS J 590 88.73 84.58 -18.49
CA CYS J 590 89.91 85.38 -18.82
C CYS J 590 90.59 84.88 -20.08
N SER J 591 91.31 85.77 -20.76
CA SER J 591 92.01 85.40 -21.99
C SER J 591 92.85 84.15 -21.82
N PHE J 592 93.41 83.67 -22.93
CA PHE J 592 94.23 82.47 -22.91
C PHE J 592 94.49 81.96 -24.32
N GLY J 593 95.31 80.93 -24.44
CA GLY J 593 95.62 80.35 -25.74
C GLY J 593 96.71 79.31 -25.66
N GLY J 594 97.48 79.18 -26.73
CA GLY J 594 98.56 78.22 -26.79
C GLY J 594 99.92 78.88 -26.74
N VAL J 595 100.90 78.18 -26.17
CA VAL J 595 102.25 78.70 -26.05
C VAL J 595 103.22 77.75 -26.74
N SER J 596 103.79 78.19 -27.86
CA SER J 596 104.73 77.37 -28.62
C SER J 596 106.13 77.88 -28.41
N VAL J 597 107.09 76.97 -28.47
CA VAL J 597 108.50 77.29 -28.28
C VAL J 597 109.26 76.97 -29.56
N ILE J 598 109.99 77.96 -30.06
CA ILE J 598 110.77 77.86 -31.29
C ILE J 598 112.23 77.75 -30.88
N THR J 599 112.86 76.65 -31.26
CA THR J 599 114.24 76.39 -30.92
C THR J 599 115.05 75.97 -32.14
N PRO J 600 116.26 76.50 -32.30
CA PRO J 600 117.14 76.01 -33.37
C PRO J 600 117.69 74.61 -33.15
N GLY J 601 117.43 73.99 -32.01
CA GLY J 601 117.96 72.68 -31.69
C GLY J 601 119.06 72.83 -30.65
N THR J 602 119.02 71.97 -29.64
CA THR J 602 119.94 72.09 -28.51
C THR J 602 121.38 71.80 -28.90
N ASN J 603 121.58 71.23 -30.08
CA ASN J 603 122.89 70.94 -30.65
C ASN J 603 123.42 72.13 -31.44
N THR J 604 122.75 73.27 -31.34
CA THR J 604 123.14 74.47 -32.06
C THR J 604 123.23 75.63 -31.08
N SER J 605 122.29 75.66 -30.13
CA SER J 605 122.14 76.77 -29.22
C SER J 605 121.06 76.40 -28.21
N ASN J 606 120.99 77.18 -27.14
CA ASN J 606 119.96 77.01 -26.13
C ASN J 606 119.06 78.24 -26.05
N GLN J 607 119.19 79.17 -26.97
CA GLN J 607 118.25 80.27 -27.07
C GLN J 607 116.91 79.78 -27.59
N VAL J 608 115.87 80.57 -27.35
CA VAL J 608 114.51 80.14 -27.60
C VAL J 608 113.67 81.36 -27.89
N ALA J 609 112.64 81.18 -28.72
CA ALA J 609 111.62 82.20 -28.93
C ALA J 609 110.26 81.60 -28.60
N VAL J 610 109.29 82.46 -28.31
CA VAL J 610 108.01 82.00 -27.76
C VAL J 610 106.87 82.65 -28.52
N LEU J 611 105.93 81.84 -28.97
CA LEU J 611 104.74 82.32 -29.67
C LEU J 611 103.53 82.14 -28.76
N TYR J 612 102.84 83.24 -28.49
CA TYR J 612 101.54 83.21 -27.83
C TYR J 612 100.49 83.28 -28.91
N GLN J 613 99.74 82.20 -29.09
CA GLN J 613 98.94 82.06 -30.31
C GLN J 613 97.69 82.90 -30.21
N ASP J 614 97.43 83.66 -31.27
CA ASP J 614 96.34 84.62 -31.43
C ASP J 614 95.99 85.35 -30.13
N VAL J 615 97.04 85.84 -29.48
CA VAL J 615 96.91 86.72 -28.33
C VAL J 615 97.47 88.07 -28.71
N ASN J 616 96.76 89.12 -28.35
CA ASN J 616 97.27 90.46 -28.59
C ASN J 616 98.49 90.70 -27.72
N CYS J 617 99.53 91.23 -28.32
CA CYS J 617 100.85 91.19 -27.70
C CYS J 617 101.00 92.21 -26.58
N THR J 618 99.91 92.83 -26.14
CA THR J 618 99.93 93.84 -25.09
C THR J 618 99.46 93.25 -23.75
N GLU J 619 98.98 92.01 -23.80
CA GLU J 619 98.43 91.37 -22.61
C GLU J 619 99.11 90.05 -22.34
N VAL J 620 100.40 89.97 -22.65
CA VAL J 620 101.16 88.72 -22.53
C VAL J 620 101.50 88.43 -21.07
N PRO J 621 102.11 89.36 -20.32
CA PRO J 621 102.41 88.97 -18.95
C PRO J 621 101.36 89.45 -17.96
N SER J 640 113.87 94.41 -25.40
CA SER J 640 113.63 93.10 -25.98
C SER J 640 112.86 93.17 -27.29
N ASN J 641 112.49 92.02 -27.81
CA ASN J 641 111.84 91.90 -29.11
C ASN J 641 110.43 91.38 -28.94
N VAL J 642 109.44 92.25 -29.03
CA VAL J 642 108.05 91.85 -29.12
C VAL J 642 107.57 92.21 -30.51
N PHE J 643 107.02 91.24 -31.21
CA PHE J 643 106.66 91.37 -32.61
C PHE J 643 105.28 90.78 -32.78
N GLN J 644 104.38 91.51 -33.43
CA GLN J 644 103.00 91.08 -33.59
C GLN J 644 102.82 90.43 -34.95
N THR J 645 102.17 89.28 -34.95
CA THR J 645 101.95 88.49 -36.14
C THR J 645 100.45 88.25 -36.27
N ARG J 646 100.02 87.93 -37.49
CA ARG J 646 98.67 87.42 -37.69
C ARG J 646 98.44 86.11 -36.98
N ALA J 647 99.50 85.46 -36.47
CA ALA J 647 99.39 84.18 -35.78
C ALA J 647 99.59 84.30 -34.28
N GLY J 648 99.81 85.50 -33.75
CA GLY J 648 100.01 85.70 -32.34
C GLY J 648 101.16 86.64 -32.05
N CYS J 649 101.57 86.66 -30.79
CA CYS J 649 102.66 87.52 -30.36
C CYS J 649 103.95 86.72 -30.17
N LEU J 650 105.00 87.15 -30.85
CA LEU J 650 106.28 86.47 -30.86
C LEU J 650 107.26 87.24 -29.99
N ILE J 651 107.94 86.55 -29.08
CA ILE J 651 108.89 87.16 -28.16
C ILE J 651 110.22 86.43 -28.28
N GLY J 652 111.29 87.19 -28.45
CA GLY J 652 112.61 86.62 -28.49
C GLY J 652 113.22 86.45 -29.86
N ALA J 653 112.56 86.98 -30.91
CA ALA J 653 113.09 86.98 -32.25
C ALA J 653 112.96 88.39 -32.80
N GLU J 654 113.94 88.82 -33.59
CA GLU J 654 113.89 90.12 -34.22
C GLU J 654 113.37 90.02 -35.64
N HIS J 655 112.63 91.03 -36.04
CA HIS J 655 112.04 91.09 -37.37
C HIS J 655 112.98 91.78 -38.34
N VAL J 656 113.31 91.09 -39.42
CA VAL J 656 114.18 91.65 -40.45
C VAL J 656 113.35 91.93 -41.70
N ASN J 657 113.98 92.59 -42.67
CA ASN J 657 113.30 92.98 -43.90
C ASN J 657 113.67 92.13 -45.10
N ASN J 658 114.71 91.32 -44.98
CA ASN J 658 115.09 90.36 -46.01
C ASN J 658 114.01 89.31 -46.19
N SER J 659 114.18 88.41 -47.14
CA SER J 659 113.27 87.27 -47.29
C SER J 659 114.06 86.07 -47.74
N TYR J 660 113.98 84.99 -46.99
CA TYR J 660 114.72 83.78 -47.24
C TYR J 660 113.75 82.65 -47.55
N GLU J 661 114.30 81.48 -47.78
CA GLU J 661 113.49 80.28 -47.84
C GLU J 661 113.04 79.88 -46.44
N CYS J 662 111.85 79.30 -46.34
CA CYS J 662 111.28 79.07 -45.04
C CYS J 662 112.07 78.01 -44.28
N ASP J 663 112.25 78.23 -42.99
CA ASP J 663 113.04 77.34 -42.16
C ASP J 663 112.18 76.67 -41.10
N ILE J 664 111.60 77.47 -40.21
CA ILE J 664 110.69 77.03 -39.17
C ILE J 664 109.39 77.79 -39.41
N PRO J 665 108.31 77.12 -39.71
CA PRO J 665 107.09 77.82 -40.09
C PRO J 665 106.32 78.36 -38.90
N ILE J 666 106.13 79.67 -38.85
CA ILE J 666 105.31 80.28 -37.81
C ILE J 666 103.86 80.35 -38.24
N GLY J 667 103.59 80.94 -39.37
CA GLY J 667 102.24 80.97 -39.90
C GLY J 667 101.94 82.27 -40.61
N ALA J 668 100.88 82.25 -41.40
CA ALA J 668 100.43 83.42 -42.17
C ALA J 668 101.56 84.05 -42.97
N GLY J 669 102.43 83.21 -43.53
CA GLY J 669 103.52 83.69 -44.33
C GLY J 669 104.80 83.99 -43.60
N ILE J 670 104.83 83.85 -42.28
CA ILE J 670 106.04 84.16 -41.53
C ILE J 670 106.98 82.96 -41.41
N CYS J 671 108.18 83.22 -40.89
CA CYS J 671 109.17 82.17 -40.71
C CYS J 671 110.24 82.61 -39.72
N ALA J 672 110.95 81.65 -39.16
CA ALA J 672 112.00 81.95 -38.19
C ALA J 672 113.16 80.99 -38.33
N SER J 673 114.37 81.49 -38.14
CA SER J 673 115.57 80.66 -38.25
C SER J 673 116.69 81.23 -37.40
N TYR J 674 117.57 80.35 -36.92
CA TYR J 674 118.69 80.77 -36.09
C TYR J 674 119.89 81.11 -36.96
N GLN J 675 119.92 82.36 -37.44
CA GLN J 675 121.02 82.82 -38.28
C GLN J 675 121.55 84.16 -37.83
N THR J 676 121.18 85.23 -38.52
CA THR J 676 121.63 86.56 -38.17
C THR J 676 121.54 86.83 -36.67
N GLN J 690 123.76 82.97 -34.77
CA GLN J 690 124.14 83.93 -33.75
C GLN J 690 122.93 84.61 -33.14
N SER J 691 121.75 84.07 -33.42
CA SER J 691 120.51 84.64 -32.91
C SER J 691 119.28 84.01 -33.56
N ILE J 692 118.23 84.80 -33.73
CA ILE J 692 117.00 84.32 -34.34
C ILE J 692 116.21 85.53 -34.84
N ILE J 693 115.66 85.43 -36.05
CA ILE J 693 114.89 86.53 -36.62
C ILE J 693 113.71 86.06 -37.45
N ALA J 694 112.73 86.95 -37.61
CA ALA J 694 111.52 86.66 -38.37
C ALA J 694 111.53 87.40 -39.70
N TYR J 695 110.69 86.96 -40.63
CA TYR J 695 110.62 87.57 -41.95
C TYR J 695 109.53 86.91 -42.78
N THR J 696 109.15 87.56 -43.87
CA THR J 696 108.14 87.02 -44.76
C THR J 696 108.80 86.19 -45.84
N MET J 697 108.87 84.88 -45.64
CA MET J 697 109.51 84.02 -46.63
C MET J 697 109.35 84.49 -48.07
N SER J 698 110.33 84.14 -48.90
CA SER J 698 110.34 84.47 -50.31
C SER J 698 109.91 83.27 -51.12
N LEU J 699 109.17 83.54 -52.19
CA LEU J 699 108.70 82.45 -53.05
C LEU J 699 109.74 82.03 -54.07
N GLY J 700 110.61 82.95 -54.47
CA GLY J 700 111.65 82.63 -55.42
C GLY J 700 112.14 83.90 -56.07
N ALA J 701 113.13 83.74 -56.93
CA ALA J 701 113.69 84.86 -57.65
C ALA J 701 112.80 85.24 -58.82
N GLU J 702 112.75 86.53 -59.11
CA GLU J 702 111.88 87.01 -60.16
C GLU J 702 112.53 86.88 -61.53
N ASN J 703 111.69 86.87 -62.55
CA ASN J 703 112.12 86.51 -63.90
C ASN J 703 111.11 87.02 -64.89
N SER J 704 111.53 87.94 -65.75
CA SER J 704 110.76 88.32 -66.91
C SER J 704 111.30 87.58 -68.11
N VAL J 705 110.42 87.01 -68.89
CA VAL J 705 110.77 86.28 -70.10
C VAL J 705 110.71 87.26 -71.26
N ALA J 706 111.72 87.22 -72.12
CA ALA J 706 111.83 88.17 -73.21
C ALA J 706 110.83 87.81 -74.32
N TYR J 707 109.56 87.89 -73.99
CA TYR J 707 108.52 87.56 -74.94
C TYR J 707 108.37 88.67 -75.98
N SER J 708 108.34 88.27 -77.25
CA SER J 708 107.84 89.09 -78.33
C SER J 708 107.21 88.17 -79.36
N ASN J 709 106.64 88.75 -80.41
CA ASN J 709 105.88 87.97 -81.35
C ASN J 709 106.70 87.45 -82.53
N ASN J 710 108.01 87.62 -82.56
CA ASN J 710 108.80 86.91 -83.54
C ASN J 710 110.13 86.46 -82.99
N SER J 711 110.22 86.20 -81.69
CA SER J 711 111.44 85.75 -81.05
C SER J 711 111.28 84.35 -80.51
N ILE J 712 112.34 83.55 -80.63
CA ILE J 712 112.30 82.18 -80.13
C ILE J 712 113.66 81.84 -79.52
N ALA J 713 113.65 81.02 -78.48
CA ALA J 713 114.85 80.55 -77.83
C ALA J 713 115.01 79.06 -78.06
N ILE J 714 116.15 78.66 -78.59
CA ILE J 714 116.40 77.25 -78.94
C ILE J 714 117.68 76.77 -78.29
N PRO J 715 117.67 75.63 -77.61
CA PRO J 715 118.86 75.19 -76.89
C PRO J 715 119.90 74.57 -77.79
N THR J 716 121.16 74.78 -77.43
CA THR J 716 122.28 74.31 -78.21
C THR J 716 123.04 73.18 -77.55
N ASN J 717 122.66 72.75 -76.36
CA ASN J 717 123.36 71.72 -75.64
C ASN J 717 122.36 71.04 -74.72
N PHE J 718 122.82 70.06 -73.95
CA PHE J 718 121.93 69.39 -73.02
C PHE J 718 122.75 68.85 -71.87
N THR J 719 122.07 68.48 -70.81
CA THR J 719 122.65 67.72 -69.71
C THR J 719 121.85 66.46 -69.49
N ILE J 720 122.53 65.41 -69.03
CA ILE J 720 121.90 64.20 -68.53
C ILE J 720 121.78 64.35 -67.02
N SER J 721 120.57 64.21 -66.50
CA SER J 721 120.30 64.33 -65.09
C SER J 721 119.84 62.99 -64.52
N VAL J 722 120.28 62.68 -63.31
CA VAL J 722 119.81 61.52 -62.57
C VAL J 722 119.35 61.97 -61.19
N THR J 723 118.12 61.67 -60.85
CA THR J 723 117.59 62.03 -59.53
C THR J 723 116.90 60.84 -58.89
N THR J 724 116.76 60.90 -57.57
CA THR J 724 116.19 59.79 -56.82
C THR J 724 114.77 60.10 -56.35
N GLU J 725 114.02 59.04 -56.11
CA GLU J 725 112.67 59.14 -55.58
C GLU J 725 112.43 57.95 -54.66
N ILE J 726 111.95 58.21 -53.44
CA ILE J 726 111.88 57.20 -52.41
C ILE J 726 110.42 56.98 -52.02
N LEU J 727 110.02 55.71 -51.90
CA LEU J 727 108.63 55.39 -51.60
C LEU J 727 108.48 54.25 -50.60
N PRO J 728 107.69 54.44 -49.54
CA PRO J 728 107.40 53.33 -48.64
C PRO J 728 106.43 52.31 -49.24
N VAL J 729 106.79 51.05 -49.12
CA VAL J 729 105.99 49.98 -49.67
C VAL J 729 105.27 49.18 -48.59
N SER J 730 105.82 49.09 -47.41
CA SER J 730 105.43 48.06 -46.46
C SER J 730 105.61 48.60 -45.05
N MET J 731 104.97 47.97 -44.08
CA MET J 731 105.29 48.27 -42.70
C MET J 731 105.41 47.00 -41.87
N THR J 732 105.69 47.14 -40.60
CA THR J 732 105.96 46.00 -39.73
C THR J 732 104.68 45.26 -39.39
N LYS J 733 104.71 43.94 -39.54
CA LYS J 733 103.57 43.11 -39.22
C LYS J 733 103.60 42.77 -37.74
N THR J 734 102.59 43.20 -37.00
CA THR J 734 102.53 42.97 -35.58
C THR J 734 101.19 42.34 -35.23
N SER J 735 101.20 41.50 -34.23
CA SER J 735 99.97 40.96 -33.68
C SER J 735 99.96 41.16 -32.18
N VAL J 736 98.77 41.31 -31.63
CA VAL J 736 98.59 41.36 -30.19
C VAL J 736 97.53 40.33 -29.83
N ASP J 737 97.83 39.47 -28.87
CA ASP J 737 96.79 38.67 -28.27
C ASP J 737 95.96 39.55 -27.35
N CYS J 738 94.69 39.73 -27.69
CA CYS J 738 93.84 40.63 -26.94
C CYS J 738 93.65 40.16 -25.51
N THR J 739 93.62 38.84 -25.29
CA THR J 739 93.36 38.33 -23.95
C THR J 739 94.58 38.48 -23.06
N MET J 740 95.76 38.19 -23.58
CA MET J 740 96.96 38.30 -22.76
C MET J 740 97.36 39.74 -22.49
N TYR J 741 96.96 40.68 -23.34
CA TYR J 741 97.22 42.08 -23.07
C TYR J 741 96.37 42.56 -21.90
N ILE J 742 95.09 42.21 -21.90
CA ILE J 742 94.16 42.74 -20.92
C ILE J 742 94.30 42.01 -19.59
N CYS J 743 94.31 40.68 -19.63
CA CYS J 743 94.33 39.89 -18.41
C CYS J 743 95.72 39.39 -18.08
N GLY J 744 96.40 38.80 -19.05
CA GLY J 744 97.74 38.34 -18.84
C GLY J 744 97.89 37.16 -17.92
N ASP J 745 97.36 35.99 -18.30
CA ASP J 745 97.48 34.78 -17.49
C ASP J 745 96.79 34.97 -16.15
N SER J 746 95.48 35.22 -16.18
CA SER J 746 94.67 35.28 -14.96
C SER J 746 93.26 34.84 -15.31
N THR J 747 92.81 33.74 -14.72
CA THR J 747 91.49 33.20 -15.04
C THR J 747 90.36 34.04 -14.47
N GLU J 748 90.56 34.71 -13.34
CA GLU J 748 89.52 35.57 -12.82
C GLU J 748 89.17 36.68 -13.81
N CYS J 749 90.19 37.24 -14.48
CA CYS J 749 89.95 38.31 -15.43
C CYS J 749 89.38 37.76 -16.73
N SER J 750 89.80 36.57 -17.12
CA SER J 750 89.40 36.01 -18.41
C SER J 750 87.91 35.74 -18.48
N ASN J 751 87.32 35.26 -17.39
CA ASN J 751 85.89 34.94 -17.42
C ASN J 751 85.05 36.20 -17.39
N LEU J 752 85.53 37.25 -16.75
CA LEU J 752 84.87 38.54 -16.83
C LEU J 752 85.01 39.18 -18.20
N LEU J 753 86.10 38.89 -18.91
CA LEU J 753 86.24 39.41 -20.26
C LEU J 753 85.28 38.75 -21.23
N LEU J 754 84.73 37.60 -20.89
CA LEU J 754 83.78 36.93 -21.75
C LEU J 754 82.43 37.62 -21.80
N GLN J 755 82.18 38.58 -20.92
CA GLN J 755 80.92 39.27 -20.87
C GLN J 755 80.82 40.41 -21.86
N TYR J 756 81.84 40.63 -22.67
CA TYR J 756 81.82 41.68 -23.68
C TYR J 756 81.66 41.12 -25.08
N GLY J 757 81.67 39.81 -25.23
CA GLY J 757 81.39 39.21 -26.51
C GLY J 757 82.61 39.04 -27.38
N SER J 758 82.53 39.52 -28.60
CA SER J 758 83.54 39.25 -29.62
C SER J 758 84.44 40.45 -29.87
N PHE J 759 84.85 41.18 -28.84
CA PHE J 759 85.74 42.31 -29.05
C PHE J 759 87.14 41.85 -29.42
N CYS J 760 87.65 40.81 -28.76
CA CYS J 760 89.02 40.38 -29.04
C CYS J 760 89.11 39.63 -30.35
N THR J 761 88.06 38.90 -30.73
CA THR J 761 88.04 38.26 -32.03
C THR J 761 88.06 39.30 -33.14
N GLN J 762 87.29 40.37 -32.96
CA GLN J 762 87.30 41.48 -33.90
C GLN J 762 88.67 42.13 -33.99
N LEU J 763 89.31 42.36 -32.85
CA LEU J 763 90.60 43.03 -32.87
C LEU J 763 91.66 42.17 -33.55
N ASN J 764 91.70 40.87 -33.26
CA ASN J 764 92.67 40.03 -33.93
C ASN J 764 92.39 39.92 -35.42
N ARG J 765 91.12 39.87 -35.81
CA ARG J 765 90.78 39.83 -37.23
C ARG J 765 91.19 41.10 -37.95
N ALA J 766 91.05 42.27 -37.30
CA ALA J 766 91.48 43.49 -37.92
C ALA J 766 93.00 43.54 -38.08
N LEU J 767 93.74 43.14 -37.04
CA LEU J 767 95.19 43.20 -37.12
C LEU J 767 95.78 42.19 -38.08
N THR J 768 95.14 41.06 -38.27
CA THR J 768 95.66 40.04 -39.17
C THR J 768 95.45 40.40 -40.64
N GLY J 769 94.34 41.06 -40.94
CA GLY J 769 94.07 41.48 -42.29
C GLY J 769 95.03 42.54 -42.80
N ILE J 770 95.63 43.33 -41.92
CA ILE J 770 96.60 44.30 -42.35
C ILE J 770 98.02 43.75 -42.31
N ALA J 771 98.22 42.57 -41.73
CA ALA J 771 99.48 41.85 -41.88
C ALA J 771 99.50 41.07 -43.17
N VAL J 772 98.33 40.63 -43.64
CA VAL J 772 98.28 39.96 -44.94
C VAL J 772 98.45 40.98 -46.07
N GLU J 773 97.93 42.19 -45.90
CA GLU J 773 98.05 43.22 -46.93
C GLU J 773 99.49 43.64 -47.17
N GLN J 774 100.36 43.48 -46.17
CA GLN J 774 101.73 43.95 -46.32
C GLN J 774 102.53 43.08 -47.27
N ASP J 775 102.26 41.79 -47.33
CA ASP J 775 102.95 40.93 -48.28
C ASP J 775 102.46 41.13 -49.70
N LYS J 776 101.17 41.37 -49.87
CA LYS J 776 100.59 41.78 -51.13
C LYS J 776 101.18 43.08 -51.63
N ASN J 777 101.45 44.03 -50.73
CA ASN J 777 102.07 45.29 -51.09
C ASN J 777 103.40 45.09 -51.78
N THR J 778 104.26 44.20 -51.28
CA THR J 778 105.58 44.10 -51.88
C THR J 778 105.61 43.09 -53.02
N GLN J 779 104.69 42.14 -53.04
CA GLN J 779 104.48 41.35 -54.25
C GLN J 779 104.04 42.21 -55.43
N GLU J 780 103.22 43.22 -55.19
CA GLU J 780 102.75 44.05 -56.29
C GLU J 780 103.79 45.02 -56.82
N VAL J 781 104.81 45.36 -56.04
CA VAL J 781 105.87 46.24 -56.50
C VAL J 781 107.00 45.46 -57.14
N PHE J 782 107.45 44.37 -56.51
CA PHE J 782 108.71 43.81 -56.97
C PHE J 782 108.58 42.63 -57.91
N ALA J 783 107.57 41.78 -57.75
CA ALA J 783 107.43 40.59 -58.60
C ALA J 783 106.64 40.95 -59.86
N GLN J 784 107.24 41.85 -60.65
CA GLN J 784 106.65 42.33 -61.89
C GLN J 784 107.38 41.73 -63.09
N VAL J 785 108.14 40.69 -62.88
CA VAL J 785 108.96 40.10 -63.92
C VAL J 785 108.81 38.58 -63.83
N LYS J 786 108.72 37.94 -64.99
CA LYS J 786 108.47 36.51 -65.06
C LYS J 786 109.74 35.69 -64.89
N GLN J 787 110.81 36.06 -65.57
CA GLN J 787 112.08 35.37 -65.51
C GLN J 787 113.06 36.15 -64.66
N ILE J 788 114.08 35.46 -64.19
CA ILE J 788 115.20 36.10 -63.51
C ILE J 788 116.29 36.31 -64.56
N TYR J 789 116.35 37.50 -65.13
CA TYR J 789 117.33 37.82 -66.14
C TYR J 789 118.68 38.13 -65.51
N LYS J 790 119.74 37.76 -66.23
CA LYS J 790 121.12 38.03 -65.84
C LYS J 790 121.82 38.86 -66.90
N THR J 791 122.76 39.69 -66.46
CA THR J 791 123.60 40.43 -67.40
C THR J 791 124.75 39.55 -67.88
N PRO J 792 125.32 39.84 -69.04
CA PRO J 792 126.46 39.08 -69.52
C PRO J 792 127.68 39.36 -68.69
N PRO J 793 128.69 38.49 -68.74
CA PRO J 793 129.94 38.80 -68.04
C PRO J 793 130.71 39.95 -68.67
N ILE J 794 130.62 40.11 -69.98
CA ILE J 794 131.31 41.18 -70.70
C ILE J 794 130.35 42.35 -70.84
N LYS J 795 130.65 43.43 -70.15
CA LYS J 795 129.73 44.55 -70.00
C LYS J 795 130.06 45.69 -70.98
N ASP J 796 129.78 45.44 -72.26
CA ASP J 796 130.01 46.43 -73.31
C ASP J 796 128.70 47.18 -73.55
N PHE J 797 128.58 48.37 -72.96
CA PHE J 797 127.34 49.13 -73.05
C PHE J 797 127.56 50.51 -73.65
N GLY J 798 128.36 50.59 -74.70
CA GLY J 798 128.57 51.84 -75.38
C GLY J 798 129.31 52.89 -74.58
N GLY J 799 129.90 52.51 -73.46
CA GLY J 799 130.59 53.43 -72.59
C GLY J 799 129.92 53.68 -71.27
N PHE J 800 128.65 53.31 -71.14
CA PHE J 800 127.88 53.55 -69.93
C PHE J 800 128.28 52.56 -68.85
N ASN J 801 128.57 53.06 -67.65
CA ASN J 801 129.09 52.27 -66.55
C ASN J 801 128.00 52.10 -65.50
N PHE J 802 127.53 50.86 -65.32
CA PHE J 802 126.42 50.55 -64.44
C PHE J 802 126.85 49.80 -63.18
N SER J 803 128.10 49.95 -62.77
CA SER J 803 128.64 49.02 -61.79
C SER J 803 128.22 49.32 -60.35
N GLN J 804 127.85 50.56 -60.04
CA GLN J 804 127.40 50.90 -58.70
C GLN J 804 125.97 50.51 -58.43
N ILE J 805 125.20 50.13 -59.45
CA ILE J 805 123.82 49.71 -59.27
C ILE J 805 123.60 48.25 -59.64
N LEU J 806 124.60 47.56 -60.06
CA LEU J 806 124.53 46.14 -60.36
C LEU J 806 124.93 45.35 -59.13
N PRO J 807 124.44 44.12 -58.99
CA PRO J 807 124.78 43.33 -57.81
C PRO J 807 126.28 43.12 -57.71
N ASP J 808 126.78 43.11 -56.48
CA ASP J 808 128.18 42.83 -56.21
C ASP J 808 128.30 41.48 -55.53
N PRO J 809 128.61 40.47 -56.33
CA PRO J 809 128.70 39.07 -55.86
C PRO J 809 129.81 38.78 -54.86
N SER J 810 129.86 39.53 -53.76
CA SER J 810 130.89 39.25 -52.76
C SER J 810 130.68 40.10 -51.50
N LYS J 811 129.42 40.27 -51.11
CA LYS J 811 129.09 41.06 -49.93
C LYS J 811 127.84 40.52 -49.24
N PRO J 812 127.22 41.32 -48.39
CA PRO J 812 126.00 40.86 -47.71
C PRO J 812 124.98 40.31 -48.72
N SER J 813 124.91 39.00 -48.86
CA SER J 813 123.98 38.39 -49.82
C SER J 813 124.37 38.71 -51.25
N LYS J 814 123.94 39.86 -51.74
CA LYS J 814 124.26 40.28 -53.11
C LYS J 814 123.50 41.55 -53.48
N ARG J 815 123.94 42.68 -52.94
CA ARG J 815 123.30 43.95 -53.21
C ARG J 815 124.26 44.82 -53.99
N SER J 816 123.71 45.77 -54.71
CA SER J 816 124.56 46.74 -55.36
C SER J 816 125.28 47.58 -54.32
N PHE J 817 126.24 48.37 -54.77
CA PHE J 817 126.90 49.31 -53.89
C PHE J 817 125.93 50.36 -53.36
N ILE J 818 124.96 50.78 -54.17
CA ILE J 818 124.00 51.79 -53.73
C ILE J 818 123.02 51.23 -52.72
N GLU J 819 122.64 49.96 -52.84
CA GLU J 819 121.68 49.38 -51.90
C GLU J 819 122.27 49.22 -50.51
N ASP J 820 123.60 49.06 -50.42
CA ASP J 820 124.24 48.96 -49.12
C ASP J 820 124.24 50.27 -48.35
N LEU J 821 124.51 51.39 -49.01
CA LEU J 821 124.32 52.66 -48.33
C LEU J 821 122.89 52.85 -47.86
N LEU J 822 121.91 52.40 -48.62
CA LEU J 822 120.52 52.58 -48.21
C LEU J 822 120.14 51.69 -47.04
N PHE J 823 120.71 50.50 -46.98
CA PHE J 823 120.42 49.63 -45.84
C PHE J 823 121.26 49.96 -44.62
N ASN J 824 122.30 50.77 -44.77
CA ASN J 824 123.00 51.33 -43.63
C ASN J 824 122.48 52.68 -43.19
N LYS J 825 121.70 53.35 -44.02
CA LYS J 825 121.19 54.68 -43.66
C LYS J 825 119.98 54.60 -42.74
N VAL J 826 119.11 53.62 -42.93
CA VAL J 826 117.92 53.47 -42.09
C VAL J 826 118.18 52.55 -40.92
N LYS J 854 108.71 41.32 -27.62
CA LYS J 854 107.91 40.23 -27.07
C LYS J 854 107.74 40.40 -25.58
N PHE J 855 106.68 41.08 -25.16
CA PHE J 855 106.51 41.32 -23.74
C PHE J 855 105.25 40.70 -23.18
N ASN J 856 104.08 41.13 -23.66
CA ASN J 856 102.84 40.57 -23.18
C ASN J 856 101.79 40.65 -24.29
N GLY J 857 101.73 39.60 -25.10
CA GLY J 857 100.83 39.53 -26.22
C GLY J 857 101.40 40.07 -27.52
N LEU J 858 102.49 40.82 -27.47
CA LEU J 858 102.96 41.54 -28.65
C LEU J 858 103.97 40.71 -29.42
N THR J 859 103.74 40.59 -30.73
CA THR J 859 104.61 39.81 -31.57
C THR J 859 104.75 40.38 -32.96
N VAL J 860 105.95 40.24 -33.51
CA VAL J 860 106.28 40.72 -34.85
C VAL J 860 106.46 39.50 -35.75
N LEU J 861 105.70 39.44 -36.82
CA LEU J 861 105.83 38.39 -37.81
C LEU J 861 106.83 38.78 -38.89
N PRO J 862 107.61 37.84 -39.41
CA PRO J 862 108.57 38.19 -40.45
C PRO J 862 107.89 38.32 -41.80
N PRO J 863 108.35 39.24 -42.65
CA PRO J 863 107.84 39.28 -44.02
C PRO J 863 108.12 37.97 -44.74
N LEU J 864 107.29 37.68 -45.74
CA LEU J 864 107.42 36.44 -46.47
C LEU J 864 108.65 36.43 -47.36
N LEU J 865 108.86 37.49 -48.13
CA LEU J 865 110.07 37.61 -48.92
C LEU J 865 111.18 38.17 -48.06
N THR J 866 112.32 37.51 -48.07
CA THR J 866 113.49 38.04 -47.42
C THR J 866 114.07 39.20 -48.24
N ASP J 867 115.00 39.92 -47.64
CA ASP J 867 115.63 41.02 -48.36
C ASP J 867 116.60 40.54 -49.42
N GLU J 868 117.15 39.34 -49.25
CA GLU J 868 117.92 38.72 -50.30
C GLU J 868 117.05 38.39 -51.50
N MET J 869 115.76 38.15 -51.31
CA MET J 869 114.87 37.85 -52.42
C MET J 869 114.43 39.12 -53.14
N ILE J 870 114.23 40.21 -52.40
CA ILE J 870 113.89 41.48 -53.02
C ILE J 870 115.07 42.04 -53.79
N ALA J 871 116.28 41.87 -53.29
CA ALA J 871 117.44 42.28 -54.08
C ALA J 871 117.54 41.51 -55.38
N GLN J 872 117.19 40.24 -55.35
CA GLN J 872 117.23 39.42 -56.55
C GLN J 872 116.13 39.76 -57.55
N TYR J 873 114.98 40.24 -57.08
CA TYR J 873 113.97 40.76 -58.01
C TYR J 873 114.44 42.05 -58.66
N THR J 874 114.93 43.00 -57.87
CA THR J 874 115.38 44.24 -58.50
C THR J 874 116.60 44.05 -59.38
N SER J 875 117.40 43.02 -59.18
CA SER J 875 118.50 42.82 -60.10
C SER J 875 118.08 42.25 -61.45
N ALA J 876 117.02 41.45 -61.48
CA ALA J 876 116.47 40.98 -62.74
C ALA J 876 115.68 42.05 -63.48
N LEU J 877 115.04 42.98 -62.78
CA LEU J 877 114.45 44.12 -63.47
C LEU J 877 115.50 45.00 -64.14
N LEU J 878 116.61 45.24 -63.46
CA LEU J 878 117.72 45.98 -64.00
C LEU J 878 118.39 45.29 -65.16
N ALA J 879 118.65 44.01 -65.06
CA ALA J 879 119.21 43.29 -66.19
C ALA J 879 118.26 43.22 -67.36
N GLY J 880 116.96 43.15 -67.14
CA GLY J 880 116.02 43.21 -68.22
C GLY J 880 116.00 44.54 -68.94
N THR J 881 116.14 45.64 -68.22
CA THR J 881 116.05 46.91 -68.92
C THR J 881 117.33 47.30 -69.62
N ILE J 882 118.47 46.75 -69.24
CA ILE J 882 119.75 47.15 -69.81
C ILE J 882 120.07 46.36 -71.07
N THR J 883 119.57 45.14 -71.19
CA THR J 883 119.89 44.32 -72.36
C THR J 883 118.76 44.33 -73.38
N SER J 884 117.56 44.65 -72.95
CA SER J 884 116.37 44.39 -73.72
C SER J 884 115.48 45.59 -73.93
N GLY J 885 115.82 46.74 -73.39
CA GLY J 885 114.97 47.90 -73.55
C GLY J 885 113.65 47.74 -72.84
N TRP J 886 112.57 47.97 -73.56
CA TRP J 886 111.22 47.90 -73.02
C TRP J 886 110.44 46.71 -73.54
N THR J 887 111.13 45.69 -74.04
CA THR J 887 110.44 44.56 -74.65
C THR J 887 110.13 43.45 -73.67
N PHE J 888 110.92 43.31 -72.61
CA PHE J 888 110.64 42.26 -71.64
C PHE J 888 109.39 42.55 -70.84
N GLY J 889 108.91 43.79 -70.86
CA GLY J 889 107.69 44.12 -70.16
C GLY J 889 106.45 44.03 -71.02
N ALA J 890 106.58 43.50 -72.23
CA ALA J 890 105.45 43.39 -73.14
C ALA J 890 105.44 42.04 -73.83
N GLY J 891 106.28 41.14 -73.34
CA GLY J 891 106.43 39.83 -73.96
C GLY J 891 107.75 39.21 -73.63
N ALA J 892 108.44 38.69 -74.62
CA ALA J 892 109.75 38.10 -74.44
C ALA J 892 110.84 39.14 -74.61
N ALA J 893 111.90 39.00 -73.83
CA ALA J 893 113.01 39.93 -73.90
C ALA J 893 113.75 39.77 -75.21
N LEU J 894 113.84 40.84 -75.98
CA LEU J 894 114.58 40.85 -77.24
C LEU J 894 115.80 41.74 -77.09
N GLN J 895 116.98 41.20 -77.35
CA GLN J 895 118.19 41.96 -77.16
C GLN J 895 118.34 43.06 -78.21
N ILE J 896 119.01 44.13 -77.82
CA ILE J 896 119.34 45.26 -78.69
C ILE J 896 120.57 45.90 -78.06
N PRO J 897 121.51 46.44 -78.83
CA PRO J 897 122.66 47.11 -78.21
C PRO J 897 122.24 48.39 -77.49
N PHE J 898 123.00 48.74 -76.46
CA PHE J 898 122.51 49.74 -75.52
C PHE J 898 122.52 51.15 -76.11
N ALA J 899 123.51 51.50 -76.91
CA ALA J 899 123.49 52.80 -77.59
C ALA J 899 122.32 52.92 -78.55
N MET J 900 121.92 51.82 -79.19
CA MET J 900 120.77 51.83 -80.06
C MET J 900 119.46 51.92 -79.28
N GLN J 901 119.43 51.45 -78.04
CA GLN J 901 118.27 51.65 -77.17
C GLN J 901 118.19 53.10 -76.72
N MET J 902 119.33 53.69 -76.40
CA MET J 902 119.41 55.09 -76.06
C MET J 902 118.98 55.97 -77.21
N ALA J 903 119.23 55.57 -78.45
CA ALA J 903 118.77 56.36 -79.57
C ALA J 903 117.27 56.30 -79.77
N TYR J 904 116.67 55.12 -79.62
CA TYR J 904 115.20 55.02 -79.58
C TYR J 904 114.62 55.94 -78.52
N ARG J 905 115.22 55.95 -77.35
CA ARG J 905 114.71 56.78 -76.30
C ARG J 905 114.88 58.26 -76.57
N PHE J 906 115.95 58.69 -77.22
CA PHE J 906 116.05 60.07 -77.69
C PHE J 906 114.98 60.40 -78.71
N ASN J 907 114.67 59.48 -79.62
CA ASN J 907 113.54 59.67 -80.52
C ASN J 907 112.24 59.88 -79.76
N GLY J 908 112.04 59.15 -78.66
CA GLY J 908 110.81 59.25 -77.90
C GLY J 908 110.60 60.56 -77.18
N ILE J 909 111.60 61.45 -77.15
CA ILE J 909 111.39 62.78 -76.60
C ILE J 909 111.52 63.87 -77.65
N GLY J 910 111.68 63.52 -78.92
CA GLY J 910 111.68 64.51 -79.96
C GLY J 910 113.01 64.94 -80.51
N VAL J 911 114.08 64.22 -80.22
CA VAL J 911 115.41 64.53 -80.73
C VAL J 911 115.80 63.45 -81.71
N THR J 912 116.39 63.85 -82.84
CA THR J 912 116.82 62.85 -83.80
C THR J 912 117.99 62.04 -83.23
N GLN J 913 118.19 60.86 -83.78
CA GLN J 913 119.10 59.93 -83.15
C GLN J 913 120.56 60.15 -83.54
N ASN J 914 120.79 60.84 -84.64
CA ASN J 914 122.14 61.32 -84.92
C ASN J 914 122.69 62.20 -83.81
N VAL J 915 121.83 62.92 -83.08
CA VAL J 915 122.29 63.71 -81.95
C VAL J 915 122.83 62.84 -80.85
N LEU J 916 122.33 61.61 -80.73
CA LEU J 916 122.93 60.69 -79.76
C LEU J 916 124.21 60.08 -80.30
N TYR J 917 124.17 59.58 -81.53
CA TYR J 917 125.35 58.89 -82.05
C TYR J 917 126.55 59.81 -82.23
N GLU J 918 126.34 61.09 -82.47
CA GLU J 918 127.43 62.01 -82.64
C GLU J 918 127.92 62.61 -81.33
N ASN J 919 127.35 62.22 -80.20
CA ASN J 919 127.71 62.73 -78.89
C ASN J 919 127.88 61.62 -77.87
N GLN J 920 127.84 60.38 -78.33
CA GLN J 920 127.83 59.20 -77.47
C GLN J 920 128.81 59.31 -76.29
N LYS J 921 130.05 59.72 -76.54
CA LYS J 921 131.04 59.73 -75.47
C LYS J 921 130.75 60.80 -74.43
N LEU J 922 130.30 61.97 -74.85
CA LEU J 922 129.94 63.00 -73.89
C LEU J 922 128.70 62.60 -73.10
N ILE J 923 127.72 62.02 -73.76
CA ILE J 923 126.50 61.59 -73.07
C ILE J 923 126.82 60.52 -72.03
N ALA J 924 127.73 59.61 -72.36
CA ALA J 924 128.09 58.58 -71.38
C ALA J 924 128.92 59.14 -70.24
N ASN J 925 129.86 60.05 -70.52
CA ASN J 925 130.55 60.75 -69.44
C ASN J 925 129.59 61.46 -68.50
N GLN J 926 128.57 62.12 -69.05
CA GLN J 926 127.64 62.84 -68.21
C GLN J 926 126.80 61.91 -67.36
N PHE J 927 126.35 60.79 -67.93
CA PHE J 927 125.62 59.81 -67.14
C PHE J 927 126.48 59.24 -66.02
N ASN J 928 127.77 59.00 -66.31
CA ASN J 928 128.64 58.41 -65.29
C ASN J 928 128.92 59.38 -64.15
N SER J 929 129.16 60.65 -64.46
CA SER J 929 129.32 61.63 -63.39
C SER J 929 128.04 61.80 -62.59
N ALA J 930 126.89 61.76 -63.25
CA ALA J 930 125.64 61.89 -62.52
C ALA J 930 125.39 60.73 -61.59
N ILE J 931 125.75 59.51 -61.99
CA ILE J 931 125.57 58.37 -61.10
C ILE J 931 126.59 58.41 -59.97
N GLY J 932 127.80 58.89 -60.25
CA GLY J 932 128.79 59.00 -59.19
C GLY J 932 128.49 60.08 -58.17
N LYS J 933 127.66 61.04 -58.54
CA LYS J 933 127.23 62.06 -57.59
C LYS J 933 126.14 61.58 -56.63
N ILE J 934 125.42 60.52 -56.97
CA ILE J 934 124.33 60.05 -56.12
C ILE J 934 124.88 59.33 -54.89
N GLN J 935 125.87 58.48 -55.10
CA GLN J 935 126.47 57.76 -53.98
C GLN J 935 127.28 58.68 -53.10
N ASP J 936 127.71 59.83 -53.61
CA ASP J 936 128.38 60.80 -52.78
C ASP J 936 127.40 61.47 -51.84
N SER J 937 126.23 61.83 -52.35
CA SER J 937 125.20 62.39 -51.50
C SER J 937 124.62 61.34 -50.55
N LEU J 938 124.73 60.06 -50.90
CA LEU J 938 124.20 59.04 -50.00
C LEU J 938 125.18 58.64 -48.91
N SER J 939 126.45 58.53 -49.22
CA SER J 939 127.44 58.22 -48.20
C SER J 939 128.11 59.48 -47.67
N ALA J 944 117.58 62.52 -46.36
CA ALA J 944 117.51 61.59 -47.48
C ALA J 944 116.37 60.60 -47.31
N LEU J 945 116.56 59.65 -46.40
CA LEU J 945 115.64 58.54 -46.19
C LEU J 945 114.64 58.81 -45.08
N GLY J 946 114.29 60.06 -44.84
CA GLY J 946 113.33 60.39 -43.81
C GLY J 946 111.93 59.92 -44.08
N LYS J 947 111.55 59.78 -45.34
CA LYS J 947 110.21 59.29 -45.65
C LYS J 947 110.03 57.83 -45.29
N LEU J 948 111.12 57.09 -45.12
CA LEU J 948 111.05 55.73 -44.63
C LEU J 948 111.23 55.65 -43.13
N GLN J 949 112.01 56.57 -42.56
CA GLN J 949 112.20 56.61 -41.13
C GLN J 949 110.95 57.10 -40.42
N ASP J 950 110.12 57.91 -41.08
CA ASP J 950 108.85 58.33 -40.51
C ASP J 950 107.91 57.19 -40.23
N VAL J 951 107.83 56.19 -41.10
CA VAL J 951 106.97 55.05 -40.86
C VAL J 951 107.47 54.24 -39.68
N VAL J 952 108.77 53.94 -39.64
CA VAL J 952 109.36 53.21 -38.52
C VAL J 952 109.09 53.93 -37.20
N ASN J 953 109.29 55.25 -37.17
CA ASN J 953 109.11 56.00 -35.95
C ASN J 953 107.67 56.06 -35.52
N GLN J 954 106.73 56.30 -36.43
CA GLN J 954 105.32 56.33 -36.05
C GLN J 954 104.85 54.99 -35.49
N ASN J 955 105.30 53.88 -36.07
CA ASN J 955 104.85 52.61 -35.55
C ASN J 955 105.45 52.29 -34.18
N ALA J 956 106.74 52.59 -33.99
CA ALA J 956 107.30 52.38 -32.66
C ALA J 956 106.67 53.28 -31.62
N GLN J 957 106.33 54.51 -32.01
CA GLN J 957 105.69 55.43 -31.08
C GLN J 957 104.28 55.00 -30.72
N ALA J 958 103.61 54.26 -31.58
CA ALA J 958 102.31 53.72 -31.19
C ALA J 958 102.43 52.50 -30.29
N LEU J 959 103.36 51.59 -30.60
CA LEU J 959 103.52 50.43 -29.74
C LEU J 959 103.99 50.80 -28.34
N ASN J 960 104.81 51.85 -28.22
CA ASN J 960 105.26 52.28 -26.91
C ASN J 960 104.10 52.80 -26.06
N THR J 961 103.20 53.56 -26.64
CA THR J 961 102.04 54.04 -25.92
C THR J 961 101.13 52.90 -25.49
N LEU J 962 100.96 51.90 -26.36
CA LEU J 962 100.16 50.75 -25.97
C LEU J 962 100.78 50.02 -24.80
N VAL J 963 102.10 49.79 -24.83
CA VAL J 963 102.76 49.16 -23.69
C VAL J 963 102.60 49.99 -22.43
N LYS J 964 102.78 51.30 -22.53
CA LYS J 964 102.81 52.12 -21.32
C LYS J 964 101.45 52.34 -20.70
N GLN J 965 100.37 52.17 -21.45
CA GLN J 965 99.06 52.28 -20.82
C GLN J 965 98.75 51.11 -19.90
N LEU J 966 99.63 50.13 -19.80
CA LEU J 966 99.42 49.01 -18.88
C LEU J 966 99.79 49.34 -17.45
N SER J 967 100.01 50.61 -17.13
CA SER J 967 100.41 51.00 -15.80
C SER J 967 99.57 52.15 -15.28
N SER J 968 98.39 52.33 -15.85
CA SER J 968 97.39 53.24 -15.35
C SER J 968 96.36 52.47 -14.54
N ASN J 969 95.83 53.11 -13.51
CA ASN J 969 94.81 52.51 -12.65
C ASN J 969 93.42 52.58 -13.25
N PHE J 970 93.16 53.60 -14.07
CA PHE J 970 91.84 53.87 -14.59
C PHE J 970 90.82 53.97 -13.46
N GLY J 971 91.27 54.41 -12.29
CA GLY J 971 90.40 54.57 -11.15
C GLY J 971 90.24 53.34 -10.28
N ALA J 972 91.21 52.45 -10.28
CA ALA J 972 91.22 51.28 -9.41
C ALA J 972 92.26 51.52 -8.32
N ILE J 973 92.42 50.53 -7.45
CA ILE J 973 93.35 50.67 -6.34
C ILE J 973 94.80 50.39 -6.76
N SER J 974 95.02 49.44 -7.65
CA SER J 974 96.35 49.11 -8.11
C SER J 974 96.31 49.05 -9.62
N SER J 975 97.49 49.17 -10.22
CA SER J 975 97.64 48.97 -11.65
C SER J 975 97.95 47.53 -12.02
N VAL J 976 98.43 46.74 -11.06
CA VAL J 976 98.78 45.35 -11.29
C VAL J 976 97.65 44.48 -10.78
N LEU J 977 97.20 43.54 -11.60
CA LEU J 977 96.06 42.70 -11.29
C LEU J 977 96.31 41.73 -10.16
N ASN J 978 97.55 41.27 -9.99
CA ASN J 978 97.87 40.34 -8.91
C ASN J 978 97.78 40.98 -7.55
N ASP J 979 97.98 42.29 -7.45
CA ASP J 979 97.85 42.97 -6.16
C ASP J 979 96.42 43.33 -5.85
N ILE J 980 95.51 43.18 -6.82
CA ILE J 980 94.09 43.20 -6.49
C ILE J 980 93.63 41.81 -6.12
N LEU J 981 94.14 40.80 -6.82
CA LEU J 981 93.77 39.43 -6.52
C LEU J 981 94.30 38.94 -5.19
N SER J 982 95.47 39.42 -4.77
CA SER J 982 96.09 38.88 -3.57
C SER J 982 95.47 39.42 -2.30
N ARG J 983 95.09 40.69 -2.28
CA ARG J 983 94.55 41.30 -1.07
C ARG J 983 93.10 41.72 -1.23
N LEU J 984 92.32 40.96 -2.01
CA LEU J 984 90.89 41.18 -2.08
C LEU J 984 90.24 39.85 -2.42
N ASP J 985 88.97 39.73 -2.06
CA ASP J 985 88.18 38.53 -2.29
C ASP J 985 87.19 38.75 -3.41
N PRO J 986 86.72 37.67 -4.06
CA PRO J 986 86.09 37.79 -5.40
C PRO J 986 85.06 38.91 -5.50
N PRO J 987 84.14 39.08 -4.53
CA PRO J 987 83.11 40.10 -4.71
C PRO J 987 83.64 41.52 -4.90
N GLU J 988 84.73 41.82 -4.19
CA GLU J 988 85.35 43.14 -4.26
C GLU J 988 86.37 43.17 -5.40
N ALA J 989 87.13 42.10 -5.54
CA ALA J 989 88.12 42.05 -6.60
C ALA J 989 87.48 42.35 -7.94
N GLU J 990 86.23 41.95 -8.12
CA GLU J 990 85.55 42.06 -9.39
C GLU J 990 85.32 43.51 -9.79
N VAL J 991 84.89 44.35 -8.85
CA VAL J 991 84.62 45.75 -9.15
C VAL J 991 85.87 46.51 -9.54
N GLN J 992 87.02 46.19 -8.95
CA GLN J 992 88.28 46.77 -9.34
C GLN J 992 88.83 46.20 -10.63
N ILE J 993 88.60 44.92 -10.90
CA ILE J 993 89.08 44.32 -12.13
C ILE J 993 88.31 44.87 -13.33
N ASP J 994 87.05 45.22 -13.14
CA ASP J 994 86.27 45.71 -14.26
C ASP J 994 86.75 47.06 -14.77
N ARG J 995 87.25 47.93 -13.91
CA ARG J 995 87.78 49.21 -14.39
C ARG J 995 89.06 49.03 -15.18
N LEU J 996 89.92 48.09 -14.78
CA LEU J 996 91.09 47.79 -15.56
C LEU J 996 90.73 47.21 -16.91
N ILE J 997 89.74 46.32 -16.94
CA ILE J 997 89.29 45.76 -18.21
C ILE J 997 88.77 46.86 -19.12
N THR J 998 87.93 47.73 -18.59
CA THR J 998 87.41 48.84 -19.37
C THR J 998 88.51 49.74 -19.93
N GLY J 999 89.50 50.11 -19.12
CA GLY J 999 90.55 50.98 -19.63
C GLY J 999 91.44 50.34 -20.67
N ARG J 1000 91.82 49.08 -20.43
CA ARG J 1000 92.72 48.41 -21.35
C ARG J 1000 92.05 48.06 -22.67
N LEU J 1001 90.77 47.72 -22.65
CA LEU J 1001 90.04 47.52 -23.90
C LEU J 1001 90.04 48.76 -24.77
N GLN J 1002 89.78 49.92 -24.19
CA GLN J 1002 89.79 51.16 -24.93
C GLN J 1002 91.16 51.50 -25.47
N SER J 1003 92.22 51.29 -24.68
CA SER J 1003 93.57 51.45 -25.20
C SER J 1003 93.79 50.62 -26.46
N LEU J 1004 93.46 49.33 -26.40
CA LEU J 1004 93.67 48.42 -27.51
C LEU J 1004 92.87 48.82 -28.75
N GLN J 1005 91.63 49.26 -28.55
CA GLN J 1005 90.82 49.70 -29.67
C GLN J 1005 91.38 50.94 -30.35
N THR J 1006 91.89 51.89 -29.57
CA THR J 1006 92.52 53.04 -30.20
C THR J 1006 93.73 52.65 -31.02
N TYR J 1007 94.55 51.73 -30.50
CA TYR J 1007 95.70 51.26 -31.27
C TYR J 1007 95.27 50.63 -32.59
N VAL J 1008 94.25 49.78 -32.56
CA VAL J 1008 93.86 49.09 -33.78
C VAL J 1008 93.23 50.03 -34.80
N THR J 1009 92.43 51.01 -34.36
CA THR J 1009 91.87 51.96 -35.32
C THR J 1009 92.96 52.80 -35.98
N GLN J 1010 93.94 53.23 -35.21
CA GLN J 1010 94.97 54.03 -35.83
C GLN J 1010 95.94 53.22 -36.68
N GLN J 1011 96.04 51.92 -36.46
CA GLN J 1011 96.76 51.08 -37.42
C GLN J 1011 95.99 50.90 -38.70
N LEU J 1012 94.67 50.79 -38.63
CA LEU J 1012 93.89 50.63 -39.85
C LEU J 1012 93.93 51.89 -40.71
N ILE J 1013 94.02 53.05 -40.09
CA ILE J 1013 94.05 54.28 -40.88
C ILE J 1013 95.42 54.46 -41.53
N ARG J 1014 96.46 53.95 -40.91
CA ARG J 1014 97.83 54.08 -41.40
C ARG J 1014 98.18 53.03 -42.46
N ALA J 1015 97.62 51.84 -42.35
CA ALA J 1015 97.79 50.85 -43.39
C ALA J 1015 97.16 51.27 -44.71
N ALA J 1016 96.08 52.03 -44.67
CA ALA J 1016 95.45 52.54 -45.88
C ALA J 1016 96.27 53.61 -46.56
N GLU J 1017 97.11 54.30 -45.82
CA GLU J 1017 98.02 55.26 -46.38
C GLU J 1017 99.24 54.58 -46.97
N ILE J 1018 99.68 53.49 -46.36
CA ILE J 1018 100.77 52.72 -46.92
C ILE J 1018 100.34 52.01 -48.20
N ARG J 1019 99.08 51.62 -48.31
CA ARG J 1019 98.60 50.95 -49.52
C ARG J 1019 98.55 51.91 -50.71
N ALA J 1020 98.17 53.16 -50.49
CA ALA J 1020 98.19 54.12 -51.59
C ALA J 1020 99.60 54.36 -52.10
N SER J 1021 100.57 54.45 -51.21
CA SER J 1021 101.97 54.56 -51.57
C SER J 1021 102.48 53.36 -52.36
N ALA J 1022 102.17 52.16 -51.93
CA ALA J 1022 102.56 50.97 -52.66
C ALA J 1022 101.86 50.81 -54.00
N ASN J 1023 100.63 51.28 -54.14
CA ASN J 1023 100.02 51.30 -55.46
C ASN J 1023 100.68 52.31 -56.39
N LEU J 1024 101.04 53.48 -55.87
CA LEU J 1024 101.79 54.43 -56.67
C LEU J 1024 103.15 53.90 -57.07
N ALA J 1025 103.83 53.17 -56.19
CA ALA J 1025 105.14 52.61 -56.53
C ALA J 1025 105.03 51.49 -57.54
N ALA J 1026 103.98 50.68 -57.46
CA ALA J 1026 103.72 49.71 -58.52
C ALA J 1026 103.48 50.39 -59.87
N THR J 1027 102.75 51.49 -59.89
CA THR J 1027 102.46 52.17 -61.14
C THR J 1027 103.73 52.81 -61.73
N LYS J 1028 104.60 53.36 -60.88
CA LYS J 1028 105.89 53.84 -61.34
C LYS J 1028 106.82 52.76 -61.82
N MET J 1029 106.81 51.60 -61.19
CA MET J 1029 107.59 50.49 -61.69
C MET J 1029 107.15 50.06 -63.07
N SER J 1030 105.85 50.04 -63.34
CA SER J 1030 105.38 49.65 -64.67
C SER J 1030 105.63 50.73 -65.71
N GLU J 1031 105.46 51.99 -65.35
CA GLU J 1031 105.47 53.05 -66.33
C GLU J 1031 106.80 53.78 -66.47
N CYS J 1032 107.68 53.62 -65.49
CA CYS J 1032 108.99 54.28 -65.54
C CYS J 1032 110.18 53.34 -65.72
N VAL J 1033 110.04 52.09 -65.30
CA VAL J 1033 111.13 51.13 -65.44
C VAL J 1033 110.89 50.19 -66.61
N LEU J 1034 109.64 49.81 -66.84
CA LEU J 1034 109.32 48.92 -67.95
C LEU J 1034 108.85 49.67 -69.18
N GLY J 1035 108.95 51.00 -69.18
CA GLY J 1035 108.65 51.76 -70.35
C GLY J 1035 109.25 53.14 -70.27
N GLN J 1036 108.92 53.96 -71.27
CA GLN J 1036 109.26 55.37 -71.27
C GLN J 1036 107.97 56.18 -71.18
N SER J 1037 107.90 57.10 -70.24
CA SER J 1037 106.67 57.82 -69.97
C SER J 1037 106.69 59.19 -70.62
N LYS J 1038 105.50 59.66 -70.99
CA LYS J 1038 105.30 61.03 -71.46
C LYS J 1038 104.58 61.91 -70.45
N ARG J 1039 104.09 61.35 -69.36
CA ARG J 1039 103.45 62.14 -68.31
C ARG J 1039 104.45 63.07 -67.65
N VAL J 1040 104.17 64.37 -67.66
CA VAL J 1040 105.12 65.35 -67.16
C VAL J 1040 105.27 65.20 -65.66
N ASP J 1041 106.52 65.16 -65.22
CA ASP J 1041 106.86 65.06 -63.80
C ASP J 1041 106.59 63.72 -63.14
N PHE J 1042 106.07 62.75 -63.88
CA PHE J 1042 105.78 61.46 -63.29
C PHE J 1042 107.06 60.68 -62.97
N CYS J 1043 108.06 60.81 -63.82
CA CYS J 1043 109.33 60.11 -63.63
C CYS J 1043 110.51 61.06 -63.57
N GLY J 1044 110.46 62.03 -62.66
CA GLY J 1044 111.53 63.00 -62.51
C GLY J 1044 111.29 64.30 -63.27
N LYS J 1045 112.14 65.29 -63.04
CA LYS J 1045 112.02 66.58 -63.71
C LYS J 1045 112.84 66.64 -64.99
N GLY J 1046 112.16 66.81 -66.11
CA GLY J 1046 112.81 66.86 -67.42
C GLY J 1046 112.17 65.79 -68.29
N TYR J 1047 112.69 65.59 -69.49
CA TYR J 1047 112.15 64.58 -70.40
C TYR J 1047 112.67 63.21 -70.01
N HIS J 1048 111.78 62.35 -69.52
CA HIS J 1048 112.17 61.02 -69.05
C HIS J 1048 112.89 60.24 -70.13
N LEU J 1049 114.06 59.69 -69.79
CA LEU J 1049 114.72 58.72 -70.62
C LEU J 1049 114.59 57.31 -70.06
N MET J 1050 115.04 57.07 -68.83
CA MET J 1050 114.84 55.74 -68.27
C MET J 1050 114.91 55.80 -66.75
N SER J 1051 114.61 54.68 -66.11
CA SER J 1051 114.59 54.59 -64.66
C SER J 1051 115.14 53.24 -64.24
N PHE J 1052 115.77 53.20 -63.07
CA PHE J 1052 116.32 51.99 -62.47
C PHE J 1052 115.82 51.85 -61.04
N PRO J 1053 115.34 50.67 -60.65
CA PRO J 1053 114.92 50.45 -59.26
C PRO J 1053 116.03 49.95 -58.34
N GLN J 1054 115.90 50.30 -57.07
CA GLN J 1054 116.78 49.83 -56.02
C GLN J 1054 115.94 49.52 -54.79
N SER J 1055 116.32 48.50 -54.05
CA SER J 1055 115.52 48.15 -52.87
C SER J 1055 116.04 48.89 -51.64
N ALA J 1056 115.11 49.21 -50.76
CA ALA J 1056 115.39 49.90 -49.51
C ALA J 1056 114.76 49.08 -48.40
N PRO J 1057 115.04 49.42 -47.13
CA PRO J 1057 114.51 48.60 -46.03
C PRO J 1057 113.02 48.33 -46.00
N HIS J 1058 112.15 49.30 -46.25
CA HIS J 1058 110.73 48.99 -46.37
C HIS J 1058 110.14 49.73 -47.56
N GLY J 1059 110.91 49.90 -48.60
CA GLY J 1059 110.52 50.77 -49.68
C GLY J 1059 111.31 50.51 -50.92
N VAL J 1060 111.34 51.52 -51.78
CA VAL J 1060 112.00 51.40 -53.06
C VAL J 1060 112.52 52.77 -53.45
N VAL J 1061 113.69 52.80 -54.07
CA VAL J 1061 114.29 54.02 -54.59
C VAL J 1061 114.36 53.91 -56.11
N PHE J 1062 113.76 54.87 -56.81
CA PHE J 1062 113.88 54.96 -58.26
C PHE J 1062 114.95 55.97 -58.60
N LEU J 1063 115.85 55.59 -59.49
CA LEU J 1063 116.84 56.48 -60.11
C LEU J 1063 116.32 56.84 -61.49
N HIS J 1064 115.94 58.09 -61.67
CA HIS J 1064 115.36 58.60 -62.92
C HIS J 1064 116.44 59.30 -63.72
N VAL J 1065 116.63 58.88 -64.97
CA VAL J 1065 117.50 59.53 -65.94
C VAL J 1065 116.64 60.35 -66.90
N THR J 1066 116.90 61.65 -66.93
CA THR J 1066 116.17 62.59 -67.76
C THR J 1066 117.14 63.43 -68.60
N TYR J 1067 116.57 64.03 -69.62
CA TYR J 1067 117.26 64.92 -70.53
C TYR J 1067 116.86 66.34 -70.19
N VAL J 1068 117.83 67.24 -70.03
CA VAL J 1068 117.54 68.62 -69.66
C VAL J 1068 118.22 69.53 -70.68
N PRO J 1069 117.48 70.30 -71.48
CA PRO J 1069 118.12 71.17 -72.47
C PRO J 1069 118.86 72.35 -71.85
N ALA J 1070 119.90 72.81 -72.54
CA ALA J 1070 120.86 73.75 -71.97
C ALA J 1070 121.39 74.71 -73.03
N GLN J 1071 121.80 75.90 -72.58
CA GLN J 1071 122.51 76.90 -73.37
C GLN J 1071 121.70 77.36 -74.58
N GLU J 1072 120.58 77.98 -74.28
CA GLU J 1072 119.66 78.45 -75.30
C GLU J 1072 120.16 79.73 -75.96
N LYS J 1073 119.86 79.88 -77.24
CA LYS J 1073 120.15 81.09 -77.98
C LYS J 1073 118.87 81.69 -78.54
N ASN J 1074 118.95 82.98 -78.85
CA ASN J 1074 117.88 83.79 -79.43
C ASN J 1074 117.88 83.71 -80.94
N PHE J 1075 116.69 83.70 -81.54
CA PHE J 1075 116.53 83.73 -82.98
C PHE J 1075 115.24 84.45 -83.32
N THR J 1076 115.11 84.79 -84.59
CA THR J 1076 113.89 85.33 -85.19
C THR J 1076 113.12 84.20 -85.85
N THR J 1077 111.79 84.19 -85.68
CA THR J 1077 110.95 83.13 -86.23
C THR J 1077 109.93 83.71 -87.20
N ALA J 1078 109.32 82.81 -87.96
CA ALA J 1078 108.20 83.09 -88.84
C ALA J 1078 107.31 81.86 -88.90
N PRO J 1079 105.99 82.04 -88.98
CA PRO J 1079 105.10 80.89 -89.14
C PRO J 1079 105.28 80.15 -90.45
N ALA J 1080 105.44 80.86 -91.54
CA ALA J 1080 105.47 80.26 -92.87
C ALA J 1080 106.43 81.05 -93.73
N ILE J 1081 106.85 80.44 -94.83
CA ILE J 1081 107.67 81.10 -95.85
C ILE J 1081 106.77 81.36 -97.05
N CYS J 1082 107.01 82.45 -97.75
CA CYS J 1082 106.30 82.70 -99.00
C CYS J 1082 107.27 82.58 -100.17
N HIS J 1083 106.90 81.75 -101.14
CA HIS J 1083 107.73 81.54 -102.31
C HIS J 1083 106.83 81.20 -103.48
N ASP J 1084 106.97 81.94 -104.58
CA ASP J 1084 106.15 81.73 -105.79
C ASP J 1084 104.66 81.87 -105.51
N GLY J 1085 104.32 82.80 -104.63
CA GLY J 1085 102.92 82.93 -104.25
C GLY J 1085 102.36 81.75 -103.51
N LYS J 1086 103.19 81.00 -102.79
CA LYS J 1086 102.75 79.84 -102.04
C LYS J 1086 103.26 79.94 -100.61
N ALA J 1087 102.48 79.40 -99.68
CA ALA J 1087 102.84 79.37 -98.28
C ALA J 1087 103.45 78.01 -97.93
N HIS J 1088 104.61 78.02 -97.30
CA HIS J 1088 105.35 76.82 -96.96
C HIS J 1088 105.45 76.71 -95.46
N PHE J 1089 105.17 75.54 -94.94
CA PHE J 1089 105.21 75.22 -93.54
C PHE J 1089 106.24 74.12 -93.29
N PRO J 1090 106.90 74.12 -92.15
CA PRO J 1090 107.86 73.06 -91.86
C PRO J 1090 107.18 71.74 -91.57
N ARG J 1091 107.81 70.66 -92.01
CA ARG J 1091 107.29 69.34 -91.72
C ARG J 1091 107.43 68.99 -90.25
N GLU J 1092 108.63 69.18 -89.69
CA GLU J 1092 108.85 68.97 -88.27
C GLU J 1092 109.98 69.88 -87.83
N GLY J 1093 109.64 71.05 -87.31
CA GLY J 1093 110.65 71.98 -86.87
C GLY J 1093 110.12 73.39 -86.88
N VAL J 1094 111.04 74.33 -86.90
CA VAL J 1094 110.72 75.74 -86.93
C VAL J 1094 111.66 76.41 -87.91
N PHE J 1095 111.16 77.46 -88.54
CA PHE J 1095 111.97 78.37 -89.33
C PHE J 1095 112.65 79.36 -88.40
N VAL J 1096 113.97 79.49 -88.51
CA VAL J 1096 114.72 80.40 -87.68
C VAL J 1096 115.66 81.23 -88.54
N SER J 1097 115.98 82.43 -88.07
CA SER J 1097 116.91 83.30 -88.77
C SER J 1097 118.08 83.64 -87.86
N ASN J 1098 119.29 83.56 -88.37
CA ASN J 1098 120.45 84.00 -87.61
C ASN J 1098 120.72 85.48 -87.77
N GLY J 1099 119.80 86.23 -88.37
CA GLY J 1099 119.99 87.62 -88.70
C GLY J 1099 119.99 87.90 -90.19
N THR J 1100 120.46 86.98 -91.02
CA THR J 1100 120.52 87.23 -92.45
C THR J 1100 120.01 86.06 -93.28
N HIS J 1101 119.99 84.86 -92.70
CA HIS J 1101 119.66 83.64 -93.43
C HIS J 1101 118.60 82.87 -92.68
N TRP J 1102 117.76 82.15 -93.42
CA TRP J 1102 116.66 81.36 -92.87
C TRP J 1102 116.97 79.88 -92.95
N PHE J 1103 116.68 79.16 -91.88
CA PHE J 1103 116.94 77.73 -91.77
C PHE J 1103 115.70 77.06 -91.18
N VAL J 1104 115.66 75.74 -91.26
CA VAL J 1104 114.75 74.91 -90.47
C VAL J 1104 115.58 74.20 -89.43
N THR J 1105 115.04 74.07 -88.23
CA THR J 1105 115.71 73.32 -87.18
C THR J 1105 114.67 72.50 -86.44
N GLN J 1106 115.11 71.42 -85.84
CA GLN J 1106 114.26 70.70 -84.89
C GLN J 1106 114.15 71.50 -83.60
N ARG J 1107 113.03 71.32 -82.91
CA ARG J 1107 112.64 72.28 -81.90
C ARG J 1107 113.38 72.18 -80.58
N ASN J 1108 114.08 71.08 -80.32
CA ASN J 1108 114.72 70.88 -79.02
C ASN J 1108 116.24 70.94 -79.08
N PHE J 1109 116.82 70.92 -80.26
CA PHE J 1109 118.26 70.95 -80.42
C PHE J 1109 118.52 71.83 -81.63
N TYR J 1110 119.47 72.74 -81.53
CA TYR J 1110 119.74 73.64 -82.64
C TYR J 1110 120.62 72.93 -83.65
N GLU J 1111 120.09 72.75 -84.85
CA GLU J 1111 120.79 72.04 -85.92
C GLU J 1111 120.27 72.55 -87.24
N PRO J 1112 120.74 73.70 -87.70
CA PRO J 1112 120.11 74.40 -88.83
C PRO J 1112 120.37 73.77 -90.19
N GLN J 1113 119.33 73.74 -91.02
CA GLN J 1113 119.43 73.17 -92.34
C GLN J 1113 118.75 74.09 -93.35
N ILE J 1114 119.05 73.86 -94.61
CA ILE J 1114 118.46 74.65 -95.69
C ILE J 1114 116.99 74.32 -95.84
N ILE J 1115 116.21 75.31 -96.21
CA ILE J 1115 114.79 75.15 -96.47
C ILE J 1115 114.63 74.64 -97.90
N THR J 1116 114.17 73.40 -98.05
CA THR J 1116 113.95 72.79 -99.34
C THR J 1116 112.52 72.29 -99.44
N THR J 1117 112.18 71.73 -100.58
CA THR J 1117 110.86 71.14 -100.78
C THR J 1117 110.73 69.77 -100.14
N ASP J 1118 111.75 69.30 -99.44
CA ASP J 1118 111.72 68.01 -98.76
C ASP J 1118 111.51 68.14 -97.26
N ASN J 1119 111.71 69.31 -96.68
CA ASN J 1119 111.40 69.47 -95.26
C ASN J 1119 110.23 70.44 -95.04
N THR J 1120 109.54 70.86 -96.09
CA THR J 1120 108.38 71.72 -95.98
C THR J 1120 107.21 71.07 -96.70
N PHE J 1121 106.03 71.64 -96.51
CA PHE J 1121 104.87 71.36 -97.34
C PHE J 1121 104.14 72.65 -97.65
N VAL J 1122 103.28 72.61 -98.66
CA VAL J 1122 102.61 73.80 -99.17
C VAL J 1122 101.14 73.76 -98.80
N SER J 1123 100.57 74.92 -98.47
CA SER J 1123 99.13 75.03 -98.28
C SER J 1123 98.72 76.49 -98.49
N GLY J 1124 98.18 76.81 -99.65
CA GLY J 1124 97.51 78.07 -99.88
C GLY J 1124 98.40 79.14 -100.49
N ASN J 1125 97.93 80.37 -100.35
CA ASN J 1125 98.65 81.58 -100.74
C ASN J 1125 99.33 82.21 -99.54
N CYS J 1126 100.25 83.12 -99.81
CA CYS J 1126 100.91 83.86 -98.74
C CYS J 1126 100.20 85.20 -98.54
N ASP J 1127 98.89 85.13 -98.29
CA ASP J 1127 98.14 86.35 -98.02
C ASP J 1127 97.08 86.16 -96.94
N VAL J 1128 97.10 85.03 -96.24
CA VAL J 1128 96.08 84.72 -95.25
C VAL J 1128 96.70 84.54 -93.87
N VAL J 1129 97.94 84.07 -93.82
CA VAL J 1129 98.58 83.78 -92.55
C VAL J 1129 99.32 85.02 -92.07
N ILE J 1130 99.24 85.27 -90.76
CA ILE J 1130 99.74 86.50 -90.15
C ILE J 1130 101.20 86.31 -89.78
N GLY J 1131 102.10 86.89 -90.56
CA GLY J 1131 103.51 86.82 -90.26
C GLY J 1131 104.37 86.08 -91.27
N ILE J 1132 103.87 85.77 -92.46
CA ILE J 1132 104.68 85.18 -93.51
C ILE J 1132 105.87 86.07 -93.80
N VAL J 1133 107.02 85.46 -94.09
CA VAL J 1133 108.17 86.19 -94.60
C VAL J 1133 108.54 85.62 -95.96
N ASN J 1134 109.20 86.45 -96.75
CA ASN J 1134 109.62 86.08 -98.10
C ASN J 1134 111.02 85.49 -98.13
N ASN J 1135 111.13 84.29 -98.68
CA ASN J 1135 112.42 83.63 -98.81
C ASN J 1135 112.27 82.55 -99.87
N THR J 1136 113.37 81.92 -100.22
CA THR J 1136 113.39 80.97 -101.32
C THR J 1136 113.43 79.55 -100.79
N VAL J 1137 112.66 78.67 -101.43
CA VAL J 1137 112.60 77.26 -101.08
C VAL J 1137 113.30 76.50 -102.17
N TYR J 1138 114.44 75.93 -101.86
CA TYR J 1138 115.31 75.34 -102.85
C TYR J 1138 114.79 73.97 -103.26
N ASP J 1139 114.65 73.75 -104.56
CA ASP J 1139 114.25 72.46 -105.09
C ASP J 1139 115.48 71.69 -105.56
N PRO J 1140 115.76 70.51 -105.04
CA PRO J 1140 116.99 69.79 -105.44
C PRO J 1140 116.96 69.24 -106.86
N LEU J 1141 115.78 68.84 -107.30
CA LEU J 1141 115.64 68.17 -108.59
C LEU J 1141 116.13 69.04 -109.74
N GLN J 1142 115.94 70.34 -109.66
CA GLN J 1142 116.24 71.17 -110.82
C GLN J 1142 117.75 71.21 -111.07
N PRO J 1143 118.58 71.55 -110.08
CA PRO J 1143 120.03 71.41 -110.31
C PRO J 1143 120.45 69.97 -110.46
N GLU J 1144 119.60 69.00 -110.10
CA GLU J 1144 119.91 67.61 -110.42
C GLU J 1144 119.89 67.37 -111.93
N LEU J 1145 118.73 67.57 -112.54
CA LEU J 1145 118.59 67.30 -113.96
C LEU J 1145 119.00 68.49 -114.83
N ASP J 1146 119.37 69.61 -114.22
CA ASP J 1146 119.73 70.83 -114.95
C ASP J 1146 118.60 71.28 -115.86
#